data_7ZM7
#
_entry.id   7ZM7
#
_cell.length_a   1.00
_cell.length_b   1.00
_cell.length_c   1.00
_cell.angle_alpha   90.00
_cell.angle_beta   90.00
_cell.angle_gamma   90.00
#
_symmetry.space_group_name_H-M   'P 1'
#
loop_
_entity.id
_entity.type
_entity.pdbx_description
1 polymer 'NADH-ubiquinone oxidoreductase chain 1'
2 polymer 'NADH dehydrogenase subunit 2'
3 polymer 'NADH-ubiquinone oxidoreductase chain 3'
4 polymer 'NADH-ubiquinone oxidoreductase chain 4'
5 polymer 'NADH-ubiquinone oxidoreductase chain 5'
6 polymer 'NADH-ubiquinone oxidoreductase chain 6'
7 polymer 'NADH dehydrogenase [ubiquinone] 1 beta subcomplex subunit 7'
8 polymer 'Subunit NDUFS5 of NADH-ubiquinone oxidoreductase (Complex I)'
9 polymer 'NADH-ubiquinone oxidoreductase-like protein'
10 polymer 'NADH dehydrogenase [ubiquinone] flavoprotein 1, mitochondrial'
11 polymer 'NADH-ubiquinone oxidoreductase 49 kDa subunit-like protein'
12 polymer 'Subunit NDUFA1 of NADH-ubiquinone oxidoreductase (Complex I)'
13 polymer 'NADH dehydrogenase (Ubiquinone)-like protein'
14 polymer 'NADH-ubiquinone oxidoreductase-like protein'
15 polymer 'NADH-ubiquinone oxidoreductase 30.4 kDa subunit-like protein'
16 polymer 'Subunit NDUFV2 of NADH-ubiquinone oxidoreductase (Complex I)'
17 polymer 'Oxidoreductase-like protein'
18 polymer 'NADH-ubiquinone oxidoreductase-like protein'
19 polymer 'NADH-ubiquinone oxidoreductase-like protein'
20 polymer 'NADH-ubiquinone oxidoreductase chain 4L'
21 polymer 'NADH-ubiquinone oxidoreductase-like protein'
22 polymer 'Acyl carrier protein'
23 polymer 'NADH-ubiquinone oxidoreductase B14 subunit-like protein'
24 polymer 'Complex I-B22'
25 polymer 'Complex I-ESSS'
26 polymer 'NADH-ubiquinone oxidoreductase'
27 polymer 'NADH dehydrogenase [ubiquinone] 1 alpha subcomplex subunit 13'
28 polymer 'NADH-ubiquinone oxidoreductase-like protein'
29 polymer 'NADH dehydrogenase [ubiquinone] iron-sulfur protein 4, mitochondrial'
30 polymer 'NADH-ubiquinone oxidoreductase-like protein'
31 polymer 'NADH dehydrogenase (Ubiquinone)-like protein'
32 polymer 'Subunit NDUFC2 of NADH-ubiquinone oxidoreductase (Complex I)'
33 polymer 'Subunit NDUFB3 of NADH-ubiquinone oxidoreductase (Complex I)'
34 polymer 'Subunit NDUFB10 of NADH-ubiquinone oxidoreductase (Complex I)'
35 polymer 'Subunit NDUFB2 of NADH-ubiquinone oxidoreductase (Complex I)'
36 polymer 'NADH dehydrogenase-like protein'
37 polymer 'Subunit NDUFA3 of NADH-ubiquinone oxidoreductase (Complex I)'
38 polymer 'NADH dehydrogenase [ubiquinone] 1 alpha subcomplex subunit'
39 polymer 'Subunit NDUFB6 of NADH-ubiquinone oxidoreductase (Complex I)'
40 polymer 'Subunit NDUFB4 of NADH-ubiquinone oxidoreductase (Complex I)'
41 polymer 'Subunit NDUFB5 of NADH-ubiquinone oxidoreductase (Complex I)'
42 polymer 'Oxidoreductase-like domain-containing protein'
43 non-polymer 1,2-DIACYL-SN-GLYCERO-3-PHOSPHOCHOLINE
44 non-polymer DODECYL-BETA-D-MALTOSIDE
45 non-polymer CARDIOLIPIN
46 non-polymer 1,2-Distearoyl-sn-glycerophosphoethanolamine
47 non-polymer 'FE2/S2 (INORGANIC) CLUSTER'
48 non-polymer 'IRON/SULFUR CLUSTER'
49 non-polymer 'FLAVIN MONONUCLEOTIDE'
50 non-polymer 'NADPH DIHYDRO-NICOTINAMIDE-ADENINE-DINUCLEOTIDE PHOSPHATE'
51 non-polymer 'ZINC ION'
52 non-polymer 'S-[2-({N-[(2S)-2-hydroxy-3,3-dimethyl-4-(phosphonooxy)butanoyl]-beta-alanyl}amino)ethyl] tetradecanethioate'
53 water water
#
loop_
_entity_poly.entity_id
_entity_poly.type
_entity_poly.pdbx_seq_one_letter_code
_entity_poly.pdbx_strand_id
1 'polypeptide(L)'
;MSYSQTINSLVEVVLVLVPSLVGIAYVTVGERKTMGSMQRRLGPNAVGIYGLLQAFADALKLLLKEYVGPTQANLVLFFL
GPVITLIFSLLGYAVIPYGPGLAVNDLSTGILYMLAVSSLATYGILLAGWSANSKYAFLGSLRSTAQLISYELVLSSSIL
LVIMLSGSLSLTVIVESQRAIWYILPLLPVFIIFFIGSVAETNRAPFDLAEAESELVSGFMTEHAAVIFVFFFLAEYGSI
VLMCILTSILFLGGYLLISLLDIIYNNLLSWIVIGKYIIFIFPFWGPVFIDLGLYEIISYLYNAPTVEGSFYGLSLGVKT
SILIFVFIWTRASFPRIRFDQLMSFCWTVLLPILFALIVLVPCILYSFNIFPVNISLL
;
1
2 'polypeptide(L)'
;MIMISILSLLLSTSVTLRRDMSILFNRISIIALAYCILHDTMSLSFISKGIGLHGGLLHITNLTQIFHIFIFIISILILQ
LTSFYPRKVWIPEYSSLKDIFFNKILYYRTKIINKMGEHMKIIEYPLILLFVISGAVFLISTNDLVSIFLSIELQSYGLY
LLSTIYRNSELSTTGGLIYFLLGGLSSCFILLGTSLLYVNSGTTSLDGLYILNSISDVNPVVAGVGEDGGLTSWYKPYYL
NFSLLIFSIGFLFKVSAAPFHFWSPDVYDAIPTIVTTFVAIIAKISIFIFLLELVYYTNSNANSYLSEFSWTYALLISSL
LSLIIGTVVGLTQFRIKRLLAYSTISHVGFILLALSVSSIESTQAFIFYLIQYSISNLNAFFILITIGFSLYGYVTNNKE
YKSLLDKNNSPIQLISQLKGYFYINPLLSLSLAITIFSFVGVPPLVGFFAKQMVLSAALDNGYIFLSLIAIITSVIGAVY
YLNVIKEIFFYSPEHEVNPVLNESDSNFSLRILNEKNVLIRSVLLKGRNIFISSPFSITISIITNVILLFIFMNKEWLSM
GTILVQILFSA
;
2
3 'polypeptide(L)'
;MSAMSIYIIFVSIIAILFLAIDLIFAPHNPYKEKLSAFECGFHSFSQSRSPFNISFFIYGLVFLLLDLEILLLYPFAVSE
YVNSAYGLAAALIFIGIITIGFVYELGHDALKVHSRQNISTKDLKSSVVISYLGNINNDSVNLHIK
;
3
4 'polypeptide(L)'
;MSLLYVLLIIPIIGIFLISTIDSFYPVTNTNIVLNKKFFRGFNDARQPIKYLYFSEGESFNIENKEDSFFNVSYYKKIAL
ITTILNLIVSLIIYILFDFSNNQFQFIQENLDLSFYDIYLGVDGVSIYFVLLTTIIMPIALVSNWNSITNNIKSYLIIML
LLETLLLAVFLVLDVLLFYIFFESILPPLFILIGLFGSSNKVRASFYIFLYTLLGSLFLLLSILTMSSIVGTTYFDVLLK
SSFEYTTQLFLFFGIFIAFAVKTPVWGLNSWLLRAHVESPLGGSIVLAAIVLKLSLYGVFRLILPILPQASLNLTYIVYA
IGAITVLYASFSTLRTVDVKELIAYSSVAHAAIYLMGVFSNTIQGLEGAILLGLAHGFVSSGLFICAGGILYDRTGTRLI
YFFRGLTQIMPLFSLFFFILCLGNAGTPLTLNFVGEFMSLYGTLERLPIAGMLASTSIIFSAAYSIYMYNRIAFGGSVSL
YFIDCFRDLTKREFFILFTLVSFTVILGIYPSFVLDGLHYNISSVVYGIEPNASYLTQGGNL
;
4
5 'polypeptide(L)'
;MYLSIIILPLLGSVVSGFFGRKVGVSGAQLITCSSVIITTILSIIAFFEVGFNNIPVTINIFRWIDSEWFIINWGFQYDS
LTVSMLIPVLIISSLVHIYSISYMSSDPHNQRFFSYLSLFTFMMIILVTANNYLLMFVGWEGVGVCSYLLVSFWFTRIAA
NQSSISAFLTNRVGDCFLTVGMFAILWSLGNLDYATVFSLAPYINSNVVIIIGICLLIGAMAKSSQVGLHVWLPMAMEGP
TPVSALIHAATMVTAGVYLLMRSSPLIEYSSTVLLLCLWLGAITTVFSSLIGLFQQDIKKVIAYSTMSQLGMMVLSIGLS
SYNIALFHLVNHAFYKALLFLGAGSVIHAVADNQDFRKFGGLISYLPLTYSVMLIASLSLVAFPFMTGFYSKDFILESAY
GQFSFSGVAVYIIATIGAIFTTLYSVKVLYLTFLSNPNGPRTYYRLAIDNFFSAQAIKSYKPAHEGDFFLTLPLVILALF
SIFFGFITKDIFIGLGSNFFVDNSLFIHPIHEIMIDTEFAVPVLFKLLPFIFTISFSVIALTLSELLSELVIYFKFSRFG
YNIFGFFNQRFLIEFFYNKYITNLILNLGGQITKILDKGSIELFGPYGLERGLVKLSKNISSLSTSHVTTYALYILVGFI
LYLIYNNLLLDYSYLLLIIILLLLLMMIGESNSEDVTLH
;
5
6 'polypeptide(L)'
;MNSQISLLLLKEIYTNGSTHIMLDILSVLAVISGICVIISKNPIVSVLHLIGLFAYVSFYLILIGLNFVGLSYLIVYIGA
VSILFLFILMLINIRTSELQSNTSNSIPLTILVGIIISSFLFKMLPYGVIISNQFNSSNLNENLYTIQIVGGEDNNINNI
NTDKNDLFFITSKIWDGALAENNHISSIGNIMYTNYNVWLILASFILLLAMVGAIVITIKPRKI
;
6
7 'polypeptide(L)'
;MATDAAETSRRATREEMRDAKVPLAYRDSCAHLLIPLNRCRYETYYLPWKCEDERHSYEKCQYLEFKKRVQKMEELREAK
GGARSN
;
8
8 'polypeptide(L)'
;MASGYGLNGGPSRCFPFWQELLACYVTNSSEDNPDGKNKCIPVMEDYYECLHHRKEAARVRALQAAYREAEAKKLQENPP
TAGQIRNLGLLNKEEDTKKVHCATATQQWMKMCFALSAKMPCLRGIEVFLTTRPDNEKIPEYPHPEGTSARVICGQHLIR
SPSLASNLSNSAITPPSSFSPRKANPLVSVYLPSVPGTPFTINYKISQVPPEPCKYLFFRLYINARPMVSWGIDPHSRPY
GKVIKSLWLPSDDRYRGLVGFEKRSFVFLPGEEFKSVAEDGGLIEVQVFRAKDRRARTPKLETFRFRDNYGIAAPSIGLL
DKPQNAFFYDWLLIDPKDEPFAKFRMHYRSWRNLKSLNLIPSSEWELLLAVSPKALRTAASTGKIEKPTSPAFSDSDSDD
SLCSATDSDECVFDDHSKKTKSNRSKESPFAFLNSPPERFRAMAPSSEKLPQPSKLLRDSQRAPYQSRPLPELPVEAGVN
STGLNPPSVKVAADLRRKPSATSMESNAVSITPSLLRCMEEGTLDLEKAEVGIAKLVKVAASGSEPSSSSSSATQLTVSA
VREVELRPPQPERKGGLPMDYSFSDYEKSSQSSFGDDERMSNISDMEEKPFPAPPTCYLPTTGSGLERELAMFDSPSPSP
VPYSAMEPPVTPSPSSTPYKTKLGRKPLLFSRRLGLFSPRKSLPSDFLLGQAKKLVVEEETTNSNVSLAFGELTVTDMRA
ESPSPAPKGKPLRRFSTIRVEEISIKEKRPLFNSLRRIASASPRKLAGRVLSMDLGKKGGEEKEG
;
9
9 'polypeptide(L)'
;MLRQTLARSAWRTGKHPAAAARTAGAATRAFSASAQRPAEVELTIDGKKVSIEAGSALIQACEKAGVVVPRYCYHEKLAI
AGNCRMCLVEVERSPKPVASCAWPVQAGMVVKTNSPLTHKAREGVMEFLLANHPLDCPICDQGGECDLQDQSMRYGADRG
RFHEIGGKRAVEDKNIGPLIKTSMNRCIHCTRCVRFMNDIAGAPELGSTGRGNDLQIGTYLEKNLDSELSGNVIDLCPVG
ALTSKPYAFRARPWELKRTESIDVLDGLGSNIRVDSRGLEVMRILPRLNDDVNEEWINDKTRFACDGLKTQRLTMPLVRR
DGKFEPATWEQALTEIAHAYQTLAPKENEFKVIAGQLVEVESLVAMKDLANRLGSENLALDFPGGSQPLAHGVDIRSNYL
FNSKIWGIEEADAILLVGTNPRHEAAVLNARIRKQWLRSDLEIAAVGQPWESTFDYEHLGTDLAALKNALSGPFGEKLKK
AKRPMIIVGSGVTEHPDAKAFYETVWSFVEKNASNFLTEEWCGYNVLQRAASRAGAFEVGFVVPSPEVAATKPKFVWLLG
ADEFDPADVPKDAFIVYQGHHGDRGAEIADIVLPGAAYTEKAGTYVNTEGRVQMTRAATGLPGAARTDWKIIRAVSEFLG
VPLPYDDVAQLRDRMAEISPALAAYDVVEPVALRHLSKVQLVDQNKGAKVTGEPLKKVVENFYFTDVISRSSPTMARCSA
AKETGDPRTNFMAPGMEEDRPMGQIAYGA
;
A
10 'polypeptide(L)'
;MLSRTAAPAKASAKTISSAVSSAAAAAATTSAASTPQSRAYATVQDPNYATVRTYGGLKDQDRIFQNLYGRYPPDLKHAK
KMGDWYKTKEILLKGHDWIIGEIKASGLRGRGGAGFPSGLKWSFMNFKDWDKDNKPRYLVVNADEGEPGTCKDREIMRKD
PHKLVEGCLVAGRAMNATAAYIYIRGEFYQEAAILQNAINEAYAEGLIGKNACGSGYDFDVYIHRGAGAYVCGEETSLIE
SLEGKPGKPRLKPPFPAAVGLFGCPSTVANVETVSVAPTICRRGGAWFASFGRERNHGTKLFCISGHVNNPCTVEEEMSI
PMRELIEKHCGGVRGGWDNLLAVIPGGSSTPILPKHICDDQLMDFDALKDSQSGLGTAAVIVMDKSTDVVRAISRLSHFY
RHESCGQCTPCREGSKWTDQIMKRFEKGMGRPREIDMLQELTKQVEGHTICALGEAFAWPIQGLIRHFRPELEARMKKFA
EETGGQALAGGWTHDSRQKGRLVSPGM
;
B
11 'polypeptide(L)'
;MSASLYRLAGRSARRLATSAASRSRPLTSSSSFQLSSTASTPLSVRAFSASALRRYAEPQDGFQGTRLIPTGADFQSPPD
PFIDEGARDNAANYGVQKSRSGVDEDSVEGRKVRHYTVNFGPQHPAAHGVLRLILELNGEEIVRADPHVGLLH(2MR)GT
EKLCEYKTYMQALPYFDRLDYVSMMTNEQVFSLAVEKLLNIEIPPRAKFIRTMFGEITRILNHLMSVLSHAMDVGALTPF
LWGFEEREKLMEFYERVSGARLHAAYVRPGGVHQDIPVGLLDDIYQWATQFGDRIDETEEMLTDNRIWINRLKGVGVVSA
ADALNLSFTGVMLRGSGVPWDVRKSSPYDAYDQVEFDVPVGINGDCYDRYLCRMEEFRQSLRIIHQCLNKMPAGPVRYED
YKITPPPRAAMKENMEALIHHFLLFTKGYAVPPGDTYTAIEAPKGEMGVYVVSDGSERPYRVHIRAPGFAHLSGFDHITR
GHLLADAVAVIGTMDLVFGEVDR
;
C
12 'polypeptide(L)'
;MPVPFETLIPYGIIIAMFGVTGAGMAKVRHMFNGDKRHRWSVDQWDKQQMERDRRLTGHLRGQTDNPIAPPGFEFNNPWK
V(UNK)(UNK)(UNK)(UNK)(UNK)
;
D
13 'polypeptide(L)'
;MASLPTAVRSAAPKVARRALQQRRYISDIHITRTGKPLIRIQGGRSSLGEHTATVFGATGQLGRYIVNRLARQGCTVIVP
YREEMAKRHLKVSGDLGRVIFMEFDLRNTQSIEESVRHSDVVYNLIGRDYPTKNFSLADVHIEGTERIVEAVAKYDVDRF
IQVSTYNANPDSTCEFFRTKGIAEKVARHVFPETTIVRPAPMFGFEDRLLLKLASVTNLFTSNHMREKFWPVHVNEVGEA
LERMLYDDSTAGQTFELYGPRQYSMAQIAELVDREIYKKRRHINLPKPILQPLAELINRVLWWDTGLSRDQVEREFHDQV
IDPTAKTFKDLGMEPTDISKWTYHYLLPYRPSTYYDLPPSTEKEMREERKYLHVLDDQ
;
E
14 'polypeptide(L)'
;MRATTRLLAVVRPATQAAASSASKGKFLVPGAPTGLTGLGTHPSPRSALLYLYHSTLEKLKQIPEHSVYRQSVEAVTRHR
LALVESVVPEGYDAWVERAKKLLEEHADQFDPTKVGPEGGEEVQGARAVKVERDGRVFVVSRLPKEEDERVLEWDGEVDE
GPELEGSRTLEEKIEGGLEKIFTRRDVKDTVGRVEWEPEPQLTAEQVAELENKIGAGLIEEVIQVAEGELKLVDTMVKAR
VWEPLEEQPRPGQWEYFERKP
;
F
15 'polypeptide(L)'
;MASKLCKTRALASALRPISRSSRSTEAIANVAVVRSFATTPRLGVALPKDAPNPRAIPREPVGEIKQALVNPADKYQSKA
DNLHKYGAWLMSCLPKYIQQFSVWKDELTIYICPTGVIPVFSFLKYNTNAEFTQVSDITAVDFPTREMRFEIVYNLLSVR
HNARIRVKTYADEVTPVPSITSLYMGANWYEREVYDMFGVLFVGHPDLRRIMTDYGFEGHPLRKDFPLTGYTEIRYDEEK
KRIVVEPLELTQAFRNFEGGSSAWDQVGPGIDRTPDTFKLPTPKPEEQSEEKK
;
G
16 'polypeptide(L)'
;MRRRQLSLQAGPFAEPKANQARKSSSNGERSSTTSQDHDPVRPGIDAAIARSLDTTAAMASKLTPLLMRTVARMGSRAMW
AMVPAPARTLSTSAMRHSDTLMVHRNTPENNPDIPFKFTPENEKIIEQILKRYPPQYKKAAVMPLLDLGQRQHGFCSISV
MNEVARILEMPPMRVYEVASFYTMYNRTPVGKFHVQACTTTPCQLGGCGSDAIVKAIKEHLGINQGETTPDGLFTFIEVE
CLGACVNAPMVQINDDYYEDLTPETIKQVLTALKESVNDVSKAPKPGPQSGRQSCENSAGLTSLTSEPWGPEKTRPDL
;
H
17 'polypeptide(L)'
;MLPTPAALLVTRQLPLARVPSTLVRTLPIQALIARRTYATPAGPPPKNFRLPPPKNWDEESESTIDKVGKYFLMTEMLRG
MYVLLEQFFRPPYTIYYPFEKGPISPRFRGEHALRRYPSGEERCIACKLCEAVCPAQAITIEAEERADGSRRTTRYDIDM
TKCIYCGFCQESCPVDAIVESPNAEYATETREELLYNKEKLLANGDKWEPELAAAIRADAPYR
;
I
18 'polypeptide(L)'
;MAPIEEEHEHYHPKDAVHLGLKGAAVVGGIGLLFAAVRTSLARKNVGPWAIFTRNGKLAATFAAVGGAYDFTRAAAANLR
EKEDWVNNGIGGLFAGATMGLTTGRIPRVLGFAALTGVVLATAEYAGSGLRGVFKRDVDEYERKEFLRKNRRRPIEETLA
EIGEGRGIKPPGYYERRAQRLKEKYGVDINPVCADPDQA
;
J
19 'polypeptide(L)'
;MISSARTGASLILRARPATQLIPLRAAAAAHLSSSARTQAAATSSSTAVEPYPGYELRKSLRKEVPLPSQEGTKGLVQYA
LTTLDIITNWARQGSFWPMTFGLACCAVEMMHLSTPRYDQDRLGIIFRASPRQSDVMIVAGTLTNKMAPALRQVYDQMPD
PRWVISMGSCANGGGYYHYSYSVVRGCDRIVPVDVYVPGCPPTSEALMYGIFQLQRKMRNTKITRMWYRK
;
K
20 'polypeptide(L)'
;MNITLILFLIGILGFVLNRKNIILMLISIEIMLLSITFLILLSSLNMDDIIGQTYAIYIIVVAGAESAIGLGILVAFYRL
RGSIAIEYK
;
L
21 'polypeptide(L)'
;MYASRGVRAVAQARQLISKRTFTATARQLSQTQTPTPAAPTATAEAEVAETGRPASAVMQAPNRAEVWSRSQRPRSEAMA
GPRFEQTDFDAQPRPWAAIELIHKQPVRWTHDRIVACDGGGGPHGHPKIYINTDKPEIATCNYCGLPFANEHHRKYLESL
PQTSYPLN
;
M
22 'polypeptide(L)'
;MFRSAVLRSAAAATRTTIRSIPPAAAKKFAVAPVSRVTSFIPKTASWQVIRCYASNEGLQKVEVYERIKSLLAGFDKVND
PNNITETAHFANDLGLDSLDTVEVVMAIEEEFSIEIPDKDADQIHSVDKAIEYILRQPDAH
;
O,Q
23 'polypeptide(L)'
;MAVQPTKFAVTVRQSRNWADAKQRVIAAYRAWIRAAPEIQTMYSIPFPVSHIRTRIRQEFERHRYVNKLNVVDVLLQQSN
ADFQETMNFWRQQSHVMAFFKEEHFRGEKRLPSNFITGFLEGRN
;
P
24 'polypeptide(L)'
;MSNRQAALSLYRRALKLALDWTVHRNLWRGQALYIRSLFEKNRNVTDPRLQRALLKETEKLLEKWKHPDPYCPPTAPGGS
KYERNLPVPNLEPPPPLKF
;
R
25 'polypeptide(L)'
;MDGGPPTFAFRPTARQAPGKLSSAPVTTRLAAAALSRASTVSSKALTPARFRFFSTTQRRAGGHGMQYDPPTGWLWGVRP
GEKYQNEGWEGPFFYGFWGSLIVFAIAYAYKPDTSIQTWALEEARRRLEAEGILEDPNPTKKE
;
S
26 'polypeptide(L)'
;MATRKPAFNQHVLLDTTPLPDSIPKVKEIGASSAPLLSASFFIGARCKDYNDDYMQCKNENPGRGEFECLKEGRRVTRCA
RSVLKDINTHCLEQFRAHWQCLDNNNQQLWQCRPAEWKLNKCVYENLKLEKVIPDQPKNSTPVHLRQRQIFAHHAIPPWE
RPFIPGQPEPQLPAGIEIPEKYKNQS
;
U
27 'polypeptide(L)'
;MPQDMPPPGGYEAVQYKRNLPSRGLFRPRPLLAGAAVLMLYGWYKLVKGIREQNELAREKMWARIHLIPLLQAEEDRDHV
RRYLADQAREKGLLGENIKVYNSDRYVRPTFAVTPSKPAQE
;
W
28 'polypeptide(L)'
;MSNTPTQTYQFPSKTVKTDYPLIDNDPHFTRVIRYARPSDYAHGLAAAAAGPAALWLMERISPSQVGRGGFAKAMRLAGF
IGLAGGFLYFYQRSILRFYGMSENAREVEMDMREMTDRVKAGLPLYGESRLSPAMQGVAARQSRYSALFFGVMPWFNFVN
HNQHGVDTAKYYQQAERELEAERLAREQAQQ
;
X
29 'polypeptide(L)'
;MSSLRPAATSAARLLRNSTASSRATAVAVMPCRAAHNIHVPVQKERTKEDSPLATLPRNAPDYNVPIDIATSTFTPVPKN
VQDGSEENVVPAGLISGAPMELQARTVRIYKPAKPATQSGEKNTQLWRMDWDVLGKGHRWENPLMGWQSSADFMQGTHLT
FKTKEDAIAFAEKQGYEYFVQEPNERHFRPKAYANNFLYSPGKLKHIRTK
;
Y
30 'polypeptide(L)'
;MASKAAAAAASNAVSITKKYTVQSTGIWERIRRALVIDPNRSNGVPLNPYNRNPSPGDNPPLEYTDPVTIPAGDIADNPY
WKRDFRRNYPRPSVIAQAQQVALLSVGSAAQPRVELIGEEGTKALVAAEEEGKEKGVAKYLEEKGAEEAKRVLALTGGLP
PTPSGQTMVTGQWDVHKYGLAEEQSYGGSYPCRSFV
;
Z
31 'polypeptide(L)'
;MLSRRLVRAVAPLRSPVLPAARRLPLIQQRTFLPEAMVGRSKIDEKYPDSDYPTLTDKEDPDMNGGYINPPRIKRQFRDP
HADWWDKQERRNFGEPVHEDHDILGMFSPYEYTWITPGKGLFQIGLFIASFLGLCYVVKLTYPDRVSYPREFEGGLEREL
GGAGAVRAFLCLDDEIMWMVSLYCLPASKLISSPVALQDKSTS
;
a
32 'polypeptide(L)'
;MVNRILFWTGFGLAVRFWQLGIEMRPFFNRKSLWAYPLFGGVGASFGYWLQSIDEKQTKMLEERKQAILEKRARRAQRQA
EAAATAPSPSAQEA
;
b
33 'polypeptide(L)'
;MQPTRILRNNGEKPNITGFDMREFLRHTKTPTYDPWERHEAWRYTGRFSRFNRFKGALPGFGIATVAFTAYCVFEHFFLK
DDHHGHHGEKEHH
;
c
34 'polypeptide(L)'
;MPTPESEAFLAKKPQVPPTFDGVDYEDNKRLKQAQDAIIREQWVQVMMGRLVREELSKCYYREGVNHLEKCGKLRERYLQ
LLANAKVKGYLFEQQNYWSKENQQQ
;
d
35 'polypeptide(L)' MAGGGQHVSRVHRFLATGLGASMWFWIFYRAKKDGPVLLGWKHPWD e
36 'polypeptide(L)'
;MSGRYAFAKGVKELRFLFCQTSQHSAEARSFLNRAYPIMKKHNPTIPILLREAQGTIPRVYARYEFGREKMESLEGLTDK
QIEETVAKLVKTEGA
;
f
37 'polypeptide(L)'
;MSATTPRFWSTPLKYCRWAARERPALFFSVVIGALGPVTLATVPPLRRLIGDVDAAPIPLTYPIPPGPRKQLKGYDDDTE
DN
;
g
38 'polypeptide(L)'
;MSYPTRTLANLRKIGLKEYFRQLLYIGDTKYGELVGVDKFGNKFYENKEELPLRTRWVDYAKHDYDAAHIEPMWHAWISY
QVDTPPTREPLTQIERPWAPKEHVPNRSFTRGAYKPYNTTQPKIQSWEPKAAPR
;
h
39 'polypeptide(L)'
;MGGGPKIPYPKHVWSPAGGWYAQPANWKQNTAIFGLVIFGITAMVWKYSAEHEVRHKMPEPDRFYPSRYWVKQIKDYERA
QKEKQQNNTEASS
;
i
40 'polypeptide(L)' MAGLQHYKIAMDPALVRLGSMISNRYKYFRWTKRTALVSFMYVVVVPSTIGYLAYKTDGLWDLRAKRRGDLISER j
41 'polypeptide(L)'
;MLALRQRAALLARRVRPTVVVPRNARTYASSHDHDHHDHHHDHGHNVEEPLGAAFYIAVGGIASSFVIYNISRPGPNGEP
SSLHKWFSKISDYKDEWETRNTLMAAALEQAAHDKHLLLTAERSRHIELKYPEVFSHGSPFNVPAGFYPNLDHVIEHYRK
QHLEEEERKAKKLAAAAAAASEAR
;
n
42 'polypeptide(L)'
;MRRTILQARPSRVLSRALSSAHGSARPSFAIARSPNEQVFPAGAFYESILRWNPNPVPKPQPIEPPAPEPEPVVEEATPA
EPEPVPEPVAEEKTPEPTPAPVEEKSAAPVEAEAEPAPVEEKAAVPEAAPEPEPEPVAEDKPAPEEKKSSRSPKRQQQEE
SSSAEKPAEKPIRSSGRLDGASAPSPEPQPQDSSQEKPSITFLSGLSGPTSTSSYQSRLESIRSRSRLIAGVLVPPQPTE
PDNCCMSGCVNCVWDAYREEMEAWAAAKAEAERRLAAQEVSSVVGTTEESMHAVEDGKRVERTLGVHGEVADRTGDMARE
LEKGSTSMEEDGAGFGERMEWDEGLYKDVPVGIREFMKQEKRLREERLKRNRKETEHQQG
;
o
#
loop_
_chem_comp.id
_chem_comp.type
_chem_comp.name
_chem_comp.formula
3PE non-polymer 1,2-Distearoyl-sn-glycerophosphoethanolamine 'C41 H82 N O8 P'
CDL non-polymer CARDIOLIPIN 'C81 H156 O17 P2 -2'
FES non-polymer 'FE2/S2 (INORGANIC) CLUSTER' 'Fe2 S2'
FMN non-polymer 'FLAVIN MONONUCLEOTIDE' 'C17 H21 N4 O9 P'
LMT D-saccharide DODECYL-BETA-D-MALTOSIDE 'C24 H46 O11'
NDP non-polymer 'NADPH DIHYDRO-NICOTINAMIDE-ADENINE-DINUCLEOTIDE PHOSPHATE' 'C21 H30 N7 O17 P3'
PC1 non-polymer 1,2-DIACYL-SN-GLYCERO-3-PHOSPHOCHOLINE 'C44 H88 N O8 P'
SF4 non-polymer 'IRON/SULFUR CLUSTER' 'Fe4 S4'
ZMP non-polymer 'S-[2-({N-[(2S)-2-hydroxy-3,3-dimethyl-4-(phosphonooxy)butanoyl]-beta-alanyl}amino)ethyl] tetradecanethioate' 'C25 H49 N2 O8 P S'
ZN non-polymer 'ZINC ION' 'Zn 2'
#
# COMPACT_ATOMS: atom_id res chain seq x y z
N MET A 1 -47.49 33.37 -41.05
CA MET A 1 -46.31 32.79 -41.76
C MET A 1 -46.75 32.14 -43.07
N SER A 2 -45.93 32.22 -44.11
CA SER A 2 -46.32 31.76 -45.46
C SER A 2 -46.51 30.24 -45.59
N TYR A 3 -45.62 29.44 -45.04
CA TYR A 3 -45.82 27.97 -45.07
C TYR A 3 -45.81 27.39 -43.66
N SER A 4 -45.88 26.08 -43.51
CA SER A 4 -45.92 25.42 -42.18
C SER A 4 -44.57 25.50 -41.45
N GLN A 5 -44.61 25.61 -40.12
CA GLN A 5 -43.39 25.73 -39.27
C GLN A 5 -42.52 24.47 -39.37
N THR A 6 -43.12 23.29 -39.37
CA THR A 6 -42.36 22.03 -39.40
C THR A 6 -41.52 21.96 -40.67
N ILE A 7 -42.09 22.34 -41.82
CA ILE A 7 -41.26 22.42 -43.02
C ILE A 7 -40.11 23.40 -42.83
N ASN A 8 -40.42 24.61 -42.35
CA ASN A 8 -39.38 25.59 -42.12
C ASN A 8 -38.36 25.06 -41.12
N SER A 9 -38.83 24.45 -40.04
CA SER A 9 -37.90 23.84 -39.07
C SER A 9 -36.99 22.85 -39.80
N LEU A 10 -37.56 21.94 -40.59
CA LEU A 10 -36.77 20.89 -41.28
C LEU A 10 -35.75 21.48 -42.25
N VAL A 11 -36.13 22.46 -43.07
CA VAL A 11 -35.18 22.99 -44.10
C VAL A 11 -33.97 23.63 -43.42
N GLU A 12 -34.17 24.45 -42.38
CA GLU A 12 -33.04 25.14 -41.74
C GLU A 12 -32.11 24.14 -41.06
N VAL A 13 -32.67 23.13 -40.40
CA VAL A 13 -31.85 22.08 -39.73
C VAL A 13 -31.03 21.30 -40.77
N VAL A 14 -31.62 20.92 -41.91
CA VAL A 14 -30.86 20.20 -42.98
C VAL A 14 -29.81 21.12 -43.60
N LEU A 15 -30.14 22.40 -43.77
CA LEU A 15 -29.21 23.39 -44.38
C LEU A 15 -28.01 23.65 -43.47
N VAL A 16 -28.14 23.43 -42.17
CA VAL A 16 -26.95 23.62 -41.29
C VAL A 16 -26.18 22.30 -41.13
N LEU A 17 -26.86 21.18 -40.85
CA LEU A 17 -26.17 19.88 -40.57
C LEU A 17 -25.44 19.26 -41.75
N VAL A 18 -26.00 19.29 -42.94
CA VAL A 18 -25.37 18.56 -44.10
C VAL A 18 -24.14 19.34 -44.55
N PRO A 19 -24.14 20.68 -44.74
CA PRO A 19 -22.89 21.41 -44.97
C PRO A 19 -21.89 21.28 -43.81
N SER A 20 -22.37 21.30 -42.56
CA SER A 20 -21.44 21.21 -41.41
C SER A 20 -20.76 19.84 -41.41
N LEU A 21 -21.52 18.76 -41.66
CA LEU A 21 -20.96 17.39 -41.69
C LEU A 21 -19.96 17.24 -42.84
N VAL A 22 -20.31 17.75 -44.02
CA VAL A 22 -19.39 17.67 -45.19
C VAL A 22 -18.14 18.48 -44.89
N GLY A 23 -18.29 19.64 -44.24
CA GLY A 23 -17.14 20.45 -43.83
C GLY A 23 -16.26 19.75 -42.80
N ILE A 24 -16.85 19.07 -41.81
CA ILE A 24 -16.07 18.39 -40.75
C ILE A 24 -15.27 17.26 -41.39
N ALA A 25 -15.77 16.74 -42.52
CA ALA A 25 -15.05 15.67 -43.25
C ALA A 25 -13.86 16.27 -43.99
N TYR A 26 -13.99 17.48 -44.51
CA TYR A 26 -12.86 18.06 -45.31
C TYR A 26 -11.79 18.68 -44.40
N VAL A 27 -12.08 18.97 -43.14
CA VAL A 27 -11.02 19.44 -42.20
C VAL A 27 -10.03 18.30 -41.99
N THR A 28 -10.52 17.05 -41.94
CA THR A 28 -9.61 15.88 -41.78
C THR A 28 -8.71 15.73 -43.00
N VAL A 29 -9.25 15.88 -44.21
CA VAL A 29 -8.41 15.85 -45.44
C VAL A 29 -7.49 17.05 -45.43
N GLY A 30 -8.02 18.21 -45.06
CA GLY A 30 -7.25 19.47 -45.07
C GLY A 30 -6.07 19.47 -44.12
N GLU A 31 -6.20 18.79 -42.98
CA GLU A 31 -5.12 18.79 -41.95
C GLU A 31 -3.98 17.88 -42.39
N ARG A 32 -4.24 16.98 -43.33
CA ARG A 32 -3.19 16.04 -43.79
C ARG A 32 -2.54 16.69 -45.00
N LYS A 33 -3.33 17.45 -45.77
CA LYS A 33 -2.77 18.19 -46.93
C LYS A 33 -1.93 19.40 -46.49
N THR A 34 -2.40 20.17 -45.51
CA THR A 34 -1.65 21.35 -45.00
C THR A 34 -0.34 20.93 -44.33
N MET A 35 -0.38 19.89 -43.50
CA MET A 35 0.82 19.42 -42.76
C MET A 35 1.83 18.86 -43.76
N GLY A 36 1.39 18.42 -44.92
CA GLY A 36 2.29 17.90 -45.96
C GLY A 36 2.94 19.05 -46.70
N SER A 37 2.25 20.16 -47.00
CA SER A 37 2.97 21.28 -47.60
C SER A 37 4.00 21.87 -46.66
N MET A 38 3.68 21.98 -45.37
CA MET A 38 4.67 22.48 -44.44
C MET A 38 5.77 21.45 -44.18
N GLN A 39 5.48 20.17 -44.41
CA GLN A 39 6.52 19.12 -44.24
C GLN A 39 7.09 18.70 -45.60
N ARG A 40 6.89 19.52 -46.64
CA ARG A 40 7.50 19.33 -47.95
C ARG A 40 7.11 18.01 -48.59
N ARG A 41 5.89 17.58 -48.29
CA ARG A 41 5.39 16.36 -48.94
C ARG A 41 4.01 16.70 -49.48
N LEU A 42 3.23 15.68 -49.81
CA LEU A 42 1.86 15.87 -50.24
C LEU A 42 0.92 15.30 -49.20
N GLY A 43 -0.27 15.85 -49.13
CA GLY A 43 -1.32 15.19 -48.39
C GLY A 43 -1.92 14.08 -49.23
N PRO A 44 -3.08 13.57 -48.83
CA PRO A 44 -3.79 12.62 -49.68
C PRO A 44 -4.05 13.19 -51.06
N ASN A 45 -3.73 12.42 -52.08
CA ASN A 45 -3.98 12.85 -53.45
C ASN A 45 -4.38 11.70 -54.36
N ALA A 46 -4.84 10.60 -53.81
CA ALA A 46 -5.12 9.40 -54.58
C ALA A 46 -6.54 8.86 -54.42
N VAL A 47 -7.11 8.90 -53.23
CA VAL A 47 -8.50 8.46 -53.06
C VAL A 47 -9.39 9.60 -53.54
N GLY A 48 -9.83 9.54 -54.78
CA GLY A 48 -10.47 10.66 -55.43
C GLY A 48 -9.49 11.44 -56.28
N ILE A 49 -10.05 12.31 -57.14
CA ILE A 49 -9.24 12.97 -58.16
C ILE A 49 -8.14 13.82 -57.52
N TYR A 50 -8.46 14.54 -56.45
CA TYR A 50 -7.43 15.27 -55.74
C TYR A 50 -7.34 14.83 -54.29
N GLY A 51 -7.63 13.57 -54.02
CA GLY A 51 -7.74 13.13 -52.65
C GLY A 51 -8.97 13.63 -51.96
N LEU A 52 -9.95 14.09 -52.73
CA LEU A 52 -11.16 14.66 -52.18
C LEU A 52 -12.10 13.61 -51.64
N LEU A 53 -11.78 12.34 -51.81
CA LEU A 53 -12.54 11.22 -51.27
C LEU A 53 -11.85 10.54 -50.11
N GLN A 54 -10.73 11.09 -49.64
CA GLN A 54 -9.98 10.42 -48.58
C GLN A 54 -10.80 10.29 -47.31
N ALA A 55 -11.52 11.35 -46.94
CA ALA A 55 -12.35 11.31 -45.72
C ALA A 55 -13.43 10.23 -45.88
N PHE A 56 -13.96 10.07 -47.09
CA PHE A 56 -15.07 9.15 -47.30
C PHE A 56 -14.64 7.71 -47.09
N ALA A 57 -13.48 7.33 -47.62
CA ALA A 57 -13.03 5.92 -47.53
C ALA A 57 -12.60 5.61 -46.10
N ASP A 58 -11.97 6.58 -45.44
CA ASP A 58 -11.53 6.42 -44.03
C ASP A 58 -12.77 6.15 -43.18
N ALA A 59 -13.81 6.94 -43.36
CA ALA A 59 -15.04 6.79 -42.56
C ALA A 59 -15.76 5.48 -42.86
N LEU A 60 -15.89 5.10 -44.13
CA LEU A 60 -16.63 3.87 -44.50
C LEU A 60 -15.81 2.65 -44.06
N LYS A 61 -14.45 2.79 -44.08
CA LYS A 61 -13.62 1.65 -43.63
C LYS A 61 -13.91 1.40 -42.16
N LEU A 62 -13.87 2.45 -41.34
CA LEU A 62 -14.09 2.22 -39.92
C LEU A 62 -15.46 1.65 -39.67
N LEU A 63 -16.48 2.13 -40.39
CA LEU A 63 -17.83 1.65 -40.19
C LEU A 63 -17.94 0.16 -40.42
N LEU A 64 -17.19 -0.38 -41.39
CA LEU A 64 -17.24 -1.79 -41.75
C LEU A 64 -16.32 -2.64 -40.90
N LYS A 65 -15.54 -2.04 -40.02
CA LYS A 65 -14.59 -2.78 -39.23
C LYS A 65 -15.29 -3.52 -38.10
N GLU A 66 -14.74 -4.67 -37.76
CA GLU A 66 -15.17 -5.36 -36.56
C GLU A 66 -14.81 -4.55 -35.32
N TYR A 67 -15.64 -4.68 -34.31
CA TYR A 67 -15.42 -4.04 -33.01
C TYR A 67 -15.48 -5.13 -31.96
N VAL A 68 -14.41 -5.23 -31.17
CA VAL A 68 -14.25 -6.32 -30.22
C VAL A 68 -14.23 -5.79 -28.79
N GLY A 69 -14.66 -4.54 -28.60
CA GLY A 69 -14.68 -3.94 -27.29
C GLY A 69 -15.57 -4.73 -26.35
N PRO A 70 -15.34 -4.57 -25.05
CA PRO A 70 -16.13 -5.33 -24.06
C PRO A 70 -17.60 -4.98 -24.17
N THR A 71 -18.42 -6.00 -24.43
CA THR A 71 -19.86 -5.88 -24.31
C THR A 71 -20.39 -6.47 -23.01
N GLN A 72 -19.52 -7.00 -22.16
CA GLN A 72 -19.94 -7.66 -20.93
C GLN A 72 -20.00 -6.64 -19.78
N ALA A 73 -21.05 -6.77 -18.97
CA ALA A 73 -21.26 -5.99 -17.77
C ALA A 73 -21.59 -4.53 -18.10
N ASN A 74 -21.50 -4.19 -19.38
CA ASN A 74 -21.88 -2.87 -19.87
C ASN A 74 -22.22 -3.00 -21.35
N LEU A 75 -23.51 -3.11 -21.65
CA LEU A 75 -23.92 -3.19 -23.05
C LEU A 75 -24.33 -1.81 -23.56
N VAL A 76 -25.11 -1.08 -22.78
CA VAL A 76 -25.51 0.27 -23.18
C VAL A 76 -24.29 1.17 -23.28
N LEU A 77 -23.38 1.08 -22.31
CA LEU A 77 -22.22 1.97 -22.26
C LEU A 77 -21.34 1.79 -23.49
N PHE A 78 -21.13 0.55 -23.91
CA PHE A 78 -20.32 0.30 -25.11
C PHE A 78 -20.98 0.85 -26.35
N PHE A 79 -22.31 0.75 -26.45
CA PHE A 79 -23.01 1.14 -27.66
C PHE A 79 -23.63 2.52 -27.59
N LEU A 80 -24.41 2.81 -26.55
CA LEU A 80 -25.12 4.08 -26.45
C LEU A 80 -24.28 5.17 -25.80
N GLY A 81 -23.05 4.88 -25.40
CA GLY A 81 -22.19 5.88 -24.82
C GLY A 81 -21.68 6.88 -25.83
N PRO A 82 -20.79 6.43 -26.72
CA PRO A 82 -20.20 7.37 -27.68
C PRO A 82 -21.20 7.98 -28.64
N VAL A 83 -22.39 7.38 -28.80
CA VAL A 83 -23.38 7.97 -29.71
C VAL A 83 -23.77 9.36 -29.26
N ILE A 84 -24.03 9.56 -27.95
CA ILE A 84 -24.43 10.89 -27.50
C ILE A 84 -23.25 11.80 -27.27
N THR A 85 -22.04 11.25 -27.42
CA THR A 85 -20.85 12.14 -27.39
C THR A 85 -20.91 12.90 -28.72
N LEU A 86 -21.38 12.22 -29.76
CA LEU A 86 -21.50 12.86 -31.07
C LEU A 86 -22.67 13.82 -31.12
N ILE A 87 -23.72 13.55 -30.34
CA ILE A 87 -24.81 14.51 -30.19
C ILE A 87 -24.35 15.76 -29.46
N PHE A 88 -23.47 15.59 -28.46
CA PHE A 88 -23.02 16.74 -27.64
C PHE A 88 -22.01 17.53 -28.47
N SER A 89 -21.60 16.96 -29.59
CA SER A 89 -20.63 17.65 -30.48
C SER A 89 -21.42 18.54 -31.44
N LEU A 90 -22.49 17.98 -32.01
CA LEU A 90 -23.28 18.73 -32.97
C LEU A 90 -24.29 19.65 -32.30
N LEU A 91 -24.58 19.58 -31.04
CA LEU A 91 -25.65 20.40 -30.41
C LEU A 91 -25.25 21.86 -30.29
N GLY A 92 -23.93 22.16 -30.47
CA GLY A 92 -23.48 23.55 -30.33
C GLY A 92 -23.73 24.37 -31.58
N TYR A 93 -23.92 23.71 -32.72
CA TYR A 93 -24.07 24.39 -34.03
C TYR A 93 -25.44 25.04 -34.14
N ALA A 94 -26.37 24.72 -33.24
CA ALA A 94 -27.75 25.21 -33.33
C ALA A 94 -27.88 26.66 -32.85
N VAL A 95 -26.79 27.29 -32.42
CA VAL A 95 -26.82 28.70 -32.06
C VAL A 95 -25.88 29.55 -32.91
N ILE A 96 -25.28 28.97 -33.94
CA ILE A 96 -24.43 29.73 -34.85
C ILE A 96 -25.25 30.53 -35.85
N PRO A 97 -25.12 31.85 -35.86
CA PRO A 97 -25.83 32.67 -36.83
C PRO A 97 -25.06 32.89 -38.13
N TYR A 98 -25.66 32.56 -39.26
CA TYR A 98 -25.05 32.81 -40.58
C TYR A 98 -25.56 34.10 -41.20
N GLY A 99 -25.63 35.16 -40.39
CA GLY A 99 -26.20 36.45 -40.82
C GLY A 99 -27.05 36.92 -39.69
N PRO A 100 -27.59 38.16 -39.66
CA PRO A 100 -28.32 38.60 -38.47
C PRO A 100 -29.55 37.73 -38.19
N GLY A 101 -29.59 37.08 -37.03
CA GLY A 101 -30.72 36.21 -36.66
C GLY A 101 -30.77 34.91 -37.42
N LEU A 102 -29.84 34.67 -38.35
CA LEU A 102 -29.94 33.50 -39.21
C LEU A 102 -29.34 32.28 -38.55
N ALA A 103 -29.99 31.86 -37.47
CA ALA A 103 -29.59 30.69 -36.71
C ALA A 103 -30.78 29.76 -36.57
N VAL A 104 -30.51 28.50 -36.24
CA VAL A 104 -31.60 27.52 -35.96
C VAL A 104 -32.36 28.07 -34.76
N ASN A 105 -31.67 28.28 -33.64
CA ASN A 105 -32.30 28.89 -32.45
C ASN A 105 -31.65 30.26 -32.21
N ASP A 106 -32.43 31.34 -32.31
CA ASP A 106 -31.88 32.67 -31.94
C ASP A 106 -32.08 32.78 -30.44
N LEU A 107 -31.03 32.56 -29.64
CA LEU A 107 -31.17 32.48 -28.17
C LEU A 107 -30.52 33.66 -27.48
N SER A 108 -31.23 34.32 -26.56
CA SER A 108 -30.69 35.47 -25.82
C SER A 108 -29.56 34.98 -24.94
N THR A 109 -29.73 33.81 -24.36
CA THR A 109 -28.66 33.18 -23.55
C THR A 109 -27.85 32.24 -24.44
N GLY A 110 -27.58 32.62 -25.69
CA GLY A 110 -26.86 31.75 -26.61
C GLY A 110 -25.49 31.37 -26.11
N ILE A 111 -24.79 32.30 -25.46
CA ILE A 111 -23.47 32.02 -24.91
C ILE A 111 -23.56 31.01 -23.79
N LEU A 112 -24.55 31.12 -22.90
CA LEU A 112 -24.60 30.20 -21.73
C LEU A 112 -25.05 28.83 -22.24
N TYR A 113 -25.63 28.77 -23.43
CA TYR A 113 -25.98 27.47 -24.06
C TYR A 113 -24.70 26.73 -24.45
N MET A 114 -23.74 27.46 -25.03
CA MET A 114 -22.50 26.84 -25.56
C MET A 114 -21.50 26.60 -24.43
N LEU A 115 -21.85 27.04 -23.22
CA LEU A 115 -20.99 26.82 -22.05
C LEU A 115 -21.51 25.55 -21.39
N ALA A 116 -22.82 25.31 -21.55
CA ALA A 116 -23.39 24.06 -21.04
C ALA A 116 -22.96 22.86 -21.86
N VAL A 117 -23.09 22.99 -23.18
CA VAL A 117 -22.75 21.86 -24.11
C VAL A 117 -21.25 21.56 -24.02
N SER A 118 -20.45 22.51 -23.52
CA SER A 118 -18.98 22.32 -23.50
C SER A 118 -18.60 21.55 -22.25
N SER A 119 -19.31 21.79 -21.15
CA SER A 119 -19.02 21.05 -19.93
C SER A 119 -19.44 19.59 -20.05
N LEU A 120 -20.23 19.25 -21.05
CA LEU A 120 -20.52 17.86 -21.34
C LEU A 120 -19.41 17.18 -22.11
N ALA A 121 -18.46 17.94 -22.64
CA ALA A 121 -17.34 17.32 -23.39
C ALA A 121 -16.53 16.47 -22.43
N THR A 122 -16.37 16.92 -21.18
CA THR A 122 -15.55 16.19 -20.23
C THR A 122 -16.01 14.75 -20.05
N TYR A 123 -17.28 14.46 -20.30
CA TYR A 123 -17.78 13.11 -20.11
C TYR A 123 -17.35 12.19 -21.24
N GLY A 124 -17.12 12.75 -22.43
CA GLY A 124 -16.78 11.92 -23.60
C GLY A 124 -15.30 11.60 -23.63
N ILE A 125 -14.54 12.17 -22.71
CA ILE A 125 -13.08 11.88 -22.63
C ILE A 125 -12.89 11.07 -21.36
N LEU A 126 -13.70 11.35 -20.35
CA LEU A 126 -13.65 10.54 -19.13
C LEU A 126 -14.15 9.13 -19.38
N LEU A 127 -15.31 8.98 -20.03
CA LEU A 127 -15.94 7.67 -20.09
C LEU A 127 -15.24 6.76 -21.07
N ALA A 128 -14.80 7.28 -22.21
CA ALA A 128 -14.10 6.43 -23.18
C ALA A 128 -12.82 5.88 -22.58
N GLY A 129 -12.06 6.72 -21.86
CA GLY A 129 -10.86 6.26 -21.19
C GLY A 129 -11.13 5.31 -20.06
N TRP A 130 -12.39 5.19 -19.64
CA TRP A 130 -12.74 4.23 -18.59
C TRP A 130 -12.79 2.81 -19.14
N SER A 131 -12.91 2.66 -20.46
CA SER A 131 -12.98 1.32 -21.05
C SER A 131 -11.62 0.64 -21.06
N ALA A 132 -10.57 1.38 -21.40
CA ALA A 132 -9.24 0.77 -21.49
C ALA A 132 -8.79 0.28 -20.14
N ASN A 133 -8.20 -0.92 -20.13
CA ASN A 133 -7.72 -1.57 -18.90
C ASN A 133 -6.20 -1.52 -18.88
N SER A 134 -5.67 -0.47 -18.25
CA SER A 134 -4.24 -0.37 -17.95
C SER A 134 -4.04 0.77 -16.97
N LYS A 135 -3.46 0.47 -15.80
CA LYS A 135 -3.52 1.40 -14.67
C LYS A 135 -3.03 2.78 -15.06
N TYR A 136 -1.88 2.87 -15.70
CA TYR A 136 -1.32 4.17 -16.03
C TYR A 136 -2.16 4.91 -17.06
N ALA A 137 -2.80 4.20 -17.99
CA ALA A 137 -3.60 4.86 -19.01
C ALA A 137 -4.88 5.44 -18.44
N PHE A 138 -5.49 4.76 -17.47
CA PHE A 138 -6.70 5.30 -16.86
C PHE A 138 -6.42 6.63 -16.18
N LEU A 139 -5.29 6.74 -15.49
CA LEU A 139 -4.95 8.02 -14.90
C LEU A 139 -4.66 9.06 -15.96
N GLY A 140 -4.33 8.65 -17.18
CA GLY A 140 -4.15 9.59 -18.26
C GLY A 140 -5.44 10.13 -18.82
N SER A 141 -6.55 9.43 -18.56
CA SER A 141 -7.88 9.93 -18.99
C SER A 141 -8.36 10.94 -17.95
N LEU A 142 -7.99 10.73 -16.69
CA LEU A 142 -8.33 11.69 -15.61
C LEU A 142 -7.55 12.98 -15.84
N ARG A 143 -6.29 12.84 -16.28
CA ARG A 143 -5.41 14.01 -16.50
C ARG A 143 -5.93 14.79 -17.71
N SER A 144 -6.45 14.09 -18.71
CA SER A 144 -7.04 14.82 -19.86
C SER A 144 -8.31 15.55 -19.40
N THR A 145 -9.09 14.92 -18.53
CA THR A 145 -10.31 15.58 -17.98
C THR A 145 -9.89 16.82 -17.17
N ALA A 146 -8.83 16.69 -16.39
CA ALA A 146 -8.31 17.81 -15.59
C ALA A 146 -7.87 18.95 -16.49
N GLN A 147 -7.26 18.64 -17.63
CA GLN A 147 -6.85 19.69 -18.60
C GLN A 147 -8.08 20.40 -19.17
N LEU A 148 -9.13 19.65 -19.51
CA LEU A 148 -10.35 20.24 -20.10
C LEU A 148 -11.03 21.18 -19.10
N ILE A 149 -11.19 20.78 -17.84
CA ILE A 149 -11.94 21.62 -16.87
C ILE A 149 -11.15 22.90 -16.61
N SER A 150 -9.82 22.80 -16.52
CA SER A 150 -8.95 23.98 -16.28
C SER A 150 -9.00 24.95 -17.45
N TYR A 151 -8.99 24.45 -18.67
CA TYR A 151 -8.96 25.32 -19.87
C TYR A 151 -10.38 25.75 -20.22
N GLU A 152 -11.38 25.18 -19.53
CA GLU A 152 -12.78 25.65 -19.70
C GLU A 152 -12.89 26.92 -18.87
N LEU A 153 -12.28 26.95 -17.68
CA LEU A 153 -12.28 28.21 -16.92
C LEU A 153 -11.61 29.32 -17.71
N VAL A 154 -10.54 28.98 -18.43
CA VAL A 154 -9.87 29.97 -19.26
C VAL A 154 -10.87 30.54 -20.27
N LEU A 155 -11.64 29.66 -20.89
CA LEU A 155 -12.54 30.10 -21.98
C LEU A 155 -13.73 30.85 -21.42
N SER A 156 -14.30 30.38 -20.32
CA SER A 156 -15.55 31.00 -19.82
C SER A 156 -15.19 32.34 -19.18
N SER A 157 -14.06 32.39 -18.49
CA SER A 157 -13.65 33.64 -17.88
C SER A 157 -13.25 34.68 -18.92
N SER A 158 -12.72 34.23 -20.06
CA SER A 158 -12.39 35.18 -21.12
C SER A 158 -13.58 35.46 -22.03
N ILE A 159 -14.60 34.61 -22.02
CA ILE A 159 -15.84 34.93 -22.79
C ILE A 159 -16.51 36.06 -22.01
N LEU A 160 -16.39 36.02 -20.68
CA LEU A 160 -16.97 37.05 -19.84
C LEU A 160 -16.54 38.44 -20.28
N LEU A 161 -15.30 38.58 -20.72
CA LEU A 161 -14.79 39.89 -21.09
C LEU A 161 -15.42 40.42 -22.37
N VAL A 162 -15.83 39.53 -23.26
CA VAL A 162 -16.55 39.96 -24.46
C VAL A 162 -17.96 40.40 -24.11
N ILE A 163 -18.62 39.68 -23.19
CA ILE A 163 -19.99 40.01 -22.80
C ILE A 163 -20.07 41.38 -22.19
N MET A 164 -19.04 41.78 -21.43
CA MET A 164 -18.99 43.13 -20.83
C MET A 164 -19.06 44.17 -21.94
N LEU A 165 -18.31 44.00 -23.03
CA LEU A 165 -18.31 44.94 -24.18
C LEU A 165 -19.64 44.94 -24.95
N SER A 166 -20.22 43.77 -25.17
CA SER A 166 -21.46 43.65 -26.00
C SER A 166 -22.71 43.95 -25.16
N GLY A 167 -22.76 43.44 -23.93
CA GLY A 167 -23.94 43.63 -23.06
C GLY A 167 -24.93 42.49 -23.15
N SER A 168 -24.62 41.53 -24.12
CA SER A 168 -25.60 40.45 -24.40
C SER A 168 -24.93 39.08 -24.52
N LEU A 169 -25.74 37.98 -24.28
CA LEU A 169 -25.21 36.62 -24.53
C LEU A 169 -25.71 36.11 -25.89
N SER A 170 -26.46 36.92 -26.63
CA SER A 170 -26.92 36.53 -27.99
C SER A 170 -25.75 36.64 -28.98
N LEU A 171 -25.46 35.56 -29.71
CA LEU A 171 -24.35 35.55 -30.68
C LEU A 171 -24.64 36.57 -31.76
N THR A 172 -25.91 36.74 -32.17
CA THR A 172 -26.20 37.78 -33.15
C THR A 172 -25.85 39.15 -32.61
N VAL A 173 -26.25 39.45 -31.37
CA VAL A 173 -25.97 40.77 -30.82
C VAL A 173 -24.47 40.97 -30.67
N ILE A 174 -23.74 39.93 -30.26
CA ILE A 174 -22.30 40.02 -30.09
C ILE A 174 -21.61 40.36 -31.41
N VAL A 175 -22.07 39.79 -32.51
CA VAL A 175 -21.47 40.10 -33.85
C VAL A 175 -21.90 41.50 -34.28
N GLU A 176 -23.17 41.83 -34.13
CA GLU A 176 -23.69 43.13 -34.59
C GLU A 176 -22.96 44.27 -33.89
N SER A 177 -22.55 44.03 -32.64
CA SER A 177 -21.85 45.04 -31.81
C SER A 177 -20.45 45.30 -32.35
N GLN A 178 -19.95 44.40 -33.19
CA GLN A 178 -18.59 44.52 -33.75
C GLN A 178 -18.63 45.33 -35.04
N ARG A 179 -19.80 45.84 -35.42
CA ARG A 179 -19.89 46.72 -36.61
C ARG A 179 -19.04 47.95 -36.30
N ALA A 180 -18.96 48.38 -35.04
CA ALA A 180 -18.05 49.47 -34.61
C ALA A 180 -16.58 49.07 -34.74
N ILE A 181 -16.22 47.87 -34.28
CA ILE A 181 -14.80 47.40 -34.32
C ILE A 181 -14.78 45.92 -33.97
N TRP A 182 -13.86 45.17 -34.56
CA TRP A 182 -13.70 43.78 -34.18
C TRP A 182 -13.01 43.68 -32.83
N TYR A 183 -13.44 42.72 -32.02
CA TYR A 183 -12.98 42.66 -30.64
C TYR A 183 -11.54 42.21 -30.52
N ILE A 184 -10.93 41.71 -31.59
CA ILE A 184 -9.52 41.40 -31.58
C ILE A 184 -8.69 42.65 -31.34
N LEU A 185 -9.17 43.80 -31.83
CA LEU A 185 -8.34 45.03 -31.73
C LEU A 185 -8.30 45.57 -30.29
N PRO A 186 -9.40 45.82 -29.56
CA PRO A 186 -9.28 46.33 -28.20
C PRO A 186 -9.02 45.23 -27.16
N LEU A 187 -9.43 43.99 -27.42
CA LEU A 187 -9.18 42.89 -26.49
C LEU A 187 -8.18 41.92 -27.06
N LEU A 188 -7.09 42.48 -27.59
CA LEU A 188 -5.99 41.66 -28.19
C LEU A 188 -5.55 40.53 -27.26
N PRO A 189 -5.11 40.78 -26.00
CA PRO A 189 -4.56 39.71 -25.20
C PRO A 189 -5.63 38.71 -24.77
N VAL A 190 -6.89 39.13 -24.73
CA VAL A 190 -7.99 38.20 -24.43
C VAL A 190 -8.20 37.23 -25.58
N PHE A 191 -8.03 37.70 -26.81
CA PHE A 191 -8.19 36.84 -27.97
C PHE A 191 -7.13 35.75 -28.00
N ILE A 192 -5.87 36.12 -27.76
CA ILE A 192 -4.78 35.14 -27.80
C ILE A 192 -4.99 34.09 -26.73
N ILE A 193 -5.36 34.51 -25.53
CA ILE A 193 -5.63 33.57 -24.45
C ILE A 193 -6.77 32.65 -24.83
N PHE A 194 -7.81 33.18 -25.44
CA PHE A 194 -8.92 32.36 -25.87
C PHE A 194 -8.50 31.34 -26.93
N PHE A 195 -7.71 31.74 -27.92
CA PHE A 195 -7.28 30.78 -28.92
C PHE A 195 -6.38 29.71 -28.31
N ILE A 196 -5.44 30.09 -27.44
CA ILE A 196 -4.60 29.11 -26.77
C ILE A 196 -5.44 28.21 -25.87
N GLY A 197 -6.37 28.81 -25.13
CA GLY A 197 -7.29 28.02 -24.34
C GLY A 197 -8.14 27.09 -25.18
N SER A 198 -8.51 27.53 -26.37
CA SER A 198 -9.32 26.70 -27.26
C SER A 198 -8.52 25.55 -27.85
N VAL A 199 -7.21 25.64 -27.95
CA VAL A 199 -6.46 24.45 -28.44
C VAL A 199 -6.39 23.45 -27.29
N ALA A 200 -6.02 23.94 -26.10
CA ALA A 200 -5.90 23.07 -24.92
C ALA A 200 -7.25 22.41 -24.61
N GLU A 201 -8.36 23.14 -24.79
CA GLU A 201 -9.71 22.59 -24.52
C GLU A 201 -10.02 21.42 -25.47
N THR A 202 -9.56 21.50 -26.72
CA THR A 202 -9.90 20.44 -27.72
C THR A 202 -8.99 19.22 -27.52
N ASN A 203 -8.00 19.29 -26.64
CA ASN A 203 -7.09 18.16 -26.31
C ASN A 203 -6.11 18.04 -27.46
N ARG A 204 -6.06 19.07 -28.30
CA ARG A 204 -5.19 19.04 -29.51
C ARG A 204 -3.73 19.26 -29.16
N ALA A 205 -2.82 18.80 -30.02
CA ALA A 205 -1.37 19.02 -29.82
C ALA A 205 -1.06 20.51 -30.03
N PRO A 206 -0.32 21.24 -29.16
CA PRO A 206 0.75 20.70 -28.27
C PRO A 206 0.32 20.43 -26.83
N PHE A 207 -0.98 20.31 -26.59
CA PHE A 207 -1.52 20.10 -25.23
C PHE A 207 -2.08 18.67 -25.08
N ASP A 208 -1.64 17.72 -25.90
CA ASP A 208 -2.21 16.35 -25.88
C ASP A 208 -1.32 15.28 -25.25
N LEU A 209 -0.35 15.62 -24.40
CA LEU A 209 0.58 14.59 -23.94
C LEU A 209 -0.07 13.62 -22.98
N ALA A 210 -1.12 14.04 -22.27
CA ALA A 210 -1.76 13.11 -21.34
C ALA A 210 -2.39 11.95 -22.07
N GLU A 211 -3.17 12.24 -23.12
CA GLU A 211 -3.83 11.17 -23.91
C GLU A 211 -2.79 10.52 -24.83
N ALA A 212 -1.65 11.17 -25.05
CA ALA A 212 -0.60 10.60 -25.90
C ALA A 212 0.11 9.45 -25.20
N GLU A 213 0.26 9.53 -23.88
CA GLU A 213 1.07 8.55 -23.18
C GLU A 213 0.37 7.20 -23.01
N SER A 214 -0.92 7.13 -23.32
CA SER A 214 -1.62 5.85 -23.27
C SER A 214 -1.03 4.85 -24.25
N GLU A 215 -0.70 5.31 -25.45
CA GLU A 215 -0.22 4.36 -26.49
C GLU A 215 1.15 3.80 -26.11
N LEU A 216 1.88 4.47 -25.20
CA LEU A 216 3.27 4.06 -24.87
C LEU A 216 3.29 3.07 -23.69
N VAL A 217 2.17 2.84 -23.01
CA VAL A 217 2.18 1.98 -21.79
C VAL A 217 1.14 0.88 -21.97
N SER A 218 0.71 0.65 -23.21
CA SER A 218 -0.38 -0.29 -23.41
C SER A 218 0.02 -1.69 -22.97
N GLY A 219 1.24 -2.11 -23.31
CA GLY A 219 1.76 -3.38 -22.86
C GLY A 219 1.56 -4.49 -23.88
N PHE A 220 1.66 -5.71 -23.38
CA PHE A 220 1.56 -6.92 -24.18
C PHE A 220 0.32 -7.74 -23.86
N MET A 221 -0.71 -7.12 -23.27
CA MET A 221 -1.93 -7.85 -22.92
C MET A 221 -3.22 -7.13 -23.22
N THR A 222 -3.25 -5.79 -23.28
CA THR A 222 -4.48 -5.05 -23.45
C THR A 222 -4.29 -3.93 -24.47
N GLU A 223 -5.41 -3.38 -24.94
CA GLU A 223 -5.40 -2.40 -26.00
C GLU A 223 -6.54 -1.39 -25.80
N HIS A 224 -6.62 -0.42 -26.71
CA HIS A 224 -7.56 0.68 -26.59
C HIS A 224 -8.97 0.26 -27.01
N ALA A 225 -9.87 1.24 -27.03
CA ALA A 225 -11.28 1.01 -27.37
C ALA A 225 -11.78 1.93 -28.48
N ALA A 226 -11.20 3.14 -28.58
CA ALA A 226 -11.51 4.02 -29.72
C ALA A 226 -10.81 3.35 -30.90
N VAL A 227 -11.51 2.44 -31.58
CA VAL A 227 -10.85 1.60 -32.57
C VAL A 227 -11.55 1.66 -33.91
N ILE A 228 -12.82 1.25 -33.94
CA ILE A 228 -13.58 1.19 -35.18
C ILE A 228 -14.58 2.33 -35.23
N PHE A 229 -14.56 3.19 -34.20
CA PHE A 229 -15.59 4.22 -34.03
C PHE A 229 -15.18 5.52 -34.72
N VAL A 230 -16.07 6.00 -35.60
CA VAL A 230 -15.85 7.30 -36.27
C VAL A 230 -16.48 8.36 -35.38
N PHE A 231 -17.19 7.96 -34.32
CA PHE A 231 -17.95 8.93 -33.53
C PHE A 231 -17.03 9.90 -32.83
N PHE A 232 -16.06 9.35 -32.10
CA PHE A 232 -15.12 10.18 -31.31
C PHE A 232 -14.15 10.90 -32.24
N PHE A 233 -14.22 10.65 -33.55
CA PHE A 233 -13.38 11.38 -34.53
C PHE A 233 -14.21 12.52 -35.11
N LEU A 234 -15.52 12.32 -35.24
CA LEU A 234 -16.42 13.36 -35.77
C LEU A 234 -16.74 14.27 -34.59
N ALA A 235 -16.73 13.71 -33.39
CA ALA A 235 -16.92 14.54 -32.18
C ALA A 235 -15.69 15.45 -32.04
N GLU A 236 -14.50 14.93 -32.38
CA GLU A 236 -13.25 15.70 -32.22
C GLU A 236 -13.13 16.79 -33.29
N TYR A 237 -13.27 16.41 -34.55
CA TYR A 237 -13.11 17.40 -35.67
C TYR A 237 -14.23 18.44 -35.59
N GLY A 238 -15.42 18.05 -35.13
CA GLY A 238 -16.54 19.00 -35.14
C GLY A 238 -16.40 19.99 -34.00
N SER A 239 -15.72 19.57 -32.93
CA SER A 239 -15.45 20.47 -31.79
C SER A 239 -14.32 21.44 -32.18
N ILE A 240 -13.42 21.03 -33.07
CA ILE A 240 -12.35 21.97 -33.52
C ILE A 240 -13.00 23.02 -34.41
N VAL A 241 -13.81 22.60 -35.38
CA VAL A 241 -14.52 23.55 -36.29
C VAL A 241 -15.40 24.48 -35.45
N LEU A 242 -16.07 23.93 -34.43
CA LEU A 242 -17.02 24.74 -33.63
C LEU A 242 -16.26 25.75 -32.76
N MET A 243 -15.03 25.41 -32.40
CA MET A 243 -14.23 26.30 -31.54
C MET A 243 -13.63 27.35 -32.46
N CYS A 244 -13.60 27.09 -33.77
CA CYS A 244 -13.14 28.11 -34.71
C CYS A 244 -14.26 29.07 -35.06
N ILE A 245 -15.49 28.60 -35.21
CA ILE A 245 -16.59 29.50 -35.53
C ILE A 245 -16.88 30.41 -34.35
N LEU A 246 -16.84 29.86 -33.14
CA LEU A 246 -17.15 30.67 -31.94
C LEU A 246 -16.02 31.68 -31.72
N THR A 247 -14.78 31.27 -31.99
CA THR A 247 -13.67 32.22 -31.88
C THR A 247 -13.82 33.36 -32.86
N SER A 248 -14.40 33.09 -34.03
CA SER A 248 -14.63 34.15 -35.01
C SER A 248 -15.82 35.01 -34.62
N ILE A 249 -16.86 34.39 -34.03
CA ILE A 249 -18.03 35.15 -33.59
C ILE A 249 -17.62 36.20 -32.58
N LEU A 250 -16.69 35.85 -31.68
CA LEU A 250 -16.38 36.70 -30.54
C LEU A 250 -15.34 37.77 -30.85
N PHE A 251 -14.33 37.46 -31.66
CA PHE A 251 -13.21 38.38 -31.80
C PHE A 251 -13.00 38.91 -33.21
N LEU A 252 -13.21 38.09 -34.22
CA LEU A 252 -13.21 38.57 -35.59
C LEU A 252 -14.60 39.09 -35.88
N GLY A 253 -14.90 39.36 -37.14
CA GLY A 253 -16.16 40.04 -37.40
C GLY A 253 -17.39 39.21 -37.14
N GLY A 254 -17.25 37.90 -37.00
CA GLY A 254 -18.38 37.01 -37.13
C GLY A 254 -18.70 36.83 -38.59
N TYR A 255 -19.86 37.28 -39.03
CA TYR A 255 -20.23 37.31 -40.44
C TYR A 255 -20.07 38.68 -41.04
N LEU A 256 -19.37 39.57 -40.36
CA LEU A 256 -19.23 40.94 -40.83
C LEU A 256 -18.14 41.04 -41.88
N LEU A 257 -18.61 41.42 -43.14
CA LEU A 257 -17.60 41.67 -44.20
C LEU A 257 -17.29 43.18 -44.13
N ILE A 258 -16.02 43.60 -44.17
CA ILE A 258 -15.73 45.01 -44.29
C ILE A 258 -16.24 45.47 -45.66
N SER A 259 -17.31 46.27 -45.64
CA SER A 259 -18.01 46.62 -46.87
C SER A 259 -17.27 47.72 -47.61
N LEU A 260 -16.94 47.46 -48.87
CA LEU A 260 -16.32 48.46 -49.73
C LEU A 260 -17.34 49.46 -50.26
N LEU A 261 -18.63 49.18 -50.15
CA LEU A 261 -19.64 50.10 -50.65
C LEU A 261 -19.62 51.41 -49.87
N ASP A 262 -19.05 51.41 -48.66
CA ASP A 262 -18.85 52.66 -47.95
C ASP A 262 -17.71 53.46 -48.56
N ILE A 263 -16.64 52.79 -48.98
CA ILE A 263 -15.48 53.48 -49.54
C ILE A 263 -15.84 54.17 -50.85
N ILE A 264 -16.57 53.46 -51.72
CA ILE A 264 -16.95 54.04 -53.00
C ILE A 264 -17.83 55.27 -52.82
N TYR A 265 -18.66 55.28 -51.78
CA TYR A 265 -19.48 56.46 -51.52
C TYR A 265 -18.61 57.66 -51.18
N ASN A 266 -17.61 57.47 -50.31
CA ASN A 266 -16.77 58.58 -49.90
C ASN A 266 -15.96 59.11 -51.07
N ASN A 267 -15.39 58.23 -51.89
CA ASN A 267 -14.55 58.67 -53.00
C ASN A 267 -15.36 59.31 -54.12
N LEU A 268 -16.45 58.67 -54.52
CA LEU A 268 -17.22 59.14 -55.66
C LEU A 268 -18.06 60.35 -55.27
N LEU A 269 -17.99 61.40 -56.09
CA LEU A 269 -18.77 62.62 -55.86
C LEU A 269 -19.47 63.15 -57.10
N SER A 270 -19.11 62.69 -58.29
CA SER A 270 -19.72 63.19 -59.52
C SER A 270 -20.85 62.26 -59.97
N TRP A 271 -21.91 62.22 -59.14
CA TRP A 271 -23.10 61.46 -59.50
C TRP A 271 -23.74 62.04 -60.74
N ILE A 272 -24.06 61.18 -61.70
CA ILE A 272 -24.63 61.58 -62.97
C ILE A 272 -25.89 60.76 -63.22
N VAL A 273 -26.99 61.44 -63.56
CA VAL A 273 -28.25 60.76 -63.84
C VAL A 273 -28.27 60.10 -65.20
N ILE A 274 -27.31 60.44 -66.08
CA ILE A 274 -27.25 59.84 -67.41
C ILE A 274 -26.58 58.48 -67.41
N GLY A 275 -26.18 57.97 -66.25
CA GLY A 275 -25.53 56.68 -66.16
C GLY A 275 -24.03 56.70 -66.38
N LYS A 276 -23.44 57.87 -66.60
CA LYS A 276 -21.99 57.95 -66.79
C LYS A 276 -21.24 57.53 -65.54
N TYR A 277 -21.70 57.98 -64.38
CA TYR A 277 -21.09 57.65 -63.08
C TYR A 277 -19.63 58.10 -63.04
N ILE A 278 -19.43 59.38 -63.33
CA ILE A 278 -18.09 59.95 -63.25
C ILE A 278 -17.64 59.99 -61.79
N ILE A 279 -16.33 59.85 -61.59
CA ILE A 279 -15.75 59.80 -60.25
C ILE A 279 -14.78 60.95 -60.10
N PHE A 280 -14.78 61.56 -58.92
CA PHE A 280 -13.89 62.68 -58.61
C PHE A 280 -12.62 62.15 -57.94
N ILE A 281 -11.87 61.36 -58.69
CA ILE A 281 -10.64 60.75 -58.21
C ILE A 281 -9.55 60.92 -59.26
N PHE A 282 -8.31 60.75 -58.82
CA PHE A 282 -7.16 60.92 -59.71
C PHE A 282 -7.03 59.80 -60.76
N PRO A 283 -7.37 58.54 -60.47
CA PRO A 283 -7.40 57.55 -61.56
C PRO A 283 -8.75 57.42 -62.25
N PHE A 284 -9.65 58.37 -62.06
CA PHE A 284 -11.02 58.25 -62.53
C PHE A 284 -11.16 58.72 -63.97
N TRP A 285 -12.31 58.40 -64.55
CA TRP A 285 -12.65 58.75 -65.92
C TRP A 285 -14.16 58.74 -66.03
N GLY A 286 -14.68 58.73 -67.25
CA GLY A 286 -16.10 58.58 -67.48
C GLY A 286 -16.46 57.15 -67.85
N PRO A 287 -16.93 56.37 -66.88
CA PRO A 287 -17.26 54.98 -67.15
C PRO A 287 -18.46 54.83 -68.08
N VAL A 288 -18.52 53.69 -68.75
CA VAL A 288 -19.55 53.41 -69.74
C VAL A 288 -20.40 52.24 -69.28
N PHE A 289 -20.61 52.12 -67.96
CA PHE A 289 -21.44 51.05 -67.44
C PHE A 289 -22.84 51.11 -68.04
N ILE A 290 -23.34 49.96 -68.48
CA ILE A 290 -24.60 49.91 -69.22
C ILE A 290 -25.76 49.97 -68.23
N ASP A 291 -26.55 51.03 -68.32
CA ASP A 291 -27.70 51.16 -67.44
C ASP A 291 -28.74 50.08 -67.70
N LEU A 292 -29.03 49.81 -68.98
CA LEU A 292 -30.06 48.84 -69.30
C LEU A 292 -29.60 47.41 -68.99
N GLY A 293 -28.32 47.13 -69.17
CA GLY A 293 -27.84 45.77 -69.05
C GLY A 293 -27.26 45.41 -67.70
N LEU A 294 -26.38 46.26 -67.15
CA LEU A 294 -25.63 45.91 -65.96
C LEU A 294 -26.14 46.58 -64.70
N TYR A 295 -26.26 47.91 -64.68
CA TYR A 295 -26.57 48.61 -63.43
C TYR A 295 -27.92 48.18 -62.87
N GLU A 296 -28.93 48.03 -63.74
CA GLU A 296 -30.22 47.55 -63.27
C GLU A 296 -30.11 46.14 -62.71
N ILE A 297 -29.36 45.27 -63.39
CA ILE A 297 -29.21 43.89 -62.92
C ILE A 297 -28.35 43.86 -61.65
N ILE A 298 -27.23 44.57 -61.66
CA ILE A 298 -26.30 44.50 -60.52
C ILE A 298 -26.97 45.00 -59.25
N SER A 299 -27.71 46.10 -59.35
CA SER A 299 -28.36 46.65 -58.16
C SER A 299 -29.34 45.66 -57.57
N TYR A 300 -30.12 44.99 -58.41
CA TYR A 300 -31.08 44.01 -57.91
C TYR A 300 -30.37 42.83 -57.26
N LEU A 301 -29.36 42.29 -57.82
CA LEU A 301 -28.68 41.10 -57.26
C LEU A 301 -28.03 41.46 -55.91
N TYR A 302 -27.58 42.75 -55.76
CA TYR A 302 -26.94 43.09 -54.48
C TYR A 302 -27.94 43.02 -53.34
N ASN A 303 -29.19 43.38 -53.59
CA ASN A 303 -30.21 43.39 -52.56
C ASN A 303 -30.96 42.08 -52.45
N ALA A 304 -30.54 41.06 -53.18
CA ALA A 304 -31.23 39.78 -53.12
C ALA A 304 -31.03 39.15 -51.75
N PRO A 305 -32.06 38.44 -51.25
CA PRO A 305 -31.88 37.72 -49.98
C PRO A 305 -30.90 36.58 -50.07
N THR A 306 -30.70 36.04 -51.27
CA THR A 306 -29.77 34.89 -51.43
C THR A 306 -28.35 35.42 -51.46
N VAL A 307 -28.09 36.45 -52.25
CA VAL A 307 -26.72 37.03 -52.40
C VAL A 307 -26.20 37.57 -51.06
N GLU A 308 -27.00 38.39 -50.36
CA GLU A 308 -26.51 38.99 -49.13
C GLU A 308 -26.27 37.92 -48.06
N GLY A 309 -27.14 36.91 -48.00
CA GLY A 309 -26.90 35.81 -47.09
C GLY A 309 -25.65 35.04 -47.47
N SER A 310 -25.39 34.91 -48.77
CA SER A 310 -24.23 34.18 -49.23
C SER A 310 -22.95 34.84 -48.75
N PHE A 311 -22.89 36.16 -48.84
CA PHE A 311 -21.63 36.86 -48.46
C PHE A 311 -21.46 36.79 -46.95
N TYR A 312 -22.56 36.82 -46.21
CA TYR A 312 -22.49 36.78 -44.73
C TYR A 312 -21.90 35.43 -44.31
N GLY A 313 -22.29 34.34 -45.00
CA GLY A 313 -21.74 33.01 -44.70
C GLY A 313 -20.38 32.78 -45.34
N LEU A 314 -20.09 33.35 -46.50
CA LEU A 314 -18.73 33.24 -47.02
C LEU A 314 -17.75 34.00 -46.14
N SER A 315 -18.20 35.08 -45.52
CA SER A 315 -17.33 35.80 -44.58
C SER A 315 -17.05 34.95 -43.36
N LEU A 316 -18.09 34.40 -42.74
CA LEU A 316 -17.89 33.56 -41.57
C LEU A 316 -17.08 32.32 -41.94
N GLY A 317 -17.30 31.78 -43.15
CA GLY A 317 -16.51 30.64 -43.59
C GLY A 317 -15.04 30.95 -43.82
N VAL A 318 -14.75 32.08 -44.47
CA VAL A 318 -13.36 32.47 -44.70
C VAL A 318 -12.66 32.68 -43.38
N LYS A 319 -13.35 33.24 -42.39
CA LYS A 319 -12.74 33.49 -41.10
C LYS A 319 -12.55 32.21 -40.30
N THR A 320 -13.53 31.29 -40.34
CA THR A 320 -13.34 30.02 -39.67
C THR A 320 -12.20 29.24 -40.29
N SER A 321 -12.10 29.26 -41.62
CA SER A 321 -11.04 28.51 -42.30
C SER A 321 -9.66 29.04 -41.93
N ILE A 322 -9.50 30.37 -41.86
CA ILE A 322 -8.22 30.94 -41.42
C ILE A 322 -7.85 30.43 -40.04
N LEU A 323 -8.82 30.31 -39.14
CA LEU A 323 -8.48 29.78 -37.84
C LEU A 323 -8.22 28.29 -37.86
N ILE A 324 -8.88 27.54 -38.76
CA ILE A 324 -8.60 26.12 -38.89
C ILE A 324 -7.16 25.92 -39.34
N PHE A 325 -6.66 26.83 -40.18
CA PHE A 325 -5.26 26.81 -40.57
C PHE A 325 -4.36 27.00 -39.36
N VAL A 326 -4.71 27.91 -38.46
CA VAL A 326 -3.84 28.25 -37.34
C VAL A 326 -3.81 27.13 -36.30
N PHE A 327 -4.85 26.31 -36.26
CA PHE A 327 -4.82 25.11 -35.40
C PHE A 327 -3.85 24.10 -36.04
N ILE A 328 -3.98 23.85 -37.34
CA ILE A 328 -3.12 22.85 -38.05
C ILE A 328 -1.67 23.32 -38.03
N TRP A 329 -1.43 24.61 -38.24
CA TRP A 329 -0.07 25.20 -38.20
C TRP A 329 0.54 25.02 -36.81
N THR A 330 -0.26 25.20 -35.75
CA THR A 330 0.22 25.05 -34.34
C THR A 330 0.66 23.60 -34.09
N ARG A 331 -0.11 22.62 -34.57
CA ARG A 331 0.25 21.20 -34.33
C ARG A 331 1.56 20.90 -35.05
N ALA A 332 1.79 21.50 -36.21
CA ALA A 332 3.02 21.21 -36.99
C ALA A 332 4.21 22.06 -36.54
N SER A 333 4.05 23.00 -35.60
CA SER A 333 5.14 23.89 -35.23
C SER A 333 5.80 23.59 -33.89
N PHE A 334 5.13 22.90 -32.98
CA PHE A 334 5.65 22.84 -31.63
C PHE A 334 5.80 21.40 -31.17
N PRO A 335 6.66 21.15 -30.20
CA PRO A 335 6.62 19.87 -29.48
C PRO A 335 5.50 19.89 -28.44
N ARG A 336 5.40 18.79 -27.72
CA ARG A 336 4.35 18.66 -26.73
C ARG A 336 4.76 19.25 -25.39
N ILE A 337 3.78 19.70 -24.63
CA ILE A 337 3.98 20.21 -23.29
C ILE A 337 3.58 19.12 -22.31
N ARG A 338 4.38 18.94 -21.25
CA ARG A 338 4.05 17.97 -20.16
C ARG A 338 2.79 18.43 -19.42
N PHE A 339 2.05 17.50 -18.79
CA PHE A 339 0.77 17.84 -18.13
C PHE A 339 0.96 18.85 -17.00
N ASP A 340 1.99 18.69 -16.17
CA ASP A 340 2.24 19.65 -15.06
C ASP A 340 2.51 21.03 -15.63
N GLN A 341 3.27 21.11 -16.71
CA GLN A 341 3.62 22.40 -17.35
C GLN A 341 2.39 23.08 -17.95
N LEU A 342 1.48 22.34 -18.59
CA LEU A 342 0.25 22.97 -19.12
C LEU A 342 -0.60 23.45 -17.95
N MET A 343 -0.60 22.68 -16.86
CA MET A 343 -1.37 23.05 -15.67
C MET A 343 -0.81 24.35 -15.09
N SER A 344 0.52 24.49 -15.09
CA SER A 344 1.14 25.72 -14.57
C SER A 344 0.79 26.89 -15.50
N PHE A 345 0.76 26.63 -16.80
CA PHE A 345 0.42 27.67 -17.76
C PHE A 345 -0.99 28.21 -17.49
N CYS A 346 -1.93 27.31 -17.24
CA CYS A 346 -3.32 27.72 -17.03
C CYS A 346 -3.49 28.45 -15.71
N TRP A 347 -2.93 27.89 -14.64
CA TRP A 347 -3.26 28.28 -13.28
C TRP A 347 -2.36 29.36 -12.72
N THR A 348 -1.13 29.47 -13.19
CA THR A 348 -0.21 30.45 -12.65
C THR A 348 0.21 31.51 -13.65
N VAL A 349 -0.19 31.40 -14.90
CA VAL A 349 0.06 32.45 -15.88
C VAL A 349 -1.25 33.01 -16.43
N LEU A 350 -2.03 32.17 -17.11
CA LEU A 350 -3.17 32.64 -17.89
C LEU A 350 -4.28 33.18 -17.00
N LEU A 351 -4.77 32.36 -16.07
CA LEU A 351 -5.85 32.79 -15.18
C LEU A 351 -5.50 34.00 -14.33
N PRO A 352 -4.28 34.16 -13.80
CA PRO A 352 -3.95 35.41 -13.14
C PRO A 352 -4.09 36.62 -14.03
N ILE A 353 -3.64 36.53 -15.28
CA ILE A 353 -3.79 37.63 -16.21
C ILE A 353 -5.25 37.91 -16.49
N LEU A 354 -6.05 36.86 -16.67
CA LEU A 354 -7.47 37.03 -16.96
C LEU A 354 -8.21 37.72 -15.81
N PHE A 355 -7.93 37.31 -14.57
CA PHE A 355 -8.59 37.94 -13.43
C PHE A 355 -8.12 39.36 -13.23
N ALA A 356 -6.90 39.67 -13.65
CA ALA A 356 -6.43 41.04 -13.68
C ALA A 356 -7.21 41.86 -14.70
N LEU A 357 -7.52 41.27 -15.86
CA LEU A 357 -8.28 41.97 -16.88
C LEU A 357 -9.76 42.03 -16.56
N ILE A 358 -10.26 41.11 -15.76
CA ILE A 358 -11.64 41.16 -15.30
C ILE A 358 -11.86 42.37 -14.40
N VAL A 359 -10.83 42.76 -13.66
CA VAL A 359 -10.94 43.99 -12.87
C VAL A 359 -10.89 45.20 -13.78
N LEU A 360 -9.90 45.23 -14.67
CA LEU A 360 -9.56 46.45 -15.40
C LEU A 360 -10.65 46.82 -16.41
N VAL A 361 -11.21 45.85 -17.13
CA VAL A 361 -12.09 46.18 -18.25
C VAL A 361 -13.34 46.92 -17.81
N PRO A 362 -14.15 46.43 -16.86
CA PRO A 362 -15.31 47.23 -16.45
C PRO A 362 -14.92 48.55 -15.81
N CYS A 363 -13.72 48.65 -15.26
CA CYS A 363 -13.27 49.91 -14.69
C CYS A 363 -13.07 50.98 -15.75
N ILE A 364 -12.56 50.59 -16.93
CA ILE A 364 -12.38 51.53 -18.04
C ILE A 364 -13.72 51.86 -18.68
N LEU A 365 -14.58 50.86 -18.86
CA LEU A 365 -15.92 51.11 -19.40
C LEU A 365 -16.72 52.06 -18.53
N TYR A 366 -16.51 52.03 -17.22
CA TYR A 366 -17.14 53.05 -16.40
C TYR A 366 -16.46 54.41 -16.57
N SER A 367 -15.14 54.41 -16.69
CA SER A 367 -14.39 55.70 -16.74
C SER A 367 -14.66 56.50 -18.03
N PHE A 368 -15.03 55.83 -19.11
CA PHE A 368 -15.30 56.50 -20.41
C PHE A 368 -16.82 56.44 -20.74
N ASN A 369 -17.69 56.26 -19.75
CA ASN A 369 -19.18 56.22 -19.95
C ASN A 369 -19.52 55.28 -21.09
N ILE A 370 -19.00 54.04 -21.07
CA ILE A 370 -19.18 53.15 -22.26
C ILE A 370 -19.82 51.83 -21.88
N PHE A 371 -20.54 51.79 -20.75
CA PHE A 371 -21.32 50.57 -20.42
C PHE A 371 -22.44 50.50 -21.46
N PRO A 372 -22.62 49.43 -22.27
CA PRO A 372 -23.75 49.35 -23.20
C PRO A 372 -25.06 49.11 -22.47
N VAL A 373 -26.14 49.38 -23.20
CA VAL A 373 -27.50 49.13 -22.66
C VAL A 373 -27.77 47.63 -22.82
N ASN A 374 -28.46 47.03 -21.86
CA ASN A 374 -28.64 45.55 -21.87
C ASN A 374 -30.07 45.22 -22.29
N ILE A 375 -30.76 46.19 -22.89
CA ILE A 375 -32.14 45.98 -23.43
C ILE A 375 -31.95 45.46 -24.86
N SER A 376 -33.03 45.01 -25.50
CA SER A 376 -32.89 44.43 -26.84
C SER A 376 -32.76 45.56 -27.84
N LEU A 377 -31.54 45.85 -28.23
CA LEU A 377 -31.27 46.83 -29.29
C LEU A 377 -30.40 45.98 -30.20
N LEU A 378 -30.21 46.38 -31.44
CA LEU A 378 -29.25 45.60 -32.27
C LEU A 378 -29.62 44.12 -32.38
N MET B 1 -14.93 44.60 10.86
CA MET B 1 -13.58 44.45 11.36
C MET B 1 -13.22 42.96 11.37
N ILE B 2 -14.19 42.07 11.61
CA ILE B 2 -13.91 40.65 11.46
C ILE B 2 -13.58 40.32 10.01
N MET B 3 -14.22 41.01 9.06
CA MET B 3 -13.93 40.74 7.67
C MET B 3 -12.60 41.34 7.23
N ILE B 4 -12.25 42.51 7.73
CA ILE B 4 -10.91 43.07 7.38
C ILE B 4 -9.85 42.15 7.98
N SER B 5 -10.11 41.58 9.15
CA SER B 5 -9.16 40.65 9.84
C SER B 5 -8.94 39.37 9.04
N ILE B 6 -10.00 38.76 8.53
CA ILE B 6 -9.88 37.49 7.77
C ILE B 6 -9.07 37.75 6.50
N LEU B 7 -9.37 38.82 5.78
CA LEU B 7 -8.69 39.08 4.49
C LEU B 7 -7.21 39.38 4.70
N SER B 8 -6.87 40.19 5.70
CA SER B 8 -5.46 40.55 5.98
C SER B 8 -4.68 39.32 6.45
N LEU B 9 -5.27 38.57 7.38
CA LEU B 9 -4.61 37.34 7.88
C LEU B 9 -4.49 36.33 6.73
N LEU B 10 -5.52 36.25 5.89
CA LEU B 10 -5.51 35.28 4.77
C LEU B 10 -4.36 35.62 3.83
N LEU B 11 -4.19 36.90 3.50
CA LEU B 11 -3.12 37.31 2.57
C LEU B 11 -1.76 36.96 3.15
N SER B 12 -1.57 37.20 4.44
CA SER B 12 -0.26 36.91 5.11
C SER B 12 0.03 35.42 5.16
N THR B 13 -0.96 34.59 5.51
CA THR B 13 -0.76 33.12 5.63
C THR B 13 -0.70 32.51 4.23
N SER B 14 -1.04 33.28 3.19
CA SER B 14 -1.13 32.76 1.81
C SER B 14 0.28 32.79 1.22
N VAL B 15 1.08 33.77 1.65
CA VAL B 15 2.41 33.88 1.09
C VAL B 15 3.49 33.25 1.97
N THR B 16 3.10 32.60 3.05
CA THR B 16 4.06 31.93 3.91
C THR B 16 3.75 30.44 3.96
N LEU B 17 4.79 29.64 4.20
CA LEU B 17 4.60 28.18 4.38
C LEU B 17 5.27 27.80 5.71
N ARG B 18 5.77 28.79 6.45
CA ARG B 18 6.53 28.51 7.70
C ARG B 18 5.57 28.14 8.84
N ARG B 19 5.79 27.00 9.49
CA ARG B 19 4.89 26.54 10.57
C ARG B 19 5.30 27.19 11.89
N ASP B 20 6.54 27.62 12.09
CA ASP B 20 6.94 28.35 13.28
C ASP B 20 6.22 29.67 13.40
N MET B 21 5.42 30.03 12.40
CA MET B 21 4.88 31.39 12.22
C MET B 21 3.39 31.32 12.59
N SER B 22 2.99 30.25 13.27
CA SER B 22 1.55 30.04 13.63
C SER B 22 1.25 30.68 14.98
N ILE B 23 2.17 30.59 15.94
CA ILE B 23 1.92 31.14 17.30
C ILE B 23 1.65 32.63 17.17
N LEU B 24 2.36 33.32 16.28
CA LEU B 24 2.21 34.79 16.11
C LEU B 24 0.91 35.13 15.37
N PHE B 25 0.47 34.30 14.43
CA PHE B 25 -0.80 34.56 13.69
C PHE B 25 -1.99 34.35 14.64
N ASN B 26 -1.86 33.52 15.66
CA ASN B 26 -2.92 33.31 16.67
C ASN B 26 -2.93 34.50 17.63
N ARG B 27 -1.78 35.11 17.91
CA ARG B 27 -1.69 36.31 18.79
C ARG B 27 -2.37 37.48 18.09
N ILE B 28 -2.24 37.58 16.78
CA ILE B 28 -2.83 38.70 16.01
C ILE B 28 -4.34 38.45 15.91
N SER B 29 -4.76 37.19 15.86
CA SER B 29 -6.20 36.84 15.89
C SER B 29 -6.84 37.28 17.22
N ILE B 30 -6.06 37.38 18.28
CA ILE B 30 -6.56 37.84 19.61
C ILE B 30 -6.58 39.36 19.55
N ILE B 31 -5.55 39.99 19.00
CA ILE B 31 -5.56 41.43 18.84
C ILE B 31 -6.64 41.85 17.85
N ALA B 32 -6.85 41.06 16.81
CA ALA B 32 -7.90 41.38 15.85
C ALA B 32 -9.27 41.34 16.49
N LEU B 33 -9.51 40.34 17.34
CA LEU B 33 -10.81 40.24 17.99
C LEU B 33 -11.00 41.32 19.03
N ALA B 34 -9.93 41.97 19.45
CA ALA B 34 -10.02 43.06 20.44
C ALA B 34 -10.52 44.35 19.77
N TYR B 35 -10.17 44.58 18.50
CA TYR B 35 -10.68 45.75 17.81
C TYR B 35 -12.16 45.58 17.51
N CYS B 36 -12.61 44.36 17.26
CA CYS B 36 -14.03 44.12 17.05
C CYS B 36 -14.81 44.41 18.32
N ILE B 37 -14.20 44.13 19.48
CA ILE B 37 -14.88 44.37 20.78
C ILE B 37 -14.96 45.88 21.02
N LEU B 38 -14.04 46.65 20.44
CA LEU B 38 -14.01 48.11 20.68
C LEU B 38 -15.08 48.72 19.79
N HIS B 39 -15.37 48.05 18.68
CA HIS B 39 -16.36 48.62 17.73
C HIS B 39 -17.80 48.30 18.14
N ASP B 40 -18.11 47.06 18.52
CA ASP B 40 -19.45 46.66 19.01
C ASP B 40 -19.73 47.30 20.36
N THR B 41 -18.69 47.51 21.18
CA THR B 41 -18.87 48.18 22.50
C THR B 41 -19.35 49.60 22.22
N MET B 42 -18.90 50.21 21.13
CA MET B 42 -19.28 51.59 20.96
C MET B 42 -20.62 51.69 20.21
N SER B 43 -21.14 50.58 19.72
CA SER B 43 -22.42 50.50 19.06
C SER B 43 -23.56 50.15 20.02
N LEU B 44 -23.51 50.64 21.25
CA LEU B 44 -24.54 50.28 22.25
C LEU B 44 -24.97 51.57 22.94
N SER B 45 -25.55 52.52 22.10
CA SER B 45 -25.95 53.86 22.62
C SER B 45 -27.35 54.17 22.11
N PHE B 46 -28.26 53.16 22.16
CA PHE B 46 -29.61 53.32 21.58
C PHE B 46 -30.59 52.31 22.17
N ILE B 47 -31.89 52.60 22.10
CA ILE B 47 -32.91 51.64 22.48
C ILE B 47 -33.73 51.34 21.24
N SER B 48 -33.91 50.06 20.97
CA SER B 48 -34.70 49.61 19.84
C SER B 48 -34.86 48.11 19.96
N LYS B 49 -36.04 47.63 19.58
CA LYS B 49 -36.19 46.21 19.33
C LYS B 49 -35.39 45.78 18.11
N GLY B 50 -34.93 46.73 17.31
CA GLY B 50 -34.12 46.39 16.17
C GLY B 50 -34.05 47.43 15.09
N ILE B 51 -32.92 47.49 14.38
CA ILE B 51 -32.74 48.36 13.24
C ILE B 51 -32.26 47.52 12.08
N GLY B 52 -33.06 47.44 11.03
CA GLY B 52 -32.68 46.70 9.85
C GLY B 52 -31.62 47.40 9.06
N LEU B 53 -30.52 46.71 8.75
CA LEU B 53 -29.39 47.37 8.07
C LEU B 53 -29.11 46.68 6.74
N HIS B 54 -28.32 47.32 5.89
CA HIS B 54 -27.88 46.70 4.61
C HIS B 54 -29.06 46.20 3.78
N GLY B 55 -30.08 47.02 3.57
CA GLY B 55 -31.25 46.64 2.75
C GLY B 55 -32.24 45.75 3.47
N GLY B 56 -32.18 45.68 4.80
CA GLY B 56 -33.11 44.86 5.60
C GLY B 56 -32.67 43.43 5.74
N LEU B 57 -31.52 43.07 5.20
CA LEU B 57 -31.06 41.66 5.21
C LEU B 57 -30.34 41.39 6.53
N LEU B 58 -30.03 42.44 7.27
CA LEU B 58 -29.41 42.31 8.61
C LEU B 58 -30.21 43.16 9.59
N HIS B 59 -30.03 42.96 10.90
CA HIS B 59 -30.66 43.81 11.93
C HIS B 59 -29.63 44.01 13.02
N ILE B 60 -29.78 45.05 13.82
CA ILE B 60 -28.90 45.31 14.99
C ILE B 60 -29.86 45.52 16.14
N THR B 61 -29.54 44.98 17.29
CA THR B 61 -30.35 44.99 18.50
C THR B 61 -29.38 45.14 19.66
N ASN B 62 -29.84 45.63 20.80
CA ASN B 62 -28.98 45.71 22.00
C ASN B 62 -28.57 44.29 22.39
N LEU B 63 -29.50 43.34 22.32
CA LEU B 63 -29.22 41.91 22.58
C LEU B 63 -28.25 41.36 21.52
N THR B 64 -28.28 41.91 20.31
CA THR B 64 -27.41 41.45 19.20
C THR B 64 -25.95 41.85 19.46
N GLN B 65 -25.72 43.08 19.90
CA GLN B 65 -24.34 43.57 20.14
C GLN B 65 -23.73 42.90 21.38
N ILE B 66 -24.48 42.84 22.47
CA ILE B 66 -23.99 42.19 23.72
C ILE B 66 -23.47 40.81 23.35
N PHE B 67 -24.27 40.03 22.62
CA PHE B 67 -23.89 38.66 22.21
C PHE B 67 -22.71 38.67 21.23
N HIS B 68 -22.64 39.68 20.34
CA HIS B 68 -21.46 39.82 19.46
C HIS B 68 -20.20 39.96 20.33
N ILE B 69 -20.27 40.73 21.43
CA ILE B 69 -19.04 40.97 22.24
C ILE B 69 -18.79 39.71 23.08
N PHE B 70 -19.83 39.13 23.65
CA PHE B 70 -19.63 37.88 24.38
C PHE B 70 -18.97 36.83 23.50
N ILE B 71 -19.40 36.74 22.24
CA ILE B 71 -18.80 35.78 21.31
C ILE B 71 -17.33 36.10 21.08
N PHE B 72 -17.01 37.38 20.89
CA PHE B 72 -15.63 37.76 20.66
C PHE B 72 -14.75 37.46 21.86
N ILE B 73 -15.26 37.63 23.08
CA ILE B 73 -14.38 37.40 24.25
C ILE B 73 -14.24 35.89 24.46
N ILE B 74 -15.31 35.11 24.33
CA ILE B 74 -15.15 33.66 24.47
C ILE B 74 -14.17 33.15 23.44
N SER B 75 -14.13 33.81 22.29
CA SER B 75 -13.18 33.44 21.26
C SER B 75 -11.77 33.82 21.66
N ILE B 76 -11.57 34.94 22.31
CA ILE B 76 -10.20 35.44 22.68
C ILE B 76 -9.59 34.53 23.75
N LEU B 77 -10.44 33.80 24.49
CA LEU B 77 -9.95 33.01 25.65
C LEU B 77 -9.52 31.65 25.11
N ILE B 78 -10.32 31.09 24.21
CA ILE B 78 -9.90 29.82 23.53
C ILE B 78 -8.64 30.06 22.68
N LEU B 79 -8.49 31.22 22.06
CA LEU B 79 -7.33 31.52 21.18
C LEU B 79 -6.02 31.50 21.97
N GLN B 80 -6.09 31.82 23.26
CA GLN B 80 -4.91 31.84 24.13
C GLN B 80 -4.29 30.43 24.15
N LEU B 81 -5.11 29.40 24.02
CA LEU B 81 -4.65 27.98 24.04
C LEU B 81 -3.65 27.72 22.92
N THR B 82 -3.72 28.47 21.83
CA THR B 82 -2.82 28.29 20.67
C THR B 82 -1.88 29.50 20.51
N SER B 83 -1.86 30.44 21.46
CA SER B 83 -1.06 31.68 21.30
C SER B 83 0.08 31.73 22.31
N PHE B 84 0.07 30.81 23.28
CA PHE B 84 1.09 30.75 24.34
C PHE B 84 1.49 29.29 24.52
N TYR B 85 2.77 29.03 24.74
CA TYR B 85 3.24 27.64 24.96
C TYR B 85 2.62 27.08 26.25
N PRO B 86 2.37 25.77 26.32
CA PRO B 86 1.71 25.18 27.49
C PRO B 86 2.42 25.32 28.85
N ARG B 87 3.74 25.18 28.91
CA ARG B 87 4.50 25.28 30.18
C ARG B 87 5.54 26.39 30.09
N LYS B 88 6.03 26.85 31.23
CA LYS B 88 7.05 27.94 31.27
C LYS B 88 8.09 27.56 32.31
N VAL B 89 9.24 28.22 32.28
CA VAL B 89 10.26 28.01 33.33
C VAL B 89 10.35 29.33 34.09
N TRP B 90 10.21 29.31 35.42
CA TRP B 90 10.22 30.54 36.24
C TRP B 90 11.26 30.39 37.35
N ILE B 91 12.08 31.40 37.62
CA ILE B 91 13.04 31.36 38.76
C ILE B 91 12.89 32.68 39.50
N PRO B 92 12.96 32.74 40.85
CA PRO B 92 12.86 34.03 41.54
C PRO B 92 13.94 35.01 41.14
N GLU B 93 15.02 34.52 40.51
CA GLU B 93 16.12 35.39 40.04
C GLU B 93 15.67 36.21 38.83
N TYR B 94 14.60 35.79 38.12
CA TYR B 94 14.08 36.51 36.92
C TYR B 94 12.58 36.66 37.13
N SER B 95 12.18 37.60 38.00
CA SER B 95 10.74 37.71 38.36
C SER B 95 10.31 39.16 38.58
N SER B 96 11.22 40.13 38.46
CA SER B 96 10.85 41.51 38.73
C SER B 96 10.55 42.22 37.43
N LEU B 97 10.13 43.49 37.54
CA LEU B 97 9.94 44.29 36.32
C LEU B 97 11.25 44.43 35.56
N LYS B 98 12.31 44.81 36.25
CA LYS B 98 13.57 45.06 35.51
C LYS B 98 13.93 43.82 34.71
N ASP B 99 13.73 42.64 35.28
CA ASP B 99 14.10 41.38 34.61
C ASP B 99 13.14 41.09 33.46
N ILE B 100 11.85 40.94 33.73
CA ILE B 100 10.86 40.53 32.68
C ILE B 100 10.78 41.60 31.58
N PHE B 101 11.35 42.78 31.80
CA PHE B 101 11.18 43.85 30.78
C PHE B 101 12.51 44.19 30.09
N PHE B 102 13.62 44.20 30.84
CA PHE B 102 14.92 44.63 30.25
C PHE B 102 15.97 43.51 30.23
N ASN B 103 15.84 42.51 31.08
CA ASN B 103 16.78 41.36 31.08
C ASN B 103 16.19 40.27 30.20
N LYS B 104 16.94 39.20 29.92
CA LYS B 104 16.40 38.06 29.12
C LYS B 104 16.89 36.71 29.68
N ILE B 105 16.14 35.65 29.47
CA ILE B 105 16.57 34.28 29.88
C ILE B 105 16.79 33.45 28.62
N LEU B 106 17.91 32.71 28.57
CA LEU B 106 18.23 31.80 27.45
C LEU B 106 18.40 30.37 27.97
N TYR B 107 17.68 29.39 27.42
CA TYR B 107 17.92 27.98 27.79
C TYR B 107 17.43 27.13 26.62
N TYR B 108 17.54 25.80 26.69
CA TYR B 108 16.99 24.96 25.60
C TYR B 108 15.49 24.86 25.87
N ARG B 109 14.68 25.62 25.15
CA ARG B 109 13.24 25.65 25.48
C ARG B 109 12.41 24.63 24.72
N THR B 110 12.96 23.98 23.69
CA THR B 110 12.12 23.18 22.78
C THR B 110 11.39 22.04 23.50
N LYS B 111 12.08 21.19 24.24
CA LYS B 111 11.39 20.05 24.84
C LYS B 111 10.62 20.43 26.08
N ILE B 112 11.00 21.51 26.75
CA ILE B 112 10.23 21.97 27.90
C ILE B 112 8.89 22.54 27.44
N ILE B 113 8.91 23.39 26.41
CA ILE B 113 7.71 24.12 26.01
C ILE B 113 6.94 23.47 24.87
N ASN B 114 7.41 22.33 24.35
CA ASN B 114 6.73 21.64 23.27
C ASN B 114 6.55 22.57 22.07
N LYS B 115 7.67 23.18 21.66
CA LYS B 115 7.63 24.24 20.65
C LYS B 115 7.10 23.72 19.34
N MET B 116 7.50 22.53 18.92
CA MET B 116 6.99 21.89 17.72
C MET B 116 5.84 20.93 18.00
N GLY B 117 5.01 21.22 18.99
CA GLY B 117 3.80 20.44 19.18
C GLY B 117 2.79 20.66 18.07
N GLU B 118 1.87 19.71 17.90
CA GLU B 118 0.90 19.77 16.76
C GLU B 118 0.08 21.05 16.78
N HIS B 119 -0.50 21.42 17.94
CA HIS B 119 -1.40 22.61 18.06
C HIS B 119 -0.63 23.90 17.81
N MET B 120 0.70 23.81 17.82
CA MET B 120 1.55 24.99 17.55
C MET B 120 1.99 25.02 16.09
N LYS B 121 1.48 24.14 15.22
CA LYS B 121 2.04 24.07 13.85
C LYS B 121 1.02 24.39 12.75
N ILE B 122 -0.27 24.04 12.92
CA ILE B 122 -1.26 24.44 11.88
C ILE B 122 -1.23 25.98 11.77
N ILE B 123 -1.20 26.49 10.46
CA ILE B 123 -1.05 27.97 10.29
C ILE B 123 -2.43 28.56 10.01
N GLU B 124 -3.35 27.75 9.62
CA GLU B 124 -4.69 28.23 9.19
C GLU B 124 -5.69 28.09 10.35
N TYR B 125 -5.23 27.54 11.47
CA TYR B 125 -6.15 27.32 12.62
C TYR B 125 -6.69 28.66 13.14
N PRO B 126 -5.88 29.74 13.33
CA PRO B 126 -6.45 31.03 13.74
C PRO B 126 -7.45 31.58 12.72
N LEU B 127 -7.25 31.32 11.43
CA LEU B 127 -8.14 31.79 10.34
C LEU B 127 -9.48 31.07 10.32
N ILE B 128 -9.50 29.76 10.50
CA ILE B 128 -10.74 28.92 10.45
C ILE B 128 -11.70 29.29 11.59
N LEU B 129 -11.16 29.57 12.78
CA LEU B 129 -11.97 29.99 13.94
C LEU B 129 -12.60 31.32 13.59
N LEU B 130 -11.84 32.20 12.94
CA LEU B 130 -12.34 33.55 12.59
C LEU B 130 -13.45 33.48 11.54
N PHE B 131 -13.51 32.41 10.75
CA PHE B 131 -14.61 32.21 9.76
C PHE B 131 -15.77 31.55 10.49
N VAL B 132 -15.51 30.77 11.53
CA VAL B 132 -16.63 30.28 12.32
C VAL B 132 -17.26 31.43 13.08
N ILE B 133 -16.44 32.29 13.69
CA ILE B 133 -16.97 33.42 14.44
C ILE B 133 -17.81 34.31 13.55
N SER B 134 -17.37 34.47 12.30
CA SER B 134 -18.10 35.31 11.36
C SER B 134 -19.49 34.78 11.09
N GLY B 135 -19.63 33.48 10.89
CA GLY B 135 -20.95 32.91 10.71
C GLY B 135 -21.82 33.01 11.93
N ALA B 136 -21.21 32.92 13.12
CA ALA B 136 -21.98 33.06 14.35
C ALA B 136 -22.52 34.47 14.53
N VAL B 137 -21.69 35.49 14.32
CA VAL B 137 -22.18 36.85 14.52
C VAL B 137 -23.03 37.32 13.37
N PHE B 138 -23.04 36.60 12.24
CA PHE B 138 -24.03 36.91 11.21
C PHE B 138 -25.37 36.28 11.54
N LEU B 139 -25.36 35.04 12.05
CA LEU B 139 -26.61 34.38 12.40
C LEU B 139 -27.39 35.16 13.43
N ILE B 140 -26.68 35.82 14.36
CA ILE B 140 -27.34 36.62 15.37
C ILE B 140 -28.09 37.77 14.74
N SER B 141 -27.54 38.35 13.69
CA SER B 141 -28.08 39.56 13.09
C SER B 141 -28.74 39.31 11.73
N THR B 142 -29.35 38.16 11.53
CA THR B 142 -30.01 37.83 10.23
C THR B 142 -31.48 38.27 10.26
N ASN B 143 -31.93 38.99 9.23
CA ASN B 143 -33.34 39.48 9.17
C ASN B 143 -34.07 38.80 8.00
N ASP B 144 -33.40 37.91 7.28
CA ASP B 144 -33.99 37.27 6.07
C ASP B 144 -33.73 35.75 6.09
N LEU B 145 -34.57 34.98 5.39
CA LEU B 145 -34.38 33.51 5.33
C LEU B 145 -33.05 33.24 4.65
N VAL B 146 -32.79 33.84 3.49
CA VAL B 146 -31.53 33.50 2.82
C VAL B 146 -30.34 33.81 3.73
N SER B 147 -30.40 34.95 4.43
CA SER B 147 -29.31 35.32 5.32
C SER B 147 -29.10 34.28 6.41
N ILE B 148 -30.19 33.75 6.95
CA ILE B 148 -30.08 32.70 7.95
C ILE B 148 -29.38 31.49 7.36
N PHE B 149 -29.82 31.07 6.18
CA PHE B 149 -29.24 29.90 5.55
C PHE B 149 -27.76 30.10 5.26
N LEU B 150 -27.42 31.25 4.69
CA LEU B 150 -26.03 31.49 4.33
C LEU B 150 -25.16 31.63 5.56
N SER B 151 -25.68 32.19 6.64
CA SER B 151 -24.91 32.29 7.87
C SER B 151 -24.74 30.93 8.53
N ILE B 152 -25.80 30.13 8.62
CA ILE B 152 -25.69 28.83 9.35
C ILE B 152 -24.67 27.95 8.62
N GLU B 153 -24.68 27.96 7.28
CA GLU B 153 -23.69 27.19 6.48
C GLU B 153 -22.28 27.73 6.70
N LEU B 154 -22.10 29.05 6.68
CA LEU B 154 -20.77 29.62 6.99
C LEU B 154 -20.29 29.09 8.34
N GLN B 155 -21.17 28.96 9.34
CA GLN B 155 -20.71 28.53 10.69
C GLN B 155 -20.51 27.01 10.68
N SER B 156 -21.46 26.29 10.09
CA SER B 156 -21.42 24.80 10.10
C SER B 156 -20.20 24.27 9.34
N TYR B 157 -19.95 24.78 8.14
CA TYR B 157 -18.84 24.32 7.27
C TYR B 157 -17.49 24.56 7.94
N GLY B 158 -17.39 25.61 8.74
CA GLY B 158 -16.10 25.92 9.38
C GLY B 158 -15.91 25.03 10.59
N LEU B 159 -17.00 24.61 11.24
CA LEU B 159 -16.90 23.64 12.31
C LEU B 159 -16.44 22.28 11.79
N TYR B 160 -16.90 21.87 10.61
CA TYR B 160 -16.43 20.61 10.03
C TYR B 160 -14.95 20.66 9.72
N LEU B 161 -14.48 21.79 9.22
CA LEU B 161 -13.08 21.94 8.86
C LEU B 161 -12.19 21.95 10.09
N LEU B 162 -12.66 22.56 11.17
CA LEU B 162 -11.92 22.53 12.42
C LEU B 162 -11.83 21.12 12.97
N SER B 163 -12.84 20.32 12.72
CA SER B 163 -12.87 18.96 13.24
C SER B 163 -12.06 17.99 12.39
N THR B 164 -11.58 18.40 11.24
CA THR B 164 -10.77 17.56 10.38
C THR B 164 -9.34 18.09 10.27
N ILE B 165 -9.01 19.18 10.95
CA ILE B 165 -7.70 19.86 10.75
C ILE B 165 -6.52 19.07 11.32
N TYR B 166 -6.74 18.13 12.23
CA TYR B 166 -5.62 17.25 12.63
C TYR B 166 -5.68 16.16 11.58
N ARG B 167 -5.00 16.38 10.45
CA ARG B 167 -5.14 15.49 9.26
C ARG B 167 -4.48 14.14 9.47
N ASN B 168 -3.63 14.04 10.47
CA ASN B 168 -2.88 12.81 10.65
C ASN B 168 -3.42 11.95 11.77
N SER B 169 -4.61 12.25 12.26
CA SER B 169 -5.29 11.45 13.27
C SER B 169 -6.46 10.72 12.64
N GLU B 170 -6.50 9.40 12.81
CA GLU B 170 -7.64 8.62 12.36
C GLU B 170 -8.90 9.01 13.11
N LEU B 171 -8.75 9.39 14.37
CA LEU B 171 -9.91 9.83 15.14
C LEU B 171 -10.46 11.15 14.62
N SER B 172 -9.61 12.14 14.41
CA SER B 172 -10.08 13.45 14.04
C SER B 172 -10.79 13.44 12.70
N THR B 173 -10.23 12.71 11.75
CA THR B 173 -10.84 12.68 10.42
C THR B 173 -12.15 11.90 10.43
N THR B 174 -12.25 10.90 11.29
CA THR B 174 -13.50 10.19 11.50
C THR B 174 -14.57 11.11 12.06
N GLY B 175 -14.21 11.93 13.05
CA GLY B 175 -15.16 12.82 13.65
C GLY B 175 -15.65 13.90 12.71
N GLY B 176 -14.74 14.50 11.96
CA GLY B 176 -15.16 15.46 10.95
C GLY B 176 -16.07 14.85 9.91
N LEU B 177 -15.87 13.58 9.62
CA LEU B 177 -16.72 12.91 8.64
C LEU B 177 -18.12 12.70 9.21
N ILE B 178 -18.20 12.20 10.45
CA ILE B 178 -19.53 12.04 11.13
C ILE B 178 -20.21 13.41 11.21
N TYR B 179 -19.48 14.46 11.60
CA TYR B 179 -20.07 15.81 11.78
C TYR B 179 -20.63 16.33 10.45
N PHE B 180 -19.90 16.18 9.36
CA PHE B 180 -20.35 16.72 8.05
C PHE B 180 -21.56 15.95 7.55
N LEU B 181 -21.56 14.62 7.74
CA LEU B 181 -22.62 13.80 7.14
C LEU B 181 -23.90 13.95 7.96
N LEU B 182 -23.78 14.11 9.27
CA LEU B 182 -25.02 14.32 10.01
C LEU B 182 -25.40 15.80 10.04
N GLY B 183 -24.43 16.66 9.81
CA GLY B 183 -24.65 18.11 9.76
C GLY B 183 -25.31 18.51 8.45
N GLY B 184 -24.93 17.86 7.35
CA GLY B 184 -25.54 18.11 6.04
C GLY B 184 -27.00 17.74 6.00
N LEU B 185 -27.35 16.67 6.68
CA LEU B 185 -28.78 16.32 6.76
C LEU B 185 -29.51 17.35 7.61
N SER B 186 -28.87 17.85 8.66
CA SER B 186 -29.50 18.91 9.44
C SER B 186 -29.74 20.15 8.60
N SER B 187 -28.85 20.43 7.64
CA SER B 187 -29.00 21.62 6.83
C SER B 187 -30.15 21.51 5.84
N CYS B 188 -30.38 20.31 5.30
CA CYS B 188 -31.55 20.07 4.48
C CYS B 188 -32.82 20.44 5.23
N PHE B 189 -32.90 20.09 6.51
CA PHE B 189 -34.06 20.42 7.32
C PHE B 189 -34.21 21.93 7.48
N ILE B 190 -33.11 22.63 7.67
CA ILE B 190 -33.17 24.07 7.80
C ILE B 190 -33.53 24.71 6.47
N LEU B 191 -33.06 24.13 5.37
CA LEU B 191 -33.40 24.64 4.06
C LEU B 191 -34.82 24.30 3.66
N LEU B 192 -35.29 23.10 3.99
CA LEU B 192 -36.68 22.76 3.72
C LEU B 192 -37.63 23.69 4.44
N GLY B 193 -37.30 24.02 5.69
CA GLY B 193 -38.20 24.86 6.47
C GLY B 193 -38.33 26.27 5.91
N THR B 194 -37.22 26.86 5.52
CA THR B 194 -37.24 28.21 4.97
C THR B 194 -37.90 28.24 3.61
N SER B 195 -37.66 27.22 2.79
CA SER B 195 -38.28 27.17 1.47
C SER B 195 -39.80 27.13 1.59
N LEU B 196 -40.33 26.31 2.49
CA LEU B 196 -41.76 26.22 2.68
C LEU B 196 -42.33 27.48 3.30
N LEU B 197 -41.50 28.30 3.91
CA LEU B 197 -41.96 29.59 4.38
C LEU B 197 -42.20 30.55 3.23
N TYR B 198 -41.19 30.73 2.37
CA TYR B 198 -41.28 31.68 1.27
C TYR B 198 -42.35 31.25 0.27
N VAL B 199 -42.45 29.96 0.03
CA VAL B 199 -43.37 29.40 -1.00
C VAL B 199 -44.85 29.56 -0.59
N ASN B 200 -45.12 29.90 0.67
CA ASN B 200 -46.51 30.05 1.13
C ASN B 200 -46.79 31.50 1.47
N SER B 201 -45.76 32.28 1.75
CA SER B 201 -45.92 33.69 2.17
C SER B 201 -45.44 34.68 1.10
N GLY B 202 -44.70 34.23 0.08
CA GLY B 202 -44.15 35.16 -0.88
C GLY B 202 -43.07 36.09 -0.38
N THR B 203 -42.62 35.89 0.86
CA THR B 203 -41.63 36.82 1.46
C THR B 203 -40.47 36.04 2.06
N THR B 204 -39.27 36.64 2.09
CA THR B 204 -38.13 36.01 2.79
C THR B 204 -37.80 36.82 4.04
N SER B 205 -38.41 38.00 4.19
CA SER B 205 -38.20 38.90 5.36
C SER B 205 -38.91 38.36 6.61
N LEU B 206 -38.20 38.27 7.73
CA LEU B 206 -38.78 37.76 9.00
C LEU B 206 -39.89 38.69 9.50
N ASP B 207 -39.69 40.02 9.40
CA ASP B 207 -40.70 40.99 9.88
C ASP B 207 -42.02 40.84 9.12
N GLY B 208 -41.99 40.61 7.80
CA GLY B 208 -43.24 40.34 7.07
C GLY B 208 -43.92 39.08 7.56
N LEU B 209 -43.16 38.02 7.81
CA LEU B 209 -43.71 36.74 8.35
C LEU B 209 -44.27 36.99 9.76
N TYR B 210 -43.59 37.82 10.55
CA TYR B 210 -44.06 38.16 11.92
C TYR B 210 -45.41 38.89 11.84
N ILE B 211 -45.58 39.78 10.85
CA ILE B 211 -46.85 40.54 10.69
C ILE B 211 -47.95 39.63 10.13
N LEU B 212 -47.62 38.73 9.22
CA LEU B 212 -48.62 37.76 8.69
C LEU B 212 -49.08 36.88 9.86
N ASN B 213 -48.19 36.56 10.79
CA ASN B 213 -48.55 35.76 11.99
C ASN B 213 -49.32 36.66 12.97
N SER B 214 -48.94 37.93 13.08
CA SER B 214 -49.63 38.89 13.98
C SER B 214 -51.08 39.08 13.56
N ILE B 215 -51.35 39.14 12.26
CA ILE B 215 -52.73 39.43 11.77
C ILE B 215 -53.58 38.16 11.88
N SER B 216 -52.96 37.00 11.67
CA SER B 216 -53.68 35.75 11.86
C SER B 216 -54.10 35.50 13.30
N ASP B 217 -53.28 35.90 14.28
CA ASP B 217 -53.55 35.65 15.69
C ASP B 217 -54.69 36.56 16.16
N VAL B 218 -55.90 36.13 15.79
CA VAL B 218 -57.13 36.75 16.25
C VAL B 218 -58.11 35.64 16.61
N ASN B 219 -58.70 35.72 17.79
CA ASN B 219 -59.60 34.68 18.27
C ASN B 219 -60.95 34.73 17.58
N SER B 233 -60.59 33.09 5.84
CA SER B 233 -61.12 31.75 6.09
C SER B 233 -60.57 30.77 5.06
N TRP B 234 -60.31 31.30 3.86
CA TRP B 234 -59.81 30.50 2.75
C TRP B 234 -58.33 30.19 2.85
N TYR B 235 -57.61 30.94 3.69
CA TYR B 235 -56.13 30.77 3.78
C TYR B 235 -55.67 30.74 5.23
N LYS B 236 -55.85 29.61 5.90
CA LYS B 236 -55.35 29.44 7.28
C LYS B 236 -53.83 29.53 7.25
N PRO B 237 -53.15 30.23 8.17
CA PRO B 237 -51.68 30.24 8.16
C PRO B 237 -51.03 29.04 8.86
N TYR B 238 -51.44 27.82 8.55
CA TYR B 238 -50.94 26.60 9.23
C TYR B 238 -49.45 26.39 8.93
N TYR B 239 -49.01 26.92 7.79
CA TYR B 239 -47.61 26.71 7.35
C TYR B 239 -46.61 27.27 8.35
N LEU B 240 -46.89 28.41 8.99
CA LEU B 240 -45.87 29.03 9.85
C LEU B 240 -45.43 28.05 10.94
N ASN B 241 -46.36 27.37 11.58
CA ASN B 241 -46.00 26.50 12.72
C ASN B 241 -45.47 25.17 12.17
N PHE B 242 -45.89 24.74 10.98
CA PHE B 242 -45.33 23.53 10.40
C PHE B 242 -43.95 23.79 9.82
N SER B 243 -43.77 24.94 9.17
CA SER B 243 -42.46 25.29 8.63
C SER B 243 -41.43 25.47 9.72
N LEU B 244 -41.80 26.14 10.80
CA LEU B 244 -40.85 26.40 11.87
C LEU B 244 -40.56 25.16 12.69
N LEU B 245 -41.41 24.15 12.64
CA LEU B 245 -41.11 22.91 13.34
C LEU B 245 -40.05 22.09 12.60
N ILE B 246 -40.14 22.01 11.28
CA ILE B 246 -39.05 21.44 10.50
C ILE B 246 -37.79 22.27 10.70
N PHE B 247 -37.95 23.59 10.66
CA PHE B 247 -36.84 24.51 10.77
C PHE B 247 -36.11 24.33 12.10
N SER B 248 -36.85 24.12 13.19
CA SER B 248 -36.21 23.98 14.49
C SER B 248 -35.57 22.61 14.67
N ILE B 249 -36.02 21.61 13.91
CA ILE B 249 -35.40 20.30 13.97
C ILE B 249 -33.94 20.37 13.55
N GLY B 250 -33.64 21.13 12.50
CA GLY B 250 -32.25 21.30 12.10
C GLY B 250 -31.42 22.01 13.15
N PHE B 251 -31.97 23.04 13.77
CA PHE B 251 -31.27 23.77 14.81
C PHE B 251 -31.18 22.99 16.10
N LEU B 252 -32.14 22.10 16.37
CA LEU B 252 -32.02 21.18 17.49
C LEU B 252 -30.85 20.24 17.32
N PHE B 253 -30.66 19.71 16.11
CA PHE B 253 -29.50 18.82 15.85
C PHE B 253 -28.21 19.61 16.06
N LYS B 254 -28.13 20.82 15.52
CA LYS B 254 -26.86 21.57 15.59
C LYS B 254 -26.48 21.84 17.06
N VAL B 255 -27.44 22.04 17.96
CA VAL B 255 -27.15 22.23 19.42
C VAL B 255 -27.16 20.89 20.16
N SER B 256 -27.30 19.77 19.45
CA SER B 256 -27.29 18.40 20.06
C SER B 256 -28.34 18.20 21.16
N ALA B 257 -29.59 18.59 20.91
CA ALA B 257 -30.68 18.32 21.87
C ALA B 257 -31.31 16.96 21.54
N ALA B 258 -31.54 16.10 22.53
CA ALA B 258 -32.22 14.82 22.28
C ALA B 258 -33.63 15.10 21.77
N PRO B 259 -34.15 14.36 20.76
CA PRO B 259 -33.55 13.09 20.33
C PRO B 259 -32.34 13.11 19.39
N PHE B 260 -32.03 14.24 18.75
CA PHE B 260 -30.95 14.33 17.74
C PHE B 260 -29.62 14.64 18.42
N HIS B 261 -29.13 13.74 19.26
CA HIS B 261 -27.93 14.03 20.07
C HIS B 261 -26.84 12.96 19.93
N PHE B 262 -27.08 11.87 19.22
CA PHE B 262 -26.12 10.73 19.24
C PHE B 262 -24.77 11.17 18.65
N TRP B 263 -24.78 12.22 17.83
CA TRP B 263 -23.53 12.66 17.15
C TRP B 263 -22.54 13.31 18.11
N SER B 264 -23.00 14.14 19.06
CA SER B 264 -22.07 14.92 19.90
C SER B 264 -21.11 14.08 20.75
N PRO B 265 -21.53 13.03 21.49
CA PRO B 265 -20.58 12.27 22.30
C PRO B 265 -19.46 11.72 21.43
N ASP B 266 -19.78 11.25 20.22
CA ASP B 266 -18.78 10.63 19.36
C ASP B 266 -17.84 11.65 18.76
N VAL B 267 -18.37 12.78 18.30
CA VAL B 267 -17.52 13.80 17.63
C VAL B 267 -16.66 14.49 18.70
N TYR B 268 -17.25 14.80 19.85
CA TYR B 268 -16.52 15.56 20.90
C TYR B 268 -15.37 14.75 21.50
N ASP B 269 -15.43 13.43 21.43
CA ASP B 269 -14.40 12.54 22.03
C ASP B 269 -13.33 12.26 20.99
N ALA B 270 -13.67 12.25 19.72
CA ALA B 270 -12.73 11.89 18.67
C ALA B 270 -11.79 13.04 18.28
N ILE B 271 -12.26 14.28 18.31
CA ILE B 271 -11.43 15.39 17.85
C ILE B 271 -10.54 15.86 18.99
N PRO B 272 -9.46 16.59 18.72
CA PRO B 272 -8.53 16.95 19.80
C PRO B 272 -9.16 17.94 20.77
N THR B 273 -8.66 17.91 22.01
CA THR B 273 -9.29 18.64 23.10
C THR B 273 -9.23 20.15 22.89
N ILE B 274 -8.11 20.65 22.38
CA ILE B 274 -8.04 22.06 21.98
C ILE B 274 -9.24 22.42 21.12
N VAL B 275 -9.55 21.58 20.14
CA VAL B 275 -10.62 21.83 19.19
C VAL B 275 -11.99 21.72 19.84
N THR B 276 -12.18 20.73 20.72
CA THR B 276 -13.49 20.56 21.34
C THR B 276 -13.84 21.68 22.31
N THR B 277 -12.87 22.45 22.77
CA THR B 277 -13.23 23.67 23.48
C THR B 277 -14.06 24.57 22.60
N PHE B 278 -13.58 24.86 21.39
CA PHE B 278 -14.24 25.80 20.50
C PHE B 278 -15.54 25.23 19.94
N VAL B 279 -15.51 24.00 19.42
CA VAL B 279 -16.66 23.48 18.70
C VAL B 279 -17.84 23.24 19.64
N ALA B 280 -17.58 22.88 20.89
CA ALA B 280 -18.62 22.55 21.84
C ALA B 280 -19.17 23.74 22.61
N ILE B 281 -18.72 24.95 22.28
CA ILE B 281 -19.23 26.17 22.91
C ILE B 281 -19.88 27.09 21.89
N ILE B 282 -19.17 27.40 20.82
CA ILE B 282 -19.50 28.55 19.97
C ILE B 282 -20.81 28.35 19.23
N ALA B 283 -21.12 27.14 18.80
CA ALA B 283 -22.33 26.98 17.95
C ALA B 283 -23.62 27.18 18.76
N LYS B 284 -23.62 26.79 20.02
CA LYS B 284 -24.84 26.95 20.87
C LYS B 284 -25.14 28.43 21.11
N ILE B 285 -24.10 29.24 21.36
CA ILE B 285 -24.34 30.68 21.69
C ILE B 285 -25.05 31.34 20.53
N SER B 286 -24.64 31.08 19.29
CA SER B 286 -25.30 31.78 18.20
C SER B 286 -26.67 31.19 17.90
N ILE B 287 -26.81 29.87 17.97
CA ILE B 287 -28.09 29.24 17.63
C ILE B 287 -29.16 29.59 18.65
N PHE B 288 -28.80 29.65 19.92
CA PHE B 288 -29.84 29.90 20.96
C PHE B 288 -30.28 31.37 20.98
N ILE B 289 -29.36 32.30 20.76
CA ILE B 289 -29.76 33.73 20.67
C ILE B 289 -30.70 33.96 19.48
N PHE B 290 -30.41 33.33 18.34
CA PHE B 290 -31.26 33.52 17.15
C PHE B 290 -32.69 33.02 17.45
N LEU B 291 -32.82 31.83 18.06
CA LEU B 291 -34.15 31.22 18.34
C LEU B 291 -35.01 32.09 19.25
N LEU B 292 -34.42 32.84 20.17
CA LEU B 292 -35.19 33.61 21.17
C LEU B 292 -36.06 34.67 20.51
N GLU B 293 -35.51 35.42 19.57
CA GLU B 293 -36.28 36.44 18.83
C GLU B 293 -37.38 35.77 18.02
N LEU B 294 -37.08 34.63 17.41
CA LEU B 294 -38.09 33.86 16.63
C LEU B 294 -39.23 33.38 17.54
N VAL B 295 -38.93 32.93 18.76
CA VAL B 295 -40.00 32.50 19.73
C VAL B 295 -40.84 33.70 20.18
N TYR B 296 -40.24 34.86 20.41
CA TYR B 296 -41.01 36.02 20.91
C TYR B 296 -42.07 36.48 19.91
N TYR B 297 -41.75 36.54 18.62
CA TYR B 297 -42.71 37.11 17.64
C TYR B 297 -43.61 36.04 17.02
N THR B 298 -43.43 34.76 17.38
CA THR B 298 -44.34 33.71 16.88
C THR B 298 -45.28 33.30 17.99
N ASN B 299 -45.35 34.09 19.05
CA ASN B 299 -46.19 33.76 20.23
C ASN B 299 -47.65 33.92 19.87
N SER B 300 -48.53 33.12 20.46
CA SER B 300 -49.97 33.36 20.25
C SER B 300 -50.53 34.01 21.50
N ASN B 301 -50.69 35.34 21.49
CA ASN B 301 -51.28 36.06 22.63
C ASN B 301 -52.73 35.60 22.81
N ALA B 302 -53.45 35.43 21.71
CA ALA B 302 -54.86 35.00 21.78
C ALA B 302 -54.94 33.49 21.64
N ASN B 303 -55.52 32.82 22.64
CA ASN B 303 -55.68 31.36 22.56
C ASN B 303 -56.62 31.03 21.40
N SER B 304 -56.05 30.59 20.29
CA SER B 304 -56.83 30.17 19.13
C SER B 304 -56.31 28.82 18.70
N TYR B 305 -56.79 28.34 17.55
CA TYR B 305 -56.28 27.07 17.03
C TYR B 305 -54.82 27.19 16.61
N LEU B 306 -54.29 28.41 16.46
CA LEU B 306 -52.91 28.55 16.01
C LEU B 306 -51.95 28.02 17.06
N SER B 307 -52.24 28.30 18.34
CA SER B 307 -51.37 27.91 19.44
C SER B 307 -51.39 26.42 19.72
N GLU B 308 -52.33 25.68 19.13
CA GLU B 308 -52.35 24.23 19.32
C GLU B 308 -51.24 23.54 18.55
N PHE B 309 -50.73 24.21 17.52
CA PHE B 309 -49.67 23.58 16.68
C PHE B 309 -48.43 24.41 16.89
N SER B 310 -48.26 24.96 18.07
CA SER B 310 -47.11 25.87 18.29
C SER B 310 -45.84 25.08 18.06
N TRP B 311 -44.88 25.68 17.34
CA TRP B 311 -43.63 24.97 17.02
C TRP B 311 -42.82 24.82 18.30
N THR B 312 -43.10 25.66 19.29
CA THR B 312 -42.36 25.67 20.57
C THR B 312 -42.54 24.34 21.32
N TYR B 313 -43.55 23.55 20.99
CA TYR B 313 -43.74 22.20 21.61
C TYR B 313 -42.56 21.27 21.34
N ALA B 314 -41.92 21.37 20.19
CA ALA B 314 -40.74 20.53 19.87
C ALA B 314 -39.61 20.85 20.83
N LEU B 315 -39.42 22.13 21.18
CA LEU B 315 -38.42 22.55 22.19
C LEU B 315 -38.82 22.03 23.58
N LEU B 316 -40.11 22.02 23.92
CA LEU B 316 -40.59 21.47 25.22
C LEU B 316 -40.35 19.97 25.30
N ILE B 317 -40.47 19.27 24.18
CA ILE B 317 -40.29 17.79 24.15
C ILE B 317 -38.77 17.56 24.10
N SER B 318 -38.05 18.39 23.34
CA SER B 318 -36.60 18.23 23.33
C SER B 318 -36.02 18.48 24.71
N SER B 319 -36.48 19.52 25.40
CA SER B 319 -35.95 19.81 26.72
C SER B 319 -36.24 18.67 27.67
N LEU B 320 -37.46 18.14 27.63
CA LEU B 320 -37.81 17.03 28.50
C LEU B 320 -36.94 15.81 28.19
N LEU B 321 -36.76 15.51 26.91
CA LEU B 321 -35.95 14.37 26.53
C LEU B 321 -34.47 14.60 26.81
N SER B 322 -34.01 15.85 26.67
CA SER B 322 -32.60 16.15 26.91
C SER B 322 -32.27 16.08 28.39
N LEU B 323 -33.20 16.48 29.25
CA LEU B 323 -33.01 16.34 30.68
C LEU B 323 -32.85 14.88 31.08
N ILE B 324 -33.67 13.99 30.51
CA ILE B 324 -33.59 12.59 30.86
C ILE B 324 -32.37 11.95 30.23
N ILE B 325 -32.28 12.00 28.91
CA ILE B 325 -31.18 11.34 28.22
C ILE B 325 -29.84 11.84 28.74
N GLY B 326 -29.68 13.16 28.85
CA GLY B 326 -28.40 13.71 29.24
C GLY B 326 -27.96 13.30 30.62
N THR B 327 -28.91 13.11 31.53
CA THR B 327 -28.52 12.73 32.88
C THR B 327 -28.52 11.23 33.09
N VAL B 328 -29.32 10.47 32.35
CA VAL B 328 -29.32 9.02 32.58
C VAL B 328 -28.15 8.37 31.88
N VAL B 329 -27.96 8.66 30.59
CA VAL B 329 -26.91 7.98 29.85
C VAL B 329 -25.52 8.34 30.36
N GLY B 330 -25.35 9.47 31.02
CA GLY B 330 -24.04 9.82 31.52
C GLY B 330 -23.57 9.03 32.70
N LEU B 331 -24.44 8.24 33.31
CA LEU B 331 -24.07 7.50 34.51
C LEU B 331 -22.98 6.48 34.24
N THR B 332 -23.01 5.84 33.07
CA THR B 332 -22.10 4.75 32.77
C THR B 332 -20.95 5.15 31.85
N GLN B 333 -20.70 6.42 31.67
CA GLN B 333 -19.57 6.84 30.86
C GLN B 333 -18.29 6.71 31.68
N PHE B 334 -17.23 6.23 31.03
CA PHE B 334 -15.91 6.23 31.64
C PHE B 334 -14.94 7.14 30.93
N ARG B 335 -15.32 7.69 29.79
CA ARG B 335 -14.49 8.62 29.06
C ARG B 335 -14.93 10.04 29.36
N ILE B 336 -13.98 10.90 29.73
CA ILE B 336 -14.31 12.19 30.30
C ILE B 336 -14.96 13.09 29.26
N LYS B 337 -14.52 13.01 28.01
CA LYS B 337 -15.06 13.91 26.99
C LYS B 337 -16.45 13.45 26.56
N ARG B 338 -16.70 12.15 26.56
CA ARG B 338 -18.06 11.65 26.39
C ARG B 338 -18.94 12.03 27.57
N LEU B 339 -18.37 12.05 28.78
CA LEU B 339 -19.11 12.51 29.94
C LEU B 339 -19.50 13.97 29.80
N LEU B 340 -18.56 14.80 29.39
CA LEU B 340 -18.82 16.23 29.24
C LEU B 340 -19.76 16.51 28.09
N ALA B 341 -19.75 15.68 27.05
CA ALA B 341 -20.71 15.84 25.97
C ALA B 341 -22.13 15.62 26.47
N TYR B 342 -22.33 14.60 27.31
CA TYR B 342 -23.66 14.33 27.83
C TYR B 342 -24.09 15.38 28.85
N SER B 343 -23.15 15.89 29.63
CA SER B 343 -23.46 16.96 30.55
C SER B 343 -23.96 18.20 29.81
N THR B 344 -23.44 18.46 28.62
CA THR B 344 -23.93 19.60 27.84
C THR B 344 -25.35 19.38 27.37
N ILE B 345 -25.72 18.14 27.04
CA ILE B 345 -27.09 17.85 26.67
C ILE B 345 -28.04 18.11 27.83
N SER B 346 -27.70 17.84 29.03
CA SER B 346 -28.59 18.10 30.19
C SER B 346 -28.69 19.61 30.47
N HIS B 347 -27.67 20.37 30.08
CA HIS B 347 -27.71 21.84 30.24
C HIS B 347 -28.54 22.48 29.13
N VAL B 348 -28.65 21.85 27.94
CA VAL B 348 -29.52 22.44 26.93
C VAL B 348 -30.97 22.08 27.22
N GLY B 349 -31.21 21.10 28.08
CA GLY B 349 -32.57 20.85 28.52
C GLY B 349 -33.08 21.92 29.44
N PHE B 350 -32.19 22.61 30.15
CA PHE B 350 -32.58 23.77 30.94
C PHE B 350 -32.67 25.02 30.09
N ILE B 351 -31.72 25.19 29.17
CA ILE B 351 -31.79 26.33 28.25
C ILE B 351 -33.06 26.22 27.42
N LEU B 352 -33.40 25.01 26.99
CA LEU B 352 -34.57 24.85 26.09
C LEU B 352 -35.90 25.07 26.84
N LEU B 353 -36.00 24.72 28.11
CA LEU B 353 -37.25 24.98 28.88
C LEU B 353 -37.47 26.50 29.03
N ALA B 354 -36.42 27.25 29.36
CA ALA B 354 -36.53 28.71 29.57
C ALA B 354 -36.96 29.38 28.27
N LEU B 355 -36.44 28.92 27.14
CA LEU B 355 -36.84 29.41 25.81
C LEU B 355 -38.31 29.08 25.50
N SER B 356 -38.74 27.87 25.81
CA SER B 356 -40.12 27.40 25.52
C SER B 356 -41.18 28.18 26.30
N VAL B 357 -40.92 28.47 27.57
CA VAL B 357 -41.88 29.30 28.34
C VAL B 357 -41.51 30.71 27.91
N SER B 358 -42.38 31.40 27.19
CA SER B 358 -41.92 32.74 26.78
C SER B 358 -42.51 33.76 27.73
N SER B 359 -41.74 34.14 28.75
CA SER B 359 -42.19 35.16 29.74
C SER B 359 -41.03 36.10 29.98
N ILE B 360 -41.30 37.22 30.61
CA ILE B 360 -40.20 38.17 30.95
C ILE B 360 -39.20 37.45 31.88
N GLU B 361 -39.67 36.68 32.85
CA GLU B 361 -38.75 35.99 33.81
C GLU B 361 -37.95 34.88 33.12
N SER B 362 -38.57 34.12 32.22
CA SER B 362 -37.89 33.01 31.50
C SER B 362 -36.82 33.50 30.55
N THR B 363 -37.00 34.64 29.90
CA THR B 363 -36.02 35.22 28.97
C THR B 363 -34.82 35.75 29.75
N GLN B 364 -35.04 36.42 30.89
CA GLN B 364 -33.95 36.90 31.76
C GLN B 364 -33.17 35.68 32.28
N ALA B 365 -33.88 34.60 32.58
CA ALA B 365 -33.23 33.38 33.10
C ALA B 365 -32.57 32.67 31.92
N PHE B 366 -33.17 32.76 30.74
CA PHE B 366 -32.50 32.23 29.56
C PHE B 366 -31.19 32.95 29.29
N ILE B 367 -31.17 34.27 29.40
CA ILE B 367 -29.97 35.03 29.06
C ILE B 367 -28.86 34.74 30.06
N PHE B 368 -29.23 34.62 31.34
CA PHE B 368 -28.21 34.33 32.33
C PHE B 368 -27.64 32.93 32.15
N TYR B 369 -28.50 31.94 31.91
CA TYR B 369 -28.05 30.57 31.86
C TYR B 369 -27.07 30.36 30.72
N LEU B 370 -27.34 30.97 29.57
CA LEU B 370 -26.48 30.80 28.41
C LEU B 370 -25.09 31.38 28.66
N ILE B 371 -25.02 32.60 29.18
CA ILE B 371 -23.72 33.25 29.38
C ILE B 371 -22.91 32.51 30.44
N GLN B 372 -23.52 32.22 31.59
CA GLN B 372 -22.75 31.59 32.66
C GLN B 372 -22.35 30.17 32.31
N TYR B 373 -23.17 29.45 31.56
CA TYR B 373 -22.80 28.09 31.19
C TYR B 373 -21.69 28.07 30.15
N SER B 374 -21.73 28.98 29.20
CA SER B 374 -20.62 29.12 28.26
C SER B 374 -19.33 29.47 28.96
N ILE B 375 -19.43 30.22 30.06
CA ILE B 375 -18.23 30.63 30.84
C ILE B 375 -17.72 29.45 31.68
N SER B 376 -18.61 28.62 32.22
CA SER B 376 -18.18 27.57 33.13
C SER B 376 -17.71 26.33 32.39
N ASN B 377 -18.37 25.97 31.29
CA ASN B 377 -17.92 24.79 30.57
C ASN B 377 -16.56 25.08 29.92
N LEU B 378 -16.27 26.35 29.69
CA LEU B 378 -14.95 26.78 29.24
C LEU B 378 -13.89 26.48 30.28
N ASN B 379 -14.19 26.74 31.57
CA ASN B 379 -13.27 26.39 32.64
C ASN B 379 -13.06 24.89 32.72
N ALA B 380 -14.12 24.12 32.52
CA ALA B 380 -13.99 22.66 32.49
C ALA B 380 -13.10 22.20 31.34
N PHE B 381 -13.05 22.94 30.24
CA PHE B 381 -12.16 22.54 29.14
C PHE B 381 -10.74 23.01 29.38
N PHE B 382 -10.55 24.21 29.92
CA PHE B 382 -9.19 24.65 30.28
C PHE B 382 -8.57 23.79 31.37
N ILE B 383 -9.32 23.45 32.42
CA ILE B 383 -8.72 22.63 33.47
C ILE B 383 -8.26 21.30 32.91
N LEU B 384 -9.06 20.69 32.04
CA LEU B 384 -8.70 19.38 31.42
C LEU B 384 -7.41 19.51 30.61
N ILE B 385 -7.32 20.51 29.74
CA ILE B 385 -6.11 20.73 28.88
C ILE B 385 -4.86 20.99 29.74
N THR B 386 -4.98 21.76 30.82
CA THR B 386 -3.85 22.09 31.73
C THR B 386 -3.38 20.86 32.50
N ILE B 387 -4.32 20.02 32.94
CA ILE B 387 -3.96 18.74 33.63
C ILE B 387 -3.20 17.85 32.66
N GLY B 388 -3.63 17.80 31.40
CA GLY B 388 -2.90 17.01 30.39
C GLY B 388 -1.47 17.48 30.26
N PHE B 389 -1.26 18.78 30.16
CA PHE B 389 0.09 19.36 30.02
C PHE B 389 0.91 19.17 31.30
N SER B 390 0.27 19.09 32.46
CA SER B 390 0.93 18.95 33.78
C SER B 390 1.67 17.62 33.92
N LEU B 391 1.17 16.56 33.32
CA LEU B 391 1.73 15.18 33.51
C LEU B 391 3.02 14.99 32.71
N TYR B 392 3.52 16.05 32.08
CA TYR B 392 4.80 15.95 31.33
C TYR B 392 5.92 15.52 32.29
N GLY B 393 5.92 16.02 33.52
CA GLY B 393 6.92 15.58 34.51
C GLY B 393 6.47 14.39 35.33
N TYR B 394 5.49 13.63 34.86
CA TYR B 394 5.01 12.46 35.57
C TYR B 394 5.08 11.25 34.66
N VAL B 395 5.06 10.11 35.17
CA VAL B 395 5.11 8.85 34.39
C VAL B 395 4.10 7.93 35.05
N THR B 396 3.67 6.90 34.42
CA THR B 396 2.71 5.94 34.93
C THR B 396 3.02 4.56 34.36
N ASN B 397 2.64 3.52 35.10
CA ASN B 397 2.84 2.14 34.68
C ASN B 397 1.52 1.42 34.43
N ASN B 398 0.38 2.09 34.59
CA ASN B 398 -0.90 1.48 34.35
C ASN B 398 -0.99 0.93 32.93
N LYS B 399 -1.48 -0.30 32.82
CA LYS B 399 -1.50 -0.96 31.52
C LYS B 399 -2.60 -0.41 30.61
N GLU B 400 -3.65 0.17 31.19
CA GLU B 400 -4.77 0.67 30.37
C GLU B 400 -4.41 1.98 29.68
N TYR B 401 -3.60 2.82 30.30
CA TYR B 401 -3.28 4.08 29.66
C TYR B 401 -2.37 3.85 28.47
N LYS B 402 -1.68 2.73 28.43
CA LYS B 402 -0.73 2.43 27.36
C LYS B 402 -1.42 2.30 26.02
N SER B 403 -2.66 1.85 26.01
CA SER B 403 -3.35 1.49 24.78
C SER B 403 -4.27 2.59 24.26
N LEU B 404 -4.31 3.74 24.91
CA LEU B 404 -5.13 4.84 24.43
C LEU B 404 -4.61 5.35 23.09
N LEU B 405 -5.51 5.97 22.33
CA LEU B 405 -5.22 6.46 20.99
C LEU B 405 -5.14 7.98 20.97
N ASP B 406 -4.34 8.54 20.07
CA ASP B 406 -4.16 10.01 19.99
C ASP B 406 -3.85 10.53 21.39
N LYS B 407 -2.83 9.96 22.03
CA LYS B 407 -2.51 10.34 23.43
C LYS B 407 -1.97 11.76 23.45
N ASN B 408 -1.71 12.34 22.29
CA ASN B 408 -1.13 13.71 22.18
C ASN B 408 -2.25 14.71 21.89
N ASN B 409 -3.28 14.29 21.16
CA ASN B 409 -4.40 15.17 20.85
C ASN B 409 -5.42 15.22 21.99
N SER B 410 -5.60 14.10 22.66
CA SER B 410 -6.41 14.17 23.90
C SER B 410 -5.59 13.49 24.99
N PRO B 411 -4.75 14.23 25.75
CA PRO B 411 -3.89 13.62 26.79
C PRO B 411 -4.72 12.96 27.90
N ILE B 412 -5.75 13.64 28.38
CA ILE B 412 -6.68 13.05 29.38
C ILE B 412 -7.87 12.53 28.59
N GLN B 413 -8.11 11.24 28.66
CA GLN B 413 -9.21 10.59 27.96
C GLN B 413 -10.12 9.79 28.87
N LEU B 414 -9.57 9.23 29.93
CA LEU B 414 -10.31 8.42 30.87
C LEU B 414 -10.46 9.18 32.17
N ILE B 415 -11.55 8.89 32.88
CA ILE B 415 -11.76 9.52 34.17
C ILE B 415 -10.83 8.94 35.22
N SER B 416 -10.35 7.72 34.96
CA SER B 416 -9.38 7.05 35.86
C SER B 416 -7.97 7.64 35.74
N GLN B 417 -7.68 8.39 34.67
CA GLN B 417 -6.36 9.07 34.56
C GLN B 417 -6.34 10.28 35.51
N LEU B 418 -7.48 10.62 36.11
CA LEU B 418 -7.58 11.78 37.03
C LEU B 418 -7.56 11.32 38.48
N LYS B 419 -7.34 10.02 38.72
CA LYS B 419 -7.30 9.46 40.09
C LYS B 419 -6.19 10.18 40.88
N GLY B 420 -6.45 10.61 42.10
CA GLY B 420 -5.41 11.25 42.93
C GLY B 420 -4.76 12.51 42.36
N TYR B 421 -5.46 13.31 41.54
CA TYR B 421 -4.92 14.60 41.07
C TYR B 421 -4.82 15.59 42.22
N PHE B 422 -5.63 15.42 43.25
CA PHE B 422 -5.55 16.29 44.45
C PHE B 422 -4.15 16.17 45.04
N TYR B 423 -3.60 14.96 44.97
CA TYR B 423 -2.21 14.72 45.45
C TYR B 423 -1.18 15.43 44.55
N ILE B 424 -1.36 15.39 43.23
CA ILE B 424 -0.46 16.11 42.29
C ILE B 424 -0.64 17.65 42.38
N ASN B 425 -1.84 18.18 42.18
CA ASN B 425 -2.11 19.64 42.17
C ASN B 425 -3.38 19.96 42.98
N PRO B 426 -3.33 20.36 44.28
CA PRO B 426 -4.56 20.57 45.03
C PRO B 426 -5.52 21.69 44.59
N LEU B 427 -5.08 22.84 44.26
CA LEU B 427 -5.97 23.95 43.82
C LEU B 427 -6.50 23.72 42.41
N LEU B 428 -5.71 23.10 41.49
CA LEU B 428 -6.28 22.75 40.16
C LEU B 428 -7.43 21.77 40.37
N SER B 429 -7.31 20.88 41.36
CA SER B 429 -8.38 19.91 41.70
C SER B 429 -9.59 20.64 42.29
N LEU B 430 -9.44 21.70 43.00
CA LEU B 430 -10.56 22.43 43.60
C LEU B 430 -11.16 23.35 42.54
N SER B 431 -10.33 23.81 41.57
CA SER B 431 -10.94 24.51 40.44
C SER B 431 -11.86 23.59 39.66
N LEU B 432 -11.43 22.34 39.45
CA LEU B 432 -12.29 21.37 38.77
C LEU B 432 -13.44 20.96 39.65
N ALA B 433 -13.29 21.05 40.96
CA ALA B 433 -14.39 20.74 41.89
C ALA B 433 -15.40 21.89 41.84
N ILE B 434 -14.94 23.13 41.99
CA ILE B 434 -15.84 24.32 42.01
C ILE B 434 -16.63 24.39 40.70
N THR B 435 -16.01 23.99 39.60
CA THR B 435 -16.66 24.06 38.28
C THR B 435 -17.69 22.93 38.15
N ILE B 436 -17.36 21.75 38.66
CA ILE B 436 -18.28 20.63 38.53
C ILE B 436 -19.46 20.79 39.47
N PHE B 437 -19.22 21.27 40.68
CA PHE B 437 -20.33 21.56 41.57
C PHE B 437 -21.23 22.67 41.04
N SER B 438 -20.72 23.52 40.15
CA SER B 438 -21.56 24.52 39.51
C SER B 438 -22.48 23.86 38.47
N PHE B 439 -21.98 22.86 37.77
CA PHE B 439 -22.81 22.06 36.87
C PHE B 439 -23.92 21.34 37.63
N VAL B 440 -23.62 20.83 38.82
CA VAL B 440 -24.64 20.19 39.66
C VAL B 440 -25.71 21.20 40.06
N GLY B 441 -25.28 22.40 40.41
CA GLY B 441 -26.24 23.45 40.78
C GLY B 441 -26.27 23.61 42.27
N VAL B 442 -25.13 23.42 42.95
CA VAL B 442 -25.05 23.58 44.43
C VAL B 442 -24.76 25.04 44.77
N PRO B 443 -25.50 25.68 45.72
CA PRO B 443 -25.21 27.05 46.17
C PRO B 443 -23.94 27.08 47.04
N PRO B 444 -23.13 28.16 47.10
CA PRO B 444 -23.47 29.49 46.57
C PRO B 444 -23.00 29.65 45.13
N LEU B 445 -22.61 28.56 44.47
CA LEU B 445 -22.02 28.60 43.11
C LEU B 445 -22.95 29.19 42.06
N VAL B 446 -22.39 29.84 41.04
CA VAL B 446 -23.15 30.55 39.98
C VAL B 446 -24.18 29.64 39.29
N GLY B 447 -23.86 28.36 39.08
CA GLY B 447 -24.77 27.52 38.34
C GLY B 447 -26.03 27.20 39.11
N PHE B 448 -26.02 27.40 40.43
CA PHE B 448 -27.25 27.35 41.19
C PHE B 448 -28.18 28.47 40.82
N PHE B 449 -27.67 29.69 40.80
CA PHE B 449 -28.48 30.84 40.52
C PHE B 449 -29.01 30.84 39.11
N ALA B 450 -28.49 29.99 38.25
CA ALA B 450 -29.06 29.86 36.92
C ALA B 450 -30.23 28.89 36.92
N LYS B 451 -30.08 27.72 37.53
CA LYS B 451 -31.19 26.77 37.58
C LYS B 451 -32.31 27.28 38.47
N GLN B 452 -32.00 28.08 39.49
CA GLN B 452 -33.03 28.72 40.35
C GLN B 452 -33.95 29.58 39.48
N MET B 453 -33.38 30.43 38.64
CA MET B 453 -34.15 31.35 37.78
C MET B 453 -35.00 30.58 36.77
N VAL B 454 -34.43 29.55 36.13
CA VAL B 454 -35.19 28.75 35.13
C VAL B 454 -36.37 28.04 35.81
N LEU B 455 -36.17 27.47 37.00
CA LEU B 455 -37.25 26.78 37.76
C LEU B 455 -38.31 27.78 38.21
N SER B 456 -37.92 28.95 38.69
CA SER B 456 -38.87 30.01 39.13
C SER B 456 -39.67 30.52 37.94
N ALA B 457 -39.03 30.68 36.79
CA ALA B 457 -39.75 31.12 35.58
C ALA B 457 -40.80 30.07 35.20
N ALA B 458 -40.42 28.79 35.23
CA ALA B 458 -41.33 27.70 34.85
C ALA B 458 -42.48 27.55 35.84
N LEU B 459 -42.19 27.65 37.12
CA LEU B 459 -43.20 27.48 38.17
C LEU B 459 -44.19 28.64 38.14
N ASP B 460 -43.67 29.85 37.94
CA ASP B 460 -44.52 31.03 37.93
C ASP B 460 -45.52 30.97 36.79
N ASN B 461 -45.16 30.33 35.69
CA ASN B 461 -46.02 30.32 34.49
C ASN B 461 -46.67 28.95 34.24
N GLY B 462 -46.64 28.05 35.20
CA GLY B 462 -47.41 26.79 35.00
C GLY B 462 -46.67 25.58 34.48
N TYR B 463 -45.37 25.49 34.67
CA TYR B 463 -44.57 24.37 34.11
C TYR B 463 -44.13 23.49 35.27
N ILE B 464 -44.90 23.52 36.34
CA ILE B 464 -44.70 22.63 37.52
C ILE B 464 -44.31 21.21 37.11
N PHE B 465 -44.94 20.62 36.09
CA PHE B 465 -44.62 19.19 35.79
C PHE B 465 -43.16 19.07 35.34
N LEU B 466 -42.72 19.94 34.43
CA LEU B 466 -41.32 19.93 33.93
C LEU B 466 -40.33 20.26 35.05
N SER B 467 -40.64 21.21 35.93
CA SER B 467 -39.76 21.57 37.07
C SER B 467 -39.44 20.33 37.91
N LEU B 468 -40.45 19.56 38.30
CA LEU B 468 -40.27 18.31 39.09
C LEU B 468 -39.41 17.31 38.32
N ILE B 469 -39.63 17.23 36.97
CA ILE B 469 -38.75 16.37 36.18
C ILE B 469 -37.33 16.90 36.21
N ALA B 470 -37.16 18.21 36.10
CA ALA B 470 -35.83 18.80 36.06
C ALA B 470 -35.07 18.59 37.37
N ILE B 471 -35.75 18.75 38.50
CA ILE B 471 -35.04 18.55 39.76
C ILE B 471 -34.77 17.08 40.02
N ILE B 472 -35.56 16.18 39.45
CA ILE B 472 -35.28 14.76 39.57
C ILE B 472 -34.02 14.39 38.79
N THR B 473 -33.94 14.84 37.55
CA THR B 473 -32.79 14.49 36.73
C THR B 473 -31.53 15.18 37.22
N SER B 474 -31.68 16.35 37.85
CA SER B 474 -30.55 17.02 38.47
C SER B 474 -29.95 16.19 39.60
N VAL B 475 -30.74 15.38 40.28
CA VAL B 475 -30.16 14.42 41.21
C VAL B 475 -29.45 13.32 40.45
N ILE B 476 -30.03 12.84 39.36
CA ILE B 476 -29.41 11.77 38.59
C ILE B 476 -28.14 12.26 37.92
N GLY B 477 -28.16 13.47 37.38
CA GLY B 477 -26.98 14.00 36.72
C GLY B 477 -25.87 14.32 37.70
N ALA B 478 -26.21 14.57 38.95
CA ALA B 478 -25.24 14.82 40.01
C ALA B 478 -24.48 13.55 40.39
N VAL B 479 -24.97 12.39 39.99
CA VAL B 479 -24.28 11.15 40.31
C VAL B 479 -23.00 11.04 39.51
N TYR B 480 -23.05 11.32 38.21
CA TYR B 480 -21.85 11.18 37.41
C TYR B 480 -20.89 12.35 37.60
N TYR B 481 -21.37 13.48 38.13
CA TYR B 481 -20.46 14.56 38.48
C TYR B 481 -19.66 14.23 39.72
N LEU B 482 -20.30 13.56 40.68
CA LEU B 482 -19.62 13.18 41.92
C LEU B 482 -18.61 12.08 41.67
N ASN B 483 -18.87 11.20 40.70
CA ASN B 483 -17.89 10.18 40.35
C ASN B 483 -16.58 10.80 39.88
N VAL B 484 -16.66 11.91 39.14
CA VAL B 484 -15.44 12.62 38.79
C VAL B 484 -14.76 13.19 40.04
N ILE B 485 -15.54 13.75 40.96
CA ILE B 485 -14.93 14.37 42.17
C ILE B 485 -14.32 13.27 43.03
N LYS B 486 -15.04 12.16 43.21
CA LYS B 486 -14.54 11.05 44.06
C LYS B 486 -13.25 10.51 43.45
N GLU B 487 -13.19 10.47 42.14
CA GLU B 487 -11.99 9.92 41.47
C GLU B 487 -10.80 10.84 41.68
N ILE B 488 -10.97 12.16 41.76
CA ILE B 488 -9.79 13.05 41.79
C ILE B 488 -9.30 13.09 43.24
N PHE B 489 -10.22 13.08 44.22
CA PHE B 489 -9.86 13.27 45.65
C PHE B 489 -9.88 12.01 46.53
N PHE B 490 -10.72 11.02 46.29
CA PHE B 490 -10.90 9.89 47.24
C PHE B 490 -9.81 8.82 47.12
N TYR B 491 -8.96 8.93 46.11
CA TYR B 491 -7.93 7.91 45.86
C TYR B 491 -6.53 8.50 45.69
N SER B 492 -5.51 7.66 45.66
CA SER B 492 -4.10 7.97 45.48
C SER B 492 -3.73 7.84 44.02
N PRO B 493 -2.83 8.68 43.55
CA PRO B 493 -2.57 8.76 42.12
C PRO B 493 -1.89 7.52 41.56
N GLU B 494 -2.09 7.25 40.28
CA GLU B 494 -1.35 6.13 39.65
C GLU B 494 -0.23 6.77 38.84
N HIS B 495 -0.03 8.07 39.06
CA HIS B 495 1.02 8.80 38.31
C HIS B 495 2.09 9.17 39.32
N GLU B 496 3.34 8.86 39.00
CA GLU B 496 4.47 9.15 39.92
C GLU B 496 5.34 10.20 39.25
N VAL B 497 6.09 10.98 40.01
CA VAL B 497 7.00 11.93 39.40
C VAL B 497 8.01 11.18 38.53
N ASN B 498 8.41 11.81 37.45
CA ASN B 498 9.48 11.28 36.63
C ASN B 498 10.75 11.20 37.46
N PRO B 499 11.38 10.04 37.57
CA PRO B 499 12.62 9.95 38.34
C PRO B 499 13.79 10.70 37.72
N VAL B 500 13.88 10.76 36.39
CA VAL B 500 15.03 11.44 35.79
C VAL B 500 14.99 12.95 35.99
N LEU B 501 13.81 13.57 35.95
CA LEU B 501 13.71 15.03 36.13
C LEU B 501 14.38 15.50 37.41
N ASN B 502 14.29 14.73 38.48
CA ASN B 502 15.02 14.99 39.72
C ASN B 502 15.99 13.83 39.92
N GLU B 503 17.19 13.96 39.35
CA GLU B 503 18.22 12.95 39.50
C GLU B 503 19.44 13.49 40.23
N SER B 504 19.38 14.76 40.65
CA SER B 504 20.54 15.42 41.31
C SER B 504 21.63 15.75 40.27
N ASP B 505 21.94 14.80 39.39
CA ASP B 505 22.93 15.04 38.31
C ASP B 505 22.25 15.67 37.10
N SER B 506 20.90 15.65 37.06
CA SER B 506 20.18 16.15 35.86
C SER B 506 19.74 17.60 36.09
N ASN B 507 20.40 18.54 35.42
CA ASN B 507 20.05 19.98 35.56
C ASN B 507 20.16 20.63 34.19
N PHE B 508 19.35 21.64 33.91
CA PHE B 508 19.50 22.40 32.65
C PHE B 508 20.01 23.80 32.99
N SER B 509 21.02 24.27 32.27
CA SER B 509 21.65 25.58 32.59
C SER B 509 20.84 26.72 31.98
N LEU B 510 20.43 27.69 32.81
CA LEU B 510 19.69 28.86 32.29
C LEU B 510 20.56 30.10 32.42
N ARG B 511 20.67 30.89 31.35
CA ARG B 511 21.55 32.07 31.37
C ARG B 511 20.73 33.35 31.47
N ILE B 512 21.06 34.22 32.41
CA ILE B 512 20.46 35.54 32.54
C ILE B 512 21.38 36.50 31.83
N LEU B 513 20.84 37.22 30.86
CA LEU B 513 21.61 38.18 30.10
C LEU B 513 21.19 39.57 30.55
N ASN B 514 21.66 40.60 29.87
CA ASN B 514 21.12 41.93 30.04
C ASN B 514 20.76 42.50 28.68
N GLU B 515 20.46 43.80 28.63
CA GLU B 515 19.99 44.43 27.41
C GLU B 515 21.01 44.30 26.30
N LYS B 516 22.28 44.58 26.58
CA LYS B 516 23.32 44.32 25.61
C LYS B 516 23.94 42.93 25.80
N ASN B 517 23.06 41.94 25.92
CA ASN B 517 23.39 40.52 25.77
C ASN B 517 24.70 40.12 26.43
N VAL B 518 24.89 40.55 27.68
CA VAL B 518 26.02 40.13 28.49
C VAL B 518 25.47 39.33 29.65
N LEU B 519 26.13 38.22 29.98
CA LEU B 519 25.69 37.41 31.09
C LEU B 519 25.57 38.23 32.36
N ILE B 520 24.40 38.17 32.99
CA ILE B 520 24.23 38.65 34.35
C ILE B 520 24.40 37.53 35.36
N ARG B 521 23.86 36.35 35.04
CA ARG B 521 23.98 35.20 35.90
C ARG B 521 23.72 33.93 35.10
N SER B 522 24.31 32.83 35.56
CA SER B 522 23.92 31.49 35.15
C SER B 522 23.21 30.84 36.33
N VAL B 523 22.28 29.94 36.04
CA VAL B 523 21.49 29.26 37.06
C VAL B 523 21.36 27.79 36.68
N LEU B 524 21.26 26.91 37.69
CA LEU B 524 21.08 25.47 37.41
C LEU B 524 19.62 25.13 37.77
N LEU B 525 18.89 24.52 36.83
CA LEU B 525 17.44 24.30 37.07
C LEU B 525 17.06 22.84 36.92
N LYS B 526 16.14 22.37 37.77
CA LYS B 526 15.64 21.00 37.60
C LYS B 526 14.18 21.05 37.12
N GLY B 527 13.54 19.89 36.96
CA GLY B 527 12.14 19.83 36.59
C GLY B 527 11.21 20.51 37.57
N ARG B 528 11.69 20.77 38.78
CA ARG B 528 10.95 21.55 39.76
C ARG B 528 10.80 23.02 39.37
N ASN B 529 11.52 23.48 38.35
CA ASN B 529 11.46 24.86 37.92
C ASN B 529 10.62 25.05 36.68
N ILE B 530 9.83 24.05 36.31
CA ILE B 530 8.95 24.07 35.16
C ILE B 530 7.52 24.11 35.68
N PHE B 531 6.73 25.06 35.20
CA PHE B 531 5.39 25.31 35.70
C PHE B 531 4.41 25.38 34.54
N ILE B 532 3.13 25.59 34.87
CA ILE B 532 2.13 25.97 33.88
C ILE B 532 2.37 27.42 33.47
N SER B 533 2.10 27.72 32.20
CA SER B 533 2.16 29.08 31.69
C SER B 533 1.08 29.99 32.28
N SER B 534 1.44 31.25 32.44
CA SER B 534 0.54 32.21 33.09
C SER B 534 -0.79 32.42 32.39
N PRO B 535 -0.90 32.52 31.03
CA PRO B 535 -2.20 32.68 30.41
C PRO B 535 -3.24 31.62 30.83
N PHE B 536 -2.85 30.36 30.97
CA PHE B 536 -3.74 29.27 31.41
C PHE B 536 -4.10 29.34 32.90
N SER B 537 -3.15 29.69 33.76
CA SER B 537 -3.36 29.69 35.22
C SER B 537 -4.26 30.85 35.60
N ILE B 538 -4.02 32.00 34.98
CA ILE B 538 -4.79 33.20 35.26
C ILE B 538 -6.22 33.07 34.76
N THR B 539 -6.39 32.49 33.57
CA THR B 539 -7.74 32.31 33.04
C THR B 539 -8.55 31.37 33.92
N ILE B 540 -7.94 30.30 34.40
CA ILE B 540 -8.64 29.36 35.27
C ILE B 540 -9.05 30.03 36.57
N SER B 541 -8.15 30.84 37.14
CA SER B 541 -8.45 31.44 38.42
C SER B 541 -9.49 32.55 38.33
N ILE B 542 -9.63 33.17 37.16
CA ILE B 542 -10.60 34.30 37.02
C ILE B 542 -12.00 33.70 36.96
N ILE B 543 -12.14 32.54 36.34
CA ILE B 543 -13.50 31.94 36.16
C ILE B 543 -13.88 31.16 37.41
N THR B 544 -12.92 30.46 38.04
CA THR B 544 -13.24 29.73 39.27
C THR B 544 -13.72 30.75 40.31
N ASN B 545 -13.06 31.90 40.39
CA ASN B 545 -13.44 32.99 41.33
C ASN B 545 -14.80 33.59 40.99
N VAL B 546 -15.11 33.77 39.71
CA VAL B 546 -16.47 34.28 39.31
C VAL B 546 -17.55 33.28 39.76
N ILE B 547 -17.33 31.98 39.56
CA ILE B 547 -18.30 30.95 40.01
C ILE B 547 -18.43 30.99 41.53
N LEU B 548 -17.33 31.12 42.24
CA LEU B 548 -17.36 31.07 43.73
C LEU B 548 -17.80 32.39 44.35
N LEU B 549 -17.62 33.54 43.69
CA LEU B 549 -17.91 34.84 44.35
C LEU B 549 -19.05 35.62 43.70
N PHE B 550 -19.91 34.97 42.92
CA PHE B 550 -21.03 35.64 42.19
C PHE B 550 -22.01 36.31 43.16
N ILE B 551 -22.25 35.72 44.33
CA ILE B 551 -23.26 36.25 45.28
C ILE B 551 -22.84 37.65 45.77
N PHE B 552 -21.58 38.03 45.61
CA PHE B 552 -21.07 39.36 46.02
C PHE B 552 -20.90 40.28 44.81
N MET B 553 -21.22 39.83 43.59
CA MET B 553 -20.94 40.63 42.37
C MET B 553 -22.01 40.36 41.32
N ASN B 554 -23.27 40.35 41.73
CA ASN B 554 -24.39 39.96 40.83
C ASN B 554 -25.17 41.14 40.22
N LYS B 555 -25.02 42.37 40.71
CA LYS B 555 -25.92 43.44 40.19
C LYS B 555 -25.76 43.78 38.70
N GLU B 556 -24.55 43.99 38.18
CA GLU B 556 -24.40 44.43 36.77
C GLU B 556 -24.80 43.33 35.78
N TRP B 557 -24.43 42.09 36.04
CA TRP B 557 -24.70 40.95 35.14
C TRP B 557 -26.22 40.71 35.05
N LEU B 558 -26.91 40.60 36.18
CA LEU B 558 -28.36 40.32 36.16
C LEU B 558 -29.16 41.53 35.67
N SER B 559 -28.73 42.74 36.03
CA SER B 559 -29.41 44.00 35.59
C SER B 559 -29.34 44.16 34.07
N MET B 560 -28.23 43.75 33.45
CA MET B 560 -28.09 43.82 31.98
C MET B 560 -29.18 42.97 31.36
N GLY B 561 -29.41 41.77 31.91
CA GLY B 561 -30.47 40.88 31.39
C GLY B 561 -31.86 41.46 31.62
N THR B 562 -32.11 42.05 32.78
CA THR B 562 -33.44 42.63 33.09
C THR B 562 -33.73 43.78 32.10
N ILE B 563 -32.74 44.61 31.79
CA ILE B 563 -32.92 45.72 30.80
C ILE B 563 -33.10 45.10 29.41
N LEU B 564 -32.32 44.08 29.07
CA LEU B 564 -32.42 43.54 27.72
C LEU B 564 -33.81 42.96 27.48
N VAL B 565 -34.38 42.29 28.47
CA VAL B 565 -35.69 41.66 28.19
C VAL B 565 -36.77 42.74 28.33
N GLN B 566 -36.48 43.84 29.02
CA GLN B 566 -37.44 44.96 29.16
C GLN B 566 -37.69 45.60 27.80
N ILE B 567 -36.71 45.58 26.91
CA ILE B 567 -36.83 46.19 25.57
C ILE B 567 -37.52 45.18 24.64
N LEU B 568 -37.05 43.94 24.60
CA LEU B 568 -37.66 42.90 23.72
C LEU B 568 -39.16 42.80 23.98
N PHE B 569 -39.60 42.99 25.23
CA PHE B 569 -41.04 42.86 25.61
C PHE B 569 -41.71 44.23 25.67
N SER B 570 -40.94 45.32 25.54
CA SER B 570 -41.45 46.71 25.72
C SER B 570 -42.56 47.04 24.75
N ALA B 571 -43.46 47.94 25.15
CA ALA B 571 -44.64 48.25 24.33
C ALA B 571 -45.41 46.94 24.16
N MET C 1 -43.75 22.38 -35.48
CA MET C 1 -43.00 22.30 -34.23
C MET C 1 -41.88 23.32 -34.22
N SER C 2 -41.21 23.44 -33.08
CA SER C 2 -40.07 24.34 -32.96
C SER C 2 -38.90 23.81 -33.78
N ALA C 3 -37.90 24.67 -34.00
CA ALA C 3 -36.72 24.24 -34.77
C ALA C 3 -35.74 23.47 -33.88
N MET C 4 -35.62 23.85 -32.60
CA MET C 4 -34.61 23.20 -31.73
C MET C 4 -34.97 21.73 -31.57
N SER C 5 -36.26 21.42 -31.47
CA SER C 5 -36.70 20.01 -31.33
C SER C 5 -36.31 19.21 -32.58
N ILE C 6 -36.68 19.66 -33.77
CA ILE C 6 -36.41 18.90 -35.03
C ILE C 6 -34.90 18.70 -35.18
N TYR C 7 -34.11 19.70 -34.79
CA TYR C 7 -32.62 19.60 -34.85
C TYR C 7 -32.08 18.46 -33.97
N ILE C 8 -32.52 18.31 -32.72
CA ILE C 8 -31.92 17.23 -31.89
C ILE C 8 -32.33 15.88 -32.47
N ILE C 9 -33.60 15.75 -32.86
CA ILE C 9 -34.10 14.45 -33.39
C ILE C 9 -33.28 14.11 -34.64
N PHE C 10 -33.04 15.08 -35.52
CA PHE C 10 -32.28 14.84 -36.76
C PHE C 10 -30.90 14.27 -36.40
N VAL C 11 -30.20 14.95 -35.50
CA VAL C 11 -28.82 14.51 -35.12
C VAL C 11 -28.99 13.11 -34.53
N SER C 12 -30.05 12.90 -33.75
CA SER C 12 -30.27 11.59 -33.10
C SER C 12 -30.43 10.52 -34.17
N ILE C 13 -31.17 10.81 -35.24
CA ILE C 13 -31.33 9.85 -36.36
C ILE C 13 -29.95 9.54 -36.96
N ILE C 14 -29.14 10.56 -37.23
CA ILE C 14 -27.82 10.33 -37.89
C ILE C 14 -26.97 9.49 -36.96
N ALA C 15 -27.02 9.78 -35.66
CA ALA C 15 -26.18 9.05 -34.70
C ALA C 15 -26.64 7.60 -34.63
N ILE C 16 -27.94 7.37 -34.76
CA ILE C 16 -28.39 5.97 -34.80
C ILE C 16 -27.93 5.29 -36.08
N LEU C 17 -28.02 5.98 -37.22
CA LEU C 17 -27.72 5.32 -38.50
C LEU C 17 -26.30 4.78 -38.54
N PHE C 18 -25.32 5.57 -38.07
CA PHE C 18 -23.95 5.06 -38.03
C PHE C 18 -23.82 3.83 -37.14
N LEU C 19 -24.67 3.70 -36.12
CA LEU C 19 -24.76 2.43 -35.43
C LEU C 19 -25.29 1.34 -36.34
N ALA C 20 -26.30 1.64 -37.15
CA ALA C 20 -26.93 0.63 -37.98
C ALA C 20 -25.95 0.04 -38.99
N ILE C 21 -25.19 0.88 -39.70
CA ILE C 21 -24.19 0.36 -40.62
C ILE C 21 -23.20 -0.53 -39.89
N ASP C 22 -22.73 -0.10 -38.72
CA ASP C 22 -21.84 -0.93 -37.92
C ASP C 22 -22.50 -2.24 -37.51
N LEU C 23 -23.70 -2.17 -36.94
CA LEU C 23 -24.31 -3.39 -36.43
C LEU C 23 -24.87 -4.27 -37.56
N ILE C 24 -25.28 -3.67 -38.67
CA ILE C 24 -25.74 -4.46 -39.81
C ILE C 24 -24.55 -5.03 -40.58
N PHE C 25 -23.61 -4.17 -40.97
CA PHE C 25 -22.65 -4.52 -42.01
C PHE C 25 -21.31 -5.01 -41.50
N ALA C 26 -20.85 -4.50 -40.35
CA ALA C 26 -19.60 -4.97 -39.80
C ALA C 26 -19.76 -6.39 -39.29
N PRO C 27 -18.74 -7.23 -39.44
CA PRO C 27 -18.83 -8.58 -38.90
C PRO C 27 -18.86 -8.57 -37.37
N HIS C 28 -19.43 -9.63 -36.82
CA HIS C 28 -19.68 -9.73 -35.38
C HIS C 28 -19.30 -11.12 -34.89
N ASN C 29 -18.08 -11.27 -34.40
CA ASN C 29 -17.69 -12.53 -33.79
C ASN C 29 -18.30 -12.66 -32.41
N PRO C 30 -19.00 -13.76 -32.11
CA PRO C 30 -19.63 -13.89 -30.79
C PRO C 30 -18.62 -13.85 -29.64
N TYR C 31 -17.42 -14.38 -29.85
CA TYR C 31 -16.45 -14.46 -28.78
C TYR C 31 -16.02 -13.07 -28.34
N LYS C 32 -16.45 -12.68 -27.14
CA LYS C 32 -16.11 -11.38 -26.57
C LYS C 32 -14.97 -11.47 -25.57
N GLU C 33 -14.31 -12.62 -25.48
CA GLU C 33 -13.22 -12.80 -24.53
C GLU C 33 -11.97 -12.04 -24.97
N GLN C 47 -6.52 -6.07 -10.03
CA GLN C 47 -6.65 -6.38 -8.62
C GLN C 47 -5.39 -5.95 -7.87
N SER C 48 -5.28 -4.65 -7.60
CA SER C 48 -4.16 -4.12 -6.85
C SER C 48 -4.55 -2.75 -6.29
N ARG C 49 -3.80 -2.31 -5.28
CA ARG C 49 -4.05 -1.02 -4.65
C ARG C 49 -2.83 -0.14 -4.82
N SER C 50 -3.05 1.09 -5.28
CA SER C 50 -2.00 2.09 -5.24
C SER C 50 -2.67 3.38 -4.81
N PRO C 51 -2.00 4.17 -3.99
CA PRO C 51 -2.57 5.47 -3.60
C PRO C 51 -2.79 6.34 -4.82
N PHE C 52 -3.88 7.09 -4.81
CA PHE C 52 -4.10 8.08 -5.85
C PHE C 52 -3.53 9.41 -5.41
N ASN C 53 -3.08 10.18 -6.38
CA ASN C 53 -2.45 11.47 -6.11
C ASN C 53 -3.50 12.49 -5.71
N ILE C 54 -3.16 13.34 -4.75
CA ILE C 54 -4.15 14.28 -4.25
C ILE C 54 -4.43 15.39 -5.25
N SER C 55 -3.55 15.60 -6.22
CA SER C 55 -3.71 16.71 -7.14
C SER C 55 -4.93 16.55 -8.02
N PHE C 56 -5.38 15.32 -8.25
CA PHE C 56 -6.64 15.11 -8.96
C PHE C 56 -7.80 15.74 -8.22
N PHE C 57 -7.82 15.61 -6.89
CA PHE C 57 -8.87 16.25 -6.12
C PHE C 57 -8.78 17.76 -6.23
N ILE C 58 -7.57 18.31 -6.21
CA ILE C 58 -7.41 19.75 -6.22
C ILE C 58 -7.84 20.34 -7.55
N TYR C 59 -7.61 19.63 -8.65
CA TYR C 59 -8.05 20.11 -9.95
C TYR C 59 -9.56 20.28 -9.98
N GLY C 60 -10.31 19.29 -9.48
CA GLY C 60 -11.75 19.39 -9.48
C GLY C 60 -12.28 20.45 -8.53
N LEU C 61 -11.62 20.60 -7.39
CA LEU C 61 -12.08 21.55 -6.38
C LEU C 61 -11.83 22.99 -6.79
N VAL C 62 -10.63 23.28 -7.27
CA VAL C 62 -10.34 24.66 -7.63
C VAL C 62 -11.16 25.07 -8.83
N PHE C 63 -11.41 24.13 -9.74
CA PHE C 63 -12.36 24.37 -10.81
C PHE C 63 -13.75 24.63 -10.26
N LEU C 64 -14.23 23.74 -9.39
CA LEU C 64 -15.59 23.82 -8.90
C LEU C 64 -15.87 25.16 -8.24
N LEU C 65 -14.90 25.72 -7.54
CA LEU C 65 -15.14 26.95 -6.83
C LEU C 65 -15.02 28.15 -7.75
N LEU C 66 -13.92 28.25 -8.50
CA LEU C 66 -13.76 29.33 -9.46
C LEU C 66 -14.85 29.32 -10.53
N ASP C 67 -15.28 28.14 -10.97
CA ASP C 67 -16.35 28.05 -11.96
C ASP C 67 -17.67 28.55 -11.41
N LEU C 68 -17.95 28.28 -10.13
CA LEU C 68 -19.08 28.91 -9.46
C LEU C 68 -18.89 30.42 -9.30
N GLU C 69 -17.65 30.87 -9.16
CA GLU C 69 -17.38 32.29 -8.94
C GLU C 69 -17.56 33.10 -10.21
N ILE C 70 -17.02 32.62 -11.34
CA ILE C 70 -17.23 33.29 -12.63
C ILE C 70 -18.70 33.25 -13.02
N LEU C 71 -19.40 32.17 -12.68
CA LEU C 71 -20.83 32.09 -12.96
C LEU C 71 -21.58 33.25 -12.30
N LEU C 72 -21.19 33.60 -11.08
CA LEU C 72 -21.83 34.68 -10.35
C LEU C 72 -21.55 36.06 -10.93
N LEU C 73 -20.59 36.18 -11.84
CA LEU C 73 -20.27 37.44 -12.50
C LEU C 73 -20.96 37.63 -13.84
N TYR C 74 -21.40 36.56 -14.49
CA TYR C 74 -22.10 36.70 -15.76
C TYR C 74 -23.34 37.56 -15.67
N PRO C 75 -24.16 37.51 -14.60
CA PRO C 75 -25.25 38.47 -14.49
C PRO C 75 -24.80 39.91 -14.47
N PHE C 76 -23.62 40.19 -13.92
CA PHE C 76 -23.14 41.58 -13.90
C PHE C 76 -22.89 42.09 -15.31
N ALA C 77 -22.31 41.26 -16.18
CA ALA C 77 -21.91 41.71 -17.53
C ALA C 77 -23.13 42.01 -18.42
N VAL C 78 -24.30 41.46 -18.08
CA VAL C 78 -25.52 41.68 -18.87
C VAL C 78 -26.44 42.63 -18.10
N SER C 79 -25.93 43.27 -17.05
CA SER C 79 -26.73 44.24 -16.26
C SER C 79 -25.90 45.48 -15.93
N GLU C 80 -24.78 45.69 -16.62
CA GLU C 80 -23.83 46.80 -16.32
C GLU C 80 -24.43 48.20 -16.35
N TYR C 81 -25.25 48.52 -17.36
CA TYR C 81 -25.76 49.91 -17.51
C TYR C 81 -26.57 50.33 -16.29
N VAL C 82 -27.49 49.47 -15.83
CA VAL C 82 -28.28 49.78 -14.60
C VAL C 82 -27.37 49.75 -13.37
N ASN C 83 -26.47 48.76 -13.28
CA ASN C 83 -25.66 48.60 -12.06
C ASN C 83 -24.81 49.86 -11.89
N SER C 84 -24.19 50.33 -12.97
CA SER C 84 -23.40 51.59 -12.96
C SER C 84 -22.30 51.55 -11.90
N ALA C 85 -22.04 52.68 -11.25
CA ALA C 85 -20.95 52.79 -10.26
C ALA C 85 -21.20 51.92 -9.03
N TYR C 86 -22.42 51.93 -8.50
CA TYR C 86 -22.71 51.18 -7.24
C TYR C 86 -22.55 49.68 -7.49
N GLY C 87 -23.08 49.19 -8.61
CA GLY C 87 -22.94 47.77 -8.96
C GLY C 87 -21.49 47.41 -9.20
N LEU C 88 -20.75 48.29 -9.86
CA LEU C 88 -19.32 48.05 -10.13
C LEU C 88 -18.60 47.88 -8.80
N ALA C 89 -18.84 48.79 -7.84
CA ALA C 89 -18.11 48.71 -6.59
C ALA C 89 -18.37 47.39 -5.88
N ALA C 90 -19.62 46.93 -5.87
CA ALA C 90 -19.94 45.67 -5.22
C ALA C 90 -19.27 44.51 -5.92
N ALA C 91 -19.31 44.52 -7.26
CA ALA C 91 -18.68 43.46 -8.04
C ALA C 91 -17.17 43.49 -7.89
N LEU C 92 -16.59 44.69 -7.78
CA LEU C 92 -15.16 44.79 -7.49
C LEU C 92 -14.82 44.18 -6.15
N ILE C 93 -15.66 44.42 -5.15
CA ILE C 93 -15.47 43.79 -3.85
C ILE C 93 -15.62 42.29 -3.96
N PHE C 94 -16.60 41.81 -4.72
CA PHE C 94 -16.76 40.37 -4.88
C PHE C 94 -15.60 39.77 -5.67
N ILE C 95 -15.11 40.48 -6.69
CA ILE C 95 -13.95 40.02 -7.43
C ILE C 95 -12.72 40.00 -6.53
N GLY C 96 -12.59 41.00 -5.66
CA GLY C 96 -11.43 41.07 -4.79
C GLY C 96 -11.36 39.95 -3.77
N ILE C 97 -12.50 39.57 -3.20
CA ILE C 97 -12.50 38.50 -2.20
C ILE C 97 -12.09 37.16 -2.84
N ILE C 98 -12.65 36.85 -4.01
CA ILE C 98 -12.36 35.55 -4.61
C ILE C 98 -10.99 35.54 -5.24
N THR C 99 -10.39 36.71 -5.43
CA THR C 99 -9.01 36.79 -5.87
C THR C 99 -8.04 36.46 -4.75
N ILE C 100 -8.32 36.92 -3.53
CA ILE C 100 -7.45 36.64 -2.41
C ILE C 100 -7.38 35.14 -2.15
N GLY C 101 -8.49 34.43 -2.30
CA GLY C 101 -8.44 33.00 -2.15
C GLY C 101 -7.70 32.30 -3.27
N PHE C 102 -7.59 32.94 -4.42
CA PHE C 102 -6.78 32.44 -5.51
C PHE C 102 -5.29 32.65 -5.28
N VAL C 103 -4.89 33.72 -4.61
CA VAL C 103 -3.47 33.89 -4.30
C VAL C 103 -3.03 32.97 -3.17
N TYR C 104 -4.00 32.39 -2.47
CA TYR C 104 -3.69 31.40 -1.43
C TYR C 104 -3.27 30.08 -2.04
N GLU C 105 -3.97 29.61 -3.06
CA GLU C 105 -3.53 28.40 -3.74
C GLU C 105 -2.32 28.65 -4.63
N LEU C 106 -2.15 29.87 -5.13
CA LEU C 106 -0.91 30.21 -5.80
C LEU C 106 0.24 30.22 -4.81
N GLY C 107 -0.02 30.69 -3.59
CA GLY C 107 1.03 30.81 -2.61
C GLY C 107 1.43 29.49 -1.98
N HIS C 108 0.59 28.48 -2.13
CA HIS C 108 0.84 27.21 -1.47
C HIS C 108 1.09 26.06 -2.44
N ASP C 109 1.00 26.30 -3.74
CA ASP C 109 1.09 25.24 -4.73
C ASP C 109 0.13 24.11 -4.40
N ALA C 110 -1.12 24.47 -4.11
CA ALA C 110 -2.09 23.42 -3.82
C ALA C 110 -2.30 22.54 -5.04
N LEU C 111 -2.26 23.14 -6.22
CA LEU C 111 -2.35 22.39 -7.45
C LEU C 111 -1.15 21.46 -7.58
N LYS C 112 -0.12 21.70 -6.76
CA LYS C 112 1.09 20.89 -6.72
C LYS C 112 1.66 20.75 -8.12
N VAL C 113 1.74 21.89 -8.79
CA VAL C 113 2.23 21.98 -10.14
C VAL C 113 3.70 22.39 -10.16
N HIS C 114 4.09 23.29 -9.27
CA HIS C 114 5.48 23.72 -9.15
C HIS C 114 6.26 22.67 -8.38
N SER C 115 7.48 23.00 -7.97
CA SER C 115 8.34 22.11 -7.20
C SER C 115 8.60 20.81 -7.98
N ARG C 116 9.27 20.97 -9.11
CA ARG C 116 9.60 19.81 -9.95
C ARG C 116 11.09 19.78 -10.27
N LEU C 124 26.43 21.49 -5.32
CA LEU C 124 26.05 22.11 -4.05
C LEU C 124 27.26 22.27 -3.15
N LYS C 125 27.41 23.45 -2.55
CA LYS C 125 28.54 23.72 -1.69
C LYS C 125 28.53 22.79 -0.49
N SER C 126 29.72 22.37 -0.07
CA SER C 126 29.89 21.41 1.01
C SER C 126 30.09 22.14 2.33
N SER C 127 29.43 21.65 3.38
CA SER C 127 29.54 22.28 4.69
C SER C 127 30.87 21.94 5.36
N VAL C 128 31.54 20.89 4.91
CA VAL C 128 32.76 20.42 5.57
C VAL C 128 33.92 21.30 5.12
N VAL C 129 34.49 22.05 6.06
CA VAL C 129 35.56 23.00 5.78
C VAL C 129 36.74 22.67 6.68
N ILE C 130 37.90 22.43 6.09
CA ILE C 130 39.08 22.01 6.83
C ILE C 130 40.04 23.16 6.94
N SER C 131 40.73 23.22 8.08
CA SER C 131 41.71 24.24 8.38
C SER C 131 43.01 23.57 8.72
N TYR C 132 44.12 24.14 8.25
CA TYR C 132 45.43 23.59 8.53
C TYR C 132 46.11 24.43 9.60
N LEU C 133 46.61 23.77 10.64
CA LEU C 133 47.24 24.44 11.75
C LEU C 133 48.74 24.20 11.84
N GLY C 134 49.25 23.15 11.24
CA GLY C 134 50.66 22.86 11.26
C GLY C 134 51.03 21.73 12.19
N ASN C 135 52.31 21.67 12.48
CA ASN C 135 52.87 20.64 13.34
C ASN C 135 52.42 20.87 14.79
N ILE C 136 52.60 19.84 15.60
CA ILE C 136 52.28 19.93 17.02
C ILE C 136 53.39 20.66 17.77
N MET D 1 -18.68 47.97 60.42
CA MET D 1 -19.29 46.71 60.00
C MET D 1 -20.06 46.09 61.17
N SER D 2 -21.06 45.28 60.86
CA SER D 2 -21.87 44.64 61.89
C SER D 2 -21.06 43.59 62.64
N LEU D 3 -21.48 43.33 63.86
CA LEU D 3 -20.80 42.35 64.68
C LEU D 3 -21.16 40.93 64.30
N LEU D 4 -22.22 40.75 63.52
CA LEU D 4 -22.59 39.44 63.04
C LEU D 4 -21.78 39.02 61.83
N TYR D 5 -21.16 39.96 61.13
CA TYR D 5 -20.22 39.63 60.07
C TYR D 5 -18.87 39.21 60.62
N VAL D 6 -18.52 39.65 61.82
CA VAL D 6 -17.27 39.24 62.44
C VAL D 6 -17.28 37.74 62.73
N LEU D 7 -18.45 37.18 63.08
CA LEU D 7 -18.56 35.74 63.22
C LEU D 7 -18.23 35.03 61.91
N LEU D 8 -18.64 35.59 60.79
CA LEU D 8 -18.37 34.97 59.51
C LEU D 8 -16.93 35.12 59.08
N ILE D 9 -16.34 36.31 59.26
CA ILE D 9 -15.02 36.57 58.66
C ILE D 9 -13.89 35.87 59.40
N ILE D 10 -14.00 35.64 60.70
CA ILE D 10 -12.89 35.05 61.45
C ILE D 10 -12.50 33.68 60.91
N PRO D 11 -13.42 32.73 60.71
CA PRO D 11 -12.99 31.46 60.12
C PRO D 11 -12.43 31.63 58.73
N ILE D 12 -12.86 32.66 58.01
CA ILE D 12 -12.33 32.95 56.70
C ILE D 12 -10.90 33.43 56.80
N ILE D 13 -10.62 34.30 57.78
CA ILE D 13 -9.27 34.73 58.06
C ILE D 13 -8.40 33.55 58.50
N GLY D 14 -8.98 32.63 59.26
CA GLY D 14 -8.21 31.48 59.70
C GLY D 14 -7.83 30.54 58.58
N ILE D 15 -8.72 30.35 57.61
CA ILE D 15 -8.36 29.55 56.41
C ILE D 15 -7.19 30.22 55.69
N PHE D 16 -7.23 31.55 55.58
CA PHE D 16 -6.15 32.28 54.86
C PHE D 16 -4.81 32.06 55.55
N LEU D 17 -4.80 32.14 56.87
CA LEU D 17 -3.55 31.99 57.65
C LEU D 17 -2.95 30.59 57.55
N ILE D 18 -3.80 29.55 57.59
CA ILE D 18 -3.31 28.15 57.45
C ILE D 18 -2.65 28.00 56.09
N SER D 19 -3.21 28.59 55.03
CA SER D 19 -2.66 28.45 53.66
C SER D 19 -1.49 29.39 53.38
N THR D 20 -1.21 30.37 54.24
CA THR D 20 -0.11 31.32 53.94
C THR D 20 0.97 31.33 55.03
N ILE D 21 1.11 30.29 55.84
CA ILE D 21 2.19 30.27 56.87
C ILE D 21 3.35 29.44 56.31
N ASP D 22 3.04 28.31 55.71
CA ASP D 22 4.05 27.52 55.01
C ASP D 22 4.84 28.34 54.00
N SER D 23 4.31 29.49 53.56
CA SER D 23 5.07 30.39 52.69
C SER D 23 6.03 31.27 53.47
N PHE D 24 5.94 31.31 54.79
CA PHE D 24 6.89 32.03 55.62
C PHE D 24 7.82 31.11 56.37
N TYR D 25 7.95 29.86 55.93
CA TYR D 25 8.75 28.89 56.66
C TYR D 25 9.42 27.89 55.72
N PHE D 69 8.21 24.03 54.94
CA PHE D 69 8.07 22.72 55.58
C PHE D 69 7.62 22.89 57.03
N PHE D 70 6.63 23.75 57.24
CA PHE D 70 6.16 24.03 58.60
C PHE D 70 5.48 22.80 59.19
N ASN D 71 5.48 22.74 60.52
CA ASN D 71 4.90 21.62 61.22
C ASN D 71 3.37 21.65 61.09
N VAL D 72 2.78 20.46 61.21
CA VAL D 72 1.32 20.38 61.26
C VAL D 72 0.78 20.80 62.61
N SER D 73 1.61 20.78 63.65
CA SER D 73 1.15 21.22 64.96
C SER D 73 0.76 22.69 64.93
N TYR D 74 1.48 23.48 64.16
CA TYR D 74 1.17 24.89 64.06
C TYR D 74 -0.01 25.15 63.13
N TYR D 75 -0.34 24.20 62.26
CA TYR D 75 -1.59 24.25 61.51
C TYR D 75 -2.78 24.09 62.43
N LYS D 76 -2.66 23.18 63.40
CA LYS D 76 -3.77 22.85 64.29
C LYS D 76 -4.01 23.94 65.29
N LYS D 77 -2.95 24.59 65.76
CA LYS D 77 -3.10 25.63 66.77
C LYS D 77 -3.82 26.84 66.20
N ILE D 78 -3.53 27.18 64.94
CA ILE D 78 -4.18 28.33 64.33
C ILE D 78 -5.66 28.09 64.19
N ALA D 79 -6.04 26.89 63.74
CA ALA D 79 -7.46 26.61 63.53
C ALA D 79 -8.20 26.59 64.86
N LEU D 80 -7.56 26.10 65.91
CA LEU D 80 -8.25 26.03 67.19
C LEU D 80 -8.35 27.40 67.86
N ILE D 81 -7.30 28.22 67.76
CA ILE D 81 -7.39 29.57 68.28
C ILE D 81 -8.50 30.34 67.56
N THR D 82 -8.64 30.12 66.26
CA THR D 82 -9.58 30.92 65.50
C THR D 82 -11.03 30.46 65.72
N THR D 83 -11.24 29.28 66.28
CA THR D 83 -12.57 28.88 66.72
C THR D 83 -12.83 29.30 68.17
N ILE D 84 -11.78 29.55 68.94
CA ILE D 84 -11.94 30.17 70.24
C ILE D 84 -12.44 31.60 70.10
N LEU D 85 -11.91 32.34 69.14
CA LEU D 85 -12.31 33.72 68.95
C LEU D 85 -13.77 33.84 68.56
N ASN D 86 -14.25 32.95 67.68
CA ASN D 86 -15.66 32.95 67.34
C ASN D 86 -16.53 32.72 68.57
N LEU D 87 -16.09 31.81 69.44
CA LEU D 87 -16.80 31.59 70.69
C LEU D 87 -16.73 32.81 71.59
N ILE D 88 -15.58 33.49 71.62
CA ILE D 88 -15.46 34.70 72.42
C ILE D 88 -16.41 35.76 71.92
N VAL D 89 -16.43 35.99 70.61
CA VAL D 89 -17.33 36.98 70.02
C VAL D 89 -18.77 36.61 70.27
N SER D 90 -19.11 35.32 70.11
CA SER D 90 -20.50 34.91 70.20
C SER D 90 -21.05 35.12 71.60
N LEU D 91 -20.20 35.02 72.62
CA LEU D 91 -20.64 35.34 73.98
C LEU D 91 -20.74 36.84 74.19
N ILE D 92 -19.94 37.62 73.48
CA ILE D 92 -20.11 39.07 73.50
C ILE D 92 -21.45 39.46 72.89
N ILE D 93 -21.82 38.81 71.78
CA ILE D 93 -23.13 39.03 71.20
C ILE D 93 -24.23 38.65 72.17
N TYR D 94 -24.00 37.61 72.97
CA TYR D 94 -25.07 37.14 73.85
C TYR D 94 -25.25 38.04 75.07
N ILE D 95 -24.17 38.69 75.54
CA ILE D 95 -24.30 39.65 76.64
C ILE D 95 -25.10 40.86 76.20
N LEU D 96 -24.95 41.27 74.94
CA LEU D 96 -25.60 42.46 74.44
C LEU D 96 -26.97 42.19 73.87
N PHE D 97 -27.43 40.94 73.94
CA PHE D 97 -28.72 40.58 73.41
C PHE D 97 -29.83 41.18 74.27
N ASP D 98 -31.02 41.32 73.68
CA ASP D 98 -32.19 41.84 74.35
C ASP D 98 -33.26 40.75 74.36
N PHE D 99 -33.54 40.19 75.52
CA PHE D 99 -34.32 38.98 75.62
C PHE D 99 -35.79 39.15 75.29
N SER D 100 -36.31 40.37 75.18
CA SER D 100 -37.73 40.58 74.88
C SER D 100 -37.90 41.73 73.89
N ASN D 101 -37.23 41.63 72.75
CA ASN D 101 -37.31 42.60 71.67
C ASN D 101 -37.85 41.90 70.44
N ASN D 102 -38.85 42.47 69.78
CA ASN D 102 -39.50 41.77 68.63
C ASN D 102 -38.92 42.28 67.32
N GLN D 103 -37.81 43.01 67.39
CA GLN D 103 -37.13 43.47 66.15
C GLN D 103 -35.84 42.67 66.03
N PHE D 104 -35.37 42.42 64.81
CA PHE D 104 -34.07 41.73 64.64
C PHE D 104 -32.97 42.62 65.23
N GLN D 105 -31.94 42.01 65.80
CA GLN D 105 -30.90 42.76 66.51
C GLN D 105 -29.56 42.57 65.82
N PHE D 106 -28.61 43.49 66.02
CA PHE D 106 -27.24 43.44 65.43
C PHE D 106 -27.32 43.51 63.91
N ILE D 107 -28.34 44.20 63.40
CA ILE D 107 -28.52 44.34 61.93
C ILE D 107 -27.71 45.53 61.43
N GLN D 108 -27.32 45.49 60.16
CA GLN D 108 -26.61 46.63 59.56
C GLN D 108 -27.50 47.16 58.44
N GLU D 109 -27.68 48.47 58.36
CA GLU D 109 -28.57 49.04 57.32
C GLU D 109 -27.79 49.04 56.01
N ASN D 110 -28.27 48.29 55.03
CA ASN D 110 -27.57 48.14 53.76
C ASN D 110 -27.95 49.23 52.75
N LEU D 111 -29.26 49.42 52.54
CA LEU D 111 -29.81 50.44 51.63
C LEU D 111 -29.08 50.48 50.28
N ASP D 112 -28.47 49.38 49.87
CA ASP D 112 -27.84 49.25 48.55
C ASP D 112 -28.37 47.95 47.97
N LEU D 113 -29.57 47.91 47.56
CA LEU D 113 -30.24 46.63 47.18
C LEU D 113 -29.71 46.03 45.88
N SER D 114 -29.62 44.80 45.77
CA SER D 114 -29.21 43.97 44.67
C SER D 114 -30.22 42.84 44.55
N PHE D 115 -29.83 41.79 43.86
CA PHE D 115 -30.70 40.63 43.72
C PHE D 115 -30.52 39.67 44.88
N TYR D 116 -29.28 39.31 45.20
CA TYR D 116 -28.97 38.47 46.34
C TYR D 116 -28.04 39.23 47.28
N ASP D 117 -28.62 39.75 48.36
CA ASP D 117 -27.88 40.48 49.39
C ASP D 117 -27.94 39.74 50.71
N ILE D 118 -26.80 39.62 51.36
CA ILE D 118 -26.72 39.07 52.71
C ILE D 118 -27.32 40.04 53.71
N TYR D 119 -28.30 39.57 54.46
CA TYR D 119 -28.87 40.29 55.58
C TYR D 119 -28.66 39.45 56.83
N LEU D 120 -27.92 39.99 57.80
CA LEU D 120 -27.58 39.24 59.03
C LEU D 120 -28.29 39.81 60.26
N GLY D 121 -29.30 39.12 60.80
CA GLY D 121 -29.93 39.52 62.07
C GLY D 121 -29.94 38.39 63.09
N VAL D 122 -29.91 38.71 64.37
CA VAL D 122 -29.96 37.70 65.42
C VAL D 122 -31.26 37.86 66.18
N ASP D 123 -31.89 36.74 66.50
CA ASP D 123 -33.14 36.76 67.21
C ASP D 123 -33.08 35.74 68.33
N GLY D 124 -33.93 35.92 69.33
CA GLY D 124 -33.92 35.02 70.46
C GLY D 124 -34.30 33.60 70.13
N VAL D 125 -34.88 33.38 68.95
CA VAL D 125 -35.13 32.01 68.53
C VAL D 125 -33.94 31.42 67.80
N SER D 126 -32.99 32.25 67.38
CA SER D 126 -31.80 31.77 66.68
C SER D 126 -30.49 31.91 67.48
N ILE D 127 -30.50 32.65 68.59
CA ILE D 127 -29.27 32.97 69.31
C ILE D 127 -28.59 31.71 69.85
N TYR D 128 -29.37 30.79 70.41
CA TYR D 128 -28.82 29.61 71.06
C TYR D 128 -28.32 28.58 70.06
N PHE D 129 -28.88 28.55 68.85
CA PHE D 129 -28.33 27.73 67.79
C PHE D 129 -26.95 28.22 67.40
N VAL D 130 -26.77 29.54 67.35
CA VAL D 130 -25.46 30.11 67.07
C VAL D 130 -24.48 29.77 68.18
N LEU D 131 -24.89 29.91 69.44
CA LEU D 131 -24.00 29.62 70.55
C LEU D 131 -23.58 28.15 70.58
N LEU D 132 -24.52 27.25 70.30
CA LEU D 132 -24.17 25.83 70.25
C LEU D 132 -23.13 25.56 69.17
N THR D 133 -23.30 26.17 68.00
CA THR D 133 -22.33 26.02 66.91
C THR D 133 -20.93 26.44 67.37
N THR D 134 -20.82 27.57 68.04
CA THR D 134 -19.51 28.10 68.36
C THR D 134 -18.87 27.40 69.57
N ILE D 135 -19.65 26.77 70.43
CA ILE D 135 -19.08 25.95 71.49
C ILE D 135 -18.68 24.60 70.96
N ILE D 136 -19.43 24.06 70.02
CA ILE D 136 -19.18 22.70 69.56
C ILE D 136 -17.91 22.62 68.71
N MET D 137 -17.69 23.59 67.83
CA MET D 137 -16.61 23.48 66.86
C MET D 137 -15.20 23.45 67.44
N PRO D 138 -14.90 24.05 68.59
CA PRO D 138 -13.60 23.79 69.21
C PRO D 138 -13.42 22.37 69.72
N ILE D 139 -14.43 21.80 70.38
CA ILE D 139 -14.35 20.40 70.80
C ILE D 139 -14.22 19.50 69.58
N ALA D 140 -14.91 19.82 68.50
CA ALA D 140 -14.80 19.00 67.31
C ALA D 140 -13.36 18.96 66.82
N LEU D 141 -12.64 20.07 66.93
CA LEU D 141 -11.23 20.10 66.54
C LEU D 141 -10.36 19.35 67.55
N VAL D 142 -10.57 19.60 68.84
CA VAL D 142 -9.75 18.96 69.86
C VAL D 142 -9.99 17.46 69.89
N SER D 143 -11.23 17.04 69.65
CA SER D 143 -11.54 15.61 69.70
C SER D 143 -10.73 14.82 68.71
N ASN D 144 -10.43 15.41 67.57
CA ASN D 144 -9.90 14.66 66.45
C ASN D 144 -8.47 15.13 66.20
N TRP D 145 -7.83 15.59 67.29
CA TRP D 145 -6.47 16.21 67.25
C TRP D 145 -5.37 15.26 66.80
N ASN D 146 -5.41 13.98 67.16
CA ASN D 146 -4.25 13.16 66.75
C ASN D 146 -4.71 12.16 65.71
N SER D 147 -6.02 12.10 65.42
CA SER D 147 -6.59 11.03 64.64
C SER D 147 -6.58 11.27 63.13
N ILE D 148 -6.25 12.47 62.68
CA ILE D 148 -6.38 12.78 61.26
C ILE D 148 -5.15 12.34 60.48
N THR D 149 -3.96 12.72 60.94
CA THR D 149 -2.69 12.13 60.51
C THR D 149 -2.28 12.42 59.07
N ASN D 150 -3.16 12.95 58.25
CA ASN D 150 -2.82 13.15 56.85
C ASN D 150 -3.83 14.10 56.23
N ASN D 151 -3.38 14.90 55.28
CA ASN D 151 -4.18 16.00 54.73
C ASN D 151 -4.69 16.90 55.86
N ILE D 152 -3.79 17.25 56.77
CA ILE D 152 -4.22 17.97 57.96
C ILE D 152 -4.67 19.37 57.60
N LYS D 153 -3.99 20.03 56.66
CA LYS D 153 -4.44 21.34 56.24
C LYS D 153 -5.84 21.28 55.65
N SER D 154 -6.08 20.34 54.75
CA SER D 154 -7.38 20.24 54.12
C SER D 154 -8.47 19.96 55.13
N TYR D 155 -8.16 19.12 56.12
CA TYR D 155 -9.13 18.83 57.17
C TYR D 155 -9.51 20.09 57.93
N LEU D 156 -8.51 20.86 58.35
CA LEU D 156 -8.78 22.08 59.12
C LEU D 156 -9.48 23.13 58.28
N ILE D 157 -9.19 23.19 56.98
CA ILE D 157 -9.80 24.19 56.13
C ILE D 157 -11.27 23.87 55.87
N ILE D 158 -11.61 22.59 55.84
CA ILE D 158 -13.02 22.22 55.67
C ILE D 158 -13.83 22.57 56.91
N MET D 159 -13.31 22.26 58.09
CA MET D 159 -14.04 22.56 59.31
C MET D 159 -14.15 24.06 59.53
N LEU D 160 -13.12 24.81 59.17
CA LEU D 160 -13.22 26.26 59.27
C LEU D 160 -14.19 26.82 58.26
N LEU D 161 -14.27 26.19 57.10
CA LEU D 161 -15.30 26.50 56.12
C LEU D 161 -16.69 26.13 56.62
N LEU D 162 -16.81 24.96 57.24
CA LEU D 162 -18.12 24.51 57.72
C LEU D 162 -18.65 25.44 58.78
N GLU D 163 -17.79 25.95 59.65
CA GLU D 163 -18.26 26.78 60.74
C GLU D 163 -18.83 28.09 60.21
N THR D 164 -18.25 28.60 59.13
CA THR D 164 -18.78 29.78 58.48
C THR D 164 -20.18 29.54 57.93
N LEU D 165 -20.34 28.46 57.17
CA LEU D 165 -21.62 28.19 56.50
C LEU D 165 -22.72 27.87 57.50
N LEU D 166 -22.40 27.14 58.56
CA LEU D 166 -23.39 26.81 59.56
C LEU D 166 -23.70 28.00 60.46
N LEU D 167 -22.74 28.87 60.71
CA LEU D 167 -23.07 30.12 61.38
C LEU D 167 -24.01 30.96 60.51
N ALA D 168 -23.77 30.99 59.20
CA ALA D 168 -24.58 31.79 58.30
C ALA D 168 -26.04 31.39 58.35
N VAL D 169 -26.31 30.07 58.30
CA VAL D 169 -27.66 29.55 58.13
C VAL D 169 -28.58 29.98 59.27
N PHE D 170 -28.01 30.27 60.45
CA PHE D 170 -28.79 30.81 61.56
C PHE D 170 -28.87 32.31 61.56
N LEU D 171 -28.05 33.01 60.79
CA LEU D 171 -27.92 34.46 60.89
C LEU D 171 -28.61 35.21 59.76
N VAL D 172 -28.93 34.54 58.65
CA VAL D 172 -29.48 35.22 57.48
C VAL D 172 -30.97 35.45 57.66
N LEU D 173 -31.44 36.58 57.10
CA LEU D 173 -32.84 37.04 57.31
C LEU D 173 -33.74 36.79 56.09
N ASP D 174 -33.33 35.92 55.16
CA ASP D 174 -34.13 35.56 54.01
C ASP D 174 -34.33 34.06 53.99
N VAL D 175 -35.40 33.61 53.32
CA VAL D 175 -35.58 32.17 53.20
C VAL D 175 -34.87 31.63 51.97
N LEU D 176 -34.56 32.50 51.01
CA LEU D 176 -33.72 32.03 49.91
C LEU D 176 -32.25 32.06 50.32
N LEU D 177 -31.86 33.06 51.11
CA LEU D 177 -30.54 33.06 51.73
C LEU D 177 -30.37 31.86 52.65
N PHE D 178 -31.42 31.51 53.40
CA PHE D 178 -31.37 30.34 54.27
C PHE D 178 -31.07 29.09 53.48
N TYR D 179 -31.75 28.91 52.34
CA TYR D 179 -31.54 27.74 51.49
C TYR D 179 -30.13 27.72 50.91
N ILE D 180 -29.56 28.88 50.61
CA ILE D 180 -28.24 28.94 49.99
C ILE D 180 -27.20 28.36 50.92
N PHE D 181 -27.20 28.77 52.18
CA PHE D 181 -26.25 28.24 53.14
C PHE D 181 -26.65 26.87 53.66
N PHE D 182 -27.95 26.59 53.73
CA PHE D 182 -28.45 25.26 54.18
C PHE D 182 -27.94 24.19 53.21
N GLU D 183 -27.45 24.60 52.03
CA GLU D 183 -27.03 23.60 51.02
C GLU D 183 -25.61 23.87 50.53
N SER D 184 -24.92 24.89 51.04
CA SER D 184 -23.51 25.10 50.73
C SER D 184 -22.63 24.16 51.53
N ILE D 185 -23.20 23.57 52.57
CA ILE D 185 -22.45 22.67 53.50
C ILE D 185 -22.29 21.33 52.81
N LEU D 186 -22.90 21.15 51.64
CA LEU D 186 -22.96 19.83 51.02
C LEU D 186 -21.64 19.45 50.34
N PRO D 187 -20.97 20.31 49.58
CA PRO D 187 -19.70 19.91 48.95
C PRO D 187 -18.59 19.64 49.97
N PRO D 188 -18.35 20.51 50.96
CA PRO D 188 -17.28 20.19 51.92
C PRO D 188 -17.58 18.97 52.77
N LEU D 189 -18.81 18.50 52.83
CA LEU D 189 -19.11 17.29 53.58
C LEU D 189 -18.92 16.05 52.74
N PHE D 190 -19.08 16.17 51.43
CA PHE D 190 -18.74 15.08 50.52
C PHE D 190 -17.25 14.79 50.57
N ILE D 191 -16.43 15.82 50.77
CA ILE D 191 -14.99 15.67 50.82
C ILE D 191 -14.50 15.37 52.23
N LEU D 192 -15.20 15.86 53.25
CA LEU D 192 -14.83 15.50 54.60
C LEU D 192 -15.01 14.00 54.86
N ILE D 193 -15.89 13.34 54.13
CA ILE D 193 -16.16 11.90 54.37
C ILE D 193 -15.25 11.06 53.47
N GLY D 194 -15.08 11.43 52.21
CA GLY D 194 -14.28 10.62 51.28
C GLY D 194 -12.78 10.78 51.52
N LEU D 195 -12.33 11.88 52.10
CA LEU D 195 -10.88 11.98 52.44
C LEU D 195 -10.57 11.43 53.83
N PHE D 196 -11.41 11.67 54.82
CA PHE D 196 -11.05 11.29 56.21
C PHE D 196 -12.01 10.26 56.79
N GLY D 197 -12.81 9.63 55.94
CA GLY D 197 -13.80 8.63 56.40
C GLY D 197 -13.28 7.20 56.50
N SER D 198 -14.10 6.30 57.02
CA SER D 198 -13.70 4.89 57.28
C SER D 198 -13.86 4.02 56.02
N SER D 199 -13.98 2.70 56.17
CA SER D 199 -14.01 1.79 55.00
C SER D 199 -15.14 2.06 54.02
N ASN D 200 -16.37 2.22 54.49
CA ASN D 200 -17.52 2.37 53.57
C ASN D 200 -17.75 3.84 53.28
N LYS D 201 -16.68 4.65 53.32
CA LYS D 201 -16.77 6.11 53.11
C LYS D 201 -17.33 6.51 51.75
N VAL D 202 -17.01 5.80 50.66
CA VAL D 202 -17.44 6.29 49.31
C VAL D 202 -18.97 6.26 49.19
N ARG D 203 -19.62 5.13 49.49
CA ARG D 203 -21.09 5.01 49.42
C ARG D 203 -21.72 5.97 50.42
N ALA D 204 -21.13 6.10 51.60
CA ALA D 204 -21.69 6.97 52.66
C ALA D 204 -21.72 8.42 52.17
N SER D 205 -20.67 8.86 51.48
CA SER D 205 -20.58 10.27 51.02
C SER D 205 -21.56 10.49 49.86
N PHE D 206 -21.79 9.48 49.04
CA PHE D 206 -22.80 9.62 48.00
C PHE D 206 -24.19 9.69 48.60
N TYR D 207 -24.43 8.91 49.65
CA TYR D 207 -25.78 8.85 50.25
C TYR D 207 -26.16 10.22 50.82
N ILE D 208 -25.41 10.78 51.71
CA ILE D 208 -25.77 12.09 52.34
C ILE D 208 -25.89 13.14 51.23
N PHE D 209 -24.88 13.20 50.30
CA PHE D 209 -24.94 14.27 49.29
C PHE D 209 -26.24 14.11 48.50
N LEU D 210 -26.46 12.95 47.88
CA LEU D 210 -27.63 12.81 46.96
C LEU D 210 -28.98 12.90 47.67
N TYR D 211 -29.14 12.31 48.84
CA TYR D 211 -30.40 12.42 49.61
C TYR D 211 -30.62 13.88 50.01
N THR D 212 -29.56 14.53 50.47
CA THR D 212 -29.68 15.93 50.97
C THR D 212 -29.84 16.84 49.75
N LEU D 213 -29.32 16.42 48.60
CA LEU D 213 -29.56 17.25 47.44
C LEU D 213 -30.99 17.11 46.96
N LEU D 214 -31.49 15.89 46.92
CA LEU D 214 -32.84 15.67 46.43
C LEU D 214 -33.86 16.30 47.35
N GLY D 215 -33.76 16.03 48.64
CA GLY D 215 -34.74 16.58 49.57
C GLY D 215 -34.75 18.09 49.58
N SER D 216 -33.58 18.71 49.40
CA SER D 216 -33.48 20.16 49.42
C SER D 216 -34.03 20.80 48.15
N LEU D 217 -34.20 20.04 47.07
CA LEU D 217 -34.73 20.61 45.85
C LEU D 217 -36.25 20.66 45.82
N PHE D 218 -36.92 20.00 46.75
CA PHE D 218 -38.36 20.20 46.92
C PHE D 218 -38.65 21.40 47.78
N LEU D 219 -37.76 21.70 48.73
CA LEU D 219 -37.83 22.96 49.46
C LEU D 219 -37.54 24.15 48.56
N LEU D 220 -36.68 23.98 47.56
CA LEU D 220 -36.39 25.08 46.66
C LEU D 220 -37.61 25.48 45.84
N LEU D 221 -38.37 24.51 45.34
CA LEU D 221 -39.58 24.81 44.58
C LEU D 221 -40.58 25.60 45.41
N SER D 222 -40.71 25.28 46.70
CA SER D 222 -41.68 25.99 47.53
C SER D 222 -41.19 27.39 47.89
N ILE D 223 -39.90 27.55 48.14
CA ILE D 223 -39.35 28.88 48.39
C ILE D 223 -39.53 29.75 47.16
N LEU D 224 -39.32 29.17 45.98
CA LEU D 224 -39.47 29.94 44.74
C LEU D 224 -40.90 30.39 44.54
N THR D 225 -41.87 29.56 44.92
CA THR D 225 -43.27 29.97 44.85
C THR D 225 -43.58 31.11 45.82
N MET D 226 -43.09 31.02 47.05
CA MET D 226 -43.35 32.07 48.01
C MET D 226 -42.80 33.40 47.53
N SER D 227 -41.58 33.39 46.99
CA SER D 227 -40.96 34.62 46.52
C SER D 227 -41.72 35.23 45.37
N SER D 228 -42.17 34.40 44.43
CA SER D 228 -42.90 34.92 43.28
C SER D 228 -44.21 35.57 43.70
N ILE D 229 -44.94 34.95 44.62
CA ILE D 229 -46.18 35.52 45.12
C ILE D 229 -45.92 36.82 45.89
N VAL D 230 -44.92 36.84 46.76
CA VAL D 230 -44.71 37.96 47.66
C VAL D 230 -43.74 38.99 47.07
N GLY D 231 -42.80 38.57 46.25
CA GLY D 231 -41.83 39.46 45.66
C GLY D 231 -40.47 39.45 46.32
N THR D 232 -40.39 38.95 47.55
CA THR D 232 -39.13 38.84 48.25
C THR D 232 -39.21 37.66 49.20
N THR D 233 -38.06 37.31 49.78
CA THR D 233 -37.99 36.30 50.82
C THR D 233 -37.40 36.84 52.11
N TYR D 234 -37.21 38.15 52.20
CA TYR D 234 -36.85 38.81 53.44
C TYR D 234 -37.92 38.55 54.49
N PHE D 235 -37.50 38.15 55.69
CA PHE D 235 -38.44 37.66 56.70
C PHE D 235 -39.56 38.65 56.96
N ASP D 236 -39.22 39.92 57.18
CA ASP D 236 -40.21 40.90 57.60
C ASP D 236 -41.35 41.06 56.61
N VAL D 237 -41.11 40.81 55.32
CA VAL D 237 -42.16 40.96 54.35
C VAL D 237 -42.98 39.68 54.20
N LEU D 238 -42.35 38.51 54.40
CA LEU D 238 -43.07 37.24 54.42
C LEU D 238 -44.00 37.09 55.60
N LEU D 239 -43.58 37.47 56.79
CA LEU D 239 -44.41 37.23 57.96
C LEU D 239 -45.65 38.11 57.96
N LYS D 240 -45.57 39.28 57.33
CA LYS D 240 -46.75 40.08 57.06
C LYS D 240 -47.73 39.33 56.17
N SER D 241 -47.21 38.71 55.12
CA SER D 241 -48.08 38.10 54.09
C SER D 241 -48.76 36.81 54.52
N SER D 242 -50.06 36.67 54.23
CA SER D 242 -50.76 35.40 54.51
C SER D 242 -51.17 34.71 53.21
N PHE D 243 -50.63 33.53 52.96
CA PHE D 243 -50.93 32.75 51.74
C PHE D 243 -52.32 32.14 51.82
N GLU D 244 -52.93 31.87 50.67
CA GLU D 244 -54.25 31.22 50.63
C GLU D 244 -54.08 29.78 51.10
N TYR D 245 -55.14 29.18 51.66
CA TYR D 245 -55.05 27.81 52.23
C TYR D 245 -54.50 26.81 51.22
N THR D 246 -55.01 26.80 50.00
CA THR D 246 -54.57 25.76 49.03
C THR D 246 -53.08 25.94 48.71
N THR D 247 -52.63 27.18 48.54
CA THR D 247 -51.19 27.43 48.27
C THR D 247 -50.37 26.94 49.47
N GLN D 248 -50.86 27.18 50.69
CA GLN D 248 -50.12 26.81 51.93
C GLN D 248 -50.16 25.30 52.03
N LEU D 249 -51.20 24.66 51.53
CA LEU D 249 -51.23 23.21 51.52
C LEU D 249 -50.22 22.63 50.55
N PHE D 250 -49.80 23.41 49.57
CA PHE D 250 -48.84 22.95 48.58
C PHE D 250 -47.43 23.45 48.87
N LEU D 251 -47.31 24.55 49.59
CA LEU D 251 -46.00 24.91 50.13
C LEU D 251 -45.59 23.98 51.26
N PHE D 252 -46.56 23.45 52.00
CA PHE D 252 -46.25 22.49 53.05
C PHE D 252 -45.71 21.20 52.46
N PHE D 253 -46.32 20.74 51.39
CA PHE D 253 -45.78 19.64 50.60
C PHE D 253 -44.65 20.22 49.78
N GLY D 254 -43.43 20.11 50.27
CA GLY D 254 -42.30 20.75 49.67
C GLY D 254 -41.36 21.21 50.73
N ILE D 255 -41.88 21.84 51.78
CA ILE D 255 -41.02 22.15 52.91
C ILE D 255 -40.95 20.93 53.83
N PHE D 256 -41.96 20.08 53.78
CA PHE D 256 -41.95 18.92 54.65
C PHE D 256 -41.20 17.75 54.01
N ILE D 257 -41.29 17.61 52.69
CA ILE D 257 -40.48 16.62 51.99
C ILE D 257 -39.03 16.84 52.32
N ALA D 258 -38.60 18.10 52.32
CA ALA D 258 -37.21 18.42 52.63
C ALA D 258 -36.86 18.03 54.06
N PHE D 259 -37.68 18.44 55.01
CA PHE D 259 -37.32 18.28 56.40
C PHE D 259 -37.51 16.85 56.89
N ALA D 260 -38.40 16.09 56.27
CA ALA D 260 -38.49 14.66 56.55
C ALA D 260 -37.25 13.93 56.04
N VAL D 261 -36.74 14.38 54.91
CA VAL D 261 -35.46 13.93 54.40
C VAL D 261 -34.31 14.38 55.29
N LYS D 262 -34.49 15.49 56.00
CA LYS D 262 -33.36 16.05 56.80
C LYS D 262 -33.57 15.93 58.31
N THR D 263 -34.68 15.35 58.77
CA THR D 263 -34.82 15.09 60.24
C THR D 263 -33.82 14.04 60.71
N PRO D 264 -33.58 12.88 60.05
CA PRO D 264 -34.54 12.22 59.13
C PRO D 264 -35.58 11.27 59.75
N VAL D 265 -36.77 11.13 59.16
CA VAL D 265 -37.77 10.22 59.68
C VAL D 265 -37.37 8.80 59.32
N TRP D 266 -38.10 7.80 59.82
CA TRP D 266 -37.61 6.43 59.74
C TRP D 266 -37.51 5.93 58.31
N GLY D 267 -38.49 6.23 57.48
CA GLY D 267 -38.45 5.60 56.17
C GLY D 267 -37.30 6.06 55.30
N LEU D 268 -36.56 7.07 55.79
CA LEU D 268 -35.79 7.96 54.93
C LEU D 268 -34.39 8.19 55.46
N ASN D 269 -33.97 7.47 56.49
CA ASN D 269 -32.79 7.80 57.27
C ASN D 269 -31.56 7.01 56.85
N SER D 270 -31.63 6.29 55.73
CA SER D 270 -30.54 5.43 55.29
C SER D 270 -29.25 6.18 55.01
N TRP D 271 -29.32 7.48 54.76
CA TRP D 271 -28.12 8.28 54.59
C TRP D 271 -27.43 8.54 55.92
N LEU D 272 -28.21 8.72 56.98
CA LEU D 272 -27.63 9.04 58.28
C LEU D 272 -26.91 7.85 58.86
N LEU D 273 -27.48 6.66 58.73
CA LEU D 273 -26.82 5.48 59.28
C LEU D 273 -25.53 5.16 58.56
N ARG D 274 -25.29 5.76 57.40
CA ARG D 274 -24.03 5.65 56.70
C ARG D 274 -23.13 6.85 56.97
N ALA D 275 -23.64 8.06 56.78
CA ALA D 275 -22.83 9.27 56.87
C ALA D 275 -22.38 9.54 58.30
N HIS D 276 -23.25 9.37 59.29
CA HIS D 276 -22.90 9.70 60.69
C HIS D 276 -21.98 8.62 61.27
N VAL D 277 -21.68 7.57 60.50
CA VAL D 277 -20.79 6.45 60.96
C VAL D 277 -19.47 6.44 60.19
N GLU D 278 -19.52 6.45 58.86
CA GLU D 278 -18.26 6.33 58.07
C GLU D 278 -17.45 7.62 58.19
N SER D 279 -18.09 8.71 58.57
CA SER D 279 -17.40 10.00 58.66
C SER D 279 -16.31 10.02 59.73
N PRO D 280 -15.29 10.89 59.68
CA PRO D 280 -14.37 11.06 60.80
C PRO D 280 -15.11 11.49 62.04
N LEU D 281 -14.41 11.45 63.16
CA LEU D 281 -15.02 11.83 64.43
C LEU D 281 -15.48 13.28 64.41
N GLY D 282 -14.65 14.19 63.90
CA GLY D 282 -15.05 15.58 63.83
C GLY D 282 -16.19 15.81 62.87
N GLY D 283 -16.22 15.08 61.77
CA GLY D 283 -17.37 15.13 60.89
C GLY D 283 -18.66 14.70 61.57
N SER D 284 -18.58 13.63 62.36
CA SER D 284 -19.77 13.10 63.02
C SER D 284 -20.31 14.05 64.09
N ILE D 285 -19.43 14.81 64.73
CA ILE D 285 -19.89 15.76 65.74
C ILE D 285 -20.66 16.91 65.09
N VAL D 286 -20.15 17.45 63.99
CA VAL D 286 -20.83 18.54 63.31
C VAL D 286 -22.14 18.06 62.69
N LEU D 287 -22.10 16.89 62.04
CA LEU D 287 -23.28 16.34 61.36
C LEU D 287 -24.44 16.14 62.31
N ALA D 288 -24.18 15.60 63.49
CA ALA D 288 -25.26 15.32 64.42
C ALA D 288 -25.62 16.54 65.27
N ALA D 289 -24.64 17.23 65.85
CA ALA D 289 -24.97 18.33 66.75
C ALA D 289 -25.54 19.53 66.02
N ILE D 290 -25.04 19.84 64.84
CA ILE D 290 -25.31 21.11 64.19
C ILE D 290 -26.14 20.95 62.92
N VAL D 291 -25.73 20.04 62.05
CA VAL D 291 -26.41 19.89 60.76
C VAL D 291 -27.81 19.34 60.95
N LEU D 292 -28.00 18.46 61.93
CA LEU D 292 -29.32 17.92 62.19
C LEU D 292 -30.31 19.00 62.62
N LYS D 293 -29.82 20.11 63.15
CA LYS D 293 -30.69 21.13 63.68
C LYS D 293 -31.05 22.19 62.66
N LEU D 294 -30.50 22.06 61.45
CA LEU D 294 -30.78 23.09 60.40
C LEU D 294 -32.27 23.04 60.08
N SER D 295 -32.87 21.84 60.10
CA SER D 295 -34.32 21.71 59.83
C SER D 295 -35.15 21.95 61.10
N LEU D 296 -34.61 21.79 62.31
CA LEU D 296 -35.35 22.11 63.55
C LEU D 296 -35.59 23.62 63.64
N TYR D 297 -34.57 24.41 63.28
CA TYR D 297 -34.64 25.88 63.34
C TYR D 297 -35.32 26.35 62.06
N GLY D 298 -35.27 25.52 61.02
CA GLY D 298 -35.94 25.89 59.79
C GLY D 298 -37.44 25.69 59.76
N VAL D 299 -38.02 25.14 60.81
CA VAL D 299 -39.47 25.07 60.93
C VAL D 299 -40.02 26.30 61.64
N PHE D 300 -39.26 26.91 62.55
CA PHE D 300 -39.65 28.19 63.13
C PHE D 300 -39.58 29.33 62.14
N ARG D 301 -38.94 29.14 60.99
CA ARG D 301 -38.89 30.20 60.00
C ARG D 301 -39.78 29.91 58.79
N LEU D 302 -39.85 28.67 58.36
CA LEU D 302 -40.46 28.37 57.09
C LEU D 302 -41.90 27.88 57.19
N ILE D 303 -42.32 27.35 58.31
CA ILE D 303 -43.63 26.73 58.44
C ILE D 303 -44.50 27.47 59.45
N LEU D 304 -44.01 27.61 60.67
CA LEU D 304 -44.86 28.11 61.74
C LEU D 304 -45.46 29.48 61.46
N PRO D 305 -44.71 30.50 61.00
CA PRO D 305 -45.32 31.82 60.83
C PRO D 305 -46.03 32.07 59.49
N ILE D 306 -45.65 31.40 58.41
CA ILE D 306 -46.19 31.72 57.11
C ILE D 306 -47.14 30.67 56.54
N LEU D 307 -47.16 29.45 57.07
CA LEU D 307 -48.13 28.44 56.65
C LEU D 307 -48.86 27.85 57.85
N PRO D 308 -49.57 28.66 58.67
CA PRO D 308 -50.21 28.17 59.88
C PRO D 308 -51.41 27.23 59.69
N GLN D 309 -52.30 27.52 58.74
CA GLN D 309 -53.51 26.71 58.51
C GLN D 309 -53.12 25.31 58.01
N ALA D 310 -52.10 25.25 57.18
CA ALA D 310 -51.59 23.96 56.66
C ALA D 310 -50.98 23.15 57.82
N SER D 311 -50.08 23.77 58.59
CA SER D 311 -49.47 23.12 59.74
C SER D 311 -50.52 22.56 60.68
N LEU D 312 -51.59 23.32 60.93
CA LEU D 312 -52.64 22.88 61.83
C LEU D 312 -53.41 21.68 61.28
N ASN D 313 -53.83 21.74 60.02
CA ASN D 313 -54.70 20.72 59.45
C ASN D 313 -53.96 19.45 59.04
N LEU D 314 -52.64 19.51 58.91
CA LEU D 314 -51.85 18.37 58.53
C LEU D 314 -51.06 17.77 59.68
N THR D 315 -51.21 18.31 60.90
CA THR D 315 -50.38 17.86 62.01
C THR D 315 -50.55 16.37 62.28
N TYR D 316 -51.75 15.85 62.07
CA TYR D 316 -51.98 14.44 62.31
C TYR D 316 -51.11 13.57 61.41
N ILE D 317 -50.77 14.05 60.23
CA ILE D 317 -49.85 13.30 59.36
C ILE D 317 -48.43 13.35 59.91
N VAL D 318 -48.01 14.51 60.40
CA VAL D 318 -46.70 14.63 61.01
C VAL D 318 -46.60 13.72 62.23
N TYR D 319 -47.61 13.74 63.07
CA TYR D 319 -47.57 13.00 64.32
C TYR D 319 -47.53 11.50 64.07
N ALA D 320 -48.26 11.02 63.07
CA ALA D 320 -48.20 9.61 62.69
C ALA D 320 -46.80 9.22 62.26
N ILE D 321 -46.19 10.04 61.40
CA ILE D 321 -44.81 9.78 60.99
C ILE D 321 -43.89 9.81 62.20
N GLY D 322 -44.05 10.82 63.05
CA GLY D 322 -43.19 10.94 64.20
C GLY D 322 -43.33 9.80 65.19
N ALA D 323 -44.55 9.32 65.39
CA ALA D 323 -44.78 8.20 66.30
C ALA D 323 -44.09 6.94 65.79
N ILE D 324 -44.22 6.67 64.50
CA ILE D 324 -43.61 5.50 63.90
C ILE D 324 -42.09 5.53 64.03
N THR D 325 -41.46 6.68 63.77
CA THR D 325 -40.01 6.73 63.91
C THR D 325 -39.57 6.72 65.37
N VAL D 326 -40.46 7.00 66.31
CA VAL D 326 -40.11 6.75 67.71
C VAL D 326 -40.10 5.25 68.01
N LEU D 327 -40.96 4.48 67.36
CA LEU D 327 -40.97 3.04 67.60
C LEU D 327 -39.95 2.29 66.74
N TYR D 328 -40.06 2.39 65.41
CA TYR D 328 -39.23 1.55 64.55
C TYR D 328 -37.76 1.84 64.74
N ALA D 329 -37.41 3.10 65.01
CA ALA D 329 -36.02 3.43 65.27
C ALA D 329 -35.57 2.92 66.62
N SER D 330 -36.46 2.95 67.61
CA SER D 330 -36.15 2.42 68.92
C SER D 330 -35.99 0.90 68.87
N PHE D 331 -36.82 0.21 68.09
CA PHE D 331 -36.72 -1.25 68.01
C PHE D 331 -35.42 -1.68 67.35
N SER D 332 -34.99 -0.97 66.32
CA SER D 332 -33.78 -1.37 65.62
C SER D 332 -32.52 -0.76 66.20
N THR D 333 -32.63 0.15 67.15
CA THR D 333 -31.45 0.57 67.88
C THR D 333 -31.05 -0.48 68.92
N LEU D 334 -31.98 -1.37 69.29
CA LEU D 334 -31.61 -2.51 70.12
C LEU D 334 -30.73 -3.51 69.42
N ARG D 335 -30.95 -3.75 68.13
CA ARG D 335 -30.31 -4.86 67.45
C ARG D 335 -29.12 -4.43 66.60
N THR D 336 -28.52 -3.29 66.91
CA THR D 336 -27.40 -2.77 66.15
C THR D 336 -26.07 -3.25 66.74
N VAL D 337 -25.23 -3.84 65.91
CA VAL D 337 -23.95 -4.44 66.42
C VAL D 337 -22.79 -3.45 66.23
N ASP D 338 -23.02 -2.34 65.54
CA ASP D 338 -21.98 -1.28 65.38
C ASP D 338 -22.23 -0.21 66.45
N VAL D 339 -21.24 0.08 67.28
CA VAL D 339 -21.41 1.06 68.40
C VAL D 339 -21.71 2.45 67.86
N LYS D 340 -20.96 2.90 66.85
CA LYS D 340 -21.15 4.25 66.29
C LYS D 340 -22.51 4.30 65.61
N GLU D 341 -22.91 3.23 64.93
CA GLU D 341 -24.24 3.14 64.27
C GLU D 341 -25.37 3.15 65.32
N LEU D 342 -25.13 2.57 66.48
CA LEU D 342 -26.14 2.59 67.57
C LEU D 342 -26.37 4.04 68.02
N ILE D 343 -25.32 4.84 68.14
CA ILE D 343 -25.45 6.28 68.50
C ILE D 343 -26.18 7.03 67.39
N ALA D 344 -25.87 6.72 66.13
CA ALA D 344 -26.52 7.42 65.00
C ALA D 344 -28.02 7.12 65.02
N TYR D 345 -28.39 5.86 65.25
CA TYR D 345 -29.81 5.47 65.28
C TYR D 345 -30.52 6.15 66.44
N SER D 346 -29.83 6.34 67.56
CA SER D 346 -30.44 7.08 68.71
C SER D 346 -30.86 8.49 68.28
N SER D 347 -30.09 9.15 67.41
CA SER D 347 -30.44 10.50 67.00
C SER D 347 -31.77 10.54 66.28
N VAL D 348 -32.13 9.46 65.58
CA VAL D 348 -33.38 9.47 64.82
C VAL D 348 -34.56 9.52 65.79
N ALA D 349 -34.49 8.70 66.85
CA ALA D 349 -35.55 8.66 67.83
C ALA D 349 -35.68 9.98 68.57
N HIS D 350 -34.56 10.62 68.84
CA HIS D 350 -34.55 11.93 69.54
C HIS D 350 -35.17 13.00 68.65
N ALA D 351 -34.75 13.08 67.39
CA ALA D 351 -35.21 14.09 66.42
C ALA D 351 -36.72 14.03 66.25
N ALA D 352 -37.31 12.84 66.29
CA ALA D 352 -38.77 12.68 66.17
C ALA D 352 -39.49 13.41 67.30
N ILE D 353 -38.96 13.34 68.52
CA ILE D 353 -39.61 13.98 69.70
C ILE D 353 -39.63 15.50 69.50
N TYR D 354 -38.51 16.09 69.09
CA TYR D 354 -38.46 17.56 68.82
C TYR D 354 -39.32 17.94 67.59
N LEU D 355 -39.40 17.09 66.57
CA LEU D 355 -40.26 17.37 65.39
C LEU D 355 -41.73 17.41 65.81
N MET D 356 -42.11 16.54 66.74
CA MET D 356 -43.50 16.50 67.22
C MET D 356 -43.73 17.70 68.15
N GLY D 357 -42.69 18.16 68.85
CA GLY D 357 -42.83 19.35 69.66
C GLY D 357 -43.05 20.62 68.85
N VAL D 358 -42.33 20.78 67.73
CA VAL D 358 -42.45 21.98 66.90
C VAL D 358 -43.76 22.01 66.13
N PHE D 359 -44.58 20.99 66.25
CA PHE D 359 -45.85 20.97 65.56
C PHE D 359 -47.02 20.89 66.54
N SER D 360 -46.82 21.36 67.77
CA SER D 360 -47.84 21.26 68.83
C SER D 360 -48.70 22.52 68.95
N ASN D 361 -48.26 23.65 68.41
CA ASN D 361 -48.98 24.95 68.54
C ASN D 361 -49.05 25.35 70.00
N THR D 362 -48.07 24.93 70.77
CA THR D 362 -48.06 25.23 72.22
C THR D 362 -46.72 25.91 72.51
N ILE D 363 -46.71 26.84 73.47
CA ILE D 363 -45.46 27.54 73.86
C ILE D 363 -44.54 26.53 74.54
N GLN D 364 -45.07 25.46 75.14
CA GLN D 364 -44.19 24.58 75.90
C GLN D 364 -43.48 23.57 75.02
N GLY D 365 -44.18 22.99 74.06
CA GLY D 365 -43.55 22.05 73.15
C GLY D 365 -42.61 22.73 72.19
N LEU D 366 -42.80 24.02 71.95
CA LEU D 366 -41.89 24.75 71.08
C LEU D 366 -40.56 25.03 71.79
N GLU D 367 -40.62 25.43 73.04
CA GLU D 367 -39.37 25.67 73.80
C GLU D 367 -38.70 24.34 74.13
N GLY D 368 -39.46 23.31 74.51
CA GLY D 368 -38.88 22.01 74.72
C GLY D 368 -38.22 21.43 73.48
N ALA D 369 -38.65 21.84 72.30
CA ALA D 369 -38.03 21.38 71.07
C ALA D 369 -36.66 22.02 70.86
N ILE D 370 -36.53 23.29 71.22
CA ILE D 370 -35.24 23.96 71.15
C ILE D 370 -34.31 23.40 72.21
N LEU D 371 -34.85 23.15 73.40
CA LEU D 371 -34.03 22.61 74.47
C LEU D 371 -33.56 21.19 74.16
N LEU D 372 -34.42 20.37 73.55
CA LEU D 372 -34.01 19.03 73.17
C LEU D 372 -33.10 19.04 71.96
N GLY D 373 -33.21 20.04 71.09
CA GLY D 373 -32.21 20.21 70.06
C GLY D 373 -30.84 20.55 70.64
N LEU D 374 -30.82 21.47 71.60
CA LEU D 374 -29.56 21.76 72.29
C LEU D 374 -29.09 20.57 73.09
N ALA D 375 -30.00 19.89 73.76
CA ALA D 375 -29.62 18.77 74.61
C ALA D 375 -28.98 17.66 73.79
N HIS D 376 -29.60 17.31 72.66
CA HIS D 376 -29.01 16.32 71.77
C HIS D 376 -27.65 16.77 71.28
N GLY D 377 -27.45 18.08 71.14
CA GLY D 377 -26.18 18.57 70.63
C GLY D 377 -25.00 18.22 71.52
N PHE D 378 -25.15 18.41 72.82
CA PHE D 378 -24.05 18.11 73.72
C PHE D 378 -23.91 16.61 73.95
N VAL D 379 -25.02 15.88 73.99
CA VAL D 379 -24.96 14.49 74.44
C VAL D 379 -24.58 13.56 73.30
N SER D 380 -25.14 13.80 72.12
CA SER D 380 -24.72 13.02 70.96
C SER D 380 -23.26 13.24 70.65
N SER D 381 -22.78 14.46 70.86
CA SER D 381 -21.37 14.77 70.66
C SER D 381 -20.49 13.89 71.53
N GLY D 382 -20.83 13.79 72.81
CA GLY D 382 -20.06 12.96 73.72
C GLY D 382 -20.09 11.48 73.38
N LEU D 383 -21.23 10.97 72.90
CA LEU D 383 -21.29 9.55 72.60
C LEU D 383 -20.62 9.19 71.28
N PHE D 384 -20.53 10.12 70.33
CA PHE D 384 -19.60 9.88 69.23
C PHE D 384 -18.16 9.99 69.68
N ILE D 385 -17.89 10.81 70.68
CA ILE D 385 -16.53 10.86 71.19
C ILE D 385 -16.18 9.53 71.87
N CYS D 386 -17.14 8.91 72.54
CA CYS D 386 -16.88 7.61 73.16
C CYS D 386 -16.80 6.50 72.12
N ALA D 387 -17.74 6.47 71.18
CA ALA D 387 -17.80 5.37 70.22
C ALA D 387 -16.77 5.51 69.13
N GLY D 388 -16.86 6.57 68.34
CA GLY D 388 -16.02 6.70 67.18
C GLY D 388 -14.66 7.29 67.43
N GLY D 389 -14.38 7.72 68.65
CA GLY D 389 -13.15 8.42 68.92
C GLY D 389 -12.29 7.88 70.04
N ILE D 390 -12.75 6.85 70.74
CA ILE D 390 -11.97 6.24 71.82
C ILE D 390 -11.86 4.73 71.64
N LEU D 391 -12.98 4.05 71.46
CA LEU D 391 -12.92 2.63 71.20
C LEU D 391 -12.35 2.36 69.82
N TYR D 392 -12.69 3.20 68.86
CA TYR D 392 -12.19 3.03 67.51
C TYR D 392 -10.75 3.51 67.39
N ASP D 393 -10.29 4.33 68.33
CA ASP D 393 -8.89 4.65 68.41
C ASP D 393 -8.07 3.52 68.99
N ARG D 394 -8.63 2.81 69.96
CA ARG D 394 -7.86 1.75 70.66
C ARG D 394 -8.06 0.39 69.99
N THR D 395 -9.28 0.06 69.59
CA THR D 395 -9.54 -1.30 69.05
C THR D 395 -9.47 -1.32 67.53
N GLY D 396 -9.75 -0.21 66.85
CA GLY D 396 -9.82 -0.21 65.39
C GLY D 396 -11.05 -0.97 64.89
N THR D 397 -11.97 -1.33 65.78
CA THR D 397 -13.24 -1.97 65.39
C THR D 397 -14.44 -1.27 66.04
N ARG D 398 -15.64 -1.37 65.45
CA ARG D 398 -16.88 -0.83 66.10
C ARG D 398 -17.85 -1.94 66.48
N LEU D 399 -17.44 -3.21 66.33
CA LEU D 399 -18.38 -4.32 66.60
C LEU D 399 -18.50 -4.52 68.10
N ILE D 400 -19.72 -4.54 68.65
CA ILE D 400 -19.94 -4.57 70.13
C ILE D 400 -19.62 -5.96 70.66
N TYR D 401 -19.28 -6.89 69.76
CA TYR D 401 -18.97 -8.27 70.17
C TYR D 401 -17.59 -8.30 70.80
N PHE D 402 -16.72 -7.34 70.46
CA PHE D 402 -15.36 -7.41 70.97
C PHE D 402 -15.17 -6.70 72.30
N PHE D 403 -16.18 -6.02 72.81
CA PHE D 403 -16.06 -5.19 73.99
C PHE D 403 -16.75 -5.86 75.16
N ARG D 404 -16.23 -5.64 76.35
CA ARG D 404 -16.82 -6.19 77.57
C ARG D 404 -16.03 -5.70 78.76
N GLY D 405 -16.74 -5.27 79.80
CA GLY D 405 -16.09 -5.01 81.07
C GLY D 405 -14.98 -3.98 81.01
N LEU D 406 -15.17 -2.93 80.24
CA LEU D 406 -14.17 -1.89 80.13
C LEU D 406 -14.06 -1.04 81.39
N THR D 407 -14.91 -1.28 82.39
CA THR D 407 -14.79 -0.57 83.66
C THR D 407 -13.54 -0.98 84.41
N GLN D 408 -13.08 -2.20 84.19
CA GLN D 408 -11.98 -2.74 84.96
C GLN D 408 -10.65 -2.07 84.63
N ILE D 409 -10.49 -1.53 83.43
CA ILE D 409 -9.24 -0.92 83.03
C ILE D 409 -9.38 0.53 82.62
N MET D 410 -10.59 1.04 82.40
CA MET D 410 -10.81 2.46 82.10
C MET D 410 -11.93 3.00 82.96
N PRO D 411 -11.71 3.15 84.26
CA PRO D 411 -12.77 3.69 85.12
C PRO D 411 -13.22 5.10 84.76
N LEU D 412 -12.33 5.95 84.24
CA LEU D 412 -12.76 7.31 83.92
C LEU D 412 -13.60 7.35 82.67
N PHE D 413 -13.27 6.52 81.68
CA PHE D 413 -14.15 6.40 80.54
C PHE D 413 -15.53 5.93 80.96
N SER D 414 -15.58 4.97 81.88
CA SER D 414 -16.87 4.41 82.30
C SER D 414 -17.74 5.47 82.96
N LEU D 415 -17.16 6.32 83.80
CA LEU D 415 -17.92 7.34 84.49
C LEU D 415 -18.60 8.29 83.52
N PHE D 416 -17.85 8.81 82.54
CA PHE D 416 -18.41 9.79 81.57
C PHE D 416 -19.34 9.06 80.62
N PHE D 417 -19.01 7.83 80.23
CA PHE D 417 -19.83 7.02 79.29
C PHE D 417 -21.19 6.76 79.92
N PHE D 418 -21.26 6.67 81.24
CA PHE D 418 -22.54 6.32 81.91
C PHE D 418 -23.37 7.59 82.03
N ILE D 419 -22.71 8.70 82.36
CA ILE D 419 -23.47 9.95 82.46
C ILE D 419 -24.04 10.33 81.11
N LEU D 420 -23.24 10.22 80.06
CA LEU D 420 -23.71 10.49 78.68
C LEU D 420 -24.85 9.54 78.33
N CYS D 421 -24.69 8.27 78.65
CA CYS D 421 -25.73 7.24 78.34
C CYS D 421 -27.05 7.53 79.08
N LEU D 422 -26.99 8.17 80.25
CA LEU D 422 -28.23 8.44 81.04
C LEU D 422 -28.90 9.67 80.48
N GLY D 423 -28.14 10.65 79.97
CA GLY D 423 -28.75 11.76 79.29
C GLY D 423 -29.43 11.36 78.00
N ASN D 424 -28.78 10.48 77.24
CA ASN D 424 -29.43 9.90 76.07
C ASN D 424 -30.69 9.16 76.44
N ALA D 425 -30.76 8.63 77.65
CA ALA D 425 -31.96 7.97 78.16
C ALA D 425 -32.95 8.95 78.76
N GLY D 426 -32.67 10.24 78.69
CA GLY D 426 -33.56 11.28 79.16
C GLY D 426 -33.80 11.34 80.65
N THR D 427 -32.75 11.22 81.45
CA THR D 427 -32.81 11.16 82.90
C THR D 427 -32.76 12.57 83.51
N PRO D 428 -33.63 12.85 84.49
CA PRO D 428 -33.58 14.14 85.18
C PRO D 428 -32.19 14.55 85.63
N LEU D 429 -32.01 15.85 85.84
CA LEU D 429 -30.77 16.58 86.09
C LEU D 429 -29.97 16.81 84.82
N THR D 430 -30.37 16.29 83.68
CA THR D 430 -29.75 16.62 82.41
C THR D 430 -30.69 17.49 81.59
N LEU D 431 -30.11 18.28 80.69
CA LEU D 431 -30.90 19.11 79.81
C LEU D 431 -31.75 18.29 78.87
N ASN D 432 -31.37 17.03 78.63
CA ASN D 432 -32.16 16.15 77.78
C ASN D 432 -33.50 15.82 78.39
N PHE D 433 -33.55 15.68 79.71
CA PHE D 433 -34.83 15.36 80.33
C PHE D 433 -35.82 16.50 80.17
N VAL D 434 -35.37 17.73 80.38
CA VAL D 434 -36.26 18.89 80.26
C VAL D 434 -36.82 19.00 78.86
N GLY D 435 -35.95 18.80 77.86
CA GLY D 435 -36.37 18.93 76.46
C GLY D 435 -37.42 17.91 76.11
N GLU D 436 -37.30 16.71 76.65
CA GLU D 436 -38.28 15.62 76.39
C GLU D 436 -39.54 15.92 77.18
N PHE D 437 -39.51 16.33 78.36
CA PHE D 437 -40.70 16.58 79.15
C PHE D 437 -41.57 17.63 78.49
N MET D 438 -40.97 18.72 78.03
CA MET D 438 -41.74 19.78 77.41
C MET D 438 -42.14 19.44 75.99
N SER D 439 -41.30 18.71 75.27
CA SER D 439 -41.69 18.26 73.95
C SER D 439 -42.88 17.31 74.01
N LEU D 440 -42.82 16.35 74.93
CA LEU D 440 -43.90 15.37 75.02
C LEU D 440 -45.18 16.01 75.49
N TYR D 441 -45.09 16.95 76.42
CA TYR D 441 -46.29 17.60 76.93
C TYR D 441 -47.06 18.28 75.80
N GLY D 442 -46.38 19.08 74.98
CA GLY D 442 -47.06 19.74 73.89
C GLY D 442 -47.59 18.77 72.85
N THR D 443 -46.82 17.73 72.54
CA THR D 443 -47.34 16.69 71.62
C THR D 443 -48.67 16.17 72.16
N LEU D 444 -48.75 15.86 73.46
CA LEU D 444 -49.98 15.34 74.09
C LEU D 444 -51.13 16.36 74.08
N GLU D 445 -50.87 17.61 74.44
CA GLU D 445 -51.96 18.62 74.54
C GLU D 445 -52.57 18.84 73.15
N ARG D 446 -51.75 18.75 72.10
CA ARG D 446 -52.23 18.98 70.71
C ARG D 446 -53.01 17.77 70.20
N LEU D 447 -52.46 16.60 70.17
CA LEU D 447 -53.12 15.34 69.75
C LEU D 447 -52.80 14.27 70.81
N PRO D 448 -53.58 14.02 71.86
CA PRO D 448 -53.23 13.13 72.98
C PRO D 448 -52.82 11.69 72.68
N ILE D 449 -53.16 11.15 71.51
CA ILE D 449 -52.89 9.70 71.27
C ILE D 449 -51.43 9.53 70.81
N ALA D 450 -50.92 10.45 69.98
CA ALA D 450 -49.57 10.31 69.46
C ALA D 450 -48.53 10.62 70.52
N GLY D 451 -48.83 11.57 71.39
CA GLY D 451 -47.95 11.88 72.54
C GLY D 451 -47.81 10.65 73.42
N MET D 452 -48.88 9.86 73.57
CA MET D 452 -48.84 8.64 74.42
C MET D 452 -47.95 7.58 73.76
N LEU D 453 -47.87 7.59 72.43
CA LEU D 453 -47.02 6.60 71.70
C LEU D 453 -45.62 7.20 71.60
N ALA D 454 -45.52 8.53 71.62
CA ALA D 454 -44.21 9.21 71.64
C ALA D 454 -43.57 8.98 73.02
N SER D 455 -44.39 8.94 74.07
CA SER D 455 -43.88 8.77 75.46
C SER D 455 -43.32 7.36 75.66
N THR D 456 -43.55 6.46 74.70
CA THR D 456 -42.94 5.11 74.82
C THR D 456 -41.43 5.33 74.82
N SER D 457 -40.95 6.34 74.10
CA SER D 457 -39.51 6.70 74.14
C SER D 457 -39.00 6.55 75.58
N ILE D 458 -39.71 7.08 76.57
CA ILE D 458 -39.22 7.02 77.94
C ILE D 458 -38.76 5.60 78.27
N ILE D 459 -39.53 4.60 77.84
CA ILE D 459 -39.17 3.22 78.13
C ILE D 459 -38.07 2.73 77.18
N PHE D 460 -38.20 2.99 75.89
CA PHE D 460 -37.30 2.35 74.94
C PHE D 460 -35.97 3.08 74.77
N SER D 461 -35.91 4.39 75.00
CA SER D 461 -34.60 5.04 75.04
C SER D 461 -33.78 4.50 76.20
N ALA D 462 -34.39 4.32 77.36
CA ALA D 462 -33.71 3.70 78.47
C ALA D 462 -33.27 2.28 78.14
N ALA D 463 -34.03 1.55 77.33
CA ALA D 463 -33.63 0.15 77.11
C ALA D 463 -32.42 0.10 76.19
N TYR D 464 -32.38 0.83 75.09
CA TYR D 464 -31.15 0.79 74.26
C TYR D 464 -29.94 1.37 74.99
N SER D 465 -30.10 2.47 75.72
CA SER D 465 -28.93 3.17 76.31
C SER D 465 -28.24 2.33 77.38
N ILE D 466 -29.02 1.77 78.29
CA ILE D 466 -28.46 0.90 79.37
C ILE D 466 -27.89 -0.38 78.76
N TYR D 467 -28.55 -0.97 77.76
CA TYR D 467 -28.08 -2.24 77.17
C TYR D 467 -26.72 -2.04 76.51
N MET D 468 -26.55 -0.97 75.74
CA MET D 468 -25.21 -0.66 75.19
C MET D 468 -24.20 -0.42 76.31
N TYR D 469 -24.58 0.37 77.31
CA TYR D 469 -23.58 0.69 78.37
C TYR D 469 -23.19 -0.60 79.09
N ASN D 470 -24.17 -1.41 79.43
CA ASN D 470 -23.92 -2.64 80.20
C ASN D 470 -23.03 -3.56 79.38
N ARG D 471 -23.23 -3.67 78.07
CA ARG D 471 -22.44 -4.56 77.21
C ARG D 471 -20.97 -4.11 77.13
N ILE D 472 -20.69 -2.81 77.09
CA ILE D 472 -19.29 -2.34 76.88
C ILE D 472 -18.53 -2.15 78.19
N ALA D 473 -19.10 -1.43 79.14
CA ALA D 473 -18.38 -1.10 80.39
C ALA D 473 -18.51 -2.25 81.37
N PHE D 474 -19.72 -2.75 81.50
CA PHE D 474 -20.02 -3.86 82.40
C PHE D 474 -20.18 -5.09 81.52
N GLY D 475 -20.76 -6.13 82.08
CA GLY D 475 -21.21 -7.25 81.29
C GLY D 475 -20.26 -8.42 81.23
N GLY D 476 -19.47 -8.62 82.26
CA GLY D 476 -18.46 -9.65 82.27
C GLY D 476 -17.17 -9.06 82.78
N SER D 477 -16.06 -9.55 82.28
CA SER D 477 -14.74 -9.04 82.61
C SER D 477 -14.13 -8.43 81.36
N VAL D 478 -12.97 -7.79 81.53
CA VAL D 478 -12.26 -7.31 80.37
C VAL D 478 -12.21 -8.41 79.33
N SER D 479 -12.62 -8.07 78.11
CA SER D 479 -12.84 -9.07 77.08
C SER D 479 -11.55 -9.76 76.70
N LEU D 480 -11.68 -11.00 76.24
CA LEU D 480 -10.51 -11.79 75.88
C LEU D 480 -10.00 -11.48 74.48
N TYR D 481 -10.74 -10.71 73.69
CA TYR D 481 -10.20 -10.29 72.40
C TYR D 481 -9.18 -9.17 72.55
N PHE D 482 -9.12 -8.53 73.72
CA PHE D 482 -8.10 -7.53 74.00
C PHE D 482 -6.83 -8.27 74.37
N ILE D 483 -5.90 -8.35 73.42
CA ILE D 483 -4.65 -9.08 73.63
C ILE D 483 -3.77 -8.37 74.66
N ASP D 484 -3.66 -7.06 74.55
CA ASP D 484 -2.92 -6.27 75.51
C ASP D 484 -3.85 -5.28 76.21
N CYS D 485 -3.32 -4.61 77.22
CA CYS D 485 -4.19 -3.71 78.02
C CYS D 485 -4.46 -2.42 77.24
N PHE D 486 -5.49 -1.69 77.64
CA PHE D 486 -5.84 -0.43 76.94
C PHE D 486 -5.69 0.68 77.96
N ARG D 487 -5.01 1.76 77.57
CA ARG D 487 -4.87 2.91 78.49
C ARG D 487 -6.26 3.53 78.71
N ASP D 488 -6.42 4.23 79.84
CA ASP D 488 -7.69 4.95 80.11
C ASP D 488 -7.63 6.28 79.39
N LEU D 489 -8.50 7.22 79.75
CA LEU D 489 -8.63 8.49 79.02
C LEU D 489 -7.35 9.33 79.06
N THR D 490 -7.04 10.01 77.97
CA THR D 490 -5.89 10.94 77.96
C THR D 490 -6.39 12.25 78.57
N LYS D 491 -5.53 13.22 78.79
CA LYS D 491 -5.99 14.50 79.28
C LYS D 491 -6.81 15.24 78.22
N ARG D 492 -6.59 14.91 76.95
CA ARG D 492 -7.42 15.50 75.89
C ARG D 492 -8.80 14.88 75.94
N GLU D 493 -8.88 13.54 76.06
CA GLU D 493 -10.16 12.87 76.04
C GLU D 493 -10.98 13.18 77.28
N PHE D 494 -10.31 13.37 78.41
CA PHE D 494 -11.03 13.68 79.64
C PHE D 494 -11.70 15.04 79.57
N PHE D 495 -11.02 16.03 79.00
CA PHE D 495 -11.47 17.40 79.17
C PHE D 495 -12.47 17.82 78.12
N ILE D 496 -12.58 17.11 77.01
CA ILE D 496 -13.64 17.40 76.07
C ILE D 496 -14.91 16.66 76.48
N LEU D 497 -14.77 15.47 77.05
CA LEU D 497 -15.92 14.81 77.65
C LEU D 497 -16.41 15.57 78.87
N PHE D 498 -15.48 16.00 79.72
CA PHE D 498 -15.87 16.76 80.89
C PHE D 498 -16.57 18.06 80.51
N THR D 499 -16.05 18.75 79.49
CA THR D 499 -16.67 19.99 79.05
C THR D 499 -18.08 19.74 78.55
N LEU D 500 -18.25 18.74 77.68
CA LEU D 500 -19.57 18.44 77.13
C LEU D 500 -20.53 17.95 78.21
N VAL D 501 -20.07 17.16 79.16
CA VAL D 501 -20.95 16.65 80.21
C VAL D 501 -21.39 17.78 81.13
N SER D 502 -20.50 18.73 81.40
CA SER D 502 -20.82 19.86 82.27
C SER D 502 -21.93 20.72 81.69
N PHE D 503 -21.92 20.95 80.38
CA PHE D 503 -22.99 21.71 79.76
C PHE D 503 -24.34 21.03 79.98
N THR D 504 -24.31 19.65 79.90
CA THR D 504 -25.59 18.90 80.00
C THR D 504 -26.18 19.03 81.42
N VAL D 505 -25.38 19.06 82.45
CA VAL D 505 -25.91 19.06 83.80
C VAL D 505 -26.35 20.45 84.23
N ILE D 506 -25.47 21.44 84.10
CA ILE D 506 -25.78 22.78 84.58
C ILE D 506 -26.96 23.35 83.81
N LEU D 507 -27.08 23.03 82.52
CA LEU D 507 -28.27 23.44 81.79
C LEU D 507 -29.48 22.63 82.19
N GLY D 508 -29.27 21.43 82.75
CA GLY D 508 -30.39 20.64 83.21
C GLY D 508 -30.89 21.07 84.58
N ILE D 509 -30.02 21.71 85.36
CA ILE D 509 -30.45 22.25 86.64
C ILE D 509 -31.12 23.60 86.44
N TYR D 510 -30.48 24.50 85.70
CA TYR D 510 -30.98 25.84 85.48
C TYR D 510 -31.22 26.08 84.00
N PRO D 511 -32.28 25.49 83.43
CA PRO D 511 -32.57 25.72 82.02
C PRO D 511 -32.98 27.14 81.70
N SER D 512 -33.28 27.95 82.71
CA SER D 512 -33.68 29.32 82.46
C SER D 512 -32.56 30.14 81.85
N PHE D 513 -31.34 29.63 81.88
CA PHE D 513 -30.26 30.23 81.11
C PHE D 513 -30.61 30.31 79.63
N VAL D 514 -31.38 29.36 79.12
CA VAL D 514 -31.76 29.33 77.71
C VAL D 514 -33.23 29.68 77.55
N LEU D 515 -34.03 29.47 78.58
CA LEU D 515 -35.51 29.68 78.44
C LEU D 515 -35.87 31.17 78.40
N ASP D 516 -35.10 32.03 79.09
CA ASP D 516 -35.44 33.48 79.18
C ASP D 516 -35.38 34.14 77.81
N GLY D 517 -34.38 33.80 76.98
CA GLY D 517 -34.32 34.33 75.61
C GLY D 517 -35.44 33.81 74.75
N LEU D 518 -35.79 32.53 74.88
CA LEU D 518 -36.82 31.90 74.03
C LEU D 518 -38.24 32.42 74.26
N HIS D 519 -38.63 32.76 75.48
CA HIS D 519 -40.07 33.02 75.75
C HIS D 519 -40.70 34.09 74.87
N TYR D 520 -40.10 35.26 74.75
CA TYR D 520 -40.76 36.35 73.96
C TYR D 520 -40.79 36.04 72.46
N ASN D 521 -39.66 35.62 71.90
CA ASN D 521 -39.55 35.34 70.44
C ASN D 521 -40.35 34.11 70.03
N ILE D 522 -40.36 33.06 70.86
CA ILE D 522 -41.17 31.85 70.57
C ILE D 522 -42.63 32.26 70.57
N SER D 523 -42.98 33.26 71.38
CA SER D 523 -44.39 33.69 71.51
C SER D 523 -44.93 34.35 70.23
N SER D 524 -44.14 34.35 69.16
CA SER D 524 -44.66 34.84 67.89
C SER D 524 -44.76 33.76 66.82
N VAL D 525 -44.58 32.49 67.14
CA VAL D 525 -44.90 31.42 66.20
C VAL D 525 -46.11 30.63 66.61
N VAL D 526 -46.80 31.00 67.69
CA VAL D 526 -48.01 30.28 68.07
C VAL D 526 -49.20 30.82 67.28
N TYR D 527 -50.06 29.92 66.83
CA TYR D 527 -51.25 30.24 66.05
C TYR D 527 -52.48 29.92 66.88
N GLY D 528 -53.23 30.94 67.27
CA GLY D 528 -54.51 30.69 67.91
C GLY D 528 -55.03 31.91 68.64
N ILE D 529 -56.28 31.78 69.08
CA ILE D 529 -56.95 32.79 69.88
C ILE D 529 -57.80 32.08 70.92
N GLU D 530 -58.04 32.78 72.02
CA GLU D 530 -58.97 32.41 73.09
C GLU D 530 -60.11 33.41 73.12
N PRO D 531 -61.32 32.99 73.51
CA PRO D 531 -62.50 33.80 73.19
C PRO D 531 -62.58 35.11 73.93
N ASN D 532 -62.11 35.17 75.17
CA ASN D 532 -62.28 36.42 75.95
C ASN D 532 -60.99 37.24 75.93
N ALA D 533 -59.93 36.67 75.37
CA ALA D 533 -58.62 37.37 75.31
C ALA D 533 -58.34 37.95 73.93
N SER D 534 -59.15 37.65 72.93
CA SER D 534 -58.78 38.11 71.57
C SER D 534 -59.60 39.31 71.10
N TYR D 535 -59.11 40.01 70.08
CA TYR D 535 -59.88 41.08 69.43
C TYR D 535 -60.36 42.11 70.45
N LEU D 536 -59.40 42.71 71.14
CA LEU D 536 -59.71 43.60 72.24
C LEU D 536 -60.13 44.98 71.74
N THR D 537 -60.87 45.70 72.57
CA THR D 537 -61.31 47.04 72.23
C THR D 537 -60.88 48.04 73.28
N MET E 1 -31.32 24.36 108.63
CA MET E 1 -31.40 23.02 109.19
C MET E 1 -32.11 22.10 108.24
N TYR E 2 -33.30 22.52 107.82
CA TYR E 2 -34.10 21.72 106.90
C TYR E 2 -33.42 21.56 105.57
N LEU E 3 -32.81 22.61 105.07
CA LEU E 3 -32.07 22.49 103.83
C LEU E 3 -30.69 21.91 104.06
N SER E 4 -30.28 21.74 105.32
CA SER E 4 -29.06 21.01 105.61
C SER E 4 -29.28 19.51 105.67
N ILE E 5 -30.49 19.07 106.04
CA ILE E 5 -30.81 17.66 105.95
C ILE E 5 -30.64 17.17 104.53
N ILE E 6 -31.08 17.97 103.58
CA ILE E 6 -31.01 17.59 102.18
C ILE E 6 -29.56 17.50 101.71
N ILE E 7 -28.69 18.37 102.21
CA ILE E 7 -27.39 18.55 101.58
C ILE E 7 -26.31 17.61 102.11
N LEU E 8 -26.36 17.23 103.39
CA LEU E 8 -25.30 16.41 103.97
C LEU E 8 -25.12 15.05 103.30
N PRO E 9 -26.16 14.26 103.08
CA PRO E 9 -25.93 13.00 102.37
C PRO E 9 -25.34 13.18 100.99
N LEU E 10 -25.67 14.28 100.32
CA LEU E 10 -25.10 14.58 99.01
C LEU E 10 -23.62 14.86 99.10
N LEU E 11 -23.18 15.62 100.11
CA LEU E 11 -21.79 16.05 100.20
C LEU E 11 -20.87 14.88 100.50
N GLY E 12 -21.28 14.02 101.44
CA GLY E 12 -20.46 12.86 101.76
C GLY E 12 -20.25 11.95 100.58
N SER E 13 -21.26 11.83 99.72
CA SER E 13 -21.15 10.99 98.54
C SER E 13 -20.11 11.51 97.58
N VAL E 14 -20.02 12.83 97.44
CA VAL E 14 -19.07 13.42 96.52
C VAL E 14 -17.64 13.13 96.94
N VAL E 15 -17.37 13.23 98.23
CA VAL E 15 -16.04 12.93 98.76
C VAL E 15 -15.72 11.45 98.54
N SER E 16 -16.66 10.57 98.84
CA SER E 16 -16.37 9.15 98.71
C SER E 16 -16.22 8.73 97.25
N GLY E 17 -16.97 9.34 96.35
CA GLY E 17 -16.95 8.89 94.97
C GLY E 17 -15.85 9.46 94.10
N PHE E 18 -15.74 10.77 94.04
CA PHE E 18 -14.71 11.37 93.21
C PHE E 18 -13.45 11.69 93.99
N PHE E 19 -13.40 11.38 95.28
CA PHE E 19 -12.21 11.67 96.09
C PHE E 19 -11.82 10.48 96.96
N GLY E 20 -12.26 9.27 96.60
CA GLY E 20 -11.87 8.09 97.35
C GLY E 20 -10.38 7.84 97.38
N ARG E 21 -9.67 8.29 96.33
CA ARG E 21 -8.22 8.21 96.33
C ARG E 21 -7.61 8.97 97.49
N LYS E 22 -8.22 10.10 97.85
CA LYS E 22 -7.53 11.01 98.74
C LYS E 22 -7.78 10.64 100.19
N VAL E 23 -9.01 10.22 100.51
CA VAL E 23 -9.37 9.85 101.87
C VAL E 23 -9.15 8.39 102.19
N GLY E 24 -9.10 7.53 101.19
CA GLY E 24 -8.92 6.12 101.44
C GLY E 24 -10.19 5.42 101.89
N VAL E 25 -10.02 4.13 102.16
CA VAL E 25 -11.17 3.29 102.49
C VAL E 25 -11.76 3.70 103.83
N SER E 26 -10.89 3.91 104.82
CA SER E 26 -11.35 4.35 106.13
C SER E 26 -11.84 5.78 106.10
N GLY E 27 -11.14 6.65 105.37
CA GLY E 27 -11.57 8.03 105.31
C GLY E 27 -12.94 8.16 104.69
N ALA E 28 -13.20 7.41 103.62
CA ALA E 28 -14.52 7.40 103.03
C ALA E 28 -15.57 6.87 103.99
N GLN E 29 -15.25 5.78 104.69
CA GLN E 29 -16.25 5.17 105.58
C GLN E 29 -16.65 6.13 106.67
N LEU E 30 -15.70 6.83 107.26
CA LEU E 30 -16.03 7.77 108.33
C LEU E 30 -16.88 8.91 107.80
N ILE E 31 -16.48 9.53 106.69
CA ILE E 31 -17.21 10.69 106.18
C ILE E 31 -18.60 10.29 105.72
N THR E 32 -18.70 9.23 104.92
CA THR E 32 -20.00 8.74 104.50
C THR E 32 -20.88 8.41 105.69
N CYS E 33 -20.35 7.64 106.64
CA CYS E 33 -21.18 7.23 107.76
C CYS E 33 -21.54 8.42 108.63
N SER E 34 -20.53 9.21 109.03
CA SER E 34 -20.79 10.30 109.96
C SER E 34 -21.71 11.35 109.36
N SER E 35 -21.55 11.64 108.07
CA SER E 35 -22.40 12.65 107.46
C SER E 35 -23.86 12.22 107.45
N VAL E 36 -24.11 10.94 107.17
CA VAL E 36 -25.46 10.42 107.24
C VAL E 36 -25.94 10.34 108.68
N ILE E 37 -25.03 10.05 109.61
CA ILE E 37 -25.42 10.07 111.03
C ILE E 37 -25.92 11.45 111.43
N ILE E 38 -25.17 12.49 111.06
CA ILE E 38 -25.54 13.86 111.42
C ILE E 38 -26.92 14.21 110.88
N THR E 39 -27.18 13.82 109.63
CA THR E 39 -28.47 14.12 109.01
C THR E 39 -29.61 13.48 109.79
N THR E 40 -29.35 12.32 110.39
CA THR E 40 -30.36 11.59 111.12
C THR E 40 -30.78 12.32 112.39
N ILE E 41 -29.84 12.90 113.13
CA ILE E 41 -30.22 13.68 114.29
C ILE E 41 -31.02 14.91 113.88
N LEU E 42 -30.57 15.60 112.82
CA LEU E 42 -31.28 16.76 112.32
C LEU E 42 -32.72 16.46 111.98
N SER E 43 -33.01 15.21 111.61
CA SER E 43 -34.35 14.83 111.21
C SER E 43 -35.19 14.30 112.36
N ILE E 44 -34.54 13.70 113.35
CA ILE E 44 -35.22 13.45 114.61
C ILE E 44 -35.69 14.76 115.21
N ILE E 45 -34.86 15.80 115.13
CA ILE E 45 -35.25 17.10 115.63
C ILE E 45 -36.39 17.67 114.82
N ALA E 46 -36.32 17.54 113.50
CA ALA E 46 -37.36 18.06 112.62
C ALA E 46 -38.70 17.38 112.85
N PHE E 47 -38.70 16.14 113.37
CA PHE E 47 -39.97 15.49 113.63
C PHE E 47 -40.71 16.17 114.77
N PHE E 48 -39.99 16.43 115.86
CA PHE E 48 -40.63 17.14 117.00
C PHE E 48 -41.01 18.53 116.51
N GLU E 49 -40.10 19.17 115.78
CA GLU E 49 -40.33 20.56 115.31
C GLU E 49 -41.54 20.69 114.39
N VAL E 50 -41.70 19.83 113.40
CA VAL E 50 -42.79 20.06 112.39
C VAL E 50 -44.07 19.37 112.83
N GLY E 51 -43.97 18.10 113.19
CA GLY E 51 -45.17 17.33 113.52
C GLY E 51 -45.76 17.70 114.86
N PHE E 52 -44.93 17.78 115.89
CA PHE E 52 -45.46 17.95 117.23
C PHE E 52 -45.85 19.38 117.51
N ASN E 53 -45.69 20.28 116.54
CA ASN E 53 -46.13 21.65 116.69
C ASN E 53 -47.03 22.10 115.56
N ASN E 54 -47.26 21.24 114.56
CA ASN E 54 -48.13 21.55 113.43
C ASN E 54 -47.64 22.84 112.75
N ILE E 55 -46.34 22.85 112.45
CA ILE E 55 -45.72 23.99 111.79
C ILE E 55 -45.04 23.50 110.52
N PRO E 56 -45.75 23.43 109.40
CA PRO E 56 -45.09 23.08 108.14
C PRO E 56 -44.02 24.10 107.78
N VAL E 57 -42.97 23.62 107.13
CA VAL E 57 -41.84 24.45 106.76
C VAL E 57 -41.76 24.50 105.24
N THR E 58 -41.65 25.70 104.69
CA THR E 58 -41.46 25.88 103.26
C THR E 58 -40.10 26.49 103.00
N ILE E 59 -39.44 26.05 101.94
CA ILE E 59 -38.27 26.75 101.41
C ILE E 59 -38.33 26.68 99.89
N ASN E 60 -37.90 27.76 99.24
CA ASN E 60 -37.80 27.84 97.79
C ASN E 60 -36.46 28.47 97.49
N ILE E 61 -35.71 27.88 96.57
CA ILE E 61 -34.33 28.24 96.34
C ILE E 61 -34.14 28.91 94.98
N PHE E 62 -34.61 28.29 93.91
CA PHE E 62 -34.66 28.95 92.63
C PHE E 62 -35.59 28.19 91.72
N ARG E 63 -35.80 28.75 90.53
CA ARG E 63 -36.59 28.10 89.51
C ARG E 63 -35.89 26.87 88.97
N TRP E 64 -36.67 25.88 88.60
CA TRP E 64 -36.17 24.82 87.73
C TRP E 64 -36.67 25.00 86.30
N ILE E 65 -37.97 24.96 86.09
CA ILE E 65 -38.56 25.05 84.75
C ILE E 65 -39.52 26.22 84.74
N ASP E 66 -39.18 27.30 84.02
CA ASP E 66 -40.01 28.52 84.07
C ASP E 66 -40.67 28.84 82.72
N SER E 67 -41.68 28.07 82.29
CA SER E 67 -42.43 28.43 81.05
C SER E 67 -43.82 28.95 81.43
N GLU E 68 -44.55 29.61 80.52
CA GLU E 68 -45.82 30.21 80.95
C GLU E 68 -46.79 29.17 81.47
N TRP E 69 -47.30 29.43 82.68
CA TRP E 69 -48.15 28.55 83.47
C TRP E 69 -47.39 27.41 84.13
N PHE E 70 -46.16 27.14 83.73
CA PHE E 70 -45.38 26.02 84.25
C PHE E 70 -44.20 26.66 84.98
N ILE E 71 -44.30 26.78 86.30
CA ILE E 71 -43.15 27.20 87.08
C ILE E 71 -42.94 26.17 88.19
N ILE E 72 -41.87 25.38 88.05
CA ILE E 72 -41.51 24.34 89.00
C ILE E 72 -40.27 24.81 89.75
N ASN E 73 -40.38 24.93 91.06
CA ASN E 73 -39.28 25.44 91.87
C ASN E 73 -38.40 24.31 92.39
N TRP E 74 -37.11 24.62 92.57
CA TRP E 74 -36.21 23.76 93.33
C TRP E 74 -36.53 23.98 94.80
N GLY E 75 -37.72 23.54 95.20
CA GLY E 75 -38.26 23.91 96.48
C GLY E 75 -38.71 22.72 97.29
N PHE E 76 -38.78 22.94 98.60
CA PHE E 76 -39.00 21.87 99.55
C PHE E 76 -40.06 22.29 100.56
N GLN E 77 -40.84 21.31 101.01
CA GLN E 77 -41.91 21.53 101.98
C GLN E 77 -41.88 20.42 103.00
N TYR E 78 -41.71 20.79 104.26
CA TYR E 78 -41.67 19.82 105.35
C TYR E 78 -43.02 19.86 106.06
N ASP E 79 -43.74 18.74 106.02
CA ASP E 79 -45.04 18.64 106.65
C ASP E 79 -45.12 17.37 107.48
N SER E 80 -46.32 17.05 107.95
CA SER E 80 -46.48 15.91 108.84
C SER E 80 -46.10 14.61 108.16
N LEU E 81 -46.50 14.44 106.90
CA LEU E 81 -46.18 13.21 106.18
C LEU E 81 -44.70 13.13 105.85
N THR E 82 -44.07 14.33 105.68
CA THR E 82 -42.66 14.34 105.24
C THR E 82 -41.80 13.75 106.37
N VAL E 83 -41.95 14.25 107.54
CA VAL E 83 -41.11 13.90 108.67
C VAL E 83 -41.34 12.47 109.12
N SER E 84 -42.55 11.95 108.91
CA SER E 84 -42.77 10.54 109.15
C SER E 84 -41.91 9.68 108.24
N MET E 85 -41.83 10.03 106.96
CA MET E 85 -41.04 9.24 106.01
C MET E 85 -39.55 9.29 106.32
N LEU E 86 -39.06 10.43 106.78
CA LEU E 86 -37.61 10.58 106.95
C LEU E 86 -37.07 9.69 108.05
N ILE E 87 -37.84 9.44 109.11
CA ILE E 87 -37.29 8.74 110.26
C ILE E 87 -36.88 7.31 109.92
N PRO E 88 -37.74 6.47 109.36
CA PRO E 88 -37.22 5.19 108.84
C PRO E 88 -36.14 5.35 107.79
N VAL E 89 -36.28 6.30 106.87
CA VAL E 89 -35.28 6.44 105.80
C VAL E 89 -33.91 6.75 106.39
N LEU E 90 -33.84 7.68 107.33
CA LEU E 90 -32.55 8.12 107.81
C LEU E 90 -31.94 7.17 108.85
N ILE E 91 -32.76 6.54 109.69
CA ILE E 91 -32.20 5.59 110.65
C ILE E 91 -31.71 4.34 109.93
N ILE E 92 -32.53 3.80 109.03
CA ILE E 92 -32.15 2.60 108.31
C ILE E 92 -30.96 2.87 107.39
N SER E 93 -30.87 4.07 106.82
CA SER E 93 -29.65 4.43 106.12
C SER E 93 -28.48 4.56 107.08
N SER E 94 -28.70 5.19 108.24
CA SER E 94 -27.61 5.37 109.19
C SER E 94 -27.10 4.04 109.71
N LEU E 95 -27.99 3.11 110.02
CA LEU E 95 -27.56 1.84 110.57
C LEU E 95 -26.97 0.92 109.49
N VAL E 96 -27.50 0.95 108.27
CA VAL E 96 -26.96 0.10 107.21
C VAL E 96 -25.54 0.52 106.82
N HIS E 97 -25.26 1.82 106.84
CA HIS E 97 -23.86 2.24 106.69
C HIS E 97 -22.97 1.62 107.76
N ILE E 98 -23.37 1.72 109.02
CA ILE E 98 -22.55 1.14 110.07
C ILE E 98 -22.43 -0.37 109.89
N TYR E 99 -23.52 -1.02 109.51
CA TYR E 99 -23.48 -2.45 109.24
C TYR E 99 -22.47 -2.77 108.16
N SER E 100 -22.37 -1.92 107.14
CA SER E 100 -21.57 -2.20 105.96
C SER E 100 -20.09 -1.98 106.20
N ILE E 101 -19.71 -1.36 107.32
CA ILE E 101 -18.28 -1.18 107.62
C ILE E 101 -17.62 -2.53 107.79
N SER E 102 -18.38 -3.54 108.20
CA SER E 102 -17.88 -4.88 108.37
C SER E 102 -18.35 -5.87 107.32
N TYR E 103 -19.51 -5.65 106.72
CA TYR E 103 -19.99 -6.58 105.71
C TYR E 103 -19.11 -6.54 104.46
N MET E 104 -18.75 -5.34 104.02
CA MET E 104 -17.97 -5.18 102.80
C MET E 104 -16.49 -5.04 103.08
N SER E 105 -16.04 -5.44 104.27
CA SER E 105 -14.68 -5.16 104.72
C SER E 105 -13.64 -5.80 103.80
N SER E 106 -13.93 -6.96 103.21
CA SER E 106 -12.98 -7.61 102.33
C SER E 106 -13.11 -7.20 100.86
N ASP E 107 -14.13 -6.43 100.50
CA ASP E 107 -14.35 -6.08 99.11
C ASP E 107 -13.28 -5.12 98.62
N PRO E 108 -12.83 -5.28 97.38
CA PRO E 108 -11.81 -4.35 96.84
C PRO E 108 -12.28 -2.91 96.79
N HIS E 109 -13.56 -2.67 96.57
CA HIS E 109 -14.09 -1.36 96.22
C HIS E 109 -15.08 -0.88 97.28
N ASN E 110 -14.56 -0.27 98.35
CA ASN E 110 -15.43 0.25 99.39
C ASN E 110 -15.79 1.69 99.18
N GLN E 111 -14.88 2.49 98.63
CA GLN E 111 -15.19 3.88 98.39
C GLN E 111 -16.32 4.04 97.39
N ARG E 112 -16.44 3.11 96.45
CA ARG E 112 -17.54 3.16 95.51
C ARG E 112 -18.85 2.70 96.15
N PHE E 113 -18.80 1.66 96.96
CA PHE E 113 -20.00 1.18 97.63
C PHE E 113 -20.59 2.24 98.56
N PHE E 114 -19.77 2.80 99.45
CA PHE E 114 -20.28 3.73 100.44
C PHE E 114 -20.73 5.03 99.82
N SER E 115 -20.16 5.37 98.66
CA SER E 115 -20.62 6.51 97.90
C SER E 115 -22.05 6.28 97.37
N TYR E 116 -22.29 5.11 96.79
CA TYR E 116 -23.63 4.82 96.30
C TYR E 116 -24.65 4.82 97.43
N LEU E 117 -24.24 4.43 98.62
CA LEU E 117 -25.13 4.45 99.78
C LEU E 117 -25.52 5.88 100.15
N SER E 118 -24.55 6.77 100.24
CA SER E 118 -24.85 8.17 100.49
C SER E 118 -25.69 8.76 99.37
N LEU E 119 -25.38 8.42 98.12
CA LEU E 119 -26.14 8.92 97.00
C LEU E 119 -27.59 8.47 97.07
N PHE E 120 -27.82 7.21 97.47
CA PHE E 120 -29.18 6.72 97.59
C PHE E 120 -29.97 7.47 98.64
N THR E 121 -29.34 7.79 99.77
CA THR E 121 -30.03 8.52 100.82
C THR E 121 -30.44 9.92 100.37
N PHE E 122 -29.57 10.59 99.62
CA PHE E 122 -29.89 11.92 99.10
C PHE E 122 -31.16 11.89 98.27
N MET E 123 -31.33 10.85 97.46
CA MET E 123 -32.42 10.80 96.50
C MET E 123 -33.76 10.53 97.17
N MET E 124 -33.78 9.72 98.23
CA MET E 124 -35.02 9.57 98.99
C MET E 124 -35.40 10.85 99.71
N ILE E 125 -34.41 11.59 100.20
CA ILE E 125 -34.73 12.88 100.82
C ILE E 125 -35.38 13.80 99.81
N ILE E 126 -34.82 13.86 98.60
CA ILE E 126 -35.38 14.69 97.54
C ILE E 126 -36.78 14.24 97.21
N LEU E 127 -37.02 12.93 97.29
CA LEU E 127 -38.30 12.37 96.88
C LEU E 127 -39.42 12.75 97.84
N VAL E 128 -39.11 12.83 99.13
CA VAL E 128 -40.16 13.06 100.10
C VAL E 128 -40.22 14.50 100.57
N THR E 129 -39.33 15.37 100.12
CA THR E 129 -39.33 16.75 100.54
C THR E 129 -39.58 17.74 99.42
N ALA E 130 -40.09 17.29 98.27
CA ALA E 130 -40.31 18.23 97.18
C ALA E 130 -41.64 18.97 97.34
N ASN E 131 -41.69 20.19 96.79
CA ASN E 131 -42.92 20.98 96.69
C ASN E 131 -43.87 20.46 95.64
N ASN E 132 -43.34 19.96 94.53
CA ASN E 132 -44.14 19.67 93.36
C ASN E 132 -43.93 18.22 92.97
N TYR E 133 -44.75 17.77 92.02
CA TYR E 133 -44.67 16.42 91.49
C TYR E 133 -43.42 16.20 90.67
N LEU E 134 -42.91 17.24 90.02
CA LEU E 134 -41.79 17.10 89.09
C LEU E 134 -40.45 16.99 89.82
N LEU E 135 -40.28 17.71 90.92
CA LEU E 135 -39.07 17.52 91.72
C LEU E 135 -39.16 16.24 92.54
N MET E 136 -40.36 15.82 92.92
CA MET E 136 -40.56 14.46 93.41
C MET E 136 -39.99 13.46 92.42
N PHE E 137 -40.18 13.71 91.13
CA PHE E 137 -39.71 12.81 90.08
C PHE E 137 -38.20 12.80 89.95
N VAL E 138 -37.49 13.78 90.50
CA VAL E 138 -36.03 13.73 90.48
C VAL E 138 -35.52 12.65 91.41
N GLY E 139 -36.04 12.62 92.64
CA GLY E 139 -35.74 11.51 93.52
C GLY E 139 -36.29 10.19 93.05
N TRP E 140 -37.46 10.19 92.43
CA TRP E 140 -38.07 8.96 91.92
C TRP E 140 -37.15 8.29 90.89
N GLU E 141 -36.65 9.06 89.93
CA GLU E 141 -35.60 8.63 89.02
C GLU E 141 -34.26 8.45 89.70
N GLY E 142 -33.91 9.32 90.65
CA GLY E 142 -32.63 9.19 91.31
C GLY E 142 -32.47 7.89 92.04
N VAL E 143 -33.49 7.47 92.80
CA VAL E 143 -33.39 6.21 93.50
C VAL E 143 -33.36 5.06 92.49
N GLY E 144 -34.01 5.24 91.34
CA GLY E 144 -33.93 4.24 90.29
C GLY E 144 -32.52 4.04 89.75
N VAL E 145 -31.78 5.14 89.59
CA VAL E 145 -30.38 5.04 89.16
C VAL E 145 -29.53 4.40 90.25
N CYS E 146 -29.77 4.80 91.50
CA CYS E 146 -29.01 4.26 92.62
C CYS E 146 -29.28 2.77 92.82
N SER E 147 -30.48 2.31 92.51
CA SER E 147 -30.76 0.89 92.60
C SER E 147 -29.98 0.12 91.54
N TYR E 148 -29.96 0.63 90.31
CA TYR E 148 -29.24 -0.04 89.24
C TYR E 148 -27.75 -0.09 89.53
N LEU E 149 -27.21 0.96 90.12
CA LEU E 149 -25.79 1.01 90.46
C LEU E 149 -25.42 0.09 91.61
N LEU E 150 -26.40 -0.44 92.34
CA LEU E 150 -26.10 -1.28 93.48
C LEU E 150 -26.52 -2.73 93.32
N VAL E 151 -27.48 -3.03 92.44
CA VAL E 151 -27.74 -4.41 92.08
C VAL E 151 -26.66 -4.91 91.14
N SER E 152 -25.90 -3.99 90.56
CA SER E 152 -24.84 -4.28 89.61
C SER E 152 -23.48 -3.86 90.13
N PHE E 153 -23.33 -3.80 91.46
CA PHE E 153 -22.07 -3.35 92.04
C PHE E 153 -20.92 -4.27 91.65
N TRP E 154 -21.14 -5.58 91.69
CA TRP E 154 -20.19 -6.53 91.14
C TRP E 154 -20.51 -6.69 89.66
N PHE E 155 -20.06 -5.72 88.87
CA PHE E 155 -20.41 -5.67 87.46
C PHE E 155 -19.75 -6.76 86.63
N THR E 156 -18.93 -7.62 87.23
CA THR E 156 -18.33 -8.72 86.49
C THR E 156 -19.16 -9.98 86.52
N ARG E 157 -20.29 -9.96 87.21
CA ARG E 157 -21.21 -11.09 87.24
C ARG E 157 -22.35 -10.84 86.25
N ILE E 158 -22.47 -11.72 85.25
CA ILE E 158 -23.48 -11.50 84.22
C ILE E 158 -24.88 -11.58 84.80
N ALA E 159 -25.06 -12.40 85.83
CA ALA E 159 -26.36 -12.44 86.49
C ALA E 159 -26.72 -11.08 87.05
N ALA E 160 -25.75 -10.42 87.70
CA ALA E 160 -26.00 -9.11 88.26
C ALA E 160 -26.37 -8.08 87.20
N ASN E 161 -25.73 -8.16 86.03
CA ASN E 161 -26.05 -7.30 84.91
C ASN E 161 -27.49 -7.51 84.43
N GLN E 162 -27.94 -8.76 84.34
CA GLN E 162 -29.29 -9.03 83.89
C GLN E 162 -30.33 -8.47 84.87
N SER E 163 -30.07 -8.59 86.17
CA SER E 163 -31.04 -8.15 87.16
C SER E 163 -31.09 -6.64 87.27
N SER E 164 -29.99 -5.95 86.93
CA SER E 164 -30.01 -4.50 86.97
C SER E 164 -30.72 -3.91 85.76
N ILE E 165 -30.58 -4.54 84.58
CA ILE E 165 -31.40 -4.15 83.44
C ILE E 165 -32.86 -4.36 83.76
N SER E 166 -33.17 -5.43 84.47
CA SER E 166 -34.55 -5.71 84.82
C SER E 166 -35.07 -4.70 85.83
N ALA E 167 -34.25 -4.33 86.81
CA ALA E 167 -34.67 -3.30 87.74
C ALA E 167 -34.88 -1.97 87.03
N PHE E 168 -34.02 -1.65 86.07
CA PHE E 168 -34.05 -0.35 85.40
C PHE E 168 -35.27 -0.20 84.52
N LEU E 169 -35.54 -1.20 83.68
CA LEU E 169 -36.53 -1.04 82.63
C LEU E 169 -37.94 -1.34 83.14
N THR E 170 -38.06 -2.18 84.15
CA THR E 170 -39.36 -2.35 84.79
C THR E 170 -39.76 -1.08 85.52
N ASN E 171 -38.79 -0.40 86.14
CA ASN E 171 -39.09 0.86 86.80
C ASN E 171 -39.29 1.98 85.80
N ARG E 172 -38.61 1.93 84.66
CA ARG E 172 -38.85 2.92 83.61
C ARG E 172 -40.21 2.74 82.93
N VAL E 173 -40.85 1.58 83.07
CA VAL E 173 -42.19 1.41 82.55
C VAL E 173 -43.18 2.22 83.36
N GLY E 174 -43.10 2.12 84.69
CA GLY E 174 -43.92 2.96 85.54
C GLY E 174 -43.55 4.41 85.48
N ASP E 175 -42.32 4.71 85.05
CA ASP E 175 -41.93 6.10 84.83
C ASP E 175 -42.70 6.72 83.68
N CYS E 176 -42.92 5.95 82.60
CA CYS E 176 -43.68 6.47 81.47
C CYS E 176 -45.09 6.86 81.89
N PHE E 177 -45.76 5.96 82.61
CA PHE E 177 -47.15 6.20 83.08
C PHE E 177 -47.18 7.36 84.10
N LEU E 178 -46.19 7.41 85.00
CA LEU E 178 -46.13 8.52 85.95
C LEU E 178 -45.91 9.84 85.24
N THR E 179 -45.12 9.85 84.17
CA THR E 179 -44.94 11.07 83.39
C THR E 179 -46.20 11.43 82.61
N VAL E 180 -46.88 10.43 82.06
CA VAL E 180 -48.15 10.67 81.38
C VAL E 180 -49.17 11.25 82.34
N GLY E 181 -49.24 10.72 83.55
CA GLY E 181 -50.11 11.28 84.56
C GLY E 181 -49.72 12.68 84.97
N MET E 182 -48.41 12.97 85.01
CA MET E 182 -47.95 14.32 85.30
C MET E 182 -48.30 15.28 84.17
N PHE E 183 -48.44 14.78 82.94
CA PHE E 183 -48.84 15.69 81.83
C PHE E 183 -50.34 15.99 81.94
N ALA E 184 -51.11 15.06 82.52
CA ALA E 184 -52.55 15.32 82.73
C ALA E 184 -52.74 16.47 83.73
N ILE E 185 -51.94 16.50 84.80
CA ILE E 185 -52.08 17.55 85.85
C ILE E 185 -51.76 18.93 85.25
N LEU E 186 -50.68 19.03 84.47
CA LEU E 186 -50.29 20.31 83.83
C LEU E 186 -51.37 20.74 82.84
N TRP E 187 -51.89 19.78 82.05
CA TRP E 187 -52.96 20.08 81.06
C TRP E 187 -54.23 20.53 81.78
N SER E 188 -54.56 19.92 82.91
CA SER E 188 -55.83 20.22 83.62
C SER E 188 -55.73 21.45 84.52
N LEU E 189 -54.62 21.60 85.24
CA LEU E 189 -54.52 22.65 86.24
C LEU E 189 -53.39 23.64 86.01
N GLY E 190 -52.58 23.45 84.97
CA GLY E 190 -51.57 24.43 84.65
C GLY E 190 -50.30 24.30 85.46
N ASN E 191 -50.42 23.84 86.69
CA ASN E 191 -49.27 23.66 87.53
C ASN E 191 -49.33 22.30 88.21
N LEU E 192 -48.19 21.90 88.76
CA LEU E 192 -48.06 20.65 89.47
C LEU E 192 -47.34 20.79 90.81
N ASP E 193 -47.49 21.95 91.45
CA ASP E 193 -47.19 22.07 92.87
C ASP E 193 -48.26 21.37 93.69
N TYR E 194 -47.86 20.79 94.82
CA TYR E 194 -48.79 20.02 95.64
C TYR E 194 -49.92 20.88 96.14
N ALA E 195 -49.60 22.08 96.61
CA ALA E 195 -50.61 22.96 97.16
C ALA E 195 -51.66 23.29 96.12
N THR E 196 -51.23 23.58 94.89
CA THR E 196 -52.18 23.85 93.81
C THR E 196 -53.05 22.64 93.53
N VAL E 197 -52.44 21.47 93.41
CA VAL E 197 -53.19 20.30 92.96
C VAL E 197 -54.24 19.93 93.97
N PHE E 198 -53.96 20.12 95.25
CA PHE E 198 -54.88 19.69 96.28
C PHE E 198 -55.89 20.78 96.62
N SER E 199 -55.51 22.05 96.52
CA SER E 199 -56.49 23.11 96.71
C SER E 199 -57.58 23.05 95.66
N LEU E 200 -57.27 22.54 94.48
CA LEU E 200 -58.19 22.57 93.36
C LEU E 200 -58.90 21.27 93.09
N ALA E 201 -58.44 20.16 93.67
CA ALA E 201 -58.95 18.85 93.28
C ALA E 201 -60.45 18.64 93.47
N PRO E 202 -61.12 19.06 94.58
CA PRO E 202 -62.56 18.75 94.75
C PRO E 202 -63.43 19.19 93.57
N TYR E 203 -63.01 20.22 92.84
CA TYR E 203 -63.85 20.78 91.75
C TYR E 203 -63.45 20.23 90.38
N ILE E 204 -62.39 19.44 90.30
CA ILE E 204 -61.89 18.98 88.97
C ILE E 204 -62.83 17.93 88.37
N ASN E 205 -62.87 17.81 87.05
CA ASN E 205 -63.78 16.86 86.36
C ASN E 205 -63.49 15.45 86.89
N SER E 206 -64.52 14.74 87.35
CA SER E 206 -64.32 13.40 87.94
C SER E 206 -63.54 12.50 86.97
N ASN E 207 -63.74 12.65 85.67
CA ASN E 207 -63.10 11.72 84.70
C ASN E 207 -61.61 12.04 84.60
N VAL E 208 -61.20 13.27 84.94
CA VAL E 208 -59.77 13.67 84.84
C VAL E 208 -59.03 13.08 86.05
N VAL E 209 -59.67 13.03 87.22
CA VAL E 209 -59.06 12.36 88.36
C VAL E 209 -58.83 10.88 88.04
N ILE E 210 -59.75 10.30 87.25
CA ILE E 210 -59.67 8.84 86.92
C ILE E 210 -58.56 8.64 85.88
N ILE E 211 -58.09 9.73 85.26
CA ILE E 211 -56.94 9.59 84.32
C ILE E 211 -55.69 9.73 85.17
N ILE E 212 -55.63 10.78 85.99
CA ILE E 212 -54.44 11.04 86.85
C ILE E 212 -54.28 9.87 87.83
N GLY E 213 -55.38 9.45 88.47
CA GLY E 213 -55.29 8.40 89.47
C GLY E 213 -54.79 7.08 88.91
N ILE E 214 -55.15 6.75 87.67
CA ILE E 214 -54.79 5.42 87.12
C ILE E 214 -53.36 5.49 86.58
N CYS E 215 -52.85 6.71 86.38
CA CYS E 215 -51.44 6.87 85.93
C CYS E 215 -50.57 6.83 87.17
N LEU E 216 -50.90 7.65 88.18
CA LEU E 216 -50.19 7.53 89.45
C LEU E 216 -50.34 6.18 90.11
N LEU E 217 -51.33 5.39 89.74
CA LEU E 217 -51.37 4.04 90.27
C LEU E 217 -50.43 3.11 89.52
N ILE E 218 -50.47 3.15 88.18
CA ILE E 218 -49.62 2.24 87.36
C ILE E 218 -48.14 2.52 87.66
N GLY E 219 -47.76 3.79 87.77
CA GLY E 219 -46.37 4.11 88.11
C GLY E 219 -46.01 3.65 89.50
N ALA E 220 -46.93 3.80 90.45
CA ALA E 220 -46.64 3.45 91.83
C ALA E 220 -46.35 1.97 91.98
N MET E 221 -47.11 1.13 91.30
CA MET E 221 -46.94 -0.30 91.47
C MET E 221 -45.65 -0.81 90.86
N ALA E 222 -45.10 -0.12 89.87
CA ALA E 222 -43.79 -0.49 89.35
C ALA E 222 -42.73 -0.41 90.44
N LYS E 223 -42.75 0.66 91.23
CA LYS E 223 -41.80 0.81 92.32
C LYS E 223 -42.16 -0.04 93.52
N SER E 224 -43.44 -0.20 93.80
CA SER E 224 -43.86 -1.02 94.93
C SER E 224 -44.02 -2.49 94.58
N SER E 225 -43.61 -2.86 93.37
CA SER E 225 -43.68 -4.28 92.93
C SER E 225 -45.02 -4.90 93.31
N GLN E 226 -46.11 -4.37 92.74
CA GLN E 226 -47.45 -4.95 92.98
C GLN E 226 -47.61 -6.15 92.03
N VAL E 227 -48.76 -6.80 91.98
CA VAL E 227 -48.88 -8.10 91.24
C VAL E 227 -48.38 -8.04 89.79
N GLY E 228 -48.47 -6.92 89.06
CA GLY E 228 -48.04 -6.95 87.64
C GLY E 228 -46.59 -6.59 87.38
N LEU E 229 -46.17 -5.36 87.70
CA LEU E 229 -44.77 -4.90 87.50
C LEU E 229 -43.97 -5.17 88.77
N HIS E 230 -43.66 -6.43 89.09
CA HIS E 230 -43.02 -6.78 90.38
C HIS E 230 -41.86 -7.71 90.12
N VAL E 231 -41.55 -7.97 88.86
CA VAL E 231 -40.58 -9.00 88.56
C VAL E 231 -39.19 -8.64 89.05
N TRP E 232 -38.92 -7.36 89.30
CA TRP E 232 -37.56 -6.89 89.56
C TRP E 232 -37.16 -7.01 91.02
N LEU E 233 -38.10 -6.82 91.94
CA LEU E 233 -37.78 -6.91 93.35
C LEU E 233 -37.11 -8.24 93.74
N PRO E 234 -37.54 -9.41 93.25
CA PRO E 234 -36.77 -10.62 93.51
C PRO E 234 -35.35 -10.59 92.99
N MET E 235 -35.16 -10.10 91.77
CA MET E 235 -33.85 -10.08 91.13
C MET E 235 -32.89 -9.09 91.76
N ALA E 236 -33.37 -8.14 92.53
CA ALA E 236 -32.51 -7.15 93.15
C ALA E 236 -31.61 -7.75 94.22
N MET E 237 -31.86 -8.98 94.63
CA MET E 237 -31.08 -9.65 95.65
C MET E 237 -29.71 -10.11 95.15
N GLU E 238 -29.42 -9.87 93.88
CA GLU E 238 -28.07 -10.06 93.37
C GLU E 238 -27.09 -9.10 94.03
N GLY E 239 -27.48 -7.83 94.19
CA GLY E 239 -26.61 -6.86 94.79
C GLY E 239 -26.38 -7.21 96.23
N PRO E 240 -25.36 -6.63 96.85
CA PRO E 240 -24.97 -7.08 98.18
C PRO E 240 -26.12 -7.00 99.16
N THR E 241 -26.00 -7.79 100.23
CA THR E 241 -27.06 -7.86 101.23
C THR E 241 -27.39 -6.52 101.87
N PRO E 242 -26.44 -5.66 102.26
CA PRO E 242 -26.85 -4.38 102.86
C PRO E 242 -27.59 -3.47 101.90
N VAL E 243 -27.48 -3.67 100.59
CA VAL E 243 -28.31 -2.93 99.64
C VAL E 243 -29.76 -3.40 99.69
N SER E 244 -29.95 -4.71 99.77
CA SER E 244 -31.27 -5.30 99.95
C SER E 244 -31.93 -4.82 101.23
N ALA E 245 -31.14 -4.48 102.25
CA ALA E 245 -31.69 -4.06 103.53
C ALA E 245 -32.27 -2.66 103.49
N LEU E 246 -31.61 -1.76 102.79
CA LEU E 246 -31.98 -0.36 102.77
C LEU E 246 -32.87 -0.03 101.58
N ILE E 247 -32.41 -0.35 100.39
CA ILE E 247 -33.03 0.09 99.16
C ILE E 247 -34.13 -0.85 98.72
N HIS E 248 -33.81 -2.14 98.63
CA HIS E 248 -34.78 -3.07 98.00
C HIS E 248 -35.85 -3.62 98.94
N ALA E 249 -35.77 -3.35 100.23
CA ALA E 249 -36.84 -3.81 101.10
C ALA E 249 -37.19 -2.84 102.20
N ALA E 250 -36.61 -1.65 102.25
CA ALA E 250 -37.07 -0.76 103.31
C ALA E 250 -37.33 0.68 102.87
N THR E 251 -36.73 1.15 101.77
CA THR E 251 -36.91 2.55 101.38
C THR E 251 -37.38 2.80 99.96
N MET E 252 -36.74 2.18 98.96
CA MET E 252 -37.10 2.46 97.57
C MET E 252 -38.49 1.93 97.22
N VAL E 253 -38.82 0.75 97.70
CA VAL E 253 -40.13 0.17 97.45
C VAL E 253 -41.21 1.05 98.03
N THR E 254 -40.85 1.84 99.03
CA THR E 254 -41.78 2.72 99.71
C THR E 254 -42.24 3.88 98.85
N ALA E 255 -41.44 4.31 97.88
CA ALA E 255 -41.77 5.45 97.04
C ALA E 255 -43.08 5.24 96.29
N GLY E 256 -43.35 4.01 95.87
CA GLY E 256 -44.64 3.74 95.25
C GLY E 256 -45.81 4.01 96.18
N VAL E 257 -45.68 3.64 97.45
CA VAL E 257 -46.74 3.90 98.42
C VAL E 257 -46.78 5.38 98.78
N TYR E 258 -45.61 6.02 98.93
CA TYR E 258 -45.60 7.43 99.33
C TYR E 258 -46.28 8.31 98.29
N LEU E 259 -46.21 7.93 97.03
CA LEU E 259 -46.88 8.69 95.98
C LEU E 259 -48.39 8.74 96.19
N LEU E 260 -48.97 7.64 96.66
CA LEU E 260 -50.41 7.62 96.94
C LEU E 260 -50.75 8.32 98.24
N MET E 261 -49.91 8.20 99.27
CA MET E 261 -50.24 8.93 100.50
C MET E 261 -50.07 10.42 100.28
N ARG E 262 -49.07 10.83 99.51
CA ARG E 262 -48.91 12.24 99.20
C ARG E 262 -50.08 12.75 98.36
N SER E 263 -50.48 11.99 97.35
CA SER E 263 -51.54 12.39 96.45
C SER E 263 -52.92 12.09 96.98
N SER E 264 -53.02 11.79 98.27
CA SER E 264 -54.31 11.55 98.91
C SER E 264 -55.31 12.70 98.80
N PRO E 265 -54.94 13.98 98.95
CA PRO E 265 -55.95 15.03 98.83
C PRO E 265 -56.46 15.21 97.42
N LEU E 266 -56.06 14.33 96.51
CA LEU E 266 -56.51 14.30 95.14
C LEU E 266 -57.19 12.98 94.77
N ILE E 267 -56.56 11.85 95.05
CA ILE E 267 -57.11 10.57 94.62
C ILE E 267 -58.15 10.03 95.56
N GLU E 268 -58.49 10.76 96.62
CA GLU E 268 -59.70 10.47 97.38
C GLU E 268 -60.94 10.88 96.60
N TYR E 269 -60.78 11.76 95.62
CA TYR E 269 -61.88 12.25 94.81
C TYR E 269 -62.16 11.35 93.63
N SER E 270 -61.77 10.09 93.71
CA SER E 270 -62.21 9.09 92.74
C SER E 270 -62.37 7.78 93.48
N SER E 271 -63.59 7.25 93.51
CA SER E 271 -63.80 5.95 94.12
C SER E 271 -63.20 4.85 93.27
N THR E 272 -63.02 5.12 91.98
CA THR E 272 -62.44 4.11 91.05
C THR E 272 -61.02 3.78 91.49
N VAL E 273 -60.18 4.80 91.66
CA VAL E 273 -58.79 4.59 92.03
C VAL E 273 -58.70 3.91 93.39
N LEU E 274 -59.63 4.20 94.29
CA LEU E 274 -59.57 3.56 95.60
C LEU E 274 -60.04 2.12 95.54
N LEU E 275 -61.05 1.83 94.73
CA LEU E 275 -61.47 0.45 94.58
C LEU E 275 -60.53 -0.33 93.69
N LEU E 276 -59.61 0.39 93.00
CA LEU E 276 -58.58 -0.34 92.21
C LEU E 276 -57.38 -0.61 93.11
N CYS E 277 -56.93 0.41 93.87
CA CYS E 277 -55.82 0.19 94.81
C CYS E 277 -56.13 -0.95 95.76
N LEU E 278 -57.38 -1.06 96.17
CA LEU E 278 -57.79 -2.02 97.17
C LEU E 278 -57.46 -3.44 96.73
N TRP E 279 -57.88 -3.81 95.52
CA TRP E 279 -57.68 -5.16 95.04
C TRP E 279 -56.26 -5.40 94.62
N LEU E 280 -55.62 -4.42 93.98
CA LEU E 280 -54.21 -4.53 93.64
C LEU E 280 -53.38 -4.86 94.88
N GLY E 281 -53.78 -4.33 96.03
CA GLY E 281 -53.07 -4.65 97.25
C GLY E 281 -53.35 -6.05 97.74
N ALA E 282 -54.60 -6.50 97.63
CA ALA E 282 -54.96 -7.80 98.17
C ALA E 282 -54.44 -8.93 97.29
N ILE E 283 -54.33 -8.70 95.98
CA ILE E 283 -53.89 -9.77 95.10
C ILE E 283 -52.42 -10.09 95.32
N THR E 284 -51.65 -9.04 95.60
CA THR E 284 -50.19 -9.13 95.78
C THR E 284 -49.81 -9.81 97.09
N THR E 285 -50.58 -9.57 98.15
CA THR E 285 -50.31 -10.23 99.43
C THR E 285 -50.38 -11.75 99.28
N VAL E 286 -51.41 -12.30 98.62
CA VAL E 286 -51.45 -13.73 98.40
C VAL E 286 -50.53 -14.15 97.26
N PHE E 287 -50.39 -13.32 96.24
CA PHE E 287 -49.53 -13.65 95.11
C PHE E 287 -48.09 -13.84 95.57
N SER E 288 -47.67 -13.09 96.57
CA SER E 288 -46.30 -13.17 97.06
C SER E 288 -46.15 -14.01 98.33
N SER E 289 -47.23 -14.31 99.05
CA SER E 289 -47.09 -15.20 100.18
C SER E 289 -46.89 -16.64 99.74
N LEU E 290 -47.58 -17.05 98.68
CA LEU E 290 -47.42 -18.39 98.16
C LEU E 290 -46.03 -18.60 97.56
N ILE E 291 -45.52 -17.61 96.83
CA ILE E 291 -44.23 -17.79 96.19
C ILE E 291 -43.13 -17.96 97.23
N GLY E 292 -43.10 -17.08 98.23
CA GLY E 292 -42.06 -17.17 99.24
C GLY E 292 -42.05 -18.48 99.99
N LEU E 293 -43.20 -19.13 100.12
CA LEU E 293 -43.26 -20.42 100.78
C LEU E 293 -42.50 -21.50 100.02
N PHE E 294 -42.12 -21.25 98.77
CA PHE E 294 -41.60 -22.28 97.88
C PHE E 294 -40.20 -21.98 97.37
N GLN E 295 -39.44 -21.13 98.05
CA GLN E 295 -38.13 -20.74 97.56
C GLN E 295 -37.04 -21.37 98.42
N GLN E 296 -35.90 -21.64 97.78
CA GLN E 296 -34.77 -22.28 98.42
C GLN E 296 -33.70 -21.31 98.85
N ASP E 297 -33.92 -20.01 98.68
CA ASP E 297 -32.96 -18.97 98.96
C ASP E 297 -33.51 -18.09 100.07
N ILE E 298 -32.64 -17.74 101.03
CA ILE E 298 -33.06 -16.90 102.14
C ILE E 298 -33.52 -15.54 101.63
N LYS E 299 -32.77 -14.95 100.70
CA LYS E 299 -33.06 -13.59 100.28
C LYS E 299 -34.26 -13.53 99.34
N LYS E 300 -34.47 -14.56 98.52
CA LYS E 300 -35.67 -14.57 97.67
C LYS E 300 -36.94 -14.68 98.51
N VAL E 301 -36.86 -15.37 99.65
CA VAL E 301 -37.99 -15.39 100.57
C VAL E 301 -38.20 -14.01 101.19
N ILE E 302 -37.13 -13.39 101.68
CA ILE E 302 -37.28 -12.11 102.37
C ILE E 302 -37.65 -11.02 101.40
N ALA E 303 -37.22 -11.12 100.14
CA ALA E 303 -37.67 -10.20 99.11
C ALA E 303 -39.15 -10.40 98.80
N TYR E 304 -39.61 -11.64 98.76
CA TYR E 304 -41.02 -11.86 98.49
C TYR E 304 -41.88 -11.53 99.70
N SER E 305 -41.26 -11.46 100.87
CA SER E 305 -42.01 -11.05 102.06
C SER E 305 -42.19 -9.55 102.08
N THR E 306 -41.19 -8.82 101.61
CA THR E 306 -41.34 -7.38 101.39
C THR E 306 -42.52 -7.09 100.50
N MET E 307 -42.62 -7.81 99.38
CA MET E 307 -43.70 -7.65 98.42
C MET E 307 -45.07 -7.89 99.03
N SER E 308 -45.19 -8.84 99.94
CA SER E 308 -46.47 -9.08 100.58
C SER E 308 -46.87 -7.94 101.49
N GLN E 309 -45.94 -7.40 102.27
CA GLN E 309 -46.25 -6.24 103.10
C GLN E 309 -46.56 -5.02 102.27
N LEU E 310 -45.88 -4.82 101.15
CA LEU E 310 -46.23 -3.72 100.27
C LEU E 310 -47.65 -3.85 99.77
N GLY E 311 -48.05 -5.05 99.37
CA GLY E 311 -49.43 -5.24 98.97
C GLY E 311 -50.41 -4.94 100.08
N MET E 312 -50.05 -5.09 101.31
CA MET E 312 -50.93 -4.74 102.44
C MET E 312 -51.11 -3.22 102.50
N MET E 313 -50.02 -2.47 102.26
CA MET E 313 -50.09 -1.02 102.39
C MET E 313 -50.97 -0.40 101.31
N VAL E 314 -50.87 -0.90 100.08
CA VAL E 314 -51.74 -0.43 99.01
C VAL E 314 -53.19 -0.86 99.24
N LEU E 315 -53.39 -2.06 99.78
CA LEU E 315 -54.69 -2.41 100.32
C LEU E 315 -55.23 -1.33 101.27
N SER E 316 -54.39 -0.85 102.18
CA SER E 316 -54.84 0.17 103.12
C SER E 316 -55.19 1.47 102.41
N ILE E 317 -54.45 1.81 101.36
CA ILE E 317 -54.74 3.05 100.62
C ILE E 317 -56.07 2.94 99.89
N GLY E 318 -56.32 1.82 99.22
CA GLY E 318 -57.60 1.64 98.56
C GLY E 318 -58.76 1.60 99.52
N LEU E 319 -58.54 1.07 100.71
CA LEU E 319 -59.47 1.15 101.81
C LEU E 319 -59.68 2.59 102.26
N SER E 320 -58.82 3.51 101.83
CA SER E 320 -58.98 4.98 102.13
C SER E 320 -58.53 5.34 103.55
N SER E 321 -57.87 4.41 104.24
CA SER E 321 -57.36 4.69 105.58
C SER E 321 -55.87 4.90 105.40
N TYR E 322 -55.50 6.12 105.01
CA TYR E 322 -54.12 6.42 104.66
C TYR E 322 -53.21 6.41 105.86
N ASN E 323 -53.68 6.91 107.00
CA ASN E 323 -52.82 6.99 108.16
C ASN E 323 -52.44 5.61 108.66
N ILE E 324 -53.26 4.60 108.34
CA ILE E 324 -52.96 3.24 108.74
C ILE E 324 -51.78 2.71 107.95
N ALA E 325 -51.76 3.00 106.65
CA ALA E 325 -50.70 2.51 105.78
C ALA E 325 -49.40 3.24 106.04
N LEU E 326 -49.48 4.51 106.41
CA LEU E 326 -48.29 5.23 106.83
C LEU E 326 -47.72 4.63 108.11
N PHE E 327 -48.58 4.04 108.93
CA PHE E 327 -48.12 3.35 110.11
C PHE E 327 -47.45 2.02 109.76
N HIS E 328 -48.08 1.23 108.91
CA HIS E 328 -47.49 -0.04 108.51
C HIS E 328 -46.19 0.19 107.75
N LEU E 329 -46.09 1.31 107.06
CA LEU E 329 -44.90 1.63 106.29
C LEU E 329 -43.72 1.90 107.19
N VAL E 330 -43.89 2.77 108.19
CA VAL E 330 -42.81 3.05 109.11
C VAL E 330 -42.45 1.82 109.93
N ASN E 331 -43.46 1.06 110.36
CA ASN E 331 -43.21 -0.12 111.17
C ASN E 331 -42.46 -1.19 110.40
N HIS E 332 -42.84 -1.40 109.15
CA HIS E 332 -42.28 -2.51 108.38
C HIS E 332 -40.80 -2.32 108.14
N ALA E 333 -40.36 -1.09 107.91
CA ALA E 333 -38.95 -0.85 107.64
C ALA E 333 -38.06 -1.22 108.80
N PHE E 334 -38.63 -1.43 109.98
CA PHE E 334 -37.85 -1.86 111.13
C PHE E 334 -37.68 -3.38 111.18
N TYR E 335 -38.79 -4.12 111.12
CA TYR E 335 -38.65 -5.56 111.23
C TYR E 335 -38.30 -6.21 109.90
N LYS E 336 -38.44 -5.51 108.78
CA LYS E 336 -37.97 -6.04 107.52
C LYS E 336 -36.47 -5.90 107.39
N ALA E 337 -35.96 -4.69 107.61
CA ALA E 337 -34.53 -4.48 107.50
C ALA E 337 -33.78 -5.33 108.50
N LEU E 338 -34.46 -5.71 109.58
CA LEU E 338 -33.85 -6.56 110.59
C LEU E 338 -33.61 -7.97 110.06
N LEU E 339 -34.59 -8.50 109.33
CA LEU E 339 -34.44 -9.82 108.71
C LEU E 339 -33.25 -9.85 107.76
N PHE E 340 -33.18 -8.92 106.81
CA PHE E 340 -32.05 -8.91 105.88
C PHE E 340 -30.73 -8.77 106.61
N LEU E 341 -30.63 -7.84 107.55
CA LEU E 341 -29.40 -7.75 108.33
C LEU E 341 -29.17 -9.02 109.13
N GLY E 342 -30.23 -9.56 109.71
CA GLY E 342 -30.08 -10.84 110.39
C GLY E 342 -29.75 -11.96 109.44
N ALA E 343 -30.47 -12.06 108.33
CA ALA E 343 -30.14 -13.06 107.33
C ALA E 343 -28.86 -12.71 106.61
N GLY E 344 -28.46 -11.45 106.64
CA GLY E 344 -27.15 -11.11 106.11
C GLY E 344 -26.05 -11.70 106.95
N SER E 345 -26.26 -11.79 108.26
CA SER E 345 -25.24 -12.34 109.14
C SER E 345 -25.08 -13.84 108.94
N VAL E 346 -26.17 -14.56 108.73
CA VAL E 346 -26.08 -16.00 108.58
C VAL E 346 -25.39 -16.34 107.27
N ILE E 347 -25.60 -15.55 106.22
CA ILE E 347 -24.96 -15.83 104.89
C ILE E 347 -23.45 -15.63 105.06
N HIS E 348 -23.06 -14.54 105.69
CA HIS E 348 -21.61 -14.25 105.93
C HIS E 348 -20.99 -15.30 106.84
N ALA E 349 -21.71 -15.76 107.86
CA ALA E 349 -21.12 -16.66 108.87
C ALA E 349 -20.70 -18.01 108.28
N VAL E 350 -21.17 -18.34 107.08
CA VAL E 350 -20.85 -19.68 106.60
C VAL E 350 -19.86 -19.69 105.44
N ALA E 351 -20.32 -19.34 104.24
CA ALA E 351 -19.40 -19.29 103.10
C ALA E 351 -19.85 -18.26 102.08
N ASP E 352 -20.72 -17.32 102.45
CA ASP E 352 -21.56 -16.58 101.53
C ASP E 352 -22.49 -17.51 100.77
N ASN E 353 -22.81 -18.66 101.34
CA ASN E 353 -23.86 -19.52 100.82
C ASN E 353 -25.21 -18.94 101.18
N GLN E 354 -26.20 -19.20 100.34
CA GLN E 354 -27.52 -18.60 100.49
C GLN E 354 -28.65 -19.60 100.52
N ASP E 355 -28.39 -20.87 100.31
CA ASP E 355 -29.44 -21.86 100.11
C ASP E 355 -29.94 -22.42 101.43
N PHE E 356 -31.24 -22.57 101.59
CA PHE E 356 -31.80 -23.13 102.86
C PHE E 356 -31.45 -24.60 103.00
N ARG E 357 -31.36 -25.32 101.89
CA ARG E 357 -31.15 -26.79 101.94
C ARG E 357 -29.83 -27.13 102.62
N LYS E 358 -28.83 -26.27 102.50
CA LYS E 358 -27.50 -26.55 103.07
C LYS E 358 -27.26 -25.78 104.38
N PHE E 359 -28.31 -25.26 105.02
CA PHE E 359 -28.14 -24.63 106.36
C PHE E 359 -28.92 -25.47 107.37
N GLY E 360 -28.35 -25.68 108.56
CA GLY E 360 -29.02 -26.44 109.62
C GLY E 360 -28.27 -26.25 110.91
N GLY E 361 -28.82 -26.64 112.05
CA GLY E 361 -28.12 -26.31 113.31
C GLY E 361 -27.92 -24.82 113.29
N LEU E 362 -26.73 -24.31 113.64
CA LEU E 362 -26.45 -22.87 113.49
C LEU E 362 -27.31 -22.02 114.44
N ILE E 363 -27.99 -22.63 115.40
CA ILE E 363 -28.73 -21.85 116.42
C ILE E 363 -27.75 -21.61 117.54
N SER E 364 -26.97 -22.64 117.87
CA SER E 364 -25.93 -22.49 118.91
C SER E 364 -24.80 -21.60 118.42
N TYR E 365 -24.37 -21.79 117.17
CA TYR E 365 -23.24 -21.02 116.61
C TYR E 365 -23.61 -19.55 116.52
N LEU E 366 -24.86 -19.26 116.15
CA LEU E 366 -25.29 -17.85 115.98
C LEU E 366 -26.38 -17.52 117.02
N PRO E 367 -26.08 -17.37 118.33
CA PRO E 367 -27.13 -17.14 119.29
C PRO E 367 -27.86 -15.80 119.05
N LEU E 368 -27.13 -14.72 118.76
CA LEU E 368 -27.81 -13.42 118.66
C LEU E 368 -28.67 -13.37 117.40
N THR E 369 -28.14 -13.92 116.32
CA THR E 369 -28.87 -13.80 115.06
C THR E 369 -30.25 -14.43 115.17
N TYR E 370 -30.35 -15.61 115.77
CA TYR E 370 -31.63 -16.30 115.83
C TYR E 370 -32.65 -15.52 116.63
N SER E 371 -32.24 -15.00 117.79
CA SER E 371 -33.16 -14.23 118.60
C SER E 371 -33.65 -13.01 117.86
N VAL E 372 -32.73 -12.18 117.40
CA VAL E 372 -33.07 -10.93 116.68
C VAL E 372 -33.94 -11.25 115.46
N MET E 373 -33.63 -12.35 114.75
CA MET E 373 -34.39 -12.73 113.55
C MET E 373 -35.75 -13.25 113.99
N LEU E 374 -35.82 -13.82 115.17
CA LEU E 374 -37.11 -14.22 115.70
C LEU E 374 -37.85 -13.05 116.33
N ILE E 375 -37.12 -12.03 116.81
CA ILE E 375 -37.72 -10.74 117.12
C ILE E 375 -38.46 -10.21 115.91
N ALA E 376 -37.85 -10.36 114.75
CA ALA E 376 -38.40 -9.83 113.50
C ALA E 376 -39.55 -10.67 112.99
N SER E 377 -39.45 -11.99 113.11
CA SER E 377 -40.49 -12.87 112.53
C SER E 377 -41.74 -12.76 113.37
N LEU E 378 -41.60 -12.54 114.67
CA LEU E 378 -42.77 -12.35 115.57
C LEU E 378 -43.51 -11.07 115.20
N SER E 379 -42.79 -10.03 114.80
CA SER E 379 -43.45 -8.78 114.33
C SER E 379 -43.86 -8.91 112.85
N LEU E 380 -43.09 -9.61 112.02
CA LEU E 380 -43.51 -9.83 110.65
C LEU E 380 -44.83 -10.56 110.59
N VAL E 381 -45.03 -11.55 111.46
CA VAL E 381 -46.33 -12.24 111.52
C VAL E 381 -47.34 -11.48 112.36
N ALA E 382 -46.95 -10.34 112.92
CA ALA E 382 -47.81 -9.53 113.80
C ALA E 382 -48.28 -10.34 115.00
N PHE E 383 -47.34 -10.96 115.69
CA PHE E 383 -47.64 -11.57 116.96
C PHE E 383 -48.12 -10.48 117.91
N PRO E 384 -49.08 -10.79 118.77
CA PRO E 384 -49.70 -9.74 119.60
C PRO E 384 -48.65 -8.91 120.31
N PHE E 385 -48.90 -7.60 120.36
CA PHE E 385 -48.08 -6.63 121.08
C PHE E 385 -46.68 -6.48 120.51
N MET E 386 -46.49 -6.80 119.25
CA MET E 386 -45.30 -6.42 118.50
C MET E 386 -45.56 -5.18 117.69
N THR E 387 -44.49 -4.65 117.09
CA THR E 387 -44.63 -3.45 116.28
C THR E 387 -45.52 -3.71 115.08
N GLY E 388 -45.60 -4.98 114.64
CA GLY E 388 -46.48 -5.32 113.55
C GLY E 388 -47.92 -5.51 113.98
N PHE E 389 -48.16 -5.85 115.25
CA PHE E 389 -49.53 -6.08 115.69
C PHE E 389 -50.35 -4.80 115.63
N TYR E 390 -49.72 -3.67 115.89
CA TYR E 390 -50.46 -2.41 115.90
C TYR E 390 -50.66 -1.84 114.51
N SER E 391 -50.04 -2.40 113.48
CA SER E 391 -50.23 -1.90 112.12
C SER E 391 -50.83 -2.96 111.20
N LYS E 392 -50.21 -4.14 111.13
CA LYS E 392 -50.65 -5.13 110.15
C LYS E 392 -52.06 -5.61 110.42
N ASP E 393 -52.40 -5.86 111.68
CA ASP E 393 -53.73 -6.40 111.96
C ASP E 393 -54.80 -5.32 111.99
N PHE E 394 -54.43 -4.05 111.99
CA PHE E 394 -55.46 -3.04 111.91
C PHE E 394 -56.00 -2.93 110.50
N ILE E 395 -55.16 -3.18 109.50
CA ILE E 395 -55.63 -3.19 108.12
C ILE E 395 -56.62 -4.33 107.90
N LEU E 396 -56.34 -5.49 108.49
CA LEU E 396 -57.28 -6.61 108.35
C LEU E 396 -58.63 -6.27 108.96
N GLU E 397 -58.62 -5.71 110.16
CA GLU E 397 -59.90 -5.41 110.79
C GLU E 397 -60.55 -4.18 110.20
N SER E 398 -59.75 -3.22 109.70
CA SER E 398 -60.35 -2.09 108.98
C SER E 398 -60.83 -2.50 107.60
N ALA E 399 -60.32 -3.59 107.05
CA ALA E 399 -60.87 -4.13 105.83
C ALA E 399 -62.28 -4.65 106.05
N TYR E 400 -62.46 -5.48 107.07
CA TYR E 400 -63.80 -5.95 107.41
C TYR E 400 -64.64 -4.81 107.95
N GLY E 401 -63.99 -3.79 108.51
CA GLY E 401 -64.73 -2.65 109.04
C GLY E 401 -65.52 -1.90 107.99
N GLN E 402 -64.98 -1.81 106.79
CA GLN E 402 -65.70 -1.19 105.68
C GLN E 402 -66.67 -2.23 105.14
N PHE E 403 -67.90 -2.22 105.65
CA PHE E 403 -68.86 -3.30 105.39
C PHE E 403 -69.33 -3.21 103.94
N SER E 404 -68.48 -3.72 103.05
CA SER E 404 -68.83 -3.88 101.64
C SER E 404 -68.35 -5.25 101.22
N PHE E 405 -68.79 -5.67 100.02
CA PHE E 405 -68.29 -6.94 99.50
C PHE E 405 -66.79 -6.91 99.31
N SER E 406 -66.27 -5.87 98.66
CA SER E 406 -64.85 -5.81 98.37
C SER E 406 -64.03 -5.83 99.65
N GLY E 407 -64.52 -5.16 100.69
CA GLY E 407 -63.83 -5.21 101.96
C GLY E 407 -63.80 -6.61 102.56
N VAL E 408 -64.92 -7.31 102.51
CA VAL E 408 -64.95 -8.66 103.06
C VAL E 408 -64.07 -9.58 102.24
N ALA E 409 -64.12 -9.44 100.91
CA ALA E 409 -63.30 -10.29 100.05
C ALA E 409 -61.82 -10.14 100.38
N VAL E 410 -61.34 -8.90 100.47
CA VAL E 410 -59.91 -8.71 100.73
C VAL E 410 -59.57 -9.12 102.15
N TYR E 411 -60.55 -9.12 103.05
CA TYR E 411 -60.25 -9.64 104.39
C TYR E 411 -59.93 -11.12 104.21
N ILE E 412 -60.87 -11.87 103.66
CA ILE E 412 -60.65 -13.33 103.40
C ILE E 412 -59.35 -13.51 102.62
N ILE E 413 -59.12 -12.73 101.56
CA ILE E 413 -57.94 -12.92 100.74
C ILE E 413 -56.67 -12.62 101.52
N ALA E 414 -56.64 -11.46 102.19
CA ALA E 414 -55.43 -11.12 102.95
C ALA E 414 -55.25 -12.04 104.14
N THR E 415 -56.33 -12.60 104.68
CA THR E 415 -56.19 -13.57 105.77
C THR E 415 -55.44 -14.80 105.31
N ILE E 416 -55.75 -15.30 104.11
CA ILE E 416 -54.96 -16.38 103.54
C ILE E 416 -53.53 -15.94 103.34
N GLY E 417 -53.33 -14.69 102.95
CA GLY E 417 -51.97 -14.18 102.85
C GLY E 417 -51.27 -14.22 104.19
N ALA E 418 -52.00 -13.97 105.28
CA ALA E 418 -51.39 -14.02 106.59
C ALA E 418 -50.93 -15.42 106.94
N ILE E 419 -51.75 -16.42 106.61
CA ILE E 419 -51.46 -17.78 107.05
C ILE E 419 -50.28 -18.34 106.27
N PHE E 420 -50.16 -18.02 104.99
CA PHE E 420 -48.97 -18.44 104.26
C PHE E 420 -47.76 -17.62 104.63
N THR E 421 -47.97 -16.44 105.21
CA THR E 421 -46.82 -15.65 105.71
C THR E 421 -46.23 -16.39 106.91
N THR E 422 -47.08 -16.69 107.90
CA THR E 422 -46.63 -17.44 109.10
C THR E 422 -45.95 -18.74 108.68
N LEU E 423 -46.34 -19.31 107.54
CA LEU E 423 -45.82 -20.59 107.11
C LEU E 423 -44.37 -20.48 106.64
N TYR E 424 -44.05 -19.55 105.73
CA TYR E 424 -42.65 -19.46 105.30
C TYR E 424 -41.77 -18.81 106.35
N SER E 425 -42.33 -18.13 107.33
CA SER E 425 -41.52 -17.62 108.42
C SER E 425 -41.12 -18.74 109.37
N VAL E 426 -41.91 -19.79 109.45
CA VAL E 426 -41.45 -21.00 110.12
C VAL E 426 -40.37 -21.67 109.30
N LYS E 427 -40.52 -21.66 107.98
CA LYS E 427 -39.52 -22.28 107.12
C LYS E 427 -38.16 -21.65 107.31
N VAL E 428 -38.10 -20.32 107.43
CA VAL E 428 -36.82 -19.67 107.64
C VAL E 428 -36.24 -20.04 109.01
N LEU E 429 -36.93 -19.90 110.06
CA LEU E 429 -36.36 -20.11 111.42
C LEU E 429 -36.08 -21.58 111.71
N TYR E 430 -36.87 -22.50 111.07
CA TYR E 430 -36.61 -23.90 111.35
C TYR E 430 -35.38 -24.39 110.60
N LEU E 431 -35.33 -24.12 109.29
CA LEU E 431 -34.27 -24.66 108.46
C LEU E 431 -32.91 -24.14 108.88
N THR E 432 -32.81 -22.83 109.13
CA THR E 432 -31.50 -22.25 109.32
C THR E 432 -30.98 -22.47 110.73
N PHE E 433 -31.85 -22.49 111.72
CA PHE E 433 -31.39 -22.62 113.09
C PHE E 433 -31.86 -23.91 113.77
N LEU E 434 -33.12 -24.28 113.63
CA LEU E 434 -33.68 -25.34 114.46
C LEU E 434 -33.66 -26.70 113.79
N SER E 435 -33.02 -26.83 112.64
CA SER E 435 -33.05 -28.06 111.87
C SER E 435 -31.81 -28.90 112.12
N ASN E 436 -31.85 -30.14 111.63
CA ASN E 436 -30.64 -30.95 111.59
C ASN E 436 -29.64 -30.29 110.66
N PRO E 437 -28.36 -30.35 111.01
CA PRO E 437 -27.34 -29.74 110.16
C PRO E 437 -27.43 -30.31 108.77
N ASN E 438 -27.41 -29.40 107.77
CA ASN E 438 -27.59 -29.86 106.37
C ASN E 438 -26.35 -29.52 105.53
N GLY E 439 -25.56 -28.54 105.94
CA GLY E 439 -24.42 -28.10 105.17
C GLY E 439 -23.17 -28.91 105.44
N PRO E 440 -22.05 -28.50 104.87
CA PRO E 440 -20.79 -29.21 105.08
C PRO E 440 -20.35 -29.18 106.52
N ARG E 441 -19.36 -30.03 106.82
CA ARG E 441 -18.94 -30.22 108.21
C ARG E 441 -18.11 -29.06 108.71
N THR E 442 -17.40 -28.37 107.84
CA THR E 442 -16.59 -27.24 108.30
C THR E 442 -17.45 -26.15 108.91
N TYR E 443 -18.73 -26.07 108.53
CA TYR E 443 -19.60 -25.07 109.14
C TYR E 443 -19.72 -25.28 110.64
N TYR E 444 -19.40 -26.48 111.11
CA TYR E 444 -19.81 -26.95 112.41
C TYR E 444 -18.67 -27.36 113.33
N ARG E 445 -17.47 -27.62 112.81
CA ARG E 445 -16.38 -28.14 113.62
C ARG E 445 -15.91 -27.09 114.62
N LEU E 446 -16.02 -27.38 115.91
CA LEU E 446 -15.54 -26.49 116.94
C LEU E 446 -14.05 -26.73 117.20
N ALA E 447 -13.55 -26.19 118.30
CA ALA E 447 -12.21 -26.49 118.79
C ALA E 447 -12.24 -27.31 120.07
N ILE E 448 -13.44 -27.47 120.66
CA ILE E 448 -13.57 -28.31 121.89
C ILE E 448 -13.06 -29.71 121.54
N ASP E 449 -13.78 -30.43 120.69
CA ASP E 449 -13.27 -31.75 120.23
C ASP E 449 -12.04 -31.51 119.36
N ASN E 450 -10.99 -32.33 119.52
CA ASN E 450 -9.73 -32.08 118.76
C ASN E 450 -9.76 -32.93 117.50
N PHE E 451 -9.94 -32.30 116.34
CA PHE E 451 -9.99 -33.04 115.05
C PHE E 451 -8.65 -32.89 114.33
N PHE E 452 -7.71 -32.12 114.89
CA PHE E 452 -6.45 -31.84 114.16
C PHE E 452 -5.20 -32.09 115.04
N SER E 453 -4.05 -32.35 114.41
CA SER E 453 -2.80 -32.55 115.13
C SER E 453 -1.77 -31.48 114.80
N ALA E 454 -1.38 -31.35 113.54
CA ALA E 454 -0.32 -30.42 113.15
C ALA E 454 -0.87 -29.12 112.55
N GLN E 455 -2.18 -28.97 112.47
CA GLN E 455 -2.80 -27.77 111.93
C GLN E 455 -3.89 -27.24 112.86
N ALA E 456 -3.77 -27.53 114.16
CA ALA E 456 -4.78 -27.09 115.12
C ALA E 456 -4.82 -25.58 115.28
N ILE E 457 -3.77 -24.88 114.82
CA ILE E 457 -3.76 -23.42 114.91
C ILE E 457 -4.82 -22.81 114.01
N LYS E 458 -5.02 -23.41 112.83
CA LYS E 458 -5.99 -22.86 111.88
C LYS E 458 -6.97 -23.94 111.45
N SER E 459 -7.77 -23.63 110.42
CA SER E 459 -8.64 -24.61 109.76
C SER E 459 -9.77 -25.08 110.67
N TYR E 460 -10.47 -24.14 111.32
CA TYR E 460 -11.70 -24.44 112.03
C TYR E 460 -12.92 -23.78 111.40
N LYS E 461 -12.94 -22.46 111.30
CA LYS E 461 -14.05 -21.72 110.71
C LYS E 461 -15.41 -22.20 111.21
N PRO E 462 -15.65 -22.16 112.51
CA PRO E 462 -16.88 -22.72 113.08
C PRO E 462 -18.06 -21.75 113.09
N ALA E 463 -18.31 -21.10 111.95
CA ALA E 463 -19.42 -20.16 111.78
C ALA E 463 -19.49 -19.16 112.92
N HIS E 464 -18.49 -18.27 112.99
CA HIS E 464 -18.40 -17.31 114.12
C HIS E 464 -19.41 -16.16 113.96
N GLU E 465 -19.82 -15.55 115.09
CA GLU E 465 -20.72 -14.37 115.03
C GLU E 465 -19.91 -13.15 114.56
N GLY E 466 -20.57 -12.13 114.02
CA GLY E 466 -19.87 -10.96 113.47
C GLY E 466 -19.29 -10.04 114.53
N ASP E 467 -18.70 -8.91 114.11
CA ASP E 467 -18.06 -7.99 115.03
C ASP E 467 -19.02 -6.87 115.44
N PHE E 468 -18.47 -5.81 116.03
CA PHE E 468 -19.28 -4.73 116.57
C PHE E 468 -20.11 -4.03 115.51
N PHE E 469 -19.48 -3.71 114.38
CA PHE E 469 -20.20 -3.02 113.33
C PHE E 469 -21.27 -3.89 112.70
N LEU E 470 -21.26 -5.18 112.95
CA LEU E 470 -22.29 -6.04 112.41
C LEU E 470 -23.45 -6.20 113.37
N THR E 471 -23.18 -6.22 114.66
CA THR E 471 -24.18 -6.56 115.66
C THR E 471 -24.91 -5.35 116.21
N LEU E 472 -24.24 -4.21 116.32
CA LEU E 472 -24.87 -3.02 116.87
C LEU E 472 -26.10 -2.60 116.09
N PRO E 473 -26.12 -2.61 114.77
CA PRO E 473 -27.40 -2.42 114.09
C PRO E 473 -28.44 -3.44 114.49
N LEU E 474 -28.17 -4.73 114.33
CA LEU E 474 -29.18 -5.77 114.59
C LEU E 474 -29.84 -5.58 115.94
N VAL E 475 -29.05 -5.31 116.97
CA VAL E 475 -29.61 -5.14 118.31
C VAL E 475 -30.46 -3.87 118.39
N ILE E 476 -30.05 -2.80 117.72
CA ILE E 476 -30.83 -1.56 117.74
C ILE E 476 -32.11 -1.73 116.95
N LEU E 477 -32.00 -2.28 115.74
CA LEU E 477 -33.18 -2.55 114.92
C LEU E 477 -34.18 -3.45 115.62
N ALA E 478 -33.69 -4.40 116.42
CA ALA E 478 -34.59 -5.28 117.17
C ALA E 478 -35.28 -4.53 118.29
N LEU E 479 -34.59 -3.59 118.92
CA LEU E 479 -35.24 -2.78 119.95
C LEU E 479 -36.37 -1.95 119.36
N PHE E 480 -36.22 -1.48 118.13
CA PHE E 480 -37.35 -0.88 117.43
C PHE E 480 -38.46 -1.89 117.21
N SER E 481 -38.13 -3.05 116.67
CA SER E 481 -39.14 -4.02 116.24
C SER E 481 -40.05 -4.46 117.38
N ILE E 482 -39.75 -4.05 118.59
CA ILE E 482 -40.55 -4.42 119.77
C ILE E 482 -41.42 -3.27 120.23
N PHE E 483 -40.83 -2.11 120.51
CA PHE E 483 -41.52 -1.04 121.18
C PHE E 483 -42.13 0.00 120.25
N PHE E 484 -41.76 0.01 118.98
CA PHE E 484 -42.08 1.18 118.18
C PHE E 484 -43.57 1.25 117.85
N GLY E 485 -44.23 0.10 117.70
CA GLY E 485 -45.65 0.13 117.41
C GLY E 485 -46.45 0.77 118.52
N PHE E 486 -46.20 0.34 119.75
CA PHE E 486 -46.99 0.84 120.88
C PHE E 486 -46.72 2.32 121.14
N ILE E 487 -45.50 2.79 120.86
CA ILE E 487 -45.15 4.13 121.28
C ILE E 487 -45.71 5.20 120.35
N THR E 488 -45.94 4.88 119.08
CA THR E 488 -46.46 5.83 118.11
C THR E 488 -47.87 5.47 117.65
N LYS E 489 -48.51 4.50 118.28
CA LYS E 489 -49.81 4.04 117.81
C LYS E 489 -50.88 5.10 117.98
N ASP E 490 -50.58 6.16 118.73
CA ASP E 490 -51.54 7.25 118.86
C ASP E 490 -51.27 8.34 117.83
N ILE E 491 -50.01 8.58 117.50
CA ILE E 491 -49.66 9.58 116.50
C ILE E 491 -50.34 9.26 115.18
N PHE E 492 -50.41 7.98 114.82
CA PHE E 492 -50.88 7.54 113.53
C PHE E 492 -52.30 7.00 113.56
N ILE E 493 -52.62 6.14 114.53
CA ILE E 493 -53.95 5.55 114.58
C ILE E 493 -54.88 6.43 115.41
N GLY E 494 -54.59 6.57 116.69
CA GLY E 494 -55.42 7.30 117.63
C GLY E 494 -56.88 6.90 117.50
N LEU E 495 -57.74 7.84 117.83
CA LEU E 495 -59.14 7.74 117.43
C LEU E 495 -59.63 8.99 116.72
N GLY E 496 -59.17 10.16 117.16
CA GLY E 496 -59.49 11.40 116.48
C GLY E 496 -58.23 12.24 116.34
N SER E 497 -57.11 11.55 116.19
CA SER E 497 -55.81 12.21 116.26
C SER E 497 -55.66 13.22 115.14
N ASN E 498 -54.98 14.31 115.45
CA ASN E 498 -54.81 15.43 114.53
C ASN E 498 -53.33 15.65 114.18
N PHE E 499 -52.60 14.57 113.91
CA PHE E 499 -51.19 14.77 113.49
C PHE E 499 -51.19 15.26 112.04
N PHE E 500 -51.89 14.56 111.17
CA PHE E 500 -51.94 14.95 109.74
C PHE E 500 -53.12 15.91 109.51
N VAL E 501 -53.09 17.10 110.11
CA VAL E 501 -54.22 18.09 109.99
C VAL E 501 -53.82 19.23 109.05
N ASP E 502 -52.70 19.07 108.36
CA ASP E 502 -52.24 20.09 107.36
C ASP E 502 -52.67 19.57 105.99
N ASN E 503 -53.58 18.59 105.95
CA ASN E 503 -54.11 18.01 104.70
C ASN E 503 -53.02 17.13 104.07
N SER E 504 -52.01 16.74 104.83
CA SER E 504 -50.99 15.80 104.29
C SER E 504 -51.68 14.47 104.00
N LEU E 505 -52.58 14.03 104.88
CA LEU E 505 -53.34 12.79 104.60
C LEU E 505 -54.84 13.09 104.68
N PHE E 506 -55.41 13.62 103.59
CA PHE E 506 -56.81 14.02 103.58
C PHE E 506 -57.68 12.81 103.34
N ILE E 507 -58.54 12.50 104.29
CA ILE E 507 -59.52 11.43 104.15
C ILE E 507 -60.89 12.06 103.96
N HIS E 508 -61.64 11.59 102.96
CA HIS E 508 -62.93 12.27 102.71
C HIS E 508 -64.01 11.75 103.68
N PRO E 509 -64.73 12.60 104.46
CA PRO E 509 -65.71 12.09 105.43
C PRO E 509 -66.76 11.12 104.88
N ILE E 510 -66.80 10.94 103.56
CA ILE E 510 -67.75 9.93 102.98
C ILE E 510 -67.10 8.55 102.99
N HIS E 511 -65.80 8.46 103.25
CA HIS E 511 -65.10 7.13 103.33
C HIS E 511 -64.69 6.57 104.71
N GLU E 512 -64.78 7.28 105.86
CA GLU E 512 -64.01 6.94 107.05
C GLU E 512 -64.58 5.67 107.69
N ILE E 513 -63.70 4.88 108.31
CA ILE E 513 -64.10 3.58 108.83
C ILE E 513 -63.63 3.37 110.27
N MET E 514 -62.91 4.35 110.82
CA MET E 514 -62.28 4.14 112.12
C MET E 514 -63.30 3.79 113.20
N ILE E 515 -64.43 4.49 113.21
CA ILE E 515 -65.44 4.23 114.23
C ILE E 515 -66.00 2.81 114.08
N ASP E 516 -66.29 2.40 112.85
CA ASP E 516 -66.80 1.05 112.66
C ASP E 516 -65.75 0.02 113.01
N THR E 517 -64.51 0.21 112.55
CA THR E 517 -63.45 -0.73 112.86
C THR E 517 -63.19 -0.77 114.36
N GLU E 518 -63.48 0.31 115.08
CA GLU E 518 -63.31 0.30 116.53
C GLU E 518 -64.42 -0.46 117.23
N PHE E 519 -65.63 -0.47 116.66
CA PHE E 519 -66.79 -0.98 117.38
C PHE E 519 -67.58 -2.04 116.63
N ALA E 520 -67.67 -1.94 115.31
CA ALA E 520 -68.59 -2.80 114.58
C ALA E 520 -68.09 -4.23 114.48
N VAL E 521 -66.79 -4.42 114.30
CA VAL E 521 -66.25 -5.74 114.00
C VAL E 521 -66.47 -6.66 115.20
N PRO E 522 -66.88 -7.91 114.98
CA PRO E 522 -67.00 -8.85 116.10
C PRO E 522 -65.64 -9.31 116.58
N VAL E 523 -65.63 -9.86 117.79
CA VAL E 523 -64.35 -10.26 118.41
C VAL E 523 -63.72 -11.42 117.64
N LEU E 524 -64.52 -12.26 116.99
CA LEU E 524 -63.95 -13.39 116.27
C LEU E 524 -63.05 -12.92 115.13
N PHE E 525 -63.56 -12.04 114.27
CA PHE E 525 -62.74 -11.55 113.17
C PHE E 525 -61.69 -10.56 113.66
N LYS E 526 -61.95 -9.90 114.78
CA LYS E 526 -60.94 -9.01 115.37
C LYS E 526 -59.72 -9.80 115.81
N LEU E 527 -59.92 -11.02 116.28
CA LEU E 527 -58.86 -11.84 116.85
C LEU E 527 -58.40 -12.96 115.92
N LEU E 528 -59.13 -13.22 114.83
CA LEU E 528 -58.89 -14.43 114.04
C LEU E 528 -57.44 -14.62 113.58
N PRO E 529 -56.72 -13.61 113.10
CA PRO E 529 -55.33 -13.87 112.67
C PRO E 529 -54.46 -14.45 113.76
N PHE E 530 -54.72 -14.11 115.02
CA PHE E 530 -53.93 -14.71 116.10
C PHE E 530 -54.16 -16.21 116.18
N ILE E 531 -55.41 -16.66 116.04
CA ILE E 531 -55.69 -18.09 116.10
C ILE E 531 -54.99 -18.82 114.97
N PHE E 532 -55.07 -18.28 113.76
CA PHE E 532 -54.45 -18.95 112.62
C PHE E 532 -52.93 -19.02 112.78
N THR E 533 -52.33 -17.93 113.24
CA THR E 533 -50.88 -17.94 113.45
C THR E 533 -50.49 -18.94 114.52
N ILE E 534 -51.23 -18.99 115.63
CA ILE E 534 -50.90 -19.93 116.68
C ILE E 534 -51.26 -21.36 116.31
N SER E 535 -52.12 -21.55 115.31
CA SER E 535 -52.50 -22.89 114.91
C SER E 535 -51.54 -23.47 113.88
N PHE E 536 -51.29 -22.73 112.81
CA PHE E 536 -50.45 -23.27 111.74
C PHE E 536 -48.97 -23.26 112.09
N SER E 537 -48.56 -22.46 113.09
CA SER E 537 -47.16 -22.49 113.50
C SER E 537 -46.79 -23.83 114.12
N VAL E 538 -47.60 -24.30 115.07
CA VAL E 538 -47.30 -25.60 115.68
C VAL E 538 -47.53 -26.71 114.68
N ILE E 539 -48.47 -26.54 113.75
CA ILE E 539 -48.65 -27.52 112.69
C ILE E 539 -47.42 -27.56 111.79
N ALA E 540 -46.92 -26.38 111.40
CA ALA E 540 -45.77 -26.32 110.50
C ALA E 540 -44.53 -26.92 111.13
N LEU E 541 -44.30 -26.59 112.41
CA LEU E 541 -43.14 -27.17 113.13
C LEU E 541 -43.30 -28.69 113.14
N THR E 542 -44.52 -29.18 113.39
CA THR E 542 -44.75 -30.64 113.49
C THR E 542 -44.45 -31.31 112.15
N LEU E 543 -44.93 -30.72 111.04
CA LEU E 543 -44.67 -31.29 109.70
C LEU E 543 -43.18 -31.19 109.36
N SER E 544 -42.52 -30.09 109.74
CA SER E 544 -41.11 -29.90 109.35
C SER E 544 -40.17 -30.76 110.20
N GLU E 545 -40.59 -31.15 111.41
CA GLU E 545 -39.69 -31.90 112.27
C GLU E 545 -40.27 -33.23 112.74
N LEU E 546 -41.46 -33.23 113.33
CA LEU E 546 -42.00 -34.45 113.92
C LEU E 546 -42.35 -35.47 112.85
N LEU E 547 -43.08 -35.05 111.82
CA LEU E 547 -43.55 -35.94 110.76
C LEU E 547 -42.92 -35.47 109.46
N SER E 548 -41.66 -35.85 109.24
CA SER E 548 -40.88 -35.35 108.12
C SER E 548 -41.06 -36.19 106.86
N GLU E 549 -42.22 -36.84 106.69
CA GLU E 549 -42.48 -37.67 105.53
C GLU E 549 -43.63 -37.18 104.67
N LEU E 550 -44.58 -36.43 105.24
CA LEU E 550 -45.75 -36.02 104.48
C LEU E 550 -45.37 -35.11 103.32
N VAL E 551 -44.44 -34.18 103.55
CA VAL E 551 -44.12 -33.19 102.52
C VAL E 551 -43.50 -33.87 101.30
N ILE E 552 -42.73 -34.93 101.52
CA ILE E 552 -42.08 -35.59 100.38
C ILE E 552 -43.11 -36.38 99.58
N TYR E 553 -44.10 -36.95 100.24
CA TYR E 553 -45.22 -37.54 99.50
C TYR E 553 -45.87 -36.50 98.62
N PHE E 554 -45.95 -35.26 99.11
CA PHE E 554 -46.53 -34.19 98.33
C PHE E 554 -45.62 -33.80 97.18
N LYS E 555 -44.34 -33.61 97.46
CA LYS E 555 -43.41 -33.22 96.41
C LYS E 555 -43.29 -34.28 95.35
N PHE E 556 -43.36 -35.55 95.74
CA PHE E 556 -43.23 -36.64 94.79
C PHE E 556 -44.57 -37.23 94.38
N SER E 557 -45.67 -36.68 94.85
CA SER E 557 -46.90 -36.86 94.09
C SER E 557 -46.81 -36.03 92.81
N ARG E 558 -47.48 -36.51 91.77
CA ARG E 558 -47.51 -35.71 90.57
C ARG E 558 -48.35 -34.46 90.74
N PHE E 559 -49.44 -34.54 91.49
CA PHE E 559 -50.24 -33.34 91.75
C PHE E 559 -49.43 -32.29 92.49
N GLY E 560 -48.62 -32.72 93.45
CA GLY E 560 -47.79 -31.78 94.19
C GLY E 560 -46.54 -31.36 93.46
N TYR E 561 -46.01 -32.24 92.59
CA TYR E 561 -44.87 -31.85 91.78
C TYR E 561 -45.20 -30.65 90.92
N ASN E 562 -46.45 -30.53 90.52
CA ASN E 562 -46.84 -29.44 89.64
C ASN E 562 -47.20 -28.20 90.42
N ILE E 563 -47.89 -28.37 91.54
CA ILE E 563 -48.25 -27.21 92.35
C ILE E 563 -46.99 -26.60 92.94
N PHE E 564 -46.01 -27.42 93.27
CA PHE E 564 -44.74 -26.93 93.79
C PHE E 564 -44.02 -26.10 92.75
N GLY E 565 -43.89 -26.63 91.54
CA GLY E 565 -43.14 -25.92 90.52
C GLY E 565 -43.88 -24.74 89.92
N PHE E 566 -45.20 -24.68 90.10
CA PHE E 566 -45.92 -23.48 89.69
C PHE E 566 -45.57 -22.30 90.56
N PHE E 567 -45.51 -22.49 91.88
CA PHE E 567 -45.13 -21.40 92.78
C PHE E 567 -43.64 -21.16 92.79
N ASN E 568 -42.80 -22.19 92.73
CA ASN E 568 -41.35 -21.92 92.84
C ASN E 568 -40.97 -21.06 91.63
N GLN E 569 -41.71 -21.20 90.56
CA GLN E 569 -41.41 -20.52 89.28
C GLN E 569 -42.15 -19.20 89.26
N ARG E 570 -42.64 -18.76 90.41
CA ARG E 570 -43.23 -17.41 90.57
C ARG E 570 -44.46 -17.16 89.70
N PHE E 571 -45.36 -18.14 89.59
CA PHE E 571 -46.61 -18.07 88.79
C PHE E 571 -46.29 -18.05 87.30
N LEU E 572 -45.08 -18.44 86.91
CA LEU E 572 -44.61 -18.52 85.54
C LEU E 572 -44.56 -17.15 84.87
N ILE E 573 -44.63 -16.08 85.66
CA ILE E 573 -44.79 -14.72 85.14
C ILE E 573 -43.57 -14.31 84.34
N GLU E 574 -42.38 -14.59 84.91
CA GLU E 574 -41.10 -14.26 84.25
C GLU E 574 -41.01 -15.01 82.94
N PHE E 575 -41.28 -16.29 82.93
CA PHE E 575 -41.26 -17.12 81.74
C PHE E 575 -42.12 -16.51 80.64
N PHE E 576 -43.32 -16.04 80.99
CA PHE E 576 -44.21 -15.49 79.98
C PHE E 576 -43.77 -14.11 79.52
N TYR E 577 -43.37 -13.25 80.45
CA TYR E 577 -42.88 -11.94 80.05
C TYR E 577 -41.64 -12.07 79.18
N ASN E 578 -40.70 -12.88 79.57
CA ASN E 578 -39.38 -12.98 78.87
C ASN E 578 -39.57 -13.55 77.48
N LYS E 579 -40.50 -14.50 77.34
CA LYS E 579 -40.71 -15.16 76.05
C LYS E 579 -41.68 -14.45 75.13
N TYR E 580 -42.76 -13.90 75.69
CA TYR E 580 -43.82 -13.33 74.88
C TYR E 580 -43.68 -11.83 74.71
N ILE E 581 -43.15 -11.14 75.71
CA ILE E 581 -43.03 -9.69 75.69
C ILE E 581 -41.61 -9.26 75.33
N THR E 582 -40.62 -9.73 76.09
CA THR E 582 -39.25 -9.27 75.88
C THR E 582 -38.70 -9.76 74.56
N ASN E 583 -38.84 -11.07 74.29
CA ASN E 583 -38.30 -11.64 73.06
C ASN E 583 -39.12 -11.26 71.84
N LEU E 584 -40.37 -10.85 72.02
CA LEU E 584 -41.10 -10.28 70.90
C LEU E 584 -40.49 -8.97 70.45
N ILE E 585 -40.07 -8.14 71.41
CA ILE E 585 -39.49 -6.85 71.08
C ILE E 585 -38.15 -7.02 70.38
N LEU E 586 -37.36 -8.01 70.79
CA LEU E 586 -36.07 -8.22 70.15
C LEU E 586 -36.23 -8.71 68.72
N ASN E 587 -37.25 -9.53 68.46
CA ASN E 587 -37.48 -10.00 67.10
C ASN E 587 -38.15 -8.93 66.24
N LEU E 588 -38.98 -8.08 66.83
CA LEU E 588 -39.48 -6.93 66.10
C LEU E 588 -38.35 -6.02 65.67
N GLY E 589 -37.40 -5.78 66.57
CA GLY E 589 -36.24 -4.99 66.21
C GLY E 589 -35.41 -5.65 65.13
N GLY E 590 -35.29 -6.97 65.18
CA GLY E 590 -34.58 -7.69 64.14
C GLY E 590 -35.29 -7.63 62.80
N GLN E 591 -36.62 -7.76 62.82
CA GLN E 591 -37.37 -7.72 61.57
C GLN E 591 -37.29 -6.36 60.91
N ILE E 592 -37.36 -5.29 61.70
CA ILE E 592 -37.23 -3.95 61.16
C ILE E 592 -35.83 -3.73 60.61
N THR E 593 -34.81 -4.21 61.32
CA THR E 593 -33.44 -4.04 60.86
C THR E 593 -33.15 -4.83 59.60
N LYS E 594 -33.56 -6.10 59.56
CA LYS E 594 -33.18 -6.94 58.43
C LYS E 594 -34.11 -6.79 57.24
N ILE E 595 -35.42 -6.91 57.47
CA ILE E 595 -36.33 -6.95 56.35
C ILE E 595 -36.58 -5.58 55.76
N LEU E 596 -36.50 -4.52 56.56
CA LEU E 596 -36.88 -3.20 56.07
C LEU E 596 -35.68 -2.29 55.88
N ASP E 597 -34.92 -2.00 56.93
CA ASP E 597 -33.83 -1.03 56.82
C ASP E 597 -32.82 -1.48 55.79
N LYS E 598 -32.45 -2.75 55.83
CA LYS E 598 -31.43 -3.33 54.98
C LYS E 598 -32.06 -4.11 53.85
N GLY E 599 -33.31 -3.81 53.56
CA GLY E 599 -34.15 -4.59 52.69
C GLY E 599 -34.98 -3.74 51.77
N SER E 600 -36.29 -3.85 51.94
CA SER E 600 -37.26 -3.13 51.12
C SER E 600 -37.04 -1.62 51.12
N ILE E 601 -36.51 -1.06 52.19
CA ILE E 601 -36.22 0.37 52.16
C ILE E 601 -35.08 0.65 51.20
N GLU E 602 -34.09 -0.24 51.13
CA GLU E 602 -33.01 -0.03 50.18
C GLU E 602 -33.33 -0.61 48.81
N LEU E 603 -34.09 -1.70 48.75
CA LEU E 603 -34.52 -2.20 47.43
C LEU E 603 -35.52 -1.26 46.78
N PHE E 604 -36.46 -0.74 47.55
CA PHE E 604 -37.36 0.32 47.08
C PHE E 604 -36.78 1.68 47.38
N GLY E 605 -35.61 1.99 46.82
CA GLY E 605 -34.95 3.24 47.06
C GLY E 605 -33.58 3.30 46.42
N PRO E 606 -32.57 3.71 47.19
CA PRO E 606 -31.24 3.94 46.60
C PRO E 606 -30.63 2.73 45.92
N TYR E 607 -30.77 1.55 46.49
CA TYR E 607 -30.18 0.37 45.86
C TYR E 607 -31.02 -0.12 44.69
N GLY E 608 -32.33 0.01 44.77
CA GLY E 608 -33.17 -0.30 43.63
C GLY E 608 -32.96 0.66 42.48
N LEU E 609 -32.89 1.95 42.78
CA LEU E 609 -32.67 2.95 41.74
C LEU E 609 -31.30 2.81 41.12
N GLU E 610 -30.28 2.53 41.94
CA GLU E 610 -28.95 2.27 41.40
C GLU E 610 -28.96 1.12 40.42
N ARG E 611 -29.55 0.00 40.81
CA ARG E 611 -29.51 -1.19 39.96
C ARG E 611 -30.29 -0.97 38.68
N GLY E 612 -31.46 -0.33 38.77
CA GLY E 612 -32.25 -0.10 37.58
C GLY E 612 -31.62 0.90 36.62
N LEU E 613 -31.15 2.02 37.14
CA LEU E 613 -30.67 3.09 36.27
C LEU E 613 -29.41 2.68 35.52
N VAL E 614 -28.49 1.98 36.20
CA VAL E 614 -27.26 1.56 35.55
C VAL E 614 -27.56 0.60 34.40
N LYS E 615 -28.51 -0.30 34.60
CA LYS E 615 -28.93 -1.16 33.52
C LYS E 615 -29.61 -0.37 32.41
N LEU E 616 -30.46 0.59 32.78
CA LEU E 616 -31.12 1.43 31.80
C LEU E 616 -30.10 2.13 30.91
N SER E 617 -29.08 2.74 31.51
CA SER E 617 -28.15 3.56 30.74
C SER E 617 -27.17 2.72 29.94
N LYS E 618 -26.86 1.51 30.39
CA LYS E 618 -26.05 0.61 29.57
C LYS E 618 -26.77 0.25 28.29
N ASN E 619 -28.08 0.04 28.37
CA ASN E 619 -28.87 -0.27 27.19
C ASN E 619 -28.95 0.91 26.23
N ILE E 620 -29.22 2.11 26.74
CA ILE E 620 -29.31 3.28 25.87
C ILE E 620 -27.96 3.54 25.20
N SER E 621 -26.87 3.43 25.95
CA SER E 621 -25.57 3.62 25.33
C SER E 621 -25.16 2.46 24.45
N SER E 622 -25.89 1.35 24.47
CA SER E 622 -25.70 0.31 23.47
C SER E 622 -26.28 0.70 22.12
N LEU E 623 -27.03 1.78 22.06
CA LEU E 623 -27.50 2.32 20.79
C LEU E 623 -26.41 3.08 20.05
N SER E 624 -25.47 3.67 20.77
CA SER E 624 -24.52 4.63 20.19
C SER E 624 -23.34 3.88 19.59
N THR E 625 -23.34 3.70 18.28
CA THR E 625 -22.44 2.73 17.66
C THR E 625 -21.43 3.40 16.72
N SER E 626 -21.46 4.72 16.62
CA SER E 626 -20.61 5.49 15.71
C SER E 626 -20.78 5.03 14.26
N HIS E 627 -22.01 4.62 13.91
CA HIS E 627 -22.29 4.26 12.50
C HIS E 627 -23.14 5.38 11.91
N VAL E 628 -22.57 6.23 11.05
CA VAL E 628 -23.29 7.34 10.48
C VAL E 628 -24.58 6.87 9.83
N THR E 629 -24.57 5.69 9.23
CA THR E 629 -25.77 5.19 8.59
C THR E 629 -26.90 5.01 9.59
N THR E 630 -26.57 4.51 10.79
CA THR E 630 -27.60 4.27 11.84
C THR E 630 -28.02 5.59 12.48
N TYR E 631 -27.10 6.54 12.62
CA TYR E 631 -27.41 7.86 13.21
C TYR E 631 -28.41 8.61 12.35
N ALA E 632 -28.25 8.53 11.05
CA ALA E 632 -29.15 9.25 10.11
C ALA E 632 -30.58 8.73 10.27
N LEU E 633 -30.73 7.42 10.39
CA LEU E 633 -32.07 6.81 10.54
C LEU E 633 -32.66 7.31 11.85
N TYR E 634 -31.86 7.41 12.90
CA TYR E 634 -32.37 7.85 14.23
C TYR E 634 -32.87 9.29 14.14
N ILE E 635 -32.17 10.15 13.42
CA ILE E 635 -32.61 11.58 13.25
C ILE E 635 -33.93 11.64 12.50
N LEU E 636 -34.11 10.80 11.47
CA LEU E 636 -35.36 10.77 10.68
C LEU E 636 -36.46 10.16 11.55
N VAL E 637 -36.11 9.15 12.34
CA VAL E 637 -37.12 8.60 13.24
C VAL E 637 -37.57 9.68 14.21
N GLY E 638 -36.61 10.39 14.80
CA GLY E 638 -36.94 11.47 15.71
C GLY E 638 -37.62 12.63 15.02
N PHE E 639 -37.42 12.77 13.72
CA PHE E 639 -38.17 13.76 12.95
C PHE E 639 -39.62 13.35 12.74
N ILE E 640 -39.87 12.08 12.43
CA ILE E 640 -41.24 11.65 12.16
C ILE E 640 -42.09 11.79 13.40
N LEU E 641 -41.56 11.41 14.55
CA LEU E 641 -42.34 11.48 15.79
C LEU E 641 -42.72 12.91 16.12
N TYR E 642 -41.85 13.87 15.80
CA TYR E 642 -42.20 15.27 16.02
C TYR E 642 -43.32 15.71 15.11
N LEU E 643 -43.28 15.30 13.85
CA LEU E 643 -44.34 15.64 12.91
C LEU E 643 -45.66 14.98 13.31
N ILE E 644 -45.61 13.70 13.69
CA ILE E 644 -46.82 13.04 14.15
C ILE E 644 -47.37 13.74 15.37
N TYR E 645 -46.51 14.04 16.35
CA TYR E 645 -46.99 14.65 17.57
C TYR E 645 -47.69 15.97 17.30
N ASN E 646 -47.05 16.86 16.55
CA ASN E 646 -47.55 18.21 16.39
C ASN E 646 -48.26 18.39 15.06
N ASN E 647 -48.92 17.37 14.56
CA ASN E 647 -49.85 17.52 13.46
C ASN E 647 -51.14 16.75 13.67
N LEU E 648 -51.08 15.59 14.33
CA LEU E 648 -52.31 14.88 14.64
C LEU E 648 -53.05 15.49 15.83
N LEU E 649 -52.45 16.48 16.50
CA LEU E 649 -53.00 17.06 17.73
C LEU E 649 -53.26 15.94 18.74
N LEU E 650 -52.30 15.04 18.85
CA LEU E 650 -52.41 13.93 19.79
C LEU E 650 -52.44 14.46 21.21
N ASP E 651 -53.07 13.66 22.09
CA ASP E 651 -53.14 14.03 23.53
C ASP E 651 -51.71 14.00 24.09
N TYR E 652 -51.36 14.97 24.91
CA TYR E 652 -50.04 15.00 25.51
C TYR E 652 -49.78 13.73 26.30
N SER E 653 -50.83 13.16 26.89
CA SER E 653 -50.66 11.93 27.66
C SER E 653 -50.21 10.80 26.77
N TYR E 654 -50.70 10.74 25.53
CA TYR E 654 -50.26 9.73 24.59
C TYR E 654 -48.75 9.73 24.42
N LEU E 655 -48.13 10.90 24.49
CA LEU E 655 -46.67 10.97 24.34
C LEU E 655 -45.97 10.33 25.52
N LEU E 656 -46.38 10.71 26.73
CA LEU E 656 -45.71 10.23 27.94
C LEU E 656 -45.79 8.71 28.05
N LEU E 657 -46.95 8.14 27.74
CA LEU E 657 -47.04 6.68 27.66
C LEU E 657 -45.95 6.11 26.78
N ILE E 658 -45.73 6.68 25.60
CA ILE E 658 -44.66 6.19 24.75
C ILE E 658 -43.31 6.38 25.42
N ILE E 659 -43.06 7.57 25.95
CA ILE E 659 -41.75 7.85 26.55
C ILE E 659 -41.50 6.93 27.74
N ILE E 660 -42.49 6.80 28.62
CA ILE E 660 -42.34 5.93 29.78
C ILE E 660 -42.27 4.47 29.36
N LEU E 661 -43.03 4.10 28.34
CA LEU E 661 -42.98 2.71 27.88
C LEU E 661 -41.61 2.40 27.28
N LEU E 662 -41.02 3.36 26.57
CA LEU E 662 -39.67 3.18 26.06
C LEU E 662 -38.66 2.96 27.18
N LEU E 663 -38.72 3.77 28.23
CA LEU E 663 -37.72 3.65 29.29
C LEU E 663 -37.73 2.26 29.90
N LEU E 664 -38.91 1.66 30.02
CA LEU E 664 -39.00 0.33 30.61
C LEU E 664 -38.35 -0.73 29.72
N LEU E 665 -38.46 -0.57 28.40
CA LEU E 665 -37.84 -1.54 27.49
C LEU E 665 -36.32 -1.47 27.53
N MET E 666 -35.75 -0.29 27.79
CA MET E 666 -34.33 -0.17 28.05
C MET E 666 -33.94 -0.73 29.41
N MET E 667 -34.85 -0.78 30.38
CA MET E 667 -34.56 -1.49 31.62
C MET E 667 -34.42 -2.98 31.38
N ILE E 668 -35.20 -3.52 30.45
CA ILE E 668 -35.14 -4.95 30.16
C ILE E 668 -34.01 -5.21 29.18
N GLY E 669 -33.18 -6.21 29.49
CA GLY E 669 -32.08 -6.59 28.63
C GLY E 669 -32.46 -7.65 27.62
N GLU E 670 -31.51 -7.97 26.76
CA GLU E 670 -31.68 -8.98 25.71
C GLU E 670 -32.89 -8.70 24.83
N SER F 3 -76.36 35.19 -29.81
CA SER F 3 -77.05 33.94 -30.22
C SER F 3 -76.05 32.77 -30.19
N GLN F 4 -74.99 32.86 -31.01
CA GLN F 4 -73.93 31.81 -31.02
C GLN F 4 -73.10 31.94 -29.74
N ILE F 5 -72.39 30.89 -29.35
CA ILE F 5 -71.66 30.96 -28.05
C ILE F 5 -70.69 32.15 -28.09
N SER F 6 -70.75 33.03 -27.09
CA SER F 6 -69.90 34.24 -27.07
C SER F 6 -68.44 33.88 -26.88
N LEU F 7 -68.15 32.93 -25.98
CA LEU F 7 -66.76 32.47 -25.76
C LEU F 7 -66.37 31.58 -26.93
N LEU F 8 -65.21 31.82 -27.54
CA LEU F 8 -64.75 31.07 -28.73
C LEU F 8 -63.36 30.48 -28.49
N LEU F 9 -63.16 29.21 -28.62
CA LEU F 9 -61.85 28.57 -28.37
C LEU F 9 -61.32 28.00 -29.69
N LEU F 10 -60.17 28.37 -30.10
CA LEU F 10 -59.54 27.86 -31.31
C LEU F 10 -58.05 27.67 -31.09
N LYS F 11 -57.41 26.83 -31.91
CA LYS F 11 -55.96 26.52 -31.77
C LYS F 11 -55.08 27.72 -32.19
N GLU F 12 -53.78 27.69 -31.87
CA GLU F 12 -52.84 28.76 -32.30
C GLU F 12 -51.97 28.21 -33.45
N ILE F 13 -52.04 28.82 -34.63
CA ILE F 13 -51.32 28.29 -35.84
C ILE F 13 -49.78 28.41 -35.81
N TYR F 14 -49.19 29.54 -35.40
CA TYR F 14 -47.71 29.68 -35.53
C TYR F 14 -47.06 30.09 -34.20
N THR F 15 -47.49 31.22 -33.62
CA THR F 15 -47.02 31.57 -32.25
C THR F 15 -47.69 30.65 -31.23
N ASN F 16 -47.30 29.37 -31.20
CA ASN F 16 -48.02 28.41 -30.32
C ASN F 16 -47.30 28.26 -28.98
N GLY F 17 -46.33 27.36 -28.86
CA GLY F 17 -45.74 27.06 -27.55
C GLY F 17 -45.36 25.60 -27.50
N SER F 18 -45.21 25.05 -26.30
CA SER F 18 -44.78 23.64 -26.17
C SER F 18 -45.93 22.79 -25.65
N THR F 19 -45.88 21.48 -25.85
CA THR F 19 -46.90 20.60 -25.24
C THR F 19 -46.65 20.52 -23.73
N HIS F 20 -47.71 20.42 -22.94
CA HIS F 20 -47.50 20.23 -21.49
C HIS F 20 -47.23 18.75 -21.24
N ILE F 21 -47.38 17.93 -22.27
CA ILE F 21 -47.10 16.51 -22.17
C ILE F 21 -45.65 16.28 -21.78
N MET F 22 -44.73 17.09 -22.30
CA MET F 22 -43.31 16.88 -22.03
C MET F 22 -43.00 16.98 -20.54
N LEU F 23 -43.75 17.78 -19.80
CA LEU F 23 -43.47 17.91 -18.38
C LEU F 23 -43.77 16.61 -17.66
N ASP F 24 -44.84 15.92 -18.09
CA ASP F 24 -45.21 14.65 -17.49
C ASP F 24 -44.22 13.57 -17.84
N ILE F 25 -43.63 13.63 -19.03
CA ILE F 25 -42.55 12.73 -19.38
C ILE F 25 -41.31 13.02 -18.54
N LEU F 26 -40.93 14.30 -18.43
CA LEU F 26 -39.69 14.62 -17.74
C LEU F 26 -39.83 14.36 -16.25
N SER F 27 -41.04 14.43 -15.71
CA SER F 27 -41.29 14.01 -14.33
C SER F 27 -41.04 12.53 -14.17
N VAL F 28 -41.54 11.72 -15.10
CA VAL F 28 -41.47 10.27 -14.98
C VAL F 28 -40.02 9.80 -14.98
N LEU F 29 -39.23 10.29 -15.94
CA LEU F 29 -37.83 9.90 -16.02
C LEU F 29 -37.04 10.40 -14.83
N ALA F 30 -37.33 11.61 -14.36
CA ALA F 30 -36.67 12.11 -13.16
C ALA F 30 -36.94 11.18 -11.99
N VAL F 31 -38.19 10.74 -11.83
CA VAL F 31 -38.51 9.77 -10.80
C VAL F 31 -37.77 8.47 -11.05
N ILE F 32 -37.91 7.94 -12.27
CA ILE F 32 -37.24 6.69 -12.63
C ILE F 32 -35.74 6.80 -12.40
N SER F 33 -35.13 7.90 -12.85
CA SER F 33 -33.70 8.09 -12.62
C SER F 33 -33.37 8.16 -11.14
N GLY F 34 -34.22 8.85 -10.36
CA GLY F 34 -33.98 8.95 -8.93
C GLY F 34 -34.12 7.63 -8.21
N ILE F 35 -35.04 6.78 -8.64
CA ILE F 35 -35.17 5.46 -8.03
C ILE F 35 -33.88 4.69 -8.18
N CYS F 36 -33.30 4.72 -9.39
CA CYS F 36 -32.06 3.98 -9.63
C CYS F 36 -30.88 4.53 -8.87
N VAL F 37 -30.93 5.78 -8.42
CA VAL F 37 -29.80 6.30 -7.64
C VAL F 37 -29.67 5.52 -6.33
N ILE F 38 -30.77 5.39 -5.59
CA ILE F 38 -30.73 4.86 -4.24
C ILE F 38 -30.90 3.34 -4.18
N ILE F 39 -30.95 2.67 -5.32
CA ILE F 39 -31.01 1.21 -5.36
C ILE F 39 -29.80 0.60 -6.05
N SER F 40 -29.08 1.36 -6.85
CA SER F 40 -27.93 0.83 -7.58
C SER F 40 -26.85 0.34 -6.64
N LYS F 41 -26.26 -0.81 -6.98
CA LYS F 41 -25.21 -1.40 -6.16
C LYS F 41 -23.91 -0.60 -6.25
N ASN F 42 -23.53 -0.21 -7.45
CA ASN F 42 -22.24 0.43 -7.66
C ASN F 42 -22.35 1.94 -7.50
N PRO F 43 -21.52 2.56 -6.67
CA PRO F 43 -21.57 4.01 -6.54
C PRO F 43 -21.26 4.76 -7.82
N ILE F 44 -20.47 4.19 -8.73
CA ILE F 44 -20.25 4.84 -10.03
C ILE F 44 -21.56 4.95 -10.78
N VAL F 45 -22.36 3.89 -10.77
CA VAL F 45 -23.63 3.88 -11.47
C VAL F 45 -24.61 4.86 -10.83
N SER F 46 -24.59 4.96 -9.50
CA SER F 46 -25.52 5.86 -8.83
C SER F 46 -25.23 7.30 -9.20
N VAL F 47 -23.96 7.66 -9.30
CA VAL F 47 -23.60 9.01 -9.72
C VAL F 47 -24.02 9.26 -11.18
N LEU F 48 -23.94 8.24 -12.03
CA LEU F 48 -24.44 8.38 -13.39
C LEU F 48 -25.95 8.63 -13.42
N HIS F 49 -26.69 7.90 -12.59
CA HIS F 49 -28.16 8.13 -12.49
C HIS F 49 -28.40 9.51 -11.89
N LEU F 50 -27.45 10.03 -11.11
CA LEU F 50 -27.57 11.40 -10.64
C LEU F 50 -27.34 12.40 -11.77
N ILE F 51 -26.36 12.14 -12.62
CA ILE F 51 -26.14 13.03 -13.75
C ILE F 51 -27.38 13.03 -14.64
N GLY F 52 -28.06 11.90 -14.73
CA GLY F 52 -29.32 11.86 -15.47
C GLY F 52 -30.41 12.70 -14.84
N LEU F 53 -30.58 12.57 -13.52
CA LEU F 53 -31.62 13.33 -12.81
C LEU F 53 -31.38 14.83 -12.94
N PHE F 54 -30.13 15.28 -12.80
CA PHE F 54 -29.85 16.70 -12.93
C PHE F 54 -30.18 17.20 -14.33
N ALA F 55 -29.98 16.37 -15.35
CA ALA F 55 -30.33 16.76 -16.70
C ALA F 55 -31.84 16.90 -16.88
N TYR F 56 -32.62 15.95 -16.36
CA TYR F 56 -34.06 16.02 -16.56
C TYR F 56 -34.65 17.22 -15.86
N VAL F 57 -34.18 17.53 -14.66
CA VAL F 57 -34.65 18.71 -13.95
C VAL F 57 -34.20 19.97 -14.66
N SER F 58 -32.99 19.96 -15.21
CA SER F 58 -32.52 21.12 -15.98
C SER F 58 -33.40 21.38 -17.17
N PHE F 59 -33.77 20.32 -17.90
CA PHE F 59 -34.63 20.50 -19.07
C PHE F 59 -36.02 20.94 -18.66
N TYR F 60 -36.53 20.39 -17.54
CA TYR F 60 -37.85 20.76 -17.06
C TYR F 60 -37.93 22.27 -16.87
N LEU F 61 -36.84 22.86 -16.34
CA LEU F 61 -36.81 24.28 -16.05
C LEU F 61 -36.65 25.10 -17.31
N ILE F 62 -35.79 24.66 -18.23
CA ILE F 62 -35.64 25.33 -19.51
C ILE F 62 -36.97 25.32 -20.24
N LEU F 63 -37.69 24.20 -20.15
CA LEU F 63 -38.96 24.05 -20.83
C LEU F 63 -40.03 25.00 -20.31
N ILE F 64 -39.92 25.45 -19.06
CA ILE F 64 -40.90 26.35 -18.48
C ILE F 64 -40.38 27.78 -18.38
N GLY F 65 -39.26 28.08 -19.03
CA GLY F 65 -38.81 29.45 -19.21
C GLY F 65 -37.59 29.86 -18.40
N LEU F 66 -37.11 29.02 -17.50
CA LEU F 66 -36.04 29.39 -16.57
C LEU F 66 -34.67 28.98 -17.14
N ASN F 67 -34.29 29.63 -18.24
CA ASN F 67 -33.09 29.17 -18.99
C ASN F 67 -31.79 29.39 -18.22
N PHE F 68 -31.58 30.60 -17.69
CA PHE F 68 -30.30 30.89 -17.03
C PHE F 68 -30.04 29.93 -15.88
N VAL F 69 -31.01 29.72 -15.00
CA VAL F 69 -30.79 28.80 -13.89
C VAL F 69 -30.77 27.36 -14.36
N GLY F 70 -31.60 27.03 -15.35
CA GLY F 70 -31.55 25.70 -15.93
C GLY F 70 -30.24 25.42 -16.62
N LEU F 71 -29.66 26.44 -17.25
CA LEU F 71 -28.32 26.31 -17.80
C LEU F 71 -27.26 26.36 -16.71
N SER F 72 -27.54 27.09 -15.63
CA SER F 72 -26.62 27.13 -14.51
C SER F 72 -26.51 25.78 -13.84
N TYR F 73 -27.64 25.08 -13.70
CA TYR F 73 -27.62 23.73 -13.16
C TYR F 73 -26.78 22.82 -14.03
N LEU F 74 -26.92 22.95 -15.34
CA LEU F 74 -26.12 22.16 -16.26
C LEU F 74 -24.64 22.44 -16.08
N ILE F 75 -24.26 23.72 -16.05
CA ILE F 75 -22.86 24.10 -15.94
C ILE F 75 -22.29 23.70 -14.59
N VAL F 76 -23.10 23.74 -13.54
CA VAL F 76 -22.57 23.60 -12.19
C VAL F 76 -22.60 22.15 -11.72
N TYR F 77 -23.75 21.48 -11.85
CA TYR F 77 -23.86 20.10 -11.31
C TYR F 77 -23.23 19.08 -12.25
N ILE F 78 -23.82 18.94 -13.43
CA ILE F 78 -23.27 18.01 -14.39
C ILE F 78 -21.88 18.43 -14.82
N GLY F 79 -21.66 19.74 -14.91
CA GLY F 79 -20.37 20.22 -15.37
C GLY F 79 -19.25 19.92 -14.40
N ALA F 80 -19.47 20.17 -13.11
CA ALA F 80 -18.36 20.29 -12.18
C ALA F 80 -18.50 19.47 -10.90
N VAL F 81 -19.70 19.37 -10.33
CA VAL F 81 -19.85 18.64 -9.08
C VAL F 81 -19.76 17.14 -9.34
N SER F 82 -20.52 16.66 -10.31
CA SER F 82 -20.50 15.23 -10.62
C SER F 82 -19.15 14.79 -11.19
N ILE F 83 -18.39 15.72 -11.75
CA ILE F 83 -17.04 15.41 -12.21
C ILE F 83 -16.12 15.17 -11.04
N LEU F 84 -16.20 16.02 -10.01
CA LEU F 84 -15.44 15.78 -8.80
C LEU F 84 -15.87 14.49 -8.13
N PHE F 85 -17.16 14.17 -8.17
CA PHE F 85 -17.63 12.89 -7.66
C PHE F 85 -17.06 11.73 -8.47
N LEU F 86 -16.99 11.88 -9.79
CA LEU F 86 -16.42 10.83 -10.61
C LEU F 86 -14.93 10.63 -10.34
N PHE F 87 -14.14 11.71 -10.28
CA PHE F 87 -12.74 11.57 -9.87
C PHE F 87 -12.59 10.73 -8.62
N ILE F 88 -13.20 11.15 -7.51
CA ILE F 88 -13.00 10.44 -6.27
C ILE F 88 -13.48 9.00 -6.37
N LEU F 89 -14.61 8.77 -7.04
CA LEU F 89 -15.16 7.43 -7.06
C LEU F 89 -14.39 6.50 -7.97
N MET F 90 -13.61 7.03 -8.91
CA MET F 90 -12.81 6.21 -9.81
C MET F 90 -11.37 6.08 -9.35
N LEU F 91 -11.07 6.50 -8.13
CA LEU F 91 -9.73 6.40 -7.54
C LEU F 91 -9.73 5.73 -6.19
N ILE F 92 -10.74 6.00 -5.37
CA ILE F 92 -10.96 5.22 -4.16
C ILE F 92 -11.18 3.76 -4.54
N ASN F 93 -10.55 2.87 -3.82
CA ASN F 93 -10.82 1.45 -4.01
C ASN F 93 -12.19 1.14 -3.42
N ILE F 94 -13.07 0.57 -4.22
CA ILE F 94 -14.42 0.25 -3.80
C ILE F 94 -14.66 -1.23 -4.10
N ARG F 95 -14.84 -2.01 -3.05
CA ARG F 95 -15.32 -3.38 -3.18
C ARG F 95 -16.84 -3.32 -3.11
N THR F 96 -17.50 -3.65 -4.22
CA THR F 96 -18.90 -3.29 -4.38
C THR F 96 -19.82 -4.13 -3.53
N SER F 97 -19.29 -5.16 -2.87
CA SER F 97 -20.06 -6.00 -1.98
C SER F 97 -20.01 -5.54 -0.53
N GLU F 98 -18.99 -4.79 -0.14
CA GLU F 98 -18.97 -4.23 1.20
C GLU F 98 -19.92 -3.03 1.36
N LEU F 99 -20.39 -2.45 0.26
CA LEU F 99 -21.36 -1.37 0.33
C LEU F 99 -22.79 -1.88 0.22
N GLN F 100 -22.97 -3.17 0.06
CA GLN F 100 -24.29 -3.74 -0.17
C GLN F 100 -24.86 -4.20 1.16
N SER F 101 -26.02 -3.68 1.49
CA SER F 101 -26.72 -4.04 2.71
C SER F 101 -28.02 -4.74 2.35
N ASN F 102 -28.57 -5.46 3.32
CA ASN F 102 -29.82 -6.19 3.12
C ASN F 102 -30.94 -5.17 2.96
N THR F 103 -31.26 -4.85 1.72
CA THR F 103 -32.27 -3.82 1.45
C THR F 103 -33.68 -4.31 1.73
N SER F 104 -33.89 -5.64 1.68
CA SER F 104 -35.24 -6.17 1.81
C SER F 104 -35.80 -5.95 3.19
N ASN F 105 -34.95 -5.76 4.18
CA ASN F 105 -35.42 -5.54 5.55
C ASN F 105 -36.13 -4.20 5.66
N SER F 106 -35.65 -3.20 4.93
CA SER F 106 -36.07 -1.84 5.11
C SER F 106 -37.27 -1.48 4.25
N ILE F 107 -37.86 -2.46 3.59
CA ILE F 107 -39.11 -2.23 2.87
C ILE F 107 -40.23 -1.77 3.81
N PRO F 108 -40.48 -2.43 4.95
CA PRO F 108 -41.54 -1.93 5.83
C PRO F 108 -41.30 -0.51 6.32
N LEU F 109 -40.06 -0.15 6.64
CA LEU F 109 -39.77 1.20 7.06
C LEU F 109 -39.84 2.17 5.91
N THR F 110 -39.56 1.70 4.69
CA THR F 110 -39.83 2.51 3.50
C THR F 110 -41.32 2.74 3.33
N ILE F 111 -42.13 1.71 3.58
CA ILE F 111 -43.58 1.87 3.49
C ILE F 111 -44.08 2.88 4.51
N LEU F 112 -43.59 2.78 5.75
CA LEU F 112 -44.11 3.61 6.82
C LEU F 112 -43.72 5.07 6.63
N VAL F 113 -42.45 5.34 6.35
CA VAL F 113 -41.99 6.72 6.29
C VAL F 113 -42.47 7.39 5.01
N GLY F 114 -42.73 6.61 3.97
CA GLY F 114 -43.28 7.18 2.75
C GLY F 114 -44.67 7.74 2.94
N ILE F 115 -45.51 7.04 3.70
CA ILE F 115 -46.87 7.51 3.92
C ILE F 115 -46.88 8.76 4.81
N ILE F 116 -46.11 8.74 5.89
CA ILE F 116 -46.19 9.81 6.88
C ILE F 116 -45.66 11.12 6.32
N ILE F 117 -44.50 11.09 5.67
CA ILE F 117 -43.95 12.32 5.10
C ILE F 117 -44.84 12.84 3.98
N SER F 118 -45.28 11.94 3.10
CA SER F 118 -46.09 12.39 1.97
C SER F 118 -47.41 13.00 2.45
N SER F 119 -48.05 12.38 3.45
CA SER F 119 -49.35 12.88 3.89
C SER F 119 -49.25 14.24 4.55
N PHE F 120 -48.13 14.54 5.21
CA PHE F 120 -48.00 15.81 5.91
C PHE F 120 -47.51 16.90 4.97
N LEU F 121 -46.34 16.71 4.36
CA LEU F 121 -45.72 17.79 3.60
C LEU F 121 -46.59 18.25 2.46
N PHE F 122 -47.39 17.38 1.86
CA PHE F 122 -48.18 17.78 0.67
C PHE F 122 -49.17 18.89 1.04
N LYS F 123 -49.76 18.84 2.24
CA LYS F 123 -50.69 19.90 2.70
C LYS F 123 -49.93 21.23 2.76
N MET F 124 -48.68 21.25 3.01
CA MET F 124 -47.91 22.51 3.16
C MET F 124 -47.69 23.21 1.84
N LEU F 125 -47.64 22.53 0.78
CA LEU F 125 -47.34 23.15 -0.52
C LEU F 125 -48.42 24.19 -0.86
N PRO F 126 -48.20 25.21 -1.62
CA PRO F 126 -49.23 26.19 -2.02
C PRO F 126 -50.13 25.76 -3.18
N TYR F 127 -51.24 26.46 -3.44
CA TYR F 127 -52.19 26.03 -4.49
C TYR F 127 -51.58 26.06 -5.90
N GLY F 128 -50.75 27.04 -6.21
CA GLY F 128 -50.17 27.18 -7.56
C GLY F 128 -49.32 25.98 -7.96
N VAL F 129 -48.66 25.34 -6.99
CA VAL F 129 -47.73 24.21 -7.31
C VAL F 129 -48.54 22.94 -7.57
N ILE F 130 -49.67 22.77 -6.88
CA ILE F 130 -50.50 21.57 -7.05
C ILE F 130 -51.70 21.88 -7.94
N ILE F 131 -51.60 22.93 -8.76
CA ILE F 131 -52.68 23.29 -9.66
C ILE F 131 -52.95 22.20 -10.69
N SER F 132 -51.96 21.36 -10.98
CA SER F 132 -52.13 20.28 -11.95
C SER F 132 -52.09 18.92 -11.28
N LYS F 164 -64.94 16.09 -17.07
CA LYS F 164 -64.39 16.83 -15.94
C LYS F 164 -63.93 18.21 -16.37
N ASN F 165 -64.46 19.25 -15.73
CA ASN F 165 -64.09 20.63 -16.07
C ASN F 165 -62.70 20.90 -15.51
N ASP F 166 -61.77 21.27 -16.39
CA ASP F 166 -60.43 21.62 -15.98
C ASP F 166 -60.23 23.12 -16.14
N LEU F 167 -59.63 23.72 -15.12
CA LEU F 167 -59.28 25.12 -15.19
C LEU F 167 -58.15 25.34 -16.17
N PHE F 168 -58.33 26.34 -17.01
CA PHE F 168 -57.30 26.82 -17.91
C PHE F 168 -56.75 28.14 -17.41
N PHE F 169 -55.42 28.27 -17.50
CA PHE F 169 -54.76 29.55 -17.15
C PHE F 169 -54.89 30.47 -18.37
N ILE F 170 -55.10 31.75 -18.15
CA ILE F 170 -55.29 32.71 -19.28
C ILE F 170 -54.21 33.79 -19.22
N THR F 171 -53.69 34.21 -20.38
CA THR F 171 -52.71 35.32 -20.40
C THR F 171 -53.07 36.34 -21.49
N SER F 172 -52.69 37.61 -21.29
CA SER F 172 -52.95 38.69 -22.26
C SER F 172 -51.72 39.59 -22.30
N LYS F 173 -51.62 40.47 -23.32
CA LYS F 173 -50.41 41.32 -23.49
C LYS F 173 -50.48 42.60 -22.65
N ILE F 174 -49.33 43.25 -22.41
CA ILE F 174 -49.24 44.55 -21.69
C ILE F 174 -48.25 45.38 -22.49
N TRP F 175 -48.36 46.71 -22.44
CA TRP F 175 -47.48 47.55 -23.28
C TRP F 175 -46.56 48.41 -22.43
N ASP F 176 -47.09 49.01 -21.37
CA ASP F 176 -46.26 49.83 -20.44
C ASP F 176 -45.21 48.94 -19.76
N GLY F 177 -45.55 47.70 -19.44
CA GLY F 177 -44.61 46.75 -18.80
C GLY F 177 -43.72 46.00 -19.77
N ALA F 178 -43.90 46.21 -21.07
CA ALA F 178 -43.09 45.53 -22.11
C ALA F 178 -42.16 46.51 -22.83
N LEU F 179 -41.93 47.69 -22.28
CA LEU F 179 -41.10 48.75 -22.96
C LEU F 179 -39.67 48.25 -23.16
N ALA F 180 -39.01 47.85 -22.07
CA ALA F 180 -37.63 47.34 -22.16
C ALA F 180 -37.52 46.07 -21.33
N GLU F 181 -38.11 44.98 -21.79
CA GLU F 181 -38.13 43.70 -21.03
C GLU F 181 -36.71 43.16 -20.87
N ASN F 182 -36.44 42.53 -19.73
CA ASN F 182 -35.10 42.02 -19.45
C ASN F 182 -35.17 40.50 -19.36
N ASN F 183 -34.11 39.82 -19.79
CA ASN F 183 -34.04 38.36 -19.61
C ASN F 183 -33.88 38.10 -18.11
N HIS F 184 -34.18 36.90 -17.64
CA HIS F 184 -34.13 36.63 -16.18
C HIS F 184 -32.74 36.94 -15.62
N ILE F 185 -31.66 36.78 -16.39
CA ILE F 185 -30.29 36.96 -15.83
C ILE F 185 -30.03 38.46 -15.65
N SER F 186 -30.53 39.30 -16.55
CA SER F 186 -30.40 40.76 -16.40
C SER F 186 -31.24 41.25 -15.22
N SER F 187 -32.42 40.68 -15.03
CA SER F 187 -33.25 41.01 -13.85
C SER F 187 -32.55 40.57 -12.55
N ILE F 188 -31.94 39.40 -12.52
CA ILE F 188 -31.17 38.92 -11.34
C ILE F 188 -29.99 39.87 -11.16
N GLY F 189 -29.33 40.27 -12.24
CA GLY F 189 -28.17 41.16 -12.14
C GLY F 189 -28.52 42.55 -11.66
N ASN F 190 -29.69 43.08 -12.03
CA ASN F 190 -30.12 44.45 -11.64
C ASN F 190 -30.17 44.52 -10.12
N ILE F 191 -30.38 43.40 -9.43
CA ILE F 191 -30.53 43.44 -7.95
C ILE F 191 -29.45 42.62 -7.23
N MET F 192 -28.78 41.69 -7.92
CA MET F 192 -27.84 40.79 -7.27
C MET F 192 -26.62 41.52 -6.71
N TYR F 193 -26.26 42.67 -7.31
CA TYR F 193 -25.02 43.35 -6.90
C TYR F 193 -25.29 44.65 -6.15
N THR F 194 -26.56 45.01 -5.95
CA THR F 194 -26.89 46.32 -5.32
C THR F 194 -27.77 46.12 -4.10
N ASN F 195 -29.07 45.89 -4.29
CA ASN F 195 -30.07 45.76 -3.21
C ASN F 195 -29.83 44.58 -2.27
N TYR F 196 -29.45 43.43 -2.79
CA TYR F 196 -29.27 42.22 -1.96
C TYR F 196 -27.79 41.84 -1.95
N ASN F 197 -26.89 42.84 -2.02
CA ASN F 197 -25.43 42.56 -2.14
C ASN F 197 -24.83 41.92 -0.89
N VAL F 198 -25.52 41.96 0.25
CA VAL F 198 -25.03 41.26 1.47
C VAL F 198 -25.00 39.75 1.20
N TRP F 199 -25.99 39.25 0.46
CA TRP F 199 -26.01 37.81 0.08
C TRP F 199 -24.77 37.47 -0.75
N LEU F 200 -24.29 38.40 -1.58
CA LEU F 200 -23.07 38.16 -2.34
C LEU F 200 -21.85 38.12 -1.42
N ILE F 201 -21.84 38.93 -0.38
CA ILE F 201 -20.71 38.95 0.55
C ILE F 201 -20.60 37.63 1.29
N LEU F 202 -21.70 37.12 1.84
CA LEU F 202 -21.66 35.86 2.56
C LEU F 202 -21.25 34.72 1.66
N ALA F 203 -21.77 34.71 0.43
CA ALA F 203 -21.44 33.65 -0.50
C ALA F 203 -19.97 33.70 -0.90
N SER F 204 -19.44 34.90 -1.13
CA SER F 204 -18.02 35.04 -1.39
C SER F 204 -17.19 34.46 -0.25
N PHE F 205 -17.67 34.59 0.97
CA PHE F 205 -16.93 34.08 2.10
C PHE F 205 -17.11 32.57 2.29
N ILE F 206 -18.26 32.01 1.88
CA ILE F 206 -18.46 30.58 1.97
C ILE F 206 -17.58 29.87 0.95
N LEU F 207 -17.53 30.39 -0.28
CA LEU F 207 -16.64 29.83 -1.30
C LEU F 207 -15.18 29.97 -0.90
N LEU F 208 -14.82 31.10 -0.31
CA LEU F 208 -13.45 31.33 0.14
C LEU F 208 -13.07 30.38 1.27
N LEU F 209 -14.00 30.05 2.16
CA LEU F 209 -13.74 29.07 3.21
C LEU F 209 -13.61 27.67 2.64
N ALA F 210 -14.43 27.32 1.66
CA ALA F 210 -14.32 26.02 1.02
C ALA F 210 -13.05 25.88 0.21
N MET F 211 -12.39 26.98 -0.15
CA MET F 211 -11.08 26.91 -0.77
C MET F 211 -10.00 26.63 0.27
N VAL F 212 -9.90 27.49 1.27
CA VAL F 212 -8.84 27.38 2.27
C VAL F 212 -8.97 26.08 3.05
N GLY F 213 -10.19 25.75 3.47
CA GLY F 213 -10.37 24.59 4.32
C GLY F 213 -10.09 23.28 3.63
N ALA F 214 -10.53 23.15 2.38
CA ALA F 214 -10.35 21.88 1.69
C ALA F 214 -8.91 21.69 1.23
N ILE F 215 -8.22 22.79 0.91
CA ILE F 215 -6.80 22.69 0.62
C ILE F 215 -6.00 22.33 1.87
N VAL F 216 -6.36 22.90 3.02
CA VAL F 216 -5.56 22.69 4.22
C VAL F 216 -5.75 21.29 4.82
N ILE F 217 -6.85 20.60 4.52
CA ILE F 217 -7.05 19.27 5.10
C ILE F 217 -6.63 18.16 4.17
N THR F 218 -6.14 18.47 2.97
CA THR F 218 -5.76 17.41 2.05
C THR F 218 -4.27 17.44 1.70
N ILE F 219 -3.69 18.58 1.43
CA ILE F 219 -2.36 18.56 0.85
C ILE F 219 -1.33 18.50 1.97
N LYS F 220 -0.20 17.91 1.65
CA LYS F 220 0.99 18.02 2.48
C LYS F 220 1.67 19.34 2.15
N PRO F 221 1.87 20.23 3.10
CA PRO F 221 2.50 21.51 2.78
C PRO F 221 3.91 21.33 2.24
N ARG F 222 4.27 22.18 1.29
CA ARG F 222 5.59 22.13 0.64
C ARG F 222 5.84 20.77 0.01
N ARG G 10 -72.09 19.97 126.23
CA ARG G 10 -73.00 20.52 125.23
C ARG G 10 -72.45 20.29 123.84
N ARG G 11 -73.25 20.61 122.83
CA ARG G 11 -72.80 20.45 121.45
C ARG G 11 -71.88 21.59 121.05
N ALA G 12 -70.82 21.26 120.33
CA ALA G 12 -69.87 22.26 119.85
C ALA G 12 -70.24 22.69 118.44
N THR G 13 -70.38 24.01 118.25
CA THR G 13 -70.85 24.56 116.95
C THR G 13 -69.83 24.36 115.83
N ARG G 14 -70.29 24.45 114.58
CA ARG G 14 -69.41 24.23 113.40
C ARG G 14 -68.32 25.31 113.35
N GLU G 15 -68.67 26.55 113.68
CA GLU G 15 -67.66 27.65 113.66
C GLU G 15 -66.60 27.38 114.72
N GLU G 16 -67.03 26.98 115.92
CA GLU G 16 -66.07 26.70 117.03
C GLU G 16 -65.18 25.53 116.62
N MET G 17 -65.77 24.53 115.97
CA MET G 17 -65.01 23.31 115.59
C MET G 17 -63.88 23.64 114.63
N ARG G 18 -64.06 24.62 113.73
CA ARG G 18 -62.99 24.83 112.78
C ARG G 18 -61.81 25.56 113.39
N ASP G 19 -62.04 26.34 114.45
CA ASP G 19 -60.96 27.15 115.00
C ASP G 19 -59.94 26.31 115.76
N ALA G 20 -60.31 25.12 116.20
CA ALA G 20 -59.36 24.21 116.83
C ALA G 20 -58.83 23.16 115.86
N LYS G 21 -59.20 23.26 114.59
CA LYS G 21 -58.63 22.42 113.53
C LYS G 21 -58.84 20.94 113.81
N VAL G 22 -60.02 20.61 114.31
CA VAL G 22 -60.40 19.19 114.46
C VAL G 22 -60.51 18.55 113.09
N PRO G 23 -60.09 17.30 112.91
CA PRO G 23 -60.09 16.71 111.58
C PRO G 23 -61.49 16.57 111.02
N LEU G 24 -61.58 16.64 109.69
CA LEU G 24 -62.86 16.94 109.06
C LEU G 24 -63.91 15.89 109.33
N ALA G 25 -63.57 14.62 109.14
CA ALA G 25 -64.58 13.57 109.27
C ALA G 25 -65.02 13.38 110.71
N TYR G 26 -64.33 14.00 111.66
CA TYR G 26 -64.66 13.89 113.07
C TYR G 26 -65.35 15.13 113.59
N ARG G 27 -65.92 15.95 112.73
CA ARG G 27 -66.66 17.12 113.18
C ARG G 27 -68.12 16.78 113.42
N ASP G 28 -68.30 15.65 114.06
CA ASP G 28 -69.63 15.06 114.26
C ASP G 28 -70.24 15.59 115.55
N SER G 29 -71.35 14.98 115.97
CA SER G 29 -72.13 15.49 117.08
C SER G 29 -71.39 15.39 118.40
N CYS G 30 -70.50 14.41 118.54
CA CYS G 30 -69.80 14.14 119.80
C CYS G 30 -68.31 14.44 119.71
N ALA G 31 -67.93 15.54 119.06
CA ALA G 31 -66.54 15.95 118.98
C ALA G 31 -66.18 17.06 119.94
N HIS G 32 -67.15 17.50 120.76
CA HIS G 32 -66.86 18.53 121.80
C HIS G 32 -65.80 17.97 122.74
N LEU G 33 -65.68 16.63 122.83
CA LEU G 33 -64.67 15.97 123.65
C LEU G 33 -63.39 15.68 122.88
N LEU G 34 -63.39 15.83 121.55
CA LEU G 34 -62.14 15.70 120.79
C LEU G 34 -61.27 16.93 120.97
N ILE G 35 -61.88 18.08 121.17
CA ILE G 35 -61.11 19.29 121.42
C ILE G 35 -60.23 19.13 122.67
N PRO G 36 -60.75 18.68 123.82
CA PRO G 36 -59.83 18.47 124.94
C PRO G 36 -58.97 17.24 124.80
N LEU G 37 -59.43 16.22 124.08
CA LEU G 37 -58.58 15.06 123.85
C LEU G 37 -57.34 15.45 123.06
N ASN G 38 -57.54 16.09 121.91
CA ASN G 38 -56.40 16.51 121.09
C ASN G 38 -55.54 17.50 121.84
N ARG G 39 -56.16 18.42 122.57
CA ARG G 39 -55.41 19.37 123.39
C ARG G 39 -54.61 18.66 124.47
N CYS G 40 -55.21 17.66 125.12
CA CYS G 40 -54.44 16.83 126.04
C CYS G 40 -53.34 16.11 125.30
N ARG G 41 -53.63 15.59 124.12
CA ARG G 41 -52.62 14.91 123.33
C ARG G 41 -51.50 15.86 122.94
N TYR G 42 -51.82 17.10 122.59
CA TYR G 42 -50.80 18.06 122.23
C TYR G 42 -49.86 18.35 123.39
N GLU G 43 -50.41 18.55 124.59
CA GLU G 43 -49.61 18.89 125.75
C GLU G 43 -48.77 17.73 126.26
N THR G 44 -48.99 16.51 125.76
CA THR G 44 -48.34 15.33 126.30
C THR G 44 -47.50 14.59 125.28
N TYR G 45 -47.39 15.13 124.07
CA TYR G 45 -46.64 14.53 122.97
C TYR G 45 -47.21 13.19 122.52
N TYR G 46 -48.54 13.06 122.58
CA TYR G 46 -49.23 11.83 122.08
C TYR G 46 -48.68 10.57 122.76
N LEU G 47 -48.25 10.67 124.02
CA LEU G 47 -47.82 9.44 124.69
C LEU G 47 -49.05 8.66 125.15
N PRO G 48 -49.12 7.36 124.84
CA PRO G 48 -50.37 6.62 125.03
C PRO G 48 -50.70 6.25 126.46
N TRP G 49 -50.05 6.85 127.46
CA TRP G 49 -50.41 6.59 128.85
C TRP G 49 -50.51 7.86 129.68
N LYS G 50 -50.74 9.01 129.04
CA LYS G 50 -50.81 10.27 129.77
C LYS G 50 -52.16 10.97 129.67
N CYS G 51 -52.97 10.63 128.67
CA CYS G 51 -54.32 11.15 128.54
C CYS G 51 -55.35 10.02 128.64
N GLU G 52 -55.18 9.15 129.64
CA GLU G 52 -55.97 7.93 129.71
C GLU G 52 -57.46 8.21 129.89
N ASP G 53 -57.82 9.28 130.58
CA ASP G 53 -59.24 9.53 130.84
C ASP G 53 -59.88 10.49 129.85
N GLU G 54 -59.13 11.41 129.23
CA GLU G 54 -59.69 12.14 128.11
C GLU G 54 -60.02 11.20 126.96
N ARG G 55 -59.06 10.28 126.67
CA ARG G 55 -59.27 9.30 125.59
C ARG G 55 -60.53 8.48 125.90
N HIS G 56 -60.60 7.92 127.10
CA HIS G 56 -61.74 7.05 127.48
C HIS G 56 -63.05 7.84 127.34
N SER G 57 -63.07 9.08 127.82
CA SER G 57 -64.27 9.91 127.68
C SER G 57 -64.62 10.11 126.22
N TYR G 58 -63.62 10.37 125.37
CA TYR G 58 -63.89 10.50 123.95
C TYR G 58 -64.38 9.18 123.37
N GLU G 59 -63.78 8.05 123.75
CA GLU G 59 -64.22 6.78 123.21
C GLU G 59 -65.61 6.42 123.73
N LYS G 60 -65.86 6.63 125.03
CA LYS G 60 -67.15 6.27 125.59
C LYS G 60 -68.28 7.05 124.94
N CYS G 61 -68.09 8.35 124.73
CA CYS G 61 -69.13 9.15 124.10
C CYS G 61 -69.39 8.68 122.68
N GLN G 62 -68.32 8.50 121.90
CA GLN G 62 -68.46 8.01 120.53
C GLN G 62 -69.06 6.60 120.51
N TYR G 63 -68.90 5.86 121.60
CA TYR G 63 -69.50 4.54 121.67
C TYR G 63 -71.02 4.63 121.64
N LEU G 64 -71.58 5.59 122.37
CA LEU G 64 -73.03 5.67 122.51
C LEU G 64 -73.71 5.97 121.18
N GLU G 65 -73.20 6.94 120.43
CA GLU G 65 -73.84 7.28 119.17
C GLU G 65 -73.64 6.20 118.10
N PHE G 66 -72.79 5.21 118.36
CA PHE G 66 -72.68 4.09 117.45
C PHE G 66 -73.75 3.04 117.73
N LYS G 67 -73.91 2.65 118.99
CA LYS G 67 -74.94 1.67 119.31
C LYS G 67 -76.33 2.24 119.05
N LYS G 68 -76.48 3.55 119.12
CA LYS G 68 -77.74 4.17 118.70
C LYS G 68 -77.98 3.97 117.22
N ARG G 69 -76.92 4.09 116.42
CA ARG G 69 -77.05 3.82 114.99
C ARG G 69 -77.30 2.34 114.75
N VAL G 70 -76.69 1.46 115.54
CA VAL G 70 -76.92 0.03 115.39
C VAL G 70 -78.37 -0.31 115.66
N GLN G 71 -78.96 0.33 116.67
CA GLN G 71 -80.34 -0.01 117.04
C GLN G 71 -81.30 0.30 115.91
N LYS G 72 -81.28 1.52 115.39
CA LYS G 72 -82.33 1.93 114.46
C LYS G 72 -82.02 1.45 113.05
N MET G 73 -80.77 1.03 112.81
CA MET G 73 -80.47 0.27 111.61
C MET G 73 -81.20 -1.06 111.59
N GLU G 74 -81.25 -1.74 112.74
CA GLU G 74 -81.97 -3.01 112.80
C GLU G 74 -83.45 -2.82 112.48
N GLU G 75 -84.01 -1.69 112.90
CA GLU G 75 -85.38 -1.37 112.50
C GLU G 75 -85.47 -1.19 110.99
N LEU G 76 -84.46 -0.56 110.38
CA LEU G 76 -84.46 -0.43 108.93
C LEU G 76 -84.33 -1.79 108.25
N ARG G 77 -83.51 -2.67 108.81
CA ARG G 77 -83.32 -3.98 108.20
C ARG G 77 -84.63 -4.78 108.18
N GLU G 78 -85.37 -4.78 109.28
CA GLU G 78 -86.62 -5.52 109.33
C GLU G 78 -87.71 -4.85 108.50
N ALA G 79 -87.57 -3.57 108.20
CA ALA G 79 -88.52 -2.91 107.31
C ALA G 79 -88.42 -3.43 105.88
N LYS G 80 -87.23 -3.92 105.49
CA LYS G 80 -87.01 -4.47 104.16
C LYS G 80 -86.99 -5.99 104.16
N GLY G 81 -87.43 -6.62 105.23
CA GLY G 81 -87.42 -8.08 105.31
C GLY G 81 -86.03 -8.68 105.31
N GLY G 82 -85.07 -8.00 105.93
CA GLY G 82 -83.71 -8.54 106.03
C GLY G 82 -83.02 -8.74 104.70
N ALA G 83 -83.19 -7.80 103.78
CA ALA G 83 -82.51 -7.88 102.49
C ALA G 83 -81.17 -7.15 102.55
N ARG G 84 -80.40 -7.28 101.47
CA ARG G 84 -79.09 -6.65 101.39
C ARG G 84 -79.27 -5.14 101.25
N SER G 85 -78.54 -4.37 102.05
CA SER G 85 -78.66 -2.92 102.04
C SER G 85 -77.33 -2.20 101.91
N ASN G 86 -76.22 -2.92 101.81
CA ASN G 86 -74.90 -2.28 101.74
C ASN G 86 -74.36 -2.28 100.31
N ALA H 2 -43.86 39.65 -2.99
CA ALA H 2 -43.53 40.59 -1.89
C ALA H 2 -42.24 41.38 -2.16
N SER H 3 -41.29 40.83 -2.91
CA SER H 3 -39.98 41.49 -3.13
C SER H 3 -40.11 42.82 -3.90
N GLY H 4 -40.95 42.90 -4.92
CA GLY H 4 -41.03 44.15 -5.71
C GLY H 4 -40.33 44.00 -7.04
N TYR H 5 -39.64 42.88 -7.27
CA TYR H 5 -38.87 42.68 -8.52
C TYR H 5 -39.43 41.46 -9.25
N GLY H 6 -39.83 41.63 -10.51
CA GLY H 6 -40.40 40.51 -11.27
C GLY H 6 -39.45 39.92 -12.27
N LEU H 7 -39.91 38.90 -13.00
CA LEU H 7 -39.06 38.18 -13.99
C LEU H 7 -38.63 39.04 -15.18
N ASN H 8 -39.44 40.00 -15.60
CA ASN H 8 -39.18 40.77 -16.86
C ASN H 8 -38.43 42.07 -16.60
N GLY H 9 -37.87 42.23 -15.39
CA GLY H 9 -37.16 43.47 -15.03
C GLY H 9 -38.08 44.46 -14.35
N GLY H 10 -39.39 44.28 -14.50
CA GLY H 10 -40.38 45.16 -13.86
C GLY H 10 -40.75 44.68 -12.47
N PRO H 11 -41.76 45.29 -11.83
CA PRO H 11 -42.16 44.92 -10.46
C PRO H 11 -42.94 43.59 -10.35
N SER H 12 -43.05 43.05 -9.13
CA SER H 12 -43.75 41.74 -8.93
C SER H 12 -45.28 41.93 -8.92
N ARG H 13 -46.04 40.95 -9.42
CA ARG H 13 -47.52 41.06 -9.58
C ARG H 13 -48.27 41.29 -8.26
N CYS H 14 -47.83 40.66 -7.18
CA CYS H 14 -48.58 40.74 -5.90
C CYS H 14 -47.90 41.71 -4.95
N PHE H 15 -47.01 42.55 -5.46
CA PHE H 15 -46.37 43.58 -4.59
C PHE H 15 -47.36 44.69 -4.22
N PRO H 16 -48.32 45.14 -5.07
CA PRO H 16 -49.27 46.15 -4.63
C PRO H 16 -50.10 45.69 -3.43
N PHE H 17 -50.52 44.44 -3.41
CA PHE H 17 -51.31 43.86 -2.29
C PHE H 17 -50.49 43.83 -1.00
N TRP H 18 -49.20 43.50 -1.08
CA TRP H 18 -48.29 43.45 0.09
C TRP H 18 -48.10 44.83 0.72
N GLN H 19 -47.91 45.85 -0.11
CA GLN H 19 -47.78 47.25 0.38
C GLN H 19 -49.14 47.72 0.93
N GLU H 20 -50.24 47.30 0.32
CA GLU H 20 -51.59 47.64 0.84
C GLU H 20 -51.78 46.96 2.19
N LEU H 21 -51.09 45.85 2.42
CA LEU H 21 -51.18 45.11 3.69
C LEU H 21 -50.17 45.70 4.67
N LEU H 22 -48.99 46.09 4.19
CA LEU H 22 -48.07 46.72 5.13
C LEU H 22 -48.58 48.07 5.57
N ALA H 23 -49.14 48.85 4.65
CA ALA H 23 -49.64 50.17 5.01
C ALA H 23 -50.78 50.06 6.00
N CYS H 24 -51.72 49.15 5.75
CA CYS H 24 -52.81 48.93 6.72
C CYS H 24 -52.29 48.69 8.14
N TYR H 25 -51.44 47.68 8.34
CA TYR H 25 -50.96 47.27 9.69
C TYR H 25 -50.18 48.39 10.40
N VAL H 26 -49.46 49.19 9.65
CA VAL H 26 -48.52 50.17 10.25
C VAL H 26 -49.31 51.42 10.62
N THR H 27 -50.36 51.70 9.87
CA THR H 27 -51.15 52.92 10.13
C THR H 27 -52.46 52.62 10.89
N ASN H 28 -52.81 51.35 11.15
CA ASN H 28 -54.05 51.17 11.98
C ASN H 28 -53.75 50.45 13.30
N SER H 29 -52.61 49.76 13.44
CA SER H 29 -52.36 48.96 14.67
C SER H 29 -51.19 49.53 15.47
N SER H 30 -51.39 49.76 16.76
CA SER H 30 -50.31 50.24 17.66
C SER H 30 -50.47 49.54 19.00
N GLU H 31 -49.68 49.92 20.01
CA GLU H 31 -49.82 49.39 21.36
C GLU H 31 -51.00 50.02 22.08
N ASP H 32 -51.40 51.22 21.66
CA ASP H 32 -52.59 51.85 22.23
C ASP H 32 -53.85 51.08 21.87
N ASN H 33 -53.91 50.53 20.67
CA ASN H 33 -55.13 49.85 20.16
C ASN H 33 -54.82 48.38 19.80
N PRO H 34 -55.27 47.38 20.59
CA PRO H 34 -55.05 45.97 20.25
C PRO H 34 -55.72 45.45 18.97
N ASP H 35 -56.95 45.88 18.69
CA ASP H 35 -57.70 45.29 17.55
C ASP H 35 -57.52 46.06 16.24
N GLY H 36 -56.64 47.07 16.19
CA GLY H 36 -56.52 47.88 14.96
C GLY H 36 -56.05 47.01 13.82
N LYS H 37 -55.37 45.92 14.12
CA LYS H 37 -54.81 45.01 13.10
C LYS H 37 -55.94 44.16 12.51
N ASN H 38 -57.17 44.34 13.00
CA ASN H 38 -58.29 43.49 12.55
C ASN H 38 -58.84 44.09 11.26
N LYS H 39 -58.27 45.22 10.82
CA LYS H 39 -58.69 45.81 9.52
C LYS H 39 -57.75 45.25 8.46
N CYS H 40 -56.69 44.58 8.89
CA CYS H 40 -55.73 43.99 7.98
C CYS H 40 -56.12 42.60 7.54
N ILE H 41 -57.16 42.02 8.15
CA ILE H 41 -57.62 40.67 7.83
C ILE H 41 -58.06 40.57 6.38
N PRO H 42 -59.03 41.36 5.91
CA PRO H 42 -59.41 41.24 4.50
C PRO H 42 -58.30 41.66 3.57
N VAL H 43 -57.44 42.58 4.01
CA VAL H 43 -56.31 43.01 3.19
C VAL H 43 -55.29 41.89 3.06
N MET H 44 -55.07 41.15 4.15
CA MET H 44 -54.22 39.96 4.10
C MET H 44 -54.81 38.85 3.23
N GLU H 45 -56.13 38.71 3.21
CA GLU H 45 -56.74 37.68 2.37
C GLU H 45 -56.46 37.94 0.90
N ASP H 46 -56.52 39.21 0.49
CA ASP H 46 -56.26 39.55 -0.89
C ASP H 46 -54.81 39.27 -1.26
N TYR H 47 -53.89 39.52 -0.33
CA TYR H 47 -52.50 39.18 -0.59
C TYR H 47 -52.34 37.68 -0.75
N TYR H 48 -53.00 36.88 0.08
CA TYR H 48 -52.82 35.41 -0.01
C TYR H 48 -53.52 34.91 -1.26
N GLU H 49 -54.60 35.58 -1.68
CA GLU H 49 -55.32 35.22 -2.92
C GLU H 49 -54.46 35.48 -4.14
N CYS H 50 -53.84 36.65 -4.21
CA CYS H 50 -52.97 37.00 -5.35
C CYS H 50 -51.90 35.93 -5.49
N LEU H 51 -51.18 35.59 -4.44
CA LEU H 51 -50.09 34.60 -4.62
C LEU H 51 -50.64 33.24 -5.04
N HIS H 52 -51.74 32.76 -4.43
CA HIS H 52 -52.19 31.37 -4.68
C HIS H 52 -53.38 31.20 -5.63
N HIS H 53 -54.36 32.09 -5.63
CA HIS H 53 -55.52 32.06 -6.57
C HIS H 53 -56.45 30.90 -6.25
N ARG H 54 -56.64 30.58 -4.97
CA ARG H 54 -57.61 29.52 -4.60
C ARG H 54 -59.06 29.98 -4.79
N LYS H 55 -59.45 31.16 -4.33
CA LYS H 55 -60.88 31.56 -4.38
C LYS H 55 -61.31 31.82 -5.83
N GLU H 56 -60.44 32.42 -6.65
CA GLU H 56 -60.71 32.62 -8.10
C GLU H 56 -60.82 31.27 -8.80
N ALA H 57 -60.00 30.31 -8.39
CA ALA H 57 -60.02 28.97 -8.99
C ALA H 57 -61.35 28.35 -8.61
N ALA H 58 -61.77 28.54 -7.36
CA ALA H 58 -63.07 28.00 -6.96
C ALA H 58 -64.20 28.66 -7.72
N ARG H 59 -64.13 29.98 -7.90
CA ARG H 59 -65.18 30.68 -8.62
C ARG H 59 -65.24 30.26 -10.08
N VAL H 60 -64.11 30.24 -10.78
CA VAL H 60 -64.09 29.88 -12.19
C VAL H 60 -64.28 28.38 -12.40
N ARG H 61 -64.37 27.59 -11.34
CA ARG H 61 -64.58 26.17 -11.50
C ARG H 61 -66.05 25.77 -11.37
N ALA H 62 -66.86 26.64 -10.76
CA ALA H 62 -68.31 26.47 -10.79
C ALA H 62 -68.93 27.17 -11.99
N LEU H 63 -68.44 28.36 -12.31
CA LEU H 63 -68.99 29.11 -13.42
C LEU H 63 -68.75 28.36 -14.72
N GLN H 64 -67.62 27.66 -14.80
CA GLN H 64 -67.31 26.87 -15.98
C GLN H 64 -68.13 25.60 -16.02
N ALA H 65 -68.58 25.12 -14.86
CA ALA H 65 -69.44 23.95 -14.84
C ALA H 65 -70.88 24.31 -15.15
N ALA H 66 -71.28 25.55 -14.91
CA ALA H 66 -72.63 26.00 -15.26
C ALA H 66 -72.71 26.18 -16.76
N TYR H 67 -71.78 26.94 -17.33
CA TYR H 67 -71.78 27.27 -18.77
C TYR H 67 -71.60 26.02 -19.61
N ARG H 68 -70.83 25.07 -19.15
CA ARG H 68 -70.53 23.95 -20.07
C ARG H 68 -71.76 23.05 -20.22
N GLU H 69 -72.60 22.94 -19.18
CA GLU H 69 -73.86 22.22 -19.32
C GLU H 69 -75.03 23.15 -19.60
N ALA H 70 -74.81 24.45 -19.65
CA ALA H 70 -75.80 25.36 -20.22
C ALA H 70 -75.67 25.46 -21.73
N GLU H 71 -74.45 25.37 -22.25
CA GLU H 71 -74.22 25.29 -23.68
C GLU H 71 -74.06 23.87 -24.18
N ALA H 72 -74.47 22.88 -23.41
CA ALA H 72 -74.48 21.49 -23.85
C ALA H 72 -75.86 21.01 -24.26
N LYS H 73 -76.91 21.69 -23.81
CA LYS H 73 -78.28 21.27 -24.10
C LYS H 73 -79.04 22.21 -25.02
N LYS H 74 -78.57 23.44 -25.21
CA LYS H 74 -79.26 24.35 -26.11
C LYS H 74 -78.97 23.96 -27.56
N LEU H 75 -79.90 24.33 -28.43
CA LEU H 75 -79.78 24.00 -29.85
C LEU H 75 -78.62 24.79 -30.46
N GLN H 76 -77.84 24.10 -31.30
CA GLN H 76 -76.74 24.73 -32.03
C GLN H 76 -77.15 24.89 -33.48
N GLU H 77 -77.06 26.12 -33.99
CA GLU H 77 -77.48 26.39 -35.36
C GLU H 77 -76.36 26.06 -36.35
N ASN H 78 -75.25 26.77 -36.25
CA ASN H 78 -74.12 26.58 -37.15
C ASN H 78 -72.83 27.02 -36.45
N PRO H 79 -72.07 26.09 -35.89
CA PRO H 79 -70.85 26.46 -35.18
C PRO H 79 -69.81 27.01 -36.13
N PRO H 80 -69.25 28.19 -35.83
CA PRO H 80 -68.24 28.76 -36.71
C PRO H 80 -66.95 27.96 -36.65
N THR H 81 -66.40 27.67 -37.82
CA THR H 81 -65.16 26.90 -37.87
C THR H 81 -63.99 27.78 -37.47
N ALA H 82 -62.86 27.14 -37.17
CA ALA H 82 -61.70 27.89 -36.73
C ALA H 82 -61.23 28.83 -37.82
N GLY H 83 -61.23 28.37 -39.08
CA GLY H 83 -60.83 29.23 -40.18
C GLY H 83 -61.66 30.48 -40.28
N GLN H 84 -62.96 30.38 -39.96
CA GLN H 84 -63.81 31.57 -39.95
C GLN H 84 -63.43 32.52 -38.83
N ILE H 85 -63.20 31.99 -37.62
CA ILE H 85 -62.75 32.84 -36.51
C ILE H 85 -61.41 33.48 -36.83
N ARG H 86 -60.52 32.74 -37.49
CA ARG H 86 -59.21 33.28 -37.81
C ARG H 86 -59.27 34.36 -38.88
N ASN H 87 -60.39 34.55 -39.55
CA ASN H 87 -60.52 35.67 -40.47
C ASN H 87 -61.28 36.84 -39.86
N LEU H 88 -61.63 36.77 -38.59
CA LEU H 88 -62.42 37.81 -37.95
C LEU H 88 -61.67 39.13 -37.99
N GLY H 89 -62.41 40.21 -38.22
CA GLY H 89 -61.85 41.55 -38.18
C GLY H 89 -60.86 41.85 -39.27
N LEU H 90 -60.75 41.00 -40.27
CA LEU H 90 -59.82 41.19 -41.36
C LEU H 90 -60.49 41.94 -42.50
N LEU H 91 -59.74 42.86 -43.10
CA LEU H 91 -60.29 43.90 -43.96
C LEU H 91 -60.90 43.37 -45.26
N ASN H 92 -60.68 42.10 -45.60
CA ASN H 92 -61.26 41.56 -46.82
C ASN H 92 -62.14 40.34 -46.56
N LYS H 93 -62.53 40.10 -45.31
CA LYS H 93 -63.33 38.93 -44.98
C LYS H 93 -64.57 39.34 -44.20
N GLU H 94 -65.29 40.36 -44.70
CA GLU H 94 -66.46 40.85 -43.97
C GLU H 94 -67.52 39.78 -43.81
N GLU H 95 -67.62 38.84 -44.76
CA GLU H 95 -68.63 37.79 -44.65
C GLU H 95 -68.41 36.94 -43.42
N ASP H 96 -67.15 36.56 -43.15
CA ASP H 96 -66.87 35.70 -42.00
C ASP H 96 -67.14 36.40 -40.68
N THR H 97 -66.81 37.69 -40.57
CA THR H 97 -67.06 38.40 -39.32
C THR H 97 -68.54 38.51 -39.03
N LYS H 98 -69.37 38.75 -40.03
CA LYS H 98 -70.81 38.79 -39.78
C LYS H 98 -71.32 37.45 -39.28
N LYS H 99 -70.81 36.35 -39.84
CA LYS H 99 -71.21 35.04 -39.35
C LYS H 99 -70.79 34.82 -37.90
N VAL H 100 -69.59 35.28 -37.54
CA VAL H 100 -69.12 35.06 -36.18
C VAL H 100 -69.98 35.82 -35.18
N HIS H 101 -70.30 37.08 -35.50
CA HIS H 101 -71.03 37.93 -34.52
C HIS H 101 -72.56 37.81 -34.67
N CYS H 102 -73.04 36.97 -35.58
CA CYS H 102 -74.48 36.74 -35.75
C CYS H 102 -75.24 38.05 -35.83
N ALA H 103 -74.70 38.99 -36.59
CA ALA H 103 -75.35 40.27 -36.81
C ALA H 103 -76.04 40.29 -38.16
N ALA I 39 74.71 -44.34 -38.28
CA ALA I 39 74.51 -43.76 -36.96
C ALA I 39 73.80 -42.41 -37.06
N GLU I 40 73.77 -41.69 -35.95
CA GLU I 40 73.13 -40.38 -35.83
C GLU I 40 74.15 -39.29 -36.07
N VAL I 41 73.89 -38.46 -37.08
CA VAL I 41 74.56 -37.18 -37.18
C VAL I 41 73.73 -36.15 -36.44
N GLU I 42 74.36 -35.06 -36.04
CA GLU I 42 73.65 -33.96 -35.44
C GLU I 42 73.88 -32.74 -36.30
N LEU I 43 72.88 -31.86 -36.38
CA LEU I 43 72.99 -30.67 -37.21
C LEU I 43 72.00 -29.63 -36.75
N THR I 44 72.20 -28.41 -37.22
CA THR I 44 71.37 -27.27 -36.88
C THR I 44 70.59 -26.80 -38.10
N ILE I 45 69.30 -26.61 -37.93
CA ILE I 45 68.44 -26.05 -38.95
C ILE I 45 67.67 -24.92 -38.31
N ASP I 46 67.92 -23.70 -38.78
CA ASP I 46 67.33 -22.52 -38.17
C ASP I 46 67.65 -22.45 -36.69
N GLY I 47 68.90 -22.76 -36.35
CA GLY I 47 69.38 -22.72 -34.99
C GLY I 47 69.25 -24.02 -34.23
N LYS I 48 68.20 -24.80 -34.47
CA LYS I 48 67.81 -25.87 -33.57
C LYS I 48 68.43 -27.19 -33.97
N LYS I 49 68.95 -27.90 -32.99
CA LYS I 49 69.65 -29.15 -33.25
C LYS I 49 68.67 -30.28 -33.52
N VAL I 50 68.91 -31.02 -34.59
CA VAL I 50 68.09 -32.18 -34.91
C VAL I 50 68.99 -33.40 -34.95
N SER I 51 68.42 -34.54 -34.59
CA SER I 51 69.12 -35.80 -34.47
C SER I 51 68.59 -36.75 -35.53
N ILE I 52 69.28 -36.82 -36.66
CA ILE I 52 68.83 -37.62 -37.78
C ILE I 52 69.89 -38.65 -38.12
N GLU I 53 69.44 -39.82 -38.57
CA GLU I 53 70.36 -40.88 -38.92
C GLU I 53 71.23 -40.45 -40.10
N ALA I 54 72.48 -40.90 -40.08
CA ALA I 54 73.36 -40.61 -41.19
C ALA I 54 72.89 -41.33 -42.44
N GLY I 55 73.03 -40.68 -43.57
CA GLY I 55 72.62 -41.26 -44.82
C GLY I 55 71.23 -40.88 -45.27
N SER I 56 70.55 -40.01 -44.53
CA SER I 56 69.24 -39.52 -44.91
C SER I 56 69.36 -38.13 -45.51
N ALA I 57 68.29 -37.72 -46.18
CA ALA I 57 68.29 -36.43 -46.86
C ALA I 57 67.95 -35.31 -45.89
N LEU I 58 68.33 -34.10 -46.29
CA LEU I 58 68.12 -32.94 -45.43
C LEU I 58 66.64 -32.69 -45.20
N ILE I 59 65.82 -32.87 -46.24
CA ILE I 59 64.39 -32.65 -46.10
C ILE I 59 63.80 -33.58 -45.04
N GLN I 60 64.40 -34.76 -44.84
CA GLN I 60 63.94 -35.65 -43.79
C GLN I 60 64.28 -35.13 -42.41
N ALA I 61 65.43 -34.48 -42.27
CA ALA I 61 65.81 -33.87 -41.01
C ALA I 61 65.05 -32.57 -40.76
N CYS I 62 64.72 -31.84 -41.82
CA CYS I 62 63.88 -30.65 -41.65
C CYS I 62 62.51 -31.01 -41.12
N GLU I 63 61.96 -32.13 -41.59
CA GLU I 63 60.69 -32.63 -41.05
C GLU I 63 60.84 -33.00 -39.59
N LYS I 64 61.91 -33.69 -39.24
CA LYS I 64 62.12 -34.11 -37.86
C LYS I 64 62.39 -32.93 -36.94
N ALA I 65 62.91 -31.84 -37.48
CA ALA I 65 63.21 -30.65 -36.70
C ALA I 65 62.02 -29.71 -36.58
N GLY I 66 60.86 -30.07 -37.11
CA GLY I 66 59.71 -29.18 -37.05
C GLY I 66 59.74 -28.03 -38.01
N VAL I 67 60.42 -28.18 -39.15
CA VAL I 67 60.58 -27.12 -40.13
C VAL I 67 59.83 -27.50 -41.39
N VAL I 68 58.93 -26.62 -41.84
CA VAL I 68 58.17 -26.84 -43.06
C VAL I 68 59.00 -26.40 -44.25
N VAL I 69 59.25 -27.31 -45.17
CA VAL I 69 59.98 -27.01 -46.40
C VAL I 69 59.04 -27.23 -47.57
N PRO I 70 58.72 -26.21 -48.41
CA PRO I 70 57.90 -26.40 -49.60
C PRO I 70 58.44 -27.47 -50.54
N ARG I 71 57.56 -28.32 -51.07
CA ARG I 71 57.98 -29.40 -51.99
C ARG I 71 56.88 -29.69 -53.00
N TYR I 72 57.25 -30.21 -54.17
CA TYR I 72 56.23 -30.68 -55.15
C TYR I 72 56.68 -32.08 -55.58
N CYS I 73 57.90 -32.20 -56.12
CA CYS I 73 58.42 -33.50 -56.64
C CYS I 73 58.68 -34.51 -55.52
N TYR I 74 59.23 -34.09 -54.39
CA TYR I 74 59.61 -35.06 -53.35
C TYR I 74 58.39 -35.69 -52.68
N HIS I 75 58.36 -37.03 -52.66
CA HIS I 75 57.31 -37.72 -51.88
C HIS I 75 58.03 -38.69 -50.94
N GLU I 76 57.53 -38.82 -49.71
CA GLU I 76 58.15 -39.70 -48.72
C GLU I 76 58.23 -41.14 -49.21
N LYS I 77 57.31 -41.55 -50.07
CA LYS I 77 57.28 -42.99 -50.44
C LYS I 77 57.74 -43.20 -51.89
N LEU I 78 58.30 -42.17 -52.52
CA LEU I 78 58.78 -42.28 -53.92
C LEU I 78 60.27 -41.93 -53.95
N ALA I 79 60.99 -42.34 -54.99
CA ALA I 79 62.46 -42.10 -55.11
C ALA I 79 62.75 -40.60 -55.18
N ILE I 80 63.94 -40.18 -54.80
CA ILE I 80 64.19 -38.72 -54.80
C ILE I 80 64.38 -38.21 -56.22
N ALA I 81 63.69 -37.13 -56.59
CA ALA I 81 63.87 -36.47 -57.90
C ALA I 81 64.13 -35.01 -57.56
N GLY I 82 65.03 -34.32 -58.23
CA GLY I 82 65.34 -32.93 -57.86
C GLY I 82 64.76 -31.95 -58.85
N ASN I 83 63.75 -32.35 -59.60
CA ASN I 83 63.18 -31.52 -60.70
C ASN I 83 62.44 -30.22 -60.29
N CYS I 84 61.60 -30.21 -59.25
CA CYS I 84 60.76 -29.01 -58.96
C CYS I 84 61.57 -27.77 -58.57
N ARG I 85 62.61 -27.91 -57.74
CA ARG I 85 63.48 -26.78 -57.27
C ARG I 85 62.78 -25.93 -56.21
N MET I 86 61.71 -26.43 -55.60
CA MET I 86 60.95 -25.66 -54.59
C MET I 86 61.54 -25.90 -53.19
N CYS I 87 62.46 -26.84 -53.06
CA CYS I 87 63.06 -27.18 -51.73
C CYS I 87 64.46 -26.58 -51.63
N LEU I 88 64.74 -25.50 -52.35
CA LEU I 88 66.12 -24.96 -52.38
C LEU I 88 66.37 -24.19 -51.08
N VAL I 89 67.37 -24.64 -50.31
CA VAL I 89 67.69 -24.02 -49.04
C VAL I 89 69.14 -23.56 -49.06
N GLU I 90 69.49 -22.74 -48.08
CA GLU I 90 70.82 -22.15 -47.96
C GLU I 90 71.62 -22.94 -46.94
N VAL I 91 72.78 -23.44 -47.37
CA VAL I 91 73.62 -24.28 -46.55
C VAL I 91 74.98 -23.62 -46.42
N GLU I 92 75.47 -23.51 -45.19
CA GLU I 92 76.77 -22.88 -44.96
C GLU I 92 77.86 -23.65 -45.67
N ARG I 93 78.79 -22.91 -46.25
CA ARG I 93 79.84 -23.45 -47.12
C ARG I 93 79.24 -24.06 -48.38
N SER I 94 78.34 -23.32 -49.03
CA SER I 94 77.82 -23.70 -50.33
C SER I 94 77.39 -22.48 -51.12
N PRO I 95 78.09 -22.14 -52.20
CA PRO I 95 77.78 -20.91 -52.93
C PRO I 95 76.38 -20.86 -53.53
N LYS I 96 75.82 -22.01 -53.98
CA LYS I 96 74.49 -22.06 -54.54
C LYS I 96 73.48 -22.56 -53.52
N PRO I 97 72.21 -22.25 -53.69
CA PRO I 97 71.18 -22.96 -52.93
C PRO I 97 71.21 -24.44 -53.27
N VAL I 98 71.00 -25.27 -52.26
CA VAL I 98 71.00 -26.70 -52.49
C VAL I 98 69.55 -27.18 -52.50
N ALA I 99 69.29 -28.24 -53.24
CA ALA I 99 68.02 -28.93 -53.15
C ALA I 99 68.04 -29.78 -51.88
N SER I 100 67.29 -29.37 -50.86
CA SER I 100 67.22 -30.10 -49.57
C SER I 100 66.77 -31.55 -49.72
N CYS I 101 65.85 -31.85 -50.65
CA CYS I 101 65.32 -33.22 -50.85
C CYS I 101 66.44 -34.18 -51.22
N ALA I 102 67.45 -33.74 -51.98
CA ALA I 102 68.51 -34.64 -52.45
C ALA I 102 69.84 -34.41 -51.71
N TRP I 103 69.86 -33.57 -50.68
CA TRP I 103 71.12 -33.24 -50.02
C TRP I 103 71.29 -34.11 -48.80
N PRO I 104 72.25 -35.03 -48.78
CA PRO I 104 72.46 -35.84 -47.58
C PRO I 104 72.90 -35.01 -46.39
N VAL I 105 72.49 -35.43 -45.21
CA VAL I 105 72.84 -34.75 -43.99
C VAL I 105 74.24 -35.13 -43.56
N GLN I 106 75.01 -34.13 -43.14
CA GLN I 106 76.41 -34.28 -42.76
C GLN I 106 76.55 -33.90 -41.31
N ALA I 107 77.70 -34.26 -40.73
CA ALA I 107 77.85 -34.23 -39.29
C ALA I 107 77.77 -32.83 -38.70
N GLY I 108 78.01 -31.79 -39.49
CA GLY I 108 78.04 -30.47 -38.87
C GLY I 108 77.46 -29.30 -39.64
N MET I 109 76.54 -29.54 -40.57
CA MET I 109 76.12 -28.48 -41.46
C MET I 109 75.14 -27.54 -40.79
N VAL I 110 75.07 -26.32 -41.33
CA VAL I 110 74.15 -25.29 -40.88
C VAL I 110 73.20 -24.98 -42.02
N VAL I 111 71.91 -25.00 -41.73
CA VAL I 111 70.87 -24.80 -42.73
C VAL I 111 70.01 -23.62 -42.31
N LYS I 112 69.92 -22.62 -43.16
CA LYS I 112 68.99 -21.51 -43.00
C LYS I 112 67.86 -21.71 -44.01
N THR I 113 66.65 -21.88 -43.49
CA THR I 113 65.49 -22.09 -44.35
C THR I 113 64.65 -20.84 -44.51
N ASN I 114 65.00 -19.74 -43.86
CA ASN I 114 64.21 -18.53 -43.93
C ASN I 114 65.08 -17.32 -44.27
N SER I 115 66.29 -17.54 -44.75
CA SER I 115 67.15 -16.45 -45.11
C SER I 115 66.66 -15.79 -46.39
N PRO I 116 67.09 -14.55 -46.65
CA PRO I 116 66.75 -13.92 -47.93
C PRO I 116 67.20 -14.68 -49.16
N LEU I 117 68.23 -15.52 -49.06
CA LEU I 117 68.53 -16.40 -50.19
C LEU I 117 67.35 -17.32 -50.47
N THR I 118 66.83 -17.94 -49.42
CA THR I 118 65.72 -18.88 -49.55
C THR I 118 64.46 -18.17 -50.06
N HIS I 119 64.17 -16.97 -49.56
CA HIS I 119 62.95 -16.28 -49.93
C HIS I 119 62.90 -15.99 -51.42
N LYS I 120 63.97 -15.40 -51.97
CA LYS I 120 63.91 -15.10 -53.39
C LYS I 120 64.03 -16.35 -54.23
N ALA I 121 64.57 -17.43 -53.69
CA ALA I 121 64.59 -18.69 -54.40
C ALA I 121 63.17 -19.21 -54.61
N ARG I 122 62.35 -19.15 -53.58
CA ARG I 122 61.04 -19.76 -53.64
C ARG I 122 60.08 -18.95 -54.49
N GLU I 123 60.19 -17.62 -54.45
CA GLU I 123 59.37 -16.78 -55.30
C GLU I 123 59.73 -16.97 -56.77
N GLY I 124 61.02 -17.13 -57.06
CA GLY I 124 61.44 -17.33 -58.43
C GLY I 124 60.95 -18.64 -59.02
N VAL I 125 60.95 -19.70 -58.22
CA VAL I 125 60.42 -20.97 -58.68
C VAL I 125 58.92 -20.89 -58.81
N MET I 126 58.25 -20.27 -57.86
CA MET I 126 56.80 -20.14 -57.93
C MET I 126 56.37 -19.28 -59.11
N GLU I 127 57.22 -18.35 -59.54
CA GLU I 127 56.92 -17.57 -60.72
C GLU I 127 57.07 -18.39 -61.99
N PHE I 128 58.04 -19.31 -62.02
CA PHE I 128 58.24 -20.16 -63.18
C PHE I 128 57.18 -21.25 -63.27
N LEU I 129 56.81 -21.84 -62.13
CA LEU I 129 55.79 -22.87 -62.09
C LEU I 129 54.40 -22.36 -62.48
N LEU I 130 54.20 -21.05 -62.47
CA LEU I 130 52.92 -20.47 -62.79
C LEU I 130 52.90 -19.72 -64.11
N ALA I 131 54.02 -19.64 -64.81
CA ALA I 131 54.07 -18.88 -66.05
C ALA I 131 53.27 -19.55 -67.17
N ASN I 132 53.34 -20.87 -67.27
CA ASN I 132 52.61 -21.61 -68.28
C ASN I 132 51.44 -22.39 -67.72
N HIS I 133 51.11 -22.16 -66.46
CA HIS I 133 50.02 -22.95 -65.82
C HIS I 133 48.68 -22.43 -66.32
N PRO I 134 47.73 -23.31 -66.70
CA PRO I 134 46.46 -22.86 -67.22
C PRO I 134 45.60 -22.17 -66.16
N LEU I 135 44.88 -21.11 -66.52
CA LEU I 135 44.04 -20.44 -65.57
C LEU I 135 42.76 -21.23 -65.37
N ASP I 136 42.90 -22.46 -64.91
CA ASP I 136 41.74 -23.39 -64.87
C ASP I 136 41.38 -23.77 -63.45
N CYS I 137 41.39 -22.83 -62.51
CA CYS I 137 41.15 -23.22 -61.10
C CYS I 137 39.65 -23.40 -60.90
N PRO I 138 38.73 -22.54 -61.43
CA PRO I 138 37.31 -22.82 -61.31
C PRO I 138 36.85 -24.12 -61.95
N ILE I 139 37.50 -24.60 -63.01
CA ILE I 139 37.09 -25.85 -63.67
C ILE I 139 37.94 -27.03 -63.25
N CYS I 140 38.93 -26.82 -62.37
CA CYS I 140 39.85 -27.89 -61.92
C CYS I 140 39.27 -28.61 -60.71
N ASP I 141 39.43 -29.92 -60.67
CA ASP I 141 38.97 -30.70 -59.53
C ASP I 141 39.90 -30.61 -58.35
N GLN I 142 41.15 -30.23 -58.59
CA GLN I 142 42.17 -30.12 -57.51
C GLN I 142 41.95 -28.80 -56.78
N GLY I 143 40.87 -28.08 -57.09
CA GLY I 143 40.69 -26.72 -56.52
C GLY I 143 40.21 -26.78 -55.10
N GLY I 144 40.90 -26.05 -54.22
CA GLY I 144 40.59 -26.13 -52.82
C GLY I 144 41.42 -27.12 -52.05
N GLU I 145 42.17 -27.97 -52.72
CA GLU I 145 43.05 -28.93 -52.10
C GLU I 145 44.35 -29.06 -52.88
N CYS I 146 44.79 -27.94 -53.46
CA CYS I 146 45.96 -27.96 -54.38
C CYS I 146 47.22 -27.43 -53.71
N ASP I 147 48.31 -28.18 -53.82
CA ASP I 147 49.58 -27.74 -53.27
C ASP I 147 50.17 -26.58 -54.03
N LEU I 148 49.90 -26.48 -55.34
CA LEU I 148 50.38 -25.35 -56.18
C LEU I 148 49.70 -24.07 -55.70
N GLN I 149 48.41 -24.15 -55.35
CA GLN I 149 47.64 -22.99 -54.86
C GLN I 149 48.12 -22.59 -53.47
N ASP I 150 48.24 -23.56 -52.55
CA ASP I 150 48.57 -23.21 -51.18
C ASP I 150 49.99 -22.67 -51.06
N GLN I 151 50.95 -23.30 -51.72
CA GLN I 151 52.33 -22.84 -51.66
C GLN I 151 52.58 -21.65 -52.55
N SER I 152 51.66 -21.33 -53.46
CA SER I 152 51.70 -20.03 -54.12
C SER I 152 51.23 -18.95 -53.17
N MET I 153 50.27 -19.27 -52.30
CA MET I 153 49.80 -18.30 -51.31
C MET I 153 50.83 -18.11 -50.21
N ARG I 154 51.69 -19.08 -49.97
CA ARG I 154 52.59 -19.02 -48.83
C ARG I 154 54.03 -18.66 -49.19
N TYR I 155 54.52 -19.06 -50.36
CA TYR I 155 55.90 -18.83 -50.71
C TYR I 155 56.09 -18.06 -52.01
N GLY I 156 55.02 -17.72 -52.72
CA GLY I 156 55.12 -17.00 -53.96
C GLY I 156 54.91 -15.51 -53.80
N ALA I 157 54.86 -14.83 -54.93
CA ALA I 157 54.42 -13.45 -54.97
C ALA I 157 52.92 -13.37 -55.11
N ASP I 158 52.37 -12.23 -54.72
CA ASP I 158 50.92 -12.05 -54.74
C ASP I 158 50.36 -11.83 -56.13
N ARG I 159 51.18 -11.40 -57.07
CA ARG I 159 50.76 -11.15 -58.44
C ARG I 159 51.75 -11.79 -59.40
N GLY I 160 51.36 -11.87 -60.66
CA GLY I 160 52.16 -12.51 -61.69
C GLY I 160 52.64 -11.55 -62.75
N ARG I 161 53.77 -11.88 -63.35
CA ARG I 161 54.44 -11.01 -64.31
C ARG I 161 54.49 -11.61 -65.71
N PHE I 162 53.62 -12.56 -66.00
CA PHE I 162 53.58 -13.21 -67.30
C PHE I 162 52.42 -12.64 -68.09
N HIS I 163 52.72 -11.99 -69.21
CA HIS I 163 51.71 -11.32 -70.01
C HIS I 163 51.98 -11.52 -71.49
N GLU I 164 52.63 -12.60 -71.86
CA GLU I 164 53.13 -12.74 -73.22
C GLU I 164 52.00 -12.72 -74.24
N ILE I 165 52.18 -11.89 -75.28
CA ILE I 165 51.28 -11.92 -76.42
C ILE I 165 51.39 -13.25 -77.14
N GLY I 166 52.57 -13.86 -77.09
CA GLY I 166 52.75 -15.16 -77.69
C GLY I 166 51.99 -16.26 -77.00
N GLY I 167 51.50 -16.01 -75.80
CA GLY I 167 50.65 -16.93 -75.10
C GLY I 167 51.40 -17.92 -74.24
N LYS I 168 50.63 -18.85 -73.70
CA LYS I 168 51.12 -19.95 -72.88
C LYS I 168 51.24 -21.22 -73.71
N ARG I 169 51.96 -22.18 -73.12
CA ARG I 169 51.96 -23.55 -73.62
C ARG I 169 50.56 -24.14 -73.53
N ALA I 170 50.21 -24.98 -74.50
CA ALA I 170 49.01 -25.78 -74.44
C ALA I 170 49.32 -27.14 -75.05
N VAL I 171 48.81 -28.19 -74.41
CA VAL I 171 49.09 -29.56 -74.85
C VAL I 171 47.78 -30.31 -74.98
N GLU I 172 47.79 -31.28 -75.89
CA GLU I 172 46.61 -32.11 -76.08
C GLU I 172 46.42 -33.06 -74.91
N ASP I 173 45.17 -33.54 -74.77
CA ASP I 173 44.85 -34.48 -73.67
C ASP I 173 45.27 -35.89 -74.05
N LYS I 174 45.30 -36.79 -73.08
CA LYS I 174 45.81 -38.14 -73.38
C LYS I 174 44.83 -39.19 -72.86
N ASN I 175 44.57 -40.23 -73.65
CA ASN I 175 43.64 -41.32 -73.24
C ASN I 175 44.48 -42.42 -72.59
N ILE I 176 44.37 -42.57 -71.27
CA ILE I 176 45.20 -43.55 -70.52
C ILE I 176 44.26 -44.45 -69.71
N GLY I 177 43.14 -44.86 -70.28
CA GLY I 177 42.20 -45.75 -69.59
C GLY I 177 40.96 -45.05 -69.08
N PRO I 178 39.94 -45.81 -68.64
CA PRO I 178 38.70 -45.23 -68.10
C PRO I 178 38.74 -44.45 -66.77
N LEU I 179 39.48 -44.92 -65.77
CA LEU I 179 39.48 -44.31 -64.41
C LEU I 179 40.06 -42.90 -64.35
N ILE I 180 41.10 -42.62 -65.12
CA ILE I 180 41.82 -41.32 -64.99
C ILE I 180 41.45 -40.34 -66.10
N LYS I 181 40.99 -39.15 -65.71
CA LYS I 181 40.70 -38.07 -66.68
C LYS I 181 41.97 -37.21 -66.73
N THR I 182 42.37 -36.76 -67.91
CA THR I 182 43.62 -35.98 -68.04
C THR I 182 43.34 -34.55 -68.47
N SER I 183 43.89 -33.57 -67.77
CA SER I 183 43.88 -32.14 -68.17
C SER I 183 45.35 -31.84 -68.09
N MET I 184 46.13 -32.28 -69.08
CA MET I 184 47.62 -32.19 -69.01
C MET I 184 48.19 -30.77 -69.07
N ASN I 185 47.44 -29.77 -69.52
CA ASN I 185 47.99 -28.43 -69.43
C ASN I 185 48.46 -28.10 -68.04
N ARG I 186 47.93 -28.79 -67.05
CA ARG I 186 48.19 -28.50 -65.67
C ARG I 186 49.45 -29.16 -65.15
N CYS I 187 50.06 -30.05 -65.96
CA CYS I 187 51.27 -30.78 -65.52
C CYS I 187 52.39 -29.82 -65.15
N ILE I 188 52.98 -30.01 -63.97
CA ILE I 188 54.13 -29.17 -63.51
C ILE I 188 55.41 -30.02 -63.61
N HIS I 189 55.33 -31.20 -64.23
CA HIS I 189 56.50 -32.09 -64.46
C HIS I 189 57.21 -32.55 -63.18
N CYS I 190 56.46 -32.85 -62.12
CA CYS I 190 57.05 -33.40 -60.87
C CYS I 190 57.60 -34.81 -61.05
N THR I 191 57.01 -35.64 -61.93
CA THR I 191 57.43 -37.04 -62.20
C THR I 191 56.93 -38.00 -61.11
N ARG I 192 56.05 -37.55 -60.23
CA ARG I 192 55.55 -38.38 -59.10
C ARG I 192 54.80 -39.61 -59.63
N CYS I 193 54.05 -39.46 -60.72
CA CYS I 193 53.23 -40.59 -61.21
C CYS I 193 54.11 -41.55 -62.03
N VAL I 194 55.06 -41.04 -62.82
CA VAL I 194 55.93 -41.98 -63.50
C VAL I 194 56.77 -42.75 -62.50
N ARG I 195 57.16 -42.12 -61.40
CA ARG I 195 57.90 -42.82 -60.37
C ARG I 195 57.01 -43.83 -59.66
N PHE I 196 55.76 -43.47 -59.37
CA PHE I 196 54.86 -44.42 -58.73
C PHE I 196 54.53 -45.59 -59.64
N MET I 197 54.25 -45.33 -60.91
CA MET I 197 53.78 -46.41 -61.77
C MET I 197 54.92 -47.35 -62.12
N ASN I 198 56.15 -46.82 -62.22
CA ASN I 198 57.31 -47.63 -62.59
C ASN I 198 57.90 -48.38 -61.42
N ASP I 199 57.80 -47.85 -60.22
CA ASP I 199 58.49 -48.42 -59.08
C ASP I 199 57.57 -49.11 -58.09
N ILE I 200 56.42 -48.54 -57.78
CA ILE I 200 55.52 -49.16 -56.82
C ILE I 200 54.54 -50.08 -57.52
N ALA I 201 53.95 -49.64 -58.62
CA ALA I 201 52.96 -50.44 -59.31
C ALA I 201 53.58 -51.45 -60.26
N GLY I 202 54.84 -51.29 -60.64
CA GLY I 202 55.44 -52.21 -61.58
C GLY I 202 54.77 -52.21 -62.92
N ALA I 203 54.28 -51.06 -63.37
CA ALA I 203 53.51 -50.92 -64.60
C ALA I 203 54.13 -49.80 -65.42
N PRO I 204 55.14 -50.10 -66.20
CA PRO I 204 56.01 -49.07 -66.79
C PRO I 204 55.51 -48.47 -68.10
N GLU I 205 54.21 -48.22 -68.19
CA GLU I 205 53.65 -47.73 -69.45
C GLU I 205 53.54 -46.21 -69.49
N LEU I 206 53.53 -45.57 -68.34
CA LEU I 206 53.59 -44.12 -68.24
C LEU I 206 55.04 -43.66 -68.36
N GLY I 207 55.26 -42.61 -69.10
CA GLY I 207 56.60 -42.07 -69.27
C GLY I 207 56.61 -40.59 -69.43
N SER I 208 57.60 -40.08 -70.13
CA SER I 208 57.79 -38.65 -70.34
C SER I 208 58.47 -38.50 -71.70
N THR I 209 57.67 -38.31 -72.74
CA THR I 209 58.18 -38.14 -74.09
C THR I 209 58.31 -36.67 -74.42
N GLY I 210 59.39 -36.32 -75.11
CA GLY I 210 59.62 -34.96 -75.55
C GLY I 210 60.82 -34.35 -74.85
N ARG I 211 60.95 -33.04 -75.02
CA ARG I 211 62.11 -32.33 -74.53
C ARG I 211 61.77 -30.88 -74.24
N GLY I 212 62.35 -30.34 -73.17
CA GLY I 212 62.16 -28.93 -72.88
C GLY I 212 60.73 -28.62 -72.50
N ASN I 213 60.29 -27.43 -72.89
CA ASN I 213 58.93 -27.00 -72.58
C ASN I 213 57.89 -27.92 -73.21
N ASP I 214 58.24 -28.61 -74.28
CA ASP I 214 57.33 -29.55 -74.93
C ASP I 214 57.44 -30.96 -74.37
N LEU I 215 57.92 -31.12 -73.15
CA LEU I 215 57.95 -32.42 -72.52
C LEU I 215 56.56 -32.78 -71.99
N GLN I 216 56.15 -34.03 -72.19
CA GLN I 216 54.78 -34.43 -71.89
C GLN I 216 54.77 -35.76 -71.17
N ILE I 217 53.79 -35.90 -70.26
CA ILE I 217 53.61 -37.16 -69.47
C ILE I 217 52.49 -37.95 -70.12
N GLY I 218 52.69 -39.24 -70.37
CA GLY I 218 51.66 -40.10 -70.95
C GLY I 218 52.28 -41.16 -71.83
N THR I 219 51.57 -42.25 -72.08
CA THR I 219 52.05 -43.30 -73.02
C THR I 219 52.15 -42.67 -74.40
N TYR I 220 53.21 -42.94 -75.14
CA TYR I 220 53.39 -42.30 -76.46
C TYR I 220 52.24 -42.76 -77.35
N LEU I 221 51.93 -44.06 -77.32
CA LEU I 221 50.77 -44.60 -78.05
C LEU I 221 49.68 -44.82 -77.02
N GLU I 222 48.47 -44.35 -77.29
CA GLU I 222 47.39 -44.39 -76.26
C GLU I 222 47.18 -45.81 -75.79
N LYS I 223 47.26 -46.02 -74.48
CA LYS I 223 47.12 -47.36 -73.89
C LYS I 223 46.31 -47.23 -72.61
N ASN I 224 45.63 -48.29 -72.17
CA ASN I 224 44.85 -48.28 -70.92
C ASN I 224 45.80 -48.66 -69.80
N LEU I 225 46.07 -47.75 -68.87
CA LEU I 225 46.92 -48.09 -67.73
C LEU I 225 46.34 -49.30 -67.00
N ASP I 226 47.04 -50.42 -67.06
CA ASP I 226 46.54 -51.69 -66.54
C ASP I 226 47.26 -52.01 -65.24
N SER I 227 46.70 -51.51 -64.13
CA SER I 227 47.29 -51.74 -62.82
C SER I 227 46.20 -51.55 -61.78
N GLU I 228 46.08 -52.53 -60.89
CA GLU I 228 45.08 -52.43 -59.86
C GLU I 228 45.40 -51.38 -58.81
N LEU I 229 46.52 -50.68 -58.98
CA LEU I 229 46.94 -49.60 -58.10
C LEU I 229 46.93 -48.25 -58.81
N SER I 230 46.49 -48.21 -60.06
CA SER I 230 46.67 -47.04 -60.91
C SER I 230 45.95 -45.80 -60.40
N GLY I 231 44.94 -45.94 -59.54
CA GLY I 231 44.17 -44.75 -59.10
C GLY I 231 44.91 -43.94 -58.07
N ASN I 232 46.03 -44.46 -57.58
CA ASN I 232 46.89 -43.75 -56.61
C ASN I 232 47.56 -42.57 -57.29
N VAL I 233 47.72 -42.65 -58.62
CA VAL I 233 48.34 -41.54 -59.41
C VAL I 233 47.50 -40.27 -59.22
N ILE I 234 46.19 -40.41 -59.11
CA ILE I 234 45.28 -39.25 -58.94
C ILE I 234 45.58 -38.54 -57.61
N ASP I 235 45.75 -39.27 -56.51
CA ASP I 235 46.08 -38.66 -55.20
C ASP I 235 47.51 -38.10 -55.20
N LEU I 236 48.45 -38.80 -55.81
CA LEU I 236 49.86 -38.38 -55.88
C LEU I 236 50.02 -37.06 -56.65
N CYS I 237 49.21 -36.86 -57.70
CA CYS I 237 49.35 -35.64 -58.54
C CYS I 237 49.30 -34.41 -57.63
N PRO I 238 50.30 -33.52 -57.62
CA PRO I 238 50.20 -32.29 -56.85
C PRO I 238 49.06 -31.47 -57.46
N VAL I 239 48.90 -31.55 -58.78
CA VAL I 239 47.88 -30.73 -59.49
C VAL I 239 46.77 -31.63 -60.05
N GLY I 240 45.68 -31.05 -60.56
CA GLY I 240 44.62 -31.84 -61.24
C GLY I 240 44.86 -32.22 -62.70
N ALA I 241 46.07 -32.57 -63.10
CA ALA I 241 46.28 -33.07 -64.47
C ALA I 241 45.87 -34.53 -64.53
N LEU I 242 45.84 -35.19 -63.38
CA LEU I 242 45.36 -36.60 -63.31
C LEU I 242 44.20 -36.58 -62.31
N THR I 243 42.98 -36.71 -62.81
CA THR I 243 41.80 -36.71 -61.95
C THR I 243 41.03 -37.99 -62.19
N SER I 244 40.01 -38.21 -61.40
CA SER I 244 39.21 -39.42 -61.53
C SER I 244 37.98 -39.12 -62.36
N LYS I 245 37.75 -39.92 -63.39
CA LYS I 245 36.54 -39.80 -64.18
C LYS I 245 35.26 -40.00 -63.37
N PRO I 246 35.15 -40.96 -62.44
CA PRO I 246 33.91 -41.01 -61.63
C PRO I 246 33.65 -39.75 -60.83
N TYR I 247 34.64 -39.27 -60.08
CA TYR I 247 34.54 -38.04 -59.30
C TYR I 247 34.93 -36.86 -60.19
N ALA I 248 34.12 -36.63 -61.22
CA ALA I 248 34.57 -35.72 -62.26
C ALA I 248 34.38 -34.27 -61.85
N PHE I 249 33.19 -33.84 -61.46
CA PHE I 249 33.03 -32.40 -61.15
C PHE I 249 31.99 -32.30 -60.06
N ARG I 250 31.72 -33.42 -59.41
CA ARG I 250 30.64 -33.52 -58.42
C ARG I 250 30.81 -32.69 -57.14
N ALA I 251 32.02 -32.62 -56.59
CA ALA I 251 32.15 -31.96 -55.28
C ALA I 251 33.36 -31.05 -55.13
N ARG I 252 33.31 -30.15 -54.15
CA ARG I 252 34.47 -29.31 -53.77
C ARG I 252 35.01 -29.85 -52.44
N PRO I 253 36.34 -29.87 -52.16
CA PRO I 253 36.86 -30.53 -50.96
C PRO I 253 36.33 -29.95 -49.67
N TRP I 254 36.07 -28.65 -49.67
CA TRP I 254 35.62 -27.93 -48.44
C TRP I 254 34.26 -28.42 -47.96
N GLU I 255 33.41 -28.91 -48.86
CA GLU I 255 32.03 -29.32 -48.51
C GLU I 255 31.94 -30.78 -48.06
N LEU I 256 33.05 -31.47 -47.94
CA LEU I 256 33.01 -32.91 -47.62
C LEU I 256 33.26 -33.21 -46.14
N LYS I 257 32.40 -34.02 -45.52
CA LYS I 257 32.65 -34.49 -44.13
C LYS I 257 33.67 -35.61 -44.25
N ARG I 258 34.73 -35.58 -43.45
CA ARG I 258 35.81 -36.59 -43.58
C ARG I 258 35.72 -37.59 -42.41
N THR I 259 35.65 -38.88 -42.73
CA THR I 259 35.60 -39.93 -41.68
C THR I 259 36.81 -40.84 -41.86
N GLU I 260 37.52 -41.16 -40.78
CA GLU I 260 38.65 -42.13 -40.88
C GLU I 260 38.10 -43.53 -40.63
N SER I 261 38.00 -44.35 -41.67
CA SER I 261 37.40 -45.70 -41.53
C SER I 261 38.31 -46.81 -42.07
N ILE I 262 37.74 -47.98 -42.37
CA ILE I 262 38.50 -49.15 -42.80
C ILE I 262 37.95 -49.66 -44.13
N ASP I 263 38.84 -50.14 -44.99
CA ASP I 263 38.42 -50.86 -46.17
C ASP I 263 38.04 -52.29 -45.82
N VAL I 264 36.87 -52.72 -46.28
CA VAL I 264 36.40 -54.08 -46.04
C VAL I 264 36.27 -54.87 -47.33
N LEU I 265 36.75 -54.31 -48.42
CA LEU I 265 36.64 -54.95 -49.72
C LEU I 265 37.76 -55.93 -49.96
N ASP I 266 38.65 -56.07 -48.97
CA ASP I 266 39.76 -57.02 -48.99
C ASP I 266 40.10 -57.31 -47.54
N GLY I 267 40.93 -58.32 -47.33
CA GLY I 267 41.24 -58.77 -46.00
C GLY I 267 42.31 -58.01 -45.28
N LEU I 268 42.97 -57.06 -45.95
CA LEU I 268 44.09 -56.33 -45.36
C LEU I 268 43.67 -55.22 -44.43
N GLY I 269 42.40 -54.80 -44.45
CA GLY I 269 41.91 -53.79 -43.55
C GLY I 269 42.46 -52.40 -43.77
N SER I 270 42.61 -51.99 -45.03
CA SER I 270 43.31 -50.76 -45.36
C SER I 270 42.63 -49.54 -44.76
N ASN I 271 43.42 -48.62 -44.26
CA ASN I 271 42.93 -47.42 -43.62
C ASN I 271 42.62 -46.35 -44.64
N ILE I 272 41.42 -45.78 -44.54
CA ILE I 272 40.94 -44.89 -45.62
C ILE I 272 40.34 -43.61 -45.05
N ARG I 273 39.92 -42.71 -45.92
CA ARG I 273 39.14 -41.53 -45.49
C ARG I 273 37.89 -41.58 -46.38
N VAL I 274 36.70 -41.53 -45.79
CA VAL I 274 35.44 -41.55 -46.58
C VAL I 274 34.92 -40.12 -46.59
N ASP I 275 34.93 -39.47 -47.75
CA ASP I 275 34.51 -38.05 -47.88
C ASP I 275 33.08 -38.05 -48.36
N SER I 276 32.17 -37.47 -47.59
CA SER I 276 30.73 -37.53 -47.95
C SER I 276 30.10 -36.14 -47.87
N ARG I 277 29.13 -35.87 -48.73
CA ARG I 277 28.40 -34.58 -48.70
C ARG I 277 26.96 -34.95 -48.35
N GLY I 278 26.60 -34.84 -47.08
CA GLY I 278 25.27 -35.30 -46.65
C GLY I 278 25.12 -36.80 -46.56
N LEU I 279 24.14 -37.36 -47.28
CA LEU I 279 23.84 -38.80 -47.14
C LEU I 279 24.42 -39.59 -48.31
N GLU I 280 25.26 -38.92 -49.12
CA GLU I 280 25.91 -39.63 -50.25
C GLU I 280 27.43 -39.61 -50.11
N VAL I 281 28.06 -40.79 -50.17
CA VAL I 281 29.55 -40.88 -50.12
C VAL I 281 30.07 -40.39 -51.46
N MET I 282 31.01 -39.44 -51.43
CA MET I 282 31.48 -38.83 -52.69
C MET I 282 32.69 -39.59 -53.19
N ARG I 283 33.70 -39.75 -52.34
CA ARG I 283 34.95 -40.40 -52.75
C ARG I 283 35.61 -41.11 -51.58
N ILE I 284 36.48 -42.08 -51.86
CA ILE I 284 37.23 -42.78 -50.82
C ILE I 284 38.71 -42.59 -51.10
N LEU I 285 39.41 -42.02 -50.11
CA LEU I 285 40.84 -41.67 -50.26
C LEU I 285 41.67 -42.59 -49.37
N PRO I 286 42.99 -42.74 -49.59
CA PRO I 286 43.84 -43.49 -48.66
C PRO I 286 44.40 -42.68 -47.47
N ARG I 287 44.37 -43.22 -46.25
CA ARG I 287 45.02 -42.54 -45.10
C ARG I 287 46.26 -43.34 -44.68
N LEU I 288 47.28 -42.71 -44.08
CA LEU I 288 48.51 -43.41 -43.76
C LEU I 288 48.32 -44.45 -42.68
N ASN I 289 48.89 -45.62 -42.91
CA ASN I 289 49.09 -46.64 -41.89
C ASN I 289 50.23 -47.50 -42.38
N ASP I 290 51.43 -47.26 -41.86
CA ASP I 290 52.59 -47.98 -42.35
C ASP I 290 52.57 -49.46 -41.99
N ASP I 291 51.75 -49.84 -41.01
CA ASP I 291 51.60 -51.23 -40.63
C ASP I 291 50.72 -52.01 -41.57
N VAL I 292 49.90 -51.33 -42.38
CA VAL I 292 48.95 -52.03 -43.23
C VAL I 292 49.15 -51.70 -44.70
N ASN I 293 48.83 -50.45 -45.10
CA ASN I 293 48.63 -50.11 -46.51
C ASN I 293 49.52 -48.99 -47.04
N GLU I 294 50.11 -48.20 -46.15
CA GLU I 294 51.17 -47.21 -46.50
C GLU I 294 50.81 -46.17 -47.58
N GLU I 295 49.74 -45.39 -47.38
CA GLU I 295 49.43 -44.28 -48.32
C GLU I 295 48.85 -44.81 -49.63
N TRP I 296 48.57 -46.09 -49.71
CA TRP I 296 48.11 -46.66 -50.99
C TRP I 296 46.83 -47.44 -50.76
N ILE I 297 45.91 -47.40 -51.73
CA ILE I 297 44.69 -48.26 -51.68
C ILE I 297 44.63 -48.86 -53.08
N ASN I 298 43.90 -49.96 -53.30
CA ASN I 298 43.77 -50.48 -54.65
C ASN I 298 42.57 -49.83 -55.32
N ASP I 299 42.34 -50.16 -56.59
CA ASP I 299 41.30 -49.50 -57.36
C ASP I 299 39.91 -49.93 -56.93
N LYS I 300 39.76 -51.20 -56.58
CA LYS I 300 38.48 -51.69 -56.09
C LYS I 300 38.01 -50.90 -54.87
N THR I 301 38.90 -50.70 -53.89
CA THR I 301 38.50 -50.00 -52.63
C THR I 301 38.27 -48.50 -52.85
N ARG I 302 38.70 -47.95 -53.98
CA ARG I 302 38.61 -46.49 -54.24
C ARG I 302 37.37 -46.20 -55.09
N PHE I 303 37.01 -47.11 -55.98
CA PHE I 303 35.93 -46.81 -56.94
C PHE I 303 34.64 -47.59 -56.67
N ALA I 304 34.69 -48.60 -55.81
CA ALA I 304 33.47 -49.38 -55.61
C ALA I 304 32.42 -48.65 -54.82
N CYS I 305 32.73 -47.46 -54.30
CA CYS I 305 31.76 -46.71 -53.51
C CYS I 305 30.62 -46.15 -54.33
N ASP I 306 30.72 -46.12 -55.66
CA ASP I 306 29.53 -45.77 -56.39
C ASP I 306 28.52 -46.92 -56.40
N GLY I 307 28.95 -48.12 -56.05
CA GLY I 307 28.08 -49.25 -55.87
C GLY I 307 27.36 -49.26 -54.54
N LEU I 308 27.44 -48.16 -53.79
CA LEU I 308 26.76 -48.07 -52.48
C LEU I 308 25.44 -47.30 -52.60
N LYS I 309 25.08 -46.87 -53.80
CA LYS I 309 23.80 -46.13 -54.01
C LYS I 309 23.03 -46.69 -55.22
N THR I 310 23.12 -47.99 -55.50
CA THR I 310 22.53 -48.44 -56.79
C THR I 310 21.49 -49.57 -56.64
N GLN I 311 21.80 -50.62 -55.89
CA GLN I 311 20.84 -51.71 -55.71
C GLN I 311 20.69 -52.02 -54.24
N ARG I 312 20.39 -51.00 -53.45
CA ARG I 312 20.33 -51.16 -52.01
C ARG I 312 19.00 -51.74 -51.58
N LEU I 313 19.04 -52.60 -50.57
CA LEU I 313 17.85 -53.07 -49.89
C LEU I 313 17.43 -52.02 -48.88
N THR I 314 16.23 -51.48 -49.03
CA THR I 314 15.79 -50.42 -48.16
C THR I 314 14.53 -50.73 -47.37
N MET I 315 13.91 -51.89 -47.57
CA MET I 315 12.72 -52.24 -46.81
C MET I 315 12.60 -53.76 -46.76
N PRO I 316 11.91 -54.30 -45.76
CA PRO I 316 11.75 -55.76 -45.69
C PRO I 316 10.90 -56.30 -46.82
N LEU I 317 11.27 -57.50 -47.27
CA LEU I 317 10.64 -58.17 -48.40
C LEU I 317 10.20 -59.56 -47.98
N VAL I 318 9.02 -59.98 -48.45
CA VAL I 318 8.51 -61.32 -48.23
C VAL I 318 8.16 -61.90 -49.60
N ARG I 319 8.56 -63.13 -49.84
CA ARG I 319 8.25 -63.82 -51.10
C ARG I 319 6.84 -64.38 -51.03
N ARG I 320 5.91 -63.77 -51.74
CA ARG I 320 4.51 -64.19 -51.74
C ARG I 320 4.11 -64.58 -53.15
N ASP I 321 3.73 -65.84 -53.32
CA ASP I 321 3.33 -66.38 -54.62
C ASP I 321 4.43 -66.16 -55.66
N GLY I 322 5.67 -66.33 -55.22
CA GLY I 322 6.80 -66.19 -56.11
C GLY I 322 7.18 -64.76 -56.44
N LYS I 323 6.61 -63.79 -55.76
CA LYS I 323 6.97 -62.39 -56.01
C LYS I 323 7.29 -61.74 -54.68
N PHE I 324 8.38 -60.97 -54.65
CA PHE I 324 8.80 -60.31 -53.42
C PHE I 324 7.92 -59.12 -53.12
N GLU I 325 7.16 -59.20 -52.03
CA GLU I 325 6.31 -58.09 -51.62
C GLU I 325 6.94 -57.28 -50.51
N PRO I 326 6.74 -55.97 -50.51
CA PRO I 326 7.16 -55.16 -49.37
C PRO I 326 6.40 -55.53 -48.11
N ALA I 327 7.06 -55.35 -46.97
CA ALA I 327 6.48 -55.66 -45.67
C ALA I 327 7.08 -54.73 -44.64
N THR I 328 6.43 -54.64 -43.50
CA THR I 328 6.99 -53.94 -42.36
C THR I 328 7.92 -54.87 -41.58
N TRP I 329 8.61 -54.29 -40.59
CA TRP I 329 9.50 -55.09 -39.76
C TRP I 329 8.71 -55.97 -38.81
N GLU I 330 7.62 -55.46 -38.24
CA GLU I 330 6.87 -56.25 -37.26
C GLU I 330 6.25 -57.48 -37.91
N GLN I 331 5.88 -57.39 -39.17
CA GLN I 331 5.36 -58.54 -39.88
C GLN I 331 6.23 -58.96 -41.05
N ALA I 332 7.54 -58.88 -40.89
CA ALA I 332 8.47 -59.75 -41.59
C ALA I 332 9.24 -60.60 -40.59
N LEU I 333 9.49 -60.02 -39.42
CA LEU I 333 10.06 -60.78 -38.31
C LEU I 333 9.06 -61.78 -37.76
N THR I 334 7.77 -61.47 -37.89
CA THR I 334 6.75 -62.43 -37.50
C THR I 334 6.76 -63.66 -38.40
N GLU I 335 6.77 -63.46 -39.72
CA GLU I 335 6.79 -64.59 -40.64
C GLU I 335 8.11 -65.32 -40.61
N ILE I 336 9.15 -64.70 -40.07
CA ILE I 336 10.34 -65.48 -39.72
C ILE I 336 9.99 -66.45 -38.61
N ALA I 337 9.37 -65.94 -37.54
CA ALA I 337 9.07 -66.77 -36.38
C ALA I 337 8.03 -67.84 -36.71
N HIS I 338 6.99 -67.46 -37.45
CA HIS I 338 5.95 -68.43 -37.77
C HIS I 338 6.52 -69.60 -38.56
N ALA I 339 7.36 -69.30 -39.56
CA ALA I 339 8.01 -70.34 -40.33
C ALA I 339 8.90 -71.20 -39.45
N TYR I 340 9.60 -70.59 -38.51
CA TYR I 340 10.49 -71.34 -37.65
C TYR I 340 9.70 -72.28 -36.73
N GLN I 341 8.58 -71.79 -36.18
CA GLN I 341 7.73 -72.63 -35.36
C GLN I 341 7.14 -73.77 -36.16
N THR I 342 6.76 -73.50 -37.41
CA THR I 342 6.19 -74.55 -38.24
C THR I 342 7.21 -75.65 -38.51
N LEU I 343 8.45 -75.28 -38.80
CA LEU I 343 9.47 -76.29 -39.06
C LEU I 343 9.84 -77.06 -37.80
N ALA I 344 9.92 -76.36 -36.67
CA ALA I 344 10.40 -76.93 -35.41
C ALA I 344 11.73 -77.65 -35.66
N PRO I 345 12.79 -76.93 -36.00
CA PRO I 345 14.04 -77.59 -36.35
C PRO I 345 14.68 -78.30 -35.17
N LYS I 346 15.40 -79.38 -35.48
CA LYS I 346 16.11 -80.15 -34.47
C LYS I 346 17.50 -79.54 -34.27
N GLU I 347 18.36 -80.26 -33.56
CA GLU I 347 19.71 -79.77 -33.30
C GLU I 347 20.47 -79.63 -34.61
N ASN I 348 21.04 -78.45 -34.83
CA ASN I 348 21.87 -78.08 -35.96
C ASN I 348 21.11 -77.98 -37.28
N GLU I 349 19.78 -78.02 -37.26
CA GLU I 349 19.00 -77.84 -38.47
C GLU I 349 18.82 -76.37 -38.86
N PHE I 350 19.12 -75.45 -37.96
CA PHE I 350 19.18 -74.03 -38.27
C PHE I 350 20.62 -73.67 -38.63
N LYS I 351 20.83 -73.23 -39.86
CA LYS I 351 22.15 -72.98 -40.39
C LYS I 351 22.35 -71.50 -40.70
N VAL I 352 23.55 -71.00 -40.46
CA VAL I 352 23.93 -69.65 -40.82
C VAL I 352 25.13 -69.72 -41.76
N ILE I 353 25.13 -68.86 -42.78
CA ILE I 353 26.26 -68.66 -43.66
C ILE I 353 26.63 -67.19 -43.59
N ALA I 354 27.86 -66.90 -43.20
CA ALA I 354 28.31 -65.52 -43.06
C ALA I 354 29.06 -65.08 -44.30
N GLY I 355 28.66 -63.95 -44.86
CA GLY I 355 29.28 -63.40 -46.04
C GLY I 355 30.63 -62.76 -45.74
N GLN I 356 31.17 -62.10 -46.76
CA GLN I 356 32.54 -61.62 -46.67
C GLN I 356 32.65 -60.15 -46.28
N LEU I 357 31.55 -59.45 -46.05
CA LEU I 357 31.62 -58.08 -45.56
C LEU I 357 31.04 -57.97 -44.16
N VAL I 358 30.94 -59.08 -43.44
CA VAL I 358 30.21 -59.12 -42.17
C VAL I 358 31.14 -58.74 -41.04
N GLU I 359 30.67 -57.85 -40.17
CA GLU I 359 31.47 -57.38 -39.06
C GLU I 359 31.41 -58.38 -37.91
N VAL I 360 32.29 -58.19 -36.91
CA VAL I 360 32.39 -59.15 -35.82
C VAL I 360 31.23 -59.03 -34.85
N GLU I 361 30.64 -57.84 -34.72
CA GLU I 361 29.53 -57.66 -33.78
C GLU I 361 28.36 -58.56 -34.14
N SER I 362 28.03 -58.63 -35.42
CA SER I 362 26.90 -59.44 -35.82
C SER I 362 27.23 -60.93 -35.87
N LEU I 363 28.51 -61.28 -35.99
CA LEU I 363 28.90 -62.67 -35.84
C LEU I 363 28.67 -63.15 -34.42
N VAL I 364 29.08 -62.35 -33.44
CA VAL I 364 28.91 -62.74 -32.04
C VAL I 364 27.42 -62.81 -31.69
N ALA I 365 26.64 -61.86 -32.20
CA ALA I 365 25.20 -61.87 -31.94
C ALA I 365 24.51 -63.05 -32.63
N MET I 366 24.79 -63.26 -33.91
CA MET I 366 24.24 -64.43 -34.59
C MET I 366 24.80 -65.72 -34.05
N LYS I 367 26.03 -65.70 -33.52
CA LYS I 367 26.54 -66.90 -32.86
C LYS I 367 25.69 -67.25 -31.65
N ASP I 368 25.33 -66.26 -30.86
CA ASP I 368 24.53 -66.51 -29.68
C ASP I 368 23.16 -67.04 -30.05
N LEU I 369 22.45 -66.35 -30.93
CA LEU I 369 21.10 -66.76 -31.30
C LEU I 369 21.11 -68.12 -31.96
N ALA I 370 22.16 -68.42 -32.70
CA ALA I 370 22.33 -69.78 -33.19
C ALA I 370 22.46 -70.77 -32.05
N ASN I 371 23.24 -70.43 -31.03
CA ASN I 371 23.47 -71.36 -29.93
C ASN I 371 22.20 -71.61 -29.14
N ARG I 372 21.43 -70.56 -28.87
CA ARG I 372 20.18 -70.73 -28.13
C ARG I 372 19.15 -71.52 -28.91
N LEU I 373 19.39 -71.77 -30.19
CA LEU I 373 18.50 -72.57 -31.01
C LEU I 373 19.03 -73.98 -31.22
N GLY I 374 20.06 -74.36 -30.46
CA GLY I 374 20.56 -75.71 -30.57
C GLY I 374 21.39 -75.97 -31.81
N SER I 375 21.88 -74.92 -32.46
CA SER I 375 22.66 -75.09 -33.68
C SER I 375 24.07 -74.57 -33.46
N GLU I 376 25.05 -75.36 -33.87
CA GLU I 376 26.42 -74.92 -34.04
C GLU I 376 26.79 -74.81 -35.51
N ASN I 377 25.80 -74.89 -36.40
CA ASN I 377 26.01 -74.89 -37.85
C ASN I 377 26.31 -73.48 -38.30
N LEU I 378 27.59 -73.12 -38.26
CA LEU I 378 28.04 -71.75 -38.52
C LEU I 378 28.97 -71.79 -39.72
N ALA I 379 28.41 -71.66 -40.90
CA ALA I 379 29.17 -71.80 -42.13
C ALA I 379 29.71 -70.45 -42.60
N LEU I 380 30.51 -70.51 -43.65
CA LEU I 380 31.11 -69.33 -44.25
C LEU I 380 30.91 -69.38 -45.76
N ASP I 381 31.07 -68.21 -46.38
CA ASP I 381 30.62 -68.00 -47.75
C ASP I 381 31.36 -68.89 -48.74
N PHE I 382 32.65 -69.04 -48.57
CA PHE I 382 33.47 -69.68 -49.60
C PHE I 382 33.15 -71.18 -49.70
N PRO I 383 33.46 -71.80 -50.84
CA PRO I 383 33.30 -73.25 -50.94
C PRO I 383 34.22 -73.96 -49.96
N GLY I 384 33.70 -75.04 -49.37
CA GLY I 384 34.38 -75.68 -48.28
C GLY I 384 34.16 -75.02 -46.93
N GLY I 385 33.43 -73.91 -46.89
CA GLY I 385 33.18 -73.19 -45.67
C GLY I 385 32.11 -73.76 -44.78
N SER I 386 31.31 -74.68 -45.31
CA SER I 386 30.31 -75.42 -44.55
C SER I 386 30.86 -76.72 -43.98
N GLN I 387 32.13 -77.00 -44.20
CA GLN I 387 32.86 -78.07 -43.55
C GLN I 387 34.00 -77.50 -42.73
N PRO I 388 34.52 -78.24 -41.75
CA PRO I 388 35.61 -77.72 -40.92
C PRO I 388 36.86 -77.43 -41.74
N LEU I 389 37.63 -76.45 -41.27
CA LEU I 389 38.76 -75.94 -42.04
C LEU I 389 40.04 -76.67 -41.68
N ALA I 390 40.97 -76.73 -42.65
CA ALA I 390 42.18 -77.53 -42.48
C ALA I 390 43.05 -76.96 -41.38
N HIS I 391 43.27 -75.66 -41.38
CA HIS I 391 43.73 -75.00 -40.17
C HIS I 391 42.58 -74.95 -39.18
N GLY I 392 42.91 -75.03 -37.90
CA GLY I 392 41.92 -74.92 -36.86
C GLY I 392 41.61 -73.47 -36.56
N VAL I 393 40.96 -73.26 -35.42
CA VAL I 393 40.80 -71.91 -34.91
C VAL I 393 41.18 -71.89 -33.44
N ASP I 394 41.91 -72.91 -33.00
CA ASP I 394 42.19 -73.07 -31.59
C ASP I 394 43.35 -72.19 -31.14
N ILE I 395 44.43 -72.21 -31.89
CA ILE I 395 45.53 -71.26 -31.74
C ILE I 395 45.29 -70.13 -32.72
N ARG I 396 45.50 -68.89 -32.29
CA ARG I 396 45.28 -67.73 -33.19
C ARG I 396 46.31 -67.79 -34.32
N SER I 397 47.50 -68.33 -34.05
CA SER I 397 48.54 -68.32 -35.06
C SER I 397 48.27 -69.31 -36.19
N ASN I 398 47.26 -70.16 -36.06
CA ASN I 398 46.95 -71.15 -37.10
C ASN I 398 46.53 -70.49 -38.40
N TYR I 399 45.75 -69.40 -38.29
CA TYR I 399 45.09 -68.84 -39.49
C TYR I 399 45.49 -67.40 -39.77
N LEU I 400 46.49 -66.89 -39.06
CA LEU I 400 46.85 -65.49 -39.20
C LEU I 400 48.07 -65.35 -40.07
N PHE I 401 48.30 -64.11 -40.51
CA PHE I 401 49.53 -63.69 -41.16
C PHE I 401 50.46 -63.32 -40.00
N ASN I 402 51.26 -64.30 -39.58
CA ASN I 402 51.90 -64.23 -38.27
C ASN I 402 53.10 -63.30 -38.25
N SER I 403 54.01 -63.46 -39.20
CA SER I 403 54.98 -62.40 -39.44
C SER I 403 54.24 -61.25 -40.07
N LYS I 404 53.93 -60.23 -39.30
CA LYS I 404 52.92 -59.27 -39.68
C LYS I 404 53.26 -58.62 -41.02
N ILE I 405 52.28 -57.90 -41.59
CA ILE I 405 52.47 -57.27 -42.89
C ILE I 405 53.78 -56.51 -42.94
N TRP I 406 54.14 -55.85 -41.84
CA TRP I 406 55.41 -55.17 -41.70
C TRP I 406 56.60 -56.12 -41.73
N GLY I 407 56.37 -57.43 -41.54
CA GLY I 407 57.45 -58.39 -41.61
C GLY I 407 58.05 -58.54 -42.99
N ILE I 408 57.33 -58.18 -44.04
CA ILE I 408 57.87 -58.30 -45.39
C ILE I 408 59.05 -57.36 -45.58
N GLU I 409 59.00 -56.19 -44.95
CA GLU I 409 60.07 -55.21 -45.05
C GLU I 409 61.44 -55.79 -44.70
N GLU I 410 61.48 -56.94 -44.04
CA GLU I 410 62.73 -57.61 -43.75
C GLU I 410 62.75 -59.05 -44.25
N ALA I 411 61.81 -59.43 -45.11
CA ALA I 411 61.80 -60.79 -45.61
C ALA I 411 62.99 -61.02 -46.54
N ASP I 412 63.56 -62.22 -46.47
CA ASP I 412 64.69 -62.60 -47.29
C ASP I 412 64.33 -63.63 -48.35
N ALA I 413 63.50 -64.61 -48.02
CA ALA I 413 62.98 -65.56 -48.98
C ALA I 413 61.49 -65.75 -48.71
N ILE I 414 60.72 -65.85 -49.78
CA ILE I 414 59.26 -65.93 -49.67
C ILE I 414 58.78 -67.04 -50.59
N LEU I 415 57.98 -67.96 -50.05
CA LEU I 415 57.30 -68.97 -50.84
C LEU I 415 55.81 -68.66 -50.82
N LEU I 416 55.23 -68.45 -52.00
CA LEU I 416 53.81 -68.17 -52.13
C LEU I 416 53.11 -69.46 -52.55
N VAL I 417 52.10 -69.87 -51.79
CA VAL I 417 51.40 -71.12 -52.03
C VAL I 417 49.93 -70.80 -52.25
N GLY I 418 49.44 -71.08 -53.45
CA GLY I 418 48.04 -70.90 -53.75
C GLY I 418 47.56 -69.47 -53.65
N THR I 419 48.36 -68.52 -54.13
CA THR I 419 47.95 -67.13 -54.06
C THR I 419 48.56 -66.30 -55.17
N ASN I 420 47.69 -65.63 -55.93
CA ASN I 420 47.98 -64.57 -56.88
C ASN I 420 47.82 -63.29 -56.09
N PRO I 421 48.89 -62.81 -55.44
CA PRO I 421 48.74 -61.70 -54.50
C PRO I 421 48.43 -60.38 -55.18
N ARG I 422 48.71 -60.27 -56.46
CA ARG I 422 48.35 -59.06 -57.17
C ARG I 422 46.84 -58.88 -57.22
N HIS I 423 46.10 -59.99 -57.25
CA HIS I 423 44.62 -59.91 -57.32
C HIS I 423 44.01 -60.02 -55.93
N GLU I 424 44.56 -60.86 -55.05
CA GLU I 424 43.94 -61.12 -53.72
C GLU I 424 44.26 -60.03 -52.71
N ALA I 425 45.48 -59.50 -52.72
CA ALA I 425 45.90 -58.45 -51.78
C ALA I 425 46.83 -57.51 -52.54
N ALA I 426 46.24 -56.47 -53.14
CA ALA I 426 46.98 -55.62 -54.06
C ALA I 426 48.06 -54.80 -53.36
N VAL I 427 47.69 -54.09 -52.29
CA VAL I 427 48.66 -53.26 -51.57
C VAL I 427 49.76 -54.12 -50.97
N LEU I 428 49.41 -55.31 -50.50
CA LEU I 428 50.43 -56.21 -49.98
C LEU I 428 51.41 -56.60 -51.08
N ASN I 429 50.89 -56.87 -52.28
CA ASN I 429 51.72 -57.27 -53.40
C ASN I 429 52.75 -56.20 -53.71
N ALA I 430 52.37 -54.93 -53.58
CA ALA I 430 53.30 -53.84 -53.83
C ALA I 430 54.41 -53.81 -52.80
N ARG I 431 54.09 -54.02 -51.54
CA ARG I 431 55.09 -54.08 -50.49
C ARG I 431 56.09 -55.19 -50.71
N ILE I 432 55.67 -56.32 -51.28
CA ILE I 432 56.60 -57.39 -51.64
C ILE I 432 57.58 -56.91 -52.70
N ARG I 433 57.09 -56.17 -53.69
CA ARG I 433 57.97 -55.71 -54.77
C ARG I 433 58.94 -54.65 -54.27
N LYS I 434 58.49 -53.80 -53.36
CA LYS I 434 59.37 -52.77 -52.82
C LYS I 434 60.57 -53.40 -52.12
N GLN I 435 60.33 -54.45 -51.35
CA GLN I 435 61.43 -55.18 -50.72
C GLN I 435 62.25 -55.92 -51.77
N TRP I 436 61.61 -56.45 -52.80
CA TRP I 436 62.33 -57.18 -53.82
C TRP I 436 63.25 -56.27 -54.61
N LEU I 437 62.82 -55.04 -54.88
CA LEU I 437 63.58 -54.15 -55.72
C LEU I 437 64.81 -53.61 -55.02
N ARG I 438 64.83 -53.68 -53.69
CA ARG I 438 65.91 -53.09 -52.91
C ARG I 438 66.77 -54.09 -52.16
N SER I 439 66.50 -55.38 -52.29
CA SER I 439 67.22 -56.37 -51.52
C SER I 439 67.32 -57.65 -52.33
N ASP I 440 68.12 -58.59 -51.82
CA ASP I 440 68.27 -59.91 -52.43
C ASP I 440 67.17 -60.86 -51.97
N LEU I 441 65.95 -60.54 -52.38
CA LEU I 441 64.77 -61.32 -52.05
C LEU I 441 64.49 -62.36 -53.12
N GLU I 442 64.27 -63.59 -52.70
CA GLU I 442 63.92 -64.69 -53.59
C GLU I 442 62.47 -65.08 -53.37
N ILE I 443 61.69 -65.09 -54.45
CA ILE I 443 60.28 -65.46 -54.40
C ILE I 443 60.09 -66.74 -55.20
N ALA I 444 59.36 -67.68 -54.62
CA ALA I 444 58.92 -68.85 -55.36
C ALA I 444 57.43 -69.07 -55.09
N ALA I 445 56.73 -69.60 -56.08
CA ALA I 445 55.31 -69.78 -55.98
C ALA I 445 54.93 -71.19 -56.39
N VAL I 446 54.00 -71.77 -55.64
CA VAL I 446 53.36 -73.04 -55.99
C VAL I 446 51.87 -72.72 -56.14
N GLY I 447 51.36 -72.93 -57.32
CA GLY I 447 50.00 -72.60 -57.62
C GLY I 447 49.87 -72.27 -59.09
N GLN I 448 48.84 -71.52 -59.40
CA GLN I 448 48.61 -71.11 -60.77
C GLN I 448 49.50 -69.91 -61.11
N PRO I 449 50.24 -69.96 -62.21
CA PRO I 449 51.05 -68.81 -62.60
C PRO I 449 50.19 -67.58 -62.86
N TRP I 450 50.68 -66.43 -62.46
CA TRP I 450 49.98 -65.17 -62.66
C TRP I 450 50.94 -64.16 -63.25
N GLU I 451 50.39 -63.01 -63.60
CA GLU I 451 51.17 -61.91 -64.16
C GLU I 451 51.70 -61.08 -63.00
N SER I 452 52.98 -61.21 -62.72
CA SER I 452 53.55 -60.68 -61.49
C SER I 452 54.31 -59.39 -61.73
N THR I 453 54.26 -58.50 -60.74
CA THR I 453 55.05 -57.27 -60.76
C THR I 453 56.45 -57.47 -60.21
N PHE I 454 56.80 -58.68 -59.79
CA PHE I 454 58.13 -59.04 -59.37
C PHE I 454 58.45 -60.41 -59.96
N ASP I 455 59.73 -60.66 -60.20
CA ASP I 455 60.18 -61.98 -60.64
C ASP I 455 59.89 -63.00 -59.55
N TYR I 456 59.49 -64.20 -59.96
CA TYR I 456 59.29 -65.30 -59.02
C TYR I 456 59.56 -66.61 -59.72
N GLU I 457 60.08 -67.58 -58.97
CA GLU I 457 60.26 -68.93 -59.48
C GLU I 457 58.95 -69.69 -59.34
N HIS I 458 58.58 -70.40 -60.40
CA HIS I 458 57.40 -71.24 -60.39
C HIS I 458 57.83 -72.68 -60.16
N LEU I 459 57.32 -73.28 -59.09
CA LEU I 459 57.71 -74.61 -58.68
C LEU I 459 56.70 -75.66 -59.07
N GLY I 460 55.44 -75.28 -59.21
CA GLY I 460 54.43 -76.22 -59.63
C GLY I 460 53.05 -75.68 -59.31
N THR I 461 52.07 -76.56 -59.43
CA THR I 461 50.67 -76.19 -59.26
C THR I 461 49.92 -77.08 -58.30
N ASP I 462 50.46 -78.23 -57.91
CA ASP I 462 49.76 -79.18 -57.05
C ASP I 462 50.55 -79.44 -55.78
N LEU I 463 50.02 -80.33 -54.96
CA LEU I 463 50.62 -80.61 -53.65
C LEU I 463 51.98 -81.29 -53.79
N ALA I 464 52.12 -82.21 -54.74
CA ALA I 464 53.41 -82.86 -54.92
C ALA I 464 54.47 -81.82 -55.29
N ALA I 465 54.10 -80.85 -56.12
CA ALA I 465 55.00 -79.76 -56.47
C ALA I 465 55.31 -78.86 -55.29
N LEU I 466 54.60 -78.98 -54.19
CA LEU I 466 55.00 -78.36 -52.94
C LEU I 466 55.95 -79.24 -52.15
N LYS I 467 55.64 -80.53 -52.05
CA LYS I 467 56.54 -81.46 -51.36
C LYS I 467 57.87 -81.54 -52.07
N ASN I 468 57.85 -81.49 -53.40
CA ASN I 468 59.09 -81.54 -54.18
C ASN I 468 59.83 -80.23 -54.12
N ALA I 469 59.13 -79.12 -53.92
CA ALA I 469 59.80 -77.84 -53.76
C ALA I 469 60.37 -77.71 -52.35
N LEU I 470 59.56 -77.95 -51.33
CA LEU I 470 60.00 -77.75 -49.96
C LEU I 470 61.20 -78.59 -49.60
N SER I 471 61.45 -79.67 -50.33
CA SER I 471 62.66 -80.46 -50.17
C SER I 471 63.62 -80.25 -51.33
N GLY I 472 63.34 -79.30 -52.20
CA GLY I 472 64.14 -79.06 -53.38
C GLY I 472 65.06 -77.87 -53.21
N PRO I 473 65.57 -77.35 -54.33
CA PRO I 473 66.53 -76.24 -54.25
C PRO I 473 66.00 -75.02 -53.50
N PHE I 474 64.73 -74.66 -53.69
CA PHE I 474 64.23 -73.47 -53.02
C PHE I 474 64.04 -73.68 -51.53
N GLY I 475 63.92 -74.92 -51.08
CA GLY I 475 63.78 -75.17 -49.65
C GLY I 475 64.99 -74.70 -48.88
N GLU I 476 66.18 -75.01 -49.37
CA GLU I 476 67.40 -74.56 -48.70
C GLU I 476 67.51 -73.05 -48.69
N LYS I 477 66.88 -72.37 -49.63
CA LYS I 477 66.77 -70.92 -49.51
C LYS I 477 65.96 -70.54 -48.28
N LEU I 478 64.85 -71.24 -48.03
CA LEU I 478 64.11 -71.00 -46.80
C LEU I 478 64.91 -71.44 -45.59
N LYS I 479 65.64 -72.55 -45.71
CA LYS I 479 66.41 -73.03 -44.58
C LYS I 479 67.60 -72.11 -44.29
N LYS I 480 68.23 -71.59 -45.34
CA LYS I 480 69.41 -70.77 -45.11
C LYS I 480 69.06 -69.32 -44.78
N ALA I 481 68.09 -68.74 -45.47
CA ALA I 481 67.84 -67.31 -45.36
C ALA I 481 67.13 -66.99 -44.06
N LYS I 482 67.70 -66.05 -43.30
CA LYS I 482 67.06 -65.56 -42.09
C LYS I 482 65.82 -64.76 -42.44
N ARG I 483 64.88 -64.73 -41.50
CA ARG I 483 63.52 -64.27 -41.76
C ARG I 483 62.94 -64.87 -43.04
N PRO I 484 62.74 -66.19 -43.08
CA PRO I 484 61.98 -66.78 -44.17
C PRO I 484 60.49 -66.56 -43.98
N MET I 485 59.76 -66.64 -45.08
CA MET I 485 58.34 -66.29 -45.07
C MET I 485 57.59 -67.22 -46.03
N ILE I 486 56.65 -67.97 -45.49
CA ILE I 486 55.76 -68.80 -46.31
C ILE I 486 54.37 -68.22 -46.20
N ILE I 487 53.83 -67.74 -47.31
CA ILE I 487 52.48 -67.20 -47.34
C ILE I 487 51.57 -68.23 -47.97
N VAL I 488 50.55 -68.63 -47.23
CA VAL I 488 49.61 -69.63 -47.69
C VAL I 488 48.32 -68.89 -47.98
N GLY I 489 47.90 -68.90 -49.24
CA GLY I 489 46.69 -68.20 -49.61
C GLY I 489 45.46 -68.85 -49.00
N SER I 490 44.51 -68.01 -48.60
CA SER I 490 43.20 -68.52 -48.20
C SER I 490 42.51 -69.31 -49.30
N GLY I 491 43.06 -69.31 -50.51
CA GLY I 491 42.52 -70.12 -51.57
C GLY I 491 42.89 -71.59 -51.47
N VAL I 492 43.85 -71.94 -50.63
CA VAL I 492 44.11 -73.36 -50.42
C VAL I 492 43.18 -73.93 -49.37
N THR I 493 42.67 -73.08 -48.47
CA THR I 493 41.74 -73.56 -47.46
C THR I 493 40.54 -74.20 -48.12
N GLU I 494 40.14 -73.69 -49.26
CA GLU I 494 39.03 -74.25 -50.02
C GLU I 494 39.47 -75.33 -50.99
N HIS I 495 40.76 -75.53 -51.18
CA HIS I 495 41.23 -76.66 -51.97
C HIS I 495 40.89 -77.96 -51.23
N PRO I 496 40.51 -79.01 -51.96
CA PRO I 496 40.19 -80.28 -51.28
C PRO I 496 41.33 -80.85 -50.49
N ASP I 497 42.57 -80.59 -50.91
CA ASP I 497 43.75 -81.19 -50.28
C ASP I 497 44.34 -80.28 -49.20
N ALA I 498 43.54 -79.37 -48.64
CA ALA I 498 44.07 -78.38 -47.71
C ALA I 498 44.63 -79.04 -46.46
N LYS I 499 44.00 -80.11 -45.99
CA LYS I 499 44.52 -80.82 -44.84
C LYS I 499 45.93 -81.33 -45.13
N ALA I 500 46.14 -81.86 -46.33
CA ALA I 500 47.48 -82.26 -46.71
C ALA I 500 48.38 -81.05 -46.93
N PHE I 501 47.84 -80.00 -47.55
CA PHE I 501 48.62 -78.78 -47.77
C PHE I 501 49.08 -78.16 -46.47
N TYR I 502 48.20 -78.11 -45.47
CA TYR I 502 48.54 -77.40 -44.24
C TYR I 502 49.51 -78.18 -43.37
N GLU I 503 49.41 -79.51 -43.34
CA GLU I 503 50.40 -80.27 -42.58
C GLU I 503 51.72 -80.35 -43.32
N THR I 504 51.70 -80.27 -44.65
CA THR I 504 52.94 -80.18 -45.39
C THR I 504 53.72 -78.93 -45.01
N VAL I 505 53.01 -77.80 -44.91
CA VAL I 505 53.69 -76.54 -44.65
C VAL I 505 54.25 -76.51 -43.24
N TRP I 506 53.40 -76.79 -42.24
CA TRP I 506 53.81 -76.60 -40.87
C TRP I 506 54.84 -77.62 -40.45
N SER I 507 54.76 -78.84 -40.97
CA SER I 507 55.77 -79.83 -40.64
C SER I 507 57.14 -79.37 -41.12
N PHE I 508 57.18 -78.61 -42.22
CA PHE I 508 58.43 -77.97 -42.62
C PHE I 508 58.81 -76.86 -41.65
N VAL I 509 57.82 -76.10 -41.17
CA VAL I 509 58.07 -75.04 -40.21
C VAL I 509 58.59 -75.61 -38.91
N GLU I 510 57.97 -76.69 -38.43
CA GLU I 510 58.42 -77.29 -37.17
C GLU I 510 59.77 -77.96 -37.34
N LYS I 511 60.05 -78.53 -38.51
CA LYS I 511 61.38 -79.05 -38.78
C LYS I 511 62.43 -77.96 -38.85
N ASN I 512 62.04 -76.73 -39.13
CA ASN I 512 62.99 -75.67 -39.44
C ASN I 512 62.82 -74.47 -38.52
N ALA I 513 62.61 -74.72 -37.23
CA ALA I 513 62.50 -73.63 -36.27
C ALA I 513 63.88 -73.02 -36.02
N SER I 514 63.91 -72.03 -35.13
CA SER I 514 65.10 -71.23 -34.84
C SER I 514 65.49 -70.45 -36.08
N ASN I 515 64.79 -70.69 -37.14
CA ASN I 515 64.80 -69.91 -38.37
C ASN I 515 63.41 -69.49 -38.76
N PHE I 516 62.43 -70.36 -38.63
CA PHE I 516 61.05 -70.02 -38.86
C PHE I 516 60.31 -69.62 -37.60
N LEU I 517 60.81 -70.00 -36.43
CA LEU I 517 60.06 -69.90 -35.18
C LEU I 517 60.93 -69.33 -34.09
N THR I 518 61.63 -68.25 -34.41
CA THR I 518 62.49 -67.61 -33.42
C THR I 518 61.66 -66.81 -32.44
N GLU I 519 62.35 -66.07 -31.58
CA GLU I 519 61.66 -65.29 -30.56
C GLU I 519 60.79 -64.21 -31.20
N GLU I 520 61.38 -63.37 -32.05
CA GLU I 520 60.59 -62.41 -32.81
C GLU I 520 60.76 -62.73 -34.29
N TRP I 521 60.08 -63.79 -34.71
CA TRP I 521 59.78 -64.07 -36.11
C TRP I 521 58.92 -65.31 -36.20
N CYS I 522 58.05 -65.36 -37.20
CA CYS I 522 57.27 -66.55 -37.50
C CYS I 522 57.13 -66.60 -39.02
N GLY I 523 57.69 -67.62 -39.63
CA GLY I 523 57.62 -67.71 -41.07
C GLY I 523 56.35 -68.27 -41.64
N TYR I 524 55.36 -68.59 -40.81
CA TYR I 524 54.10 -69.13 -41.26
C TYR I 524 53.07 -68.00 -41.36
N ASN I 525 52.43 -67.88 -42.53
CA ASN I 525 51.50 -66.75 -42.76
C ASN I 525 50.36 -67.21 -43.66
N VAL I 526 49.13 -67.08 -43.19
CA VAL I 526 47.95 -67.38 -44.00
C VAL I 526 47.29 -66.06 -44.37
N LEU I 527 46.99 -65.90 -45.65
CA LEU I 527 46.58 -64.62 -46.21
C LEU I 527 45.08 -64.62 -46.52
N GLN I 528 44.30 -63.91 -45.71
CA GLN I 528 42.90 -63.73 -46.01
C GLN I 528 42.69 -62.80 -47.20
N ARG I 529 41.57 -62.98 -47.90
CA ARG I 529 41.18 -62.07 -48.97
C ARG I 529 39.83 -61.42 -48.73
N ALA I 530 39.11 -61.83 -47.69
CA ALA I 530 37.85 -61.23 -47.31
C ALA I 530 38.00 -60.68 -45.91
N ALA I 531 37.41 -59.51 -45.67
CA ALA I 531 37.62 -58.82 -44.41
C ALA I 531 36.92 -59.47 -43.23
N SER I 532 36.14 -60.52 -43.48
CA SER I 532 35.37 -61.16 -42.41
C SER I 532 35.98 -62.45 -41.90
N ARG I 533 36.95 -63.03 -42.60
CA ARG I 533 37.39 -64.38 -42.24
C ARG I 533 38.13 -64.40 -40.92
N ALA I 534 39.11 -63.51 -40.73
CA ALA I 534 39.93 -63.54 -39.50
C ALA I 534 39.05 -63.27 -38.28
N GLY I 535 38.06 -62.39 -38.41
CA GLY I 535 37.12 -62.09 -37.31
C GLY I 535 36.22 -63.26 -36.97
N ALA I 536 35.77 -64.00 -37.98
CA ALA I 536 34.95 -65.20 -37.74
C ALA I 536 35.78 -66.24 -37.01
N PHE I 537 37.02 -66.43 -37.43
CA PHE I 537 37.93 -67.43 -36.83
C PHE I 537 38.20 -67.03 -35.39
N GLU I 538 38.35 -65.73 -35.13
CA GLU I 538 38.67 -65.23 -33.78
C GLU I 538 37.54 -65.56 -32.79
N VAL I 539 36.28 -65.44 -33.21
CA VAL I 539 35.12 -65.71 -32.31
C VAL I 539 34.68 -67.17 -32.44
N GLY I 540 35.35 -67.97 -33.27
CA GLY I 540 35.04 -69.41 -33.40
C GLY I 540 33.80 -69.69 -34.22
N PHE I 541 33.45 -68.78 -35.12
CA PHE I 541 32.27 -68.91 -35.97
C PHE I 541 32.59 -69.85 -37.13
N VAL I 542 32.68 -71.14 -36.82
CA VAL I 542 32.99 -72.19 -37.79
C VAL I 542 32.20 -73.45 -37.45
N VAL I 543 32.15 -74.37 -38.40
CA VAL I 543 31.60 -75.71 -38.19
C VAL I 543 32.56 -76.50 -37.32
N PRO I 544 32.10 -77.06 -36.21
CA PRO I 544 33.02 -77.74 -35.28
C PRO I 544 33.39 -79.16 -35.67
N SER I 545 32.47 -79.90 -36.26
CA SER I 545 32.65 -81.34 -36.42
C SER I 545 32.07 -81.81 -37.75
N PRO I 546 32.56 -82.92 -38.29
CA PRO I 546 31.94 -83.48 -39.50
C PRO I 546 30.48 -83.87 -39.31
N GLU I 547 30.05 -84.16 -38.08
CA GLU I 547 28.68 -84.61 -37.86
C GLU I 547 27.69 -83.50 -38.16
N VAL I 548 27.91 -82.31 -37.62
CA VAL I 548 27.04 -81.17 -37.89
C VAL I 548 27.08 -80.80 -39.38
N ALA I 549 28.18 -81.11 -40.06
CA ALA I 549 28.31 -80.77 -41.46
C ALA I 549 27.38 -81.56 -42.38
N ALA I 550 27.04 -82.79 -42.01
CA ALA I 550 26.24 -83.63 -42.89
C ALA I 550 24.74 -83.50 -42.66
N THR I 551 24.31 -82.73 -41.67
CA THR I 551 22.89 -82.58 -41.40
C THR I 551 22.27 -81.58 -42.35
N LYS I 552 21.16 -81.97 -42.97
CA LYS I 552 20.46 -81.10 -43.89
C LYS I 552 19.67 -80.06 -43.11
N PRO I 553 19.82 -78.77 -43.41
CA PRO I 553 19.06 -77.75 -42.66
C PRO I 553 17.69 -77.52 -43.27
N LYS I 554 16.76 -77.16 -42.41
CA LYS I 554 15.43 -76.77 -42.85
C LYS I 554 15.29 -75.26 -42.94
N PHE I 555 16.32 -74.53 -42.57
CA PHE I 555 16.26 -73.09 -42.37
C PHE I 555 17.67 -72.55 -42.49
N VAL I 556 17.90 -71.64 -43.43
CA VAL I 556 19.21 -71.03 -43.61
C VAL I 556 19.10 -69.52 -43.51
N TRP I 557 19.87 -68.94 -42.62
CA TRP I 557 20.03 -67.50 -42.49
C TRP I 557 21.28 -67.11 -43.28
N LEU I 558 21.09 -66.55 -44.47
CA LEU I 558 22.21 -66.03 -45.25
C LEU I 558 22.52 -64.64 -44.71
N LEU I 559 23.51 -64.55 -43.83
CA LEU I 559 23.89 -63.31 -43.17
C LEU I 559 24.90 -62.61 -44.06
N GLY I 560 24.41 -61.79 -44.98
CA GLY I 560 25.24 -61.11 -45.94
C GLY I 560 25.97 -62.02 -46.88
N ALA I 561 25.55 -63.28 -46.97
CA ALA I 561 26.25 -64.30 -47.73
C ALA I 561 25.70 -64.30 -49.13
N ASP I 562 26.57 -64.14 -50.11
CA ASP I 562 26.19 -64.10 -51.49
C ASP I 562 27.07 -64.96 -52.38
N GLU I 563 28.20 -65.45 -51.87
CA GLU I 563 29.11 -66.29 -52.63
C GLU I 563 29.00 -67.74 -52.23
N PHE I 564 27.90 -68.12 -51.59
CA PHE I 564 27.68 -69.51 -51.21
C PHE I 564 27.56 -70.42 -52.42
N ASP I 565 28.14 -71.61 -52.29
CA ASP I 565 27.98 -72.65 -53.28
C ASP I 565 26.55 -73.18 -53.24
N PRO I 566 25.93 -73.47 -54.38
CA PRO I 566 24.53 -73.95 -54.35
C PRO I 566 24.33 -75.19 -53.52
N ALA I 567 25.33 -76.07 -53.44
CA ALA I 567 25.17 -77.29 -52.66
C ALA I 567 25.06 -77.01 -51.16
N ASP I 568 25.51 -75.84 -50.72
CA ASP I 568 25.49 -75.50 -49.30
C ASP I 568 24.17 -74.89 -48.84
N VAL I 569 23.23 -74.65 -49.76
CA VAL I 569 21.88 -74.25 -49.41
C VAL I 569 20.91 -75.25 -50.02
N PRO I 570 20.28 -76.11 -49.23
CA PRO I 570 19.26 -77.01 -49.79
C PRO I 570 18.09 -76.22 -50.33
N LYS I 571 17.55 -76.68 -51.47
CA LYS I 571 16.56 -75.92 -52.20
C LYS I 571 15.29 -75.68 -51.39
N ASP I 572 14.83 -76.69 -50.67
CA ASP I 572 13.55 -76.60 -49.98
C ASP I 572 13.65 -75.89 -48.64
N ALA I 573 14.84 -75.47 -48.23
CA ALA I 573 15.01 -74.87 -46.92
C ALA I 573 14.32 -73.51 -46.87
N PHE I 574 14.23 -72.97 -45.65
CA PHE I 574 13.70 -71.64 -45.48
C PHE I 574 14.87 -70.66 -45.40
N ILE I 575 14.90 -69.72 -46.34
CA ILE I 575 16.02 -68.83 -46.54
C ILE I 575 15.63 -67.44 -46.06
N VAL I 576 16.36 -66.94 -45.08
CA VAL I 576 16.35 -65.53 -44.70
C VAL I 576 17.62 -64.93 -45.26
N TYR I 577 17.49 -63.81 -45.99
CA TYR I 577 18.64 -63.04 -46.39
C TYR I 577 18.67 -61.72 -45.63
N GLN I 578 19.77 -61.47 -44.93
CA GLN I 578 20.04 -60.21 -44.27
C GLN I 578 21.27 -59.62 -44.94
N GLY I 579 21.10 -58.45 -45.55
CA GLY I 579 22.20 -57.81 -46.24
C GLY I 579 21.86 -56.38 -46.59
N HIS I 580 22.64 -55.81 -47.50
CA HIS I 580 22.39 -54.45 -47.97
C HIS I 580 22.25 -54.31 -49.47
N HIS I 581 22.64 -55.29 -50.25
CA HIS I 581 22.57 -55.20 -51.69
C HIS I 581 21.78 -56.37 -52.24
N GLY I 582 20.89 -56.08 -53.17
CA GLY I 582 20.13 -57.10 -53.85
C GLY I 582 21.00 -57.82 -54.86
N ASP I 583 21.34 -59.06 -54.55
CA ASP I 583 22.22 -59.85 -55.40
C ASP I 583 21.73 -61.29 -55.30
N ARG I 584 22.62 -62.25 -55.54
CA ARG I 584 22.23 -63.66 -55.52
C ARG I 584 21.50 -64.04 -54.24
N GLY I 585 21.99 -63.55 -53.11
CA GLY I 585 21.39 -63.94 -51.84
C GLY I 585 19.93 -63.54 -51.72
N ALA I 586 19.61 -62.31 -52.10
CA ALA I 586 18.21 -61.89 -52.05
C ALA I 586 17.36 -62.55 -53.12
N GLU I 587 17.96 -62.99 -54.21
CA GLU I 587 17.18 -63.63 -55.26
C GLU I 587 16.52 -64.92 -54.78
N ILE I 588 17.17 -65.65 -53.88
CA ILE I 588 16.67 -66.94 -53.42
C ILE I 588 15.99 -66.84 -52.08
N ALA I 589 15.99 -65.68 -51.45
CA ALA I 589 15.49 -65.57 -50.09
C ALA I 589 13.98 -65.80 -50.04
N ASP I 590 13.52 -66.22 -48.87
CA ASP I 590 12.10 -66.17 -48.59
C ASP I 590 11.73 -64.92 -47.82
N ILE I 591 12.65 -64.43 -46.99
CA ILE I 591 12.58 -63.10 -46.39
C ILE I 591 13.86 -62.37 -46.76
N VAL I 592 13.74 -61.07 -47.02
CA VAL I 592 14.88 -60.20 -47.22
C VAL I 592 14.84 -59.13 -46.13
N LEU I 593 15.90 -59.05 -45.34
CA LEU I 593 16.00 -58.04 -44.28
C LEU I 593 17.14 -57.07 -44.58
N PRO I 594 16.86 -55.80 -44.82
CA PRO I 594 17.92 -54.84 -45.17
C PRO I 594 18.76 -54.40 -43.98
N GLY I 595 20.06 -54.70 -44.03
CA GLY I 595 21.01 -54.23 -43.04
C GLY I 595 21.73 -52.96 -43.48
N ALA I 596 22.89 -52.74 -42.90
CA ALA I 596 23.69 -51.56 -43.18
C ALA I 596 24.95 -51.93 -43.93
N ALA I 597 25.38 -51.06 -44.83
CA ALA I 597 26.68 -51.19 -45.43
C ALA I 597 27.74 -50.69 -44.47
N TYR I 598 29.00 -51.00 -44.78
CA TYR I 598 30.07 -50.69 -43.86
C TYR I 598 30.29 -49.19 -43.70
N THR I 599 29.70 -48.37 -44.56
CA THR I 599 29.87 -46.94 -44.47
C THR I 599 28.86 -46.27 -43.52
N GLU I 600 27.86 -46.99 -43.04
CA GLU I 600 26.95 -46.41 -42.06
C GLU I 600 26.81 -47.29 -40.81
N LYS I 601 27.81 -48.09 -40.49
CA LYS I 601 27.88 -48.73 -39.20
C LYS I 601 29.30 -48.63 -38.67
N ALA I 602 29.43 -48.67 -37.35
CA ALA I 602 30.72 -48.75 -36.69
C ALA I 602 30.97 -50.22 -36.33
N GLY I 603 31.39 -50.97 -37.32
CA GLY I 603 31.66 -52.37 -37.13
C GLY I 603 33.08 -52.65 -36.76
N THR I 604 33.29 -53.80 -36.13
CA THR I 604 34.61 -54.29 -35.78
C THR I 604 35.04 -55.27 -36.84
N TYR I 605 36.25 -55.11 -37.34
CA TYR I 605 36.79 -56.03 -38.32
C TYR I 605 38.21 -56.40 -37.90
N VAL I 606 38.61 -57.61 -38.25
CA VAL I 606 39.94 -58.11 -37.97
C VAL I 606 40.60 -58.38 -39.31
N ASN I 607 41.79 -57.81 -39.52
CA ASN I 607 42.48 -57.98 -40.79
C ASN I 607 43.34 -59.23 -40.74
N THR I 608 43.91 -59.58 -41.90
CA THR I 608 44.58 -60.86 -42.03
C THR I 608 45.75 -61.02 -41.08
N GLU I 609 46.28 -59.92 -40.56
CA GLU I 609 47.39 -59.99 -39.64
C GLU I 609 46.96 -60.08 -38.19
N GLY I 610 45.66 -60.00 -37.92
CA GLY I 610 45.15 -60.05 -36.57
C GLY I 610 44.97 -58.71 -35.91
N ARG I 611 45.00 -57.63 -36.67
CA ARG I 611 44.81 -56.30 -36.11
C ARG I 611 43.31 -56.01 -36.07
N VAL I 612 42.82 -55.61 -34.91
CA VAL I 612 41.40 -55.35 -34.71
C VAL I 612 41.17 -53.86 -34.91
N GLN I 613 40.47 -53.53 -35.99
CA GLN I 613 40.22 -52.11 -36.33
C GLN I 613 38.71 -51.83 -36.27
N MET I 614 38.33 -50.55 -36.17
CA MET I 614 36.89 -50.15 -36.09
C MET I 614 36.54 -49.22 -37.25
N THR I 615 35.45 -49.49 -37.97
CA THR I 615 34.96 -48.57 -39.02
C THR I 615 34.17 -47.47 -38.35
N ARG I 616 34.15 -46.29 -38.94
CA ARG I 616 33.34 -45.16 -38.44
C ARG I 616 32.20 -44.94 -39.43
N ALA I 617 30.96 -44.85 -38.93
CA ALA I 617 29.85 -44.54 -39.85
C ALA I 617 30.06 -43.16 -40.44
N ALA I 618 29.91 -43.02 -41.76
CA ALA I 618 30.12 -41.72 -42.43
C ALA I 618 28.73 -41.13 -42.69
N THR I 619 27.74 -42.00 -42.85
CA THR I 619 26.36 -41.54 -43.15
C THR I 619 25.42 -42.33 -42.26
N GLY I 620 24.13 -42.10 -42.40
CA GLY I 620 23.15 -42.88 -41.68
C GLY I 620 22.56 -43.98 -42.53
N LEU I 621 21.65 -44.73 -41.93
CA LEU I 621 21.01 -45.85 -42.61
C LEU I 621 20.04 -45.35 -43.67
N PRO I 622 20.01 -45.97 -44.85
CA PRO I 622 19.05 -45.57 -45.87
C PRO I 622 17.72 -46.31 -45.75
N GLY I 623 16.63 -45.58 -45.92
CA GLY I 623 15.30 -46.19 -45.91
C GLY I 623 14.96 -46.75 -44.55
N ALA I 624 14.49 -48.00 -44.54
CA ALA I 624 14.12 -48.69 -43.32
C ALA I 624 15.15 -49.72 -42.91
N ALA I 625 16.35 -49.65 -43.46
CA ALA I 625 17.40 -50.58 -43.06
C ALA I 625 17.68 -50.45 -41.57
N ARG I 626 18.30 -51.47 -41.00
CA ARG I 626 18.57 -51.51 -39.58
C ARG I 626 19.99 -52.00 -39.39
N THR I 627 20.58 -51.63 -38.25
CA THR I 627 21.90 -52.14 -37.91
C THR I 627 21.87 -53.66 -37.83
N ASP I 628 22.91 -54.30 -38.35
CA ASP I 628 22.88 -55.74 -38.58
C ASP I 628 22.77 -56.51 -37.26
N TRP I 629 23.59 -56.18 -36.28
CA TRP I 629 23.50 -56.88 -35.00
C TRP I 629 22.14 -56.68 -34.34
N LYS I 630 21.48 -55.55 -34.61
CA LYS I 630 20.15 -55.33 -34.05
C LYS I 630 19.07 -56.16 -34.73
N ILE I 631 19.25 -56.52 -36.01
CA ILE I 631 18.28 -57.42 -36.63
C ILE I 631 18.30 -58.77 -35.95
N ILE I 632 19.49 -59.25 -35.61
CA ILE I 632 19.61 -60.50 -34.88
C ILE I 632 18.97 -60.39 -33.50
N ARG I 633 19.23 -59.29 -32.81
CA ARG I 633 18.76 -59.16 -31.43
C ARG I 633 17.25 -59.07 -31.35
N ALA I 634 16.62 -58.50 -32.37
CA ALA I 634 15.17 -58.39 -32.40
C ALA I 634 14.51 -59.73 -32.74
N VAL I 635 15.05 -60.47 -33.70
CA VAL I 635 14.48 -61.76 -34.05
C VAL I 635 14.70 -62.75 -32.91
N SER I 636 15.45 -62.34 -31.89
CA SER I 636 15.53 -63.10 -30.65
C SER I 636 14.24 -62.97 -29.82
N GLU I 637 13.63 -61.79 -29.83
CA GLU I 637 12.33 -61.65 -29.18
C GLU I 637 11.26 -62.46 -29.90
N PHE I 638 11.27 -62.44 -31.22
CA PHE I 638 10.23 -63.10 -31.98
C PHE I 638 10.34 -64.61 -31.94
N LEU I 639 11.54 -65.15 -31.74
CA LEU I 639 11.72 -66.57 -31.53
C LEU I 639 11.80 -66.95 -30.06
N GLY I 640 11.66 -66.00 -29.16
CA GLY I 640 11.51 -66.31 -27.75
C GLY I 640 12.79 -66.55 -26.98
N VAL I 641 13.96 -66.32 -27.57
CA VAL I 641 15.21 -66.47 -26.83
C VAL I 641 16.00 -65.17 -26.94
N PRO I 642 15.56 -64.12 -26.26
CA PRO I 642 16.20 -62.81 -26.43
C PRO I 642 17.65 -62.82 -25.97
N LEU I 643 18.55 -62.44 -26.88
CA LEU I 643 19.95 -62.31 -26.55
C LEU I 643 20.14 -61.19 -25.54
N PRO I 644 20.91 -61.41 -24.49
CA PRO I 644 20.82 -60.55 -23.29
C PRO I 644 21.09 -59.07 -23.56
N TYR I 645 22.26 -58.79 -24.13
CA TYR I 645 22.67 -57.45 -24.46
C TYR I 645 21.63 -56.76 -25.35
N ASP I 646 21.38 -55.48 -25.08
CA ASP I 646 20.54 -54.70 -25.98
C ASP I 646 21.06 -53.28 -26.16
N ASP I 647 22.35 -53.08 -25.90
CA ASP I 647 23.11 -51.91 -26.32
C ASP I 647 24.41 -52.44 -26.88
N VAL I 648 25.00 -51.72 -27.84
CA VAL I 648 26.17 -52.25 -28.51
C VAL I 648 27.36 -52.26 -27.57
N ALA I 649 27.32 -51.44 -26.52
CA ALA I 649 28.36 -51.51 -25.50
C ALA I 649 28.35 -52.86 -24.82
N GLN I 650 27.16 -53.37 -24.50
CA GLN I 650 27.05 -54.70 -23.93
C GLN I 650 27.54 -55.77 -24.88
N LEU I 651 27.26 -55.64 -26.18
CA LEU I 651 27.67 -56.66 -27.12
C LEU I 651 29.18 -56.65 -27.30
N ARG I 652 29.86 -55.55 -26.96
CA ARG I 652 31.31 -55.54 -27.05
C ARG I 652 31.94 -56.14 -25.80
N ASP I 653 31.19 -56.12 -24.69
CA ASP I 653 31.63 -56.81 -23.46
C ASP I 653 31.60 -58.32 -23.72
N ARG I 654 30.57 -58.80 -24.43
CA ARG I 654 30.44 -60.24 -24.78
C ARG I 654 31.60 -60.65 -25.69
N MET I 655 31.95 -59.80 -26.65
CA MET I 655 33.04 -60.12 -27.60
C MET I 655 34.33 -60.24 -26.80
N ALA I 656 34.48 -59.43 -25.75
CA ALA I 656 35.67 -59.46 -24.89
C ALA I 656 35.78 -60.83 -24.22
N GLU I 657 34.65 -61.40 -23.78
CA GLU I 657 34.68 -62.76 -23.20
C GLU I 657 35.12 -63.77 -24.28
N ILE I 658 34.65 -63.66 -25.51
CA ILE I 658 35.07 -64.69 -26.50
C ILE I 658 36.56 -64.55 -26.80
N SER I 659 37.01 -63.32 -27.04
CA SER I 659 38.41 -63.08 -27.43
C SER I 659 38.83 -61.71 -26.88
N PRO I 660 39.77 -61.57 -25.91
CA PRO I 660 40.09 -60.26 -25.35
C PRO I 660 40.84 -59.37 -26.31
N ALA I 661 41.53 -59.95 -27.30
CA ALA I 661 42.24 -59.18 -28.32
C ALA I 661 41.23 -58.26 -29.02
N LEU I 662 39.98 -58.68 -29.10
CA LEU I 662 38.91 -57.88 -29.76
C LEU I 662 38.67 -56.58 -28.98
N ALA I 663 39.14 -56.50 -27.73
CA ALA I 663 39.04 -55.24 -27.01
C ALA I 663 40.17 -54.29 -27.37
N ALA I 664 41.31 -54.82 -27.79
CA ALA I 664 42.47 -54.01 -28.17
C ALA I 664 42.28 -53.50 -29.58
N TYR I 665 42.37 -52.18 -29.75
CA TYR I 665 42.02 -51.58 -31.02
C TYR I 665 43.28 -51.04 -31.69
N ASP I 666 43.37 -51.26 -33.00
CA ASP I 666 44.46 -50.77 -33.83
C ASP I 666 45.78 -51.39 -33.47
N VAL I 667 45.75 -52.57 -32.88
CA VAL I 667 46.97 -53.26 -32.51
C VAL I 667 46.79 -54.74 -32.78
N VAL I 668 47.91 -55.41 -33.04
CA VAL I 668 47.96 -56.87 -33.09
C VAL I 668 48.37 -57.35 -31.70
N GLU I 669 47.66 -58.35 -31.19
CA GLU I 669 48.07 -59.02 -29.96
C GLU I 669 48.91 -60.23 -30.32
N PRO I 670 50.15 -60.32 -29.84
CA PRO I 670 51.00 -61.45 -30.23
C PRO I 670 50.46 -62.76 -29.69
N VAL I 671 50.68 -63.82 -30.44
CA VAL I 671 50.25 -65.15 -30.04
C VAL I 671 51.33 -65.74 -29.16
N ALA I 672 50.94 -66.25 -28.00
CA ALA I 672 51.90 -66.77 -27.03
C ALA I 672 52.28 -68.21 -27.34
N LEU I 673 51.28 -69.08 -27.46
CA LEU I 673 51.52 -70.53 -27.60
C LEU I 673 51.67 -70.89 -29.07
N ARG I 674 52.56 -70.16 -29.74
CA ARG I 674 52.70 -70.30 -31.19
C ARG I 674 53.16 -71.69 -31.59
N HIS I 675 53.82 -72.40 -30.68
CA HIS I 675 54.20 -73.77 -30.96
C HIS I 675 53.06 -74.74 -30.79
N LEU I 676 51.97 -74.34 -30.13
CA LEU I 676 50.85 -75.26 -29.96
C LEU I 676 50.10 -75.49 -31.26
N SER I 677 50.45 -74.77 -32.32
CA SER I 677 49.77 -74.85 -33.60
C SER I 677 50.01 -76.17 -34.30
N LYS I 678 50.97 -76.97 -33.84
CA LYS I 678 51.23 -78.24 -34.49
C LYS I 678 50.07 -79.20 -34.33
N VAL I 679 49.31 -79.07 -33.25
CA VAL I 679 48.29 -80.06 -32.96
C VAL I 679 47.12 -79.97 -33.92
N GLN I 680 46.80 -78.76 -34.41
CA GLN I 680 45.79 -78.67 -35.47
C GLN I 680 46.38 -78.92 -36.83
N LEU I 681 47.54 -78.33 -37.12
CA LEU I 681 48.04 -78.36 -38.48
C LEU I 681 48.63 -79.71 -38.84
N VAL I 682 49.24 -80.42 -37.89
CA VAL I 682 49.95 -81.67 -38.17
C VAL I 682 49.32 -82.86 -37.45
N ASP I 683 48.95 -82.67 -36.19
CA ASP I 683 48.39 -83.79 -35.44
C ASP I 683 46.98 -84.15 -35.92
N GLN I 684 46.10 -83.17 -36.02
CA GLN I 684 44.77 -83.46 -36.54
C GLN I 684 44.74 -83.56 -38.06
N ASN I 685 45.82 -83.20 -38.75
CA ASN I 685 45.98 -83.45 -40.17
C ASN I 685 47.14 -84.42 -40.29
N LYS I 686 46.84 -85.71 -40.13
CA LYS I 686 47.86 -86.74 -40.34
C LYS I 686 47.52 -87.66 -41.50
N GLY I 687 46.35 -88.29 -41.49
CA GLY I 687 45.92 -89.08 -42.61
C GLY I 687 45.07 -88.27 -43.57
N ALA I 688 45.67 -87.78 -44.65
CA ALA I 688 44.98 -86.92 -45.61
C ALA I 688 44.80 -87.67 -46.92
N LYS I 689 43.57 -87.65 -47.43
CA LYS I 689 43.26 -88.32 -48.70
C LYS I 689 43.63 -87.38 -49.83
N VAL I 690 44.90 -87.43 -50.25
CA VAL I 690 45.37 -86.59 -51.34
C VAL I 690 44.75 -87.07 -52.65
N THR I 691 44.27 -86.12 -53.46
CA THR I 691 43.68 -86.44 -54.74
C THR I 691 44.49 -85.96 -55.94
N GLY I 692 45.39 -85.00 -55.74
CA GLY I 692 46.25 -84.53 -56.81
C GLY I 692 45.66 -83.44 -57.69
N GLU I 693 44.49 -82.93 -57.37
CA GLU I 693 43.92 -81.84 -58.15
C GLU I 693 44.76 -80.58 -57.99
N PRO I 694 45.04 -79.85 -59.06
CA PRO I 694 45.90 -78.67 -58.96
C PRO I 694 45.23 -77.53 -58.21
N LEU I 695 46.07 -76.65 -57.67
CA LEU I 695 45.59 -75.45 -57.00
C LEU I 695 44.86 -74.53 -57.97
N LYS I 696 43.73 -73.99 -57.54
CA LYS I 696 42.84 -73.24 -58.41
C LYS I 696 42.94 -71.74 -58.16
N LYS I 697 42.71 -70.96 -59.21
CA LYS I 697 42.58 -69.52 -59.08
C LYS I 697 41.33 -69.18 -58.30
N VAL I 698 41.38 -68.14 -57.48
CA VAL I 698 40.22 -67.75 -56.70
C VAL I 698 39.53 -66.49 -57.24
N VAL I 699 40.24 -65.65 -57.98
CA VAL I 699 39.73 -64.36 -58.40
C VAL I 699 39.67 -64.37 -59.92
N GLU I 700 38.52 -64.74 -60.48
CA GLU I 700 38.36 -64.69 -61.92
C GLU I 700 38.37 -63.24 -62.41
N ASN I 701 37.72 -62.35 -61.67
CA ASN I 701 37.62 -60.95 -62.04
C ASN I 701 37.96 -60.13 -60.81
N PHE I 702 39.09 -59.42 -60.85
CA PHE I 702 39.46 -58.59 -59.71
C PHE I 702 38.43 -57.50 -59.50
N TYR I 703 37.73 -57.11 -60.56
CA TYR I 703 36.77 -56.03 -60.45
C TYR I 703 35.44 -56.49 -59.87
N PHE I 704 35.08 -57.75 -60.08
CA PHE I 704 33.79 -58.26 -59.62
C PHE I 704 34.02 -59.34 -58.58
N THR I 705 34.24 -58.92 -57.34
CA THR I 705 34.49 -59.85 -56.26
C THR I 705 33.37 -59.91 -55.25
N ASP I 706 32.73 -58.79 -54.93
CA ASP I 706 31.70 -58.73 -53.92
C ASP I 706 30.46 -58.06 -54.50
N VAL I 707 29.44 -57.88 -53.65
CA VAL I 707 28.20 -57.30 -54.11
C VAL I 707 28.33 -55.79 -54.29
N ILE I 708 29.16 -55.13 -53.47
CA ILE I 708 29.35 -53.70 -53.67
C ILE I 708 30.05 -53.46 -55.00
N SER I 709 31.07 -54.26 -55.29
CA SER I 709 31.78 -54.15 -56.56
C SER I 709 30.87 -54.42 -57.74
N ARG I 710 30.06 -55.48 -57.65
CA ARG I 710 29.27 -55.89 -58.79
C ARG I 710 28.16 -54.91 -59.09
N SER I 711 27.74 -54.15 -58.11
CA SER I 711 26.76 -53.10 -58.31
C SER I 711 27.39 -51.81 -58.83
N SER I 712 28.70 -51.69 -58.79
CA SER I 712 29.38 -50.47 -59.16
C SER I 712 29.39 -50.26 -60.66
N PRO I 713 28.88 -49.14 -61.17
CA PRO I 713 29.12 -48.81 -62.57
C PRO I 713 30.59 -48.65 -62.93
N THR I 714 31.41 -48.09 -62.04
CA THR I 714 32.81 -47.86 -62.38
C THR I 714 33.57 -49.16 -62.60
N MET I 715 33.33 -50.18 -61.77
CA MET I 715 33.93 -51.48 -62.02
C MET I 715 33.38 -52.13 -63.28
N ALA I 716 32.16 -51.82 -63.66
CA ALA I 716 31.65 -52.28 -64.95
C ALA I 716 32.50 -51.74 -66.10
N ARG I 717 32.86 -50.46 -66.02
CA ARG I 717 33.70 -49.86 -67.05
C ARG I 717 35.12 -50.37 -66.97
N CYS I 718 35.60 -50.65 -65.76
CA CYS I 718 36.95 -51.17 -65.60
C CYS I 718 37.09 -52.55 -66.20
N SER I 719 36.06 -53.38 -66.07
CA SER I 719 36.10 -54.70 -66.69
C SER I 719 36.01 -54.60 -68.20
N ALA I 720 35.05 -53.81 -68.70
CA ALA I 720 34.84 -53.71 -70.14
C ALA I 720 36.04 -53.10 -70.84
N ALA I 721 36.64 -52.08 -70.25
CA ALA I 721 37.86 -51.49 -70.80
C ALA I 721 39.02 -52.46 -70.75
N LYS I 722 39.18 -53.19 -69.64
CA LYS I 722 40.18 -54.24 -69.59
C LYS I 722 39.99 -55.23 -70.71
N GLU I 723 38.76 -55.68 -70.94
CA GLU I 723 38.54 -56.72 -71.92
C GLU I 723 38.82 -56.23 -73.33
N THR I 724 38.23 -55.10 -73.71
CA THR I 724 38.36 -54.62 -75.07
C THR I 724 39.58 -53.72 -75.26
N GLY I 725 40.34 -53.45 -74.21
CA GLY I 725 41.54 -52.67 -74.32
C GLY I 725 41.26 -51.26 -74.81
N ASP I 726 40.29 -50.59 -74.18
CA ASP I 726 39.91 -49.23 -74.64
C ASP I 726 40.60 -48.16 -73.80
N PRO I 727 41.44 -47.29 -74.40
CA PRO I 727 42.11 -46.20 -73.68
C PRO I 727 41.21 -44.98 -73.49
N ARG I 728 40.09 -44.91 -74.18
CA ARG I 728 39.22 -43.71 -74.13
C ARG I 728 38.66 -43.46 -72.73
N THR I 729 38.80 -42.23 -72.23
CA THR I 729 38.32 -41.85 -70.88
C THR I 729 36.81 -41.93 -70.82
N ASN I 730 36.13 -41.49 -71.88
CA ASN I 730 34.66 -41.55 -71.96
C ASN I 730 34.30 -42.83 -72.68
N PHE I 731 34.59 -43.99 -72.07
CA PHE I 731 34.34 -45.27 -72.69
C PHE I 731 32.90 -45.71 -72.55
N MET I 732 32.33 -45.56 -71.35
CA MET I 732 30.90 -45.72 -71.14
C MET I 732 30.41 -44.61 -70.25
N ALA I 733 30.76 -43.39 -70.63
CA ALA I 733 30.69 -42.23 -69.75
C ALA I 733 30.21 -41.03 -70.53
N PRO I 734 29.78 -39.97 -69.83
CA PRO I 734 29.49 -38.71 -70.51
C PRO I 734 30.70 -38.19 -71.26
N GLY I 735 30.44 -37.55 -72.38
CA GLY I 735 31.47 -36.89 -73.15
C GLY I 735 31.30 -37.11 -74.64
N MET I 736 31.89 -36.21 -75.41
CA MET I 736 31.79 -36.23 -76.85
C MET I 736 32.82 -37.18 -77.43
N GLU I 737 32.43 -37.91 -78.46
CA GLU I 737 33.35 -38.82 -79.11
C GLU I 737 33.28 -38.65 -80.61
N GLU I 738 34.19 -39.33 -81.29
CA GLU I 738 34.11 -39.45 -82.74
C GLU I 738 32.76 -40.04 -83.14
N ASP I 739 32.39 -41.16 -82.53
CA ASP I 739 31.10 -41.79 -82.76
C ASP I 739 30.03 -41.36 -81.78
N ARG I 740 30.30 -40.39 -80.90
CA ARG I 740 29.25 -39.67 -80.19
C ARG I 740 29.45 -38.17 -80.34
N PRO I 741 29.11 -37.60 -81.49
CA PRO I 741 29.11 -36.14 -81.59
C PRO I 741 28.14 -35.49 -80.61
N MET I 742 27.10 -36.20 -80.25
CA MET I 742 26.01 -35.65 -79.47
C MET I 742 26.20 -35.82 -77.98
N GLY I 743 27.00 -36.80 -77.55
CA GLY I 743 27.16 -37.10 -76.15
C GLY I 743 26.35 -38.29 -75.71
N GLN I 744 26.18 -38.39 -74.39
CA GLN I 744 25.62 -39.55 -73.74
C GLN I 744 25.48 -39.21 -72.27
N ILE I 745 24.36 -39.58 -71.65
CA ILE I 745 24.22 -39.36 -70.22
C ILE I 745 24.42 -40.63 -69.40
N ALA I 746 24.48 -41.79 -70.04
CA ALA I 746 24.76 -43.01 -69.30
C ALA I 746 26.18 -43.00 -68.78
N TYR I 747 26.35 -43.31 -67.50
CA TYR I 747 27.64 -43.62 -66.91
C TYR I 747 27.63 -45.08 -66.48
N GLY I 748 28.58 -45.84 -66.99
CA GLY I 748 28.66 -47.25 -66.70
C GLY I 748 28.04 -48.13 -67.75
N ALA I 749 27.48 -47.53 -68.81
CA ALA I 749 26.88 -48.29 -69.88
C ALA I 749 26.91 -47.46 -71.16
N VAL J 52 107.56 -6.15 -70.28
CA VAL J 52 107.39 -7.47 -69.66
C VAL J 52 107.38 -8.56 -70.72
N ARG J 53 106.43 -9.47 -70.62
CA ARG J 53 106.28 -10.58 -71.56
C ARG J 53 104.97 -10.42 -72.32
N THR J 54 105.05 -10.51 -73.65
CA THR J 54 103.87 -10.44 -74.51
C THR J 54 103.50 -11.85 -74.93
N TYR J 55 102.24 -12.22 -74.72
CA TYR J 55 101.79 -13.57 -75.03
C TYR J 55 101.24 -13.65 -76.44
N GLY J 56 101.64 -14.69 -77.16
CA GLY J 56 101.14 -14.93 -78.49
C GLY J 56 102.22 -15.21 -79.52
N GLY J 57 101.80 -15.71 -80.68
CA GLY J 57 102.72 -15.97 -81.76
C GLY J 57 103.72 -17.08 -81.49
N LEU J 58 103.28 -18.17 -80.89
CA LEU J 58 104.18 -19.28 -80.64
C LEU J 58 104.58 -19.95 -81.95
N LYS J 59 105.82 -20.44 -82.00
CA LYS J 59 106.36 -21.00 -83.22
C LYS J 59 105.69 -22.33 -83.57
N ASP J 60 105.89 -22.75 -84.80
CA ASP J 60 105.29 -24.00 -85.28
C ASP J 60 105.89 -25.22 -84.61
N GLN J 61 107.08 -25.10 -84.03
CA GLN J 61 107.74 -26.24 -83.39
C GLN J 61 107.35 -26.39 -81.92
N ASP J 62 106.43 -25.58 -81.42
CA ASP J 62 105.85 -25.75 -80.09
C ASP J 62 104.35 -25.99 -80.14
N ARG J 63 103.84 -26.48 -81.26
CA ARG J 63 102.42 -26.72 -81.41
C ARG J 63 102.06 -28.15 -80.99
N ILE J 64 100.76 -28.45 -81.00
CA ILE J 64 100.29 -29.76 -80.56
C ILE J 64 99.63 -30.49 -81.71
N PHE J 65 98.54 -29.91 -82.23
CA PHE J 65 97.75 -30.56 -83.28
C PHE J 65 98.32 -30.16 -84.64
N GLN J 66 99.42 -30.82 -85.01
CA GLN J 66 100.12 -30.49 -86.24
C GLN J 66 99.27 -30.73 -87.47
N ASN J 67 98.51 -31.82 -87.49
CA ASN J 67 97.81 -32.24 -88.71
C ASN J 67 96.45 -31.57 -88.84
N LEU J 68 96.27 -30.42 -88.19
CA LEU J 68 94.96 -29.77 -88.18
C LEU J 68 94.49 -29.40 -89.58
N TYR J 69 95.42 -29.14 -90.50
CA TYR J 69 95.07 -28.72 -91.85
C TYR J 69 95.06 -29.86 -92.85
N GLY J 70 95.08 -31.11 -92.38
CA GLY J 70 94.99 -32.24 -93.28
C GLY J 70 96.18 -32.43 -94.19
N ARG J 71 97.40 -32.24 -93.68
CA ARG J 71 98.59 -32.48 -94.47
C ARG J 71 98.92 -33.97 -94.56
N TYR J 72 98.43 -34.79 -93.64
CA TYR J 72 98.72 -36.21 -93.65
C TYR J 72 97.42 -37.00 -93.56
N PRO J 73 97.38 -38.21 -94.12
CA PRO J 73 96.21 -39.06 -93.93
C PRO J 73 96.11 -39.52 -92.49
N PRO J 74 94.91 -39.80 -92.01
CA PRO J 74 94.72 -40.14 -90.59
C PRO J 74 95.20 -41.53 -90.19
N ASP J 75 95.88 -42.26 -91.05
CA ASP J 75 96.25 -43.63 -90.71
C ASP J 75 97.35 -43.66 -89.65
N LEU J 76 97.54 -44.83 -89.05
CA LEU J 76 98.49 -44.96 -87.95
C LEU J 76 99.93 -44.74 -88.41
N LYS J 77 100.25 -45.16 -89.63
CA LYS J 77 101.62 -45.05 -90.10
C LYS J 77 102.11 -43.62 -90.10
N HIS J 78 101.29 -42.68 -90.58
CA HIS J 78 101.69 -41.28 -90.54
C HIS J 78 101.64 -40.73 -89.13
N ALA J 79 100.78 -41.30 -88.27
CA ALA J 79 100.69 -40.82 -86.89
C ALA J 79 102.00 -41.06 -86.14
N LYS J 80 102.64 -42.20 -86.37
CA LYS J 80 103.91 -42.47 -85.70
C LYS J 80 105.00 -41.49 -86.14
N LYS J 81 104.89 -40.93 -87.34
CA LYS J 81 105.80 -39.85 -87.72
C LYS J 81 105.58 -38.59 -86.89
N MET J 82 104.41 -38.45 -86.27
CA MET J 82 104.06 -37.26 -85.51
C MET J 82 104.31 -37.45 -84.01
N GLY J 83 104.92 -38.57 -83.61
CA GLY J 83 105.24 -38.81 -82.23
C GLY J 83 104.20 -39.57 -81.43
N ASP J 84 103.10 -40.00 -82.06
CA ASP J 84 102.11 -40.77 -81.34
C ASP J 84 102.57 -42.21 -81.15
N TRP J 85 102.27 -42.76 -79.97
CA TRP J 85 102.69 -44.10 -79.57
C TRP J 85 104.21 -44.26 -79.71
N TYR J 86 104.95 -43.31 -79.15
CA TYR J 86 106.41 -43.40 -79.21
C TYR J 86 107.04 -43.93 -77.94
N LYS J 87 106.71 -43.39 -76.77
CA LYS J 87 107.23 -43.92 -75.52
C LYS J 87 106.09 -44.29 -74.58
N THR J 88 104.92 -44.61 -75.17
CA THR J 88 103.75 -44.89 -74.35
C THR J 88 103.98 -46.08 -73.43
N LYS J 89 104.79 -47.04 -73.85
CA LYS J 89 105.08 -48.18 -72.99
C LYS J 89 105.77 -47.73 -71.71
N GLU J 90 106.81 -46.90 -71.83
CA GLU J 90 107.48 -46.39 -70.65
C GLU J 90 106.56 -45.52 -69.80
N ILE J 91 105.62 -44.82 -70.44
CA ILE J 91 104.68 -43.99 -69.71
C ILE J 91 103.77 -44.86 -68.85
N LEU J 92 103.30 -45.97 -69.41
CA LEU J 92 102.40 -46.84 -68.66
C LEU J 92 103.10 -47.48 -67.47
N LEU J 93 104.36 -47.89 -67.64
CA LEU J 93 105.08 -48.53 -66.54
C LEU J 93 105.26 -47.58 -65.36
N LYS J 94 105.49 -46.30 -65.63
CA LYS J 94 105.49 -45.32 -64.55
C LYS J 94 104.12 -45.27 -63.90
N GLY J 95 104.11 -45.07 -62.58
CA GLY J 95 102.87 -45.18 -61.84
C GLY J 95 101.88 -44.10 -62.20
N HIS J 96 100.61 -44.37 -61.87
CA HIS J 96 99.53 -43.39 -62.15
C HIS J 96 99.80 -42.11 -61.36
N ASP J 97 100.47 -42.22 -60.21
CA ASP J 97 100.83 -41.02 -59.46
C ASP J 97 101.72 -40.11 -60.29
N TRP J 98 102.67 -40.69 -61.02
CA TRP J 98 103.53 -39.89 -61.88
C TRP J 98 102.73 -39.19 -62.96
N ILE J 99 101.76 -39.89 -63.54
CA ILE J 99 100.93 -39.29 -64.59
C ILE J 99 100.10 -38.15 -64.02
N ILE J 100 99.46 -38.39 -62.88
CA ILE J 100 98.59 -37.37 -62.29
C ILE J 100 99.41 -36.15 -61.89
N GLY J 101 100.54 -36.38 -61.24
CA GLY J 101 101.36 -35.26 -60.80
C GLY J 101 101.92 -34.47 -61.97
N GLU J 102 102.18 -35.14 -63.09
CA GLU J 102 102.68 -34.45 -64.27
C GLU J 102 101.63 -33.50 -64.83
N ILE J 103 100.39 -33.96 -64.93
CA ILE J 103 99.32 -33.10 -65.43
C ILE J 103 98.98 -32.06 -64.37
N LYS J 104 99.32 -32.32 -63.12
CA LYS J 104 99.16 -31.33 -62.07
C LYS J 104 100.09 -30.14 -62.28
N ALA J 105 101.35 -30.42 -62.63
CA ALA J 105 102.31 -29.34 -62.77
C ALA J 105 102.10 -28.55 -64.06
N SER J 106 101.52 -29.18 -65.08
CA SER J 106 101.31 -28.52 -66.35
C SER J 106 100.27 -27.42 -66.27
N GLY J 107 99.48 -27.39 -65.21
CA GLY J 107 98.45 -26.38 -65.11
C GLY J 107 97.30 -26.57 -66.07
N LEU J 108 97.15 -27.77 -66.62
CA LEU J 108 96.11 -28.02 -67.59
C LEU J 108 94.74 -27.82 -66.95
N ARG J 109 93.87 -27.11 -67.65
CA ARG J 109 92.51 -26.91 -67.21
C ARG J 109 91.59 -27.36 -68.32
N GLY J 110 90.43 -27.89 -67.96
CA GLY J 110 89.54 -28.45 -68.94
C GLY J 110 89.03 -27.46 -69.97
N ARG J 111 89.20 -27.78 -71.24
CA ARG J 111 88.67 -26.97 -72.32
C ARG J 111 87.28 -27.40 -72.73
N GLY J 112 86.54 -28.07 -71.84
CA GLY J 112 85.13 -28.26 -72.07
C GLY J 112 84.30 -27.00 -71.87
N GLY J 113 84.77 -26.11 -71.01
CA GLY J 113 84.08 -24.86 -70.77
C GLY J 113 84.19 -24.35 -69.34
N ALA J 114 84.20 -25.27 -68.38
CA ALA J 114 84.32 -24.86 -66.99
C ALA J 114 85.74 -24.49 -66.62
N GLY J 115 86.72 -25.02 -67.35
CA GLY J 115 88.11 -24.69 -67.09
C GLY J 115 88.63 -25.17 -65.75
N PHE J 116 88.16 -26.32 -65.29
CA PHE J 116 88.58 -26.82 -63.99
C PHE J 116 89.98 -27.42 -64.10
N PRO J 117 90.80 -27.31 -63.06
CA PRO J 117 92.12 -27.95 -63.11
C PRO J 117 92.00 -29.44 -63.42
N SER J 118 92.84 -29.91 -64.33
CA SER J 118 92.62 -31.22 -64.92
C SER J 118 93.25 -32.33 -64.10
N GLY J 119 94.49 -32.15 -63.67
CA GLY J 119 95.11 -33.14 -62.82
C GLY J 119 94.34 -33.35 -61.53
N LEU J 120 93.84 -32.27 -60.94
CA LEU J 120 93.05 -32.39 -59.73
C LEU J 120 91.79 -33.20 -59.97
N LYS J 121 91.10 -32.94 -61.09
CA LYS J 121 89.87 -33.65 -61.41
C LYS J 121 90.10 -35.14 -61.57
N TRP J 122 91.15 -35.51 -62.30
CA TRP J 122 91.41 -36.92 -62.54
C TRP J 122 91.85 -37.63 -61.28
N SER J 123 92.48 -36.91 -60.36
CA SER J 123 92.92 -37.48 -59.10
C SER J 123 91.80 -37.66 -58.12
N PHE J 124 90.67 -36.96 -58.33
CA PHE J 124 89.50 -37.18 -57.50
C PHE J 124 88.99 -38.59 -57.64
N MET J 125 89.26 -39.24 -58.75
CA MET J 125 88.73 -40.57 -59.00
C MET J 125 89.56 -41.63 -58.30
N ASN J 126 90.76 -41.29 -57.85
CA ASN J 126 91.64 -42.23 -57.17
C ASN J 126 91.40 -42.08 -55.67
N PHE J 127 90.27 -42.64 -55.21
CA PHE J 127 89.92 -42.56 -53.77
C PHE J 127 90.81 -43.45 -52.89
N LYS J 128 90.64 -43.40 -51.56
CA LYS J 128 91.56 -44.12 -50.64
C LYS J 128 91.56 -45.64 -50.84
N ASP J 129 90.40 -46.27 -50.96
CA ASP J 129 90.33 -47.75 -51.07
C ASP J 129 89.72 -48.08 -52.43
N TRP J 130 90.22 -47.43 -53.48
CA TRP J 130 89.65 -47.59 -54.83
C TRP J 130 89.95 -49.02 -55.28
N ASP J 131 91.16 -49.50 -54.83
CA ASP J 131 91.62 -50.85 -55.24
C ASP J 131 90.64 -51.91 -54.72
N LYS J 132 90.12 -51.77 -53.53
CA LYS J 132 89.30 -52.84 -52.91
C LYS J 132 88.01 -53.09 -53.71
N ASP J 133 87.38 -52.04 -54.21
CA ASP J 133 86.10 -52.18 -54.97
C ASP J 133 86.34 -53.01 -56.22
N ASN J 134 85.40 -53.91 -56.56
CA ASN J 134 85.54 -54.80 -57.75
C ASN J 134 84.81 -54.21 -58.96
N LYS J 135 84.16 -53.05 -58.81
CA LYS J 135 83.37 -52.47 -59.92
C LYS J 135 84.26 -51.97 -61.06
N PRO J 136 83.81 -52.04 -62.33
CA PRO J 136 84.57 -51.47 -63.43
C PRO J 136 84.70 -49.94 -63.31
N ARG J 137 85.79 -49.36 -63.81
CA ARG J 137 86.03 -47.93 -63.79
C ARG J 137 86.12 -47.42 -65.22
N TYR J 138 85.49 -46.27 -65.48
CA TYR J 138 85.25 -45.80 -66.85
C TYR J 138 85.81 -44.40 -67.04
N LEU J 139 86.45 -44.19 -68.17
CA LEU J 139 86.80 -42.85 -68.63
C LEU J 139 85.83 -42.48 -69.75
N VAL J 140 84.94 -41.55 -69.47
CA VAL J 140 83.97 -41.11 -70.46
C VAL J 140 84.52 -39.85 -71.10
N VAL J 141 84.54 -39.82 -72.44
CA VAL J 141 85.25 -38.80 -73.19
C VAL J 141 84.25 -37.96 -73.97
N ASN J 142 84.27 -36.65 -73.73
CA ASN J 142 83.23 -35.74 -74.21
C ASN J 142 83.56 -35.32 -75.63
N ALA J 143 83.13 -36.14 -76.60
CA ALA J 143 83.29 -35.84 -78.01
C ALA J 143 82.07 -35.16 -78.61
N ASP J 144 81.08 -34.82 -77.79
CA ASP J 144 79.90 -34.06 -78.28
C ASP J 144 80.23 -32.56 -78.17
N GLU J 145 80.40 -31.85 -79.29
CA GLU J 145 80.61 -30.41 -79.25
C GLU J 145 79.38 -29.76 -79.84
N GLY J 146 78.50 -29.27 -78.96
CA GLY J 146 77.22 -28.69 -79.41
C GLY J 146 77.18 -27.20 -79.22
N GLU J 147 78.16 -26.67 -78.47
CA GLU J 147 78.20 -25.22 -78.16
C GLU J 147 78.25 -24.44 -79.47
N PRO J 148 77.27 -23.59 -79.84
CA PRO J 148 77.35 -22.84 -81.09
C PRO J 148 78.65 -22.04 -81.23
N GLY J 149 79.22 -22.04 -82.43
CA GLY J 149 80.49 -21.33 -82.68
C GLY J 149 81.67 -22.26 -82.52
N THR J 150 81.47 -23.42 -81.90
CA THR J 150 82.61 -24.32 -81.61
C THR J 150 82.78 -25.33 -82.75
N CYS J 151 84.03 -25.63 -83.11
CA CYS J 151 84.31 -26.65 -84.10
C CYS J 151 85.63 -27.36 -83.85
N LYS J 152 86.25 -27.17 -82.68
CA LYS J 152 87.58 -27.74 -82.48
C LYS J 152 87.57 -29.26 -82.57
N ASP J 153 86.68 -29.92 -81.81
CA ASP J 153 86.76 -31.37 -81.68
C ASP J 153 86.42 -32.07 -82.99
N ARG J 154 85.60 -31.46 -83.82
CA ARG J 154 85.37 -31.98 -85.17
C ARG J 154 86.69 -32.11 -85.90
N GLU J 155 87.58 -31.14 -85.73
CA GLU J 155 88.89 -31.21 -86.35
C GLU J 155 89.78 -32.25 -85.70
N ILE J 156 89.66 -32.43 -84.39
CA ILE J 156 90.54 -33.36 -83.71
C ILE J 156 90.27 -34.79 -84.16
N MET J 157 88.99 -35.17 -84.24
CA MET J 157 88.68 -36.54 -84.60
C MET J 157 88.81 -36.80 -86.09
N ARG J 158 88.51 -35.82 -86.94
CA ARG J 158 88.54 -36.03 -88.37
C ARG J 158 89.94 -35.93 -88.94
N LYS J 159 90.87 -35.30 -88.23
CA LYS J 159 92.21 -35.09 -88.73
C LYS J 159 93.25 -35.92 -87.99
N ASP J 160 93.34 -35.80 -86.67
CA ASP J 160 94.37 -36.48 -85.89
C ASP J 160 93.70 -37.36 -84.83
N PRO J 161 93.29 -38.57 -85.21
CA PRO J 161 92.52 -39.42 -84.30
C PRO J 161 93.37 -40.18 -83.32
N HIS J 162 94.56 -40.63 -83.73
CA HIS J 162 95.39 -41.44 -82.85
C HIS J 162 95.91 -40.66 -81.66
N LYS J 163 95.86 -39.33 -81.71
CA LYS J 163 96.16 -38.53 -80.53
C LYS J 163 95.10 -38.73 -79.45
N LEU J 164 93.83 -38.75 -79.84
CA LEU J 164 92.78 -39.01 -78.87
C LEU J 164 92.86 -40.44 -78.37
N VAL J 165 93.14 -41.37 -79.28
CA VAL J 165 93.12 -42.78 -78.94
C VAL J 165 94.15 -43.09 -77.86
N GLU J 166 95.35 -42.50 -77.98
CA GLU J 166 96.33 -42.67 -76.93
C GLU J 166 95.95 -41.87 -75.69
N GLY J 167 95.26 -40.75 -75.86
CA GLY J 167 94.82 -39.98 -74.72
C GLY J 167 93.85 -40.73 -73.84
N CYS J 168 93.05 -41.60 -74.45
CA CYS J 168 92.13 -42.41 -73.68
C CYS J 168 92.89 -43.35 -72.74
N LEU J 169 93.97 -43.94 -73.23
CA LEU J 169 94.79 -44.80 -72.40
C LEU J 169 95.50 -44.02 -71.32
N VAL J 170 96.14 -42.90 -71.69
CA VAL J 170 96.98 -42.18 -70.73
C VAL J 170 96.12 -41.48 -69.68
N ALA J 171 95.03 -40.84 -70.10
CA ALA J 171 94.07 -40.38 -69.11
C ALA J 171 93.50 -41.55 -68.34
N GLY J 172 93.27 -42.67 -69.02
CA GLY J 172 92.77 -43.85 -68.33
C GLY J 172 93.73 -44.38 -67.30
N ARG J 173 94.97 -44.63 -67.69
CA ARG J 173 95.98 -45.12 -66.75
C ARG J 173 96.21 -44.15 -65.60
N ALA J 174 96.12 -42.86 -65.88
CA ALA J 174 96.19 -41.86 -64.82
C ALA J 174 95.16 -42.15 -63.74
N MET J 175 93.89 -42.09 -64.11
CA MET J 175 92.78 -42.41 -63.25
C MET J 175 92.51 -43.91 -63.18
N ASN J 176 93.45 -44.72 -63.67
CA ASN J 176 93.42 -46.19 -63.61
C ASN J 176 92.02 -46.74 -63.83
N ALA J 177 91.41 -46.29 -64.91
CA ALA J 177 90.16 -46.86 -65.38
C ALA J 177 90.45 -48.07 -66.22
N THR J 178 89.43 -48.89 -66.41
CA THR J 178 89.54 -50.14 -67.14
C THR J 178 88.84 -50.11 -68.49
N ALA J 179 88.16 -49.02 -68.83
CA ALA J 179 87.53 -48.90 -70.13
C ALA J 179 87.22 -47.43 -70.38
N ALA J 180 87.41 -47.02 -71.63
CA ALA J 180 87.08 -45.67 -72.07
C ALA J 180 85.88 -45.70 -73.00
N TYR J 181 85.04 -44.69 -72.87
CA TYR J 181 83.91 -44.49 -73.78
C TYR J 181 84.06 -43.13 -74.44
N ILE J 182 83.89 -43.08 -75.75
CA ILE J 182 83.95 -41.84 -76.51
C ILE J 182 82.53 -41.54 -76.98
N TYR J 183 81.94 -40.46 -76.45
CA TYR J 183 80.59 -40.09 -76.83
C TYR J 183 80.63 -39.04 -77.91
N ILE J 184 80.41 -39.44 -79.14
CA ILE J 184 80.52 -38.54 -80.27
C ILE J 184 79.14 -37.99 -80.62
N ARG J 185 79.12 -36.71 -80.96
CA ARG J 185 77.97 -36.09 -81.60
C ARG J 185 77.38 -36.98 -82.68
N GLY J 186 76.04 -37.06 -82.70
CA GLY J 186 75.38 -37.91 -83.67
C GLY J 186 75.50 -37.38 -85.08
N GLU J 187 75.71 -36.09 -85.23
CA GLU J 187 75.87 -35.51 -86.56
C GLU J 187 77.22 -35.84 -87.15
N PHE J 188 78.23 -36.02 -86.31
CA PHE J 188 79.61 -36.25 -86.77
C PHE J 188 79.78 -37.70 -87.20
N TYR J 189 78.93 -38.12 -88.13
CA TYR J 189 78.93 -39.51 -88.53
C TYR J 189 80.18 -39.84 -89.32
N GLN J 190 80.64 -38.93 -90.17
CA GLN J 190 81.91 -39.15 -90.85
C GLN J 190 83.07 -39.09 -89.85
N GLU J 191 83.00 -38.18 -88.90
CA GLU J 191 84.04 -38.05 -87.88
C GLU J 191 84.14 -39.32 -87.04
N ALA J 192 83.01 -39.92 -86.70
CA ALA J 192 83.02 -41.15 -85.92
C ALA J 192 83.66 -42.30 -86.68
N ALA J 193 83.36 -42.42 -87.98
CA ALA J 193 83.90 -43.53 -88.76
C ALA J 193 85.41 -43.46 -88.84
N ILE J 194 85.96 -42.25 -88.97
CA ILE J 194 87.40 -42.09 -88.94
C ILE J 194 87.94 -42.50 -87.58
N LEU J 195 87.30 -42.06 -86.50
CA LEU J 195 87.80 -42.34 -85.16
C LEU J 195 87.77 -43.82 -84.85
N GLN J 196 86.74 -44.54 -85.31
CA GLN J 196 86.68 -45.97 -85.06
C GLN J 196 87.77 -46.71 -85.83
N ASN J 197 87.98 -46.34 -87.10
CA ASN J 197 89.02 -46.99 -87.88
C ASN J 197 90.37 -46.80 -87.22
N ALA J 198 90.57 -45.65 -86.59
CA ALA J 198 91.75 -45.46 -85.75
C ALA J 198 91.76 -46.41 -84.58
N ILE J 199 90.59 -46.67 -84.00
CA ILE J 199 90.52 -47.58 -82.86
C ILE J 199 90.85 -49.00 -83.29
N ASN J 200 90.36 -49.42 -84.45
CA ASN J 200 90.62 -50.78 -84.91
C ASN J 200 92.10 -51.05 -85.08
N GLU J 201 92.81 -50.10 -85.70
CA GLU J 201 94.25 -50.26 -85.85
C GLU J 201 94.93 -50.24 -84.50
N ALA J 202 94.43 -49.44 -83.57
CA ALA J 202 94.98 -49.42 -82.22
C ALA J 202 94.83 -50.78 -81.54
N TYR J 203 93.71 -51.46 -81.75
CA TYR J 203 93.60 -52.83 -81.27
C TYR J 203 94.50 -53.77 -82.08
N ALA J 204 94.55 -53.57 -83.40
CA ALA J 204 95.28 -54.49 -84.25
C ALA J 204 96.77 -54.51 -83.94
N GLU J 205 97.36 -53.35 -83.73
CA GLU J 205 98.79 -53.27 -83.43
C GLU J 205 99.10 -53.53 -81.96
N GLY J 206 98.11 -53.84 -81.15
CA GLY J 206 98.35 -54.11 -79.75
C GLY J 206 98.47 -52.90 -78.87
N LEU J 207 98.19 -51.70 -79.40
CA LEU J 207 98.29 -50.50 -78.58
C LEU J 207 97.19 -50.45 -77.52
N ILE J 208 95.98 -50.89 -77.85
CA ILE J 208 94.87 -50.91 -76.91
C ILE J 208 94.20 -52.27 -76.95
N GLY J 209 93.95 -52.83 -75.78
CA GLY J 209 93.34 -54.14 -75.66
C GLY J 209 93.74 -54.80 -74.35
N LYS J 210 93.83 -56.13 -74.41
CA LYS J 210 94.17 -56.92 -73.23
C LYS J 210 95.60 -56.70 -72.75
N ASN J 211 96.47 -56.13 -73.58
CA ASN J 211 97.83 -55.84 -73.16
C ASN J 211 98.31 -54.62 -73.95
N ALA J 212 98.16 -53.45 -73.37
CA ALA J 212 98.42 -52.20 -74.06
C ALA J 212 99.92 -51.99 -74.16
N CYS J 213 100.48 -52.16 -75.35
CA CYS J 213 101.90 -51.94 -75.61
C CYS J 213 102.77 -52.81 -74.71
N GLY J 214 102.27 -53.99 -74.34
CA GLY J 214 103.05 -54.90 -73.52
C GLY J 214 103.29 -54.43 -72.10
N SER J 215 102.43 -53.55 -71.58
CA SER J 215 102.61 -52.99 -70.25
C SER J 215 101.87 -53.78 -69.18
N GLY J 216 101.11 -54.80 -69.54
CA GLY J 216 100.30 -55.49 -68.57
C GLY J 216 99.10 -54.72 -68.09
N TYR J 217 98.64 -53.75 -68.87
CA TYR J 217 97.47 -52.95 -68.54
C TYR J 217 96.27 -53.38 -69.38
N ASP J 218 95.11 -53.42 -68.75
CA ASP J 218 93.86 -53.74 -69.44
C ASP J 218 93.12 -52.45 -69.72
N PHE J 219 92.98 -52.12 -70.99
CA PHE J 219 92.21 -50.94 -71.39
C PHE J 219 91.66 -51.13 -72.77
N ASP J 220 90.41 -50.72 -72.96
CA ASP J 220 89.77 -50.82 -74.27
C ASP J 220 88.96 -49.56 -74.53
N VAL J 221 88.72 -49.29 -75.82
CA VAL J 221 88.10 -48.05 -76.26
C VAL J 221 86.89 -48.35 -77.11
N TYR J 222 85.76 -47.72 -76.76
CA TYR J 222 84.54 -47.84 -77.54
C TYR J 222 84.00 -46.46 -77.85
N ILE J 223 83.31 -46.36 -78.98
CA ILE J 223 82.60 -45.14 -79.39
C ILE J 223 81.11 -45.35 -79.23
N HIS J 224 80.45 -44.36 -78.66
CA HIS J 224 79.00 -44.36 -78.50
C HIS J 224 78.48 -43.06 -79.09
N ARG J 225 77.98 -43.11 -80.31
CA ARG J 225 77.48 -41.90 -80.95
C ARG J 225 76.20 -41.42 -80.27
N GLY J 226 76.03 -40.10 -80.24
CA GLY J 226 74.80 -39.50 -79.76
C GLY J 226 73.74 -39.45 -80.84
N ALA J 227 72.64 -38.79 -80.52
CA ALA J 227 71.52 -38.73 -81.44
C ALA J 227 70.87 -37.36 -81.46
N GLY J 228 71.62 -36.30 -81.24
CA GLY J 228 71.05 -34.98 -81.38
C GLY J 228 70.51 -34.35 -80.12
N ALA J 229 71.37 -34.13 -79.14
CA ALA J 229 70.93 -33.39 -77.94
C ALA J 229 72.15 -32.64 -77.40
N TYR J 230 72.07 -31.31 -77.36
CA TYR J 230 73.18 -30.47 -76.83
C TYR J 230 73.24 -30.61 -75.30
N VAL J 231 72.14 -31.01 -74.68
CA VAL J 231 72.19 -31.23 -73.21
C VAL J 231 73.11 -32.42 -72.95
N CYS J 232 73.40 -33.22 -73.96
CA CYS J 232 74.13 -34.52 -73.83
C CYS J 232 75.61 -34.20 -73.92
N GLY J 233 76.00 -33.04 -73.40
CA GLY J 233 77.42 -32.65 -73.36
C GLY J 233 77.67 -32.39 -71.91
N GLU J 234 76.58 -32.15 -71.19
CA GLU J 234 76.72 -32.04 -69.75
C GLU J 234 77.16 -33.38 -69.15
N GLU J 235 78.05 -33.31 -68.17
CA GLU J 235 78.78 -34.50 -67.77
C GLU J 235 77.88 -35.57 -67.13
N THR J 236 76.92 -35.18 -66.29
CA THR J 236 75.98 -36.19 -65.80
C THR J 236 74.93 -36.55 -66.83
N SER J 237 74.59 -35.62 -67.73
CA SER J 237 73.73 -35.95 -68.84
C SER J 237 74.42 -36.91 -69.80
N LEU J 238 75.73 -36.74 -69.96
CA LEU J 238 76.49 -37.63 -70.83
C LEU J 238 76.52 -39.04 -70.28
N ILE J 239 76.52 -39.17 -68.96
CA ILE J 239 76.48 -40.49 -68.34
C ILE J 239 75.16 -41.17 -68.63
N GLU J 240 74.05 -40.47 -68.39
CA GLU J 240 72.73 -41.08 -68.53
C GLU J 240 72.49 -41.50 -69.97
N SER J 241 72.85 -40.66 -70.94
CA SER J 241 72.58 -40.99 -72.34
C SER J 241 73.29 -42.26 -72.76
N LEU J 242 74.56 -42.39 -72.40
CA LEU J 242 75.31 -43.60 -72.70
C LEU J 242 74.77 -44.80 -71.96
N GLU J 243 74.10 -44.57 -70.84
CA GLU J 243 73.47 -45.63 -70.09
C GLU J 243 72.20 -46.14 -70.75
N GLY J 244 71.66 -45.42 -71.71
CA GLY J 244 70.47 -45.82 -72.40
C GLY J 244 69.20 -45.12 -72.00
N LYS J 245 69.27 -43.87 -71.54
CA LYS J 245 68.14 -43.07 -71.10
C LYS J 245 68.11 -41.74 -71.82
N PRO J 246 67.02 -40.97 -71.75
CA PRO J 246 67.07 -39.58 -72.18
C PRO J 246 68.12 -38.80 -71.38
N GLY J 247 68.85 -37.93 -72.08
CA GLY J 247 69.99 -37.27 -71.50
C GLY J 247 69.67 -36.17 -70.51
N LYS J 248 68.96 -36.51 -69.45
CA LYS J 248 68.67 -35.55 -68.40
C LYS J 248 69.73 -35.66 -67.32
N PRO J 249 70.37 -34.54 -66.92
CA PRO J 249 71.43 -34.58 -65.93
C PRO J 249 71.03 -35.02 -64.53
N ARG J 250 71.94 -35.67 -63.83
CA ARG J 250 71.77 -36.01 -62.42
C ARG J 250 72.14 -34.82 -61.53
N LEU J 251 71.71 -34.89 -60.27
CA LEU J 251 72.14 -33.87 -59.27
C LEU J 251 73.39 -34.40 -58.58
N LYS J 252 74.34 -33.53 -58.26
CA LYS J 252 75.52 -33.96 -57.46
C LYS J 252 75.44 -33.17 -56.16
N PRO J 253 75.10 -33.76 -54.99
CA PRO J 253 75.96 -34.60 -54.17
C PRO J 253 76.46 -35.95 -54.67
N PRO J 254 75.71 -36.83 -55.38
CA PRO J 254 76.33 -38.03 -55.95
C PRO J 254 77.38 -37.55 -56.96
N PHE J 255 78.68 -37.69 -56.68
CA PHE J 255 79.59 -37.19 -57.70
C PHE J 255 80.12 -38.33 -58.54
N PRO J 256 80.29 -38.09 -59.84
CA PRO J 256 80.54 -39.19 -60.76
C PRO J 256 81.83 -39.92 -60.53
N ALA J 257 82.78 -39.31 -59.81
CA ALA J 257 84.00 -40.02 -59.46
C ALA J 257 83.71 -41.20 -58.56
N ALA J 258 82.52 -41.24 -57.96
CA ALA J 258 82.06 -42.36 -57.16
C ALA J 258 80.96 -43.15 -57.84
N VAL J 259 79.88 -42.50 -58.22
CA VAL J 259 78.72 -43.15 -58.81
C VAL J 259 78.49 -42.49 -60.15
N GLY J 260 79.03 -43.09 -61.20
CA GLY J 260 79.04 -42.47 -62.50
C GLY J 260 78.32 -43.28 -63.54
N LEU J 261 79.06 -43.90 -64.44
CA LEU J 261 78.49 -44.69 -65.52
C LEU J 261 78.19 -46.10 -65.03
N PHE J 262 76.94 -46.52 -65.15
CA PHE J 262 76.42 -47.75 -64.52
C PHE J 262 76.68 -47.77 -63.03
N GLY J 263 76.67 -46.59 -62.40
CA GLY J 263 76.92 -46.48 -60.98
C GLY J 263 78.33 -46.81 -60.55
N CYS J 264 79.26 -46.83 -61.46
CA CYS J 264 80.66 -47.13 -61.28
C CYS J 264 81.47 -45.85 -61.24
N PRO J 265 82.69 -45.87 -60.69
CA PRO J 265 83.51 -44.66 -60.67
C PRO J 265 83.95 -44.26 -62.08
N SER J 266 83.71 -43.01 -62.43
CA SER J 266 83.91 -42.54 -63.79
C SER J 266 84.41 -41.10 -63.78
N THR J 267 85.04 -40.71 -64.88
CA THR J 267 85.45 -39.34 -65.11
C THR J 267 85.05 -38.95 -66.52
N VAL J 268 84.50 -37.75 -66.67
CA VAL J 268 84.17 -37.20 -67.98
C VAL J 268 85.16 -36.09 -68.27
N ALA J 269 85.85 -36.20 -69.40
CA ALA J 269 86.81 -35.18 -69.82
C ALA J 269 86.64 -34.91 -71.31
N ASN J 270 86.80 -33.65 -71.67
CA ASN J 270 86.64 -33.21 -73.04
C ASN J 270 87.72 -33.77 -73.93
N VAL J 271 87.42 -33.85 -75.22
CA VAL J 271 88.38 -34.34 -76.21
C VAL J 271 89.72 -33.64 -76.06
N GLU J 272 89.73 -32.33 -76.23
CA GLU J 272 90.96 -31.59 -76.37
C GLU J 272 91.81 -31.68 -75.12
N THR J 273 91.18 -31.72 -73.94
CA THR J 273 91.91 -31.94 -72.71
C THR J 273 92.54 -33.32 -72.69
N VAL J 274 91.80 -34.34 -73.11
CA VAL J 274 92.34 -35.69 -73.11
C VAL J 274 93.43 -35.84 -74.16
N SER J 275 93.22 -35.25 -75.33
CA SER J 275 94.15 -35.42 -76.44
C SER J 275 95.49 -34.78 -76.18
N VAL J 276 95.55 -33.74 -75.34
CA VAL J 276 96.82 -33.09 -75.05
C VAL J 276 97.59 -33.78 -73.94
N ALA J 277 96.99 -34.72 -73.23
CA ALA J 277 97.70 -35.41 -72.16
C ALA J 277 98.92 -36.18 -72.64
N PRO J 278 98.85 -37.00 -73.70
CA PRO J 278 100.04 -37.76 -74.08
C PRO J 278 101.25 -36.90 -74.41
N THR J 279 101.04 -35.74 -75.03
CA THR J 279 102.16 -34.89 -75.39
C THR J 279 102.77 -34.24 -74.16
N ILE J 280 101.93 -33.74 -73.25
CA ILE J 280 102.45 -33.11 -72.04
C ILE J 280 103.24 -34.11 -71.21
N CYS J 281 102.87 -35.39 -71.27
CA CYS J 281 103.69 -36.40 -70.63
C CYS J 281 105.02 -36.57 -71.34
N ARG J 282 104.99 -36.70 -72.67
CA ARG J 282 106.23 -36.96 -73.38
C ARG J 282 107.09 -35.72 -73.54
N ARG J 283 106.48 -34.53 -73.55
CA ARG J 283 107.24 -33.29 -73.62
C ARG J 283 107.46 -32.63 -72.26
N GLY J 284 106.65 -32.94 -71.27
CA GLY J 284 106.86 -32.38 -69.95
C GLY J 284 105.91 -31.25 -69.62
N GLY J 285 105.37 -31.26 -68.40
CA GLY J 285 104.44 -30.24 -68.00
C GLY J 285 105.05 -28.87 -67.80
N ALA J 286 106.35 -28.82 -67.49
CA ALA J 286 107.02 -27.53 -67.44
C ALA J 286 106.99 -26.85 -68.81
N TRP J 287 107.18 -27.64 -69.86
CA TRP J 287 107.13 -27.08 -71.20
C TRP J 287 105.75 -26.57 -71.54
N PHE J 288 104.71 -27.28 -71.09
CA PHE J 288 103.35 -26.79 -71.25
C PHE J 288 103.14 -25.50 -70.49
N ALA J 289 103.63 -25.45 -69.25
CA ALA J 289 103.47 -24.30 -68.37
C ALA J 289 104.30 -23.10 -68.81
N SER J 290 105.19 -23.29 -69.79
CA SER J 290 105.88 -22.14 -70.36
C SER J 290 104.89 -21.16 -70.97
N PHE J 291 103.91 -21.71 -71.68
CA PHE J 291 102.90 -20.86 -72.37
C PHE J 291 101.82 -20.43 -71.39
N GLY J 292 101.20 -19.28 -71.64
CA GLY J 292 100.09 -18.80 -70.81
C GLY J 292 100.50 -18.01 -69.59
N ARG J 293 99.52 -17.45 -68.89
CA ARG J 293 99.79 -16.65 -67.66
C ARG J 293 99.91 -17.59 -66.47
N GLU J 294 99.98 -17.05 -65.25
CA GLU J 294 100.23 -17.89 -64.06
C GLU J 294 99.15 -18.97 -63.87
N ARG J 295 97.88 -18.64 -64.12
CA ARG J 295 96.85 -19.71 -63.96
C ARG J 295 96.26 -20.05 -65.32
N ASN J 296 96.85 -19.55 -66.41
CA ASN J 296 96.24 -19.77 -67.74
C ASN J 296 97.28 -20.36 -68.66
N HIS J 297 97.85 -21.51 -68.31
CA HIS J 297 98.96 -22.05 -69.08
C HIS J 297 98.46 -22.79 -70.32
N GLY J 298 99.39 -23.02 -71.24
CA GLY J 298 99.17 -23.90 -72.37
C GLY J 298 98.78 -23.17 -73.63
N THR J 299 98.67 -23.96 -74.68
CA THR J 299 98.08 -23.55 -75.95
C THR J 299 96.62 -23.94 -75.95
N LYS J 300 95.88 -23.47 -76.95
CA LYS J 300 94.48 -23.84 -76.99
C LYS J 300 93.91 -23.53 -78.36
N LEU J 301 92.87 -24.27 -78.75
CA LEU J 301 92.31 -24.22 -80.09
C LEU J 301 91.17 -23.22 -80.16
N PHE J 302 91.28 -22.24 -81.05
CA PHE J 302 90.34 -21.15 -81.14
C PHE J 302 89.55 -21.28 -82.43
N CYS J 303 88.22 -21.25 -82.33
CA CYS J 303 87.36 -21.16 -83.49
C CYS J 303 87.01 -19.70 -83.71
N ILE J 304 87.51 -19.12 -84.79
CA ILE J 304 87.28 -17.72 -85.09
C ILE J 304 86.27 -17.69 -86.21
N SER J 305 85.01 -17.48 -85.85
CA SER J 305 83.91 -17.52 -86.79
C SER J 305 83.15 -16.22 -86.73
N GLY J 306 82.33 -15.98 -87.74
CA GLY J 306 81.51 -14.80 -87.78
C GLY J 306 81.96 -13.79 -88.81
N HIS J 307 82.05 -12.51 -88.41
CA HIS J 307 82.33 -11.41 -89.38
C HIS J 307 83.81 -11.07 -89.54
N VAL J 308 84.67 -12.03 -89.83
CA VAL J 308 86.06 -11.80 -90.18
C VAL J 308 86.23 -12.25 -91.62
N ASN J 309 87.27 -11.72 -92.27
CA ASN J 309 87.45 -11.96 -93.70
C ASN J 309 87.68 -13.43 -93.99
N ASN J 310 88.47 -14.11 -93.16
CA ASN J 310 88.82 -15.50 -93.39
C ASN J 310 88.60 -16.29 -92.10
N PRO J 311 87.39 -16.80 -91.88
CA PRO J 311 87.12 -17.53 -90.64
C PRO J 311 87.65 -18.94 -90.71
N CYS J 312 88.26 -19.39 -89.63
CA CYS J 312 88.95 -20.67 -89.57
C CYS J 312 89.17 -21.02 -88.09
N THR J 313 89.96 -22.05 -87.86
CA THR J 313 90.37 -22.43 -86.51
C THR J 313 91.87 -22.68 -86.50
N VAL J 314 92.54 -22.14 -85.48
CA VAL J 314 93.98 -22.25 -85.32
C VAL J 314 94.29 -22.36 -83.83
N GLU J 315 95.34 -23.10 -83.50
CA GLU J 315 95.75 -23.21 -82.11
C GLU J 315 96.78 -22.15 -81.78
N GLU J 316 96.70 -21.63 -80.56
CA GLU J 316 97.49 -20.48 -80.17
C GLU J 316 97.65 -20.50 -78.66
N GLU J 317 98.65 -19.79 -78.19
CA GLU J 317 98.94 -19.75 -76.76
C GLU J 317 97.81 -19.05 -75.99
N MET J 318 97.47 -19.61 -74.83
CA MET J 318 96.52 -18.98 -73.95
C MET J 318 97.02 -17.59 -73.55
N SER J 319 96.06 -16.73 -73.22
CA SER J 319 96.29 -15.31 -72.92
C SER J 319 96.76 -14.52 -74.13
N ILE J 320 96.53 -15.00 -75.34
CA ILE J 320 96.79 -14.14 -76.49
C ILE J 320 95.80 -13.00 -76.48
N PRO J 321 96.22 -11.75 -76.68
CA PRO J 321 95.25 -10.66 -76.73
C PRO J 321 94.28 -10.85 -77.89
N MET J 322 93.02 -10.49 -77.65
CA MET J 322 92.01 -10.64 -78.68
C MET J 322 92.40 -9.89 -79.94
N ARG J 323 92.94 -8.69 -79.77
CA ARG J 323 93.36 -7.92 -80.94
C ARG J 323 94.44 -8.66 -81.70
N GLU J 324 95.42 -9.23 -80.99
CA GLU J 324 96.53 -9.89 -81.65
C GLU J 324 96.10 -11.07 -82.49
N LEU J 325 94.91 -11.61 -82.24
CA LEU J 325 94.57 -12.93 -82.77
C LEU J 325 93.83 -12.86 -84.10
N ILE J 326 92.78 -12.03 -84.19
CA ILE J 326 91.88 -12.14 -85.33
C ILE J 326 92.51 -11.56 -86.60
N GLU J 327 93.23 -10.44 -86.49
CA GLU J 327 93.79 -9.90 -87.73
C GLU J 327 95.19 -10.42 -88.03
N LYS J 328 95.67 -11.41 -87.29
CA LYS J 328 96.92 -12.07 -87.65
C LYS J 328 96.74 -13.51 -88.09
N HIS J 329 95.81 -14.24 -87.50
CA HIS J 329 95.56 -15.61 -87.94
C HIS J 329 94.31 -15.76 -88.78
N CYS J 330 93.57 -14.68 -89.04
CA CYS J 330 92.30 -14.80 -89.74
C CYS J 330 92.08 -13.76 -90.82
N GLY J 331 93.08 -12.96 -91.18
CA GLY J 331 92.91 -11.96 -92.21
C GLY J 331 92.21 -10.70 -91.77
N GLY J 332 91.84 -10.58 -90.50
CA GLY J 332 91.21 -9.38 -90.00
C GLY J 332 89.70 -9.49 -89.93
N VAL J 333 89.12 -8.61 -89.12
CA VAL J 333 87.68 -8.42 -89.09
C VAL J 333 87.25 -7.73 -90.39
N ARG J 334 86.11 -8.14 -90.92
CA ARG J 334 85.59 -7.50 -92.12
C ARG J 334 85.28 -6.04 -91.85
N GLY J 335 85.73 -5.17 -92.73
CA GLY J 335 85.49 -3.74 -92.60
C GLY J 335 86.52 -2.99 -91.78
N GLY J 336 87.51 -3.68 -91.21
CA GLY J 336 88.52 -3.03 -90.39
C GLY J 336 88.17 -3.02 -88.92
N TRP J 337 89.19 -2.83 -88.09
CA TRP J 337 89.03 -2.87 -86.65
C TRP J 337 87.97 -1.89 -86.17
N ASP J 338 87.98 -0.68 -86.71
CA ASP J 338 87.02 0.34 -86.28
C ASP J 338 85.60 -0.01 -86.67
N ASN J 339 85.41 -1.02 -87.52
CA ASN J 339 84.10 -1.47 -87.96
C ASN J 339 83.64 -2.71 -87.21
N LEU J 340 84.42 -3.15 -86.22
CA LEU J 340 83.94 -4.10 -85.23
C LEU J 340 82.86 -3.49 -84.35
N LEU J 341 81.91 -4.33 -83.93
CA LEU J 341 80.92 -3.94 -82.93
C LEU J 341 81.04 -4.73 -81.64
N ALA J 342 80.99 -6.06 -81.73
CA ALA J 342 80.98 -6.86 -80.48
C ALA J 342 81.58 -8.24 -80.72
N VAL J 343 82.17 -8.83 -79.69
CA VAL J 343 82.69 -10.22 -79.85
C VAL J 343 82.11 -11.14 -78.78
N ILE J 344 81.53 -12.27 -79.17
CA ILE J 344 81.13 -13.31 -78.16
C ILE J 344 82.38 -14.15 -78.01
N PRO J 345 83.18 -14.00 -76.94
CA PRO J 345 84.47 -14.68 -76.84
C PRO J 345 84.54 -16.20 -76.68
N GLY J 346 83.67 -16.80 -75.87
CA GLY J 346 83.80 -18.24 -75.58
C GLY J 346 82.72 -19.11 -76.14
N GLY J 347 81.89 -18.59 -77.05
CA GLY J 347 80.76 -19.40 -77.53
C GLY J 347 79.44 -18.81 -77.09
N SER J 348 78.33 -19.44 -77.46
CA SER J 348 77.00 -18.86 -77.17
C SER J 348 76.82 -18.58 -75.67
N SER J 349 77.39 -19.41 -74.79
CA SER J 349 77.15 -19.28 -73.33
C SER J 349 77.78 -18.02 -72.73
N THR J 350 78.97 -17.63 -73.19
CA THR J 350 79.65 -16.49 -72.59
C THR J 350 79.03 -15.18 -73.06
N PRO J 351 78.99 -14.17 -72.20
CA PRO J 351 78.35 -12.91 -72.58
C PRO J 351 79.08 -12.16 -73.68
N ILE J 352 78.29 -11.44 -74.48
CA ILE J 352 78.81 -10.57 -75.53
C ILE J 352 79.74 -9.52 -74.94
N LEU J 353 80.77 -9.15 -75.71
CA LEU J 353 81.78 -8.19 -75.28
C LEU J 353 81.93 -7.09 -76.32
N PRO J 354 81.68 -5.84 -75.97
CA PRO J 354 81.68 -4.77 -76.97
C PRO J 354 83.06 -4.40 -77.51
N LYS J 355 83.10 -3.34 -78.32
CA LYS J 355 84.33 -2.89 -78.95
C LYS J 355 85.36 -2.42 -77.93
N HIS J 356 84.98 -1.51 -77.04
CA HIS J 356 85.97 -0.84 -76.21
C HIS J 356 86.44 -1.70 -75.04
N ILE J 357 85.78 -2.80 -74.75
CA ILE J 357 86.29 -3.75 -73.76
C ILE J 357 87.19 -4.77 -74.44
N CYS J 358 86.90 -5.13 -75.68
CA CYS J 358 87.71 -6.09 -76.41
C CYS J 358 88.95 -5.47 -77.02
N ASP J 359 89.22 -4.18 -76.75
CA ASP J 359 90.40 -3.54 -77.32
C ASP J 359 91.67 -4.12 -76.71
N ASP J 360 91.73 -4.22 -75.39
CA ASP J 360 92.91 -4.68 -74.67
C ASP J 360 92.57 -5.88 -73.80
N GLN J 361 91.90 -6.86 -74.40
CA GLN J 361 91.45 -8.04 -73.68
C GLN J 361 92.31 -9.23 -74.06
N LEU J 362 92.82 -9.93 -73.06
CA LEU J 362 93.55 -11.17 -73.27
C LEU J 362 92.57 -12.33 -73.28
N MET J 363 92.83 -13.31 -74.13
CA MET J 363 91.94 -14.47 -74.29
C MET J 363 92.43 -15.61 -73.39
N ASP J 364 91.96 -15.62 -72.15
CA ASP J 364 92.24 -16.73 -71.27
C ASP J 364 91.05 -16.96 -70.36
N PHE J 365 91.25 -17.77 -69.33
CA PHE J 365 90.20 -18.02 -68.35
C PHE J 365 90.03 -16.84 -67.40
N ASP J 366 91.13 -16.25 -66.93
CA ASP J 366 91.02 -15.27 -65.87
C ASP J 366 90.59 -13.91 -66.40
N ALA J 367 91.21 -13.44 -67.48
CA ALA J 367 90.89 -12.11 -67.96
C ALA J 367 89.44 -12.02 -68.42
N LEU J 368 88.95 -13.08 -69.07
CA LEU J 368 87.57 -13.05 -69.55
C LEU J 368 86.59 -13.14 -68.39
N LYS J 369 86.91 -13.95 -67.37
CA LYS J 369 86.10 -13.96 -66.16
C LYS J 369 86.14 -12.60 -65.47
N ASP J 370 87.28 -11.93 -65.51
CA ASP J 370 87.36 -10.60 -64.94
C ASP J 370 86.46 -9.63 -65.68
N SER J 371 86.33 -9.80 -66.99
CA SER J 371 85.50 -8.93 -67.82
C SER J 371 84.04 -9.31 -67.78
N GLN J 372 83.62 -10.11 -66.80
CA GLN J 372 82.24 -10.58 -66.67
C GLN J 372 81.82 -11.38 -67.89
N SER J 373 82.69 -12.29 -68.31
CA SER J 373 82.46 -13.12 -69.47
C SER J 373 83.21 -14.44 -69.25
N GLY J 374 83.44 -15.20 -70.32
CA GLY J 374 84.21 -16.42 -70.18
C GLY J 374 84.87 -16.83 -71.49
N LEU J 375 85.83 -17.72 -71.37
CA LEU J 375 86.49 -18.29 -72.53
C LEU J 375 85.74 -19.50 -73.07
N GLY J 376 84.93 -20.14 -72.24
CA GLY J 376 84.13 -21.26 -72.67
C GLY J 376 84.94 -22.31 -73.37
N THR J 377 84.74 -22.43 -74.67
CA THR J 377 85.59 -23.26 -75.51
C THR J 377 86.33 -22.39 -76.51
N ALA J 378 86.38 -21.08 -76.26
CA ALA J 378 86.96 -20.10 -77.16
C ALA J 378 86.40 -20.21 -78.57
N ALA J 379 85.09 -20.35 -78.67
CA ALA J 379 84.40 -20.23 -79.95
C ALA J 379 84.12 -18.75 -80.19
N VAL J 380 85.17 -18.04 -80.61
CA VAL J 380 85.11 -16.60 -80.72
C VAL J 380 84.20 -16.21 -81.87
N ILE J 381 83.00 -15.74 -81.55
CA ILE J 381 82.04 -15.27 -82.54
C ILE J 381 82.15 -13.76 -82.61
N VAL J 382 82.46 -13.24 -83.78
CA VAL J 382 82.74 -11.83 -83.97
C VAL J 382 81.69 -11.25 -84.91
N MET J 383 81.08 -10.15 -84.50
CA MET J 383 80.04 -9.54 -85.30
C MET J 383 80.43 -8.14 -85.73
N ASP J 384 79.96 -7.78 -86.92
CA ASP J 384 80.24 -6.53 -87.59
C ASP J 384 79.43 -5.40 -86.96
N LYS J 385 79.71 -4.18 -87.42
CA LYS J 385 78.91 -3.01 -87.07
C LYS J 385 77.64 -2.90 -87.90
N SER J 386 77.47 -3.74 -88.91
CA SER J 386 76.31 -3.69 -89.80
C SER J 386 75.40 -4.89 -89.62
N THR J 387 75.29 -5.42 -88.40
CA THR J 387 74.46 -6.57 -88.12
C THR J 387 73.56 -6.26 -86.93
N ASP J 388 72.38 -6.87 -86.92
CA ASP J 388 71.46 -6.73 -85.80
C ASP J 388 71.98 -7.58 -84.65
N VAL J 389 72.58 -6.91 -83.65
CA VAL J 389 73.10 -7.62 -82.50
C VAL J 389 71.97 -8.28 -81.73
N VAL J 390 70.86 -7.56 -81.52
CA VAL J 390 69.77 -8.09 -80.72
C VAL J 390 69.18 -9.32 -81.37
N ARG J 391 69.05 -9.31 -82.71
CA ARG J 391 68.58 -10.49 -83.41
C ARG J 391 69.54 -11.66 -83.24
N ALA J 392 70.83 -11.38 -83.11
CA ALA J 392 71.80 -12.45 -82.90
C ALA J 392 71.59 -13.14 -81.56
N ILE J 393 71.27 -12.37 -80.52
CA ILE J 393 71.14 -12.96 -79.20
C ILE J 393 69.78 -13.62 -79.03
N SER J 394 68.77 -13.13 -79.73
CA SER J 394 67.46 -13.77 -79.68
C SER J 394 67.46 -15.10 -80.40
N ARG J 395 68.36 -15.27 -81.37
CA ARG J 395 68.50 -16.57 -82.01
C ARG J 395 69.22 -17.56 -81.10
N LEU J 396 70.01 -17.07 -80.15
CA LEU J 396 70.61 -17.97 -79.17
C LEU J 396 69.61 -18.35 -78.08
N SER J 397 68.82 -17.40 -77.59
CA SER J 397 67.84 -17.77 -76.59
C SER J 397 66.77 -18.66 -77.20
N HIS J 398 66.63 -18.62 -78.52
CA HIS J 398 65.84 -19.62 -79.21
C HIS J 398 66.55 -20.95 -79.28
N PHE J 399 67.89 -20.92 -79.42
CA PHE J 399 68.67 -22.14 -79.40
C PHE J 399 68.53 -22.83 -78.06
N TYR J 400 68.58 -22.06 -76.98
CA TYR J 400 68.56 -22.63 -75.63
C TYR J 400 67.17 -23.13 -75.26
N ARG J 401 66.14 -22.54 -75.85
CA ARG J 401 64.79 -23.04 -75.67
C ARG J 401 64.65 -24.45 -76.25
N HIS J 402 65.33 -24.71 -77.37
CA HIS J 402 65.18 -26.01 -78.07
C HIS J 402 66.09 -27.09 -77.48
N GLU J 403 67.11 -26.70 -76.73
CA GLU J 403 68.07 -27.68 -76.24
C GLU J 403 67.84 -28.07 -74.80
N SER J 404 67.03 -27.31 -74.07
CA SER J 404 66.70 -27.65 -72.67
C SER J 404 66.14 -29.08 -72.58
N CYS J 405 66.55 -29.87 -71.58
CA CYS J 405 65.97 -31.23 -71.37
C CYS J 405 64.52 -31.16 -70.86
N GLY J 406 64.16 -30.11 -70.11
CA GLY J 406 62.81 -29.96 -69.54
C GLY J 406 62.67 -30.55 -68.15
N GLN J 407 63.74 -31.15 -67.61
CA GLN J 407 63.67 -31.83 -66.30
C GLN J 407 63.36 -30.85 -65.17
N CYS J 408 63.97 -29.68 -65.15
CA CYS J 408 63.78 -28.78 -63.98
C CYS J 408 62.94 -27.55 -64.31
N THR J 409 62.22 -27.01 -63.33
CA THR J 409 61.37 -25.84 -63.50
C THR J 409 62.06 -24.58 -64.01
N PRO J 410 63.18 -24.12 -63.43
CA PRO J 410 63.69 -22.80 -63.81
C PRO J 410 64.23 -22.71 -65.23
N CYS J 411 64.47 -23.84 -65.89
CA CYS J 411 65.03 -23.87 -67.26
C CYS J 411 63.91 -24.24 -68.23
N ARG J 412 63.09 -25.26 -67.90
CA ARG J 412 62.02 -25.74 -68.80
C ARG J 412 61.00 -24.63 -68.99
N GLU J 413 60.69 -23.89 -67.92
CA GLU J 413 59.81 -22.76 -68.11
C GLU J 413 60.57 -21.50 -68.50
N GLY J 414 61.71 -21.25 -67.85
CA GLY J 414 62.43 -20.01 -68.06
C GLY J 414 63.06 -19.87 -69.44
N SER J 415 63.53 -20.96 -70.03
CA SER J 415 64.15 -20.84 -71.34
C SER J 415 63.12 -20.50 -72.42
N LYS J 416 61.86 -20.81 -72.17
CA LYS J 416 60.83 -20.38 -73.10
C LYS J 416 60.38 -18.96 -72.81
N TRP J 417 60.23 -18.61 -71.54
CA TRP J 417 59.78 -17.26 -71.18
C TRP J 417 60.74 -16.21 -71.70
N THR J 418 62.04 -16.42 -71.51
CA THR J 418 63.02 -15.47 -72.02
C THR J 418 63.08 -15.48 -73.54
N ASP J 419 62.83 -16.62 -74.16
CA ASP J 419 62.79 -16.65 -75.62
C ASP J 419 61.63 -15.82 -76.16
N GLN J 420 60.46 -15.91 -75.53
CA GLN J 420 59.34 -15.08 -75.95
C GLN J 420 59.61 -13.61 -75.70
N ILE J 421 60.31 -13.29 -74.61
CA ILE J 421 60.65 -11.90 -74.32
C ILE J 421 61.63 -11.35 -75.36
N MET J 422 62.61 -12.16 -75.76
CA MET J 422 63.64 -11.70 -76.68
C MET J 422 63.10 -11.40 -78.07
N LYS J 423 62.09 -12.16 -78.52
CA LYS J 423 61.47 -11.84 -79.80
C LYS J 423 60.71 -10.52 -79.73
N ARG J 424 60.16 -10.20 -78.55
CA ARG J 424 59.52 -8.91 -78.37
C ARG J 424 60.54 -7.78 -78.41
N PHE J 425 61.62 -7.91 -77.66
CA PHE J 425 62.63 -6.87 -77.65
C PHE J 425 63.27 -6.73 -79.01
N GLU J 426 63.19 -7.77 -79.82
CA GLU J 426 63.64 -7.68 -81.20
C GLU J 426 62.79 -6.67 -81.97
N LYS J 427 61.47 -6.74 -81.80
CA LYS J 427 60.56 -5.80 -82.43
C LYS J 427 60.42 -4.48 -81.68
N GLY J 428 60.85 -4.43 -80.43
CA GLY J 428 60.58 -3.29 -79.59
C GLY J 428 59.26 -3.31 -78.89
N MET J 429 58.54 -4.44 -78.92
CA MET J 429 57.19 -4.50 -78.36
C MET J 429 57.30 -4.63 -76.84
N GLY J 430 57.63 -3.52 -76.20
CA GLY J 430 57.65 -3.47 -74.76
C GLY J 430 57.97 -2.07 -74.29
N ARG J 431 57.91 -1.92 -73.03
CA ARG J 431 58.31 -0.75 -72.29
C ARG J 431 59.67 -0.99 -71.63
N PRO J 432 60.47 0.04 -71.43
CA PRO J 432 61.82 -0.18 -70.91
C PRO J 432 61.89 -0.83 -69.53
N ARG J 433 60.80 -0.82 -68.77
CA ARG J 433 60.79 -1.50 -67.48
C ARG J 433 60.86 -3.00 -67.64
N GLU J 434 60.52 -3.50 -68.81
CA GLU J 434 60.62 -4.95 -69.07
C GLU J 434 62.09 -5.37 -69.05
N ILE J 435 63.00 -4.46 -69.43
CA ILE J 435 64.41 -4.82 -69.46
C ILE J 435 64.90 -5.19 -68.07
N ASP J 436 64.47 -4.44 -67.07
CA ASP J 436 64.81 -4.78 -65.70
C ASP J 436 64.16 -6.09 -65.27
N MET J 437 62.91 -6.32 -65.71
CA MET J 437 62.24 -7.58 -65.40
C MET J 437 62.96 -8.77 -66.00
N LEU J 438 63.54 -8.59 -67.17
CA LEU J 438 64.30 -9.66 -67.80
C LEU J 438 65.64 -9.88 -67.12
N GLN J 439 66.23 -8.82 -66.54
CA GLN J 439 67.44 -9.00 -65.77
C GLN J 439 67.21 -9.88 -64.55
N GLU J 440 66.13 -9.65 -63.83
CA GLU J 440 65.96 -10.43 -62.61
C GLU J 440 65.21 -11.73 -62.84
N LEU J 441 64.63 -11.93 -64.02
CA LEU J 441 64.20 -13.27 -64.39
C LEU J 441 65.39 -14.19 -64.54
N THR J 442 66.47 -13.69 -65.16
CA THR J 442 67.66 -14.51 -65.34
C THR J 442 68.38 -14.78 -64.04
N LYS J 443 68.39 -13.81 -63.11
CA LYS J 443 69.00 -14.08 -61.82
C LYS J 443 68.21 -15.12 -61.06
N GLN J 444 66.92 -15.25 -61.35
CA GLN J 444 66.12 -16.32 -60.79
C GLN J 444 66.45 -17.67 -61.39
N VAL J 445 67.22 -17.71 -62.47
CA VAL J 445 67.53 -18.96 -63.14
C VAL J 445 68.89 -19.50 -62.71
N GLU J 446 69.87 -18.63 -62.52
CA GLU J 446 71.22 -19.07 -62.17
C GLU J 446 71.25 -19.65 -60.77
N GLY J 447 71.91 -20.80 -60.63
CA GLY J 447 72.13 -21.40 -59.34
C GLY J 447 70.96 -22.16 -58.78
N HIS J 448 69.84 -22.18 -59.49
CA HIS J 448 68.63 -22.81 -59.03
C HIS J 448 68.31 -24.05 -59.83
N THR J 449 69.11 -24.28 -60.87
CA THR J 449 68.88 -25.38 -61.83
C THR J 449 69.73 -26.59 -61.45
N ILE J 450 69.36 -27.78 -61.93
CA ILE J 450 70.18 -29.00 -61.69
C ILE J 450 71.52 -28.87 -62.40
N CYS J 451 71.54 -28.41 -63.65
CA CYS J 451 72.80 -28.35 -64.43
C CYS J 451 73.14 -26.94 -64.87
N ALA J 452 74.25 -26.73 -65.58
CA ALA J 452 74.76 -25.42 -65.97
C ALA J 452 74.21 -24.92 -67.29
N LEU J 453 73.09 -25.49 -67.77
CA LEU J 453 72.49 -25.08 -69.06
C LEU J 453 71.58 -23.91 -68.67
N GLY J 454 71.38 -23.74 -67.36
CA GLY J 454 70.55 -22.64 -66.87
C GLY J 454 71.33 -21.36 -67.00
N GLU J 455 72.57 -21.36 -66.50
CA GLU J 455 73.43 -20.20 -66.74
C GLU J 455 73.70 -19.99 -68.20
N ALA J 456 73.71 -21.06 -68.99
CA ALA J 456 74.02 -20.94 -70.40
C ALA J 456 73.05 -20.02 -71.13
N PHE J 457 71.78 -19.94 -70.71
CA PHE J 457 70.89 -19.00 -71.37
C PHE J 457 70.65 -17.73 -70.57
N ALA J 458 71.14 -17.67 -69.34
CA ALA J 458 71.00 -16.43 -68.57
C ALA J 458 72.15 -15.47 -68.85
N TRP J 459 73.35 -16.01 -68.99
CA TRP J 459 74.51 -15.17 -69.23
C TRP J 459 74.43 -14.38 -70.53
N PRO J 460 74.09 -14.96 -71.68
CA PRO J 460 73.99 -14.14 -72.90
C PRO J 460 73.04 -12.97 -72.78
N ILE J 461 71.87 -13.17 -72.17
CA ILE J 461 70.91 -12.10 -72.03
C ILE J 461 71.46 -11.01 -71.13
N GLN J 462 72.11 -11.42 -70.04
CA GLN J 462 72.65 -10.45 -69.08
C GLN J 462 73.71 -9.58 -69.72
N GLY J 463 74.58 -10.17 -70.54
CA GLY J 463 75.55 -9.37 -71.28
C GLY J 463 74.91 -8.39 -72.24
N LEU J 464 73.86 -8.82 -72.95
CA LEU J 464 73.20 -7.94 -73.90
C LEU J 464 72.53 -6.78 -73.21
N ILE J 465 71.91 -7.01 -72.05
CA ILE J 465 71.34 -5.91 -71.29
C ILE J 465 72.45 -5.02 -70.75
N ARG J 466 73.58 -5.61 -70.38
CA ARG J 466 74.64 -4.87 -69.70
C ARG J 466 75.37 -3.92 -70.64
N HIS J 467 75.38 -4.22 -71.93
CA HIS J 467 76.15 -3.45 -72.89
C HIS J 467 75.36 -2.89 -74.04
N PHE J 468 74.10 -3.29 -74.20
CA PHE J 468 73.32 -2.83 -75.33
C PHE J 468 71.93 -2.38 -74.90
N ARG J 469 71.80 -1.95 -73.65
CA ARG J 469 70.51 -1.41 -73.21
C ARG J 469 70.08 -0.18 -73.98
N PRO J 470 70.96 0.76 -74.36
CA PRO J 470 70.50 1.83 -75.24
C PRO J 470 69.88 1.32 -76.53
N GLU J 471 70.40 0.21 -77.06
CA GLU J 471 69.84 -0.33 -78.29
C GLU J 471 68.40 -0.77 -78.08
N LEU J 472 68.16 -1.53 -77.02
CA LEU J 472 66.83 -2.10 -76.81
C LEU J 472 65.79 -1.00 -76.60
N GLU J 473 66.10 -0.03 -75.74
CA GLU J 473 65.16 1.05 -75.47
C GLU J 473 64.90 1.88 -76.71
N ALA J 474 65.87 1.98 -77.61
CA ALA J 474 65.62 2.68 -78.87
C ALA J 474 64.57 1.95 -79.70
N ARG J 475 64.66 0.62 -79.80
CA ARG J 475 63.67 -0.14 -80.55
C ARG J 475 62.30 -0.04 -79.91
N MET J 476 62.23 -0.02 -78.58
CA MET J 476 60.96 0.23 -77.93
C MET J 476 60.45 1.61 -78.28
N LYS J 477 61.34 2.60 -78.29
CA LYS J 477 60.93 3.95 -78.65
C LYS J 477 60.45 4.01 -80.08
N LYS J 478 61.13 3.30 -80.99
CA LYS J 478 60.68 3.23 -82.37
C LYS J 478 59.32 2.56 -82.45
N PHE J 479 59.09 1.52 -81.66
CA PHE J 479 57.77 0.91 -81.61
C PHE J 479 56.77 1.84 -80.95
N ALA J 480 57.17 2.48 -79.85
CA ALA J 480 56.25 3.37 -79.14
C ALA J 480 55.88 4.56 -80.00
N GLU J 481 56.73 4.94 -80.95
CA GLU J 481 56.35 5.97 -81.90
C GLU J 481 55.33 5.44 -82.90
N GLU J 482 55.53 4.23 -83.40
CA GLU J 482 54.77 3.78 -84.55
C GLU J 482 53.31 3.47 -84.21
N THR J 483 53.07 2.76 -83.11
CA THR J 483 51.71 2.40 -82.74
C THR J 483 50.99 3.47 -81.95
N GLY J 484 51.68 4.49 -81.49
CA GLY J 484 51.03 5.60 -80.81
C GLY J 484 51.15 5.64 -79.31
N GLY J 485 52.04 4.84 -78.73
CA GLY J 485 52.29 4.92 -77.31
C GLY J 485 53.15 3.76 -76.87
N GLN J 486 53.75 3.92 -75.68
CA GLN J 486 54.47 2.83 -75.05
C GLN J 486 53.57 1.63 -74.92
N ALA J 487 54.05 0.48 -75.37
CA ALA J 487 53.29 -0.74 -75.25
C ALA J 487 53.15 -1.14 -73.79
N LEU J 488 52.11 -1.91 -73.49
CA LEU J 488 51.99 -2.52 -72.18
C LEU J 488 53.04 -3.60 -72.01
N ALA J 489 53.47 -3.79 -70.76
CA ALA J 489 54.40 -4.86 -70.45
C ALA J 489 53.78 -6.20 -70.83
N GLY J 490 54.37 -6.85 -71.82
CA GLY J 490 53.85 -8.05 -72.42
C GLY J 490 53.72 -7.97 -73.91
N GLY J 491 53.83 -6.79 -74.49
CA GLY J 491 53.77 -6.63 -75.92
C GLY J 491 52.44 -6.14 -76.45
N TRP J 492 51.45 -5.95 -75.60
CA TRP J 492 50.18 -5.42 -76.06
C TRP J 492 50.31 -3.93 -76.31
N THR J 493 49.61 -3.46 -77.33
CA THR J 493 49.69 -2.07 -77.72
C THR J 493 48.97 -1.17 -76.71
N HIS J 494 49.32 0.11 -76.71
CA HIS J 494 48.79 1.07 -75.70
C HIS J 494 47.26 1.17 -75.75
N ASP J 495 46.66 0.89 -76.90
CA ASP J 495 45.23 1.07 -77.06
C ASP J 495 44.47 -0.18 -76.69
N SER J 496 45.13 -1.10 -76.00
CA SER J 496 44.62 -2.45 -75.79
C SER J 496 43.30 -2.44 -75.02
N ARG J 497 43.22 -1.66 -73.95
CA ARG J 497 41.97 -1.58 -73.15
C ARG J 497 40.89 -0.89 -73.99
N GLN J 498 41.29 0.15 -74.71
CA GLN J 498 40.33 0.81 -75.61
C GLN J 498 39.73 -0.19 -76.59
N LYS J 499 40.53 -1.07 -77.15
CA LYS J 499 40.06 -2.07 -78.09
C LYS J 499 39.37 -3.25 -77.42
N GLY J 500 39.18 -3.21 -76.11
CA GLY J 500 38.44 -4.24 -75.41
C GLY J 500 39.16 -5.57 -75.29
N ARG J 501 40.33 -5.56 -74.71
CA ARG J 501 41.12 -6.75 -74.48
C ARG J 501 41.41 -6.89 -73.00
N LEU J 502 41.79 -8.09 -72.57
CA LEU J 502 42.19 -8.29 -71.17
C LEU J 502 43.44 -7.50 -70.88
N VAL J 503 43.32 -6.55 -69.98
CA VAL J 503 44.44 -5.75 -69.52
C VAL J 503 44.35 -5.69 -68.00
N SER J 504 45.21 -6.41 -67.31
CA SER J 504 45.23 -6.30 -65.86
C SER J 504 45.85 -4.97 -65.44
N PRO J 505 45.46 -4.44 -64.29
CA PRO J 505 46.14 -3.24 -63.79
C PRO J 505 47.62 -3.53 -63.53
N GLY J 506 48.48 -2.84 -64.25
CA GLY J 506 49.90 -2.92 -64.00
C GLY J 506 50.77 -3.17 -65.21
N MET J 507 50.31 -3.90 -66.22
CA MET J 507 51.19 -4.25 -67.32
C MET J 507 51.29 -3.08 -68.29
N ALA K 57 43.42 -25.31 -5.39
CA ALA K 57 43.31 -26.28 -6.45
C ALA K 57 41.88 -26.37 -6.97
N GLU K 58 41.41 -25.28 -7.57
CA GLU K 58 40.09 -25.30 -8.19
C GLU K 58 40.09 -26.23 -9.39
N PRO K 59 39.00 -26.96 -9.63
CA PRO K 59 37.76 -27.01 -8.85
C PRO K 59 37.79 -28.01 -7.70
N GLN K 60 38.93 -28.69 -7.51
CA GLN K 60 39.02 -29.75 -6.50
C GLN K 60 38.90 -29.18 -5.09
N ASP K 61 39.64 -28.11 -4.79
CA ASP K 61 39.54 -27.49 -3.47
C ASP K 61 38.17 -26.85 -3.25
N GLY K 62 37.42 -26.59 -4.32
CA GLY K 62 36.07 -26.08 -4.18
C GLY K 62 35.00 -27.11 -3.95
N PHE K 63 35.36 -28.40 -3.96
CA PHE K 63 34.36 -29.44 -3.73
C PHE K 63 33.84 -29.40 -2.30
N GLN K 64 34.74 -29.19 -1.33
CA GLN K 64 34.37 -29.14 0.08
C GLN K 64 34.16 -27.72 0.59
N GLY K 65 34.36 -26.72 -0.25
CA GLY K 65 34.19 -25.34 0.18
C GLY K 65 35.21 -24.89 1.21
N THR K 66 36.48 -25.23 0.99
CA THR K 66 37.53 -24.82 1.93
C THR K 66 37.99 -23.39 1.71
N ARG K 67 37.61 -22.77 0.60
CA ARG K 67 37.99 -21.40 0.30
C ARG K 67 36.77 -20.59 -0.11
N LEU K 68 36.70 -19.35 0.36
CA LEU K 68 35.63 -18.43 -0.01
C LEU K 68 36.20 -17.25 -0.78
N ILE K 69 35.49 -16.85 -1.83
CA ILE K 69 36.02 -15.87 -2.77
C ILE K 69 35.81 -14.48 -2.19
N PRO K 70 36.87 -13.66 -2.10
CA PRO K 70 36.74 -12.37 -1.42
C PRO K 70 35.89 -11.37 -2.20
N THR K 71 34.66 -11.19 -1.74
CA THR K 71 33.67 -10.34 -2.35
C THR K 71 33.97 -8.88 -2.05
N GLY K 72 33.42 -7.99 -2.88
CA GLY K 72 33.65 -6.58 -2.67
C GLY K 72 33.12 -6.09 -1.35
N ALA K 73 32.10 -6.76 -0.81
CA ALA K 73 31.54 -6.40 0.48
C ALA K 73 32.48 -6.76 1.62
N ASP K 74 33.50 -7.56 1.36
CA ASP K 74 34.54 -7.79 2.36
C ASP K 74 35.46 -6.59 2.48
N PHE K 75 35.82 -5.98 1.37
CA PHE K 75 36.75 -4.87 1.33
C PHE K 75 36.07 -3.52 1.52
N GLN K 76 34.79 -3.51 1.87
CA GLN K 76 34.14 -2.25 2.22
C GLN K 76 34.85 -1.62 3.41
N SER K 77 35.00 -0.30 3.35
CA SER K 77 35.66 0.45 4.39
C SER K 77 34.76 1.57 4.87
N PRO K 78 34.64 1.78 6.18
CA PRO K 78 33.79 2.85 6.69
C PRO K 78 34.28 4.20 6.23
N PRO K 79 33.38 5.13 5.93
CA PRO K 79 33.80 6.48 5.59
C PRO K 79 34.48 7.15 6.77
N ASP K 80 35.38 8.07 6.48
CA ASP K 80 36.08 8.79 7.53
C ASP K 80 35.10 9.59 8.35
N PRO K 81 35.02 9.38 9.66
CA PRO K 81 33.96 10.02 10.47
C PRO K 81 34.01 11.54 10.49
N PHE K 82 35.15 12.16 10.20
CA PHE K 82 35.27 13.59 10.45
C PHE K 82 34.88 14.46 9.26
N ILE K 83 35.27 14.10 8.05
CA ILE K 83 35.03 14.96 6.91
C ILE K 83 33.89 14.40 6.07
N ASP K 84 32.96 13.73 6.73
CA ASP K 84 31.91 12.97 6.06
C ASP K 84 30.71 13.86 5.78
N GLU K 85 30.42 14.07 4.51
CA GLU K 85 29.27 14.86 4.13
C GLU K 85 27.99 14.05 4.24
N GLY K 86 26.86 14.75 4.22
CA GLY K 86 25.56 14.11 4.33
C GLY K 86 25.19 13.25 3.14
N VAL K 103 11.63 4.28 15.84
CA VAL K 103 11.15 5.05 14.70
C VAL K 103 9.66 4.79 14.47
N ASP K 104 9.22 3.59 14.79
CA ASP K 104 7.80 3.24 14.65
C ASP K 104 6.97 3.94 15.72
N GLU K 105 5.85 4.53 15.30
CA GLU K 105 4.96 5.23 16.21
C GLU K 105 3.59 5.34 15.57
N ASP K 106 2.69 6.03 16.26
CA ASP K 106 1.32 6.15 15.78
C ASP K 106 1.19 7.11 14.59
N SER K 107 2.24 7.87 14.28
CA SER K 107 2.16 8.82 13.19
C SER K 107 2.10 8.12 11.84
N VAL K 108 1.67 8.87 10.82
CA VAL K 108 1.60 8.34 9.48
C VAL K 108 2.95 8.33 8.78
N GLU K 109 3.99 8.86 9.42
CA GLU K 109 5.32 8.79 8.85
C GLU K 109 5.78 7.34 8.71
N GLY K 110 5.43 6.51 9.68
CA GLY K 110 5.84 5.12 9.62
C GLY K 110 5.08 4.32 8.58
N ARG K 111 3.96 4.87 8.10
CA ARG K 111 3.15 4.18 7.11
C ARG K 111 3.91 4.00 5.81
N LYS K 112 3.67 2.88 5.15
CA LYS K 112 4.32 2.58 3.90
C LYS K 112 3.39 2.94 2.73
N VAL K 113 3.99 3.14 1.56
CA VAL K 113 3.21 3.41 0.35
C VAL K 113 3.46 2.30 -0.66
N ARG K 114 2.39 1.83 -1.27
CA ARG K 114 2.46 0.86 -2.33
C ARG K 114 2.88 1.50 -3.63
N HIS K 115 3.58 0.73 -4.44
CA HIS K 115 3.98 1.13 -5.78
C HIS K 115 3.31 0.21 -6.76
N TYR K 116 3.17 0.69 -7.98
CA TYR K 116 2.64 -0.10 -9.08
C TYR K 116 3.62 -0.05 -10.23
N THR K 117 3.64 -1.13 -10.98
CA THR K 117 4.55 -1.30 -12.10
C THR K 117 3.84 -1.04 -13.41
N VAL K 118 4.62 -0.61 -14.39
CA VAL K 118 4.13 -0.17 -15.68
C VAL K 118 5.03 -0.73 -16.76
N ASN K 119 4.39 -1.22 -17.82
CA ASN K 119 5.13 -1.87 -18.94
C ASN K 119 5.26 -0.86 -20.07
N PHE K 120 6.45 -0.30 -20.26
CA PHE K 120 6.60 0.78 -21.27
C PHE K 120 7.21 0.20 -22.55
N GLY K 121 6.66 0.57 -23.70
CA GLY K 121 7.15 0.09 -25.00
C GLY K 121 6.10 -0.74 -25.70
N PRO K 122 6.29 -1.16 -26.97
CA PRO K 122 7.22 -0.49 -27.88
C PRO K 122 6.65 0.86 -28.36
N GLN K 123 7.51 1.89 -28.45
CA GLN K 123 7.06 3.22 -28.98
C GLN K 123 7.00 3.16 -30.51
N HIS K 124 6.34 4.14 -31.13
CA HIS K 124 6.18 4.18 -32.62
C HIS K 124 7.53 4.28 -33.38
N PRO K 125 8.54 5.08 -32.97
CA PRO K 125 9.78 5.25 -33.76
C PRO K 125 10.58 3.96 -33.98
N ALA K 126 11.25 3.86 -35.14
CA ALA K 126 11.98 2.63 -35.50
C ALA K 126 13.10 2.29 -34.52
N ALA K 127 13.90 3.27 -34.09
CA ALA K 127 15.11 2.93 -33.29
C ALA K 127 14.76 2.17 -32.01
N HIS K 128 13.76 2.64 -31.26
CA HIS K 128 13.32 1.92 -30.03
C HIS K 128 12.31 0.83 -30.40
N GLY K 129 12.69 -0.07 -31.31
CA GLY K 129 11.79 -1.15 -31.75
C GLY K 129 11.52 -2.21 -30.70
N VAL K 130 12.53 -2.62 -29.95
CA VAL K 130 12.29 -3.77 -29.02
C VAL K 130 12.71 -3.38 -27.61
N LEU K 131 11.95 -2.46 -27.02
CA LEU K 131 12.24 -2.05 -25.63
C LEU K 131 11.05 -2.46 -24.75
N ARG K 132 11.29 -3.28 -23.73
CA ARG K 132 10.24 -3.67 -22.77
C ARG K 132 10.78 -3.25 -21.40
N LEU K 133 10.70 -1.97 -21.08
CA LEU K 133 11.22 -1.50 -19.80
C LEU K 133 10.10 -1.42 -18.77
N ILE K 134 10.29 -2.10 -17.65
CA ILE K 134 9.29 -2.19 -16.60
C ILE K 134 9.64 -1.20 -15.50
N LEU K 135 8.78 -0.21 -15.30
CA LEU K 135 9.02 0.83 -14.30
C LEU K 135 8.19 0.57 -13.06
N GLU K 136 8.76 0.87 -11.90
CA GLU K 136 8.02 0.93 -10.64
C GLU K 136 7.78 2.39 -10.32
N LEU K 137 6.52 2.72 -10.02
CA LEU K 137 6.10 4.11 -9.88
C LEU K 137 5.57 4.38 -8.49
N ASN K 138 5.98 5.48 -7.90
CA ASN K 138 5.37 6.02 -6.70
C ASN K 138 4.56 7.21 -7.15
N GLY K 139 3.30 6.98 -7.45
CA GLY K 139 2.48 8.04 -7.98
C GLY K 139 2.83 8.30 -9.42
N GLU K 140 3.56 9.39 -9.67
CA GLU K 140 4.05 9.75 -10.98
C GLU K 140 5.52 9.48 -11.18
N GLU K 141 6.33 9.63 -10.14
CA GLU K 141 7.76 9.52 -10.29
C GLU K 141 8.21 8.07 -10.40
N ILE K 142 9.35 7.87 -11.04
CA ILE K 142 9.93 6.55 -11.24
C ILE K 142 10.76 6.17 -10.01
N VAL K 143 10.45 5.03 -9.43
CA VAL K 143 11.24 4.51 -8.30
C VAL K 143 12.40 3.68 -8.78
N ARG K 144 12.15 2.69 -9.63
CA ARG K 144 13.23 1.89 -10.20
C ARG K 144 12.83 1.46 -11.60
N ALA K 145 13.80 1.49 -12.51
CA ALA K 145 13.61 1.22 -13.93
C ALA K 145 14.39 -0.03 -14.29
N ASP K 146 13.69 -1.03 -14.80
CA ASP K 146 14.29 -2.31 -15.14
C ASP K 146 14.06 -2.59 -16.62
N PRO K 147 15.02 -2.27 -17.49
CA PRO K 147 14.89 -2.64 -18.90
C PRO K 147 15.11 -4.13 -19.11
N HIS K 148 14.21 -4.76 -19.84
CA HIS K 148 14.36 -6.14 -20.29
C HIS K 148 14.75 -6.11 -21.76
N VAL K 149 16.00 -6.43 -22.03
CA VAL K 149 16.53 -6.47 -23.37
C VAL K 149 16.64 -7.92 -23.83
N GLY K 150 17.14 -8.11 -25.04
CA GLY K 150 17.26 -9.44 -25.61
C GLY K 150 16.23 -9.75 -26.65
N LEU K 151 15.30 -8.83 -26.89
CA LEU K 151 14.24 -9.07 -27.83
C LEU K 151 14.75 -9.03 -29.27
N LEU K 152 15.98 -8.53 -29.48
CA LEU K 152 16.65 -8.59 -30.77
C LEU K 152 18.07 -9.13 -30.61
N HIS K 153 18.22 -10.14 -29.74
CA HIS K 153 19.50 -10.87 -29.61
C HIS K 153 19.45 -12.00 -30.63
N 2MR K 154 20.28 -11.94 -31.66
CA 2MR K 154 20.17 -12.92 -32.77
CB 2MR K 154 19.93 -12.14 -34.06
CG 2MR K 154 18.69 -11.26 -34.01
CD 2MR K 154 18.79 -10.13 -35.00
NE 2MR K 154 19.82 -9.17 -34.65
CZ 2MR K 154 20.07 -8.08 -35.36
NH1 2MR K 154 21.08 -7.31 -35.04
CQ1 2MR K 154 21.95 -7.75 -33.94
NH2 2MR K 154 19.28 -7.83 -36.38
CQ2 2MR K 154 19.54 -6.83 -37.40
C 2MR K 154 21.38 -13.85 -32.84
O 2MR K 154 21.47 -14.62 -33.79
N GLY K 155 22.26 -13.78 -31.85
CA GLY K 155 23.42 -14.68 -31.81
C GLY K 155 24.55 -14.32 -32.74
N THR K 156 24.69 -13.04 -33.09
CA THR K 156 25.77 -12.55 -33.99
C THR K 156 27.14 -13.03 -33.52
N GLU K 157 27.47 -12.90 -32.23
CA GLU K 157 28.80 -13.24 -31.77
C GLU K 157 29.10 -14.72 -31.90
N LYS K 158 28.07 -15.58 -31.91
CA LYS K 158 28.33 -16.99 -32.16
C LYS K 158 28.44 -17.28 -33.64
N LEU K 159 27.53 -16.75 -34.45
CA LEU K 159 27.57 -17.00 -35.89
C LEU K 159 28.86 -16.51 -36.53
N CYS K 160 29.50 -15.51 -35.94
CA CYS K 160 30.77 -15.00 -36.43
C CYS K 160 31.91 -16.00 -36.28
N GLU K 161 31.79 -16.98 -35.37
CA GLU K 161 32.85 -18.01 -35.19
C GLU K 161 32.81 -19.07 -36.30
N TYR K 162 31.74 -19.14 -37.07
CA TYR K 162 31.61 -20.20 -38.10
C TYR K 162 31.77 -19.58 -39.48
N LYS K 163 32.20 -18.33 -39.53
CA LYS K 163 32.35 -17.61 -40.82
C LYS K 163 33.78 -17.13 -40.99
N THR K 164 34.25 -16.92 -42.22
CA THR K 164 35.54 -16.29 -42.41
C THR K 164 35.43 -14.81 -42.04
N TYR K 165 36.57 -14.13 -42.01
CA TYR K 165 36.58 -12.72 -41.62
C TYR K 165 35.79 -11.89 -42.61
N MET K 166 35.94 -12.17 -43.91
CA MET K 166 35.19 -11.40 -44.90
C MET K 166 33.71 -11.70 -44.80
N GLN K 167 33.35 -12.94 -44.52
CA GLN K 167 31.95 -13.31 -44.35
C GLN K 167 31.33 -12.68 -43.11
N ALA K 168 32.12 -12.41 -42.09
CA ALA K 168 31.60 -11.88 -40.85
C ALA K 168 31.43 -10.37 -40.90
N LEU K 169 32.01 -9.71 -41.89
CA LEU K 169 31.88 -8.26 -41.98
C LEU K 169 30.44 -7.79 -42.16
N PRO K 170 29.58 -8.41 -42.97
CA PRO K 170 28.21 -7.92 -43.05
C PRO K 170 27.46 -7.96 -41.73
N TYR K 171 27.92 -8.75 -40.74
CA TYR K 171 27.26 -8.75 -39.44
C TYR K 171 27.38 -7.40 -38.75
N PHE K 172 28.31 -6.57 -39.18
CA PHE K 172 28.55 -5.35 -38.46
C PHE K 172 27.67 -4.21 -38.96
N ASP K 173 27.37 -4.18 -40.26
CA ASP K 173 26.26 -3.34 -40.74
C ASP K 173 25.03 -3.44 -39.86
N ARG K 174 24.68 -4.65 -39.41
CA ARG K 174 23.40 -4.89 -38.70
C ARG K 174 23.49 -4.73 -37.17
N LEU K 175 24.55 -4.13 -36.65
CA LEU K 175 24.61 -3.87 -35.20
C LEU K 175 23.89 -2.57 -34.88
N ASP K 176 24.52 -1.44 -35.21
CA ASP K 176 23.79 -0.14 -35.12
C ASP K 176 23.36 0.07 -36.56
N TYR K 177 22.10 -0.16 -36.86
CA TYR K 177 21.64 -0.20 -38.26
C TYR K 177 21.35 1.18 -38.83
N VAL K 178 21.73 2.25 -38.13
CA VAL K 178 21.59 3.64 -38.66
C VAL K 178 22.98 4.22 -38.89
N SER K 179 24.05 3.46 -38.66
CA SER K 179 25.40 3.99 -38.71
C SER K 179 26.36 2.97 -39.32
N MET K 180 25.97 2.44 -40.47
CA MET K 180 26.49 1.16 -40.97
C MET K 180 27.98 1.21 -41.23
N MET K 181 28.45 2.20 -41.99
CA MET K 181 29.85 2.19 -42.40
C MET K 181 30.80 2.52 -41.27
N THR K 182 30.32 2.96 -40.12
CA THR K 182 31.22 3.07 -38.99
C THR K 182 31.24 1.81 -38.14
N ASN K 183 30.20 0.97 -38.20
CA ASN K 183 30.27 -0.35 -37.59
C ASN K 183 31.29 -1.22 -38.28
N GLU K 184 31.30 -1.20 -39.60
CA GLU K 184 32.25 -2.00 -40.34
C GLU K 184 33.63 -1.38 -40.36
N GLN K 185 33.74 -0.14 -39.93
CA GLN K 185 35.05 0.47 -39.79
C GLN K 185 35.80 -0.08 -38.59
N VAL K 186 35.12 -0.23 -37.46
CA VAL K 186 35.78 -0.76 -36.28
C VAL K 186 36.14 -2.23 -36.43
N PHE K 187 35.37 -3.00 -37.22
CA PHE K 187 35.77 -4.38 -37.47
C PHE K 187 36.95 -4.45 -38.43
N SER K 188 36.98 -3.57 -39.44
CA SER K 188 38.11 -3.53 -40.36
C SER K 188 39.37 -3.09 -39.65
N LEU K 189 39.29 -2.05 -38.82
CA LEU K 189 40.45 -1.56 -38.10
C LEU K 189 41.01 -2.58 -37.14
N ALA K 190 40.16 -3.39 -36.54
CA ALA K 190 40.60 -4.46 -35.66
C ALA K 190 41.30 -5.56 -36.43
N VAL K 191 40.74 -5.99 -37.57
CA VAL K 191 41.36 -7.04 -38.34
C VAL K 191 42.64 -6.55 -38.99
N GLU K 192 42.64 -5.29 -39.46
CA GLU K 192 43.83 -4.74 -40.08
C GLU K 192 44.98 -4.63 -39.10
N LYS K 193 44.68 -4.50 -37.81
CA LYS K 193 45.73 -4.32 -36.79
C LYS K 193 46.39 -5.68 -36.54
N LEU K 194 45.61 -6.75 -36.57
CA LEU K 194 46.17 -8.09 -36.43
C LEU K 194 46.87 -8.52 -37.72
N LEU K 195 46.39 -8.06 -38.87
CA LEU K 195 47.07 -8.30 -40.14
C LEU K 195 48.40 -7.58 -40.24
N ASN K 196 48.62 -6.54 -39.44
CA ASN K 196 49.86 -5.75 -39.47
C ASN K 196 50.04 -5.06 -40.82
N ILE K 197 48.99 -4.44 -41.32
CA ILE K 197 49.04 -3.81 -42.64
C ILE K 197 48.68 -2.35 -42.50
N GLU K 198 49.17 -1.55 -43.43
CA GLU K 198 48.82 -0.14 -43.51
C GLU K 198 47.99 0.09 -44.75
N ILE K 199 46.82 0.68 -44.59
CA ILE K 199 45.90 0.79 -45.71
C ILE K 199 46.22 2.07 -46.46
N PRO K 200 45.92 2.13 -47.76
CA PRO K 200 46.43 3.23 -48.57
C PRO K 200 45.78 4.56 -48.21
N PRO K 201 46.42 5.68 -48.55
CA PRO K 201 45.87 7.00 -48.20
C PRO K 201 44.48 7.28 -48.76
N ARG K 202 44.19 6.83 -49.97
CA ARG K 202 42.89 7.13 -50.57
C ARG K 202 41.77 6.47 -49.80
N ALA K 203 41.94 5.21 -49.41
CA ALA K 203 40.91 4.55 -48.61
C ALA K 203 40.82 5.17 -47.23
N LYS K 204 41.92 5.70 -46.72
CA LYS K 204 41.88 6.41 -45.44
C LYS K 204 40.96 7.62 -45.52
N PHE K 205 41.05 8.37 -46.61
CA PHE K 205 40.19 9.53 -46.77
C PHE K 205 38.77 9.14 -47.15
N ILE K 206 38.61 8.11 -47.99
CA ILE K 206 37.28 7.60 -48.30
C ILE K 206 36.58 7.18 -47.03
N ARG K 207 37.28 6.47 -46.15
CA ARG K 207 36.69 6.00 -44.92
C ARG K 207 36.37 7.16 -43.96
N THR K 208 37.21 8.19 -43.90
CA THR K 208 36.92 9.28 -42.98
C THR K 208 35.82 10.18 -43.55
N MET K 209 35.69 10.26 -44.86
CA MET K 209 34.58 11.00 -45.45
C MET K 209 33.26 10.28 -45.23
N PHE K 210 33.21 8.98 -45.52
CA PHE K 210 31.99 8.21 -45.34
C PHE K 210 31.73 7.85 -43.89
N GLY K 211 32.71 8.05 -43.02
CA GLY K 211 32.44 7.93 -41.60
C GLY K 211 31.75 9.16 -41.05
N GLU K 212 31.94 10.30 -41.70
CA GLU K 212 31.26 11.52 -41.29
C GLU K 212 29.94 11.71 -41.99
N ILE K 213 29.82 11.20 -43.22
CA ILE K 213 28.51 11.10 -43.86
C ILE K 213 27.63 10.17 -43.04
N THR K 214 28.21 9.12 -42.50
CA THR K 214 27.51 8.21 -41.60
C THR K 214 27.12 8.92 -40.30
N ARG K 215 28.01 9.75 -39.77
CA ARG K 215 27.70 10.43 -38.51
C ARG K 215 26.56 11.40 -38.69
N ILE K 216 26.50 12.08 -39.83
CA ILE K 216 25.38 12.95 -40.14
C ILE K 216 24.10 12.15 -40.30
N LEU K 217 24.17 11.00 -40.96
CA LEU K 217 23.02 10.14 -41.16
C LEU K 217 22.44 9.66 -39.83
N ASN K 218 23.31 9.24 -38.91
CA ASN K 218 22.84 8.77 -37.61
C ASN K 218 22.24 9.90 -36.79
N HIS K 219 22.87 11.07 -36.82
CA HIS K 219 22.35 12.16 -36.04
C HIS K 219 21.02 12.66 -36.59
N LEU K 220 20.82 12.55 -37.90
CA LEU K 220 19.52 12.88 -38.45
C LEU K 220 18.44 11.94 -37.93
N MET K 221 18.77 10.66 -37.81
CA MET K 221 17.85 9.73 -37.16
C MET K 221 17.71 10.06 -35.67
N SER K 222 18.82 10.22 -34.96
CA SER K 222 18.77 10.29 -33.51
C SER K 222 18.14 11.59 -33.02
N VAL K 223 18.54 12.72 -33.58
CA VAL K 223 18.01 13.99 -33.13
C VAL K 223 16.54 14.13 -33.53
N LEU K 224 16.20 13.76 -34.76
CA LEU K 224 14.85 14.01 -35.23
C LEU K 224 13.85 13.02 -34.67
N SER K 225 14.28 11.79 -34.41
CA SER K 225 13.37 10.80 -33.76
C SER K 225 13.19 11.20 -32.30
N HIS K 226 14.23 11.76 -31.68
CA HIS K 226 14.11 12.24 -30.31
C HIS K 226 13.07 13.33 -30.20
N ALA K 227 13.11 14.28 -31.13
CA ALA K 227 12.13 15.35 -31.12
C ALA K 227 10.77 14.86 -31.59
N MET K 228 10.72 13.79 -32.38
CA MET K 228 9.39 13.22 -32.75
C MET K 228 8.74 12.57 -31.54
N ASP K 229 9.53 11.93 -30.67
CA ASP K 229 9.00 11.39 -29.39
C ASP K 229 8.55 12.56 -28.51
N VAL K 230 9.33 13.63 -28.48
CA VAL K 230 9.00 14.81 -27.62
C VAL K 230 7.81 15.55 -28.24
N GLY K 231 7.47 15.25 -29.50
CA GLY K 231 6.24 15.80 -30.03
C GLY K 231 6.41 16.82 -31.11
N ALA K 232 7.62 17.25 -31.41
CA ALA K 232 7.88 18.02 -32.61
C ALA K 232 7.95 17.08 -33.80
N LEU K 233 7.08 17.27 -34.80
CA LEU K 233 7.02 16.25 -35.89
C LEU K 233 7.55 16.75 -37.22
N THR K 234 7.76 18.06 -37.36
CA THR K 234 8.13 18.60 -38.67
C THR K 234 9.63 18.51 -38.95
N PRO K 235 10.52 18.77 -37.98
CA PRO K 235 11.95 18.62 -38.30
C PRO K 235 12.30 17.21 -38.73
N PHE K 236 11.58 16.21 -38.23
CA PHE K 236 11.82 14.83 -38.63
C PHE K 236 11.71 14.68 -40.13
N LEU K 237 10.61 15.15 -40.72
CA LEU K 237 10.40 15.02 -42.19
C LEU K 237 11.41 15.85 -42.99
N TRP K 238 11.77 17.06 -42.55
CA TRP K 238 12.71 17.85 -43.34
C TRP K 238 14.05 17.15 -43.45
N GLY K 239 14.58 16.64 -42.33
CA GLY K 239 15.90 16.05 -42.34
C GLY K 239 15.97 14.65 -42.88
N PHE K 240 14.84 13.99 -43.07
CA PHE K 240 14.82 12.71 -43.75
C PHE K 240 14.83 12.82 -45.26
N GLU K 241 14.57 14.02 -45.80
CA GLU K 241 14.98 14.26 -47.17
C GLU K 241 16.49 14.42 -47.26
N GLU K 242 17.08 15.11 -46.28
CA GLU K 242 18.53 15.16 -46.18
C GLU K 242 19.12 13.78 -45.98
N ARG K 243 18.41 12.93 -45.26
CA ARG K 243 18.79 11.54 -45.14
C ARG K 243 18.56 10.78 -46.44
N GLU K 244 17.50 11.11 -47.15
CA GLU K 244 17.16 10.48 -48.41
C GLU K 244 18.18 10.79 -49.50
N LYS K 245 18.80 11.97 -49.46
CA LYS K 245 19.84 12.40 -50.39
C LYS K 245 21.19 11.79 -50.09
N LEU K 246 21.49 11.61 -48.81
CA LEU K 246 22.78 11.08 -48.37
C LEU K 246 22.84 9.57 -48.46
N MET K 247 21.71 8.90 -48.66
CA MET K 247 21.72 7.48 -48.95
C MET K 247 21.84 7.19 -50.43
N GLU K 248 21.73 8.21 -51.28
CA GLU K 248 22.05 8.03 -52.68
C GLU K 248 23.55 7.84 -52.86
N PHE K 249 24.35 8.42 -51.97
CA PHE K 249 25.81 8.27 -52.02
C PHE K 249 26.27 6.91 -51.53
N TYR K 250 25.60 6.35 -50.51
CA TYR K 250 25.77 4.94 -50.18
C TYR K 250 25.46 4.03 -51.35
N GLU K 251 24.35 4.27 -52.04
CA GLU K 251 23.94 3.35 -53.11
C GLU K 251 24.80 3.58 -54.37
N ARG K 252 25.58 4.64 -54.46
CA ARG K 252 26.43 4.81 -55.66
C ARG K 252 27.78 4.08 -55.46
N VAL K 253 28.40 4.21 -54.29
CA VAL K 253 29.65 3.47 -53.97
C VAL K 253 29.40 1.97 -53.83
N SER K 254 28.29 1.58 -53.22
CA SER K 254 27.89 0.16 -53.09
C SER K 254 26.58 0.05 -53.84
N GLY K 255 25.76 -0.95 -53.58
CA GLY K 255 24.44 -0.95 -54.23
C GLY K 255 23.37 -1.09 -53.20
N ALA K 256 23.60 -0.60 -51.99
CA ALA K 256 22.68 -0.74 -50.89
C ALA K 256 22.34 0.63 -50.32
N ARG K 257 21.06 0.86 -50.05
CA ARG K 257 20.67 2.06 -49.33
C ARG K 257 20.97 1.96 -47.85
N LEU K 258 21.04 0.76 -47.29
CA LEU K 258 21.31 0.61 -45.87
C LEU K 258 22.60 -0.13 -45.57
N HIS K 259 22.71 -1.40 -45.97
CA HIS K 259 23.87 -2.24 -45.60
C HIS K 259 24.90 -2.25 -46.72
N ALA K 260 25.86 -1.33 -46.71
CA ALA K 260 26.80 -1.20 -47.80
C ALA K 260 27.75 -2.39 -47.89
N ALA K 261 28.37 -2.77 -46.76
CA ALA K 261 29.45 -3.78 -46.74
C ALA K 261 30.67 -3.18 -47.43
N TYR K 262 30.66 -1.86 -47.65
CA TYR K 262 31.74 -1.13 -48.37
C TYR K 262 33.09 -1.11 -47.66
N VAL K 263 33.13 -0.85 -46.35
CA VAL K 263 34.43 -0.74 -45.64
C VAL K 263 34.87 -2.15 -45.26
N ARG K 264 36.08 -2.55 -45.64
CA ARG K 264 36.57 -3.90 -45.48
C ARG K 264 38.02 -3.86 -45.08
N PRO K 265 38.52 -4.91 -44.42
CA PRO K 265 39.93 -4.92 -44.01
C PRO K 265 40.86 -4.77 -45.21
N GLY K 266 41.66 -3.72 -45.18
CA GLY K 266 42.51 -3.38 -46.30
C GLY K 266 42.05 -2.20 -47.11
N GLY K 267 40.96 -1.54 -46.72
CA GLY K 267 40.51 -0.36 -47.40
C GLY K 267 39.02 -0.34 -47.63
N VAL K 268 38.64 -0.25 -48.89
CA VAL K 268 37.20 -0.23 -49.28
C VAL K 268 37.06 -1.24 -50.41
N HIS K 269 35.84 -1.72 -50.63
CA HIS K 269 35.60 -2.75 -51.68
C HIS K 269 35.87 -2.22 -53.08
N GLN K 270 35.37 -1.03 -53.40
CA GLN K 270 35.47 -0.56 -54.79
C GLN K 270 35.81 0.91 -54.75
N ASP K 271 36.43 1.42 -55.81
CA ASP K 271 36.67 2.88 -55.88
C ASP K 271 35.36 3.63 -56.05
N ILE K 272 35.31 4.83 -55.48
CA ILE K 272 34.12 5.71 -55.64
C ILE K 272 33.91 5.99 -57.13
N PRO K 273 32.66 6.19 -57.59
CA PRO K 273 32.37 6.44 -59.01
C PRO K 273 32.94 7.80 -59.41
N VAL K 274 33.06 8.13 -60.70
CA VAL K 274 33.81 9.35 -61.13
C VAL K 274 33.08 10.70 -61.05
N GLY K 275 31.86 10.79 -60.55
CA GLY K 275 31.25 12.12 -60.40
C GLY K 275 30.74 12.34 -58.99
N LEU K 276 31.03 11.40 -58.09
CA LEU K 276 30.50 11.48 -56.70
C LEU K 276 31.10 12.63 -55.91
N LEU K 277 32.40 12.87 -55.99
CA LEU K 277 32.97 13.94 -55.14
C LEU K 277 32.40 15.31 -55.54
N ASP K 278 31.86 15.44 -56.75
CA ASP K 278 31.20 16.70 -57.16
C ASP K 278 29.80 16.73 -56.56
N ASP K 279 29.13 15.58 -56.53
CA ASP K 279 27.76 15.53 -56.01
C ASP K 279 27.70 15.71 -54.50
N ILE K 280 28.73 15.27 -53.77
CA ILE K 280 28.78 15.52 -52.34
C ILE K 280 29.06 16.99 -52.07
N TYR K 281 29.89 17.61 -52.90
CA TYR K 281 30.14 19.04 -52.76
C TYR K 281 28.88 19.84 -53.05
N GLN K 282 28.07 19.43 -54.02
CA GLN K 282 26.82 20.13 -54.26
C GLN K 282 25.86 19.97 -53.09
N TRP K 283 25.81 18.78 -52.48
CA TRP K 283 25.02 18.60 -51.27
C TRP K 283 25.57 19.44 -50.12
N ALA K 284 26.91 19.52 -50.03
CA ALA K 284 27.57 20.25 -48.97
C ALA K 284 27.19 21.72 -48.97
N THR K 285 26.99 22.33 -50.13
CA THR K 285 26.78 23.76 -50.22
C THR K 285 25.50 24.20 -49.54
N GLN K 286 24.58 23.29 -49.32
CA GLN K 286 23.28 23.63 -48.78
C GLN K 286 22.94 22.94 -47.47
N PHE K 287 23.79 22.04 -46.99
CA PHE K 287 23.41 21.25 -45.81
C PHE K 287 23.38 22.09 -44.54
N GLY K 288 24.25 23.10 -44.44
CA GLY K 288 24.22 23.97 -43.28
C GLY K 288 22.90 24.70 -43.14
N ASP K 289 22.31 25.12 -44.25
CA ASP K 289 20.98 25.73 -44.22
C ASP K 289 19.93 24.79 -43.68
N ARG K 290 20.13 23.48 -43.87
CA ARG K 290 19.19 22.51 -43.31
C ARG K 290 19.35 22.41 -41.81
N ILE K 291 20.60 22.47 -41.30
CA ILE K 291 20.82 22.46 -39.86
C ILE K 291 20.24 23.72 -39.25
N ASP K 292 20.39 24.85 -39.93
CA ASP K 292 19.94 26.12 -39.39
C ASP K 292 18.43 26.17 -39.25
N GLU K 293 17.70 25.62 -40.22
CA GLU K 293 16.25 25.58 -40.12
C GLU K 293 15.77 24.52 -39.13
N THR K 294 16.43 23.36 -39.07
CA THR K 294 16.15 22.44 -37.99
C THR K 294 16.42 23.10 -36.66
N GLU K 295 17.46 23.94 -36.60
CA GLU K 295 17.80 24.64 -35.37
C GLU K 295 16.82 25.79 -35.10
N GLU K 296 16.18 26.34 -36.13
CA GLU K 296 15.14 27.34 -35.97
C GLU K 296 13.97 26.83 -35.14
N MET K 297 13.74 25.53 -35.13
CA MET K 297 12.53 25.01 -34.53
C MET K 297 12.74 24.55 -33.10
N LEU K 298 13.94 24.14 -32.74
CA LEU K 298 14.14 23.49 -31.46
C LEU K 298 14.99 24.27 -30.48
N THR K 299 16.06 24.93 -30.91
CA THR K 299 17.09 25.38 -29.98
C THR K 299 16.56 26.41 -28.99
N ASP K 300 15.93 27.47 -29.49
CA ASP K 300 15.40 28.53 -28.63
C ASP K 300 13.96 28.32 -28.22
N ASN K 301 13.30 27.27 -28.70
CA ASN K 301 11.90 27.03 -28.36
C ASN K 301 11.75 26.70 -26.89
N ARG K 302 10.89 27.44 -26.20
CA ARG K 302 10.78 27.28 -24.76
C ARG K 302 10.15 25.95 -24.38
N ILE K 303 9.22 25.45 -25.19
CA ILE K 303 8.67 24.13 -24.92
C ILE K 303 9.76 23.07 -25.04
N TRP K 304 10.60 23.16 -26.07
CA TRP K 304 11.73 22.26 -26.21
C TRP K 304 12.71 22.41 -25.05
N ILE K 305 13.01 23.65 -24.68
CA ILE K 305 13.92 23.92 -23.58
C ILE K 305 13.34 23.40 -22.28
N ASN K 306 12.08 23.64 -22.04
CA ASN K 306 11.51 23.17 -20.79
C ASN K 306 11.20 21.71 -20.78
N ARG K 307 11.50 20.93 -21.80
CA ARG K 307 11.37 19.50 -21.73
C ARG K 307 12.70 18.78 -21.70
N LEU K 308 13.82 19.49 -21.84
CA LEU K 308 15.13 18.90 -21.80
C LEU K 308 16.05 19.47 -20.72
N LYS K 309 15.77 20.66 -20.19
CA LYS K 309 16.60 21.22 -19.13
C LYS K 309 16.41 20.43 -17.85
N GLY K 310 17.53 20.04 -17.23
CA GLY K 310 17.46 19.35 -15.98
C GLY K 310 17.01 17.93 -16.06
N VAL K 311 16.84 17.41 -17.26
CA VAL K 311 16.33 16.06 -17.46
C VAL K 311 17.51 15.13 -17.75
N GLY K 312 17.54 14.00 -17.07
CA GLY K 312 18.56 12.99 -17.30
C GLY K 312 19.95 13.50 -17.00
N VAL K 313 20.15 14.04 -15.83
CA VAL K 313 21.39 14.70 -15.49
C VAL K 313 22.34 13.71 -14.88
N VAL K 314 23.54 13.63 -15.44
CA VAL K 314 24.57 12.74 -14.95
C VAL K 314 25.79 13.57 -14.66
N SER K 315 26.43 13.31 -13.54
CA SER K 315 27.64 14.00 -13.18
C SER K 315 28.80 13.44 -13.99
N ALA K 316 29.88 14.22 -14.05
CA ALA K 316 31.05 13.77 -14.80
C ALA K 316 31.67 12.54 -14.16
N ALA K 317 31.72 12.50 -12.83
CA ALA K 317 32.29 11.35 -12.15
C ALA K 317 31.45 10.11 -12.38
N ASP K 318 30.13 10.25 -12.42
CA ASP K 318 29.28 9.09 -12.58
C ASP K 318 29.22 8.62 -14.02
N ALA K 319 29.35 9.52 -14.99
CA ALA K 319 29.34 9.11 -16.38
C ALA K 319 30.52 8.19 -16.66
N LEU K 320 31.68 8.49 -16.07
CA LEU K 320 32.82 7.60 -16.20
C LEU K 320 32.58 6.29 -15.46
N ASN K 321 32.06 6.35 -14.25
CA ASN K 321 31.85 5.15 -13.46
C ASN K 321 30.73 4.30 -14.05
N LEU K 322 29.87 4.87 -14.88
CA LEU K 322 28.76 4.16 -15.47
C LEU K 322 29.07 3.60 -16.84
N SER K 323 30.31 3.76 -17.33
CA SER K 323 30.74 3.33 -18.66
C SER K 323 30.09 4.14 -19.77
N PHE K 324 29.84 5.43 -19.53
CA PHE K 324 29.27 6.29 -20.55
C PHE K 324 30.36 6.80 -21.48
N THR K 325 30.04 6.85 -22.77
CA THR K 325 30.94 7.34 -23.81
C THR K 325 30.18 8.31 -24.68
N GLY K 326 30.91 9.06 -25.50
CA GLY K 326 30.26 9.91 -26.48
C GLY K 326 29.63 11.12 -25.84
N VAL K 327 28.51 11.56 -26.40
CA VAL K 327 27.84 12.75 -25.90
C VAL K 327 27.27 12.52 -24.51
N MET K 328 26.91 11.29 -24.16
CA MET K 328 26.58 10.99 -22.77
C MET K 328 27.76 11.26 -21.85
N LEU K 329 28.97 10.93 -22.28
CA LEU K 329 30.14 11.34 -21.52
C LEU K 329 30.42 12.83 -21.70
N ARG K 330 30.26 13.33 -22.92
CA ARG K 330 30.75 14.66 -23.24
C ARG K 330 29.80 15.75 -22.77
N GLY K 331 28.53 15.43 -22.57
CA GLY K 331 27.56 16.41 -22.16
C GLY K 331 27.63 16.82 -20.72
N SER K 332 28.42 16.11 -19.92
CA SER K 332 28.62 16.43 -18.52
C SER K 332 29.93 17.17 -18.29
N GLY K 333 30.55 17.68 -19.34
CA GLY K 333 31.72 18.50 -19.20
C GLY K 333 33.05 17.81 -19.31
N VAL K 334 33.08 16.56 -19.77
CA VAL K 334 34.34 15.83 -19.96
C VAL K 334 34.76 16.00 -21.41
N PRO K 335 35.87 16.67 -21.67
CA PRO K 335 36.37 16.76 -23.06
C PRO K 335 37.09 15.49 -23.50
N TRP K 336 36.49 14.71 -24.38
CA TRP K 336 37.04 13.40 -24.72
C TRP K 336 36.38 12.89 -25.98
N ASP K 337 37.16 12.70 -27.03
CA ASP K 337 36.70 12.10 -28.27
C ASP K 337 37.76 11.12 -28.74
N VAL K 338 37.34 9.89 -29.05
CA VAL K 338 38.30 8.90 -29.50
C VAL K 338 39.06 9.39 -30.73
N ARG K 339 38.42 10.14 -31.61
CA ARG K 339 39.09 10.67 -32.78
C ARG K 339 40.27 11.56 -32.43
N LYS K 340 40.16 12.35 -31.35
CA LYS K 340 41.25 13.22 -30.94
C LYS K 340 42.27 12.50 -30.06
N SER K 341 41.84 11.51 -29.28
CA SER K 341 42.70 10.90 -28.29
C SER K 341 43.42 9.65 -28.80
N SER K 342 42.77 8.86 -29.64
CA SER K 342 43.43 7.75 -30.34
C SER K 342 43.07 7.85 -31.81
N PRO K 343 43.65 8.84 -32.54
CA PRO K 343 43.34 9.06 -33.96
C PRO K 343 43.45 7.81 -34.84
N TYR K 344 42.49 7.65 -35.75
CA TYR K 344 42.47 6.49 -36.67
C TYR K 344 42.10 7.05 -38.04
N ASP K 345 42.48 6.35 -39.09
CA ASP K 345 42.15 6.76 -40.48
C ASP K 345 42.74 8.14 -40.79
N ALA K 346 41.95 9.05 -41.35
CA ALA K 346 42.49 10.37 -41.75
C ALA K 346 42.05 11.46 -40.78
N TYR K 347 41.67 11.08 -39.56
CA TYR K 347 41.19 12.05 -38.55
C TYR K 347 42.31 12.96 -38.06
N ASP K 348 43.53 12.44 -37.93
CA ASP K 348 44.66 13.30 -37.57
C ASP K 348 45.00 14.28 -38.66
N GLN K 349 44.41 14.17 -39.84
CA GLN K 349 44.66 15.05 -40.96
C GLN K 349 43.58 16.10 -41.15
N VAL K 350 42.59 16.15 -40.28
CA VAL K 350 41.46 17.05 -40.47
C VAL K 350 41.31 17.89 -39.22
N GLU K 351 40.85 19.11 -39.41
CA GLU K 351 40.65 20.05 -38.31
C GLU K 351 39.18 20.06 -37.94
N PHE K 352 38.87 19.73 -36.70
CA PHE K 352 37.50 19.77 -36.24
C PHE K 352 37.48 20.00 -34.75
N ASP K 353 36.33 20.44 -34.26
CA ASP K 353 36.17 20.77 -32.85
C ASP K 353 35.26 19.75 -32.17
N VAL K 354 35.28 19.77 -30.84
CA VAL K 354 34.59 18.80 -30.03
C VAL K 354 33.61 19.51 -29.10
N PRO K 355 32.30 19.41 -29.30
CA PRO K 355 31.36 20.11 -28.41
C PRO K 355 31.25 19.42 -27.06
N VAL K 356 31.48 20.17 -26.00
CA VAL K 356 31.41 19.65 -24.64
C VAL K 356 30.45 20.51 -23.85
N GLY K 357 29.49 19.85 -23.20
CA GLY K 357 28.44 20.51 -22.48
C GLY K 357 28.83 20.89 -21.08
N ILE K 358 27.86 21.44 -20.36
CA ILE K 358 28.09 22.01 -19.02
C ILE K 358 27.29 21.25 -17.98
N ASN K 359 25.98 21.21 -18.14
CA ASN K 359 25.06 20.79 -17.10
C ASN K 359 24.68 19.32 -17.17
N GLY K 360 25.22 18.57 -18.12
CA GLY K 360 25.04 17.12 -18.12
C GLY K 360 23.62 16.66 -18.36
N ASP K 361 22.79 17.50 -18.93
CA ASP K 361 21.38 17.21 -19.10
C ASP K 361 21.07 16.97 -20.57
N CYS K 362 19.80 16.71 -20.85
CA CYS K 362 19.37 16.43 -22.21
C CYS K 362 19.50 17.64 -23.10
N TYR K 363 19.34 18.86 -22.56
CA TYR K 363 19.50 20.03 -23.39
C TYR K 363 20.94 20.21 -23.84
N ASP K 364 21.90 19.92 -22.96
CA ASP K 364 23.31 19.94 -23.35
C ASP K 364 23.61 18.90 -24.41
N ARG K 365 23.05 17.71 -24.27
CA ARG K 365 23.33 16.66 -25.22
C ARG K 365 22.66 16.92 -26.56
N TYR K 366 21.53 17.63 -26.56
CA TYR K 366 20.96 18.08 -27.82
C TYR K 366 21.84 19.12 -28.49
N LEU K 367 22.35 20.08 -27.72
CA LEU K 367 23.18 21.13 -28.28
C LEU K 367 24.54 20.62 -28.73
N CYS K 368 25.04 19.55 -28.11
CA CYS K 368 26.30 18.96 -28.52
C CYS K 368 26.14 18.19 -29.83
N ARG K 369 24.99 17.55 -30.00
CA ARG K 369 24.72 16.80 -31.22
C ARG K 369 24.52 17.72 -32.41
N MET K 370 23.89 18.88 -32.21
CA MET K 370 23.70 19.79 -33.34
C MET K 370 25.02 20.38 -33.79
N GLU K 371 25.92 20.62 -32.84
CA GLU K 371 27.23 21.15 -33.17
C GLU K 371 28.05 20.15 -33.96
N GLU K 372 27.81 18.86 -33.75
CA GLU K 372 28.53 17.84 -34.49
C GLU K 372 28.07 17.75 -35.93
N PHE K 373 26.80 18.09 -36.19
CA PHE K 373 26.32 18.25 -37.56
C PHE K 373 27.21 19.19 -38.33
N ARG K 374 27.50 20.35 -37.74
CA ARG K 374 28.33 21.36 -38.38
C ARG K 374 29.78 20.95 -38.40
N GLN K 375 30.21 20.10 -37.48
CA GLN K 375 31.62 19.71 -37.48
C GLN K 375 31.87 18.59 -38.47
N SER K 376 30.92 17.66 -38.62
CA SER K 376 31.04 16.59 -39.60
C SER K 376 31.02 17.15 -41.02
N LEU K 377 30.17 18.15 -41.27
CA LEU K 377 30.16 18.83 -42.56
C LEU K 377 31.50 19.50 -42.83
N ARG K 378 32.12 20.05 -41.80
CA ARG K 378 33.41 20.71 -41.95
C ARG K 378 34.53 19.71 -42.25
N ILE K 379 34.37 18.45 -41.82
CA ILE K 379 35.35 17.41 -42.13
C ILE K 379 35.17 16.92 -43.56
N ILE K 380 33.93 16.75 -43.98
CA ILE K 380 33.64 16.23 -45.31
C ILE K 380 34.19 17.16 -46.38
N HIS K 381 34.08 18.46 -46.17
CA HIS K 381 34.64 19.43 -47.10
C HIS K 381 36.16 19.36 -47.15
N GLN K 382 36.80 19.15 -46.00
CA GLN K 382 38.24 18.99 -45.98
C GLN K 382 38.68 17.71 -46.65
N CYS K 383 37.89 16.64 -46.52
CA CYS K 383 38.24 15.36 -47.15
C CYS K 383 38.17 15.47 -48.67
N LEU K 384 37.23 16.26 -49.18
CA LEU K 384 37.10 16.46 -50.61
C LEU K 384 38.33 17.14 -51.18
N ASN K 385 38.99 17.98 -50.41
CA ASN K 385 40.09 18.75 -50.96
C ASN K 385 41.42 18.06 -50.81
N LYS K 386 41.49 17.04 -49.96
CA LYS K 386 42.70 16.27 -49.75
C LYS K 386 42.63 14.86 -50.32
N MET K 387 41.59 14.53 -51.05
CA MET K 387 41.43 13.21 -51.65
C MET K 387 42.62 12.86 -52.52
N PRO K 388 43.53 12.00 -52.09
CA PRO K 388 44.69 11.66 -52.91
C PRO K 388 44.32 10.56 -53.90
N ALA K 389 45.21 10.32 -54.84
CA ALA K 389 45.00 9.27 -55.81
C ALA K 389 45.74 8.01 -55.38
N GLY K 390 45.31 6.90 -55.91
CA GLY K 390 45.99 5.65 -55.68
C GLY K 390 45.01 4.58 -55.31
N PRO K 391 45.50 3.41 -54.99
CA PRO K 391 44.61 2.29 -54.68
C PRO K 391 43.70 2.64 -53.51
N VAL K 392 42.50 2.09 -53.55
CA VAL K 392 41.52 2.29 -52.49
C VAL K 392 41.49 1.00 -51.69
N ARG K 393 42.41 0.12 -52.03
CA ARG K 393 42.42 -1.24 -51.51
C ARG K 393 43.88 -1.59 -51.26
N TYR K 394 44.15 -2.26 -50.15
CA TYR K 394 45.53 -2.63 -49.84
C TYR K 394 46.13 -3.43 -51.00
N GLU K 395 47.30 -2.99 -51.46
CA GLU K 395 47.91 -3.50 -52.68
C GLU K 395 48.65 -4.80 -52.38
N ASP K 396 47.87 -5.85 -52.11
CA ASP K 396 48.42 -7.16 -51.78
C ASP K 396 47.32 -8.22 -51.92
N TYR K 397 47.44 -9.11 -52.89
CA TYR K 397 46.34 -10.00 -53.20
C TYR K 397 46.24 -11.19 -52.26
N LYS K 398 47.17 -11.36 -51.32
CA LYS K 398 46.97 -12.34 -50.28
C LYS K 398 46.01 -11.84 -49.19
N ILE K 399 45.55 -10.61 -49.29
CA ILE K 399 44.70 -10.01 -48.28
C ILE K 399 43.43 -9.43 -48.90
N THR K 400 43.58 -8.68 -49.97
CA THR K 400 42.42 -8.07 -50.61
C THR K 400 42.23 -8.69 -51.99
N PRO K 401 41.01 -8.78 -52.49
CA PRO K 401 40.78 -9.46 -53.75
C PRO K 401 41.44 -8.72 -54.91
N PRO K 402 42.01 -9.45 -55.86
CA PRO K 402 42.57 -8.81 -57.05
C PRO K 402 41.48 -8.23 -57.91
N PRO K 403 41.81 -7.30 -58.79
CA PRO K 403 40.83 -6.82 -59.77
C PRO K 403 40.30 -7.96 -60.63
N ARG K 404 39.07 -7.80 -61.09
CA ARG K 404 38.48 -8.81 -61.96
C ARG K 404 39.32 -9.03 -63.20
N ALA K 405 39.87 -7.94 -63.74
CA ALA K 405 40.65 -8.03 -64.97
C ALA K 405 41.94 -8.82 -64.76
N ALA K 406 42.55 -8.68 -63.58
CA ALA K 406 43.74 -9.47 -63.27
C ALA K 406 43.40 -10.94 -63.12
N MET K 407 42.32 -11.23 -62.39
CA MET K 407 41.91 -12.60 -62.13
C MET K 407 41.62 -13.34 -63.43
N LYS K 408 41.10 -12.64 -64.44
CA LYS K 408 40.80 -13.23 -65.73
C LYS K 408 42.00 -13.26 -66.66
N GLU K 409 43.13 -12.69 -66.28
CA GLU K 409 44.33 -12.65 -67.13
C GLU K 409 45.56 -13.26 -66.49
N ASN K 410 45.78 -13.11 -65.20
CA ASN K 410 47.07 -13.56 -64.60
C ASN K 410 46.86 -14.79 -63.70
N MET K 411 47.75 -15.78 -63.78
CA MET K 411 47.66 -17.04 -62.98
C MET K 411 47.63 -16.77 -61.47
N GLU K 412 48.57 -15.97 -60.97
CA GLU K 412 48.72 -15.74 -59.53
C GLU K 412 47.44 -15.08 -59.02
N ALA K 413 46.90 -14.15 -59.80
CA ALA K 413 45.69 -13.42 -59.41
C ALA K 413 44.47 -14.36 -59.28
N LEU K 414 44.23 -15.28 -60.19
CA LEU K 414 43.11 -16.23 -60.07
C LEU K 414 43.30 -17.13 -58.84
N ILE K 415 44.53 -17.59 -58.58
CA ILE K 415 44.82 -18.40 -57.36
C ILE K 415 44.44 -17.57 -56.12
N HIS K 416 44.85 -16.29 -56.09
CA HIS K 416 44.62 -15.46 -54.87
C HIS K 416 43.14 -15.13 -54.80
N HIS K 417 42.49 -14.92 -55.95
CA HIS K 417 41.05 -14.72 -55.99
C HIS K 417 40.32 -15.95 -55.45
N PHE K 418 40.71 -17.13 -55.90
CA PHE K 418 40.02 -18.35 -55.52
C PHE K 418 40.14 -18.63 -54.02
N LEU K 419 41.34 -18.48 -53.46
CA LEU K 419 41.55 -18.81 -52.05
C LEU K 419 40.95 -17.77 -51.12
N LEU K 420 40.82 -16.53 -51.56
CA LEU K 420 40.23 -15.52 -50.69
C LEU K 420 38.72 -15.69 -50.55
N PHE K 421 38.07 -16.24 -51.56
CA PHE K 421 36.62 -16.39 -51.53
C PHE K 421 36.16 -17.75 -51.02
N THR K 422 37.08 -18.68 -50.79
CA THR K 422 36.74 -19.98 -50.23
C THR K 422 37.31 -20.16 -48.84
N LYS K 423 38.62 -20.06 -48.69
CA LYS K 423 39.22 -20.20 -47.37
C LYS K 423 39.23 -18.88 -46.63
N GLY K 424 39.53 -17.79 -47.32
CA GLY K 424 39.76 -16.52 -46.68
C GLY K 424 41.21 -16.33 -46.32
N TYR K 425 41.54 -15.13 -45.89
CA TYR K 425 42.90 -14.85 -45.48
C TYR K 425 43.07 -15.26 -44.02
N ALA K 426 44.25 -15.75 -43.70
CA ALA K 426 44.61 -16.03 -42.33
C ALA K 426 45.04 -14.75 -41.60
N VAL K 427 44.61 -14.63 -40.36
CA VAL K 427 44.99 -13.53 -39.49
C VAL K 427 45.98 -14.07 -38.48
N PRO K 428 47.08 -13.37 -38.19
CA PRO K 428 48.05 -13.92 -37.26
C PRO K 428 47.47 -14.01 -35.86
N PRO K 429 48.00 -14.90 -35.03
CA PRO K 429 47.41 -15.10 -33.71
C PRO K 429 47.57 -13.88 -32.84
N GLY K 430 46.69 -13.79 -31.85
CA GLY K 430 46.72 -12.68 -30.94
C GLY K 430 45.33 -12.20 -30.69
N ASP K 431 45.23 -11.13 -29.91
CA ASP K 431 43.93 -10.50 -29.59
C ASP K 431 44.15 -8.99 -29.65
N THR K 432 43.13 -8.21 -30.02
CA THR K 432 43.23 -6.74 -30.00
C THR K 432 41.90 -6.16 -29.54
N TYR K 433 41.94 -5.09 -28.75
CA TYR K 433 40.68 -4.36 -28.46
C TYR K 433 40.84 -3.06 -29.25
N THR K 434 39.90 -2.79 -30.14
CA THR K 434 39.99 -1.62 -30.99
C THR K 434 38.71 -0.83 -30.83
N ALA K 435 38.84 0.48 -30.66
CA ALA K 435 37.71 1.36 -30.49
C ALA K 435 37.78 2.50 -31.49
N ILE K 436 36.61 2.98 -31.90
CA ILE K 436 36.48 4.17 -32.71
C ILE K 436 35.47 5.08 -32.05
N GLU K 437 35.38 6.30 -32.54
CA GLU K 437 34.38 7.25 -32.08
C GLU K 437 33.16 7.05 -32.97
N ALA K 438 32.32 6.11 -32.62
CA ALA K 438 31.08 5.87 -33.32
C ALA K 438 30.08 6.96 -33.00
N PRO K 439 29.07 7.16 -33.86
CA PRO K 439 28.12 8.23 -33.60
C PRO K 439 27.32 8.07 -32.31
N LYS K 440 27.16 6.86 -31.77
CA LYS K 440 26.38 6.68 -30.56
C LYS K 440 27.22 6.62 -29.30
N GLY K 441 28.52 6.84 -29.41
CA GLY K 441 29.44 6.70 -28.30
C GLY K 441 30.69 6.00 -28.77
N GLU K 442 31.40 5.31 -27.89
CA GLU K 442 32.55 4.50 -28.28
C GLU K 442 32.11 3.09 -28.65
N MET K 443 32.46 2.65 -29.85
CA MET K 443 32.20 1.30 -30.29
C MET K 443 33.50 0.56 -30.46
N GLY K 444 33.60 -0.59 -29.82
CA GLY K 444 34.81 -1.36 -29.84
C GLY K 444 34.52 -2.82 -30.08
N VAL K 445 35.56 -3.52 -30.51
CA VAL K 445 35.46 -4.95 -30.73
C VAL K 445 36.69 -5.61 -30.13
N TYR K 446 36.49 -6.75 -29.48
CA TYR K 446 37.57 -7.61 -29.01
C TYR K 446 37.59 -8.83 -29.91
N VAL K 447 38.67 -9.00 -30.66
CA VAL K 447 38.81 -10.12 -31.57
C VAL K 447 39.98 -10.97 -31.11
N VAL K 448 39.69 -12.21 -30.75
CA VAL K 448 40.72 -13.23 -30.56
C VAL K 448 40.97 -13.90 -31.89
N SER K 449 42.23 -13.96 -32.33
CA SER K 449 42.60 -14.70 -33.57
C SER K 449 43.33 -16.00 -33.18
N ASP K 450 43.07 -17.09 -33.90
CA ASP K 450 43.77 -18.39 -33.66
C ASP K 450 44.80 -18.65 -34.74
N GLY K 451 45.15 -17.64 -35.54
CA GLY K 451 46.10 -17.81 -36.66
C GLY K 451 45.49 -18.43 -37.89
N SER K 452 44.19 -18.70 -37.85
CA SER K 452 43.49 -19.34 -38.94
C SER K 452 42.67 -18.32 -39.71
N GLU K 453 41.73 -18.81 -40.51
CA GLU K 453 40.94 -17.99 -41.43
C GLU K 453 39.58 -17.63 -40.87
N ARG K 454 39.21 -18.16 -39.72
CA ARG K 454 38.01 -17.76 -39.05
C ARG K 454 38.32 -17.18 -37.68
N PRO K 455 37.59 -16.17 -37.24
CA PRO K 455 37.81 -15.61 -35.91
C PRO K 455 37.47 -16.60 -34.81
N TYR K 456 38.37 -16.72 -33.84
CA TYR K 456 38.12 -17.59 -32.70
C TYR K 456 37.09 -16.99 -31.75
N ARG K 457 37.01 -15.66 -31.67
CA ARG K 457 36.06 -15.00 -30.80
C ARG K 457 35.93 -13.56 -31.23
N VAL K 458 34.71 -13.12 -31.47
CA VAL K 458 34.41 -11.73 -31.77
C VAL K 458 33.48 -11.21 -30.69
N HIS K 459 33.86 -10.14 -30.04
CA HIS K 459 33.03 -9.49 -29.03
C HIS K 459 32.83 -8.03 -29.41
N ILE K 460 31.58 -7.59 -29.48
CA ILE K 460 31.26 -6.21 -29.82
C ILE K 460 30.95 -5.42 -28.56
N ARG K 461 31.62 -4.29 -28.39
CA ARG K 461 31.28 -3.32 -27.36
C ARG K 461 30.42 -2.23 -28.00
N ALA K 462 29.19 -2.17 -27.56
CA ALA K 462 28.17 -1.29 -28.11
C ALA K 462 27.92 -0.14 -27.17
N PRO K 463 28.04 1.11 -27.63
CA PRO K 463 27.85 2.24 -26.71
C PRO K 463 26.49 2.28 -26.06
N GLY K 464 25.44 1.85 -26.76
CA GLY K 464 24.11 1.92 -26.19
C GLY K 464 23.86 0.88 -25.13
N PHE K 465 24.58 -0.23 -25.17
CA PHE K 465 24.40 -1.26 -24.15
C PHE K 465 24.78 -0.73 -22.77
N ALA K 466 25.88 0.02 -22.69
CA ALA K 466 26.27 0.64 -21.43
C ALA K 466 25.37 1.81 -21.07
N HIS K 467 24.78 2.47 -22.06
CA HIS K 467 23.91 3.60 -21.77
C HIS K 467 22.60 3.13 -21.16
N LEU K 468 21.99 2.09 -21.73
CA LEU K 468 20.75 1.57 -21.18
C LEU K 468 20.95 0.94 -19.82
N SER K 469 22.16 0.47 -19.51
CA SER K 469 22.43 -0.09 -18.19
C SER K 469 22.39 0.99 -17.11
N GLY K 470 22.70 2.23 -17.46
CA GLY K 470 22.61 3.35 -16.54
C GLY K 470 21.32 4.15 -16.61
N PHE K 471 20.27 3.57 -17.19
CA PHE K 471 18.97 4.25 -17.29
C PHE K 471 18.29 4.34 -15.93
N ASP K 472 18.37 3.29 -15.12
CA ASP K 472 17.81 3.33 -13.77
C ASP K 472 18.48 4.41 -12.93
N HIS K 473 19.81 4.49 -12.97
CA HIS K 473 20.55 5.47 -12.13
C HIS K 473 20.24 6.90 -12.57
N ILE K 474 19.76 7.09 -13.80
CA ILE K 474 19.63 8.43 -14.34
C ILE K 474 18.17 8.90 -14.35
N THR K 475 17.23 7.99 -14.50
CA THR K 475 15.82 8.34 -14.53
C THR K 475 15.15 8.24 -13.17
N ARG K 476 15.93 8.03 -12.12
CA ARG K 476 15.35 7.77 -10.81
C ARG K 476 14.77 9.04 -10.24
N GLY K 477 13.49 9.00 -9.87
CA GLY K 477 12.78 10.16 -9.39
C GLY K 477 12.17 11.02 -10.47
N HIS K 478 12.38 10.70 -11.72
CA HIS K 478 11.83 11.52 -12.83
C HIS K 478 10.42 11.06 -13.16
N LEU K 479 9.70 11.81 -13.96
CA LEU K 479 8.39 11.42 -14.46
C LEU K 479 8.54 10.55 -15.70
N LEU K 480 7.48 9.84 -16.04
CA LEU K 480 7.54 8.99 -17.21
C LEU K 480 7.65 9.80 -18.48
N ALA K 481 7.00 10.96 -18.53
CA ALA K 481 7.20 11.86 -19.66
C ALA K 481 8.62 12.40 -19.69
N ASP K 482 9.30 12.42 -18.55
CA ASP K 482 10.72 12.74 -18.53
C ASP K 482 11.56 11.58 -19.04
N ALA K 483 11.13 10.35 -18.78
CA ALA K 483 11.92 9.18 -19.14
C ALA K 483 11.92 8.94 -20.64
N VAL K 484 10.84 9.35 -21.33
CA VAL K 484 10.81 9.20 -22.77
C VAL K 484 11.83 10.13 -23.41
N ALA K 485 12.07 11.29 -22.80
CA ALA K 485 13.11 12.20 -23.25
C ALA K 485 14.49 11.61 -22.97
N VAL K 486 14.63 10.82 -21.91
CA VAL K 486 15.97 10.28 -21.56
C VAL K 486 16.27 9.14 -22.53
N ILE K 487 15.25 8.42 -22.97
CA ILE K 487 15.44 7.31 -23.94
C ILE K 487 16.00 7.88 -25.24
N GLY K 488 15.53 9.05 -25.67
CA GLY K 488 15.95 9.60 -26.98
C GLY K 488 17.29 10.28 -26.92
N THR K 489 17.64 10.87 -25.79
CA THR K 489 18.95 11.49 -25.67
C THR K 489 20.07 10.46 -25.62
N MET K 490 19.77 9.24 -25.21
CA MET K 490 20.69 8.13 -25.31
C MET K 490 20.44 7.49 -26.67
N ASP K 491 21.46 7.43 -27.49
CA ASP K 491 21.28 7.05 -28.88
C ASP K 491 21.08 5.55 -28.96
N LEU K 492 19.83 5.08 -29.02
CA LEU K 492 19.53 3.69 -28.73
C LEU K 492 18.88 3.00 -29.91
N VAL K 493 19.62 2.08 -30.51
CA VAL K 493 19.13 1.14 -31.51
C VAL K 493 19.35 -0.24 -30.94
N PHE K 494 18.28 -1.02 -30.82
CA PHE K 494 18.39 -2.20 -29.98
C PHE K 494 19.10 -3.36 -30.64
N GLY K 495 19.33 -3.30 -31.95
CA GLY K 495 20.20 -4.27 -32.57
C GLY K 495 21.63 -4.06 -32.17
N GLU K 496 21.97 -2.84 -31.77
CA GLU K 496 23.27 -2.55 -31.19
C GLU K 496 23.37 -3.16 -29.81
N VAL K 497 22.36 -2.90 -28.96
CA VAL K 497 22.39 -3.32 -27.56
C VAL K 497 22.45 -4.82 -27.44
N ASP K 498 21.63 -5.53 -28.20
CA ASP K 498 21.60 -6.98 -28.24
C ASP K 498 22.37 -7.41 -29.48
N ARG K 499 23.42 -8.19 -29.30
CA ARG K 499 24.24 -8.52 -30.46
C ARG K 499 24.09 -9.99 -30.87
N PRO L 2 6.31 28.09 -54.87
CA PRO L 2 5.03 27.97 -55.57
C PRO L 2 3.88 27.75 -54.60
N VAL L 3 2.66 27.89 -55.11
CA VAL L 3 1.45 27.83 -54.29
C VAL L 3 0.84 26.45 -54.45
N PRO L 4 0.67 25.70 -53.38
CA PRO L 4 0.13 24.33 -53.51
C PRO L 4 -1.39 24.32 -53.46
N PHE L 5 -2.02 24.71 -54.57
CA PHE L 5 -3.46 24.91 -54.57
C PHE L 5 -4.23 23.64 -54.24
N GLU L 6 -3.63 22.47 -54.39
CA GLU L 6 -4.33 21.24 -54.04
C GLU L 6 -4.64 21.19 -52.55
N THR L 7 -3.68 21.56 -51.71
CA THR L 7 -3.95 21.61 -50.29
C THR L 7 -4.99 22.66 -49.95
N LEU L 8 -5.08 23.70 -50.78
CA LEU L 8 -6.04 24.77 -50.62
C LEU L 8 -7.44 24.39 -51.09
N ILE L 9 -7.59 23.33 -51.87
CA ILE L 9 -8.91 22.92 -52.35
C ILE L 9 -9.87 22.61 -51.21
N PRO L 10 -9.52 21.79 -50.21
CA PRO L 10 -10.46 21.55 -49.11
C PRO L 10 -10.93 22.79 -48.39
N TYR L 11 -10.06 23.78 -48.19
CA TYR L 11 -10.47 25.00 -47.50
C TYR L 11 -11.54 25.74 -48.29
N GLY L 12 -11.38 25.80 -49.61
CA GLY L 12 -12.40 26.39 -50.43
C GLY L 12 -13.72 25.64 -50.36
N ILE L 13 -13.67 24.33 -50.13
CA ILE L 13 -14.90 23.57 -49.96
C ILE L 13 -15.64 24.02 -48.72
N ILE L 14 -14.90 24.19 -47.62
CA ILE L 14 -15.51 24.62 -46.36
C ILE L 14 -16.13 26.01 -46.52
N ILE L 15 -15.44 26.90 -47.21
CA ILE L 15 -15.99 28.24 -47.45
C ILE L 15 -17.25 28.15 -48.31
N ALA L 16 -17.28 27.22 -49.25
CA ALA L 16 -18.47 27.10 -50.11
C ALA L 16 -19.64 26.54 -49.28
N MET L 17 -19.37 25.68 -48.32
CA MET L 17 -20.44 25.08 -47.47
C MET L 17 -21.02 26.13 -46.54
N PHE L 18 -20.16 26.96 -45.95
CA PHE L 18 -20.63 28.06 -45.08
C PHE L 18 -21.44 29.05 -45.93
N GLY L 19 -20.99 29.28 -47.16
CA GLY L 19 -21.74 30.15 -48.07
C GLY L 19 -23.11 29.58 -48.36
N VAL L 20 -23.22 28.28 -48.61
CA VAL L 20 -24.52 27.63 -48.97
C VAL L 20 -25.47 27.64 -47.78
N THR L 21 -24.97 27.42 -46.56
CA THR L 21 -25.86 27.48 -45.37
C THR L 21 -26.44 28.88 -45.24
N GLY L 22 -25.61 29.91 -45.35
CA GLY L 22 -26.10 31.29 -45.16
C GLY L 22 -26.92 31.70 -46.35
N ALA L 23 -26.48 31.31 -47.55
CA ALA L 23 -27.27 31.59 -48.74
C ALA L 23 -28.65 30.97 -48.64
N GLY L 24 -28.71 29.67 -48.36
CA GLY L 24 -29.96 28.95 -48.45
C GLY L 24 -30.87 29.20 -47.26
N MET L 25 -30.29 29.65 -46.15
CA MET L 25 -31.10 29.87 -44.91
C MET L 25 -31.73 31.26 -44.97
N ALA L 26 -31.05 32.23 -45.59
CA ALA L 26 -31.60 33.58 -45.75
C ALA L 26 -32.81 33.53 -46.68
N LYS L 27 -32.81 32.62 -47.65
CA LYS L 27 -33.91 32.62 -48.65
C LYS L 27 -35.12 31.86 -48.08
N VAL L 28 -34.90 30.74 -47.42
CA VAL L 28 -36.05 30.02 -46.81
C VAL L 28 -36.77 30.93 -45.79
N ARG L 29 -36.04 31.67 -44.97
CA ARG L 29 -36.65 32.62 -44.00
C ARG L 29 -37.37 33.73 -44.74
N HIS L 30 -36.82 34.19 -45.85
CA HIS L 30 -37.43 35.31 -46.61
C HIS L 30 -38.83 34.91 -47.03
N MET L 31 -38.95 33.75 -47.67
CA MET L 31 -40.24 33.22 -48.15
C MET L 31 -41.18 32.93 -46.97
N PHE L 32 -40.63 32.41 -45.86
CA PHE L 32 -41.43 32.07 -44.66
C PHE L 32 -42.02 33.34 -44.07
N ASN L 33 -41.28 34.45 -44.18
CA ASN L 33 -41.72 35.72 -43.58
C ASN L 33 -42.51 36.57 -44.58
N GLY L 34 -42.97 35.98 -45.68
CA GLY L 34 -43.85 36.72 -46.60
C GLY L 34 -43.06 37.48 -47.62
N ASP L 35 -41.94 36.91 -48.03
CA ASP L 35 -41.06 37.56 -49.05
C ASP L 35 -40.60 38.90 -48.52
N LYS L 36 -40.37 38.97 -47.21
CA LYS L 36 -39.79 40.19 -46.61
C LYS L 36 -38.71 39.70 -45.67
N ARG L 37 -37.76 40.56 -45.31
CA ARG L 37 -36.63 40.11 -44.47
C ARG L 37 -37.14 39.69 -43.09
N HIS L 38 -36.56 38.65 -42.52
CA HIS L 38 -36.94 38.11 -41.20
C HIS L 38 -36.56 39.01 -40.02
N ARG L 39 -37.29 38.91 -38.92
CA ARG L 39 -36.99 39.68 -37.69
C ARG L 39 -35.90 38.95 -36.91
N TRP L 40 -35.07 39.67 -36.15
CA TRP L 40 -34.02 38.96 -35.34
C TRP L 40 -34.12 39.08 -33.82
N SER L 41 -33.63 40.15 -33.20
CA SER L 41 -33.59 40.16 -31.70
C SER L 41 -34.95 40.54 -31.13
N VAL L 42 -35.93 39.65 -31.23
CA VAL L 42 -37.33 39.99 -30.88
C VAL L 42 -37.65 39.83 -29.39
N ASP L 43 -38.06 40.92 -28.73
CA ASP L 43 -38.46 40.88 -27.31
C ASP L 43 -39.97 40.73 -27.21
N GLN L 44 -40.51 40.85 -25.98
CA GLN L 44 -41.97 40.72 -25.73
C GLN L 44 -42.72 41.78 -26.54
N TRP L 45 -42.20 43.00 -26.59
CA TRP L 45 -42.84 44.09 -27.36
C TRP L 45 -42.94 43.75 -28.84
N ASP L 46 -41.86 43.27 -29.44
CA ASP L 46 -41.83 43.00 -30.89
C ASP L 46 -42.80 41.86 -31.21
N LYS L 47 -42.83 40.85 -30.36
CA LYS L 47 -43.73 39.69 -30.57
C LYS L 47 -45.20 40.09 -30.48
N GLN L 48 -45.56 40.90 -29.49
CA GLN L 48 -46.93 41.41 -29.36
C GLN L 48 -47.26 42.31 -30.55
N GLN L 49 -46.30 43.11 -31.01
CA GLN L 49 -46.52 43.99 -32.17
C GLN L 49 -46.85 43.13 -33.40
N MET L 50 -46.14 42.03 -33.59
CA MET L 50 -46.44 41.07 -34.69
C MET L 50 -47.81 40.42 -34.48
N GLU L 51 -48.19 40.12 -33.24
CA GLU L 51 -49.53 39.56 -32.95
C GLU L 51 -50.64 40.53 -33.37
N ARG L 52 -50.41 41.83 -33.22
CA ARG L 52 -51.45 42.83 -33.56
C ARG L 52 -51.38 43.00 -35.06
N ASP L 53 -50.23 42.72 -35.65
CA ASP L 53 -50.19 42.70 -37.11
C ASP L 53 -51.05 41.58 -37.66
N ARG L 54 -51.01 40.42 -37.00
CA ARG L 54 -51.88 39.33 -37.38
C ARG L 54 -53.34 39.69 -37.20
N ARG L 55 -53.64 40.45 -36.15
CA ARG L 55 -55.01 40.87 -35.90
C ARG L 55 -55.54 41.75 -37.03
N LEU L 56 -54.70 42.62 -37.56
CA LEU L 56 -55.18 43.54 -38.59
C LEU L 56 -55.17 42.89 -39.96
N THR L 57 -54.19 42.05 -40.25
CA THR L 57 -54.04 41.48 -41.59
C THR L 57 -54.24 39.97 -41.66
N GLY L 58 -53.91 39.23 -40.61
CA GLY L 58 -53.95 37.75 -40.66
C GLY L 58 -52.55 37.19 -40.74
N HIS L 59 -51.57 38.01 -41.13
CA HIS L 59 -50.15 37.57 -41.23
C HIS L 59 -49.35 38.26 -40.12
N LEU L 60 -48.48 37.52 -39.42
CA LEU L 60 -47.64 38.08 -38.34
C LEU L 60 -46.72 39.17 -38.91
N ARG L 61 -46.30 39.04 -40.18
CA ARG L 61 -45.47 40.08 -40.82
C ARG L 61 -46.30 41.09 -41.63
N GLY L 62 -47.63 41.00 -41.64
CA GLY L 62 -48.45 41.90 -42.48
C GLY L 62 -48.43 43.35 -42.03
N GLN L 63 -48.43 44.32 -42.96
CA GLN L 63 -48.38 45.73 -42.65
C GLN L 63 -49.46 46.49 -43.40
N THR L 64 -50.12 47.41 -42.71
CA THR L 64 -51.21 48.24 -43.28
C THR L 64 -51.13 49.63 -42.67
N ASP L 65 -51.23 50.66 -43.50
CA ASP L 65 -51.17 52.05 -43.00
C ASP L 65 -52.56 52.69 -42.79
N ASN L 66 -53.65 51.96 -42.95
CA ASN L 66 -55.01 52.60 -42.85
C ASN L 66 -55.23 53.16 -41.44
N PRO L 67 -55.73 54.40 -41.29
CA PRO L 67 -55.91 54.98 -39.98
C PRO L 67 -56.95 54.22 -39.14
N ILE L 68 -58.06 53.80 -39.76
CA ILE L 68 -59.13 53.09 -39.03
C ILE L 68 -58.96 51.58 -39.09
N ALA L 69 -59.12 50.87 -37.97
CA ALA L 69 -59.12 49.44 -37.93
C ALA L 69 -60.44 48.91 -38.51
N PRO L 70 -60.41 47.76 -39.18
CA PRO L 70 -61.63 47.23 -39.80
C PRO L 70 -62.58 46.66 -38.77
N PRO L 71 -63.88 46.58 -39.10
CA PRO L 71 -64.85 46.09 -38.11
C PRO L 71 -64.58 44.65 -37.70
N GLY L 72 -64.76 44.39 -36.42
CA GLY L 72 -64.34 43.15 -35.83
C GLY L 72 -62.99 43.18 -35.14
N PHE L 73 -62.15 44.17 -35.45
CA PHE L 73 -60.78 44.27 -34.86
C PHE L 73 -60.88 44.25 -33.33
N GLU L 74 -61.91 44.87 -32.78
CA GLU L 74 -62.07 44.97 -31.31
C GLU L 74 -62.14 43.58 -30.65
N PHE L 75 -62.73 42.57 -31.30
CA PHE L 75 -62.94 41.23 -30.67
C PHE L 75 -61.87 40.19 -31.05
N ASN L 76 -60.91 40.50 -31.94
CA ASN L 76 -59.94 39.48 -32.42
C ASN L 76 -58.69 39.47 -31.56
N ASN L 77 -58.66 40.26 -30.48
CA ASN L 77 -57.51 40.34 -29.55
C ASN L 77 -57.32 38.94 -28.97
N PRO L 78 -56.18 38.28 -29.15
CA PRO L 78 -56.03 36.89 -28.71
C PRO L 78 -55.60 36.74 -27.25
N TRP L 79 -56.42 36.09 -26.43
CA TRP L 79 -55.98 35.79 -25.04
C TRP L 79 -55.56 34.31 -25.04
N LYS L 80 -54.29 34.05 -24.78
CA LYS L 80 -53.75 32.67 -24.84
C LYS L 80 -54.21 31.84 -23.64
N VAL L 81 -54.46 30.58 -23.83
CA VAL L 81 -54.91 29.68 -22.73
C VAL L 81 -53.93 28.51 -22.63
N UNK L 82 -53.59 28.09 -21.44
CA UNK L 82 -52.65 27.03 -21.18
C UNK L 82 -53.26 26.09 -20.15
N UNK L 83 -52.76 24.87 -20.13
CA UNK L 83 -53.20 23.92 -19.13
C UNK L 83 -52.32 23.89 -17.89
N UNK L 84 -51.01 24.07 -18.02
CA UNK L 84 -50.12 23.75 -16.91
C UNK L 84 -49.35 24.95 -16.36
N UNK L 85 -48.47 25.56 -17.15
CA UNK L 85 -47.47 26.42 -16.52
C UNK L 85 -48.02 27.82 -16.29
N UNK L 86 -47.50 28.45 -15.26
CA UNK L 86 -48.06 29.68 -14.76
C UNK L 86 -47.22 30.22 -13.61
N ILE M 26 3.01 -45.61 -36.00
CA ILE M 26 4.07 -45.85 -35.03
C ILE M 26 5.24 -46.55 -35.70
N SER M 27 4.93 -47.37 -36.70
CA SER M 27 5.94 -48.05 -37.49
C SER M 27 6.52 -47.09 -38.52
N ASP M 28 7.73 -47.41 -38.98
CA ASP M 28 8.38 -46.57 -39.98
C ASP M 28 8.00 -46.94 -41.40
N ILE M 29 7.34 -48.07 -41.60
CA ILE M 29 6.94 -48.53 -42.92
C ILE M 29 5.44 -48.62 -42.94
N HIS M 30 4.83 -48.10 -43.98
CA HIS M 30 3.41 -48.22 -44.21
C HIS M 30 3.23 -48.74 -45.62
N ILE M 31 2.61 -49.90 -45.75
CA ILE M 31 2.17 -50.39 -47.04
C ILE M 31 0.72 -49.97 -47.18
N THR M 32 0.45 -49.13 -48.17
CA THR M 32 -0.90 -48.63 -48.33
C THR M 32 -1.79 -49.74 -48.85
N ARG M 33 -3.10 -49.50 -48.74
CA ARG M 33 -4.07 -50.52 -49.12
C ARG M 33 -3.89 -50.94 -50.58
N THR M 34 -3.43 -50.02 -51.42
CA THR M 34 -3.17 -50.38 -52.81
C THR M 34 -1.89 -51.19 -52.98
N GLY M 35 -0.92 -51.02 -52.07
CA GLY M 35 0.29 -51.81 -52.12
C GLY M 35 1.58 -51.03 -52.14
N LYS M 36 1.59 -49.71 -52.32
CA LYS M 36 2.87 -49.03 -52.38
C LYS M 36 3.41 -48.80 -50.97
N PRO M 37 4.73 -48.90 -50.78
CA PRO M 37 5.31 -48.70 -49.45
C PRO M 37 5.76 -47.26 -49.20
N LEU M 38 5.59 -46.84 -47.95
CA LEU M 38 6.03 -45.53 -47.47
C LEU M 38 7.13 -45.73 -46.45
N ILE M 39 8.21 -44.98 -46.57
CA ILE M 39 9.28 -45.09 -45.58
C ILE M 39 9.36 -43.77 -44.83
N ARG M 40 8.67 -43.67 -43.72
CA ARG M 40 8.57 -42.43 -43.00
C ARG M 40 9.72 -42.26 -42.01
N ILE M 41 10.10 -41.01 -41.79
CA ILE M 41 10.98 -40.61 -40.71
C ILE M 41 10.13 -39.83 -39.72
N GLN M 42 10.07 -40.31 -38.49
CA GLN M 42 9.10 -39.81 -37.52
C GLN M 42 9.72 -38.72 -36.69
N GLY M 43 9.43 -37.49 -37.05
CA GLY M 43 9.85 -36.35 -36.25
C GLY M 43 8.76 -35.31 -36.20
N GLY M 44 9.13 -34.06 -36.45
CA GLY M 44 8.18 -32.97 -36.40
C GLY M 44 7.97 -32.31 -37.73
N ARG M 45 8.05 -30.98 -37.77
CA ARG M 45 7.69 -30.21 -38.98
C ARG M 45 8.55 -30.57 -40.19
N SER M 46 9.88 -30.64 -40.04
CA SER M 46 10.76 -30.87 -41.21
C SER M 46 10.85 -32.35 -41.54
N SER M 47 10.18 -33.21 -40.79
CA SER M 47 10.29 -34.68 -40.99
C SER M 47 9.60 -35.18 -42.26
N LEU M 48 9.43 -36.49 -42.40
CA LEU M 48 8.84 -37.14 -43.56
C LEU M 48 7.74 -38.08 -43.07
N GLY M 49 6.51 -37.57 -42.99
CA GLY M 49 5.39 -38.46 -42.72
C GLY M 49 4.98 -39.29 -43.92
N GLU M 50 5.17 -38.75 -45.12
CA GLU M 50 4.98 -39.44 -46.39
C GLU M 50 3.53 -39.79 -46.69
N HIS M 51 2.63 -39.49 -45.78
CA HIS M 51 1.21 -39.57 -46.07
C HIS M 51 0.76 -38.31 -46.81
N THR M 52 0.04 -38.50 -47.91
CA THR M 52 -0.63 -37.41 -48.60
C THR M 52 -2.11 -37.46 -48.23
N ALA M 53 -2.65 -36.35 -47.77
CA ALA M 53 -4.02 -36.31 -47.29
C ALA M 53 -4.82 -35.23 -48.00
N THR M 54 -6.10 -35.52 -48.22
CA THR M 54 -7.06 -34.54 -48.70
C THR M 54 -8.17 -34.46 -47.67
N VAL M 55 -8.33 -33.31 -47.04
CA VAL M 55 -9.38 -33.10 -46.06
C VAL M 55 -10.44 -32.19 -46.66
N PHE M 56 -11.60 -32.75 -46.96
CA PHE M 56 -12.76 -31.97 -47.37
C PHE M 56 -13.52 -31.52 -46.14
N GLY M 57 -13.76 -30.23 -46.03
CA GLY M 57 -14.37 -29.70 -44.83
C GLY M 57 -13.37 -29.35 -43.77
N ALA M 58 -12.27 -28.71 -44.15
CA ALA M 58 -11.15 -28.47 -43.26
C ALA M 58 -11.21 -27.11 -42.58
N THR M 59 -12.07 -26.21 -43.02
CA THR M 59 -12.12 -24.87 -42.49
C THR M 59 -13.12 -24.71 -41.34
N GLY M 60 -13.77 -25.79 -40.94
CA GLY M 60 -14.69 -25.75 -39.82
C GLY M 60 -13.94 -25.90 -38.52
N GLN M 61 -14.66 -26.36 -37.50
CA GLN M 61 -14.02 -26.49 -36.20
C GLN M 61 -13.29 -27.81 -36.03
N LEU M 62 -13.73 -28.88 -36.68
CA LEU M 62 -13.00 -30.14 -36.52
C LEU M 62 -11.78 -30.21 -37.42
N GLY M 63 -11.89 -29.68 -38.64
CA GLY M 63 -10.86 -29.91 -39.64
C GLY M 63 -9.51 -29.37 -39.26
N ARG M 64 -9.49 -28.25 -38.54
CA ARG M 64 -8.23 -27.70 -38.05
C ARG M 64 -7.51 -28.63 -37.07
N TYR M 65 -8.19 -29.60 -36.50
CA TYR M 65 -7.45 -30.55 -35.67
C TYR M 65 -6.89 -31.71 -36.47
N ILE M 66 -7.61 -32.21 -37.47
CA ILE M 66 -7.02 -33.23 -38.31
C ILE M 66 -5.90 -32.66 -39.17
N VAL M 67 -6.07 -31.45 -39.69
CA VAL M 67 -5.03 -30.87 -40.54
C VAL M 67 -3.76 -30.65 -39.74
N ASN M 68 -3.87 -30.05 -38.56
CA ASN M 68 -2.70 -29.74 -37.75
C ASN M 68 -1.95 -31.00 -37.33
N ARG M 69 -2.68 -32.09 -37.08
CA ARG M 69 -2.06 -33.30 -36.61
C ARG M 69 -1.23 -33.98 -37.70
N LEU M 70 -1.72 -33.99 -38.94
CA LEU M 70 -0.92 -34.52 -40.03
C LEU M 70 0.23 -33.60 -40.38
N ALA M 71 -0.04 -32.31 -40.49
CA ALA M 71 0.97 -31.38 -40.97
C ALA M 71 2.15 -31.27 -40.01
N ARG M 72 1.88 -31.17 -38.71
CA ARG M 72 2.96 -30.99 -37.76
C ARG M 72 3.85 -32.22 -37.63
N GLN M 73 3.50 -33.33 -38.28
CA GLN M 73 4.35 -34.51 -38.30
C GLN M 73 4.89 -34.82 -39.69
N GLY M 74 4.88 -33.86 -40.60
CA GLY M 74 5.57 -33.98 -41.86
C GLY M 74 4.81 -34.55 -43.03
N CYS M 75 3.48 -34.43 -43.04
CA CYS M 75 2.66 -35.00 -44.11
C CYS M 75 2.08 -33.89 -44.97
N THR M 76 1.94 -34.16 -46.26
CA THR M 76 1.24 -33.25 -47.16
C THR M 76 -0.26 -33.33 -46.91
N VAL M 77 -0.90 -32.18 -46.74
CA VAL M 77 -2.34 -32.11 -46.55
C VAL M 77 -2.92 -31.21 -47.64
N ILE M 78 -3.72 -31.80 -48.54
CA ILE M 78 -4.48 -31.01 -49.51
C ILE M 78 -5.74 -30.50 -48.83
N VAL M 79 -5.89 -29.19 -48.79
CA VAL M 79 -7.00 -28.53 -48.12
C VAL M 79 -7.83 -27.81 -49.16
N PRO M 80 -8.87 -28.44 -49.68
CA PRO M 80 -9.81 -27.72 -50.53
C PRO M 80 -10.56 -26.68 -49.73
N TYR M 81 -10.76 -25.50 -50.31
CA TYR M 81 -11.44 -24.39 -49.60
C TYR M 81 -12.42 -23.67 -50.50
N ARG M 82 -13.44 -23.03 -49.92
CA ARG M 82 -14.38 -22.20 -50.71
C ARG M 82 -13.97 -20.72 -50.59
N GLU M 83 -13.67 -20.25 -49.34
CA GLU M 83 -13.32 -18.82 -49.10
C GLU M 83 -11.81 -18.67 -48.82
N GLU M 84 -11.16 -17.64 -49.44
CA GLU M 84 -9.73 -17.45 -49.27
C GLU M 84 -9.38 -17.06 -47.85
N MET M 85 -10.12 -16.11 -47.27
CA MET M 85 -9.77 -15.59 -45.96
C MET M 85 -9.81 -16.68 -44.91
N ALA M 86 -10.82 -17.55 -44.98
CA ALA M 86 -11.08 -18.50 -43.91
C ALA M 86 -9.94 -19.49 -43.73
N LYS M 87 -9.34 -19.94 -44.83
CA LYS M 87 -8.38 -21.01 -44.82
C LYS M 87 -7.02 -20.66 -44.22
N ARG M 88 -6.76 -19.38 -43.94
CA ARG M 88 -5.38 -18.91 -43.75
C ARG M 88 -4.73 -19.48 -42.51
N HIS M 89 -5.49 -19.71 -41.45
CA HIS M 89 -4.95 -20.19 -40.19
C HIS M 89 -4.40 -21.61 -40.29
N LEU M 90 -4.73 -22.35 -41.35
CA LEU M 90 -4.30 -23.73 -41.47
C LEU M 90 -2.87 -23.86 -41.95
N LYS M 91 -2.34 -22.85 -42.64
CA LYS M 91 -1.01 -22.98 -43.21
C LYS M 91 0.09 -22.91 -42.16
N VAL M 92 -0.16 -22.26 -41.03
CA VAL M 92 0.87 -22.10 -40.02
C VAL M 92 1.35 -23.44 -39.50
N SER M 93 0.51 -24.47 -39.56
CA SER M 93 0.84 -25.73 -38.92
C SER M 93 1.88 -26.54 -39.67
N GLY M 94 2.18 -26.16 -40.90
CA GLY M 94 3.08 -26.99 -41.71
C GLY M 94 4.29 -26.26 -42.26
N ASP M 95 5.32 -27.00 -42.68
CA ASP M 95 6.55 -26.46 -43.32
C ASP M 95 6.26 -26.22 -44.79
N LEU M 96 7.19 -25.61 -45.54
CA LEU M 96 6.95 -25.27 -46.96
C LEU M 96 6.65 -26.52 -47.80
N GLY M 97 5.64 -26.46 -48.66
CA GLY M 97 5.26 -27.59 -49.53
C GLY M 97 4.35 -28.59 -48.85
N ARG M 98 3.87 -28.29 -47.63
CA ARG M 98 3.09 -29.30 -46.89
C ARG M 98 1.58 -28.99 -46.94
N VAL M 99 1.17 -27.78 -46.57
CA VAL M 99 -0.26 -27.42 -46.72
C VAL M 99 -0.53 -26.83 -48.11
N ILE M 100 -1.16 -27.61 -49.00
CA ILE M 100 -1.51 -27.14 -50.33
C ILE M 100 -2.99 -26.78 -50.34
N PHE M 101 -3.31 -25.60 -50.84
CA PHE M 101 -4.68 -25.10 -50.87
C PHE M 101 -5.22 -25.20 -52.28
N MET M 102 -6.43 -25.72 -52.40
CA MET M 102 -7.13 -25.87 -53.67
C MET M 102 -8.48 -25.19 -53.57
N GLU M 103 -8.80 -24.40 -54.60
CA GLU M 103 -10.11 -23.70 -54.68
C GLU M 103 -11.12 -24.73 -55.20
N PHE M 104 -12.16 -25.02 -54.43
CA PHE M 104 -13.10 -26.09 -54.84
C PHE M 104 -14.56 -25.69 -54.63
N ASP M 105 -15.48 -26.34 -55.33
CA ASP M 105 -16.93 -26.13 -55.10
C ASP M 105 -17.56 -27.52 -55.05
N LEU M 106 -18.53 -27.72 -54.15
CA LEU M 106 -19.16 -29.06 -53.99
C LEU M 106 -19.93 -29.42 -55.25
N ARG M 107 -20.19 -28.46 -56.14
CA ARG M 107 -20.85 -28.79 -57.44
C ARG M 107 -19.89 -28.75 -58.64
N ASN M 108 -18.60 -28.52 -58.44
CA ASN M 108 -17.59 -28.59 -59.54
C ASN M 108 -16.82 -29.90 -59.35
N THR M 109 -16.98 -30.88 -60.24
CA THR M 109 -16.38 -32.18 -60.02
C THR M 109 -14.88 -32.16 -60.33
N GLN M 110 -14.47 -31.33 -61.28
CA GLN M 110 -13.06 -31.25 -61.61
C GLN M 110 -12.23 -30.81 -60.42
N SER M 111 -12.69 -29.80 -59.71
CA SER M 111 -12.01 -29.35 -58.46
C SER M 111 -11.88 -30.52 -57.48
N ILE M 112 -12.95 -31.28 -57.29
CA ILE M 112 -12.89 -32.50 -56.43
C ILE M 112 -11.97 -33.53 -57.07
N GLU M 113 -12.06 -33.73 -58.38
CA GLU M 113 -11.24 -34.79 -58.95
C GLU M 113 -9.77 -34.53 -58.70
N GLU M 114 -9.31 -33.34 -59.08
CA GLU M 114 -7.90 -33.01 -58.97
C GLU M 114 -7.45 -32.76 -57.53
N SER M 115 -8.35 -32.73 -56.57
CA SER M 115 -7.93 -32.64 -55.17
C SER M 115 -7.52 -33.99 -54.60
N VAL M 116 -7.99 -35.09 -55.18
CA VAL M 116 -7.81 -36.42 -54.61
C VAL M 116 -6.98 -37.34 -55.48
N ARG M 117 -6.37 -36.84 -56.56
CA ARG M 117 -5.66 -37.75 -57.46
C ARG M 117 -4.36 -38.25 -56.87
N HIS M 118 -3.79 -37.52 -55.92
CA HIS M 118 -2.50 -37.87 -55.34
C HIS M 118 -2.62 -38.39 -53.93
N SER M 119 -3.84 -38.29 -53.40
CA SER M 119 -4.03 -38.61 -51.96
C SER M 119 -4.03 -40.10 -51.64
N ASP M 120 -3.49 -40.41 -50.48
CA ASP M 120 -3.44 -41.76 -49.96
C ASP M 120 -4.70 -42.04 -49.15
N VAL M 121 -5.00 -41.11 -48.25
CA VAL M 121 -6.23 -41.06 -47.49
C VAL M 121 -6.98 -39.81 -47.92
N VAL M 122 -8.29 -39.93 -48.08
CA VAL M 122 -9.18 -38.79 -48.25
C VAL M 122 -10.13 -38.76 -47.06
N TYR M 123 -10.27 -37.58 -46.46
CA TYR M 123 -11.28 -37.32 -45.44
C TYR M 123 -12.42 -36.53 -46.04
N ASN M 124 -13.61 -36.70 -45.47
CA ASN M 124 -14.78 -35.89 -45.80
C ASN M 124 -15.43 -35.44 -44.50
N LEU M 125 -15.20 -34.19 -44.15
CA LEU M 125 -15.80 -33.58 -42.97
C LEU M 125 -16.89 -32.60 -43.34
N ILE M 126 -17.21 -32.45 -44.63
CA ILE M 126 -18.15 -31.44 -45.08
C ILE M 126 -19.53 -31.72 -44.54
N GLY M 127 -20.15 -30.71 -43.93
CA GLY M 127 -21.48 -30.84 -43.42
C GLY M 127 -22.05 -29.58 -42.79
N ARG M 128 -23.29 -29.23 -43.13
CA ARG M 128 -24.05 -28.21 -42.42
C ARG M 128 -25.09 -28.83 -41.51
N ASP M 129 -25.61 -27.99 -40.61
CA ASP M 129 -26.74 -28.31 -39.76
C ASP M 129 -28.03 -27.67 -40.25
N TYR M 130 -27.97 -26.86 -41.30
CA TYR M 130 -29.12 -26.10 -41.75
C TYR M 130 -29.17 -26.10 -43.26
N PRO M 131 -30.33 -25.88 -43.85
CA PRO M 131 -30.40 -25.68 -45.29
C PRO M 131 -30.02 -24.25 -45.65
N THR M 132 -29.52 -24.08 -46.86
CA THR M 132 -29.12 -22.73 -47.32
C THR M 132 -29.96 -22.39 -48.54
N LYS M 133 -29.66 -21.28 -49.19
CA LYS M 133 -30.37 -20.93 -50.44
C LYS M 133 -29.70 -21.67 -51.59
N ASN M 134 -28.61 -22.41 -51.29
CA ASN M 134 -27.84 -23.09 -52.35
C ASN M 134 -27.67 -24.58 -52.02
N PHE M 135 -28.00 -25.01 -50.80
CA PHE M 135 -27.77 -26.42 -50.40
C PHE M 135 -28.83 -26.89 -49.43
N SER M 136 -29.51 -27.98 -49.77
CA SER M 136 -30.46 -28.58 -48.82
C SER M 136 -29.65 -29.69 -48.18
N LEU M 137 -29.95 -30.02 -46.93
CA LEU M 137 -29.24 -31.10 -46.27
C LEU M 137 -29.07 -32.28 -47.20
N ALA M 138 -30.01 -32.46 -48.13
CA ALA M 138 -29.86 -33.46 -49.18
C ALA M 138 -28.67 -33.14 -50.09
N ASP M 139 -28.56 -31.90 -50.54
CA ASP M 139 -27.48 -31.55 -51.46
C ASP M 139 -26.12 -31.71 -50.81
N VAL M 140 -25.98 -31.30 -49.56
CA VAL M 140 -24.67 -31.35 -48.92
C VAL M 140 -24.27 -32.78 -48.66
N HIS M 141 -25.06 -33.49 -47.85
CA HIS M 141 -24.63 -34.78 -47.34
C HIS M 141 -24.76 -35.90 -48.35
N ILE M 142 -25.60 -35.75 -49.37
CA ILE M 142 -25.75 -36.76 -50.41
C ILE M 142 -25.02 -36.36 -51.68
N GLU M 143 -25.41 -35.25 -52.27
CA GLU M 143 -24.87 -34.90 -53.58
C GLU M 143 -23.40 -34.55 -53.51
N GLY M 144 -22.88 -34.26 -52.32
CA GLY M 144 -21.46 -34.00 -52.17
C GLY M 144 -20.70 -35.26 -51.89
N THR M 145 -21.24 -36.09 -51.01
CA THR M 145 -20.62 -37.39 -50.74
C THR M 145 -20.60 -38.25 -52.00
N GLU M 146 -21.71 -38.32 -52.73
CA GLU M 146 -21.69 -38.87 -54.09
C GLU M 146 -20.56 -38.31 -54.93
N ARG M 147 -20.56 -36.99 -55.12
CA ARG M 147 -19.59 -36.38 -56.03
C ARG M 147 -18.15 -36.64 -55.57
N ILE M 148 -17.94 -36.76 -54.26
CA ILE M 148 -16.59 -36.89 -53.71
C ILE M 148 -16.14 -38.36 -53.70
N VAL M 149 -16.98 -39.26 -53.20
CA VAL M 149 -16.60 -40.67 -53.14
C VAL M 149 -16.47 -41.25 -54.54
N GLU M 150 -17.16 -40.67 -55.52
CA GLU M 150 -16.99 -41.13 -56.88
C GLU M 150 -15.60 -40.82 -57.40
N ALA M 151 -14.98 -39.77 -56.88
CA ALA M 151 -13.60 -39.44 -57.21
C ALA M 151 -12.62 -40.35 -56.47
N VAL M 152 -12.92 -40.67 -55.21
CA VAL M 152 -12.13 -41.63 -54.46
C VAL M 152 -12.08 -42.97 -55.16
N ALA M 153 -13.22 -43.40 -55.70
CA ALA M 153 -13.26 -44.64 -56.45
C ALA M 153 -12.67 -44.47 -57.85
N LYS M 154 -12.59 -43.24 -58.33
CA LYS M 154 -12.07 -43.03 -59.68
C LYS M 154 -10.56 -43.16 -59.72
N TYR M 155 -9.89 -42.93 -58.60
CA TYR M 155 -8.44 -42.96 -58.57
C TYR M 155 -7.88 -44.05 -57.66
N ASP M 156 -8.71 -44.96 -57.18
CA ASP M 156 -8.29 -46.06 -56.31
C ASP M 156 -7.56 -45.55 -55.06
N VAL M 157 -8.11 -44.52 -54.43
CA VAL M 157 -7.54 -44.02 -53.18
C VAL M 157 -7.61 -45.11 -52.11
N ASP M 158 -6.59 -45.15 -51.26
CA ASP M 158 -6.42 -46.28 -50.35
C ASP M 158 -7.44 -46.25 -49.22
N ARG M 159 -7.38 -45.23 -48.39
CA ARG M 159 -8.32 -45.07 -47.31
C ARG M 159 -9.24 -43.89 -47.62
N PHE M 160 -10.54 -44.08 -47.41
CA PHE M 160 -11.51 -43.00 -47.46
C PHE M 160 -12.28 -43.03 -46.16
N ILE M 161 -12.22 -41.94 -45.41
CA ILE M 161 -12.83 -41.83 -44.09
C ILE M 161 -13.93 -40.80 -44.18
N GLN M 162 -15.16 -41.24 -43.93
CA GLN M 162 -16.36 -40.42 -43.95
C GLN M 162 -16.78 -40.14 -42.53
N VAL M 163 -16.73 -38.88 -42.13
CA VAL M 163 -17.26 -38.45 -40.85
C VAL M 163 -18.76 -38.24 -41.03
N SER M 164 -19.54 -39.11 -40.43
CA SER M 164 -20.99 -38.99 -40.40
C SER M 164 -21.37 -38.37 -39.07
N THR M 165 -22.62 -38.52 -38.66
CA THR M 165 -23.05 -37.96 -37.40
C THR M 165 -23.51 -39.08 -36.46
N TYR M 166 -23.51 -38.76 -35.17
CA TYR M 166 -24.25 -39.58 -34.23
C TYR M 166 -25.72 -39.56 -34.61
N ASN M 167 -26.43 -40.64 -34.29
CA ASN M 167 -27.85 -40.79 -34.58
C ASN M 167 -28.14 -40.82 -36.06
N ALA M 168 -27.12 -41.04 -36.87
CA ALA M 168 -27.35 -41.21 -38.30
C ALA M 168 -28.16 -42.47 -38.52
N ASN M 169 -29.20 -42.36 -39.36
CA ASN M 169 -30.11 -43.46 -39.59
C ASN M 169 -30.80 -43.11 -40.90
N PRO M 170 -30.81 -44.01 -41.87
CA PRO M 170 -31.43 -43.70 -43.17
C PRO M 170 -32.91 -43.38 -43.08
N ASP M 171 -33.66 -43.94 -42.14
CA ASP M 171 -35.07 -43.57 -41.99
C ASP M 171 -35.30 -42.82 -40.68
N SER M 172 -35.15 -41.50 -40.74
CA SER M 172 -35.29 -40.65 -39.57
C SER M 172 -36.13 -39.43 -39.91
N THR M 173 -36.88 -38.93 -38.93
CA THR M 173 -37.63 -37.70 -39.11
C THR M 173 -36.72 -36.50 -39.23
N CYS M 174 -35.49 -36.60 -38.70
CA CYS M 174 -34.51 -35.54 -38.84
C CYS M 174 -33.86 -35.61 -40.21
N GLU M 175 -33.92 -34.51 -40.96
CA GLU M 175 -33.21 -34.49 -42.24
C GLU M 175 -31.70 -34.57 -42.02
N PHE M 176 -31.23 -34.08 -40.89
CA PHE M 176 -29.81 -34.21 -40.60
C PHE M 176 -29.44 -35.66 -40.33
N PHE M 177 -30.24 -36.35 -39.52
CA PHE M 177 -29.98 -37.76 -39.28
C PHE M 177 -30.37 -38.61 -40.47
N ARG M 178 -31.27 -38.12 -41.31
CA ARG M 178 -31.65 -38.88 -42.48
C ARG M 178 -30.61 -38.75 -43.58
N THR M 179 -30.34 -37.53 -44.00
CA THR M 179 -29.45 -37.29 -45.13
C THR M 179 -28.01 -37.66 -44.81
N LYS M 180 -27.59 -37.50 -43.56
CA LYS M 180 -26.28 -38.00 -43.16
C LYS M 180 -26.24 -39.51 -43.01
N GLY M 181 -27.36 -40.13 -42.69
CA GLY M 181 -27.44 -41.58 -42.69
C GLY M 181 -27.45 -42.18 -44.07
N ILE M 182 -28.03 -41.48 -45.04
CA ILE M 182 -28.04 -41.97 -46.42
C ILE M 182 -26.66 -41.87 -47.05
N ALA M 183 -25.89 -40.85 -46.69
CA ALA M 183 -24.53 -40.74 -47.21
C ALA M 183 -23.70 -41.95 -46.81
N GLU M 184 -23.87 -42.43 -45.58
CA GLU M 184 -23.16 -43.63 -45.15
C GLU M 184 -23.48 -44.80 -46.07
N LYS M 185 -24.71 -44.88 -46.57
CA LYS M 185 -25.05 -45.91 -47.55
C LYS M 185 -24.27 -45.73 -48.83
N VAL M 186 -24.29 -44.51 -49.39
CA VAL M 186 -23.67 -44.33 -50.70
C VAL M 186 -22.16 -44.41 -50.60
N ALA M 187 -21.61 -44.06 -49.44
CA ALA M 187 -20.18 -44.21 -49.22
C ALA M 187 -19.74 -45.64 -49.46
N ARG M 188 -20.36 -46.61 -48.77
CA ARG M 188 -19.93 -47.99 -49.01
C ARG M 188 -20.55 -48.67 -50.20
N HIS M 189 -21.60 -48.13 -50.80
CA HIS M 189 -22.08 -48.78 -52.01
C HIS M 189 -21.02 -48.75 -53.10
N VAL M 190 -20.26 -47.66 -53.17
CA VAL M 190 -19.31 -47.46 -54.24
C VAL M 190 -17.89 -47.63 -53.71
N PHE M 191 -17.68 -47.37 -52.43
CA PHE M 191 -16.41 -47.61 -51.76
C PHE M 191 -16.63 -48.48 -50.53
N PRO M 192 -16.59 -49.80 -50.69
CA PRO M 192 -16.88 -50.69 -49.55
C PRO M 192 -15.91 -50.57 -48.39
N GLU M 193 -14.73 -50.02 -48.63
CA GLU M 193 -13.69 -49.91 -47.61
C GLU M 193 -13.68 -48.52 -46.99
N THR M 194 -14.84 -48.03 -46.63
CA THR M 194 -14.97 -46.70 -46.04
C THR M 194 -15.01 -46.85 -44.53
N THR M 195 -14.16 -46.09 -43.86
CA THR M 195 -14.34 -45.88 -42.44
C THR M 195 -15.48 -44.89 -42.25
N ILE M 196 -16.42 -45.22 -41.38
CA ILE M 196 -17.45 -44.28 -40.93
C ILE M 196 -17.09 -43.85 -39.52
N VAL M 197 -17.21 -42.56 -39.26
CA VAL M 197 -16.97 -41.99 -37.95
C VAL M 197 -18.22 -41.22 -37.54
N ARG M 198 -18.88 -41.67 -36.48
CA ARG M 198 -20.11 -41.01 -35.99
C ARG M 198 -19.82 -40.33 -34.66
N PRO M 199 -19.36 -39.07 -34.64
CA PRO M 199 -19.02 -38.39 -33.40
C PRO M 199 -20.24 -37.83 -32.66
N ALA M 200 -20.15 -37.76 -31.34
CA ALA M 200 -21.23 -37.17 -30.53
C ALA M 200 -21.17 -35.66 -30.70
N PRO M 201 -22.09 -34.85 -30.17
CA PRO M 201 -21.92 -33.41 -30.29
C PRO M 201 -20.52 -33.11 -29.72
N MET M 202 -19.66 -32.46 -30.50
CA MET M 202 -18.26 -32.17 -30.08
C MET M 202 -18.19 -30.93 -29.19
N PHE M 203 -17.18 -30.85 -28.34
CA PHE M 203 -17.02 -29.66 -27.49
C PHE M 203 -15.57 -29.19 -27.46
N GLY M 204 -15.34 -27.96 -26.99
CA GLY M 204 -14.00 -27.48 -26.76
C GLY M 204 -13.86 -26.03 -27.17
N PHE M 205 -12.64 -25.69 -27.54
CA PHE M 205 -12.36 -24.40 -28.15
C PHE M 205 -13.21 -24.24 -29.40
N GLU M 206 -13.67 -23.02 -29.64
CA GLU M 206 -14.39 -22.63 -30.86
C GLU M 206 -15.37 -23.70 -31.35
N ASP M 207 -16.21 -24.15 -30.43
CA ASP M 207 -17.29 -25.07 -30.74
C ASP M 207 -18.61 -24.34 -30.77
N ARG M 208 -19.66 -25.08 -31.10
CA ARG M 208 -21.02 -24.61 -31.04
C ARG M 208 -21.78 -25.21 -29.86
N LEU M 209 -21.11 -25.94 -28.97
CA LEU M 209 -21.74 -26.52 -27.80
C LEU M 209 -21.56 -25.67 -26.55
N LEU M 210 -20.33 -25.61 -26.03
CA LEU M 210 -20.08 -24.83 -24.84
C LEU M 210 -20.12 -23.34 -25.12
N LEU M 211 -19.59 -22.94 -26.28
CA LEU M 211 -19.61 -21.54 -26.68
C LEU M 211 -21.03 -21.05 -26.92
N LYS M 212 -21.92 -21.91 -27.40
CA LYS M 212 -23.33 -21.52 -27.47
C LYS M 212 -23.88 -21.20 -26.09
N LEU M 213 -23.74 -22.13 -25.14
CA LEU M 213 -24.23 -21.87 -23.80
C LEU M 213 -23.48 -20.71 -23.16
N ALA M 214 -22.24 -20.49 -23.55
CA ALA M 214 -21.45 -19.39 -23.03
C ALA M 214 -21.89 -18.05 -23.57
N SER M 215 -22.19 -17.98 -24.86
CA SER M 215 -22.28 -16.70 -25.55
C SER M 215 -23.70 -16.19 -25.72
N VAL M 216 -24.65 -17.05 -26.10
CA VAL M 216 -25.98 -16.56 -26.42
C VAL M 216 -26.66 -16.06 -25.15
N THR M 217 -27.63 -15.17 -25.33
CA THR M 217 -28.45 -14.65 -24.24
C THR M 217 -29.93 -14.98 -24.42
N ASN M 218 -30.47 -14.72 -25.59
CA ASN M 218 -31.86 -15.06 -25.91
C ASN M 218 -31.85 -16.41 -26.60
N LEU M 219 -32.27 -17.45 -25.89
CA LEU M 219 -32.16 -18.81 -26.38
C LEU M 219 -33.55 -19.41 -26.54
N PHE M 220 -33.80 -20.03 -27.69
CA PHE M 220 -35.09 -20.60 -28.04
C PHE M 220 -34.97 -22.11 -28.10
N THR M 221 -35.89 -22.81 -27.43
CA THR M 221 -36.01 -24.25 -27.53
C THR M 221 -37.48 -24.64 -27.54
N SER M 222 -37.72 -25.93 -27.74
CA SER M 222 -39.07 -26.47 -27.64
C SER M 222 -39.10 -27.82 -26.95
N ASN M 223 -38.01 -28.21 -26.30
CA ASN M 223 -37.98 -29.45 -25.52
C ASN M 223 -37.22 -29.25 -24.22
N HIS M 224 -37.37 -28.06 -23.63
CA HIS M 224 -36.94 -27.77 -22.26
C HIS M 224 -35.47 -28.05 -22.04
N MET M 225 -34.66 -27.97 -23.09
CA MET M 225 -33.23 -28.26 -23.02
C MET M 225 -33.00 -29.65 -22.43
N ARG M 226 -33.81 -30.62 -22.86
CA ARG M 226 -33.82 -31.94 -22.28
C ARG M 226 -33.11 -32.98 -23.13
N GLU M 227 -32.39 -32.55 -24.16
CA GLU M 227 -31.56 -33.46 -24.96
C GLU M 227 -30.57 -34.18 -24.07
N LYS M 228 -30.45 -35.47 -24.27
CA LYS M 228 -29.48 -36.30 -23.57
C LYS M 228 -28.50 -36.88 -24.59
N PHE M 229 -27.21 -36.77 -24.31
CA PHE M 229 -26.17 -37.27 -25.20
C PHE M 229 -24.87 -37.40 -24.43
N TRP M 230 -23.78 -37.69 -25.15
CA TRP M 230 -22.51 -38.11 -24.57
C TRP M 230 -21.40 -37.21 -25.09
N PRO M 231 -21.31 -35.97 -24.62
CA PRO M 231 -20.41 -35.01 -25.25
C PRO M 231 -18.95 -35.45 -25.28
N VAL M 232 -18.31 -35.22 -26.42
CA VAL M 232 -16.95 -35.67 -26.69
C VAL M 232 -16.10 -34.48 -27.08
N HIS M 233 -14.85 -34.49 -26.65
CA HIS M 233 -13.92 -33.41 -26.96
C HIS M 233 -13.45 -33.51 -28.39
N VAL M 234 -13.53 -32.39 -29.10
CA VAL M 234 -13.09 -32.32 -30.49
C VAL M 234 -11.65 -32.79 -30.61
N ASN M 235 -10.86 -32.63 -29.55
CA ASN M 235 -9.44 -32.95 -29.60
C ASN M 235 -9.18 -34.45 -29.64
N GLU M 236 -9.91 -35.25 -28.85
CA GLU M 236 -9.83 -36.69 -29.10
C GLU M 236 -10.42 -37.08 -30.44
N VAL M 237 -11.48 -36.42 -30.91
CA VAL M 237 -11.99 -36.72 -32.24
C VAL M 237 -10.92 -36.42 -33.29
N GLY M 238 -10.21 -35.31 -33.12
CA GLY M 238 -9.12 -35.00 -34.03
C GLY M 238 -7.98 -35.99 -33.93
N GLU M 239 -7.66 -36.42 -32.71
CA GLU M 239 -6.64 -37.44 -32.53
C GLU M 239 -7.10 -38.81 -33.02
N ALA M 240 -8.39 -39.13 -32.84
CA ALA M 240 -8.90 -40.42 -33.29
C ALA M 240 -8.83 -40.55 -34.80
N LEU M 241 -9.20 -39.50 -35.51
CA LEU M 241 -9.15 -39.51 -36.97
C LEU M 241 -7.74 -39.72 -37.49
N GLU M 242 -6.73 -39.31 -36.72
CA GLU M 242 -5.35 -39.63 -37.09
C GLU M 242 -5.11 -41.12 -37.00
N ARG M 243 -5.60 -41.77 -35.94
CA ARG M 243 -5.29 -43.17 -35.73
C ARG M 243 -6.06 -44.10 -36.65
N MET M 244 -7.21 -43.67 -37.16
CA MET M 244 -7.84 -44.47 -38.20
C MET M 244 -6.99 -44.52 -39.46
N LEU M 245 -6.19 -43.49 -39.71
CA LEU M 245 -5.24 -43.53 -40.82
C LEU M 245 -4.09 -44.48 -40.51
N TYR M 246 -3.67 -44.56 -39.26
CA TYR M 246 -2.47 -45.30 -38.92
C TYR M 246 -2.72 -46.79 -38.68
N ASP M 247 -3.97 -47.18 -38.42
CA ASP M 247 -4.31 -48.60 -38.30
C ASP M 247 -5.06 -49.02 -39.56
N ASP M 248 -4.49 -49.99 -40.28
CA ASP M 248 -5.16 -50.53 -41.45
C ASP M 248 -6.38 -51.34 -41.08
N SER M 249 -6.46 -51.80 -39.84
CA SER M 249 -7.63 -52.55 -39.41
C SER M 249 -8.86 -51.67 -39.21
N THR M 250 -8.71 -50.35 -39.14
CA THR M 250 -9.93 -49.56 -39.03
C THR M 250 -10.64 -49.43 -40.37
N ALA M 251 -10.05 -49.91 -41.44
CA ALA M 251 -10.63 -49.74 -42.76
C ALA M 251 -11.86 -50.62 -42.90
N GLY M 252 -12.97 -50.01 -43.32
CA GLY M 252 -14.18 -50.74 -43.57
C GLY M 252 -15.12 -50.94 -42.40
N GLN M 253 -14.88 -50.31 -41.26
CA GLN M 253 -15.87 -50.39 -40.19
C GLN M 253 -16.21 -49.03 -39.62
N THR M 254 -17.28 -49.03 -38.82
CA THR M 254 -17.94 -47.85 -38.31
C THR M 254 -17.53 -47.63 -36.86
N PHE M 255 -17.30 -46.38 -36.49
CA PHE M 255 -16.88 -46.01 -35.16
C PHE M 255 -17.96 -45.15 -34.52
N GLU M 256 -18.04 -45.21 -33.19
CA GLU M 256 -18.94 -44.37 -32.41
C GLU M 256 -18.11 -43.65 -31.37
N LEU M 257 -17.68 -42.44 -31.67
CA LEU M 257 -16.89 -41.67 -30.73
C LEU M 257 -17.82 -40.87 -29.84
N TYR M 258 -17.68 -41.03 -28.53
CA TYR M 258 -18.48 -40.28 -27.57
C TYR M 258 -17.77 -40.31 -26.23
N GLY M 259 -18.18 -39.41 -25.35
CA GLY M 259 -17.56 -39.25 -24.07
C GLY M 259 -17.97 -40.33 -23.10
N PRO M 260 -17.50 -40.20 -21.87
CA PRO M 260 -17.73 -41.23 -20.86
C PRO M 260 -19.03 -41.13 -20.06
N ARG M 261 -19.64 -39.95 -19.96
CA ARG M 261 -20.82 -39.78 -19.12
C ARG M 261 -22.02 -39.27 -19.92
N GLN M 262 -23.19 -39.80 -19.59
CA GLN M 262 -24.45 -39.31 -20.11
C GLN M 262 -24.67 -37.88 -19.62
N TYR M 263 -25.13 -37.01 -20.50
CA TYR M 263 -25.41 -35.63 -20.13
C TYR M 263 -26.67 -35.13 -20.80
N SER M 264 -27.37 -34.23 -20.11
CA SER M 264 -28.45 -33.46 -20.70
C SER M 264 -28.00 -32.03 -20.91
N MET M 265 -28.61 -31.37 -21.90
CA MET M 265 -28.25 -29.98 -22.20
C MET M 265 -28.39 -29.09 -20.98
N ALA M 266 -29.46 -29.27 -20.20
CA ALA M 266 -29.63 -28.49 -18.98
C ALA M 266 -28.54 -28.81 -17.97
N GLN M 267 -28.14 -30.07 -17.88
CA GLN M 267 -26.99 -30.41 -17.05
C GLN M 267 -25.70 -29.86 -17.62
N ILE M 268 -25.60 -29.77 -18.95
CA ILE M 268 -24.41 -29.17 -19.53
C ILE M 268 -24.39 -27.68 -19.29
N ALA M 269 -25.55 -27.03 -19.39
CA ALA M 269 -25.61 -25.57 -19.23
C ALA M 269 -25.24 -25.15 -17.82
N GLU M 270 -25.72 -25.88 -16.82
CA GLU M 270 -25.40 -25.50 -15.43
C GLU M 270 -23.89 -25.58 -15.17
N LEU M 271 -23.17 -26.43 -15.89
CA LEU M 271 -21.72 -26.41 -15.80
C LEU M 271 -21.18 -25.10 -16.34
N VAL M 272 -21.63 -24.71 -17.54
CA VAL M 272 -21.32 -23.38 -18.05
C VAL M 272 -21.75 -22.33 -17.04
N ASP M 273 -22.94 -22.49 -16.48
CA ASP M 273 -23.40 -21.56 -15.45
C ASP M 273 -22.49 -21.57 -14.23
N ARG M 274 -22.07 -22.75 -13.78
CA ARG M 274 -21.29 -22.84 -12.56
C ARG M 274 -19.91 -22.22 -12.70
N GLU M 275 -19.39 -22.11 -13.92
CA GLU M 275 -18.09 -21.50 -14.11
C GLU M 275 -18.16 -20.00 -14.34
N ILE M 276 -19.03 -19.53 -15.21
CA ILE M 276 -18.95 -18.16 -15.71
C ILE M 276 -19.91 -17.21 -15.01
N TYR M 277 -20.95 -17.72 -14.34
CA TYR M 277 -21.94 -16.88 -13.67
C TYR M 277 -22.64 -15.94 -14.67
N LYS M 278 -23.33 -16.54 -15.64
CA LYS M 278 -24.03 -15.79 -16.69
C LYS M 278 -25.53 -16.01 -16.57
N LYS M 279 -26.30 -14.98 -16.86
CA LYS M 279 -27.76 -15.05 -16.90
C LYS M 279 -28.21 -15.01 -18.35
N ARG M 280 -29.01 -15.99 -18.75
CA ARG M 280 -29.50 -16.10 -20.11
C ARG M 280 -31.01 -16.26 -20.10
N ARG M 281 -31.65 -15.83 -21.18
CA ARG M 281 -33.09 -15.93 -21.33
C ARG M 281 -33.43 -17.23 -22.06
N HIS M 282 -34.25 -18.06 -21.42
CA HIS M 282 -34.73 -19.31 -22.00
C HIS M 282 -36.21 -19.14 -22.31
N ILE M 283 -36.56 -19.30 -23.58
CA ILE M 283 -37.91 -18.98 -24.00
C ILE M 283 -38.77 -20.23 -24.10
N ASN M 284 -38.25 -21.28 -24.74
CA ASN M 284 -38.87 -22.60 -24.70
C ASN M 284 -40.30 -22.56 -25.25
N LEU M 285 -40.43 -22.05 -26.47
CA LEU M 285 -41.72 -21.96 -27.13
C LEU M 285 -42.13 -23.35 -27.64
N PRO M 286 -43.34 -23.88 -27.34
CA PRO M 286 -43.81 -25.15 -27.90
C PRO M 286 -43.45 -25.47 -29.36
N LYS M 287 -43.34 -26.74 -29.70
CA LYS M 287 -42.90 -27.16 -31.07
C LYS M 287 -43.83 -26.63 -32.16
N PRO M 288 -45.18 -26.64 -32.06
CA PRO M 288 -46.03 -26.17 -33.16
C PRO M 288 -45.78 -24.71 -33.52
N ILE M 289 -45.56 -23.85 -32.52
CA ILE M 289 -45.38 -22.39 -32.80
C ILE M 289 -43.89 -22.06 -33.01
N LEU M 290 -42.99 -23.03 -32.86
CA LEU M 290 -41.53 -22.71 -32.96
C LEU M 290 -40.97 -23.14 -34.31
N GLN M 291 -41.30 -24.36 -34.76
CA GLN M 291 -40.72 -24.89 -35.99
C GLN M 291 -41.13 -24.11 -37.22
N PRO M 292 -42.44 -23.89 -37.54
CA PRO M 292 -42.81 -23.05 -38.69
C PRO M 292 -42.11 -21.68 -38.62
N LEU M 293 -41.94 -21.14 -37.41
CA LEU M 293 -41.22 -19.87 -37.29
C LEU M 293 -39.73 -20.07 -37.53
N ALA M 294 -39.19 -21.24 -37.19
CA ALA M 294 -37.77 -21.48 -37.35
C ALA M 294 -37.36 -21.43 -38.81
N GLU M 295 -38.16 -22.01 -39.69
CA GLU M 295 -37.85 -21.95 -41.10
C GLU M 295 -37.75 -20.52 -41.58
N LEU M 296 -38.69 -19.68 -41.16
CA LEU M 296 -38.69 -18.30 -41.63
C LEU M 296 -37.39 -17.59 -41.28
N ILE M 297 -36.95 -17.68 -40.02
CA ILE M 297 -35.75 -16.95 -39.61
C ILE M 297 -34.54 -17.44 -40.38
N ASN M 298 -34.44 -18.74 -40.60
CA ASN M 298 -33.35 -19.26 -41.40
C ASN M 298 -33.46 -18.82 -42.86
N ARG M 299 -34.67 -18.62 -43.37
CA ARG M 299 -34.81 -18.25 -44.78
C ARG M 299 -34.54 -16.78 -45.06
N VAL M 300 -34.49 -15.93 -44.05
CA VAL M 300 -34.28 -14.50 -44.27
C VAL M 300 -33.03 -13.97 -43.61
N LEU M 301 -32.49 -14.63 -42.61
CA LEU M 301 -31.24 -14.23 -42.00
C LEU M 301 -30.11 -14.99 -42.68
N TRP M 302 -29.04 -14.27 -43.01
CA TRP M 302 -27.96 -14.80 -43.83
C TRP M 302 -26.85 -15.45 -43.02
N TRP M 303 -26.91 -15.36 -41.71
CA TRP M 303 -25.94 -16.02 -40.84
C TRP M 303 -26.58 -17.21 -40.17
N ASP M 304 -25.73 -18.08 -39.63
CA ASP M 304 -26.22 -19.19 -38.83
C ASP M 304 -26.83 -18.64 -37.56
N THR M 305 -28.15 -18.66 -37.48
CA THR M 305 -28.85 -18.14 -36.30
C THR M 305 -28.99 -19.18 -35.21
N GLY M 306 -28.53 -20.41 -35.44
CA GLY M 306 -28.50 -21.40 -34.39
C GLY M 306 -29.81 -22.12 -34.19
N LEU M 307 -30.89 -21.58 -34.71
CA LEU M 307 -32.17 -22.26 -34.74
C LEU M 307 -32.69 -22.25 -36.16
N SER M 308 -33.08 -23.42 -36.64
CA SER M 308 -33.74 -23.57 -37.93
C SER M 308 -34.75 -24.69 -37.77
N ARG M 309 -35.50 -24.96 -38.86
CA ARG M 309 -36.56 -25.96 -38.78
C ARG M 309 -36.02 -27.32 -38.42
N ASP M 310 -34.96 -27.77 -39.09
CA ASP M 310 -34.47 -29.12 -38.85
C ASP M 310 -33.72 -29.20 -37.54
N GLN M 311 -33.14 -28.07 -37.12
CA GLN M 311 -32.35 -28.06 -35.89
C GLN M 311 -33.23 -28.22 -34.67
N VAL M 312 -34.46 -27.71 -34.75
CA VAL M 312 -35.39 -27.85 -33.64
C VAL M 312 -35.84 -29.30 -33.51
N GLU M 313 -36.07 -29.96 -34.65
CA GLU M 313 -36.43 -31.37 -34.58
C GLU M 313 -35.31 -32.19 -33.95
N ARG M 314 -34.06 -31.77 -34.17
CA ARG M 314 -32.92 -32.42 -33.55
C ARG M 314 -33.00 -32.38 -32.04
N GLU M 315 -33.78 -31.45 -31.50
CA GLU M 315 -33.86 -31.29 -30.06
C GLU M 315 -34.63 -32.44 -29.41
N PHE M 316 -35.57 -33.04 -30.15
CA PHE M 316 -36.44 -34.05 -29.54
C PHE M 316 -35.76 -35.41 -29.45
N HIS M 317 -34.83 -35.70 -30.34
CA HIS M 317 -34.14 -36.98 -30.28
C HIS M 317 -33.14 -37.02 -29.13
N ASP M 318 -32.82 -38.23 -28.70
CA ASP M 318 -31.69 -38.49 -27.82
C ASP M 318 -30.70 -39.38 -28.55
N GLN M 319 -29.42 -39.18 -28.25
CA GLN M 319 -28.37 -40.00 -28.85
C GLN M 319 -28.55 -41.46 -28.44
N VAL M 320 -28.51 -42.34 -29.43
CA VAL M 320 -28.52 -43.78 -29.17
C VAL M 320 -27.24 -44.37 -29.73
N ILE M 321 -26.50 -45.04 -28.87
CA ILE M 321 -25.17 -45.53 -29.20
C ILE M 321 -25.30 -46.83 -29.96
N ASP M 322 -24.68 -46.91 -31.12
CA ASP M 322 -24.70 -48.14 -31.90
C ASP M 322 -23.90 -49.22 -31.18
N PRO M 323 -24.50 -50.36 -30.85
CA PRO M 323 -23.74 -51.41 -30.16
C PRO M 323 -22.85 -52.24 -31.06
N THR M 324 -23.01 -52.16 -32.37
CA THR M 324 -22.20 -52.93 -33.30
C THR M 324 -21.03 -52.12 -33.86
N ALA M 325 -20.85 -50.91 -33.36
CA ALA M 325 -19.84 -49.99 -33.87
C ALA M 325 -18.70 -49.87 -32.88
N LYS M 326 -17.49 -49.75 -33.43
CA LYS M 326 -16.29 -49.63 -32.62
C LYS M 326 -16.23 -48.26 -31.94
N THR M 327 -15.45 -48.18 -30.87
CA THR M 327 -15.44 -47.01 -29.99
C THR M 327 -14.00 -46.52 -29.80
N PHE M 328 -13.83 -45.56 -28.88
CA PHE M 328 -12.50 -45.03 -28.58
C PHE M 328 -11.55 -46.14 -28.17
N LYS M 329 -12.03 -47.07 -27.34
CA LYS M 329 -11.15 -48.08 -26.77
C LYS M 329 -10.48 -48.90 -27.86
N ASP M 330 -11.20 -49.21 -28.94
CA ASP M 330 -10.65 -49.95 -30.04
C ASP M 330 -9.51 -49.24 -30.72
N LEU M 331 -9.39 -47.94 -30.51
CA LEU M 331 -8.28 -47.14 -31.02
C LEU M 331 -7.26 -46.81 -29.93
N GLY M 332 -7.34 -47.49 -28.79
CA GLY M 332 -6.37 -47.29 -27.73
C GLY M 332 -6.55 -45.99 -26.98
N MET M 333 -7.71 -45.38 -27.08
CA MET M 333 -7.93 -44.03 -26.59
C MET M 333 -8.94 -44.06 -25.46
N GLU M 334 -8.82 -43.06 -24.58
CA GLU M 334 -9.79 -42.79 -23.55
C GLU M 334 -10.49 -41.48 -23.86
N PRO M 335 -11.81 -41.45 -23.99
CA PRO M 335 -12.50 -40.18 -23.99
C PRO M 335 -12.39 -39.51 -22.64
N THR M 336 -12.47 -38.19 -22.65
CA THR M 336 -12.60 -37.38 -21.44
C THR M 336 -14.00 -36.78 -21.40
N ASP M 337 -14.51 -36.55 -20.19
CA ASP M 337 -15.78 -35.87 -20.02
C ASP M 337 -15.62 -34.36 -20.16
N ILE M 338 -16.76 -33.68 -20.18
CA ILE M 338 -16.75 -32.25 -20.42
C ILE M 338 -16.60 -31.47 -19.13
N SER M 339 -16.87 -32.10 -18.00
CA SER M 339 -16.73 -31.45 -16.71
C SER M 339 -15.28 -31.15 -16.35
N LYS M 340 -14.34 -31.96 -16.82
CA LYS M 340 -12.94 -31.69 -16.52
C LYS M 340 -12.36 -30.57 -17.36
N TRP M 341 -13.13 -30.02 -18.28
CA TRP M 341 -12.63 -29.07 -19.26
C TRP M 341 -13.34 -27.73 -19.25
N THR M 342 -14.43 -27.59 -18.50
CA THR M 342 -15.24 -26.39 -18.59
C THR M 342 -14.47 -25.17 -18.09
N TYR M 343 -13.70 -25.34 -17.02
CA TYR M 343 -12.94 -24.22 -16.49
C TYR M 343 -11.91 -23.74 -17.50
N HIS M 344 -11.32 -24.66 -18.26
CA HIS M 344 -10.31 -24.27 -19.25
C HIS M 344 -10.93 -23.47 -20.39
N TYR M 345 -12.00 -24.00 -20.98
CA TYR M 345 -12.54 -23.39 -22.18
C TYR M 345 -13.51 -22.27 -21.89
N LEU M 346 -13.78 -22.00 -20.62
CA LEU M 346 -14.64 -20.90 -20.24
C LEU M 346 -13.93 -19.83 -19.46
N LEU M 347 -12.69 -20.07 -19.04
CA LEU M 347 -11.92 -19.07 -18.32
C LEU M 347 -11.79 -17.75 -19.08
N PRO M 348 -11.58 -17.72 -20.39
CA PRO M 348 -11.60 -16.43 -21.10
C PRO M 348 -12.88 -15.65 -20.92
N TYR M 349 -14.00 -16.32 -20.67
CA TYR M 349 -15.28 -15.65 -20.49
C TYR M 349 -15.62 -15.52 -19.01
N ARG M 350 -14.82 -14.75 -18.30
CA ARG M 350 -14.95 -14.63 -16.84
C ARG M 350 -14.70 -13.19 -16.42
N PRO M 351 -15.75 -12.38 -16.41
CA PRO M 351 -15.57 -10.97 -16.00
C PRO M 351 -15.27 -10.85 -14.51
N SER M 352 -14.01 -10.60 -14.17
CA SER M 352 -13.56 -10.54 -12.78
C SER M 352 -12.67 -9.32 -12.60
N THR M 353 -13.25 -8.24 -12.07
CA THR M 353 -12.53 -7.02 -11.73
C THR M 353 -12.41 -6.92 -10.22
N TYR M 354 -11.84 -5.81 -9.76
CA TYR M 354 -11.73 -5.59 -8.33
C TYR M 354 -13.08 -5.38 -7.68
N TYR M 355 -14.13 -5.13 -8.46
CA TYR M 355 -15.45 -4.90 -7.89
C TYR M 355 -16.06 -6.16 -7.33
N ASP M 356 -16.00 -7.26 -8.10
CA ASP M 356 -16.71 -8.51 -7.77
C ASP M 356 -16.03 -9.30 -6.64
N LEU M 357 -14.98 -8.74 -6.05
CA LEU M 357 -14.21 -9.46 -5.00
C LEU M 357 -15.05 -9.53 -3.72
N PRO M 358 -14.79 -10.51 -2.82
CA PRO M 358 -15.61 -10.69 -1.62
C PRO M 358 -15.38 -9.58 -0.58
N PRO M 359 -16.31 -9.38 0.38
CA PRO M 359 -16.11 -8.37 1.43
C PRO M 359 -14.86 -8.74 2.23
N SER M 360 -14.07 -7.74 2.63
CA SER M 360 -12.77 -8.01 3.29
C SER M 360 -12.90 -8.51 4.74
N THR M 361 -11.87 -9.17 5.24
CA THR M 361 -11.86 -9.69 6.64
C THR M 361 -11.20 -8.68 7.57
N GLU M 362 -11.38 -8.84 8.89
CA GLU M 362 -10.84 -7.91 9.88
C GLU M 362 -9.32 -7.94 9.91
N LYS M 363 -8.72 -9.09 9.62
CA LYS M 363 -7.26 -9.18 9.67
C LYS M 363 -6.64 -8.30 8.59
N GLU M 364 -7.22 -8.34 7.39
CA GLU M 364 -6.64 -7.56 6.26
C GLU M 364 -7.07 -6.10 6.37
N MET M 365 -8.20 -5.81 7.02
CA MET M 365 -8.61 -4.40 7.25
C MET M 365 -7.53 -3.74 8.11
N ARG M 366 -6.99 -4.48 9.07
CA ARG M 366 -5.88 -3.97 9.92
C ARG M 366 -4.64 -3.70 9.08
N GLU M 367 -4.37 -4.55 8.09
CA GLU M 367 -3.15 -4.41 7.26
C GLU M 367 -3.19 -3.07 6.53
N GLU M 368 -4.39 -2.61 6.18
CA GLU M 368 -4.56 -1.34 5.44
C GLU M 368 -4.13 -0.17 6.34
N ARG M 369 -4.03 -0.35 7.65
CA ARG M 369 -3.71 0.83 8.50
C ARG M 369 -2.19 1.04 8.50
N LYS M 370 -1.43 0.13 7.91
CA LYS M 370 0.04 0.35 7.80
C LYS M 370 0.37 1.05 6.48
N TYR M 371 -0.60 1.34 5.64
CA TYR M 371 -0.33 2.07 4.41
C TYR M 371 -1.04 3.41 4.43
N LEU M 372 -0.48 4.36 3.67
CA LEU M 372 -1.21 5.63 3.41
C LEU M 372 -1.86 5.39 2.05
N HIS M 373 -3.15 5.68 1.90
CA HIS M 373 -3.86 5.33 0.64
C HIS M 373 -4.03 6.59 -0.22
N VAL M 374 -3.41 7.68 0.20
CA VAL M 374 -3.45 8.93 -0.60
C VAL M 374 -2.05 9.52 -0.64
N LEU M 375 -1.65 10.10 -1.77
CA LEU M 375 -0.40 10.81 -1.89
C LEU M 375 -0.66 12.31 -1.78
N ASP M 376 -0.42 12.85 -0.59
CA ASP M 376 -0.77 14.24 -0.31
C ASP M 376 0.26 15.25 -0.83
N ASP M 377 1.39 14.80 -1.35
CA ASP M 377 2.38 15.70 -1.91
C ASP M 377 2.51 15.58 -3.42
N GLN M 378 1.66 14.79 -4.05
CA GLN M 378 1.63 14.66 -5.49
C GLN M 378 0.24 14.99 -6.02
N LYS N 24 36.34 41.46 -6.70
CA LYS N 24 35.38 40.81 -7.59
C LYS N 24 35.67 39.32 -7.74
N GLY N 25 36.61 38.99 -8.62
CA GLY N 25 36.96 37.61 -8.87
C GLY N 25 38.21 37.17 -8.15
N LYS N 26 38.56 37.86 -7.06
CA LYS N 26 39.76 37.52 -6.32
C LYS N 26 39.67 36.14 -5.70
N PHE N 27 38.48 35.69 -5.36
CA PHE N 27 38.28 34.42 -4.69
C PHE N 27 37.20 33.61 -5.37
N LEU N 28 37.39 32.30 -5.41
CA LEU N 28 36.40 31.43 -6.03
C LEU N 28 35.19 31.27 -5.13
N VAL N 29 34.02 31.46 -5.70
CA VAL N 29 32.77 31.21 -5.00
C VAL N 29 32.69 29.72 -4.67
N PRO N 30 32.42 29.33 -3.43
CA PRO N 30 32.33 27.91 -3.11
C PRO N 30 31.06 27.30 -3.66
N GLY N 31 31.21 26.13 -4.28
CA GLY N 31 30.08 25.45 -4.85
C GLY N 31 29.65 25.96 -6.20
N ALA N 32 30.34 26.96 -6.75
CA ALA N 32 30.09 27.36 -8.11
C ALA N 32 30.49 26.23 -9.04
N PRO N 33 29.78 26.06 -10.16
CA PRO N 33 30.13 24.97 -11.07
C PRO N 33 31.52 25.15 -11.64
N THR N 34 32.21 24.03 -11.80
CA THR N 34 33.59 24.04 -12.26
C THR N 34 33.71 23.90 -13.77
N GLY N 35 32.64 23.51 -14.46
CA GLY N 35 32.70 23.04 -15.82
C GLY N 35 32.45 21.56 -15.93
N LEU N 36 32.91 20.80 -14.96
CA LEU N 36 32.57 19.40 -14.80
C LEU N 36 31.27 19.27 -14.02
N THR N 37 30.32 18.55 -14.58
CA THR N 37 29.00 18.44 -13.97
C THR N 37 29.06 17.63 -12.68
N GLY N 38 28.43 18.14 -11.64
CA GLY N 38 28.44 17.49 -10.36
C GLY N 38 29.63 17.80 -9.49
N LEU N 39 30.61 18.52 -9.99
CA LEU N 39 31.80 18.88 -9.23
C LEU N 39 31.77 20.39 -8.99
N GLY N 40 31.65 20.77 -7.73
CA GLY N 40 31.54 22.17 -7.39
C GLY N 40 32.73 22.68 -6.63
N THR N 41 32.96 23.99 -6.67
CA THR N 41 34.19 24.57 -6.17
C THR N 41 34.37 24.28 -4.68
N HIS N 42 35.55 23.79 -4.29
CA HIS N 42 35.79 23.40 -2.88
C HIS N 42 35.81 24.63 -1.96
N PRO N 43 35.14 24.60 -0.79
CA PRO N 43 35.18 25.72 0.14
C PRO N 43 36.60 26.02 0.65
N SER N 44 37.40 25.00 0.98
CA SER N 44 38.81 25.20 1.40
C SER N 44 39.67 24.20 0.63
N PRO N 45 40.16 24.45 -0.61
CA PRO N 45 40.84 23.37 -1.34
C PRO N 45 42.20 23.03 -0.77
N ARG N 46 42.95 24.01 -0.27
CA ARG N 46 44.33 23.75 0.11
C ARG N 46 44.41 22.89 1.36
N SER N 47 43.59 23.20 2.35
CA SER N 47 43.64 22.43 3.58
C SER N 47 43.05 21.05 3.40
N ALA N 48 42.06 20.91 2.51
CA ALA N 48 41.51 19.59 2.25
C ALA N 48 42.59 18.68 1.67
N LEU N 49 43.33 19.21 0.71
CA LEU N 49 44.37 18.43 0.07
C LEU N 49 45.47 18.09 1.06
N LEU N 50 45.81 19.02 1.94
CA LEU N 50 46.81 18.76 2.98
C LEU N 50 46.34 17.70 3.95
N TYR N 51 45.07 17.77 4.34
CA TYR N 51 44.50 16.77 5.24
C TYR N 51 44.53 15.38 4.62
N LEU N 52 44.20 15.27 3.33
CA LEU N 52 44.12 13.98 2.69
C LEU N 52 45.51 13.37 2.49
N TYR N 53 46.49 14.20 2.14
CA TYR N 53 47.85 13.69 1.96
C TYR N 53 48.42 13.14 3.26
N HIS N 54 48.37 13.95 4.32
CA HIS N 54 48.90 13.53 5.64
C HIS N 54 48.15 12.30 6.16
N SER N 55 46.83 12.26 5.98
CA SER N 55 46.08 11.09 6.38
C SER N 55 46.55 9.86 5.62
N THR N 56 46.85 10.04 4.33
CA THR N 56 47.36 8.94 3.51
C THR N 56 48.72 8.47 4.01
N LEU N 57 49.60 9.41 4.38
CA LEU N 57 50.93 9.04 4.85
C LEU N 57 50.87 8.29 6.17
N GLU N 58 49.82 8.50 6.96
CA GLU N 58 49.71 7.85 8.25
C GLU N 58 49.29 6.40 8.11
N LYS N 59 48.41 6.11 7.16
CA LYS N 59 47.96 4.75 6.95
C LYS N 59 48.99 3.89 6.23
N LEU N 60 50.03 4.49 5.70
CA LEU N 60 51.06 3.74 5.00
C LEU N 60 52.05 3.08 5.95
N LYS N 61 51.95 3.35 7.24
CA LYS N 61 52.83 2.72 8.22
C LYS N 61 52.32 1.36 8.65
N GLN N 62 51.09 1.01 8.30
CA GLN N 62 50.60 -0.35 8.40
C GLN N 62 51.19 -1.27 7.34
N ILE N 63 51.92 -0.73 6.38
CA ILE N 63 52.49 -1.49 5.27
C ILE N 63 53.99 -1.57 5.46
N PRO N 64 54.62 -2.70 5.17
CA PRO N 64 56.06 -2.82 5.35
C PRO N 64 56.83 -1.88 4.44
N GLU N 65 58.11 -1.70 4.76
CA GLU N 65 58.94 -0.76 4.03
C GLU N 65 59.34 -1.26 2.66
N HIS N 66 59.41 -2.56 2.45
CA HIS N 66 59.94 -3.10 1.22
C HIS N 66 58.89 -3.25 0.13
N SER N 67 57.64 -2.87 0.39
CA SER N 67 56.62 -2.92 -0.64
C SER N 67 56.76 -1.73 -1.55
N VAL N 68 56.89 -2.01 -2.84
CA VAL N 68 56.93 -0.97 -3.86
C VAL N 68 55.65 -0.15 -3.88
N TYR N 69 54.53 -0.73 -3.45
CA TYR N 69 53.30 0.05 -3.39
C TYR N 69 53.46 1.23 -2.45
N ARG N 70 53.94 0.99 -1.23
CA ARG N 70 54.11 2.04 -0.25
C ARG N 70 55.12 3.08 -0.73
N GLN N 71 56.24 2.63 -1.30
CA GLN N 71 57.23 3.56 -1.84
C GLN N 71 56.65 4.41 -2.96
N SER N 72 55.84 3.79 -3.83
CA SER N 72 55.21 4.52 -4.92
C SER N 72 54.23 5.55 -4.39
N VAL N 73 53.36 5.13 -3.47
CA VAL N 73 52.39 6.06 -2.89
C VAL N 73 53.09 7.10 -2.04
N GLU N 74 54.10 6.70 -1.25
CA GLU N 74 54.81 7.67 -0.43
C GLU N 74 55.46 8.75 -1.25
N ALA N 75 56.25 8.36 -2.26
CA ALA N 75 56.99 9.33 -3.05
C ALA N 75 56.05 10.29 -3.75
N VAL N 76 54.99 9.76 -4.37
CA VAL N 76 54.06 10.61 -5.10
C VAL N 76 53.34 11.53 -4.13
N THR N 77 52.88 10.98 -3.00
CA THR N 77 52.15 11.77 -2.03
C THR N 77 53.02 12.87 -1.45
N ARG N 78 54.27 12.56 -1.12
CA ARG N 78 55.16 13.59 -0.60
C ARG N 78 55.48 14.62 -1.67
N HIS N 79 55.54 14.20 -2.93
CA HIS N 79 55.83 15.13 -3.99
C HIS N 79 54.71 16.14 -4.15
N ARG N 80 53.46 15.68 -4.09
CA ARG N 80 52.32 16.59 -4.16
C ARG N 80 52.18 17.39 -2.88
N LEU N 81 52.50 16.78 -1.75
CA LEU N 81 52.43 17.48 -0.47
C LEU N 81 53.41 18.65 -0.42
N ALA N 82 54.56 18.50 -1.08
CA ALA N 82 55.54 19.59 -1.08
C ALA N 82 55.04 20.79 -1.89
N LEU N 83 54.45 20.56 -3.05
CA LEU N 83 53.98 21.66 -3.88
C LEU N 83 52.77 22.35 -3.28
N VAL N 84 51.88 21.59 -2.63
CA VAL N 84 50.75 22.19 -1.94
C VAL N 84 51.24 23.13 -0.85
N GLU N 85 52.23 22.69 -0.06
CA GLU N 85 52.76 23.53 0.99
C GLU N 85 53.61 24.67 0.45
N SER N 86 53.94 24.65 -0.84
CA SER N 86 54.76 25.72 -1.45
C SER N 86 53.96 27.03 -1.53
N VAL N 87 52.64 26.95 -1.64
CA VAL N 87 51.80 28.15 -1.69
C VAL N 87 51.22 28.35 -0.30
N VAL N 88 51.15 29.60 0.12
CA VAL N 88 50.63 29.96 1.44
C VAL N 88 49.61 31.07 1.27
N PRO N 89 48.43 30.96 1.86
CA PRO N 89 47.46 32.05 1.78
C PRO N 89 47.96 33.27 2.53
N GLU N 90 47.55 34.44 2.04
CA GLU N 90 47.96 35.68 2.67
C GLU N 90 47.31 35.82 4.03
N GLY N 91 48.07 36.32 4.99
CA GLY N 91 47.60 36.38 6.36
C GLY N 91 47.60 35.06 7.08
N TYR N 92 48.22 34.04 6.51
CA TYR N 92 48.18 32.72 7.14
C TYR N 92 48.93 32.70 8.45
N ASP N 93 50.12 33.30 8.49
CA ASP N 93 50.91 33.31 9.72
C ASP N 93 50.16 34.04 10.82
N ALA N 94 49.52 35.17 10.49
CA ALA N 94 48.75 35.90 11.48
C ALA N 94 47.57 35.07 11.96
N TRP N 95 46.84 34.43 11.04
CA TRP N 95 45.67 33.68 11.44
C TRP N 95 46.06 32.48 12.30
N VAL N 96 47.13 31.79 11.94
CA VAL N 96 47.45 30.54 12.63
C VAL N 96 47.82 30.80 14.09
N GLU N 97 48.48 31.93 14.38
CA GLU N 97 48.84 32.23 15.75
C GLU N 97 47.62 32.41 16.64
N ARG N 98 46.61 33.12 16.15
CA ARG N 98 45.38 33.26 16.93
C ARG N 98 44.68 31.92 17.08
N ALA N 99 44.64 31.14 16.01
CA ALA N 99 43.96 29.86 16.04
C ALA N 99 44.66 28.88 16.97
N LYS N 100 45.99 28.96 17.08
CA LYS N 100 46.70 28.15 18.06
C LYS N 100 46.22 28.46 19.47
N LYS N 101 46.20 29.75 19.83
CA LYS N 101 45.75 30.12 21.17
C LYS N 101 44.29 29.77 21.36
N LEU N 102 43.47 30.02 20.35
CA LEU N 102 42.04 29.80 20.47
C LEU N 102 41.73 28.33 20.75
N LEU N 103 42.50 27.42 20.14
CA LEU N 103 42.43 26.01 20.51
C LEU N 103 42.92 25.76 21.92
N GLU N 104 44.03 26.39 22.30
CA GLU N 104 44.66 26.07 23.58
C GLU N 104 43.73 26.39 24.73
N GLU N 105 43.19 27.60 24.76
CA GLU N 105 42.42 28.03 25.92
C GLU N 105 41.01 27.47 25.93
N HIS N 106 40.59 26.88 24.82
CA HIS N 106 39.20 26.35 24.71
C HIS N 106 39.25 24.95 24.07
N ALA N 107 40.19 24.11 24.49
CA ALA N 107 40.37 22.81 23.85
C ALA N 107 39.12 21.94 23.98
N ASP N 108 38.48 21.97 25.15
CA ASP N 108 37.31 21.11 25.37
C ASP N 108 36.17 21.43 24.42
N GLN N 109 36.17 22.60 23.79
CA GLN N 109 35.13 22.92 22.83
C GLN N 109 35.26 22.10 21.55
N PHE N 110 36.49 21.75 21.16
CA PHE N 110 36.75 21.10 19.89
C PHE N 110 37.31 19.69 20.03
N ASP N 111 36.83 18.92 21.00
CA ASP N 111 37.43 17.62 21.30
C ASP N 111 36.55 16.50 20.76
N PRO N 112 37.06 15.64 19.87
CA PRO N 112 36.22 14.56 19.36
C PRO N 112 35.75 13.61 20.45
N THR N 113 36.52 13.43 21.51
CA THR N 113 36.07 12.57 22.60
C THR N 113 34.97 13.21 23.43
N LYS N 114 34.82 14.53 23.37
CA LYS N 114 33.78 15.23 24.10
C LYS N 114 32.57 15.51 23.23
N VAL N 115 32.78 16.03 22.02
CA VAL N 115 31.69 16.46 21.16
C VAL N 115 31.57 15.60 19.91
N GLY N 116 32.13 14.40 19.91
CA GLY N 116 31.92 13.47 18.83
C GLY N 116 32.76 13.77 17.60
N PRO N 117 32.60 12.96 16.56
CA PRO N 117 33.33 13.21 15.31
C PRO N 117 32.76 14.35 14.50
N GLU N 118 31.75 15.04 15.04
CA GLU N 118 30.91 15.93 14.28
C GLU N 118 30.91 17.35 14.81
N GLY N 119 31.41 17.56 16.03
CA GLY N 119 31.40 18.88 16.61
C GLY N 119 30.12 19.27 17.30
N GLY N 120 29.21 18.33 17.55
CA GLY N 120 27.98 18.57 18.26
C GLY N 120 26.80 17.99 17.53
N GLU N 121 25.61 18.20 18.09
CA GLU N 121 24.37 17.79 17.47
C GLU N 121 23.49 18.94 17.04
N GLU N 122 23.75 20.15 17.54
CA GLU N 122 22.98 21.34 17.14
C GLU N 122 23.46 21.73 15.76
N VAL N 123 22.83 21.15 14.73
CA VAL N 123 23.21 21.41 13.35
C VAL N 123 22.91 22.84 12.93
N GLN N 124 22.06 23.56 13.66
CA GLN N 124 21.84 24.97 13.36
C GLN N 124 22.92 25.86 13.94
N GLY N 125 23.84 25.31 14.73
CA GLY N 125 24.95 26.05 15.27
C GLY N 125 26.26 25.58 14.67
N ALA N 126 27.28 26.43 14.80
CA ALA N 126 28.60 26.10 14.27
C ALA N 126 29.19 24.93 15.02
N ARG N 127 29.93 24.08 14.29
CA ARG N 127 30.49 22.85 14.85
C ARG N 127 31.91 22.70 14.32
N ALA N 128 32.87 22.57 15.24
CA ALA N 128 34.27 22.32 14.88
C ALA N 128 34.81 21.17 15.71
N VAL N 129 35.92 20.58 15.26
CA VAL N 129 36.59 19.54 16.03
C VAL N 129 38.04 19.51 15.64
N LYS N 130 38.92 19.35 16.62
CA LYS N 130 40.36 19.23 16.38
C LYS N 130 40.69 17.79 16.05
N VAL N 131 41.37 17.58 14.93
CA VAL N 131 41.73 16.26 14.44
C VAL N 131 43.23 16.25 14.17
N GLU N 132 43.87 15.16 14.55
CA GLU N 132 45.31 15.02 14.44
C GLU N 132 45.63 13.94 13.42
N ARG N 133 46.47 14.26 12.44
CA ARG N 133 46.96 13.30 11.48
C ARG N 133 48.44 13.54 11.28
N ASP N 134 49.25 12.52 11.53
CA ASP N 134 50.62 12.46 11.06
C ASP N 134 51.42 13.67 11.54
N GLY N 135 51.26 13.99 12.81
CA GLY N 135 51.99 15.09 13.39
C GLY N 135 51.46 16.46 13.02
N ARG N 136 50.25 16.56 12.50
CA ARG N 136 49.70 17.82 12.06
C ARG N 136 48.31 18.00 12.65
N VAL N 137 47.91 19.26 12.80
CA VAL N 137 46.66 19.60 13.46
C VAL N 137 45.71 20.21 12.45
N PHE N 138 44.47 19.73 12.44
CA PHE N 138 43.43 20.29 11.59
C PHE N 138 42.19 20.54 12.42
N VAL N 139 41.40 21.51 12.01
CA VAL N 139 40.07 21.72 12.56
C VAL N 139 39.09 21.44 11.45
N VAL N 140 38.10 20.61 11.73
CA VAL N 140 37.06 20.30 10.77
C VAL N 140 35.80 21.01 11.25
N SER N 141 35.51 22.15 10.64
CA SER N 141 34.35 22.95 11.00
C SER N 141 33.24 22.69 10.00
N ARG N 142 32.08 22.29 10.49
CA ARG N 142 30.90 22.08 9.65
C ARG N 142 29.95 23.25 9.85
N LEU N 143 29.57 23.87 8.76
CA LEU N 143 28.86 25.12 8.91
C LEU N 143 27.37 24.92 8.60
N PRO N 144 26.47 25.51 9.38
CA PRO N 144 25.04 25.37 9.07
C PRO N 144 24.73 25.91 7.68
N LYS N 145 23.87 25.19 6.97
CA LYS N 145 23.58 25.54 5.59
C LYS N 145 22.84 26.87 5.50
N GLU N 146 23.23 27.69 4.53
CA GLU N 146 22.60 28.98 4.30
C GLU N 146 21.31 28.75 3.51
N GLU N 147 20.17 29.01 4.13
CA GLU N 147 18.88 28.85 3.49
C GLU N 147 18.12 30.17 3.52
N ASP N 148 17.14 30.26 2.64
CA ASP N 148 16.30 31.45 2.60
C ASP N 148 15.52 31.58 3.91
N GLU N 149 15.47 32.80 4.43
CA GLU N 149 14.67 33.07 5.61
C GLU N 149 13.20 32.81 5.38
N ARG N 150 12.72 32.93 4.14
CA ARG N 150 11.31 32.73 3.83
C ARG N 150 10.90 31.28 3.88
N VAL N 151 11.83 30.35 4.01
CA VAL N 151 11.51 28.93 4.03
C VAL N 151 12.00 28.24 5.30
N LEU N 152 12.75 28.93 6.16
CA LEU N 152 13.39 28.30 7.30
C LEU N 152 12.50 28.37 8.53
N GLU N 153 12.10 27.21 9.06
CA GLU N 153 11.27 27.13 10.26
C GLU N 153 12.15 26.97 11.49
N TRP N 154 11.96 27.85 12.48
CA TRP N 154 12.65 27.76 13.76
C TRP N 154 14.16 27.83 13.61
N ASP N 155 14.61 28.65 12.67
CA ASP N 155 16.03 28.82 12.38
C ASP N 155 16.69 27.51 11.97
N GLY N 156 15.90 26.58 11.47
CA GLY N 156 16.42 25.31 11.04
C GLY N 156 16.58 24.25 12.11
N GLU N 157 16.09 24.48 13.31
CA GLU N 157 16.20 23.45 14.34
C GLU N 157 15.47 22.20 13.91
N VAL N 158 16.17 21.07 13.95
CA VAL N 158 15.60 19.82 13.47
C VAL N 158 14.36 19.48 14.29
N ASP N 159 13.33 19.01 13.61
CA ASP N 159 12.07 18.63 14.25
C ASP N 159 12.10 17.12 14.50
N GLU N 160 12.31 16.74 15.76
CA GLU N 160 12.20 15.35 16.17
C GLU N 160 10.75 14.90 16.31
N GLY N 161 9.80 15.81 16.23
CA GLY N 161 8.41 15.48 16.45
C GLY N 161 7.89 16.21 17.67
N PRO N 162 6.62 16.02 17.98
CA PRO N 162 6.08 16.56 19.23
C PRO N 162 6.56 15.75 20.42
N GLU N 163 6.63 16.41 21.56
CA GLU N 163 6.88 15.71 22.80
C GLU N 163 5.75 14.76 23.12
N LEU N 164 6.10 13.60 23.69
CA LEU N 164 5.03 12.69 24.17
C LEU N 164 4.29 13.43 25.27
N GLU N 165 2.95 13.40 25.24
CA GLU N 165 2.14 14.10 26.23
C GLU N 165 1.17 13.08 26.81
N GLY N 166 0.59 13.36 27.96
CA GLY N 166 -0.42 12.46 28.52
C GLY N 166 0.18 11.47 29.49
N SER N 167 -0.58 10.44 29.81
CA SER N 167 -0.07 9.39 30.71
C SER N 167 0.92 8.56 29.89
N ARG N 168 2.18 8.55 30.30
CA ARG N 168 3.26 7.85 29.56
C ARG N 168 4.16 7.13 30.55
N THR N 169 4.88 6.09 30.13
CA THR N 169 5.74 5.32 31.03
C THR N 169 7.13 5.93 31.12
N LEU N 170 7.89 5.44 32.10
CA LEU N 170 9.27 5.85 32.24
C LEU N 170 10.08 5.46 31.02
N GLU N 171 9.90 4.23 30.54
CA GLU N 171 10.67 3.75 29.40
C GLU N 171 10.33 4.51 28.13
N GLU N 172 9.06 4.86 27.94
CA GLU N 172 8.65 5.56 26.74
C GLU N 172 9.23 6.98 26.70
N LYS N 173 9.31 7.64 27.86
CA LYS N 173 9.87 8.98 27.91
C LYS N 173 11.36 8.99 27.57
N ILE N 174 12.09 7.96 27.99
CA ILE N 174 13.52 7.88 27.68
C ILE N 174 13.73 7.71 26.19
N GLU N 175 13.01 6.76 25.58
CA GLU N 175 13.13 6.56 24.15
C GLU N 175 12.59 7.74 23.37
N GLY N 176 11.82 8.62 24.01
CA GLY N 176 11.39 9.86 23.41
C GLY N 176 12.38 11.00 23.53
N GLY N 177 13.49 10.77 24.24
CA GLY N 177 14.59 11.70 24.26
C GLY N 177 14.66 12.65 25.43
N LEU N 178 13.97 12.35 26.53
CA LEU N 178 13.78 13.35 27.57
C LEU N 178 15.11 13.79 28.15
N GLU N 179 16.05 12.87 28.25
CA GLU N 179 17.35 13.19 28.84
C GLU N 179 18.16 14.17 28.01
N LYS N 180 17.74 14.43 26.77
CA LYS N 180 18.36 15.46 25.95
C LYS N 180 18.08 16.87 26.45
N ILE N 181 17.14 17.06 27.36
CA ILE N 181 16.93 18.38 27.96
C ILE N 181 18.20 18.84 28.66
N PHE N 182 18.84 17.92 29.39
CA PHE N 182 20.01 18.32 30.20
C PHE N 182 21.32 18.27 29.39
N THR N 183 21.24 18.05 28.07
CA THR N 183 22.43 18.01 27.24
C THR N 183 22.49 19.10 26.18
N ARG N 184 21.40 19.37 25.46
CA ARG N 184 21.52 20.32 24.39
C ARG N 184 21.57 21.75 24.92
N ARG N 185 21.83 22.69 24.03
CA ARG N 185 21.93 24.09 24.39
C ARG N 185 21.15 24.94 23.40
N ASP N 186 20.68 26.09 23.89
CA ASP N 186 20.10 27.08 23.01
C ASP N 186 21.14 27.59 22.03
N VAL N 187 20.76 27.68 20.75
CA VAL N 187 21.71 28.07 19.72
C VAL N 187 22.24 29.47 19.99
N LYS N 188 21.43 30.32 20.63
CA LYS N 188 21.86 31.65 21.01
C LYS N 188 22.74 31.65 22.24
N ASP N 189 22.78 30.56 22.99
CA ASP N 189 23.57 30.46 24.22
C ASP N 189 25.05 30.31 23.85
N THR N 190 25.74 31.44 23.81
CA THR N 190 27.17 31.48 23.50
C THR N 190 27.87 32.34 24.56
N VAL N 191 28.16 31.73 25.70
CA VAL N 191 28.85 32.43 26.78
C VAL N 191 30.10 31.65 27.17
N GLY N 192 29.96 30.35 27.40
CA GLY N 192 31.11 29.54 27.68
C GLY N 192 31.90 29.10 26.47
N ARG N 193 31.44 29.48 25.28
CA ARG N 193 32.03 29.05 24.03
C ARG N 193 32.65 30.22 23.29
N VAL N 194 33.53 29.89 22.36
CA VAL N 194 34.21 30.88 21.54
C VAL N 194 34.04 30.47 20.08
N GLU N 195 33.97 31.44 19.20
CA GLU N 195 33.69 31.18 17.79
C GLU N 195 34.99 30.84 17.08
N TRP N 196 35.03 29.69 16.43
CA TRP N 196 36.18 29.32 15.63
C TRP N 196 36.19 30.13 14.34
N GLU N 197 37.30 30.82 14.08
CA GLU N 197 37.44 31.62 12.88
C GLU N 197 38.11 30.81 11.80
N PRO N 198 37.61 30.85 10.56
CA PRO N 198 38.15 29.97 9.52
C PRO N 198 39.53 30.42 9.04
N GLU N 199 40.22 29.50 8.40
CA GLU N 199 41.51 29.78 7.80
C GLU N 199 41.35 30.69 6.60
N PRO N 200 42.31 31.57 6.32
CA PRO N 200 42.26 32.35 5.08
C PRO N 200 42.45 31.45 3.86
N GLN N 201 41.80 31.82 2.77
CA GLN N 201 41.81 31.02 1.57
C GLN N 201 42.91 31.46 0.63
N LEU N 202 43.20 30.61 -0.35
CA LEU N 202 44.01 31.01 -1.49
C LEU N 202 43.23 31.95 -2.38
N THR N 203 43.95 32.73 -3.17
CA THR N 203 43.24 33.49 -4.17
C THR N 203 42.91 32.60 -5.36
N ALA N 204 42.05 33.12 -6.24
CA ALA N 204 41.71 32.39 -7.44
C ALA N 204 42.94 32.24 -8.34
N GLU N 205 43.83 33.23 -8.33
CA GLU N 205 45.07 33.09 -9.07
C GLU N 205 46.03 32.13 -8.38
N GLN N 206 46.04 32.11 -7.05
CA GLN N 206 46.87 31.17 -6.33
C GLN N 206 46.42 29.74 -6.60
N VAL N 207 45.12 29.52 -6.62
CA VAL N 207 44.60 28.20 -6.94
C VAL N 207 45.05 27.77 -8.33
N ALA N 208 45.02 28.69 -9.29
CA ALA N 208 45.50 28.37 -10.63
C ALA N 208 46.97 27.99 -10.62
N GLU N 209 47.78 28.65 -9.80
CA GLU N 209 49.20 28.31 -9.73
C GLU N 209 49.42 26.95 -9.07
N LEU N 210 48.68 26.65 -8.01
CA LEU N 210 48.66 25.29 -7.47
C LEU N 210 48.38 24.27 -8.57
N GLU N 211 47.42 24.56 -9.45
CA GLU N 211 47.07 23.63 -10.50
C GLU N 211 48.20 23.46 -11.50
N ASN N 212 48.92 24.54 -11.82
CA ASN N 212 50.00 24.46 -12.78
C ASN N 212 51.22 23.73 -12.24
N LYS N 213 51.33 23.58 -10.91
CA LYS N 213 52.40 22.77 -10.34
C LYS N 213 52.02 21.31 -10.28
N ILE N 214 50.92 20.99 -9.61
CA ILE N 214 50.54 19.60 -9.39
C ILE N 214 50.38 18.88 -10.72
N GLY N 215 49.77 19.55 -11.70
CA GLY N 215 49.62 19.00 -13.03
C GLY N 215 48.65 17.85 -13.13
N ALA N 216 47.47 17.99 -12.52
CA ALA N 216 46.44 16.96 -12.58
C ALA N 216 45.06 17.55 -12.73
N GLY N 217 44.96 18.70 -13.41
CA GLY N 217 43.68 19.32 -13.68
C GLY N 217 43.22 20.30 -12.62
N LEU N 218 41.91 20.39 -12.43
CA LEU N 218 41.33 21.31 -11.47
C LEU N 218 41.64 20.88 -10.04
N ILE N 219 41.74 21.85 -9.14
CA ILE N 219 42.00 21.55 -7.72
C ILE N 219 40.93 20.64 -7.17
N GLU N 220 39.67 20.89 -7.49
CA GLU N 220 38.60 20.07 -6.95
C GLU N 220 38.69 18.64 -7.50
N GLU N 221 39.24 18.50 -8.69
CA GLU N 221 39.41 17.18 -9.27
C GLU N 221 40.62 16.48 -8.69
N VAL N 222 41.60 17.24 -8.20
CA VAL N 222 42.73 16.64 -7.51
C VAL N 222 42.31 16.09 -6.16
N ILE N 223 41.42 16.80 -5.45
CA ILE N 223 40.90 16.30 -4.20
C ILE N 223 40.15 15.00 -4.41
N GLN N 224 39.42 14.88 -5.52
CA GLN N 224 38.76 13.62 -5.84
C GLN N 224 39.74 12.48 -6.02
N VAL N 225 40.85 12.73 -6.71
CA VAL N 225 41.87 11.69 -6.82
C VAL N 225 42.54 11.47 -5.47
N ALA N 226 42.84 12.56 -4.74
CA ALA N 226 43.56 12.43 -3.49
C ALA N 226 42.77 11.64 -2.46
N GLU N 227 41.46 11.87 -2.37
CA GLU N 227 40.66 11.08 -1.46
C GLU N 227 40.41 9.66 -1.98
N GLY N 228 40.77 9.38 -3.24
CA GLY N 228 40.82 8.00 -3.70
C GLY N 228 42.05 7.26 -3.24
N GLU N 229 43.21 7.94 -3.21
CA GLU N 229 44.40 7.31 -2.67
C GLU N 229 44.24 6.99 -1.19
N LEU N 230 43.47 7.80 -0.48
CA LEU N 230 43.24 7.53 0.93
C LEU N 230 42.43 6.27 1.13
N LYS N 231 41.45 6.01 0.26
CA LYS N 231 40.62 4.84 0.42
C LYS N 231 41.32 3.55 -0.03
N LEU N 232 42.29 3.66 -0.93
CA LEU N 232 42.96 2.45 -1.42
C LEU N 232 43.84 1.82 -0.34
N VAL N 233 44.41 2.62 0.56
CA VAL N 233 45.32 2.07 1.57
C VAL N 233 44.59 1.05 2.44
N ASP N 234 43.32 1.31 2.74
CA ASP N 234 42.56 0.39 3.56
C ASP N 234 42.40 -0.95 2.88
N THR N 235 42.15 -0.96 1.58
CA THR N 235 42.06 -2.21 0.84
C THR N 235 43.43 -2.83 0.59
N MET N 236 44.46 -2.01 0.36
CA MET N 236 45.79 -2.55 0.13
C MET N 236 46.38 -3.18 1.38
N VAL N 237 45.95 -2.76 2.58
CA VAL N 237 46.44 -3.42 3.78
C VAL N 237 45.64 -4.67 4.07
N LYS N 238 44.33 -4.65 3.85
CA LYS N 238 43.52 -5.80 4.21
C LYS N 238 43.86 -7.00 3.34
N ALA N 239 44.28 -6.76 2.11
CA ALA N 239 44.59 -7.81 1.17
C ALA N 239 46.06 -8.19 1.16
N ARG N 240 46.92 -7.40 1.79
CA ARG N 240 48.35 -7.69 1.95
C ARG N 240 49.02 -7.96 0.61
N VAL N 241 48.92 -6.97 -0.28
CA VAL N 241 49.29 -7.17 -1.66
C VAL N 241 50.78 -7.45 -1.82
N TRP N 242 51.58 -7.17 -0.79
CA TRP N 242 53.02 -7.39 -0.83
C TRP N 242 53.41 -8.84 -0.55
N GLU N 243 52.49 -9.66 -0.05
CA GLU N 243 52.74 -11.06 0.20
C GLU N 243 52.96 -11.81 -1.11
N PRO N 244 53.66 -12.95 -1.08
CA PRO N 244 53.90 -13.72 -2.30
C PRO N 244 52.63 -14.10 -3.07
N LEU N 245 52.86 -14.51 -4.32
CA LEU N 245 51.79 -14.88 -5.23
C LEU N 245 50.93 -16.01 -4.65
N GLU N 246 49.62 -15.81 -4.63
CA GLU N 246 48.69 -16.80 -4.09
C GLU N 246 48.60 -18.04 -4.95
N GLU N 247 48.17 -17.90 -6.18
CA GLU N 247 47.82 -19.03 -7.02
C GLU N 247 48.72 -18.98 -8.24
N GLN N 248 49.61 -19.95 -8.36
CA GLN N 248 50.45 -20.03 -9.54
C GLN N 248 49.60 -20.31 -10.77
N PRO N 249 50.06 -19.92 -11.95
CA PRO N 249 49.42 -20.42 -13.18
C PRO N 249 49.73 -21.89 -13.36
N ARG N 250 48.71 -22.74 -13.30
CA ARG N 250 48.96 -24.13 -13.60
C ARG N 250 49.40 -24.25 -15.06
N PRO N 251 50.14 -25.29 -15.40
CA PRO N 251 50.76 -25.35 -16.74
C PRO N 251 49.70 -25.30 -17.83
N GLY N 252 49.98 -24.50 -18.85
CA GLY N 252 49.04 -24.30 -19.93
C GLY N 252 47.84 -23.48 -19.53
N GLN N 253 48.08 -22.36 -18.85
CA GLN N 253 46.96 -21.52 -18.37
C GLN N 253 46.90 -20.27 -19.23
N TRP N 254 48.05 -19.72 -19.58
CA TRP N 254 48.09 -18.45 -20.34
C TRP N 254 48.68 -18.75 -21.73
N GLU N 255 48.54 -20.00 -22.18
CA GLU N 255 49.02 -20.42 -23.52
C GLU N 255 47.88 -20.25 -24.53
N TYR N 256 48.16 -19.65 -25.69
CA TYR N 256 47.07 -19.38 -26.65
C TYR N 256 47.27 -20.14 -27.96
N PHE N 257 47.62 -19.45 -29.04
CA PHE N 257 47.72 -20.10 -30.36
C PHE N 257 49.00 -19.69 -31.06
N GLU N 258 50.06 -19.42 -30.33
CA GLU N 258 51.28 -18.90 -30.97
C GLU N 258 52.00 -20.00 -31.75
N ARG N 259 52.58 -19.67 -32.90
CA ARG N 259 53.35 -20.64 -33.66
C ARG N 259 54.78 -20.70 -33.13
N LYS N 260 55.50 -21.73 -33.57
CA LYS N 260 56.84 -22.04 -33.10
C LYS N 260 56.84 -22.36 -31.63
N VAL O 45 14.72 25.51 -65.10
CA VAL O 45 15.59 25.43 -63.93
C VAL O 45 16.47 26.66 -63.86
N ALA O 46 16.40 27.36 -62.73
CA ALA O 46 17.16 28.60 -62.53
C ALA O 46 18.51 28.24 -61.91
N LEU O 47 19.56 28.27 -62.72
CA LEU O 47 20.88 27.94 -62.22
C LEU O 47 21.37 29.01 -61.26
N PRO O 48 22.18 28.64 -60.27
CA PRO O 48 22.64 29.62 -59.29
C PRO O 48 23.34 30.80 -59.90
N LYS O 49 24.01 30.64 -61.04
CA LYS O 49 24.63 31.67 -61.87
C LYS O 49 25.98 32.14 -61.31
N ASP O 50 26.37 31.75 -60.10
CA ASP O 50 27.76 31.91 -59.71
C ASP O 50 28.24 30.65 -59.02
N ALA O 51 27.65 29.51 -59.39
CA ALA O 51 28.03 28.18 -58.93
C ALA O 51 28.17 27.29 -60.15
N PRO O 52 29.36 27.20 -60.73
CA PRO O 52 29.52 26.49 -62.00
C PRO O 52 29.47 24.98 -61.83
N ASN O 53 29.31 24.29 -62.95
CA ASN O 53 29.28 22.83 -62.97
C ASN O 53 30.58 22.24 -62.42
N PRO O 54 30.60 21.59 -61.23
CA PRO O 54 31.87 21.14 -60.67
C PRO O 54 32.48 20.01 -61.48
N ARG O 55 31.70 19.37 -62.33
CA ARG O 55 32.19 18.26 -63.17
C ARG O 55 32.83 18.82 -64.43
N ALA O 56 32.51 20.06 -64.80
CA ALA O 56 32.98 20.63 -66.08
C ALA O 56 34.40 21.16 -65.92
N ILE O 57 34.87 21.29 -64.69
CA ILE O 57 36.22 21.78 -64.43
C ILE O 57 37.22 20.67 -64.76
N PRO O 58 38.27 20.94 -65.54
CA PRO O 58 39.24 19.88 -65.86
C PRO O 58 40.27 19.67 -64.76
N ARG O 59 40.63 18.41 -64.54
CA ARG O 59 41.50 18.01 -63.44
C ARG O 59 42.94 17.82 -63.91
N GLU O 60 43.86 18.17 -63.04
CA GLU O 60 45.28 18.05 -63.38
C GLU O 60 45.70 16.58 -63.37
N PRO O 61 46.29 16.07 -64.44
CA PRO O 61 46.51 14.62 -64.56
C PRO O 61 47.49 14.10 -63.51
N VAL O 62 47.12 12.98 -62.91
CA VAL O 62 47.98 12.28 -61.96
C VAL O 62 48.75 11.20 -62.72
N GLY O 63 50.06 11.21 -62.56
CA GLY O 63 50.92 10.32 -63.33
C GLY O 63 51.30 9.05 -62.61
N GLU O 64 52.54 8.97 -62.16
CA GLU O 64 53.03 7.82 -61.43
C GLU O 64 52.78 8.02 -59.94
N ILE O 65 51.96 7.17 -59.36
CA ILE O 65 51.67 7.20 -57.93
C ILE O 65 52.72 6.36 -57.23
N LYS O 66 53.28 6.88 -56.15
CA LYS O 66 54.31 6.20 -55.40
C LYS O 66 53.96 6.25 -53.92
N GLN O 67 53.98 5.10 -53.27
CA GLN O 67 53.75 5.01 -51.83
C GLN O 67 54.83 4.17 -51.20
N ALA O 68 55.45 4.70 -50.15
CA ALA O 68 56.40 3.94 -49.37
C ALA O 68 55.72 2.77 -48.67
N LEU O 69 56.51 1.76 -48.38
CA LEU O 69 56.03 0.59 -47.67
C LEU O 69 56.32 0.80 -46.19
N VAL O 70 55.32 0.63 -45.35
CA VAL O 70 55.54 0.85 -43.93
C VAL O 70 55.14 -0.42 -43.18
N ASN O 71 55.83 -0.66 -42.08
CA ASN O 71 55.48 -1.72 -41.18
C ASN O 71 54.76 -1.08 -40.00
N PRO O 72 53.44 -1.27 -39.86
CA PRO O 72 52.70 -0.52 -38.84
C PRO O 72 53.09 -0.85 -37.43
N ALA O 73 53.74 -1.98 -37.19
CA ALA O 73 54.24 -2.26 -35.86
C ALA O 73 55.37 -1.32 -35.46
N ASP O 74 56.05 -0.72 -36.43
CA ASP O 74 57.24 0.07 -36.13
C ASP O 74 56.90 1.36 -35.40
N LYS O 75 55.66 1.82 -35.52
CA LYS O 75 55.25 3.05 -34.87
C LYS O 75 55.11 2.87 -33.38
N TYR O 76 55.08 1.63 -32.91
CA TYR O 76 54.81 1.33 -31.51
C TYR O 76 56.06 0.99 -30.73
N GLN O 77 57.25 1.09 -31.31
CA GLN O 77 58.44 0.76 -30.55
C GLN O 77 58.83 1.88 -29.59
N SER O 78 58.47 3.11 -29.91
CA SER O 78 58.86 4.22 -29.06
C SER O 78 58.15 4.18 -27.72
N LYS O 79 56.99 3.53 -27.65
CA LYS O 79 56.27 3.37 -26.40
C LYS O 79 56.42 1.96 -25.83
N ALA O 80 57.22 1.12 -26.47
CA ALA O 80 57.37 -0.27 -26.03
C ALA O 80 58.08 -0.36 -24.69
N ASP O 81 58.97 0.61 -24.40
CA ASP O 81 59.78 0.54 -23.20
C ASP O 81 59.00 0.92 -21.97
N ASN O 82 58.14 1.94 -22.07
CA ASN O 82 57.36 2.35 -20.93
C ASN O 82 56.20 1.42 -20.67
N LEU O 83 55.60 0.84 -21.72
CA LEU O 83 54.52 -0.12 -21.50
C LEU O 83 55.03 -1.32 -20.74
N HIS O 84 56.25 -1.74 -21.05
CA HIS O 84 56.91 -2.76 -20.24
C HIS O 84 57.23 -2.26 -18.84
N LYS O 85 57.71 -1.03 -18.74
CA LYS O 85 58.03 -0.45 -17.44
C LYS O 85 56.80 -0.35 -16.55
N TYR O 86 55.67 0.08 -17.12
CA TYR O 86 54.46 0.21 -16.32
C TYR O 86 53.96 -1.14 -15.86
N GLY O 87 54.04 -2.16 -16.72
CA GLY O 87 53.66 -3.49 -16.31
C GLY O 87 54.59 -4.08 -15.28
N ALA O 88 55.88 -3.76 -15.37
CA ALA O 88 56.83 -4.20 -14.36
C ALA O 88 56.58 -3.52 -13.02
N TRP O 89 56.28 -2.23 -13.03
CA TRP O 89 55.95 -1.55 -11.79
C TRP O 89 54.69 -2.11 -11.16
N LEU O 90 53.70 -2.43 -11.99
CA LEU O 90 52.42 -2.94 -11.50
C LEU O 90 52.57 -4.26 -10.77
N MET O 91 53.38 -5.16 -11.31
CA MET O 91 53.54 -6.46 -10.69
C MET O 91 54.54 -6.48 -9.55
N SER O 92 55.32 -5.42 -9.36
CA SER O 92 56.07 -5.27 -8.12
C SER O 92 55.20 -4.69 -7.02
N CYS O 93 54.24 -3.85 -7.37
CA CYS O 93 53.34 -3.27 -6.38
C CYS O 93 52.28 -4.25 -5.92
N LEU O 94 51.90 -5.20 -6.76
CA LEU O 94 50.93 -6.23 -6.40
C LEU O 94 51.46 -7.62 -6.73
N PRO O 95 52.56 -8.02 -6.09
CA PRO O 95 53.12 -9.35 -6.35
C PRO O 95 52.22 -10.49 -5.95
N LYS O 96 51.20 -10.25 -5.15
CA LYS O 96 50.37 -11.34 -4.67
C LYS O 96 49.44 -11.88 -5.73
N TYR O 97 49.17 -11.12 -6.78
CA TYR O 97 48.13 -11.50 -7.72
C TYR O 97 48.55 -11.46 -9.18
N ILE O 98 49.52 -10.63 -9.54
CA ILE O 98 49.88 -10.41 -10.93
C ILE O 98 50.89 -11.47 -11.34
N GLN O 99 50.42 -12.49 -12.07
CA GLN O 99 51.26 -13.61 -12.45
C GLN O 99 52.22 -13.24 -13.58
N GLN O 100 51.76 -12.52 -14.58
CA GLN O 100 52.60 -12.09 -15.68
C GLN O 100 51.95 -10.88 -16.34
N PHE O 101 52.65 -10.31 -17.31
CA PHE O 101 52.11 -9.29 -18.18
C PHE O 101 52.70 -9.44 -19.56
N SER O 102 51.88 -9.14 -20.57
CA SER O 102 52.30 -9.22 -21.99
C SER O 102 52.17 -7.84 -22.60
N VAL O 103 52.86 -7.57 -23.70
CA VAL O 103 52.70 -6.29 -24.44
C VAL O 103 52.65 -6.67 -25.92
N TRP O 104 51.64 -6.23 -26.68
CA TRP O 104 51.68 -6.60 -28.11
C TRP O 104 52.12 -5.42 -28.97
N LYS O 105 51.38 -4.31 -28.98
CA LYS O 105 51.77 -3.19 -29.86
C LYS O 105 51.61 -1.92 -29.05
N ASP O 106 50.37 -1.52 -28.82
CA ASP O 106 50.07 -0.38 -27.92
C ASP O 106 49.32 -0.97 -26.74
N GLU O 107 49.20 -2.30 -26.67
CA GLU O 107 48.36 -2.91 -25.61
C GLU O 107 49.18 -3.60 -24.52
N LEU O 108 48.98 -3.18 -23.27
CA LEU O 108 49.63 -3.85 -22.12
C LEU O 108 48.56 -4.70 -21.43
N THR O 109 48.81 -6.00 -21.30
CA THR O 109 47.84 -6.90 -20.62
C THR O 109 48.42 -7.39 -19.30
N ILE O 110 47.60 -7.45 -18.26
CA ILE O 110 48.00 -7.92 -16.94
C ILE O 110 47.24 -9.21 -16.62
N TYR O 111 47.95 -10.24 -16.18
CA TYR O 111 47.39 -11.57 -15.91
C TYR O 111 47.32 -11.81 -14.41
N ILE O 112 46.11 -11.96 -13.86
CA ILE O 112 45.94 -11.93 -12.42
C ILE O 112 45.26 -13.19 -11.90
N CYS O 113 45.44 -13.42 -10.61
CA CYS O 113 44.76 -14.51 -9.92
C CYS O 113 43.30 -14.14 -9.71
N PRO O 114 42.38 -15.09 -9.85
CA PRO O 114 40.97 -14.78 -9.68
C PRO O 114 40.62 -14.17 -8.34
N THR O 115 41.32 -14.56 -7.27
CA THR O 115 41.03 -14.01 -5.96
C THR O 115 41.60 -12.61 -5.79
N GLY O 116 42.41 -12.14 -6.73
CA GLY O 116 42.94 -10.81 -6.62
C GLY O 116 42.11 -9.74 -7.28
N VAL O 117 40.90 -10.10 -7.72
CA VAL O 117 40.10 -9.22 -8.56
C VAL O 117 39.82 -7.91 -7.85
N ILE O 118 39.33 -7.95 -6.62
CA ILE O 118 38.99 -6.72 -5.91
C ILE O 118 40.22 -5.85 -5.65
N PRO O 119 41.32 -6.38 -5.08
CA PRO O 119 42.49 -5.53 -4.89
C PRO O 119 43.06 -4.93 -6.17
N VAL O 120 43.17 -5.71 -7.24
CA VAL O 120 43.84 -5.26 -8.45
C VAL O 120 43.04 -4.14 -9.11
N PHE O 121 41.73 -4.31 -9.20
CA PHE O 121 40.89 -3.30 -9.81
C PHE O 121 40.75 -2.07 -8.93
N SER O 122 40.85 -2.24 -7.61
CA SER O 122 40.91 -1.09 -6.72
C SER O 122 42.15 -0.26 -6.98
N PHE O 123 43.31 -0.93 -7.08
CA PHE O 123 44.53 -0.21 -7.37
C PHE O 123 44.45 0.46 -8.73
N LEU O 124 43.88 -0.20 -9.73
CA LEU O 124 43.77 0.43 -11.03
C LEU O 124 42.65 1.44 -11.11
N LYS O 125 41.76 1.49 -10.11
CA LYS O 125 40.73 2.52 -10.10
C LYS O 125 41.18 3.76 -9.33
N TYR O 126 41.81 3.56 -8.17
CA TYR O 126 42.10 4.66 -7.25
C TYR O 126 43.58 4.95 -7.10
N ASN O 127 44.40 4.61 -8.07
CA ASN O 127 45.79 5.04 -7.94
C ASN O 127 46.02 6.26 -8.79
N THR O 128 46.85 7.15 -8.29
CA THR O 128 47.09 8.41 -8.96
C THR O 128 47.90 8.25 -10.24
N ASN O 129 48.66 7.18 -10.37
CA ASN O 129 49.33 6.86 -11.62
C ASN O 129 48.57 5.81 -12.42
N ALA O 130 47.44 5.35 -11.92
CA ALA O 130 46.65 4.30 -12.53
C ALA O 130 45.21 4.68 -12.52
N GLU O 131 44.91 5.88 -13.00
CA GLU O 131 43.60 6.48 -12.80
C GLU O 131 42.59 5.92 -13.83
N PHE O 132 42.43 4.59 -13.80
CA PHE O 132 41.62 3.87 -14.80
C PHE O 132 40.18 3.77 -14.30
N THR O 133 39.40 4.80 -14.56
CA THR O 133 38.09 4.94 -13.94
C THR O 133 36.93 4.49 -14.80
N GLN O 134 37.17 3.94 -16.00
CA GLN O 134 36.13 3.28 -16.78
C GLN O 134 36.43 1.81 -16.97
N VAL O 135 35.39 1.00 -16.83
CA VAL O 135 35.28 -0.30 -17.48
C VAL O 135 34.73 -0.06 -18.87
N SER O 136 35.47 -0.46 -19.89
CA SER O 136 34.93 -0.35 -21.24
C SER O 136 34.09 -1.56 -21.61
N ASP O 137 34.43 -2.71 -21.07
CA ASP O 137 33.97 -3.98 -21.58
C ASP O 137 34.48 -5.08 -20.66
N ILE O 138 33.61 -6.01 -20.32
CA ILE O 138 34.00 -7.25 -19.68
C ILE O 138 33.41 -8.36 -20.51
N THR O 139 34.24 -9.30 -20.95
CA THR O 139 33.76 -10.44 -21.70
C THR O 139 34.57 -11.66 -21.32
N ALA O 140 34.15 -12.81 -21.84
CA ALA O 140 34.83 -14.06 -21.61
C ALA O 140 35.21 -14.66 -22.95
N VAL O 141 36.23 -15.49 -22.92
CA VAL O 141 36.63 -16.35 -24.02
C VAL O 141 36.70 -17.77 -23.46
N ASP O 142 36.31 -18.74 -24.27
CA ASP O 142 36.28 -20.13 -23.86
C ASP O 142 37.44 -20.91 -24.47
N PHE O 143 38.19 -21.62 -23.63
CA PHE O 143 39.28 -22.49 -24.07
C PHE O 143 39.04 -23.84 -23.43
N PRO O 144 38.29 -24.72 -24.09
CA PRO O 144 38.00 -26.02 -23.48
C PRO O 144 39.22 -26.91 -23.28
N THR O 145 40.38 -26.56 -23.84
CA THR O 145 41.59 -27.32 -23.64
C THR O 145 42.29 -26.95 -22.34
N ARG O 146 41.79 -25.98 -21.60
CA ARG O 146 42.33 -25.58 -20.31
C ARG O 146 41.48 -26.15 -19.18
N GLU O 147 42.11 -26.40 -18.04
CA GLU O 147 41.38 -26.87 -16.87
C GLU O 147 40.37 -25.83 -16.40
N MET O 148 40.80 -24.58 -16.29
CA MET O 148 39.91 -23.44 -16.20
C MET O 148 39.48 -23.04 -17.60
N ARG O 149 38.23 -23.36 -17.97
CA ARG O 149 37.75 -23.13 -19.33
C ARG O 149 37.79 -21.67 -19.72
N PHE O 150 37.39 -20.79 -18.82
CA PHE O 150 36.99 -19.45 -19.19
C PHE O 150 38.09 -18.46 -18.85
N GLU O 151 38.45 -17.64 -19.81
CA GLU O 151 39.28 -16.48 -19.59
C GLU O 151 38.38 -15.26 -19.49
N ILE O 152 38.50 -14.50 -18.42
CA ILE O 152 37.71 -13.30 -18.19
C ILE O 152 38.55 -12.10 -18.58
N VAL O 153 38.10 -11.33 -19.57
CA VAL O 153 38.88 -10.21 -20.11
C VAL O 153 38.16 -8.94 -19.73
N TYR O 154 38.88 -8.04 -19.06
CA TYR O 154 38.42 -6.71 -18.73
C TYR O 154 39.25 -5.69 -19.49
N ASN O 155 38.58 -4.71 -20.08
CA ASN O 155 39.23 -3.61 -20.77
C ASN O 155 38.89 -2.31 -20.06
N LEU O 156 39.91 -1.56 -19.69
CA LEU O 156 39.74 -0.39 -18.84
C LEU O 156 40.36 0.84 -19.50
N LEU O 157 39.75 1.98 -19.24
CA LEU O 157 40.17 3.23 -19.85
C LEU O 157 40.48 4.28 -18.78
N SER O 158 41.55 5.03 -19.02
CA SER O 158 41.97 6.13 -18.17
C SER O 158 41.90 7.41 -19.00
N VAL O 159 40.87 8.22 -18.76
CA VAL O 159 40.76 9.48 -19.48
C VAL O 159 41.86 10.43 -19.05
N ARG O 160 42.30 10.33 -17.80
CA ARG O 160 43.35 11.20 -17.30
C ARG O 160 44.66 11.02 -18.07
N HIS O 161 45.08 9.79 -18.28
CA HIS O 161 46.35 9.53 -18.93
C HIS O 161 46.20 9.08 -20.37
N ASN O 162 44.99 9.12 -20.93
CA ASN O 162 44.75 8.73 -22.32
C ASN O 162 45.31 7.33 -22.59
N ALA O 163 45.03 6.41 -21.68
CA ALA O 163 45.66 5.11 -21.65
C ALA O 163 44.62 4.03 -21.53
N ARG O 164 44.98 2.84 -22.00
CA ARG O 164 44.14 1.65 -21.90
C ARG O 164 44.94 0.53 -21.26
N ILE O 165 44.23 -0.35 -20.57
CA ILE O 165 44.82 -1.53 -19.94
C ILE O 165 43.83 -2.67 -20.05
N ARG O 166 44.38 -3.87 -20.26
CA ARG O 166 43.55 -5.10 -20.30
C ARG O 166 43.91 -5.98 -19.10
N VAL O 167 42.93 -6.49 -18.38
CA VAL O 167 43.12 -7.38 -17.23
C VAL O 167 42.45 -8.71 -17.54
N LYS O 168 43.21 -9.79 -17.41
CA LYS O 168 42.73 -11.13 -17.70
C LYS O 168 42.81 -11.98 -16.44
N THR O 169 41.74 -12.71 -16.16
CA THR O 169 41.72 -13.74 -15.15
C THR O 169 41.02 -14.97 -15.71
N TYR O 170 40.82 -15.98 -14.88
CA TYR O 170 40.28 -17.23 -15.34
C TYR O 170 39.17 -17.71 -14.42
N ALA O 171 38.33 -18.58 -14.95
CA ALA O 171 37.17 -19.10 -14.23
C ALA O 171 36.90 -20.50 -14.73
N ASP O 172 35.90 -21.12 -14.14
CA ASP O 172 35.55 -22.48 -14.49
C ASP O 172 34.04 -22.63 -14.50
N GLU O 173 33.57 -23.83 -14.82
CA GLU O 173 32.14 -24.12 -14.77
C GLU O 173 31.61 -24.00 -13.35
N VAL O 174 32.44 -24.25 -12.35
CA VAL O 174 32.02 -24.14 -10.95
C VAL O 174 32.83 -23.11 -10.16
N THR O 175 33.88 -22.53 -10.72
CA THR O 175 34.77 -21.68 -9.94
C THR O 175 34.38 -20.22 -10.13
N PRO O 176 33.88 -19.54 -9.10
CA PRO O 176 33.34 -18.19 -9.29
C PRO O 176 34.42 -17.11 -9.17
N VAL O 177 34.05 -15.93 -9.65
CA VAL O 177 34.94 -14.78 -9.77
C VAL O 177 34.32 -13.65 -8.96
N PRO O 178 35.10 -12.82 -8.27
CA PRO O 178 34.50 -11.66 -7.60
C PRO O 178 33.89 -10.70 -8.60
N SER O 179 32.70 -10.20 -8.25
CA SER O 179 32.06 -9.13 -8.98
C SER O 179 32.73 -7.80 -8.64
N ILE O 180 32.78 -6.90 -9.62
CA ILE O 180 33.40 -5.60 -9.42
C ILE O 180 32.39 -4.47 -9.51
N THR O 181 31.11 -4.79 -9.32
CA THR O 181 30.09 -3.76 -9.27
C THR O 181 30.18 -2.92 -8.00
N SER O 182 31.00 -3.34 -7.04
CA SER O 182 31.37 -2.46 -5.95
C SER O 182 32.27 -1.32 -6.39
N LEU O 183 32.99 -1.46 -7.51
CA LEU O 183 33.87 -0.42 -7.99
C LEU O 183 33.34 0.32 -9.22
N TYR O 184 32.68 -0.37 -10.14
CA TYR O 184 32.16 0.25 -11.36
C TYR O 184 30.70 -0.12 -11.51
N MET O 185 29.83 0.90 -11.46
CA MET O 185 28.42 0.64 -11.68
C MET O 185 28.14 0.17 -13.09
N GLY O 186 29.00 0.56 -14.04
CA GLY O 186 28.81 0.19 -15.42
C GLY O 186 29.10 -1.25 -15.72
N ALA O 187 29.84 -1.93 -14.84
CA ALA O 187 30.20 -3.33 -15.02
C ALA O 187 29.04 -4.28 -14.71
N ASN O 188 27.94 -3.77 -14.17
CA ASN O 188 26.84 -4.64 -13.74
C ASN O 188 26.24 -5.44 -14.90
N TRP O 189 25.85 -4.77 -15.98
CA TRP O 189 25.22 -5.49 -17.06
C TRP O 189 26.20 -6.35 -17.82
N TYR O 190 27.48 -5.98 -17.84
CA TYR O 190 28.49 -6.77 -18.51
C TYR O 190 28.63 -8.14 -17.87
N GLU O 191 28.64 -8.19 -16.54
CA GLU O 191 28.76 -9.47 -15.86
C GLU O 191 27.51 -10.31 -16.05
N ARG O 192 26.35 -9.67 -16.20
CA ARG O 192 25.14 -10.43 -16.53
C ARG O 192 25.29 -11.09 -17.88
N GLU O 193 25.92 -10.41 -18.83
CA GLU O 193 26.15 -11.01 -20.14
C GLU O 193 27.11 -12.17 -20.07
N VAL O 194 28.23 -11.99 -19.36
CA VAL O 194 29.21 -13.08 -19.25
C VAL O 194 28.57 -14.28 -18.58
N TYR O 195 27.78 -14.04 -17.53
CA TYR O 195 27.07 -15.12 -16.88
C TYR O 195 26.04 -15.74 -17.80
N ASP O 196 25.23 -14.92 -18.45
CA ASP O 196 24.17 -15.42 -19.33
C ASP O 196 24.74 -16.23 -20.48
N MET O 197 25.82 -15.75 -21.09
CA MET O 197 26.39 -16.34 -22.29
C MET O 197 27.41 -17.42 -22.01
N PHE O 198 27.99 -17.48 -20.82
CA PHE O 198 29.05 -18.45 -20.51
C PHE O 198 28.78 -19.32 -19.30
N GLY O 199 27.91 -18.93 -18.38
CA GLY O 199 27.70 -19.68 -17.16
C GLY O 199 28.59 -19.30 -16.01
N VAL O 200 29.54 -18.39 -16.21
CA VAL O 200 30.41 -17.94 -15.14
C VAL O 200 29.58 -17.21 -14.10
N LEU O 201 29.92 -17.41 -12.83
CA LEU O 201 29.09 -16.93 -11.74
C LEU O 201 29.90 -15.90 -10.94
N PHE O 202 29.28 -14.77 -10.64
CA PHE O 202 29.97 -13.60 -10.09
C PHE O 202 29.52 -13.38 -8.65
N VAL O 203 30.37 -13.76 -7.71
CA VAL O 203 30.05 -13.65 -6.29
C VAL O 203 29.96 -12.19 -5.90
N GLY O 204 28.88 -11.83 -5.20
CA GLY O 204 28.65 -10.48 -4.76
C GLY O 204 27.70 -9.68 -5.62
N HIS O 205 27.41 -10.14 -6.83
CA HIS O 205 26.60 -9.39 -7.77
C HIS O 205 25.17 -9.27 -7.26
N PRO O 206 24.57 -8.09 -7.32
CA PRO O 206 23.14 -7.98 -7.06
C PRO O 206 22.36 -8.28 -8.33
N ASP O 207 21.44 -9.22 -8.28
CA ASP O 207 20.60 -9.54 -9.44
C ASP O 207 21.43 -10.05 -10.63
N LEU O 208 22.07 -11.19 -10.44
CA LEU O 208 22.71 -11.89 -11.55
C LEU O 208 21.67 -12.78 -12.22
N ARG O 209 20.99 -12.23 -13.22
CA ARG O 209 20.01 -12.93 -14.02
C ARG O 209 20.40 -12.81 -15.48
N ARG O 210 19.76 -13.64 -16.30
CA ARG O 210 19.97 -13.59 -17.74
C ARG O 210 19.57 -12.23 -18.30
N ILE O 211 20.27 -11.84 -19.36
CA ILE O 211 20.22 -10.50 -19.93
C ILE O 211 19.87 -10.59 -21.41
N MET O 212 20.24 -11.70 -22.05
CA MET O 212 20.14 -11.83 -23.51
C MET O 212 19.21 -12.95 -23.94
N THR O 213 19.33 -14.08 -23.29
CA THR O 213 18.60 -15.28 -23.75
C THR O 213 17.13 -15.20 -23.38
N ASP O 214 16.35 -16.16 -23.85
CA ASP O 214 14.90 -16.24 -23.55
C ASP O 214 14.75 -16.68 -22.09
N TYR O 215 13.54 -16.63 -21.54
CA TYR O 215 13.32 -16.88 -20.10
C TYR O 215 13.59 -18.31 -19.63
N GLY O 216 13.10 -19.35 -20.29
CA GLY O 216 13.42 -20.69 -19.76
C GLY O 216 14.59 -21.32 -20.50
N PHE O 217 15.44 -20.49 -21.12
CA PHE O 217 16.53 -21.01 -21.99
C PHE O 217 17.54 -21.82 -21.19
N GLU O 218 17.91 -22.96 -21.75
CA GLU O 218 18.87 -23.84 -21.05
C GLU O 218 20.12 -23.91 -21.91
N GLY O 219 21.28 -23.66 -21.32
CA GLY O 219 22.53 -23.67 -22.07
C GLY O 219 23.25 -22.35 -22.02
N HIS O 220 24.50 -22.35 -22.47
CA HIS O 220 25.31 -21.13 -22.53
C HIS O 220 25.86 -21.04 -23.95
N PRO O 221 25.29 -20.19 -24.80
CA PRO O 221 25.57 -20.29 -26.23
C PRO O 221 26.99 -19.97 -26.63
N LEU O 222 27.74 -19.19 -25.86
CA LEU O 222 29.09 -18.88 -26.30
C LEU O 222 30.09 -19.95 -25.90
N ARG O 223 29.67 -20.96 -25.14
CA ARG O 223 30.48 -22.13 -24.92
C ARG O 223 30.71 -22.84 -26.23
N LYS O 224 31.88 -23.42 -26.38
CA LYS O 224 32.23 -24.01 -27.66
C LYS O 224 31.62 -25.39 -27.87
N ASP O 225 31.07 -25.97 -26.80
CA ASP O 225 30.36 -27.28 -26.90
C ASP O 225 28.90 -27.02 -27.29
N PHE O 226 28.41 -25.80 -27.06
CA PHE O 226 27.03 -25.44 -27.46
C PHE O 226 26.97 -25.40 -28.97
N PRO O 227 25.96 -26.04 -29.60
CA PRO O 227 25.81 -26.01 -31.05
C PRO O 227 25.30 -24.66 -31.59
N LEU O 228 25.59 -24.32 -32.84
CA LEU O 228 25.23 -23.01 -33.42
C LEU O 228 23.71 -22.78 -33.45
N THR O 229 22.93 -23.79 -33.80
CA THR O 229 21.45 -23.59 -33.96
C THR O 229 20.74 -23.99 -32.67
N GLY O 230 21.49 -24.38 -31.64
CA GLY O 230 20.87 -24.72 -30.35
C GLY O 230 20.30 -26.12 -30.32
N TYR O 231 19.39 -26.39 -29.39
CA TYR O 231 18.84 -27.76 -29.23
C TYR O 231 17.34 -27.74 -29.42
N THR O 232 16.72 -26.56 -29.31
CA THR O 232 15.25 -26.45 -29.36
C THR O 232 14.82 -25.39 -30.37
N GLU O 233 13.60 -25.44 -30.86
CA GLU O 233 13.04 -24.40 -31.78
C GLU O 233 11.62 -24.10 -31.31
N ILE O 234 11.03 -22.98 -31.69
CA ILE O 234 9.61 -22.73 -31.30
C ILE O 234 8.67 -22.61 -32.49
N ARG O 235 7.35 -22.82 -32.27
CA ARG O 235 6.33 -22.60 -33.28
C ARG O 235 5.01 -22.39 -32.56
N TYR O 236 4.02 -21.96 -33.32
CA TYR O 236 2.67 -21.81 -32.81
C TYR O 236 1.92 -23.11 -33.06
N ASP O 237 1.33 -23.66 -32.02
CA ASP O 237 0.49 -24.85 -32.15
C ASP O 237 -0.96 -24.41 -32.22
N GLU O 238 -1.62 -24.77 -33.32
CA GLU O 238 -3.02 -24.42 -33.45
C GLU O 238 -3.86 -25.19 -32.46
N GLU O 239 -3.54 -26.47 -32.26
CA GLU O 239 -4.32 -27.32 -31.37
C GLU O 239 -4.15 -26.93 -29.91
N LYS O 240 -3.04 -26.34 -29.53
CA LYS O 240 -2.81 -25.92 -28.16
C LYS O 240 -3.02 -24.43 -27.95
N LYS O 241 -3.21 -23.67 -29.01
CA LYS O 241 -3.52 -22.24 -28.98
C LYS O 241 -2.39 -21.38 -28.42
N ARG O 242 -1.18 -21.91 -28.27
CA ARG O 242 -0.06 -21.15 -27.78
C ARG O 242 1.15 -21.44 -28.65
N ILE O 243 2.25 -20.77 -28.35
CA ILE O 243 3.57 -21.15 -28.84
C ILE O 243 4.10 -22.27 -27.98
N VAL O 244 4.58 -23.33 -28.61
CA VAL O 244 5.16 -24.49 -27.94
C VAL O 244 6.63 -24.60 -28.31
N VAL O 245 7.37 -25.38 -27.54
CA VAL O 245 8.80 -25.56 -27.71
C VAL O 245 9.05 -27.01 -28.15
N GLU O 246 9.85 -27.19 -29.18
CA GLU O 246 10.09 -28.47 -29.82
C GLU O 246 11.57 -28.78 -29.96
N PRO O 247 11.92 -30.04 -30.08
CA PRO O 247 13.28 -30.39 -30.51
C PRO O 247 13.58 -29.89 -31.91
N LEU O 248 14.84 -29.53 -32.13
CA LEU O 248 15.26 -28.83 -33.33
C LEU O 248 15.37 -29.76 -34.55
N GLU O 249 14.65 -29.43 -35.60
CA GLU O 249 14.86 -29.99 -36.91
C GLU O 249 15.14 -28.83 -37.85
N LEU O 250 16.04 -29.01 -38.80
CA LEU O 250 16.38 -27.99 -39.78
C LEU O 250 16.09 -28.51 -41.18
N THR O 251 15.26 -27.79 -41.96
CA THR O 251 14.92 -28.19 -43.37
C THR O 251 16.22 -28.32 -44.16
N GLN O 252 17.12 -27.36 -44.04
CA GLN O 252 18.47 -27.54 -44.53
C GLN O 252 19.41 -27.58 -43.33
N ALA O 253 20.17 -28.66 -43.22
CA ALA O 253 21.24 -28.75 -42.23
C ALA O 253 22.35 -27.78 -42.57
N PHE O 254 22.92 -27.18 -41.53
CA PHE O 254 23.98 -26.19 -41.69
C PHE O 254 25.24 -26.83 -42.23
N ARG O 255 25.78 -26.25 -43.30
CA ARG O 255 26.97 -26.78 -43.97
C ARG O 255 28.19 -26.05 -43.42
N ASN O 256 29.05 -26.79 -42.71
CA ASN O 256 30.19 -26.20 -42.03
C ASN O 256 31.44 -26.38 -42.89
N PHE O 257 31.95 -25.26 -43.41
CA PHE O 257 33.06 -25.31 -44.40
C PHE O 257 34.44 -25.14 -43.75
N GLU O 258 34.56 -25.50 -42.48
CA GLU O 258 35.83 -25.41 -41.73
C GLU O 258 36.86 -26.32 -42.39
N GLY O 259 36.45 -27.46 -42.94
CA GLY O 259 37.45 -28.40 -43.45
C GLY O 259 38.26 -27.77 -44.55
N GLY O 260 37.73 -26.74 -45.20
CA GLY O 260 38.56 -26.06 -46.15
C GLY O 260 39.46 -25.01 -45.52
N SER O 261 40.31 -25.42 -44.60
CA SER O 261 41.36 -24.56 -44.10
C SER O 261 42.67 -25.10 -44.64
N SER O 262 43.57 -24.19 -44.98
CA SER O 262 44.74 -24.58 -45.75
C SER O 262 45.52 -25.67 -45.04
N ALA O 263 45.96 -26.67 -45.80
CA ALA O 263 46.85 -27.68 -45.27
C ALA O 263 48.19 -27.10 -44.85
N TRP O 264 48.51 -25.89 -45.29
CA TRP O 264 49.77 -25.23 -44.97
C TRP O 264 49.52 -24.07 -44.04
N ASP O 265 50.39 -23.91 -43.06
CA ASP O 265 50.34 -22.72 -42.21
C ASP O 265 50.59 -21.47 -43.03
N GLN O 266 49.82 -20.41 -42.79
CA GLN O 266 49.92 -19.22 -43.68
C GLN O 266 50.43 -17.94 -42.99
N VAL O 267 50.64 -17.95 -41.68
CA VAL O 267 51.11 -16.73 -41.02
C VAL O 267 52.57 -16.84 -40.61
N GLY O 268 53.00 -18.01 -40.15
CA GLY O 268 54.35 -18.18 -39.69
C GLY O 268 54.52 -17.82 -38.24
N PRO O 269 55.77 -17.79 -37.78
CA PRO O 269 56.04 -17.57 -36.36
C PRO O 269 55.99 -16.12 -35.91
N GLY O 270 56.18 -15.16 -36.81
CA GLY O 270 56.22 -13.76 -36.43
C GLY O 270 57.62 -13.27 -36.14
N ILE O 271 57.68 -12.14 -35.43
CA ILE O 271 58.93 -11.47 -35.07
C ILE O 271 58.88 -11.06 -33.61
N ASP O 272 59.94 -11.37 -32.87
CA ASP O 272 60.13 -10.90 -31.50
C ASP O 272 60.48 -9.41 -31.49
N ARG O 273 59.83 -8.65 -30.61
CA ARG O 273 60.00 -7.20 -30.57
C ARG O 273 60.02 -6.70 -29.12
N THR O 274 60.80 -7.34 -28.28
CA THR O 274 60.94 -6.89 -26.89
C THR O 274 62.01 -5.80 -26.80
N PRO O 275 61.81 -4.80 -25.95
CA PRO O 275 62.88 -3.85 -25.68
C PRO O 275 64.10 -4.55 -25.10
N ASP O 276 65.28 -4.00 -25.38
CA ASP O 276 66.50 -4.54 -24.80
C ASP O 276 66.55 -4.30 -23.31
N THR O 277 65.79 -3.34 -22.81
CA THR O 277 65.65 -3.10 -21.39
C THR O 277 64.90 -4.20 -20.67
N PHE O 278 64.27 -5.14 -21.38
CA PHE O 278 63.58 -6.24 -20.72
C PHE O 278 64.05 -7.59 -21.20
N LYS O 279 65.25 -7.64 -21.77
CA LYS O 279 65.91 -8.88 -22.14
C LYS O 279 67.04 -9.14 -21.16
N LEU O 280 67.45 -10.38 -21.03
CA LEU O 280 68.53 -10.66 -20.10
C LEU O 280 69.86 -10.30 -20.75
N PRO O 281 70.78 -9.66 -20.02
CA PRO O 281 72.05 -9.28 -20.63
C PRO O 281 72.82 -10.49 -21.13
N THR O 282 73.48 -10.32 -22.26
CA THR O 282 74.16 -11.53 -22.70
C THR O 282 75.59 -11.56 -22.15
N PRO O 283 76.09 -12.75 -21.81
CA PRO O 283 77.47 -12.83 -21.31
C PRO O 283 78.49 -12.61 -22.40
N LYS O 284 79.26 -11.54 -22.31
CA LYS O 284 80.27 -11.27 -23.31
C LYS O 284 81.39 -12.31 -23.24
N PRO O 285 81.98 -12.66 -24.38
CA PRO O 285 82.98 -13.73 -24.39
C PRO O 285 84.28 -13.30 -23.72
N GLU O 286 85.12 -14.29 -23.45
CA GLU O 286 86.40 -14.10 -22.76
C GLU O 286 86.20 -13.43 -21.40
N ASP P 99 56.21 -29.37 -87.46
CA ASP P 99 55.06 -29.77 -86.68
C ASP P 99 55.31 -31.09 -85.98
N THR P 100 56.50 -31.25 -85.40
CA THR P 100 56.86 -32.50 -84.77
C THR P 100 56.02 -32.73 -83.52
N LEU P 101 55.40 -33.90 -83.44
CA LEU P 101 54.58 -34.25 -82.30
C LEU P 101 55.32 -35.22 -81.40
N MET P 102 54.99 -35.17 -80.11
CA MET P 102 55.64 -35.99 -79.11
C MET P 102 54.74 -37.14 -78.67
N VAL P 103 53.65 -37.35 -79.37
CA VAL P 103 52.75 -38.48 -79.14
C VAL P 103 52.62 -39.23 -80.45
N HIS P 104 52.25 -40.50 -80.34
CA HIS P 104 52.14 -41.36 -81.54
C HIS P 104 50.81 -41.13 -82.24
N ARG P 105 50.87 -40.84 -83.53
CA ARG P 105 49.67 -40.74 -84.35
C ARG P 105 49.57 -42.00 -85.18
N ASN P 106 48.46 -42.71 -85.03
CA ASN P 106 48.27 -43.98 -85.71
C ASN P 106 48.14 -43.75 -87.21
N THR P 107 48.76 -44.61 -87.99
CA THR P 107 48.92 -44.35 -89.41
C THR P 107 48.95 -45.68 -90.16
N PRO P 108 48.47 -45.71 -91.41
CA PRO P 108 48.71 -46.89 -92.25
C PRO P 108 50.19 -47.17 -92.53
N GLU P 109 51.06 -46.19 -92.39
CA GLU P 109 52.50 -46.44 -92.42
C GLU P 109 53.15 -46.38 -91.05
N ASN P 110 52.38 -46.13 -89.99
CA ASN P 110 52.95 -46.15 -88.65
C ASN P 110 51.89 -46.66 -87.69
N ASN P 111 51.85 -47.97 -87.51
CA ASN P 111 50.92 -48.60 -86.59
C ASN P 111 51.59 -49.83 -86.02
N PRO P 112 51.25 -50.23 -84.80
CA PRO P 112 51.94 -51.36 -84.18
C PRO P 112 51.80 -52.67 -84.93
N ASP P 113 50.73 -52.87 -85.70
CA ASP P 113 50.50 -54.16 -86.32
C ASP P 113 51.45 -54.46 -87.47
N ILE P 114 52.03 -53.43 -88.10
CA ILE P 114 53.01 -53.69 -89.15
C ILE P 114 54.22 -54.38 -88.53
N PRO P 115 54.74 -55.45 -89.14
CA PRO P 115 55.89 -56.13 -88.55
C PRO P 115 57.21 -55.47 -88.93
N PHE P 116 58.15 -55.50 -87.99
CA PHE P 116 59.53 -55.13 -88.26
C PHE P 116 60.44 -56.23 -87.75
N LYS P 117 61.53 -56.45 -88.46
CA LYS P 117 62.61 -57.28 -87.96
C LYS P 117 63.89 -56.82 -88.62
N PHE P 118 64.98 -56.88 -87.86
CA PHE P 118 66.28 -56.56 -88.41
C PHE P 118 66.70 -57.63 -89.41
N THR P 119 67.31 -57.20 -90.50
CA THR P 119 67.57 -58.07 -91.64
C THR P 119 68.62 -59.12 -91.26
N PRO P 120 68.63 -60.27 -91.96
CA PRO P 120 69.63 -61.30 -91.67
C PRO P 120 71.07 -60.83 -91.80
N GLU P 121 71.26 -59.57 -92.18
CA GLU P 121 72.58 -58.95 -92.21
C GLU P 121 72.81 -57.98 -91.05
N ASN P 122 71.76 -57.33 -90.55
CA ASN P 122 71.93 -56.37 -89.47
C ASN P 122 72.28 -57.00 -88.14
N GLU P 123 71.79 -58.22 -87.85
CA GLU P 123 72.03 -58.75 -86.51
C GLU P 123 73.51 -58.91 -86.22
N LYS P 124 74.34 -59.09 -87.26
CA LYS P 124 75.77 -59.11 -87.08
C LYS P 124 76.26 -57.78 -86.53
N ILE P 125 75.76 -56.67 -87.08
CA ILE P 125 76.07 -55.36 -86.51
C ILE P 125 75.50 -55.26 -85.11
N ILE P 126 74.32 -55.84 -84.89
CA ILE P 126 73.72 -55.79 -83.57
C ILE P 126 74.61 -56.49 -82.56
N GLU P 127 75.13 -57.66 -82.92
CA GLU P 127 75.92 -58.48 -81.97
C GLU P 127 77.17 -57.71 -81.53
N GLN P 128 77.88 -57.10 -82.48
CA GLN P 128 79.12 -56.36 -82.14
C GLN P 128 78.79 -55.19 -81.22
N ILE P 129 77.68 -54.50 -81.47
CA ILE P 129 77.30 -53.34 -80.63
C ILE P 129 77.04 -53.85 -79.21
N LEU P 130 76.36 -54.99 -79.08
CA LEU P 130 75.96 -55.46 -77.73
C LEU P 130 77.17 -55.80 -76.87
N LYS P 131 78.23 -56.34 -77.47
CA LYS P 131 79.40 -56.81 -76.71
C LYS P 131 80.21 -55.63 -76.20
N ARG P 132 79.86 -54.42 -76.60
CA ARG P 132 80.66 -53.23 -76.22
C ARG P 132 80.15 -52.64 -74.90
N TYR P 133 79.17 -53.29 -74.29
CA TYR P 133 78.64 -52.81 -72.99
C TYR P 133 78.62 -53.92 -71.93
N PRO P 134 78.48 -53.65 -70.60
CA PRO P 134 78.30 -54.71 -69.61
C PRO P 134 77.09 -55.58 -69.95
N PRO P 135 77.19 -56.89 -69.74
CA PRO P 135 76.15 -57.79 -70.27
C PRO P 135 74.76 -57.53 -69.73
N GLN P 136 74.63 -57.11 -68.48
CA GLN P 136 73.32 -56.79 -67.93
C GLN P 136 72.86 -55.40 -68.31
N TYR P 137 73.77 -54.52 -68.68
CA TYR P 137 73.40 -53.18 -69.13
C TYR P 137 73.32 -53.11 -70.64
N LYS P 138 72.64 -54.08 -71.24
CA LYS P 138 72.41 -54.03 -72.67
C LYS P 138 71.45 -52.92 -73.07
N LYS P 139 70.71 -52.36 -72.11
CA LYS P 139 69.84 -51.24 -72.41
C LYS P 139 70.61 -50.01 -72.85
N ALA P 140 71.93 -50.01 -72.65
CA ALA P 140 72.79 -48.98 -73.21
C ALA P 140 72.78 -48.97 -74.74
N ALA P 141 72.43 -50.07 -75.38
CA ALA P 141 72.48 -50.18 -76.82
C ALA P 141 71.23 -49.64 -77.51
N VAL P 142 70.27 -49.10 -76.76
CA VAL P 142 69.03 -48.63 -77.35
C VAL P 142 69.30 -47.57 -78.41
N MET P 143 70.22 -46.67 -78.15
CA MET P 143 70.50 -45.60 -79.12
C MET P 143 71.08 -46.15 -80.42
N PRO P 144 72.11 -47.00 -80.41
CA PRO P 144 72.59 -47.55 -81.70
C PRO P 144 71.57 -48.35 -82.49
N LEU P 145 70.72 -49.17 -81.84
CA LEU P 145 69.74 -49.96 -82.56
C LEU P 145 68.59 -49.14 -83.11
N LEU P 146 68.21 -48.05 -82.46
CA LEU P 146 67.20 -47.17 -83.05
C LEU P 146 67.69 -46.58 -84.36
N ASP P 147 68.96 -46.18 -84.41
CA ASP P 147 69.54 -45.71 -85.66
C ASP P 147 69.66 -46.83 -86.68
N LEU P 148 70.05 -48.04 -86.24
CA LEU P 148 70.07 -49.16 -87.16
C LEU P 148 68.67 -49.51 -87.65
N GLY P 149 67.68 -49.44 -86.76
CA GLY P 149 66.31 -49.69 -87.17
C GLY P 149 65.80 -48.67 -88.17
N GLN P 150 66.14 -47.40 -87.97
CA GLN P 150 65.62 -46.37 -88.86
C GLN P 150 66.41 -46.26 -90.16
N ARG P 151 67.64 -46.79 -90.22
CA ARG P 151 68.37 -46.86 -91.47
C ARG P 151 68.00 -48.08 -92.31
N GLN P 152 67.26 -49.02 -91.75
CA GLN P 152 66.77 -50.14 -92.53
C GLN P 152 65.34 -49.92 -92.99
N HIS P 153 64.54 -49.23 -92.19
CA HIS P 153 63.14 -49.00 -92.49
C HIS P 153 62.88 -47.63 -93.12
N GLY P 154 63.52 -46.59 -92.63
CA GLY P 154 63.32 -45.27 -93.19
C GLY P 154 63.09 -44.24 -92.13
N PHE P 155 62.43 -44.64 -91.05
CA PHE P 155 62.24 -43.76 -89.91
C PHE P 155 62.00 -44.66 -88.71
N CYS P 156 62.16 -44.08 -87.52
CA CYS P 156 61.86 -44.83 -86.31
C CYS P 156 60.36 -45.00 -86.16
N SER P 157 59.83 -46.06 -86.73
CA SER P 157 58.42 -46.38 -86.62
C SER P 157 58.14 -46.98 -85.25
N ILE P 158 56.85 -47.00 -84.91
CA ILE P 158 56.39 -47.61 -83.67
C ILE P 158 56.75 -49.10 -83.65
N SER P 159 56.64 -49.76 -84.80
CA SER P 159 57.06 -51.16 -84.87
C SER P 159 58.57 -51.29 -84.77
N VAL P 160 59.32 -50.38 -85.39
CA VAL P 160 60.76 -50.40 -85.26
C VAL P 160 61.16 -50.28 -83.79
N MET P 161 60.60 -49.30 -83.11
CA MET P 161 60.93 -49.07 -81.70
C MET P 161 60.54 -50.27 -80.85
N ASN P 162 59.41 -50.89 -81.16
CA ASN P 162 58.96 -52.03 -80.37
C ASN P 162 59.89 -53.22 -80.54
N GLU P 163 60.43 -53.43 -81.74
CA GLU P 163 61.37 -54.51 -81.94
C GLU P 163 62.65 -54.28 -81.12
N VAL P 164 63.16 -53.05 -81.13
CA VAL P 164 64.38 -52.74 -80.38
C VAL P 164 64.14 -52.94 -78.89
N ALA P 165 62.91 -52.75 -78.43
CA ALA P 165 62.58 -53.03 -77.03
C ALA P 165 62.73 -54.50 -76.69
N ARG P 166 62.22 -55.40 -77.53
CA ARG P 166 62.28 -56.81 -77.18
C ARG P 166 63.68 -57.39 -77.34
N ILE P 167 64.51 -56.78 -78.19
CA ILE P 167 65.88 -57.26 -78.29
C ILE P 167 66.64 -56.97 -77.00
N LEU P 168 66.35 -55.84 -76.38
CA LEU P 168 67.05 -55.38 -75.20
C LEU P 168 66.23 -55.54 -73.92
N GLU P 169 65.19 -56.37 -73.95
CA GLU P 169 64.36 -56.67 -72.78
C GLU P 169 63.93 -55.41 -72.04
N MET P 170 63.46 -54.46 -72.78
CA MET P 170 63.04 -53.23 -72.14
C MET P 170 61.54 -53.08 -72.29
N PRO P 171 60.89 -52.37 -71.37
CA PRO P 171 59.56 -51.91 -71.65
C PRO P 171 59.60 -50.96 -72.82
N PRO P 172 58.67 -51.08 -73.77
CA PRO P 172 58.76 -50.22 -74.95
C PRO P 172 58.64 -48.75 -74.63
N MET P 173 57.99 -48.39 -73.53
CA MET P 173 57.89 -46.99 -73.16
C MET P 173 59.24 -46.40 -72.79
N ARG P 174 60.16 -47.22 -72.30
CA ARG P 174 61.52 -46.74 -72.11
C ARG P 174 62.20 -46.41 -73.45
N VAL P 175 61.77 -47.07 -74.52
CA VAL P 175 62.33 -46.76 -75.83
C VAL P 175 61.62 -45.57 -76.46
N TYR P 176 60.34 -45.36 -76.17
CA TYR P 176 59.65 -44.21 -76.72
C TYR P 176 60.22 -42.91 -76.18
N GLU P 177 60.60 -42.89 -74.90
CA GLU P 177 61.16 -41.69 -74.31
C GLU P 177 62.49 -41.32 -74.93
N VAL P 178 63.31 -42.32 -75.23
CA VAL P 178 64.56 -42.06 -75.92
C VAL P 178 64.29 -41.51 -77.32
N ALA P 179 63.51 -42.23 -78.12
CA ALA P 179 63.30 -41.82 -79.49
C ALA P 179 62.54 -40.50 -79.59
N SER P 180 61.81 -40.13 -78.54
CA SER P 180 61.16 -38.83 -78.56
C SER P 180 62.08 -37.74 -78.05
N PHE P 181 63.07 -38.09 -77.26
CA PHE P 181 64.01 -37.10 -76.72
C PHE P 181 65.00 -36.65 -77.79
N TYR P 182 65.58 -37.58 -78.53
CA TYR P 182 66.69 -37.30 -79.42
C TYR P 182 66.20 -36.96 -80.81
N THR P 183 66.69 -35.85 -81.34
CA THR P 183 66.12 -35.28 -82.55
C THR P 183 66.43 -36.09 -83.79
N MET P 184 67.62 -36.68 -83.87
CA MET P 184 68.03 -37.36 -85.09
C MET P 184 67.11 -38.51 -85.44
N TYR P 185 66.43 -39.10 -84.47
CA TYR P 185 65.44 -40.10 -84.79
C TYR P 185 64.23 -39.42 -85.43
N ASN P 186 63.82 -39.94 -86.58
CA ASN P 186 62.65 -39.45 -87.28
C ASN P 186 61.49 -40.40 -86.99
N ARG P 187 60.45 -39.88 -86.36
CA ARG P 187 59.28 -40.67 -86.03
C ARG P 187 58.17 -40.54 -87.06
N THR P 188 58.40 -39.77 -88.12
CA THR P 188 57.50 -39.61 -89.24
C THR P 188 58.31 -39.76 -90.52
N PRO P 189 57.73 -40.38 -91.56
CA PRO P 189 58.49 -40.61 -92.79
C PRO P 189 59.07 -39.33 -93.39
N VAL P 190 60.25 -39.47 -93.98
CA VAL P 190 61.07 -38.36 -94.43
C VAL P 190 61.36 -38.55 -95.91
N GLY P 191 61.99 -37.56 -96.51
CA GLY P 191 62.39 -37.67 -97.89
C GLY P 191 63.58 -38.58 -98.08
N LYS P 192 63.94 -38.79 -99.35
CA LYS P 192 65.20 -39.46 -99.65
C LYS P 192 66.37 -38.67 -99.10
N PHE P 193 66.34 -37.36 -99.24
CA PHE P 193 67.38 -36.48 -98.74
C PHE P 193 66.78 -35.54 -97.71
N HIS P 194 67.28 -35.66 -96.46
CA HIS P 194 66.75 -34.87 -95.32
C HIS P 194 67.62 -33.63 -95.12
N VAL P 195 67.25 -32.52 -95.74
CA VAL P 195 68.08 -31.32 -95.79
C VAL P 195 68.01 -30.60 -94.46
N GLN P 196 69.17 -30.34 -93.86
CA GLN P 196 69.32 -29.83 -92.49
C GLN P 196 70.07 -28.50 -92.56
N ALA P 197 69.36 -27.37 -92.63
CA ALA P 197 70.11 -26.11 -92.76
C ALA P 197 70.30 -25.47 -91.38
N CYS P 198 71.53 -25.09 -91.04
CA CYS P 198 71.80 -24.54 -89.69
C CYS P 198 71.47 -23.04 -89.68
N THR P 199 70.62 -22.61 -88.77
CA THR P 199 70.18 -21.18 -88.75
C THR P 199 70.65 -20.49 -87.48
N THR P 200 71.56 -21.09 -86.72
CA THR P 200 72.07 -20.49 -85.46
C THR P 200 72.97 -19.29 -85.76
N THR P 201 73.06 -18.34 -84.84
CA THR P 201 73.85 -17.08 -85.02
C THR P 201 75.15 -17.25 -85.83
N PRO P 202 76.14 -18.13 -85.52
CA PRO P 202 77.37 -18.16 -86.31
C PRO P 202 77.11 -18.35 -87.81
N CYS P 203 76.22 -19.27 -88.20
CA CYS P 203 75.86 -19.45 -89.64
C CYS P 203 75.13 -18.21 -90.16
N GLN P 204 74.31 -17.58 -89.31
CA GLN P 204 73.55 -16.36 -89.68
C GLN P 204 74.53 -15.21 -89.97
N LEU P 205 75.72 -15.22 -89.36
CA LEU P 205 76.71 -14.22 -89.74
C LEU P 205 77.84 -14.76 -90.59
N GLY P 206 78.13 -16.06 -90.50
CA GLY P 206 79.33 -16.60 -91.12
C GLY P 206 79.35 -16.50 -92.62
N GLY P 207 80.36 -15.83 -93.16
CA GLY P 207 80.43 -15.60 -94.59
C GLY P 207 79.17 -14.91 -95.07
N CYS P 208 78.62 -15.39 -96.17
CA CYS P 208 77.24 -15.07 -96.49
C CYS P 208 76.34 -15.74 -95.48
N GLY P 209 75.28 -15.04 -95.08
CA GLY P 209 74.41 -15.59 -94.04
C GLY P 209 73.71 -16.86 -94.52
N SER P 210 73.19 -17.62 -93.56
CA SER P 210 72.41 -18.79 -93.91
C SER P 210 71.05 -18.42 -94.47
N ASP P 211 70.59 -17.19 -94.25
CA ASP P 211 69.24 -16.81 -94.67
C ASP P 211 69.07 -16.93 -96.17
N ALA P 212 70.09 -16.53 -96.93
CA ALA P 212 70.04 -16.75 -98.38
C ALA P 212 70.07 -18.24 -98.70
N ILE P 213 70.73 -19.02 -97.87
CA ILE P 213 70.83 -20.46 -98.12
C ILE P 213 69.47 -21.11 -97.90
N VAL P 214 68.76 -20.71 -96.86
CA VAL P 214 67.39 -21.14 -96.70
C VAL P 214 66.54 -20.59 -97.83
N LYS P 215 66.75 -19.32 -98.18
CA LYS P 215 66.00 -18.73 -99.29
C LYS P 215 66.23 -19.51 -100.58
N ALA P 216 67.49 -19.83 -100.87
CA ALA P 216 67.79 -20.61 -102.06
C ALA P 216 67.14 -21.98 -102.02
N ILE P 217 67.23 -22.67 -100.88
CA ILE P 217 66.59 -23.97 -100.77
C ILE P 217 65.10 -23.83 -101.00
N LYS P 218 64.46 -22.86 -100.35
CA LYS P 218 63.01 -22.74 -100.44
C LYS P 218 62.55 -22.51 -101.88
N GLU P 219 63.18 -21.56 -102.57
CA GLU P 219 62.73 -21.25 -103.92
C GLU P 219 63.07 -22.37 -104.90
N HIS P 220 64.20 -23.05 -104.71
CA HIS P 220 64.55 -24.15 -105.59
C HIS P 220 63.74 -25.40 -105.28
N LEU P 221 63.52 -25.69 -104.00
CA LEU P 221 62.78 -26.88 -103.63
C LEU P 221 61.27 -26.65 -103.64
N GLY P 222 60.83 -25.40 -103.70
CA GLY P 222 59.41 -25.10 -103.78
C GLY P 222 58.62 -25.54 -102.57
N ILE P 223 59.24 -25.58 -101.39
CA ILE P 223 58.60 -26.02 -100.16
C ILE P 223 59.01 -25.09 -99.02
N ASN P 224 58.25 -25.13 -97.94
CA ASN P 224 58.51 -24.33 -96.75
C ASN P 224 59.20 -25.17 -95.69
N GLN P 225 59.29 -24.62 -94.48
CA GLN P 225 59.98 -25.32 -93.40
C GLN P 225 59.23 -26.57 -92.99
N GLY P 226 59.94 -27.70 -92.99
CA GLY P 226 59.47 -28.89 -92.33
C GLY P 226 58.68 -29.86 -93.16
N GLU P 227 58.31 -29.52 -94.39
CA GLU P 227 57.60 -30.47 -95.23
C GLU P 227 58.56 -31.12 -96.22
N THR P 228 58.00 -32.02 -97.02
CA THR P 228 58.74 -32.72 -98.06
C THR P 228 58.21 -32.27 -99.42
N THR P 229 59.02 -32.52 -100.45
CA THR P 229 58.64 -32.14 -101.79
C THR P 229 57.62 -33.13 -102.35
N PRO P 230 56.75 -32.68 -103.26
CA PRO P 230 55.67 -33.56 -103.73
C PRO P 230 56.15 -34.86 -104.35
N ASP P 231 57.30 -34.85 -105.01
CA ASP P 231 57.90 -36.09 -105.50
C ASP P 231 58.55 -36.90 -104.39
N GLY P 232 58.57 -36.37 -103.16
CA GLY P 232 59.04 -37.12 -102.01
C GLY P 232 60.52 -37.45 -102.01
N LEU P 233 61.36 -36.50 -102.38
CA LEU P 233 62.80 -36.71 -102.35
C LEU P 233 63.51 -35.82 -101.33
N PHE P 234 63.00 -34.63 -101.06
CA PHE P 234 63.67 -33.71 -100.16
C PHE P 234 62.72 -33.24 -99.07
N THR P 235 63.10 -33.48 -97.82
CA THR P 235 62.40 -32.94 -96.66
C THR P 235 63.33 -31.93 -96.01
N PHE P 236 62.90 -30.69 -95.94
CA PHE P 236 63.80 -29.61 -95.57
C PHE P 236 63.40 -29.05 -94.21
N ILE P 237 64.35 -29.06 -93.28
CA ILE P 237 64.17 -28.46 -91.98
C ILE P 237 65.40 -27.63 -91.64
N GLU P 238 65.24 -26.72 -90.71
CA GLU P 238 66.34 -25.95 -90.17
C GLU P 238 66.75 -26.56 -88.83
N VAL P 239 68.03 -26.36 -88.48
CA VAL P 239 68.59 -27.07 -87.34
C VAL P 239 69.43 -26.13 -86.50
N GLU P 240 69.89 -26.62 -85.35
CA GLU P 240 70.77 -25.82 -84.47
C GLU P 240 72.22 -26.01 -84.89
N CYS P 241 73.16 -25.35 -84.23
CA CYS P 241 74.57 -25.39 -84.69
C CYS P 241 74.99 -26.84 -84.92
N LEU P 242 75.56 -27.15 -86.09
CA LEU P 242 75.95 -28.54 -86.43
C LEU P 242 77.45 -28.77 -86.21
N GLY P 243 78.16 -27.77 -85.69
CA GLY P 243 79.60 -27.97 -85.38
C GLY P 243 80.54 -27.65 -86.52
N ALA P 244 80.06 -27.05 -87.61
CA ALA P 244 80.92 -26.61 -88.74
C ALA P 244 80.85 -25.09 -88.82
N CYS P 245 80.86 -24.39 -87.68
CA CYS P 245 80.65 -22.92 -87.65
C CYS P 245 81.71 -22.14 -88.44
N VAL P 246 82.97 -22.58 -88.46
CA VAL P 246 84.00 -21.76 -89.14
C VAL P 246 83.82 -22.00 -90.63
N ASN P 247 82.98 -22.99 -90.99
CA ASN P 247 82.66 -23.21 -92.39
C ASN P 247 81.24 -22.76 -92.72
N ALA P 248 80.77 -21.74 -92.05
CA ALA P 248 79.44 -21.22 -92.27
C ALA P 248 79.32 -20.63 -93.67
N PRO P 249 78.11 -20.63 -94.30
CA PRO P 249 76.92 -21.41 -93.89
C PRO P 249 76.99 -22.86 -94.41
N MET P 250 76.45 -23.81 -93.65
CA MET P 250 76.57 -25.24 -94.05
C MET P 250 75.21 -25.93 -93.98
N VAL P 251 74.97 -26.90 -94.88
CA VAL P 251 73.70 -27.68 -94.86
C VAL P 251 74.05 -29.16 -95.00
N GLN P 252 73.74 -29.97 -93.99
CA GLN P 252 73.96 -31.41 -94.11
C GLN P 252 72.70 -32.08 -94.64
N ILE P 253 72.89 -33.15 -95.41
CA ILE P 253 71.80 -33.77 -96.14
C ILE P 253 71.41 -35.11 -95.53
N ASN P 254 72.25 -36.11 -95.66
CA ASN P 254 71.94 -37.35 -94.98
C ASN P 254 72.98 -37.68 -93.93
N ASP P 255 74.23 -37.80 -94.33
CA ASP P 255 75.31 -38.07 -93.40
C ASP P 255 76.53 -37.24 -93.75
N ASP P 256 76.37 -36.21 -94.56
CA ASP P 256 77.51 -35.47 -95.08
C ASP P 256 77.26 -33.98 -94.98
N TYR P 257 78.34 -33.24 -94.89
CA TYR P 257 78.20 -31.78 -94.66
C TYR P 257 78.59 -31.01 -95.91
N TYR P 258 77.62 -30.53 -96.67
CA TYR P 258 77.94 -29.63 -97.80
C TYR P 258 78.10 -28.28 -97.11
N GLU P 259 79.30 -27.71 -97.14
CA GLU P 259 79.56 -26.52 -96.31
C GLU P 259 79.95 -25.29 -97.10
N ASP P 260 80.26 -24.20 -96.39
CA ASP P 260 80.65 -22.93 -97.00
C ASP P 260 79.82 -22.67 -98.26
N LEU P 261 78.52 -22.49 -98.05
CA LEU P 261 77.57 -22.44 -99.16
C LEU P 261 77.21 -21.01 -99.51
N THR P 262 76.94 -20.81 -100.80
CA THR P 262 76.44 -19.57 -101.36
C THR P 262 75.14 -19.87 -102.08
N PRO P 263 74.32 -18.86 -102.36
CA PRO P 263 73.05 -19.14 -103.05
C PRO P 263 73.23 -19.86 -104.38
N GLU P 264 74.31 -19.59 -105.11
CA GLU P 264 74.55 -20.31 -106.36
C GLU P 264 75.00 -21.74 -106.10
N THR P 265 75.87 -21.94 -105.10
CA THR P 265 76.49 -23.25 -104.92
C THR P 265 75.52 -24.24 -104.27
N ILE P 266 74.64 -23.78 -103.38
CA ILE P 266 73.73 -24.71 -102.73
C ILE P 266 72.73 -25.27 -103.73
N LYS P 267 72.39 -24.51 -104.77
CA LYS P 267 71.45 -25.00 -105.76
C LYS P 267 72.02 -26.18 -106.53
N GLN P 268 73.27 -26.06 -107.01
CA GLN P 268 73.84 -27.15 -107.81
C GLN P 268 74.18 -28.35 -106.94
N VAL P 269 74.50 -28.13 -105.67
CA VAL P 269 74.73 -29.25 -104.76
C VAL P 269 73.45 -30.05 -104.59
N LEU P 270 72.31 -29.38 -104.56
CA LEU P 270 71.04 -30.07 -104.40
C LEU P 270 70.63 -30.79 -105.68
N THR P 271 70.84 -30.17 -106.84
CA THR P 271 70.39 -30.76 -108.10
C THR P 271 71.13 -32.05 -108.39
N ALA P 272 72.47 -32.02 -108.32
CA ALA P 272 73.23 -33.23 -108.59
C ALA P 272 72.85 -34.34 -107.61
N LEU P 273 72.47 -33.97 -106.40
CA LEU P 273 71.95 -34.94 -105.45
C LEU P 273 70.64 -35.55 -105.94
N LYS P 274 69.78 -34.74 -106.55
CA LYS P 274 68.58 -35.26 -107.18
C LYS P 274 68.92 -36.19 -108.33
N GLU P 275 69.91 -35.82 -109.16
CA GLU P 275 70.33 -36.70 -110.23
C GLU P 275 71.06 -37.93 -109.72
N SER P 276 71.50 -37.94 -108.47
CA SER P 276 72.23 -39.08 -107.93
C SER P 276 71.33 -40.30 -107.69
N VAL P 277 70.01 -40.15 -107.81
CA VAL P 277 69.14 -41.28 -107.54
C VAL P 277 69.31 -42.37 -108.60
N ASN P 278 69.77 -41.99 -109.78
CA ASN P 278 69.97 -42.95 -110.86
C ASN P 278 71.43 -43.37 -111.00
N ASP P 279 72.32 -42.41 -111.22
CA ASP P 279 73.75 -42.68 -111.38
C ASP P 279 74.51 -42.09 -110.21
N VAL P 280 75.28 -42.94 -109.51
CA VAL P 280 76.03 -42.48 -108.36
C VAL P 280 77.25 -41.66 -108.77
N SER P 281 77.61 -41.68 -110.05
CA SER P 281 78.77 -40.93 -110.51
C SER P 281 78.55 -39.43 -110.37
N LYS P 282 77.31 -38.97 -110.50
CA LYS P 282 77.01 -37.55 -110.47
C LYS P 282 76.82 -37.01 -109.06
N ALA P 283 76.94 -37.85 -108.03
CA ALA P 283 76.73 -37.39 -106.66
C ALA P 283 77.77 -36.34 -106.31
N PRO P 284 77.37 -35.19 -105.75
CA PRO P 284 78.34 -34.16 -105.40
C PRO P 284 79.25 -34.62 -104.27
N LYS P 285 80.50 -34.18 -104.34
CA LYS P 285 81.45 -34.53 -103.30
C LYS P 285 81.12 -33.79 -102.01
N PRO P 286 81.41 -34.37 -100.86
CA PRO P 286 81.07 -33.73 -99.58
C PRO P 286 82.09 -32.66 -99.23
N GLY P 287 81.94 -32.11 -98.02
CA GLY P 287 82.82 -31.08 -97.54
C GLY P 287 82.40 -29.70 -97.99
N PRO P 288 83.34 -28.76 -97.99
CA PRO P 288 83.05 -27.41 -98.48
C PRO P 288 83.45 -27.23 -99.94
N GLN P 289 82.92 -26.16 -100.53
CA GLN P 289 83.30 -25.76 -101.87
C GLN P 289 84.24 -24.56 -101.81
N SER P 290 84.55 -23.98 -102.97
CA SER P 290 85.31 -22.75 -103.07
C SER P 290 86.71 -22.87 -102.45
N GLY P 291 87.38 -23.99 -102.73
CA GLY P 291 88.80 -24.08 -102.47
C GLY P 291 89.22 -24.65 -101.13
N ARG P 292 88.53 -24.28 -100.06
CA ARG P 292 88.93 -24.76 -98.74
C ARG P 292 88.80 -26.27 -98.66
N GLN P 293 89.80 -26.91 -98.05
CA GLN P 293 89.75 -28.37 -97.92
C GLN P 293 88.85 -28.77 -96.76
N SER P 294 89.25 -28.45 -95.54
CA SER P 294 88.35 -28.61 -94.39
C SER P 294 88.11 -27.31 -93.64
N CYS P 295 89.15 -26.72 -93.07
CA CYS P 295 88.96 -25.53 -92.26
C CYS P 295 90.13 -24.56 -92.33
N GLU P 296 91.08 -24.76 -93.24
CA GLU P 296 92.30 -23.96 -93.26
C GLU P 296 91.97 -22.52 -93.58
N ASN P 297 92.99 -21.67 -93.52
CA ASN P 297 92.81 -20.28 -93.93
C ASN P 297 92.61 -20.19 -95.44
N SER P 298 91.69 -19.33 -95.84
CA SER P 298 91.33 -19.22 -97.26
C SER P 298 92.31 -18.40 -98.07
N ALA P 299 93.30 -17.77 -97.44
CA ALA P 299 94.27 -16.93 -98.13
C ALA P 299 95.70 -17.34 -97.77
N GLY P 300 95.96 -18.63 -97.80
CA GLY P 300 97.28 -19.12 -97.45
C GLY P 300 97.38 -19.54 -96.01
N LEU P 301 98.20 -20.55 -95.75
CA LEU P 301 98.32 -21.11 -94.42
C LEU P 301 99.12 -20.18 -93.53
N THR P 302 98.51 -19.72 -92.43
CA THR P 302 99.21 -18.84 -91.51
C THR P 302 100.23 -19.60 -90.66
N SER P 303 99.92 -20.84 -90.28
CA SER P 303 100.80 -21.64 -89.46
C SER P 303 100.95 -23.01 -90.08
N LEU P 304 101.77 -23.85 -89.45
CA LEU P 304 102.05 -25.21 -89.90
C LEU P 304 102.60 -25.22 -91.32
N THR P 305 103.75 -24.59 -91.48
CA THR P 305 104.45 -24.55 -92.75
C THR P 305 105.71 -25.38 -92.77
N SER P 306 106.49 -25.36 -91.69
CA SER P 306 107.72 -26.13 -91.64
C SER P 306 107.41 -27.62 -91.50
N GLU P 307 108.43 -28.44 -91.68
CA GLU P 307 108.27 -29.88 -91.52
C GLU P 307 107.91 -30.19 -90.07
N PRO P 308 107.03 -31.17 -89.84
CA PRO P 308 106.60 -31.46 -88.47
C PRO P 308 107.75 -32.00 -87.63
N TRP P 309 107.69 -31.71 -86.33
CA TRP P 309 108.68 -32.23 -85.40
C TRP P 309 108.24 -33.61 -84.92
N GLY P 310 109.19 -34.53 -84.88
CA GLY P 310 108.92 -35.89 -84.49
C GLY P 310 109.30 -36.17 -83.05
N PRO P 311 109.59 -37.43 -82.74
CA PRO P 311 109.92 -37.81 -81.36
C PRO P 311 111.29 -37.35 -80.91
N GLU P 312 112.06 -36.70 -81.78
CA GLU P 312 113.43 -36.33 -81.43
C GLU P 312 113.47 -35.40 -80.23
N LYS P 313 112.50 -34.49 -80.12
CA LYS P 313 112.42 -33.59 -78.97
C LYS P 313 111.49 -34.20 -77.93
N THR P 314 112.06 -35.11 -77.14
CA THR P 314 111.38 -35.75 -76.03
C THR P 314 112.30 -35.72 -74.82
N ARG P 315 111.71 -35.58 -73.63
CA ARG P 315 112.50 -35.48 -72.42
C ARG P 315 113.34 -36.74 -72.25
N PRO P 316 114.61 -36.59 -71.84
CA PRO P 316 115.50 -37.77 -71.83
C PRO P 316 115.18 -38.78 -70.75
N ASP P 317 114.63 -38.36 -69.62
CA ASP P 317 114.36 -39.30 -68.53
C ASP P 317 113.33 -40.33 -68.94
N LEU P 318 112.32 -39.93 -69.71
CA LEU P 318 111.32 -40.85 -70.21
C LEU P 318 111.94 -41.84 -71.20
N ALA Q 39 39.28 13.28 -15.85
CA ALA Q 39 38.25 13.83 -16.71
C ALA Q 39 38.83 14.88 -17.64
N THR Q 40 39.89 15.51 -17.21
CA THR Q 40 40.76 16.28 -18.05
C THR Q 40 42.11 15.57 -18.18
N PRO Q 41 42.85 15.80 -19.26
CA PRO Q 41 44.12 15.11 -19.43
C PRO Q 41 45.18 15.53 -18.43
N ALA Q 42 46.17 14.68 -18.26
CA ALA Q 42 47.28 14.97 -17.39
C ALA Q 42 48.07 16.15 -17.92
N GLY Q 43 48.85 16.76 -17.05
CA GLY Q 43 49.56 17.98 -17.37
C GLY Q 43 48.75 19.18 -16.93
N PRO Q 44 49.17 20.36 -17.33
CA PRO Q 44 48.49 21.59 -16.88
C PRO Q 44 47.04 21.61 -17.35
N PRO Q 45 46.12 22.07 -16.51
CA PRO Q 45 44.73 22.15 -16.93
C PRO Q 45 44.58 23.08 -18.12
N PRO Q 46 43.60 22.85 -18.98
CA PRO Q 46 43.43 23.70 -20.16
C PRO Q 46 43.25 25.16 -19.77
N LYS Q 47 43.83 26.03 -20.57
CA LYS Q 47 43.75 27.47 -20.35
C LYS Q 47 42.29 27.92 -20.32
N ASN Q 48 41.84 28.38 -19.15
CA ASN Q 48 40.45 28.76 -18.87
C ASN Q 48 39.47 27.61 -19.06
N PHE Q 49 39.86 26.41 -18.63
CA PHE Q 49 38.90 25.32 -18.62
C PHE Q 49 37.78 25.59 -17.63
N ARG Q 50 38.11 26.13 -16.46
CA ARG Q 50 37.11 26.40 -15.45
C ARG Q 50 36.16 27.49 -15.93
N LEU Q 51 34.88 27.29 -15.65
CA LEU Q 51 33.87 28.25 -16.06
C LEU Q 51 34.03 29.55 -15.29
N PRO Q 52 33.55 30.65 -15.84
CA PRO Q 52 33.41 31.88 -15.07
C PRO Q 52 32.43 31.70 -13.93
N PRO Q 53 32.51 32.53 -12.89
CA PRO Q 53 31.49 32.49 -11.85
C PRO Q 53 30.14 32.83 -12.43
N PRO Q 54 29.08 32.24 -11.89
CA PRO Q 54 27.74 32.50 -12.43
C PRO Q 54 27.33 33.94 -12.21
N LYS Q 55 26.56 34.46 -13.15
CA LYS Q 55 26.05 35.82 -13.06
C LYS Q 55 24.72 35.84 -12.33
N ASN Q 56 24.58 36.78 -11.39
CA ASN Q 56 23.30 36.97 -10.74
C ASN Q 56 22.28 37.51 -11.74
N TRP Q 57 21.01 37.46 -11.35
CA TRP Q 57 19.93 37.85 -12.26
C TRP Q 57 20.06 39.29 -12.69
N ASP Q 58 20.49 40.16 -11.81
CA ASP Q 58 20.61 41.57 -12.10
C ASP Q 58 21.95 41.92 -12.76
N GLU Q 59 22.87 40.97 -12.88
CA GLU Q 59 24.07 41.14 -13.68
C GLU Q 59 23.87 40.79 -15.14
N GLU Q 60 22.76 40.15 -15.48
CA GLU Q 60 22.52 39.74 -16.87
C GLU Q 60 22.34 40.96 -17.77
N SER Q 61 22.78 40.80 -19.02
CA SER Q 61 22.68 41.86 -20.02
C SER Q 61 21.52 41.57 -20.95
N GLU Q 62 20.32 41.94 -20.49
CA GLU Q 62 19.11 41.80 -21.29
C GLU Q 62 18.09 42.76 -20.73
N SER Q 63 17.66 43.72 -21.55
CA SER Q 63 16.78 44.75 -21.02
C SER Q 63 15.46 44.13 -20.60
N THR Q 64 14.89 44.68 -19.54
CA THR Q 64 13.59 44.21 -19.11
C THR Q 64 12.57 44.29 -20.24
N ILE Q 65 12.65 45.34 -21.05
CA ILE Q 65 11.73 45.48 -22.16
C ILE Q 65 11.90 44.34 -23.14
N ASP Q 66 13.14 44.04 -23.52
CA ASP Q 66 13.39 42.91 -24.40
C ASP Q 66 13.04 41.60 -23.71
N LYS Q 67 13.37 41.48 -22.42
CA LYS Q 67 13.13 40.23 -21.71
C LYS Q 67 11.64 39.97 -21.50
N VAL Q 68 10.89 41.00 -21.11
CA VAL Q 68 9.46 40.83 -20.85
C VAL Q 68 8.68 40.67 -22.14
N GLY Q 69 9.08 41.40 -23.19
CA GLY Q 69 8.39 41.26 -24.47
C GLY Q 69 8.52 39.87 -25.06
N LYS Q 70 9.71 39.28 -24.97
CA LYS Q 70 9.92 37.94 -25.50
C LYS Q 70 9.11 36.90 -24.74
N TYR Q 71 8.78 37.17 -23.48
CA TYR Q 71 7.97 36.24 -22.72
C TYR Q 71 6.51 36.30 -23.17
N PHE Q 72 5.93 37.49 -23.18
CA PHE Q 72 4.50 37.62 -23.42
C PHE Q 72 4.14 37.48 -24.88
N LEU Q 73 4.99 37.96 -25.79
CA LEU Q 73 4.71 37.85 -27.21
C LEU Q 73 5.08 36.50 -27.80
N MET Q 74 5.87 35.70 -27.09
CA MET Q 74 6.32 34.40 -27.54
C MET Q 74 6.99 34.50 -28.90
N THR Q 75 8.09 35.25 -28.93
CA THR Q 75 8.66 35.66 -30.20
C THR Q 75 9.45 34.52 -30.86
N GLU Q 76 10.11 33.68 -30.08
CA GLU Q 76 10.89 32.62 -30.69
C GLU Q 76 9.99 31.54 -31.25
N MET Q 77 8.81 31.36 -30.65
CA MET Q 77 7.84 30.43 -31.20
C MET Q 77 7.22 31.00 -32.46
N LEU Q 78 7.08 32.33 -32.53
CA LEU Q 78 6.58 32.98 -33.73
C LEU Q 78 7.53 32.79 -34.90
N ARG Q 79 8.84 32.84 -34.64
CA ARG Q 79 9.83 32.64 -35.69
C ARG Q 79 9.73 31.24 -36.28
N GLY Q 80 9.56 30.23 -35.44
CA GLY Q 80 9.47 28.87 -35.93
C GLY Q 80 8.22 28.61 -36.73
N MET Q 81 7.10 29.21 -36.33
CA MET Q 81 5.89 29.11 -37.13
C MET Q 81 6.07 29.76 -38.48
N TYR Q 82 6.88 30.81 -38.54
CA TYR Q 82 7.16 31.47 -39.81
C TYR Q 82 8.02 30.60 -40.73
N VAL Q 83 8.91 29.81 -40.16
CA VAL Q 83 9.72 28.91 -40.98
C VAL Q 83 8.85 27.85 -41.65
N LEU Q 84 7.75 27.45 -41.01
CA LEU Q 84 6.85 26.49 -41.66
C LEU Q 84 6.05 27.13 -42.78
N LEU Q 85 5.79 28.42 -42.71
CA LEU Q 85 5.20 29.12 -43.85
C LEU Q 85 6.17 29.16 -45.02
N GLU Q 86 7.45 29.21 -44.73
CA GLU Q 86 8.43 29.24 -45.81
C GLU Q 86 8.47 27.92 -46.54
N GLN Q 87 8.34 26.81 -45.80
CA GLN Q 87 8.28 25.50 -46.42
C GLN Q 87 7.01 25.35 -47.24
N PHE Q 88 5.91 25.89 -46.74
CA PHE Q 88 4.62 25.76 -47.41
C PHE Q 88 4.72 26.20 -48.86
N PHE Q 89 5.50 27.23 -49.13
CA PHE Q 89 5.61 27.81 -50.46
C PHE Q 89 6.86 27.38 -51.19
N ARG Q 90 7.44 26.27 -50.82
CA ARG Q 90 8.55 25.63 -51.49
C ARG Q 90 8.08 24.35 -52.17
N PRO Q 91 8.78 23.91 -53.21
CA PRO Q 91 8.37 22.69 -53.92
C PRO Q 91 8.50 21.45 -53.04
N PRO Q 92 7.58 20.51 -53.16
CA PRO Q 92 7.68 19.27 -52.38
C PRO Q 92 8.72 18.30 -52.94
N TYR Q 93 9.10 17.34 -52.12
CA TYR Q 93 10.09 16.34 -52.47
C TYR Q 93 9.49 15.07 -53.04
N THR Q 94 8.18 14.97 -53.12
CA THR Q 94 7.51 13.70 -53.32
C THR Q 94 7.66 13.19 -54.74
N ILE Q 95 7.76 11.87 -54.87
CA ILE Q 95 7.77 11.16 -56.14
C ILE Q 95 6.46 10.40 -56.25
N TYR Q 96 5.79 10.50 -57.41
CA TYR Q 96 4.60 9.70 -57.70
C TYR Q 96 5.06 8.32 -58.16
N TYR Q 97 5.05 7.35 -57.24
CA TYR Q 97 5.37 5.95 -57.59
C TYR Q 97 4.04 5.20 -57.72
N PRO Q 98 3.80 4.32 -58.72
CA PRO Q 98 4.85 3.69 -59.51
C PRO Q 98 5.19 4.31 -60.86
N PHE Q 99 4.67 5.51 -61.15
CA PHE Q 99 4.89 6.19 -62.45
C PHE Q 99 6.28 6.82 -62.51
N GLU Q 100 6.83 7.26 -61.38
CA GLU Q 100 8.15 7.87 -61.30
C GLU Q 100 8.96 7.08 -60.30
N LYS Q 101 10.17 6.71 -60.70
CA LYS Q 101 10.96 5.85 -59.79
C LYS Q 101 12.13 6.63 -59.20
N GLY Q 102 12.63 6.20 -58.06
CA GLY Q 102 13.80 6.77 -57.45
C GLY Q 102 15.06 6.30 -58.12
N PRO Q 103 16.16 7.01 -57.86
CA PRO Q 103 17.42 6.74 -58.55
C PRO Q 103 18.12 5.49 -58.01
N ILE Q 104 18.63 4.68 -58.93
CA ILE Q 104 19.40 3.45 -58.56
C ILE Q 104 20.69 3.47 -59.37
N SER Q 105 21.78 3.09 -58.73
CA SER Q 105 23.12 3.09 -59.37
C SER Q 105 23.33 1.82 -60.19
N PRO Q 106 24.36 1.74 -61.08
CA PRO Q 106 24.68 0.49 -61.77
C PRO Q 106 25.06 -0.61 -60.78
N ARG Q 107 25.48 -0.26 -59.56
CA ARG Q 107 25.96 -1.28 -58.59
C ARG Q 107 24.80 -1.85 -57.77
N PHE Q 108 23.57 -1.40 -58.00
CA PHE Q 108 22.39 -1.83 -57.20
C PHE Q 108 22.29 -3.35 -57.05
N ARG Q 109 21.81 -3.81 -55.89
CA ARG Q 109 21.77 -5.23 -55.58
C ARG Q 109 20.33 -5.69 -55.40
N GLY Q 110 19.74 -6.18 -56.49
CA GLY Q 110 18.40 -6.70 -56.52
C GLY Q 110 18.33 -8.21 -56.65
N GLU Q 111 17.38 -8.73 -57.42
CA GLU Q 111 17.19 -10.17 -57.47
C GLU Q 111 18.17 -10.83 -58.43
N HIS Q 112 18.56 -12.04 -58.01
CA HIS Q 112 19.62 -12.78 -58.73
C HIS Q 112 19.19 -13.24 -60.12
N ALA Q 113 20.18 -13.44 -60.98
CA ALA Q 113 19.97 -13.90 -62.34
C ALA Q 113 21.19 -14.71 -62.76
N LEU Q 114 20.95 -15.72 -63.57
CA LEU Q 114 22.01 -16.51 -64.19
C LEU Q 114 22.09 -16.13 -65.65
N ARG Q 115 23.28 -15.79 -66.12
CA ARG Q 115 23.48 -15.25 -67.45
C ARG Q 115 24.06 -16.29 -68.40
N ARG Q 116 24.07 -15.95 -69.68
CA ARG Q 116 24.63 -16.75 -70.74
C ARG Q 116 25.79 -16.00 -71.41
N TYR Q 117 26.40 -16.66 -72.39
CA TYR Q 117 27.31 -16.03 -73.34
C TYR Q 117 26.54 -15.59 -74.57
N PRO Q 118 27.17 -14.85 -75.48
CA PRO Q 118 26.51 -14.57 -76.76
C PRO Q 118 26.11 -15.82 -77.51
N SER Q 119 26.88 -16.89 -77.36
CA SER Q 119 26.54 -18.16 -77.99
C SER Q 119 25.18 -18.68 -77.54
N GLY Q 120 24.87 -18.55 -76.26
CA GLY Q 120 23.74 -19.21 -75.66
C GLY Q 120 24.11 -20.22 -74.60
N GLU Q 121 25.36 -20.62 -74.47
CA GLU Q 121 25.72 -21.49 -73.37
C GLU Q 121 25.68 -20.73 -72.05
N GLU Q 122 25.30 -21.43 -71.00
CA GLU Q 122 25.36 -20.88 -69.66
C GLU Q 122 26.81 -20.55 -69.30
N ARG Q 123 26.99 -19.42 -68.63
CA ARG Q 123 28.33 -19.06 -68.23
C ARG Q 123 28.79 -19.92 -67.07
N CYS Q 124 27.85 -20.38 -66.24
CA CYS Q 124 28.21 -21.12 -65.00
C CYS Q 124 28.90 -22.44 -65.29
N ILE Q 125 30.06 -22.65 -64.65
CA ILE Q 125 30.83 -23.91 -64.82
C ILE Q 125 30.89 -24.68 -63.50
N ALA Q 126 30.07 -24.34 -62.50
CA ALA Q 126 29.99 -25.09 -61.21
C ALA Q 126 31.27 -25.09 -60.36
N CYS Q 127 32.02 -23.99 -60.33
CA CYS Q 127 33.21 -23.87 -59.44
C CYS Q 127 32.76 -23.94 -57.97
N LYS Q 128 31.60 -23.37 -57.64
CA LYS Q 128 31.03 -23.40 -56.26
C LYS Q 128 31.65 -22.31 -55.38
N LEU Q 129 32.35 -21.36 -55.99
CA LEU Q 129 32.95 -20.25 -55.23
C LEU Q 129 31.84 -19.42 -54.60
N CYS Q 130 30.73 -19.25 -55.33
CA CYS Q 130 29.64 -18.41 -54.79
C CYS Q 130 28.96 -19.16 -53.66
N GLU Q 131 29.07 -20.49 -53.67
CA GLU Q 131 28.52 -21.26 -52.57
C GLU Q 131 29.41 -21.18 -51.33
N ALA Q 132 30.73 -21.10 -51.53
CA ALA Q 132 31.62 -21.04 -50.37
C ALA Q 132 31.54 -19.68 -49.68
N VAL Q 133 31.41 -18.59 -50.44
CA VAL Q 133 31.51 -17.26 -49.87
C VAL Q 133 30.19 -16.74 -49.32
N CYS Q 134 29.09 -17.43 -49.64
CA CYS Q 134 27.76 -16.97 -49.19
C CYS Q 134 27.82 -16.70 -47.69
N PRO Q 135 27.52 -15.47 -47.23
CA PRO Q 135 27.47 -15.22 -45.80
C PRO Q 135 26.32 -16.00 -45.13
N ALA Q 136 25.22 -16.27 -45.84
CA ALA Q 136 24.05 -16.90 -45.16
C ALA Q 136 23.74 -18.32 -45.66
N GLN Q 137 24.65 -18.93 -46.40
CA GLN Q 137 24.47 -20.32 -46.83
C GLN Q 137 23.19 -20.46 -47.62
N ALA Q 138 22.95 -19.47 -48.49
CA ALA Q 138 21.67 -19.43 -49.24
C ALA Q 138 21.80 -20.18 -50.56
N ILE Q 139 23.00 -20.58 -50.96
CA ILE Q 139 23.19 -21.22 -52.28
C ILE Q 139 23.47 -22.71 -52.11
N THR Q 140 22.79 -23.55 -52.88
CA THR Q 140 23.00 -25.02 -52.84
C THR Q 140 23.26 -25.44 -54.29
N ILE Q 141 24.44 -25.99 -54.56
CA ILE Q 141 24.81 -26.34 -55.96
C ILE Q 141 25.17 -27.83 -56.07
N GLU Q 142 24.62 -28.52 -57.07
CA GLU Q 142 25.02 -29.91 -57.34
C GLU Q 142 25.45 -29.95 -58.80
N ALA Q 143 26.64 -30.44 -59.08
CA ALA Q 143 27.14 -30.47 -60.47
C ALA Q 143 27.60 -31.86 -60.87
N GLU Q 144 27.77 -32.09 -62.16
CA GLU Q 144 28.32 -33.32 -62.70
C GLU Q 144 28.72 -33.05 -64.14
N GLU Q 145 29.08 -34.11 -64.84
CA GLU Q 145 29.48 -34.00 -66.23
C GLU Q 145 28.24 -34.05 -67.10
N ARG Q 146 28.07 -33.05 -67.94
CA ARG Q 146 26.98 -33.00 -68.89
C ARG Q 146 27.19 -34.04 -69.97
N ALA Q 147 26.15 -34.30 -70.76
CA ALA Q 147 26.22 -35.33 -71.79
C ALA Q 147 27.39 -35.11 -72.74
N ASP Q 148 27.71 -33.85 -73.03
CA ASP Q 148 28.80 -33.52 -73.95
C ASP Q 148 30.15 -33.43 -73.26
N GLY Q 149 30.23 -33.68 -71.96
CA GLY Q 149 31.48 -33.68 -71.23
C GLY Q 149 31.83 -32.37 -70.57
N SER Q 150 30.93 -31.39 -70.58
CA SER Q 150 31.19 -30.07 -70.04
C SER Q 150 30.84 -30.02 -68.56
N ARG Q 151 31.53 -29.16 -67.83
CA ARG Q 151 31.35 -29.04 -66.39
C ARG Q 151 30.23 -28.04 -66.12
N ARG Q 152 29.03 -28.53 -65.77
CA ARG Q 152 27.84 -27.71 -65.64
C ARG Q 152 26.99 -28.13 -64.45
N THR Q 153 26.22 -27.20 -63.91
CA THR Q 153 25.42 -27.47 -62.73
C THR Q 153 24.18 -28.28 -63.08
N THR Q 154 23.80 -29.17 -62.18
CA THR Q 154 22.51 -29.83 -62.24
C THR Q 154 21.48 -29.21 -61.31
N ARG Q 155 21.92 -28.68 -60.18
CA ARG Q 155 21.06 -27.97 -59.26
C ARG Q 155 21.66 -26.58 -59.09
N TYR Q 156 20.80 -25.54 -59.01
CA TYR Q 156 21.25 -24.17 -58.67
C TYR Q 156 20.12 -23.46 -57.91
N ASP Q 157 20.07 -23.59 -56.58
CA ASP Q 157 18.99 -23.04 -55.76
C ASP Q 157 19.49 -21.87 -54.95
N ILE Q 158 18.66 -20.81 -54.89
CA ILE Q 158 18.97 -19.62 -54.03
C ILE Q 158 17.74 -19.37 -53.16
N ASP Q 159 17.89 -19.49 -51.84
CA ASP Q 159 16.84 -19.23 -50.89
C ASP Q 159 16.69 -17.73 -50.75
N MET Q 160 15.70 -17.14 -51.40
CA MET Q 160 15.60 -15.70 -51.38
C MET Q 160 15.23 -15.18 -50.00
N THR Q 161 14.80 -16.07 -49.12
CA THR Q 161 14.54 -15.71 -47.73
C THR Q 161 15.71 -16.00 -46.80
N LYS Q 162 16.79 -16.60 -47.28
CA LYS Q 162 18.04 -16.57 -46.52
C LYS Q 162 18.99 -15.48 -46.96
N CYS Q 163 18.88 -15.03 -48.22
CA CYS Q 163 19.89 -14.11 -48.80
C CYS Q 163 19.87 -12.71 -48.20
N ILE Q 164 21.06 -12.12 -48.03
CA ILE Q 164 21.20 -10.75 -47.44
C ILE Q 164 21.51 -9.73 -48.53
N TYR Q 165 21.56 -10.12 -49.79
CA TYR Q 165 21.74 -9.14 -50.92
C TYR Q 165 23.06 -8.38 -50.77
N CYS Q 166 24.09 -9.05 -50.26
CA CYS Q 166 25.44 -8.45 -50.09
C CYS Q 166 26.15 -8.26 -51.42
N GLY Q 167 25.88 -9.12 -52.41
CA GLY Q 167 26.57 -9.07 -53.71
C GLY Q 167 27.83 -9.87 -53.72
N PHE Q 168 28.15 -10.58 -52.64
CA PHE Q 168 29.45 -11.31 -52.56
C PHE Q 168 29.48 -12.37 -53.65
N CYS Q 169 28.33 -13.02 -53.87
CA CYS Q 169 28.27 -14.10 -54.88
C CYS Q 169 28.74 -13.57 -56.22
N GLN Q 170 28.43 -12.31 -56.56
CA GLN Q 170 28.82 -11.86 -57.87
C GLN Q 170 30.20 -11.26 -57.91
N GLU Q 171 30.80 -10.92 -56.76
CA GLU Q 171 32.20 -10.50 -56.75
C GLU Q 171 33.13 -11.68 -56.94
N SER Q 172 32.73 -12.85 -56.49
CA SER Q 172 33.58 -14.03 -56.50
C SER Q 172 33.54 -14.81 -57.80
N CYS Q 173 32.61 -14.45 -58.68
CA CYS Q 173 32.45 -15.24 -59.93
C CYS Q 173 33.65 -15.01 -60.82
N PRO Q 174 34.21 -16.03 -61.49
CA PRO Q 174 35.28 -15.82 -62.44
C PRO Q 174 34.74 -15.64 -63.87
N VAL Q 175 33.41 -15.76 -64.06
CA VAL Q 175 32.84 -15.74 -65.44
C VAL Q 175 31.61 -14.83 -65.50
N ASP Q 176 31.39 -13.98 -64.49
CA ASP Q 176 30.22 -13.09 -64.44
C ASP Q 176 28.90 -13.85 -64.52
N ALA Q 177 28.87 -15.10 -64.06
CA ALA Q 177 27.66 -15.95 -64.27
C ALA Q 177 26.51 -15.55 -63.36
N ILE Q 178 26.80 -15.29 -62.09
CA ILE Q 178 25.74 -14.86 -61.15
C ILE Q 178 25.82 -13.34 -60.98
N VAL Q 179 24.70 -12.66 -61.15
CA VAL Q 179 24.61 -11.23 -60.91
C VAL Q 179 23.37 -10.95 -60.09
N GLU Q 180 23.24 -9.67 -59.70
CA GLU Q 180 22.02 -9.20 -59.01
C GLU Q 180 21.44 -8.10 -59.90
N SER Q 181 20.28 -8.31 -60.54
CA SER Q 181 19.66 -7.35 -61.42
C SER Q 181 19.16 -6.15 -60.63
N PRO Q 182 18.82 -5.05 -61.30
CA PRO Q 182 18.24 -3.91 -60.58
C PRO Q 182 16.80 -4.13 -60.17
N ASN Q 183 16.25 -5.33 -60.37
CA ASN Q 183 14.81 -5.56 -60.05
C ASN Q 183 14.62 -5.68 -58.53
N ALA Q 184 13.81 -4.79 -57.95
CA ALA Q 184 13.48 -4.85 -56.52
C ALA Q 184 11.99 -5.13 -56.38
N GLU Q 185 11.25 -5.17 -57.48
CA GLU Q 185 9.78 -5.32 -57.38
C GLU Q 185 9.39 -6.76 -57.73
N TYR Q 186 9.37 -7.65 -56.73
CA TYR Q 186 8.97 -9.05 -56.93
C TYR Q 186 8.40 -9.59 -55.62
N ALA Q 187 7.64 -8.78 -54.88
CA ALA Q 187 7.01 -9.38 -53.68
C ALA Q 187 6.16 -10.50 -54.26
N THR Q 188 6.06 -11.59 -53.51
CA THR Q 188 5.22 -12.71 -53.87
C THR Q 188 4.20 -12.98 -52.78
N GLU Q 189 3.37 -13.98 -53.03
CA GLU Q 189 2.30 -14.38 -52.14
C GLU Q 189 2.74 -15.44 -51.15
N THR Q 190 3.35 -16.52 -51.64
CA THR Q 190 3.87 -17.59 -50.79
C THR Q 190 5.39 -17.54 -50.78
N ARG Q 191 6.00 -18.00 -49.69
CA ARG Q 191 7.45 -18.02 -49.69
C ARG Q 191 8.03 -19.22 -50.42
N GLU Q 192 7.21 -20.18 -50.84
CA GLU Q 192 7.65 -21.19 -51.78
C GLU Q 192 8.07 -20.56 -53.09
N GLU Q 193 7.44 -19.45 -53.47
CA GLU Q 193 7.86 -18.69 -54.64
C GLU Q 193 9.22 -18.05 -54.46
N LEU Q 194 9.78 -18.01 -53.26
CA LEU Q 194 11.07 -17.42 -53.00
C LEU Q 194 12.20 -18.44 -52.91
N LEU Q 195 11.95 -19.67 -53.34
CA LEU Q 195 13.00 -20.67 -53.48
C LEU Q 195 13.33 -20.75 -54.96
N TYR Q 196 14.27 -19.91 -55.40
CA TYR Q 196 14.61 -19.88 -56.81
C TYR Q 196 15.44 -21.09 -57.16
N ASN Q 197 14.98 -21.88 -58.12
CA ASN Q 197 15.73 -22.98 -58.67
C ASN Q 197 16.36 -22.55 -59.98
N LYS Q 198 17.20 -23.42 -60.54
CA LYS Q 198 18.01 -23.04 -61.70
C LYS Q 198 17.16 -22.71 -62.91
N GLU Q 199 15.94 -23.23 -62.96
CA GLU Q 199 15.05 -22.89 -64.06
C GLU Q 199 14.51 -21.47 -63.93
N LYS Q 200 14.36 -20.96 -62.70
CA LYS Q 200 13.91 -19.59 -62.59
C LYS Q 200 15.06 -18.61 -62.75
N LEU Q 201 16.26 -18.94 -62.26
CA LEU Q 201 17.36 -18.00 -62.31
C LEU Q 201 17.88 -17.82 -63.73
N LEU Q 202 17.82 -18.86 -64.55
CA LEU Q 202 18.13 -18.70 -65.96
C LEU Q 202 17.04 -17.92 -66.68
N ALA Q 203 15.78 -18.16 -66.35
CA ALA Q 203 14.71 -17.39 -66.95
C ALA Q 203 14.85 -15.91 -66.63
N ASN Q 204 15.30 -15.59 -65.41
CA ASN Q 204 15.57 -14.22 -65.02
C ASN Q 204 16.69 -13.59 -65.84
N GLY Q 205 17.76 -14.33 -66.09
CA GLY Q 205 18.84 -13.78 -66.89
C GLY Q 205 18.44 -13.53 -68.32
N ASP Q 206 17.66 -14.44 -68.91
CA ASP Q 206 17.16 -14.21 -70.25
C ASP Q 206 16.32 -12.95 -70.30
N LYS Q 207 15.48 -12.76 -69.29
CA LYS Q 207 14.64 -11.58 -69.21
C LYS Q 207 15.45 -10.30 -69.05
N TRP Q 208 16.43 -10.30 -68.16
CA TRP Q 208 17.09 -9.07 -67.73
C TRP Q 208 18.43 -8.81 -68.42
N GLU Q 209 18.82 -9.63 -69.40
CA GLU Q 209 20.18 -9.53 -69.94
C GLU Q 209 20.57 -8.14 -70.44
N PRO Q 210 19.78 -7.41 -71.22
CA PRO Q 210 20.25 -6.09 -71.65
C PRO Q 210 20.62 -5.19 -70.48
N GLU Q 211 19.84 -5.22 -69.41
CA GLU Q 211 20.10 -4.35 -68.28
C GLU Q 211 21.27 -4.87 -67.46
N LEU Q 212 21.43 -6.20 -67.41
CA LEU Q 212 22.57 -6.81 -66.73
C LEU Q 212 23.87 -6.50 -67.45
N ALA Q 213 23.86 -6.65 -68.77
CA ALA Q 213 25.03 -6.32 -69.56
C ALA Q 213 25.36 -4.84 -69.44
N ALA Q 214 24.35 -3.99 -69.30
CA ALA Q 214 24.58 -2.56 -69.21
C ALA Q 214 25.21 -2.18 -67.88
N ALA Q 215 24.69 -2.73 -66.78
CA ALA Q 215 25.26 -2.45 -65.47
C ALA Q 215 26.67 -3.00 -65.34
N ILE Q 216 26.94 -4.17 -65.92
CA ILE Q 216 28.30 -4.71 -65.93
C ILE Q 216 29.23 -3.80 -66.73
N ARG Q 217 28.74 -3.29 -67.86
CA ARG Q 217 29.55 -2.42 -68.71
C ARG Q 217 29.94 -1.15 -67.98
N ALA Q 218 29.05 -0.62 -67.13
CA ALA Q 218 29.34 0.59 -66.39
C ALA Q 218 30.35 0.33 -65.27
N ASP Q 219 30.16 -0.74 -64.51
CA ASP Q 219 30.94 -0.97 -63.30
C ASP Q 219 32.16 -1.85 -63.49
N ALA Q 220 32.32 -2.52 -64.63
CA ALA Q 220 33.47 -3.41 -64.80
C ALA Q 220 34.81 -2.75 -64.52
N PRO Q 221 35.08 -1.51 -64.96
CA PRO Q 221 36.39 -0.93 -64.67
C PRO Q 221 36.71 -0.85 -63.19
N TYR Q 222 35.70 -0.66 -62.36
CA TYR Q 222 35.89 -0.57 -60.92
C TYR Q 222 35.93 -1.92 -60.22
N ARG Q 223 35.61 -3.00 -60.91
CA ARG Q 223 35.53 -4.30 -60.27
C ARG Q 223 36.87 -5.04 -60.32
N TYR R 11 -73.07 14.46 32.49
CA TYR R 11 -72.40 14.99 31.31
C TYR R 11 -72.67 14.09 30.11
N HIS R 12 -71.93 14.28 29.03
CA HIS R 12 -72.13 13.51 27.81
C HIS R 12 -71.37 12.21 27.90
N PRO R 13 -72.05 11.06 27.98
CA PRO R 13 -71.32 9.78 28.07
C PRO R 13 -70.54 9.49 26.80
N LYS R 14 -69.45 8.76 26.96
CA LYS R 14 -68.52 8.45 25.87
C LYS R 14 -68.39 6.95 25.72
N ASP R 15 -68.38 6.48 24.48
CA ASP R 15 -68.29 5.06 24.17
C ASP R 15 -66.87 4.58 24.47
N ALA R 16 -66.73 3.84 25.58
CA ALA R 16 -65.41 3.46 26.04
C ALA R 16 -64.70 2.55 25.05
N VAL R 17 -65.41 1.57 24.48
CA VAL R 17 -64.78 0.59 23.61
C VAL R 17 -64.19 1.27 22.39
N HIS R 18 -64.97 2.19 21.80
CA HIS R 18 -64.48 2.92 20.61
C HIS R 18 -63.19 3.64 20.97
N LEU R 19 -63.22 4.51 21.99
CA LEU R 19 -62.05 5.29 22.33
C LEU R 19 -60.88 4.40 22.69
N GLY R 20 -61.15 3.28 23.38
CA GLY R 20 -60.08 2.38 23.75
C GLY R 20 -59.32 1.84 22.57
N LEU R 21 -60.02 1.52 21.49
CA LEU R 21 -59.34 1.05 20.29
C LEU R 21 -58.48 2.14 19.69
N LYS R 22 -58.94 3.39 19.75
CA LYS R 22 -58.19 4.49 19.17
C LYS R 22 -56.80 4.60 19.79
N GLY R 23 -56.71 4.48 21.12
CA GLY R 23 -55.41 4.44 21.75
C GLY R 23 -54.57 3.25 21.30
N ALA R 24 -55.21 2.11 21.10
CA ALA R 24 -54.48 0.93 20.66
C ALA R 24 -53.87 1.16 19.28
N ALA R 25 -54.63 1.78 18.37
CA ALA R 25 -54.09 2.08 17.05
C ALA R 25 -53.10 3.24 17.11
N VAL R 26 -53.39 4.26 17.92
CA VAL R 26 -52.48 5.41 17.99
C VAL R 26 -51.17 5.00 18.65
N VAL R 27 -51.23 4.39 19.83
CA VAL R 27 -50.01 3.96 20.50
C VAL R 27 -49.39 2.79 19.77
N GLY R 28 -50.21 1.82 19.38
CA GLY R 28 -49.68 0.66 18.66
C GLY R 28 -49.15 1.04 17.30
N GLY R 29 -49.75 2.02 16.65
CA GLY R 29 -49.24 2.47 15.38
C GLY R 29 -47.82 2.98 15.48
N ILE R 30 -47.51 3.72 16.54
CA ILE R 30 -46.16 4.22 16.71
C ILE R 30 -45.19 3.08 16.97
N GLY R 31 -45.58 2.12 17.81
CA GLY R 31 -44.71 0.99 18.08
C GLY R 31 -44.47 0.11 16.88
N LEU R 32 -45.41 0.09 15.93
CA LEU R 32 -45.17 -0.59 14.68
C LEU R 32 -44.03 0.07 13.93
N LEU R 33 -43.94 1.40 13.99
CA LEU R 33 -42.83 2.11 13.39
C LEU R 33 -41.52 1.80 14.11
N PHE R 34 -41.59 1.48 15.40
CA PHE R 34 -40.38 1.12 16.12
C PHE R 34 -39.85 -0.24 15.68
N ALA R 35 -40.74 -1.20 15.48
CA ALA R 35 -40.35 -2.49 14.95
C ALA R 35 -39.79 -2.36 13.54
N ALA R 36 -40.27 -1.37 12.78
CA ALA R 36 -39.70 -1.12 11.47
C ALA R 36 -38.24 -0.69 11.57
N VAL R 37 -37.92 0.09 12.60
CA VAL R 37 -36.54 0.50 12.84
C VAL R 37 -35.71 -0.71 13.21
N ARG R 38 -36.28 -1.61 14.01
CA ARG R 38 -35.55 -2.79 14.46
C ARG R 38 -35.16 -3.69 13.31
N THR R 39 -36.07 -3.87 12.35
CA THR R 39 -35.79 -4.73 11.21
C THR R 39 -34.83 -4.07 10.25
N SER R 40 -34.99 -2.76 10.03
CA SER R 40 -34.07 -2.05 9.15
C SER R 40 -32.65 -2.11 9.68
N LEU R 41 -32.48 -2.08 11.00
CA LEU R 41 -31.17 -2.16 11.62
C LEU R 41 -30.74 -3.58 11.96
N ALA R 42 -31.54 -4.58 11.60
CA ALA R 42 -31.10 -5.96 11.75
C ALA R 42 -29.80 -6.18 10.99
N ARG R 43 -28.89 -6.92 11.59
CA ARG R 43 -27.57 -7.13 11.00
C ARG R 43 -27.52 -8.37 10.12
N LYS R 44 -28.59 -9.13 10.03
CA LYS R 44 -28.66 -10.30 9.16
C LYS R 44 -29.74 -10.10 8.12
N ASN R 45 -29.85 -11.09 7.22
CA ASN R 45 -30.86 -11.08 6.17
C ASN R 45 -32.14 -11.67 6.75
N VAL R 46 -32.83 -10.87 7.56
CA VAL R 46 -34.00 -11.35 8.27
C VAL R 46 -35.30 -11.20 7.48
N GLY R 47 -35.32 -10.37 6.45
CA GLY R 47 -36.46 -10.27 5.58
C GLY R 47 -37.48 -9.24 6.03
N PRO R 48 -38.45 -8.94 5.16
CA PRO R 48 -39.45 -7.92 5.50
C PRO R 48 -40.47 -8.39 6.50
N TRP R 49 -40.90 -9.64 6.42
CA TRP R 49 -41.94 -10.15 7.30
C TRP R 49 -41.45 -10.35 8.72
N ALA R 50 -40.15 -10.20 8.98
CA ALA R 50 -39.63 -10.28 10.33
C ALA R 50 -40.22 -9.21 11.23
N ILE R 51 -40.78 -8.14 10.65
CA ILE R 51 -41.38 -7.09 11.46
C ILE R 51 -42.58 -7.62 12.22
N PHE R 52 -43.24 -8.66 11.69
CA PHE R 52 -44.37 -9.27 12.35
C PHE R 52 -44.04 -10.58 13.03
N THR R 53 -42.81 -11.06 12.93
CA THR R 53 -42.42 -12.31 13.56
C THR R 53 -41.36 -12.12 14.63
N ARG R 54 -40.26 -11.42 14.31
CA ARG R 54 -39.19 -11.22 15.28
C ARG R 54 -39.48 -10.03 16.19
N ASN R 55 -40.08 -8.96 15.66
CA ASN R 55 -40.36 -7.77 16.44
C ASN R 55 -41.85 -7.57 16.68
N GLY R 56 -42.67 -8.57 16.41
CA GLY R 56 -44.09 -8.43 16.65
C GLY R 56 -44.44 -8.16 18.10
N LYS R 57 -43.72 -8.79 19.03
CA LYS R 57 -43.97 -8.56 20.44
C LYS R 57 -43.68 -7.11 20.83
N LEU R 58 -42.79 -6.45 20.09
CA LEU R 58 -42.58 -5.03 20.33
C LEU R 58 -43.82 -4.22 20.02
N ALA R 59 -44.49 -4.55 18.91
CA ALA R 59 -45.67 -3.80 18.51
C ALA R 59 -46.87 -4.18 19.37
N ALA R 60 -46.93 -5.44 19.79
CA ALA R 60 -48.05 -5.90 20.59
C ALA R 60 -48.10 -5.21 21.94
N THR R 61 -46.94 -5.02 22.58
CA THR R 61 -46.94 -4.40 23.89
C THR R 61 -47.36 -2.94 23.82
N PHE R 62 -47.05 -2.25 22.72
CA PHE R 62 -47.55 -0.91 22.52
C PHE R 62 -49.06 -0.93 22.32
N ALA R 63 -49.55 -1.88 21.52
CA ALA R 63 -50.99 -2.01 21.32
C ALA R 63 -51.70 -2.34 22.62
N ALA R 64 -51.11 -3.24 23.40
CA ALA R 64 -51.73 -3.60 24.68
C ALA R 64 -51.79 -2.41 25.61
N VAL R 65 -50.69 -1.66 25.72
CA VAL R 65 -50.65 -0.54 26.65
C VAL R 65 -51.57 0.58 26.19
N GLY R 66 -51.58 0.85 24.89
CA GLY R 66 -52.44 1.92 24.40
C GLY R 66 -53.91 1.63 24.61
N GLY R 67 -54.34 0.41 24.32
CA GLY R 67 -55.74 0.07 24.44
C GLY R 67 -56.23 0.05 25.87
N ALA R 68 -55.39 -0.46 26.79
CA ALA R 68 -55.76 -0.44 28.19
C ALA R 68 -55.94 0.98 28.69
N TYR R 69 -55.03 1.88 28.34
CA TYR R 69 -55.06 3.20 28.94
C TYR R 69 -56.29 3.98 28.51
N ASP R 70 -56.46 4.19 27.21
CA ASP R 70 -57.56 5.04 26.78
C ASP R 70 -58.91 4.44 27.15
N PHE R 71 -59.05 3.12 27.02
CA PHE R 71 -60.30 2.47 27.41
C PHE R 71 -60.55 2.59 28.90
N THR R 72 -59.57 2.22 29.73
CA THR R 72 -59.79 2.23 31.17
C THR R 72 -60.05 3.63 31.68
N ARG R 73 -59.34 4.62 31.14
CA ARG R 73 -59.61 6.00 31.50
C ARG R 73 -61.00 6.42 31.07
N ALA R 74 -61.36 6.15 29.83
CA ALA R 74 -62.70 6.51 29.36
C ALA R 74 -63.77 5.76 30.14
N ALA R 75 -63.49 4.51 30.51
CA ALA R 75 -64.42 3.79 31.38
C ALA R 75 -64.55 4.46 32.73
N ALA R 76 -63.42 4.72 33.38
CA ALA R 76 -63.47 5.37 34.69
C ALA R 76 -64.10 6.75 34.60
N ALA R 77 -64.00 7.39 33.43
CA ALA R 77 -64.69 8.65 33.23
C ALA R 77 -66.19 8.47 33.29
N ASN R 78 -66.68 7.37 32.71
CA ASN R 78 -68.11 7.11 32.72
C ASN R 78 -68.58 6.70 34.10
N LEU R 79 -67.75 5.92 34.81
CA LEU R 79 -68.17 5.38 36.10
C LEU R 79 -68.33 6.48 37.14
N ARG R 80 -67.41 7.44 37.18
CA ARG R 80 -67.45 8.49 38.18
C ARG R 80 -68.29 9.69 37.77
N GLU R 81 -68.75 9.74 36.53
CA GLU R 81 -69.62 10.81 36.05
C GLU R 81 -68.94 12.18 36.23
N LYS R 82 -67.63 12.21 35.99
CA LYS R 82 -66.86 13.43 36.16
C LYS R 82 -65.69 13.42 35.18
N GLU R 83 -65.15 14.60 34.92
CA GLU R 83 -63.96 14.76 34.07
C GLU R 83 -62.94 15.58 34.84
N ASP R 84 -61.80 14.97 35.14
CA ASP R 84 -60.79 15.64 35.95
C ASP R 84 -59.46 14.90 35.81
N TRP R 85 -58.50 15.30 36.64
CA TRP R 85 -57.17 14.70 36.62
C TRP R 85 -57.17 13.27 37.08
N VAL R 86 -58.23 12.84 37.77
CA VAL R 86 -58.25 11.54 38.42
C VAL R 86 -58.22 10.42 37.39
N ASN R 87 -59.01 10.54 36.32
CA ASN R 87 -59.14 9.45 35.36
C ASN R 87 -57.82 9.17 34.64
N ASN R 88 -57.07 10.21 34.32
CA ASN R 88 -55.73 10.04 33.76
C ASN R 88 -54.85 9.20 34.68
N GLY R 89 -55.14 9.20 35.97
CA GLY R 89 -54.55 8.23 36.87
C GLY R 89 -55.02 6.81 36.66
N ILE R 90 -56.33 6.57 36.69
CA ILE R 90 -56.83 5.20 36.62
C ILE R 90 -56.39 4.51 35.33
N GLY R 91 -56.52 5.20 34.20
CA GLY R 91 -55.99 4.66 32.97
C GLY R 91 -54.49 4.43 33.02
N GLY R 92 -53.78 5.27 33.77
CA GLY R 92 -52.35 5.09 33.93
C GLY R 92 -51.97 3.83 34.69
N LEU R 93 -52.66 3.55 35.79
CA LEU R 93 -52.35 2.35 36.57
C LEU R 93 -52.66 1.09 35.78
N PHE R 94 -53.76 1.08 35.03
CA PHE R 94 -54.10 -0.10 34.25
C PHE R 94 -53.18 -0.24 33.05
N ALA R 95 -52.48 0.83 32.69
CA ALA R 95 -51.50 0.76 31.61
C ALA R 95 -50.21 0.13 32.10
N GLY R 96 -49.65 0.67 33.18
CA GLY R 96 -48.47 0.06 33.76
C GLY R 96 -48.72 -1.35 34.23
N ALA R 97 -49.97 -1.64 34.64
CA ALA R 97 -50.32 -3.02 34.96
C ALA R 97 -50.15 -3.92 33.76
N THR R 98 -50.61 -3.46 32.59
CA THR R 98 -50.39 -4.23 31.36
C THR R 98 -48.92 -4.25 30.95
N MET R 99 -48.18 -3.20 31.29
CA MET R 99 -46.75 -3.19 30.95
C MET R 99 -46.01 -4.33 31.63
N GLY R 100 -46.28 -4.54 32.93
CA GLY R 100 -45.60 -5.58 33.66
C GLY R 100 -46.08 -6.98 33.37
N LEU R 101 -47.28 -7.11 32.78
CA LEU R 101 -47.78 -8.44 32.45
C LEU R 101 -46.87 -9.14 31.45
N THR R 102 -46.17 -8.37 30.61
CA THR R 102 -45.29 -8.98 29.62
C THR R 102 -44.06 -9.58 30.28
N THR R 103 -43.45 -8.86 31.23
CA THR R 103 -42.24 -9.35 31.86
C THR R 103 -42.49 -10.48 32.84
N GLY R 104 -43.75 -10.77 33.15
CA GLY R 104 -44.09 -11.94 33.94
C GLY R 104 -43.69 -11.89 35.39
N ARG R 105 -43.20 -10.76 35.87
CA ARG R 105 -42.82 -10.60 37.27
C ARG R 105 -43.89 -9.81 38.00
N ILE R 106 -44.39 -10.38 39.10
CA ILE R 106 -45.38 -9.67 39.91
C ILE R 106 -44.86 -8.34 40.42
N PRO R 107 -43.64 -8.22 40.95
CA PRO R 107 -43.22 -6.91 41.48
C PRO R 107 -43.19 -5.83 40.42
N ARG R 108 -42.83 -6.18 39.19
CA ARG R 108 -42.79 -5.18 38.12
C ARG R 108 -44.20 -4.75 37.73
N VAL R 109 -45.19 -5.63 37.90
CA VAL R 109 -46.56 -5.26 37.61
C VAL R 109 -47.00 -4.12 38.51
N LEU R 110 -46.67 -4.22 39.80
CA LEU R 110 -47.01 -3.14 40.73
C LEU R 110 -46.09 -1.95 40.53
N GLY R 111 -44.80 -2.20 40.33
CA GLY R 111 -43.86 -1.09 40.20
C GLY R 111 -44.10 -0.25 38.96
N PHE R 112 -44.32 -0.91 37.82
CA PHE R 112 -44.61 -0.17 36.61
C PHE R 112 -45.92 0.59 36.75
N ALA R 113 -46.94 -0.04 37.33
CA ALA R 113 -48.22 0.63 37.49
C ALA R 113 -48.11 1.84 38.40
N ALA R 114 -47.35 1.72 39.49
CA ALA R 114 -47.14 2.88 40.34
C ALA R 114 -46.39 3.97 39.60
N LEU R 115 -45.30 3.61 38.94
CA LEU R 115 -44.51 4.60 38.20
C LEU R 115 -45.31 5.18 37.05
N THR R 116 -46.08 4.34 36.36
CA THR R 116 -46.85 4.85 35.22
C THR R 116 -48.00 5.74 35.67
N GLY R 117 -48.79 5.28 36.63
CA GLY R 117 -50.00 6.01 36.99
C GLY R 117 -49.73 7.32 37.72
N VAL R 118 -48.64 7.37 38.49
CA VAL R 118 -48.31 8.58 39.22
C VAL R 118 -47.91 9.69 38.25
N VAL R 119 -47.24 9.34 37.16
CA VAL R 119 -46.88 10.36 36.16
C VAL R 119 -48.12 10.96 35.53
N LEU R 120 -49.03 10.12 35.06
CA LEU R 120 -50.15 10.60 34.28
C LEU R 120 -51.10 11.43 35.12
N ALA R 121 -51.25 11.09 36.39
CA ALA R 121 -52.02 11.93 37.29
C ALA R 121 -51.31 13.25 37.53
N THR R 122 -49.99 13.20 37.72
CA THR R 122 -49.19 14.40 37.97
C THR R 122 -49.18 15.32 36.75
N ALA R 123 -49.11 14.74 35.55
CA ALA R 123 -49.15 15.55 34.35
C ALA R 123 -50.46 16.31 34.25
N GLU R 124 -51.57 15.63 34.54
CA GLU R 124 -52.87 16.26 34.36
C GLU R 124 -53.18 17.26 35.46
N TYR R 125 -52.91 16.90 36.72
CA TYR R 125 -53.27 17.78 37.81
C TYR R 125 -52.48 19.08 37.76
N ALA R 126 -51.23 19.01 37.36
CA ALA R 126 -50.39 20.18 37.18
C ALA R 126 -50.82 21.02 36.00
N GLY R 127 -51.73 20.52 35.18
CA GLY R 127 -52.10 21.18 33.95
C GLY R 127 -51.36 20.63 32.76
N SER R 128 -51.95 20.83 31.58
CA SER R 128 -51.35 20.37 30.34
C SER R 128 -50.13 21.22 29.99
N GLY R 129 -48.94 20.74 30.33
CA GLY R 129 -47.73 21.49 30.07
C GLY R 129 -47.17 21.32 28.68
N LEU R 130 -47.28 20.10 28.14
CA LEU R 130 -46.63 19.78 26.87
C LEU R 130 -47.32 20.41 25.66
N ARG R 131 -48.56 20.88 25.82
CA ARG R 131 -49.18 21.77 24.86
C ARG R 131 -49.24 23.17 25.46
N GLY R 132 -50.07 24.03 24.88
CA GLY R 132 -50.26 25.35 25.43
C GLY R 132 -50.85 25.33 26.81
N VAL R 133 -50.14 25.91 27.78
CA VAL R 133 -50.67 26.03 29.13
C VAL R 133 -51.86 26.97 29.12
N PHE R 134 -52.86 26.66 29.95
CA PHE R 134 -54.07 27.46 29.98
C PHE R 134 -53.76 28.88 30.44
N LYS R 135 -54.33 29.85 29.73
CA LYS R 135 -54.13 31.26 30.03
C LYS R 135 -55.41 31.81 30.68
N ARG R 136 -55.26 32.41 31.86
CA ARG R 136 -56.42 32.94 32.56
C ARG R 136 -56.96 34.20 31.89
N ASP R 137 -56.12 34.89 31.11
CA ASP R 137 -56.51 36.13 30.42
C ASP R 137 -57.01 37.18 31.40
N VAL R 138 -56.14 37.52 32.36
CA VAL R 138 -56.43 38.52 33.38
C VAL R 138 -55.14 39.28 33.64
N ASP R 139 -55.28 40.48 34.23
CA ASP R 139 -54.09 41.31 34.57
C ASP R 139 -53.24 40.61 35.62
N GLU R 140 -52.03 40.20 35.27
CA GLU R 140 -51.10 39.53 36.21
C GLU R 140 -50.64 40.47 37.32
N TYR R 141 -50.44 41.76 37.01
CA TYR R 141 -50.02 42.74 38.03
C TYR R 141 -51.10 42.86 39.09
N GLU R 142 -52.36 42.92 38.69
CA GLU R 142 -53.45 42.93 39.69
C GLU R 142 -53.48 41.61 40.47
N ARG R 143 -53.35 40.48 39.79
CA ARG R 143 -53.48 39.16 40.48
C ARG R 143 -52.36 38.97 41.50
N LYS R 144 -51.12 39.28 41.10
CA LYS R 144 -49.95 39.11 42.00
C LYS R 144 -50.04 40.13 43.14
N GLU R 145 -50.40 41.37 42.83
CA GLU R 145 -50.44 42.43 43.86
C GLU R 145 -51.55 42.16 44.88
N PHE R 146 -52.69 41.62 44.44
CA PHE R 146 -53.77 41.27 45.39
C PHE R 146 -53.29 40.20 46.35
N LEU R 147 -52.57 39.20 45.85
CA LEU R 147 -52.20 38.08 46.73
C LEU R 147 -51.02 38.48 47.63
N ARG R 148 -50.36 39.61 47.35
CA ARG R 148 -49.26 40.12 48.22
C ARG R 148 -49.83 41.01 49.33
N LYS R 149 -50.85 41.81 49.01
CA LYS R 149 -51.45 42.71 49.98
C LYS R 149 -52.74 42.19 50.58
N ASN R 150 -53.04 40.91 50.39
CA ASN R 150 -54.22 40.29 50.99
C ASN R 150 -53.90 39.76 52.39
N ARG R 151 -53.43 40.68 53.23
CA ARG R 151 -52.79 40.29 54.48
C ARG R 151 -53.80 39.83 55.53
N ARG R 152 -54.98 40.44 55.58
CA ARG R 152 -55.97 39.95 56.55
C ARG R 152 -57.17 39.38 55.84
N ARG R 153 -57.84 38.46 56.52
CA ARG R 153 -58.99 37.79 55.90
C ARG R 153 -60.19 37.86 56.86
N PRO R 154 -61.45 37.65 56.40
CA PRO R 154 -62.59 37.62 57.29
C PRO R 154 -62.48 36.36 58.16
N ILE R 155 -62.71 36.52 59.47
CA ILE R 155 -62.55 35.39 60.38
C ILE R 155 -63.34 34.18 59.88
N GLU R 156 -64.52 34.40 59.31
CA GLU R 156 -65.39 33.28 58.86
C GLU R 156 -64.69 32.48 57.77
N GLU R 157 -63.93 33.17 56.92
CA GLU R 157 -63.26 32.50 55.78
C GLU R 157 -62.26 31.46 56.30
N THR R 158 -61.39 31.85 57.23
CA THR R 158 -60.36 30.91 57.76
C THR R 158 -61.04 29.77 58.49
N LEU R 159 -62.12 30.06 59.23
CA LEU R 159 -62.74 29.01 60.07
C LEU R 159 -63.20 27.86 59.18
N ALA R 160 -63.65 28.14 57.96
CA ALA R 160 -64.17 27.02 57.17
C ALA R 160 -63.08 25.98 56.93
N GLU R 161 -61.89 26.40 56.52
CA GLU R 161 -60.82 25.42 56.19
C GLU R 161 -60.31 24.71 57.45
N ILE R 162 -60.07 25.45 58.54
CA ILE R 162 -59.45 24.80 59.74
C ILE R 162 -60.53 24.38 60.74
N GLY R 163 -61.56 25.20 60.95
CA GLY R 163 -62.60 24.91 61.94
C GLY R 163 -62.29 25.51 63.30
N GLU R 164 -63.32 25.90 64.06
CA GLU R 164 -63.11 26.39 65.44
C GLU R 164 -62.71 25.20 66.31
N GLY R 165 -61.80 25.41 67.25
CA GLY R 165 -61.30 24.31 68.09
C GLY R 165 -59.83 24.09 67.82
N ARG R 166 -59.19 23.11 68.46
CA ARG R 166 -57.73 22.88 68.33
C ARG R 166 -57.00 24.18 68.64
N GLY R 167 -57.42 24.89 69.69
CA GLY R 167 -56.73 26.11 70.14
C GLY R 167 -57.19 27.33 69.37
N ILE R 168 -58.07 27.12 68.40
CA ILE R 168 -58.68 28.29 67.71
C ILE R 168 -60.04 28.45 68.38
N LYS R 169 -60.10 29.26 69.43
CA LYS R 169 -61.38 29.46 70.17
C LYS R 169 -61.86 30.88 69.86
N PRO R 170 -62.68 31.07 68.82
CA PRO R 170 -63.09 32.41 68.38
C PRO R 170 -64.09 32.97 69.40
N PRO R 171 -64.31 34.30 69.46
CA PRO R 171 -65.17 34.84 70.50
C PRO R 171 -66.54 34.16 70.41
N GLY R 172 -67.06 33.68 71.54
CA GLY R 172 -68.34 32.93 71.53
C GLY R 172 -68.21 31.42 71.41
N TYR R 173 -67.00 30.85 71.46
CA TYR R 173 -66.81 29.39 71.29
C TYR R 173 -67.51 28.62 72.42
N TYR R 174 -67.45 29.13 73.64
CA TYR R 174 -68.03 28.41 74.81
C TYR R 174 -69.55 28.26 74.68
N GLU R 175 -70.25 29.35 74.32
CA GLU R 175 -71.73 29.31 74.18
C GLU R 175 -72.10 28.38 73.04
N ARG R 176 -71.35 28.44 71.94
CA ARG R 176 -71.60 27.50 70.82
C ARG R 176 -71.31 26.08 71.30
N ARG R 177 -70.23 25.89 72.05
CA ARG R 177 -69.83 24.53 72.48
C ARG R 177 -70.94 24.01 73.37
N ALA R 178 -71.49 24.90 74.21
CA ALA R 178 -72.63 24.48 75.00
C ALA R 178 -73.70 23.87 74.11
N GLN R 179 -74.05 24.56 73.03
CA GLN R 179 -75.06 24.05 72.12
C GLN R 179 -74.63 22.75 71.48
N ARG R 180 -73.39 22.68 71.00
CA ARG R 180 -72.94 21.48 70.30
C ARG R 180 -73.00 20.27 71.21
N LEU R 181 -72.56 20.42 72.46
CA LEU R 181 -72.60 19.30 73.39
C LEU R 181 -74.02 18.93 73.76
N LYS R 182 -74.89 19.92 73.94
CA LYS R 182 -76.28 19.62 74.28
C LYS R 182 -76.97 18.86 73.16
N GLU R 183 -76.72 19.24 71.90
CA GLU R 183 -77.33 18.54 70.79
C GLU R 183 -76.83 17.11 70.68
N LYS R 184 -75.54 16.89 70.98
CA LYS R 184 -74.97 15.53 70.79
C LYS R 184 -75.16 14.67 72.04
N TYR R 185 -74.47 15.02 73.13
CA TYR R 185 -74.54 14.22 74.39
C TYR R 185 -75.93 14.31 75.03
N GLY R 186 -76.56 15.49 74.99
CA GLY R 186 -77.86 15.67 75.67
C GLY R 186 -77.67 15.97 77.15
N VAL R 187 -76.60 16.71 77.47
CA VAL R 187 -76.31 17.04 78.86
C VAL R 187 -76.17 18.55 78.98
N ASP R 188 -76.87 19.13 79.96
CA ASP R 188 -76.77 20.55 80.21
C ASP R 188 -75.45 20.85 80.91
N ILE R 189 -74.72 21.83 80.41
CA ILE R 189 -73.43 22.21 81.00
C ILE R 189 -73.66 23.19 82.14
N ASN R 190 -73.14 22.85 83.32
CA ASN R 190 -73.33 23.70 84.53
C ASN R 190 -72.11 23.54 85.43
N PRO R 191 -70.93 24.12 85.08
CA PRO R 191 -69.70 23.92 85.86
C PRO R 191 -69.84 24.38 87.31
N VAL R 192 -69.08 23.78 88.23
CA VAL R 192 -69.23 24.08 89.68
C VAL R 192 -68.56 25.41 90.03
N CYS R 193 -69.15 26.17 90.97
CA CYS R 193 -68.62 27.50 91.31
C CYS R 193 -67.20 27.43 91.85
N ALA R 194 -66.88 26.38 92.61
CA ALA R 194 -65.54 26.19 93.18
C ALA R 194 -65.13 27.32 94.12
N ASP R 195 -66.11 27.88 94.83
CA ASP R 195 -65.93 28.94 95.81
C ASP R 195 -67.15 28.93 96.73
N PRO R 196 -66.97 28.71 98.03
CA PRO R 196 -68.15 28.50 98.90
C PRO R 196 -69.00 29.74 99.11
N ASP R 197 -68.49 30.92 98.78
CA ASP R 197 -69.23 32.17 98.98
C ASP R 197 -69.44 32.85 97.64
N GLN R 198 -70.70 33.10 97.29
CA GLN R 198 -71.07 33.74 96.03
C GLN R 198 -70.49 32.99 94.83
N VAL S 49 -28.99 -54.51 -55.38
CA VAL S 49 -28.95 -53.61 -54.23
C VAL S 49 -28.84 -52.17 -54.71
N GLU S 50 -29.46 -51.24 -53.98
CA GLU S 50 -29.49 -49.85 -54.36
C GLU S 50 -29.37 -49.00 -53.10
N PRO S 51 -28.49 -47.99 -53.09
CA PRO S 51 -28.37 -47.15 -51.88
C PRO S 51 -29.63 -46.35 -51.59
N TYR S 52 -30.14 -45.64 -52.61
CA TYR S 52 -31.42 -44.97 -52.53
C TYR S 52 -32.07 -45.00 -53.90
N PRO S 53 -33.41 -44.97 -53.97
CA PRO S 53 -34.10 -45.27 -55.23
C PRO S 53 -33.71 -44.36 -56.38
N GLY S 54 -33.39 -43.10 -56.12
CA GLY S 54 -33.09 -42.20 -57.22
C GLY S 54 -31.73 -42.38 -57.87
N TYR S 55 -30.83 -43.16 -57.27
CA TYR S 55 -29.49 -43.28 -57.81
C TYR S 55 -29.51 -44.08 -59.12
N GLU S 56 -28.35 -44.06 -59.81
CA GLU S 56 -28.11 -44.68 -61.10
C GLU S 56 -28.87 -44.00 -62.23
N LEU S 57 -29.72 -43.04 -61.93
CA LEU S 57 -30.37 -42.18 -62.92
C LEU S 57 -30.21 -40.71 -62.60
N ARG S 58 -30.21 -40.34 -61.32
CA ARG S 58 -29.99 -38.95 -60.95
C ARG S 58 -28.56 -38.51 -61.24
N LYS S 59 -27.59 -39.41 -61.08
CA LYS S 59 -26.19 -39.06 -61.33
C LYS S 59 -25.93 -38.73 -62.79
N SER S 60 -26.82 -39.14 -63.70
CA SER S 60 -26.62 -38.84 -65.11
C SER S 60 -26.69 -37.35 -65.37
N LEU S 61 -27.60 -36.64 -64.71
CA LEU S 61 -27.79 -35.21 -64.90
C LEU S 61 -27.46 -34.48 -63.61
N ARG S 62 -26.38 -33.70 -63.64
CA ARG S 62 -25.98 -32.84 -62.52
C ARG S 62 -25.37 -31.57 -63.09
N LYS S 63 -25.48 -30.50 -62.33
CA LYS S 63 -25.00 -29.21 -62.82
C LYS S 63 -23.56 -28.95 -62.38
N GLU S 64 -22.88 -28.14 -63.16
CA GLU S 64 -21.46 -27.84 -62.97
C GLU S 64 -21.30 -26.34 -62.86
N VAL S 65 -20.97 -25.93 -61.62
CA VAL S 65 -20.82 -24.48 -61.30
C VAL S 65 -19.35 -24.07 -61.48
N PRO S 66 -18.93 -23.13 -62.35
CA PRO S 66 -17.52 -22.77 -62.39
C PRO S 66 -17.05 -22.19 -61.07
N LEU S 67 -15.75 -22.42 -60.84
CA LEU S 67 -15.12 -21.97 -59.58
C LEU S 67 -15.13 -20.44 -59.50
N PRO S 68 -15.05 -19.81 -58.31
CA PRO S 68 -15.24 -18.36 -58.17
C PRO S 68 -14.30 -17.52 -59.02
N SER S 69 -13.07 -17.99 -59.25
CA SER S 69 -12.16 -17.22 -60.10
C SER S 69 -12.67 -17.15 -61.53
N GLN S 70 -13.23 -18.24 -62.03
CA GLN S 70 -13.75 -18.28 -63.39
C GLN S 70 -15.23 -17.95 -63.45
N GLU S 71 -15.86 -17.65 -62.32
CA GLU S 71 -17.25 -17.26 -62.29
C GLU S 71 -17.44 -15.94 -63.00
N GLY S 72 -18.53 -15.85 -63.76
CA GLY S 72 -18.93 -14.60 -64.38
C GLY S 72 -19.81 -13.79 -63.46
N THR S 73 -20.50 -12.82 -64.04
CA THR S 73 -21.46 -12.01 -63.30
C THR S 73 -22.62 -11.64 -64.22
N LYS S 74 -23.84 -11.94 -63.78
CA LYS S 74 -25.02 -11.68 -64.57
C LYS S 74 -26.23 -11.69 -63.65
N GLY S 75 -27.09 -10.71 -63.81
CA GLY S 75 -28.30 -10.62 -63.02
C GLY S 75 -28.32 -9.37 -62.17
N LEU S 76 -29.53 -8.97 -61.77
CA LEU S 76 -29.67 -7.82 -60.89
C LEU S 76 -29.10 -8.12 -59.51
N VAL S 77 -29.44 -9.29 -58.95
CA VAL S 77 -28.92 -9.63 -57.63
C VAL S 77 -27.40 -9.72 -57.65
N GLN S 78 -26.84 -10.28 -58.72
CA GLN S 78 -25.41 -10.46 -58.79
C GLN S 78 -24.68 -9.13 -58.88
N TYR S 79 -25.11 -8.25 -59.78
CA TYR S 79 -24.53 -6.91 -59.84
C TYR S 79 -24.58 -6.23 -58.48
N ALA S 80 -25.71 -6.31 -57.80
CA ALA S 80 -25.91 -5.56 -56.57
C ALA S 80 -24.93 -6.00 -55.50
N LEU S 81 -24.74 -7.31 -55.34
CA LEU S 81 -23.77 -7.82 -54.37
C LEU S 81 -22.35 -7.47 -54.79
N THR S 82 -22.09 -7.44 -56.10
CA THR S 82 -20.79 -7.06 -56.61
C THR S 82 -20.48 -5.61 -56.30
N THR S 83 -21.46 -4.73 -56.46
CA THR S 83 -21.25 -3.32 -56.11
C THR S 83 -20.92 -3.19 -54.63
N LEU S 84 -21.65 -3.90 -53.77
CA LEU S 84 -21.37 -3.87 -52.36
C LEU S 84 -19.93 -4.28 -52.06
N ASP S 85 -19.40 -5.20 -52.86
CA ASP S 85 -18.01 -5.61 -52.69
C ASP S 85 -17.05 -4.52 -53.12
N ILE S 86 -17.31 -3.92 -54.28
CA ILE S 86 -16.38 -2.94 -54.84
C ILE S 86 -16.28 -1.73 -53.93
N ILE S 87 -17.40 -1.30 -53.37
CA ILE S 87 -17.37 -0.18 -52.44
C ILE S 87 -16.62 -0.57 -51.17
N THR S 88 -16.92 -1.74 -50.62
CA THR S 88 -16.23 -2.22 -49.44
C THR S 88 -14.74 -2.37 -49.70
N ASN S 89 -14.38 -2.88 -50.87
CA ASN S 89 -12.97 -3.00 -51.20
C ASN S 89 -12.33 -1.67 -51.46
N TRP S 90 -13.09 -0.70 -51.98
CA TRP S 90 -12.55 0.63 -52.21
C TRP S 90 -12.12 1.29 -50.91
N ALA S 91 -12.88 1.05 -49.84
CA ALA S 91 -12.56 1.66 -48.57
C ALA S 91 -11.51 0.87 -47.79
N ARG S 92 -11.48 -0.45 -47.94
CA ARG S 92 -10.35 -1.21 -47.40
C ARG S 92 -9.06 -0.85 -48.09
N GLN S 93 -9.13 -0.29 -49.28
CA GLN S 93 -7.94 0.12 -50.03
C GLN S 93 -7.57 1.57 -49.80
N GLY S 94 -8.57 2.45 -49.76
CA GLY S 94 -8.29 3.87 -49.63
C GLY S 94 -7.72 4.24 -48.28
N SER S 95 -8.24 3.63 -47.22
CA SER S 95 -7.73 3.81 -45.87
C SER S 95 -7.00 2.52 -45.52
N PHE S 96 -5.68 2.58 -45.51
CA PHE S 96 -4.80 1.42 -45.33
C PHE S 96 -3.96 1.68 -44.08
N TRP S 97 -4.50 1.29 -42.92
CA TRP S 97 -3.79 1.64 -41.65
C TRP S 97 -2.98 0.45 -41.13
N PRO S 98 -1.62 0.43 -41.26
CA PRO S 98 -0.81 -0.65 -40.72
C PRO S 98 -0.31 -0.58 -39.27
N MET S 99 -0.52 -1.64 -38.50
CA MET S 99 0.09 -1.72 -37.16
C MET S 99 1.50 -2.20 -37.44
N THR S 100 2.52 -1.79 -36.73
CA THR S 100 3.86 -2.26 -37.16
C THR S 100 4.74 -2.79 -36.03
N PHE S 101 5.56 -3.77 -36.34
CA PHE S 101 6.52 -4.34 -35.39
C PHE S 101 7.90 -4.00 -35.95
N GLY S 102 8.32 -2.72 -35.85
CA GLY S 102 9.72 -2.44 -36.24
C GLY S 102 10.70 -3.16 -35.34
N LEU S 103 10.97 -4.42 -35.63
CA LEU S 103 11.98 -5.17 -34.84
C LEU S 103 13.40 -4.66 -35.06
N ALA S 104 13.81 -4.44 -36.31
CA ALA S 104 15.21 -4.03 -36.56
C ALA S 104 15.38 -3.01 -37.67
N CYS S 105 16.36 -3.23 -38.56
CA CYS S 105 16.69 -2.25 -39.65
C CYS S 105 15.57 -2.07 -40.68
N CYS S 106 14.82 -3.12 -41.01
CA CYS S 106 13.79 -2.97 -42.07
C CYS S 106 12.79 -1.89 -41.66
N ALA S 107 12.65 -1.66 -40.35
CA ALA S 107 11.77 -0.58 -39.84
C ALA S 107 12.28 0.78 -40.30
N VAL S 108 13.59 0.96 -40.36
CA VAL S 108 14.19 2.23 -40.88
C VAL S 108 13.68 2.43 -42.29
N GLU S 109 13.63 1.36 -43.08
CA GLU S 109 13.23 1.54 -44.45
C GLU S 109 11.73 1.75 -44.54
N MET S 110 11.00 1.30 -43.52
CA MET S 110 9.55 1.54 -43.43
C MET S 110 9.35 2.98 -42.96
N MET S 111 10.31 3.55 -42.21
CA MET S 111 10.22 4.97 -41.85
C MET S 111 10.46 5.86 -43.05
N HIS S 112 11.29 5.44 -44.00
CA HIS S 112 11.48 6.19 -45.23
C HIS S 112 10.31 6.07 -46.17
N LEU S 113 9.35 5.22 -45.87
CA LEU S 113 8.11 5.27 -46.61
C LEU S 113 7.18 6.36 -46.12
N SER S 114 7.47 6.93 -44.94
CA SER S 114 6.63 8.04 -44.40
C SER S 114 7.27 9.40 -44.69
N THR S 115 8.47 9.45 -45.26
CA THR S 115 9.18 10.71 -45.42
C THR S 115 8.77 11.38 -46.73
N PRO S 116 9.21 12.60 -46.99
CA PRO S 116 8.70 13.33 -48.16
C PRO S 116 8.85 12.65 -49.51
N ARG S 117 9.97 11.96 -49.80
CA ARG S 117 10.19 11.41 -51.14
C ARG S 117 9.12 10.38 -51.52
N TYR S 118 8.80 9.48 -50.60
CA TYR S 118 7.76 8.48 -50.70
C TYR S 118 6.86 8.81 -49.54
N ASP S 119 5.69 9.40 -49.77
CA ASP S 119 4.81 9.57 -48.64
C ASP S 119 3.61 8.63 -48.76
N GLN S 120 3.36 7.91 -47.67
CA GLN S 120 2.26 7.00 -47.45
C GLN S 120 0.93 7.71 -47.35
N ASP S 121 0.96 8.91 -46.78
CA ASP S 121 -0.28 9.70 -46.59
C ASP S 121 -0.94 10.00 -47.94
N ARG S 122 -0.15 10.24 -48.99
CA ARG S 122 -0.72 10.54 -50.27
C ARG S 122 -1.52 9.38 -50.84
N LEU S 123 -1.24 8.17 -50.41
CA LEU S 123 -2.00 6.99 -50.79
C LEU S 123 -2.96 6.54 -49.71
N GLY S 124 -3.01 7.25 -48.58
CA GLY S 124 -3.94 6.95 -47.52
C GLY S 124 -3.39 6.08 -46.40
N ILE S 125 -2.11 5.73 -46.42
CA ILE S 125 -1.53 4.88 -45.39
C ILE S 125 -1.24 5.70 -44.14
N ILE S 126 -1.75 5.24 -43.00
CA ILE S 126 -1.45 5.88 -41.69
C ILE S 126 -1.08 4.76 -40.71
N PHE S 127 0.18 4.68 -40.27
CA PHE S 127 0.59 3.66 -39.28
C PHE S 127 -0.07 3.96 -37.92
N ARG S 128 -0.84 3.02 -37.40
CA ARG S 128 -1.50 3.20 -36.08
C ARG S 128 -0.75 2.39 -35.03
N ALA S 129 -0.65 2.90 -33.79
CA ALA S 129 0.00 2.14 -32.73
C ALA S 129 -0.83 0.94 -32.31
N SER S 130 -2.12 1.12 -32.13
CA SER S 130 -2.94 0.06 -31.56
C SER S 130 -3.26 -1.00 -32.60
N PRO S 131 -3.30 -2.27 -32.20
CA PRO S 131 -3.87 -3.30 -33.07
C PRO S 131 -5.36 -3.13 -33.31
N ARG S 132 -6.10 -2.55 -32.37
CA ARG S 132 -7.53 -2.40 -32.55
C ARG S 132 -7.86 -1.42 -33.67
N GLN S 133 -6.98 -0.44 -33.91
CA GLN S 133 -7.23 0.54 -34.95
C GLN S 133 -6.63 0.15 -36.29
N SER S 134 -6.10 -1.05 -36.42
CA SER S 134 -5.27 -1.39 -37.55
C SER S 134 -5.95 -2.38 -38.48
N ASP S 135 -5.38 -2.52 -39.65
CA ASP S 135 -5.87 -3.35 -40.73
C ASP S 135 -4.89 -4.44 -41.08
N VAL S 136 -3.61 -4.11 -41.08
CA VAL S 136 -2.55 -5.00 -41.53
C VAL S 136 -1.40 -4.87 -40.57
N MET S 137 -0.77 -6.01 -40.27
CA MET S 137 0.45 -6.05 -39.50
C MET S 137 1.62 -6.19 -40.45
N ILE S 138 2.63 -5.35 -40.26
CA ILE S 138 3.88 -5.46 -41.06
C ILE S 138 5.02 -5.91 -40.15
N VAL S 139 5.34 -7.21 -40.17
CA VAL S 139 6.46 -7.76 -39.43
C VAL S 139 7.72 -7.37 -40.20
N ALA S 140 8.47 -6.42 -39.66
CA ALA S 140 9.64 -5.87 -40.33
C ALA S 140 10.84 -5.99 -39.39
N GLY S 141 11.64 -7.04 -39.54
CA GLY S 141 12.73 -7.22 -38.57
C GLY S 141 12.90 -8.66 -38.17
N THR S 142 13.99 -8.96 -37.47
CA THR S 142 14.28 -10.37 -37.12
C THR S 142 13.42 -10.75 -35.93
N LEU S 143 12.63 -11.81 -36.09
CA LEU S 143 11.81 -12.31 -35.00
C LEU S 143 12.63 -13.27 -34.16
N THR S 144 12.68 -12.99 -32.86
CA THR S 144 13.40 -13.86 -31.90
C THR S 144 12.40 -14.66 -31.06
N ASN S 145 12.86 -15.71 -30.39
CA ASN S 145 12.00 -16.59 -29.57
C ASN S 145 11.40 -15.76 -28.42
N LYS S 146 12.18 -14.86 -27.81
CA LYS S 146 11.68 -13.95 -26.76
C LYS S 146 10.60 -13.00 -27.29
N MET S 147 10.74 -12.44 -28.51
CA MET S 147 9.74 -11.55 -29.14
C MET S 147 8.49 -12.28 -29.67
N ALA S 148 8.55 -13.56 -30.01
CA ALA S 148 7.42 -14.28 -30.65
C ALA S 148 6.12 -14.35 -29.85
N PRO S 149 6.09 -14.56 -28.52
CA PRO S 149 4.83 -14.56 -27.78
C PRO S 149 4.10 -13.22 -27.93
N ALA S 150 4.83 -12.11 -27.99
CA ALA S 150 4.22 -10.77 -28.13
C ALA S 150 3.80 -10.54 -29.58
N LEU S 151 4.47 -11.16 -30.55
CA LEU S 151 3.93 -11.11 -31.90
C LEU S 151 2.59 -11.80 -32.00
N ARG S 152 2.44 -12.97 -31.38
CA ARG S 152 1.19 -13.71 -31.50
C ARG S 152 0.09 -13.03 -30.71
N GLN S 153 0.44 -12.42 -29.58
CA GLN S 153 -0.52 -11.68 -28.77
C GLN S 153 -1.05 -10.47 -29.51
N VAL S 154 -0.19 -9.76 -30.22
CA VAL S 154 -0.61 -8.56 -30.93
C VAL S 154 -1.46 -8.94 -32.13
N TYR S 155 -1.06 -9.98 -32.86
CA TYR S 155 -1.87 -10.44 -33.98
C TYR S 155 -3.22 -10.95 -33.52
N ASP S 156 -3.27 -11.64 -32.38
CA ASP S 156 -4.51 -12.13 -31.82
C ASP S 156 -5.47 -11.01 -31.45
N GLN S 157 -4.98 -9.78 -31.33
CA GLN S 157 -5.79 -8.63 -30.98
C GLN S 157 -6.25 -7.81 -32.17
N MET S 158 -5.90 -8.20 -33.38
CA MET S 158 -6.28 -7.45 -34.57
C MET S 158 -7.71 -7.80 -34.94
N PRO S 159 -8.63 -6.84 -34.95
CA PRO S 159 -9.99 -7.14 -35.41
C PRO S 159 -9.98 -7.49 -36.88
N ASP S 160 -10.90 -8.36 -37.26
CA ASP S 160 -11.01 -8.77 -38.64
C ASP S 160 -11.58 -7.64 -39.49
N PRO S 161 -11.28 -7.62 -40.79
CA PRO S 161 -10.36 -8.50 -41.52
C PRO S 161 -8.89 -8.22 -41.24
N ARG S 162 -8.06 -9.26 -41.34
CA ARG S 162 -6.66 -9.22 -40.96
C ARG S 162 -5.77 -9.57 -42.13
N TRP S 163 -4.71 -8.80 -42.31
CA TRP S 163 -3.66 -9.11 -43.26
C TRP S 163 -2.31 -8.92 -42.58
N VAL S 164 -1.34 -9.72 -42.99
CA VAL S 164 0.03 -9.63 -42.48
C VAL S 164 0.98 -9.51 -43.65
N ILE S 165 1.90 -8.57 -43.57
CA ILE S 165 3.01 -8.47 -44.50
C ILE S 165 4.29 -8.83 -43.76
N SER S 166 5.03 -9.79 -44.32
CA SER S 166 6.37 -10.13 -43.88
C SER S 166 7.36 -9.35 -44.73
N MET S 167 8.15 -8.51 -44.10
CA MET S 167 9.08 -7.62 -44.79
C MET S 167 10.51 -8.05 -44.49
N GLY S 168 11.29 -8.32 -45.55
CA GLY S 168 12.71 -8.61 -45.35
C GLY S 168 13.05 -10.07 -45.22
N SER S 169 14.32 -10.41 -45.41
CA SER S 169 14.78 -11.82 -45.30
C SER S 169 14.61 -12.36 -43.89
N CYS S 170 14.88 -11.56 -42.86
CA CYS S 170 14.85 -12.07 -41.47
C CYS S 170 13.45 -12.57 -41.12
N ALA S 171 12.41 -11.76 -41.32
CA ALA S 171 11.06 -12.22 -41.06
C ALA S 171 10.61 -13.29 -42.05
N ASN S 172 11.05 -13.23 -43.30
CA ASN S 172 10.58 -14.18 -44.29
C ASN S 172 11.04 -15.59 -43.97
N GLY S 173 12.33 -15.77 -43.74
CA GLY S 173 12.83 -17.11 -43.51
C GLY S 173 13.96 -17.21 -42.52
N GLY S 174 14.19 -16.19 -41.70
CA GLY S 174 15.35 -16.19 -40.77
C GLY S 174 16.53 -15.35 -41.24
N GLY S 175 16.87 -15.39 -42.52
CA GLY S 175 17.96 -14.59 -43.11
C GLY S 175 19.34 -14.90 -42.60
N TYR S 176 20.12 -13.86 -42.28
CA TYR S 176 21.52 -14.02 -41.81
C TYR S 176 21.54 -14.78 -40.49
N TYR S 177 20.46 -14.70 -39.72
CA TYR S 177 20.45 -15.31 -38.37
C TYR S 177 19.62 -16.59 -38.39
N HIS S 178 19.42 -17.16 -39.57
CA HIS S 178 18.60 -18.40 -39.72
C HIS S 178 19.22 -19.55 -38.92
N TYR S 179 20.55 -19.68 -38.91
CA TYR S 179 21.19 -20.82 -38.19
C TYR S 179 21.60 -20.38 -36.78
N SER S 180 20.67 -19.83 -36.00
CA SER S 180 20.94 -19.37 -34.63
C SER S 180 19.95 -19.99 -33.64
N TYR S 181 20.32 -20.05 -32.36
CA TYR S 181 19.49 -20.64 -31.30
C TYR S 181 18.41 -19.67 -30.82
N SER S 182 18.49 -18.40 -31.21
CA SER S 182 17.57 -17.39 -30.65
C SER S 182 16.57 -16.87 -31.68
N VAL S 183 16.66 -17.32 -32.92
CA VAL S 183 15.82 -16.70 -33.99
C VAL S 183 14.74 -17.63 -34.53
N VAL S 184 13.52 -17.13 -34.70
CA VAL S 184 12.43 -17.92 -35.33
C VAL S 184 12.71 -17.89 -36.83
N ARG S 185 12.74 -19.05 -37.48
CA ARG S 185 13.13 -19.12 -38.91
C ARG S 185 11.91 -18.80 -39.77
N GLY S 186 11.51 -17.53 -39.82
CA GLY S 186 10.28 -17.15 -40.54
C GLY S 186 9.18 -16.79 -39.58
N CYS S 187 8.52 -15.65 -39.79
CA CYS S 187 7.41 -15.28 -38.94
C CYS S 187 6.14 -16.08 -39.23
N ASP S 188 6.11 -16.88 -40.28
CA ASP S 188 4.95 -17.71 -40.57
C ASP S 188 4.95 -19.03 -39.82
N ARG S 189 5.96 -19.29 -38.99
CA ARG S 189 5.81 -20.30 -37.96
C ARG S 189 4.98 -19.80 -36.81
N ILE S 190 4.69 -18.51 -36.75
CA ILE S 190 3.91 -17.92 -35.68
C ILE S 190 2.54 -17.47 -36.16
N VAL S 191 2.48 -16.71 -37.25
CA VAL S 191 1.23 -16.14 -37.74
C VAL S 191 1.11 -16.43 -39.23
N PRO S 192 -0.10 -16.33 -39.78
CA PRO S 192 -0.26 -16.42 -41.23
C PRO S 192 0.18 -15.14 -41.92
N VAL S 193 0.77 -15.31 -43.10
CA VAL S 193 1.31 -14.19 -43.88
C VAL S 193 0.61 -14.17 -45.23
N ASP S 194 0.40 -12.97 -45.78
CA ASP S 194 -0.26 -12.78 -47.05
C ASP S 194 0.64 -12.31 -48.17
N VAL S 195 1.66 -11.49 -47.87
CA VAL S 195 2.65 -11.05 -48.84
C VAL S 195 4.02 -11.18 -48.21
N TYR S 196 5.00 -11.61 -48.99
CA TYR S 196 6.39 -11.63 -48.59
C TYR S 196 7.15 -10.64 -49.46
N VAL S 197 7.86 -9.71 -48.84
CA VAL S 197 8.66 -8.72 -49.55
C VAL S 197 10.13 -9.08 -49.40
N PRO S 198 10.85 -9.31 -50.48
CA PRO S 198 12.24 -9.74 -50.37
C PRO S 198 13.24 -8.57 -50.25
N GLY S 199 14.43 -8.90 -49.77
CA GLY S 199 15.50 -7.89 -49.63
C GLY S 199 15.97 -7.74 -48.20
N CYS S 200 17.23 -7.35 -48.02
CA CYS S 200 17.81 -7.09 -46.68
C CYS S 200 18.58 -5.76 -46.72
N PRO S 201 17.93 -4.58 -46.64
CA PRO S 201 16.47 -4.49 -46.55
C PRO S 201 15.77 -4.25 -47.88
N PRO S 202 14.46 -4.54 -48.08
CA PRO S 202 13.82 -4.16 -49.33
C PRO S 202 13.93 -2.65 -49.47
N THR S 203 14.00 -2.18 -50.70
CA THR S 203 13.94 -0.73 -50.83
C THR S 203 12.55 -0.24 -50.46
N SER S 204 12.43 1.05 -50.18
CA SER S 204 11.13 1.62 -49.89
C SER S 204 10.15 1.40 -51.02
N GLU S 205 10.65 1.38 -52.25
CA GLU S 205 9.78 1.09 -53.41
C GLU S 205 9.29 -0.34 -53.29
N ALA S 206 10.18 -1.24 -52.87
CA ALA S 206 9.83 -2.65 -52.76
C ALA S 206 8.73 -2.87 -51.73
N LEU S 207 8.82 -2.24 -50.57
CA LEU S 207 7.73 -2.33 -49.61
C LEU S 207 6.46 -1.68 -50.14
N MET S 208 6.56 -0.57 -50.87
CA MET S 208 5.39 -0.04 -51.56
C MET S 208 4.82 -1.04 -52.54
N TYR S 209 5.67 -1.64 -53.35
CA TYR S 209 5.22 -2.68 -54.30
C TYR S 209 4.46 -3.78 -53.55
N GLY S 210 4.92 -4.19 -52.36
CA GLY S 210 4.23 -5.21 -51.61
C GLY S 210 2.87 -4.78 -51.11
N ILE S 211 2.74 -3.51 -50.75
CA ILE S 211 1.45 -2.97 -50.32
C ILE S 211 0.47 -2.95 -51.49
N PHE S 212 0.96 -2.63 -52.68
CA PHE S 212 0.10 -2.64 -53.87
C PHE S 212 -0.35 -4.05 -54.23
N GLN S 213 0.52 -5.05 -54.03
CA GLN S 213 0.12 -6.44 -54.21
C GLN S 213 -0.98 -6.82 -53.24
N LEU S 214 -0.86 -6.35 -52.00
CA LEU S 214 -1.90 -6.62 -51.01
C LEU S 214 -3.16 -5.83 -51.32
N GLN S 215 -3.02 -4.57 -51.71
CA GLN S 215 -4.18 -3.80 -52.12
C GLN S 215 -4.89 -4.46 -53.30
N ARG S 216 -4.14 -5.11 -54.19
CA ARG S 216 -4.76 -5.84 -55.29
C ARG S 216 -5.44 -7.11 -54.82
N LYS S 217 -4.85 -7.77 -53.82
CA LYS S 217 -5.48 -8.95 -53.23
C LYS S 217 -6.82 -8.61 -52.63
N MET S 218 -6.94 -7.44 -52.01
CA MET S 218 -8.21 -7.00 -51.44
C MET S 218 -9.21 -6.62 -52.54
N ARG S 219 -8.74 -6.00 -53.62
CA ARG S 219 -9.63 -5.68 -54.72
C ARG S 219 -10.23 -6.93 -55.34
N ASN S 220 -9.55 -8.05 -55.21
CA ASN S 220 -10.04 -9.31 -55.70
C ASN S 220 -10.73 -10.12 -54.64
N THR S 221 -10.91 -9.54 -53.46
CA THR S 221 -11.63 -10.22 -52.39
C THR S 221 -13.12 -10.12 -52.68
N LYS S 222 -13.79 -11.26 -52.79
CA LYS S 222 -15.23 -11.32 -52.93
C LYS S 222 -15.81 -11.52 -51.56
N ILE S 223 -16.65 -10.59 -51.12
CA ILE S 223 -17.19 -10.67 -49.77
C ILE S 223 -18.65 -11.10 -49.88
N THR S 224 -19.46 -10.29 -50.54
CA THR S 224 -20.87 -10.59 -50.71
C THR S 224 -21.13 -11.44 -51.93
N ARG S 225 -20.13 -11.71 -52.74
CA ARG S 225 -20.33 -12.59 -53.87
C ARG S 225 -19.95 -14.01 -53.54
N MET S 226 -19.17 -14.20 -52.47
CA MET S 226 -18.90 -15.53 -51.97
C MET S 226 -20.05 -16.04 -51.12
N TRP S 227 -20.61 -15.18 -50.27
CA TRP S 227 -21.76 -15.57 -49.49
C TRP S 227 -22.90 -16.00 -50.38
N TYR S 228 -22.95 -15.48 -51.60
CA TYR S 228 -24.07 -15.82 -52.50
C TYR S 228 -23.92 -17.23 -53.07
N ARG S 229 -22.72 -17.65 -53.50
CA ARG S 229 -22.51 -19.03 -54.00
C ARG S 229 -22.65 -20.04 -52.84
N LYS S 230 -22.30 -19.67 -51.60
CA LYS S 230 -22.58 -20.49 -50.38
C LYS S 230 -21.84 -19.89 -49.18
N ASN T 2 -45.63 18.56 -7.29
CA ASN T 2 -45.74 17.21 -6.76
C ASN T 2 -44.46 16.43 -7.04
N ILE T 3 -43.82 16.76 -8.16
CA ILE T 3 -42.50 16.19 -8.46
C ILE T 3 -41.48 16.61 -7.42
N THR T 4 -41.61 17.81 -6.88
CA THR T 4 -40.63 18.28 -5.89
C THR T 4 -40.69 17.43 -4.64
N LEU T 5 -41.89 17.07 -4.19
CA LEU T 5 -42.02 16.27 -2.98
C LEU T 5 -41.54 14.85 -3.20
N ILE T 6 -41.87 14.25 -4.34
CA ILE T 6 -41.39 12.90 -4.65
C ILE T 6 -39.87 12.86 -4.63
N LEU T 7 -39.23 13.84 -5.26
CA LEU T 7 -37.78 13.82 -5.35
C LEU T 7 -37.16 14.06 -3.98
N PHE T 8 -37.91 14.72 -3.09
CA PHE T 8 -37.50 14.84 -1.70
C PHE T 8 -37.54 13.51 -0.99
N LEU T 9 -38.58 12.71 -1.27
CA LEU T 9 -38.69 11.39 -0.69
C LEU T 9 -37.51 10.51 -1.10
N ILE T 10 -37.12 10.59 -2.38
CA ILE T 10 -36.01 9.80 -2.88
C ILE T 10 -34.76 10.06 -2.05
N GLY T 11 -34.49 11.33 -1.75
CA GLY T 11 -33.35 11.65 -0.90
C GLY T 11 -33.51 11.10 0.51
N ILE T 12 -34.70 11.24 1.09
CA ILE T 12 -35.02 10.62 2.36
C ILE T 12 -34.82 9.11 2.29
N LEU T 13 -35.40 8.47 1.27
CA LEU T 13 -35.32 7.02 1.19
C LEU T 13 -33.90 6.54 0.97
N GLY T 14 -33.04 7.38 0.41
CA GLY T 14 -31.63 7.06 0.37
C GLY T 14 -31.02 6.94 1.75
N PHE T 15 -31.61 7.59 2.74
CA PHE T 15 -31.14 7.46 4.11
C PHE T 15 -31.79 6.28 4.80
N VAL T 16 -32.92 5.82 4.25
CA VAL T 16 -33.64 4.71 4.86
C VAL T 16 -33.00 3.39 4.47
N LEU T 17 -32.45 3.30 3.27
CA LEU T 17 -31.97 2.04 2.74
C LEU T 17 -30.46 1.90 2.82
N ASN T 18 -29.78 2.77 3.54
CA ASN T 18 -28.32 2.83 3.47
C ASN T 18 -27.71 2.39 4.80
N ARG T 19 -27.11 1.21 4.81
CA ARG T 19 -26.34 0.75 5.94
C ARG T 19 -24.84 0.79 5.69
N LYS T 20 -24.40 0.89 4.46
CA LYS T 20 -22.99 0.77 4.14
C LYS T 20 -22.43 1.89 3.29
N ASN T 21 -23.25 2.60 2.51
CA ASN T 21 -22.77 3.60 1.55
C ASN T 21 -22.69 4.96 2.24
N ILE T 22 -21.50 5.36 2.65
CA ILE T 22 -21.37 6.75 3.03
C ILE T 22 -21.33 7.64 1.79
N ILE T 23 -21.18 7.04 0.60
CA ILE T 23 -21.24 7.82 -0.64
C ILE T 23 -22.69 8.13 -1.01
N LEU T 24 -23.57 7.14 -0.94
CA LEU T 24 -25.00 7.45 -1.08
C LEU T 24 -25.52 8.42 -0.02
N MET T 25 -24.96 8.46 1.18
CA MET T 25 -25.35 9.55 2.06
C MET T 25 -24.89 10.91 1.53
N LEU T 26 -23.71 10.95 0.92
CA LEU T 26 -23.31 12.15 0.19
C LEU T 26 -24.26 12.47 -0.95
N ILE T 27 -24.72 11.45 -1.67
CA ILE T 27 -25.54 11.68 -2.84
C ILE T 27 -26.93 12.18 -2.44
N SER T 28 -27.59 11.50 -1.50
CA SER T 28 -29.00 11.81 -1.14
C SER T 28 -29.16 13.23 -0.57
N ILE T 29 -28.14 13.76 0.10
CA ILE T 29 -28.18 15.16 0.60
C ILE T 29 -28.34 16.09 -0.60
N GLU T 30 -27.71 15.74 -1.72
CA GLU T 30 -27.75 16.62 -2.91
C GLU T 30 -29.07 16.39 -3.64
N ILE T 31 -29.63 15.18 -3.60
CA ILE T 31 -30.97 15.01 -4.17
C ILE T 31 -31.98 15.84 -3.39
N MET T 32 -31.84 15.89 -2.06
CA MET T 32 -32.73 16.68 -1.18
C MET T 32 -32.60 18.18 -1.49
N LEU T 33 -31.37 18.65 -1.71
CA LEU T 33 -31.11 20.07 -2.08
C LEU T 33 -31.74 20.37 -3.44
N LEU T 34 -31.78 19.40 -4.37
CA LEU T 34 -32.33 19.63 -5.73
C LEU T 34 -33.84 19.63 -5.61
N SER T 35 -34.37 18.99 -4.58
CA SER T 35 -35.81 19.13 -4.43
C SER T 35 -36.18 20.53 -3.97
N ILE T 36 -35.50 21.00 -2.92
CA ILE T 36 -35.87 22.26 -2.29
C ILE T 36 -35.59 23.42 -3.23
N THR T 37 -34.47 23.39 -3.94
CA THR T 37 -34.22 24.42 -4.94
C THR T 37 -35.27 24.38 -6.04
N PHE T 38 -35.65 23.18 -6.47
CA PHE T 38 -36.63 23.03 -7.53
C PHE T 38 -38.01 23.51 -7.09
N LEU T 39 -38.38 23.27 -5.83
CA LEU T 39 -39.64 23.79 -5.33
C LEU T 39 -39.63 25.31 -5.26
N ILE T 40 -38.56 25.91 -4.78
CA ILE T 40 -38.46 27.37 -4.72
C ILE T 40 -38.64 27.96 -6.11
N LEU T 41 -38.00 27.35 -7.11
CA LEU T 41 -38.03 27.87 -8.47
C LEU T 41 -39.43 27.82 -9.08
N LEU T 42 -40.15 26.72 -8.90
CA LEU T 42 -41.47 26.58 -9.50
C LEU T 42 -42.48 27.50 -8.85
N SER T 43 -42.28 27.83 -7.58
CA SER T 43 -43.18 28.80 -6.92
C SER T 43 -42.81 30.23 -7.32
N SER T 44 -41.54 30.47 -7.61
CA SER T 44 -41.12 31.81 -8.10
C SER T 44 -41.76 32.12 -9.46
N LEU T 45 -41.84 31.15 -10.37
CA LEU T 45 -42.51 31.33 -11.67
C LEU T 45 -43.98 31.66 -11.42
N ASN T 46 -44.59 31.01 -10.45
CA ASN T 46 -46.02 31.25 -10.09
C ASN T 46 -46.25 32.66 -9.56
N MET T 47 -45.29 33.29 -8.88
CA MET T 47 -45.57 34.58 -8.20
C MET T 47 -44.88 35.74 -8.94
N ASP T 48 -44.22 35.47 -10.06
CA ASP T 48 -43.49 36.51 -10.85
C ASP T 48 -42.41 37.18 -9.99
N ASP T 49 -41.70 36.40 -9.19
CA ASP T 49 -40.66 36.96 -8.29
C ASP T 49 -39.27 36.50 -8.72
N ILE T 50 -38.32 37.43 -8.78
CA ILE T 50 -36.92 37.09 -9.16
C ILE T 50 -36.13 36.66 -7.92
N ILE T 51 -36.65 36.92 -6.72
CA ILE T 51 -35.89 36.61 -5.47
C ILE T 51 -35.88 35.10 -5.28
N GLY T 52 -36.93 34.41 -5.74
CA GLY T 52 -36.90 32.97 -5.67
C GLY T 52 -35.84 32.39 -6.58
N GLN T 53 -35.63 33.00 -7.74
CA GLN T 53 -34.57 32.58 -8.63
C GLN T 53 -33.21 32.77 -8.02
N THR T 54 -33.00 33.91 -7.36
CA THR T 54 -31.72 34.23 -6.76
C THR T 54 -31.42 33.31 -5.59
N TYR T 55 -32.42 33.06 -4.77
CA TYR T 55 -32.29 32.15 -3.65
C TYR T 55 -31.93 30.75 -4.11
N ALA T 56 -32.45 30.33 -5.27
CA ALA T 56 -31.99 29.09 -5.88
C ALA T 56 -30.52 29.15 -6.23
N ILE T 57 -30.06 30.28 -6.78
CA ILE T 57 -28.67 30.41 -7.19
C ILE T 57 -27.75 30.22 -6.00
N TYR T 58 -28.07 30.88 -4.89
CA TYR T 58 -27.23 30.78 -3.70
C TYR T 58 -27.34 29.42 -3.04
N ILE T 59 -28.44 28.69 -3.25
CA ILE T 59 -28.50 27.31 -2.77
C ILE T 59 -27.57 26.43 -3.60
N ILE T 60 -27.55 26.65 -4.92
CA ILE T 60 -26.66 25.92 -5.79
C ILE T 60 -25.21 26.22 -5.44
N VAL T 61 -24.90 27.41 -4.95
CA VAL T 61 -23.46 27.74 -4.74
C VAL T 61 -23.03 27.10 -3.42
N VAL T 62 -23.88 27.17 -2.39
CA VAL T 62 -23.62 26.50 -1.10
C VAL T 62 -23.61 24.98 -1.30
N ALA T 63 -24.46 24.46 -2.18
CA ALA T 63 -24.49 23.01 -2.44
C ALA T 63 -23.16 22.52 -3.02
N GLY T 64 -22.59 23.24 -3.98
CA GLY T 64 -21.28 22.86 -4.53
C GLY T 64 -20.21 22.94 -3.47
N ALA T 65 -20.23 23.97 -2.64
CA ALA T 65 -19.24 24.14 -1.57
C ALA T 65 -19.36 22.99 -0.57
N GLU T 66 -20.57 22.50 -0.26
CA GLU T 66 -20.60 21.33 0.66
C GLU T 66 -19.99 20.12 -0.03
N SER T 67 -20.18 19.98 -1.34
CA SER T 67 -19.52 18.86 -2.04
C SER T 67 -17.99 18.94 -1.94
N ALA T 68 -17.40 20.13 -2.07
CA ALA T 68 -15.94 20.28 -1.94
C ALA T 68 -15.50 19.93 -0.53
N ILE T 69 -16.20 20.45 0.47
CA ILE T 69 -15.84 20.18 1.88
C ILE T 69 -16.09 18.69 2.17
N GLY T 70 -17.19 18.15 1.66
CA GLY T 70 -17.57 16.75 1.87
C GLY T 70 -16.65 15.73 1.22
N LEU T 71 -16.23 16.03 -0.01
CA LEU T 71 -15.31 15.11 -0.73
C LEU T 71 -13.90 15.37 -0.21
N GLY T 72 -13.60 16.59 0.24
CA GLY T 72 -12.30 16.81 0.85
C GLY T 72 -12.11 16.06 2.15
N ILE T 73 -13.14 16.08 3.01
CA ILE T 73 -13.07 15.36 4.27
C ILE T 73 -13.07 13.87 4.04
N LEU T 74 -13.84 13.41 3.06
CA LEU T 74 -13.84 11.99 2.73
C LEU T 74 -12.49 11.54 2.18
N VAL T 75 -11.74 12.44 1.55
CA VAL T 75 -10.39 12.09 1.12
C VAL T 75 -9.48 11.95 2.32
N ALA T 76 -9.55 12.90 3.25
CA ALA T 76 -8.72 12.86 4.48
C ALA T 76 -8.97 11.57 5.25
N PHE T 77 -10.22 11.14 5.33
CA PHE T 77 -10.60 9.88 6.02
C PHE T 77 -10.00 8.68 5.28
N TYR T 78 -10.19 8.60 3.96
CA TYR T 78 -9.71 7.45 3.14
C TYR T 78 -8.19 7.30 3.23
N ARG T 79 -7.43 8.39 3.31
CA ARG T 79 -5.95 8.33 3.33
C ARG T 79 -5.49 7.47 4.50
N LEU T 80 -6.12 7.61 5.66
CA LEU T 80 -5.73 6.83 6.87
C LEU T 80 -6.53 5.53 7.00
N ARG T 81 -7.66 5.42 6.23
CA ARG T 81 -8.53 4.23 6.43
C ARG T 81 -8.25 3.20 5.33
N GLY T 82 -8.25 3.60 4.09
CA GLY T 82 -8.09 2.67 2.94
C GLY T 82 -9.39 2.02 2.56
N SER T 83 -10.49 2.51 3.13
CA SER T 83 -11.82 1.92 2.86
C SER T 83 -12.90 2.94 3.26
N ILE T 84 -13.96 3.04 2.46
CA ILE T 84 -15.10 3.92 2.82
C ILE T 84 -16.17 3.02 3.44
N ALA T 85 -15.87 1.73 3.60
CA ALA T 85 -16.90 0.77 4.05
C ALA T 85 -17.25 0.90 5.53
N ILE T 86 -18.47 0.51 5.91
CA ILE T 86 -18.89 0.51 7.34
C ILE T 86 -19.03 -0.96 7.74
N GLU T 87 -18.16 -1.45 8.63
CA GLU T 87 -18.31 -2.85 9.11
C GLU T 87 -19.66 -2.95 9.82
N TYR T 88 -20.42 -4.02 9.55
CA TYR T 88 -21.79 -4.14 10.13
C TYR T 88 -22.15 -5.62 10.32
N THR U 51 -0.70 -31.78 -64.79
CA THR U 51 0.49 -32.20 -65.50
C THR U 51 0.16 -33.09 -66.69
N GLY U 52 1.17 -33.42 -67.48
CA GLY U 52 1.00 -34.33 -68.61
C GLY U 52 0.35 -33.76 -69.85
N ARG U 53 -0.82 -33.15 -69.71
CA ARG U 53 -1.52 -32.61 -70.89
C ARG U 53 -0.74 -31.52 -71.60
N PRO U 54 -0.25 -30.47 -70.93
CA PRO U 54 0.51 -29.45 -71.65
C PRO U 54 1.85 -29.98 -72.10
N ALA U 55 2.35 -29.43 -73.21
CA ALA U 55 3.64 -29.82 -73.72
C ALA U 55 4.79 -29.25 -72.90
N SER U 56 4.59 -28.08 -72.29
CA SER U 56 5.64 -27.48 -71.49
C SER U 56 5.94 -28.30 -70.24
N ALA U 57 4.92 -28.94 -69.68
CA ALA U 57 5.11 -29.82 -68.53
C ALA U 57 5.80 -31.13 -68.89
N VAL U 58 5.98 -31.43 -70.16
CA VAL U 58 6.45 -32.74 -70.61
C VAL U 58 7.84 -32.65 -71.23
N MET U 59 8.16 -31.55 -71.88
CA MET U 59 9.38 -31.44 -72.65
C MET U 59 10.40 -30.66 -71.80
N GLN U 60 11.62 -31.21 -71.68
CA GLN U 60 12.53 -30.74 -70.64
C GLN U 60 12.91 -29.27 -70.82
N ALA U 61 13.14 -28.87 -72.05
CA ALA U 61 13.34 -27.47 -72.42
C ALA U 61 12.51 -27.20 -73.66
N PRO U 62 12.22 -25.92 -74.02
CA PRO U 62 11.55 -25.60 -75.28
C PRO U 62 12.32 -26.16 -76.48
N ASN U 63 13.63 -25.93 -76.57
CA ASN U 63 14.49 -26.51 -77.65
C ASN U 63 14.71 -28.03 -77.51
N ARG U 64 14.85 -28.56 -76.30
CA ARG U 64 15.23 -30.01 -76.14
C ARG U 64 14.18 -30.85 -75.38
N ALA U 65 13.99 -32.12 -75.75
CA ALA U 65 12.98 -32.96 -75.11
C ALA U 65 13.52 -33.86 -74.01
N GLU U 66 14.81 -34.13 -74.00
CA GLU U 66 15.41 -35.08 -73.08
C GLU U 66 16.39 -34.41 -72.15
N VAL U 67 16.67 -35.09 -71.04
CA VAL U 67 17.68 -34.62 -70.08
C VAL U 67 19.05 -34.62 -70.73
N TRP U 68 19.94 -33.79 -70.20
CA TRP U 68 21.31 -33.75 -70.69
C TRP U 68 22.34 -34.06 -69.62
N SER U 69 21.93 -34.57 -68.47
CA SER U 69 22.86 -35.13 -67.50
C SER U 69 22.16 -36.27 -66.78
N ARG U 70 22.96 -37.16 -66.19
CA ARG U 70 22.39 -38.37 -65.60
C ARG U 70 21.66 -38.08 -64.30
N SER U 71 22.00 -37.01 -63.61
CA SER U 71 21.32 -36.68 -62.36
C SER U 71 20.33 -35.56 -62.51
N GLN U 72 19.93 -35.23 -63.73
CA GLN U 72 18.88 -34.25 -63.95
C GLN U 72 17.53 -34.93 -63.87
N ARG U 73 16.63 -34.32 -63.13
CA ARG U 73 15.26 -34.75 -62.97
C ARG U 73 14.45 -34.37 -64.20
N PRO U 74 13.73 -35.31 -64.83
CA PRO U 74 12.79 -34.91 -65.89
C PRO U 74 11.69 -34.01 -65.36
N ARG U 75 11.27 -33.07 -66.21
CA ARG U 75 10.18 -32.17 -65.82
C ARG U 75 8.88 -32.94 -65.62
N SER U 76 8.72 -34.06 -66.30
CA SER U 76 7.54 -34.88 -66.11
C SER U 76 7.46 -35.38 -64.67
N GLU U 77 8.59 -35.71 -64.07
CA GLU U 77 8.57 -36.22 -62.71
C GLU U 77 8.72 -35.11 -61.69
N ALA U 78 9.33 -33.99 -62.08
CA ALA U 78 9.49 -32.86 -61.18
C ALA U 78 8.20 -32.11 -61.00
N MET U 79 7.35 -32.09 -62.03
CA MET U 79 6.11 -31.34 -62.04
C MET U 79 4.91 -32.28 -62.01
N ALA U 80 5.06 -33.43 -61.37
CA ALA U 80 3.94 -34.26 -60.97
C ALA U 80 3.64 -33.99 -59.49
N GLY U 81 2.46 -34.37 -59.06
CA GLY U 81 2.12 -34.23 -57.67
C GLY U 81 1.09 -33.14 -57.37
N PRO U 82 0.75 -33.00 -56.10
CA PRO U 82 -0.35 -32.09 -55.75
C PRO U 82 -0.03 -30.61 -55.96
N ARG U 83 1.22 -30.19 -55.76
CA ARG U 83 1.51 -28.76 -55.85
C ARG U 83 1.30 -28.21 -57.25
N PHE U 84 1.31 -29.07 -58.27
CA PHE U 84 1.22 -28.61 -59.66
C PHE U 84 -0.18 -28.80 -60.23
N GLU U 85 -1.17 -28.99 -59.37
CA GLU U 85 -2.58 -28.96 -59.72
C GLU U 85 -3.06 -27.52 -59.63
N GLN U 86 -4.08 -27.20 -60.43
CA GLN U 86 -4.64 -25.86 -60.46
C GLN U 86 -3.56 -24.84 -60.81
N THR U 87 -2.81 -25.17 -61.86
CA THR U 87 -1.57 -24.51 -62.19
C THR U 87 -1.51 -24.25 -63.69
N ASP U 88 -0.90 -23.13 -64.05
CA ASP U 88 -0.57 -22.81 -65.43
C ASP U 88 0.87 -23.25 -65.70
N PHE U 89 1.04 -24.23 -66.58
CA PHE U 89 2.35 -24.74 -66.92
C PHE U 89 3.03 -23.93 -68.01
N ASP U 90 2.30 -23.08 -68.70
CA ASP U 90 2.91 -22.21 -69.68
C ASP U 90 3.45 -20.95 -69.04
N ALA U 91 3.17 -20.79 -67.75
CA ALA U 91 3.66 -19.63 -67.00
C ALA U 91 4.93 -20.05 -66.27
N GLN U 92 5.16 -21.35 -66.24
CA GLN U 92 6.30 -21.88 -65.45
C GLN U 92 7.61 -21.49 -66.11
N PRO U 93 8.67 -21.15 -65.33
CA PRO U 93 9.98 -20.85 -65.92
C PRO U 93 10.54 -22.08 -66.65
N ARG U 94 10.78 -21.90 -67.95
CA ARG U 94 11.33 -22.95 -68.86
C ARG U 94 12.36 -22.32 -69.79
N PRO U 95 13.61 -22.08 -69.33
CA PRO U 95 14.65 -21.55 -70.20
C PRO U 95 15.08 -22.48 -71.34
N TRP U 96 15.58 -21.93 -72.45
CA TRP U 96 16.16 -22.76 -73.54
C TRP U 96 17.41 -23.46 -73.07
N ALA U 97 17.60 -24.71 -73.47
CA ALA U 97 18.76 -25.50 -73.05
C ALA U 97 20.02 -24.96 -73.71
N ALA U 98 21.05 -24.69 -72.92
CA ALA U 98 22.34 -24.20 -73.46
C ALA U 98 23.03 -25.24 -74.33
N ILE U 99 22.94 -26.53 -74.01
CA ILE U 99 23.70 -27.59 -74.76
C ILE U 99 23.32 -27.60 -76.24
N GLU U 100 22.02 -27.49 -76.55
CA GLU U 100 21.59 -27.41 -77.97
C GLU U 100 22.17 -26.16 -78.66
N LEU U 101 22.14 -25.00 -78.00
CA LEU U 101 22.62 -23.72 -78.60
C LEU U 101 24.12 -23.75 -78.88
N ILE U 102 24.91 -24.31 -77.96
CA ILE U 102 26.40 -24.34 -78.12
C ILE U 102 26.79 -25.20 -79.32
N HIS U 103 26.04 -26.25 -79.62
CA HIS U 103 26.42 -27.18 -80.71
C HIS U 103 25.88 -26.65 -82.04
N LYS U 104 25.21 -25.50 -82.03
CA LYS U 104 24.77 -24.86 -83.29
C LYS U 104 25.87 -23.87 -83.69
N GLN U 105 26.95 -23.85 -82.92
CA GLN U 105 28.02 -22.86 -83.15
C GLN U 105 29.00 -23.32 -84.25
N PRO U 106 29.33 -22.49 -85.28
CA PRO U 106 30.31 -22.90 -86.28
C PRO U 106 31.72 -22.92 -85.71
N VAL U 107 32.55 -23.73 -86.33
CA VAL U 107 33.92 -23.93 -85.86
C VAL U 107 34.78 -22.73 -86.23
N ARG U 108 35.66 -22.31 -85.33
CA ARG U 108 36.71 -21.37 -85.68
C ARG U 108 37.87 -22.14 -86.29
N TRP U 109 38.09 -21.97 -87.58
CA TRP U 109 39.27 -22.57 -88.21
C TRP U 109 40.49 -21.71 -87.97
N THR U 110 41.60 -22.37 -87.70
CA THR U 110 42.82 -21.67 -87.30
C THR U 110 44.03 -22.40 -87.84
N HIS U 111 45.07 -21.62 -88.14
CA HIS U 111 46.32 -22.14 -88.63
C HIS U 111 47.33 -22.42 -87.53
N ASP U 112 46.94 -22.23 -86.28
CA ASP U 112 47.87 -22.28 -85.17
C ASP U 112 47.63 -23.52 -84.32
N ARG U 113 48.70 -23.96 -83.65
CA ARG U 113 48.57 -25.09 -82.75
C ARG U 113 47.83 -24.71 -81.48
N ILE U 114 48.13 -23.54 -80.93
CA ILE U 114 47.52 -23.07 -79.71
C ILE U 114 46.73 -21.81 -80.02
N VAL U 115 45.48 -21.79 -79.61
CA VAL U 115 44.57 -20.68 -79.81
C VAL U 115 44.12 -20.20 -78.44
N ALA U 116 43.82 -18.90 -78.33
CA ALA U 116 43.45 -18.32 -77.02
C ALA U 116 41.95 -18.00 -76.98
N CYS U 117 41.25 -18.46 -75.93
CA CYS U 117 39.81 -18.09 -75.78
C CYS U 117 39.62 -17.35 -74.46
N ASP U 118 39.00 -16.17 -74.50
CA ASP U 118 38.70 -15.38 -73.28
C ASP U 118 37.18 -15.28 -73.11
N GLY U 119 36.40 -15.98 -73.94
CA GLY U 119 34.93 -15.94 -73.87
C GLY U 119 34.33 -14.93 -74.83
N GLY U 120 35.16 -14.07 -75.44
CA GLY U 120 34.66 -13.15 -76.47
C GLY U 120 34.19 -11.79 -75.97
N GLY U 121 34.40 -11.43 -74.71
CA GLY U 121 34.02 -10.08 -74.33
C GLY U 121 35.06 -9.26 -73.59
N GLY U 122 36.34 -9.53 -73.84
CA GLY U 122 37.40 -8.89 -73.10
C GLY U 122 37.33 -9.28 -71.64
N PRO U 123 37.33 -8.29 -70.74
CA PRO U 123 37.11 -8.56 -69.32
C PRO U 123 35.70 -9.01 -68.99
N HIS U 124 34.83 -9.16 -69.98
CA HIS U 124 33.47 -9.65 -69.77
C HIS U 124 33.31 -11.11 -70.14
N GLY U 125 34.41 -11.83 -70.30
CA GLY U 125 34.35 -13.25 -70.64
C GLY U 125 34.73 -14.14 -69.48
N HIS U 126 35.59 -15.11 -69.73
CA HIS U 126 36.08 -16.04 -68.66
C HIS U 126 37.59 -15.86 -68.55
N PRO U 127 38.30 -16.48 -67.58
CA PRO U 127 39.75 -16.37 -67.52
C PRO U 127 40.39 -16.88 -68.82
N LYS U 128 41.34 -16.13 -69.40
CA LYS U 128 41.91 -16.51 -70.69
C LYS U 128 42.69 -17.80 -70.57
N ILE U 129 42.39 -18.75 -71.44
CA ILE U 129 43.03 -20.05 -71.46
C ILE U 129 43.52 -20.33 -72.87
N TYR U 130 44.23 -21.43 -73.03
CA TYR U 130 44.85 -21.81 -74.28
C TYR U 130 44.43 -23.23 -74.65
N ILE U 131 44.01 -23.40 -75.91
CA ILE U 131 43.50 -24.66 -76.42
C ILE U 131 44.45 -25.16 -77.49
N ASN U 132 44.82 -26.43 -77.40
CA ASN U 132 45.69 -27.09 -78.36
C ASN U 132 44.83 -27.83 -79.38
N THR U 133 45.10 -27.61 -80.65
CA THR U 133 44.30 -28.18 -81.72
C THR U 133 45.23 -29.03 -82.57
N ASP U 134 45.67 -30.16 -82.03
CA ASP U 134 46.59 -31.00 -82.76
C ASP U 134 46.01 -32.38 -82.97
N LYS U 135 44.98 -32.73 -82.22
CA LYS U 135 44.26 -33.93 -82.52
C LYS U 135 43.34 -33.70 -83.71
N PRO U 136 43.12 -34.72 -84.53
CA PRO U 136 42.18 -34.57 -85.65
C PRO U 136 40.74 -34.61 -85.18
N GLU U 137 40.39 -33.70 -84.27
CA GLU U 137 39.05 -33.57 -83.75
C GLU U 137 38.75 -32.09 -83.63
N ILE U 138 37.60 -31.76 -83.08
CA ILE U 138 37.28 -30.38 -82.75
C ILE U 138 37.59 -30.17 -81.27
N ALA U 139 38.43 -29.18 -80.99
CA ALA U 139 38.77 -28.80 -79.62
C ALA U 139 37.81 -27.72 -79.12
N THR U 140 37.37 -27.86 -77.87
CA THR U 140 36.35 -26.93 -77.32
C THR U 140 36.84 -26.24 -76.04
N CYS U 141 36.57 -24.94 -75.91
CA CYS U 141 36.99 -24.19 -74.70
C CYS U 141 36.29 -24.80 -73.48
N ASN U 142 37.05 -25.06 -72.41
CA ASN U 142 36.47 -25.72 -71.21
C ASN U 142 35.44 -24.79 -70.55
N TYR U 143 35.73 -23.51 -70.47
CA TYR U 143 34.79 -22.53 -69.88
C TYR U 143 33.53 -22.24 -70.71
N CYS U 144 33.66 -22.00 -72.02
CA CYS U 144 32.47 -21.54 -72.80
C CYS U 144 31.94 -22.54 -73.82
N GLY U 145 32.76 -23.50 -74.26
CA GLY U 145 32.25 -24.54 -75.18
C GLY U 145 32.44 -24.24 -76.64
N LEU U 146 32.99 -23.06 -76.99
CA LEU U 146 33.10 -22.72 -78.41
C LEU U 146 34.04 -23.67 -79.12
N PRO U 147 33.78 -23.95 -80.40
CA PRO U 147 34.61 -24.92 -81.13
C PRO U 147 35.79 -24.30 -81.86
N PHE U 148 36.91 -25.02 -81.82
CA PHE U 148 38.13 -24.66 -82.52
C PHE U 148 38.64 -25.90 -83.23
N ALA U 149 39.24 -25.71 -84.40
CA ALA U 149 39.79 -26.83 -85.13
C ALA U 149 40.90 -26.32 -86.03
N ASN U 150 41.98 -27.09 -86.11
CA ASN U 150 43.09 -26.70 -86.95
C ASN U 150 42.74 -26.93 -88.40
N GLU U 151 43.23 -26.04 -89.26
CA GLU U 151 42.98 -26.15 -90.69
C GLU U 151 43.55 -27.43 -91.29
N HIS U 152 44.50 -28.07 -90.61
CA HIS U 152 45.08 -29.31 -91.12
C HIS U 152 44.10 -30.47 -91.07
N HIS U 153 43.09 -30.42 -90.19
CA HIS U 153 42.15 -31.52 -90.06
C HIS U 153 40.85 -31.25 -90.77
N ARG U 154 40.80 -30.23 -91.62
CA ARG U 154 39.57 -29.92 -92.34
C ARG U 154 39.18 -31.05 -93.28
N LYS U 155 40.16 -31.63 -93.97
CA LYS U 155 39.85 -32.75 -94.87
C LYS U 155 39.23 -33.91 -94.10
N TYR U 156 39.86 -34.30 -92.99
CA TYR U 156 39.35 -35.41 -92.21
C TYR U 156 38.00 -35.06 -91.58
N LEU U 157 37.88 -33.84 -91.05
CA LEU U 157 36.66 -33.47 -90.35
C LEU U 157 35.49 -33.38 -91.31
N GLU U 158 35.73 -32.90 -92.53
CA GLU U 158 34.67 -32.80 -93.52
C GLU U 158 34.23 -34.17 -94.03
N SER U 159 35.00 -35.21 -93.78
CA SER U 159 34.66 -36.56 -94.21
C SER U 159 33.89 -37.34 -93.18
N LEU U 160 33.74 -36.83 -91.96
CA LEU U 160 32.99 -37.58 -90.97
C LEU U 160 31.49 -37.46 -91.23
N PRO U 161 30.73 -38.50 -90.94
CA PRO U 161 29.27 -38.42 -91.19
C PRO U 161 28.55 -37.51 -90.22
N GLN U 162 28.84 -37.60 -88.92
CA GLN U 162 28.19 -36.79 -87.91
C GLN U 162 29.24 -36.10 -87.06
N THR U 163 29.03 -34.82 -86.80
CA THR U 163 30.04 -33.99 -86.16
C THR U 163 29.40 -33.17 -85.05
N SER U 164 30.16 -32.97 -83.98
CA SER U 164 29.62 -32.32 -82.79
C SER U 164 29.41 -30.82 -82.97
N TYR U 165 29.90 -30.24 -84.06
CA TYR U 165 29.66 -28.84 -84.31
C TYR U 165 29.41 -28.66 -85.81
N PRO U 166 28.68 -27.61 -86.19
CA PRO U 166 28.33 -27.41 -87.60
C PRO U 166 29.47 -27.51 -88.57
N LEU U 167 30.66 -27.07 -88.19
CA LEU U 167 31.88 -27.25 -88.96
C LEU U 167 31.94 -26.33 -90.16
N ASN U 168 30.92 -25.50 -90.37
CA ASN U 168 30.91 -24.46 -91.41
C ASN U 168 30.06 -23.28 -90.98
N LYS V 61 -6.56 -26.14 21.74
CA LYS V 61 -5.44 -27.06 21.60
C LYS V 61 -5.87 -28.42 21.08
N VAL V 62 -7.12 -28.80 21.36
CA VAL V 62 -7.63 -30.06 20.84
C VAL V 62 -7.88 -29.96 19.34
N GLU V 63 -8.30 -28.78 18.87
CA GLU V 63 -8.56 -28.61 17.45
C GLU V 63 -7.27 -28.58 16.64
N VAL V 64 -6.22 -27.93 17.17
CA VAL V 64 -4.98 -27.80 16.41
C VAL V 64 -4.34 -29.16 16.23
N TYR V 65 -4.66 -30.12 17.10
CA TYR V 65 -4.25 -31.49 16.86
C TYR V 65 -5.17 -32.16 15.85
N GLU V 66 -6.48 -31.94 15.99
CA GLU V 66 -7.45 -32.66 15.16
C GLU V 66 -7.26 -32.32 13.68
N ARG V 67 -7.04 -31.04 13.38
CA ARG V 67 -6.84 -30.66 11.99
C ARG V 67 -5.49 -31.13 11.47
N ILE V 68 -4.44 -31.03 12.28
CA ILE V 68 -3.15 -31.59 11.88
C ILE V 68 -3.25 -33.10 11.74
N LYS V 69 -3.88 -33.77 12.70
CA LYS V 69 -3.87 -35.23 12.70
C LYS V 69 -4.47 -35.80 11.42
N SER V 70 -5.65 -35.30 11.03
CA SER V 70 -6.26 -35.78 9.79
C SER V 70 -5.41 -35.43 8.57
N LEU V 71 -4.62 -34.36 8.67
CA LEU V 71 -3.82 -33.92 7.53
C LEU V 71 -2.73 -34.94 7.21
N LEU V 72 -1.97 -35.37 8.23
CA LEU V 72 -0.97 -36.41 8.03
C LEU V 72 -1.59 -37.75 7.68
N ALA V 73 -2.88 -37.94 7.99
CA ALA V 73 -3.54 -39.19 7.61
C ALA V 73 -3.58 -39.35 6.10
N GLY V 74 -3.90 -38.28 5.38
CA GLY V 74 -3.89 -38.31 3.93
C GLY V 74 -2.53 -38.16 3.29
N PHE V 75 -1.51 -37.86 4.08
CA PHE V 75 -0.18 -37.67 3.54
C PHE V 75 0.43 -39.02 3.21
N ASP V 76 0.84 -39.20 1.95
CA ASP V 76 1.24 -40.52 1.49
C ASP V 76 2.59 -40.94 2.04
N LYS V 77 3.53 -40.01 2.12
CA LYS V 77 4.89 -40.37 2.50
C LYS V 77 4.99 -40.83 3.96
N VAL V 78 3.94 -40.63 4.76
CA VAL V 78 3.89 -41.23 6.07
C VAL V 78 3.95 -42.75 5.92
N ASN V 79 4.83 -43.40 6.69
CA ASN V 79 5.05 -44.83 6.52
C ASN V 79 3.78 -45.62 6.80
N ASP V 80 3.07 -45.27 7.87
CA ASP V 80 1.83 -45.96 8.22
C ASP V 80 1.03 -45.11 9.19
N PRO V 81 -0.26 -44.92 8.96
CA PRO V 81 -1.10 -44.24 9.96
C PRO V 81 -1.11 -44.97 11.29
N ASN V 82 -1.73 -44.35 12.30
CA ASN V 82 -1.81 -44.81 13.69
C ASN V 82 -0.49 -44.70 14.42
N ASN V 83 0.58 -44.26 13.76
CA ASN V 83 1.83 -43.93 14.45
C ASN V 83 1.86 -42.48 14.90
N ILE V 84 0.78 -41.74 14.67
CA ILE V 84 0.74 -40.32 14.98
C ILE V 84 0.35 -40.14 16.45
N THR V 85 1.28 -39.65 17.25
CA THR V 85 1.04 -39.37 18.65
C THR V 85 1.25 -37.88 18.91
N GLU V 86 1.07 -37.48 20.16
CA GLU V 86 1.27 -36.10 20.53
C GLU V 86 2.72 -35.66 20.38
N THR V 87 3.66 -36.60 20.39
CA THR V 87 5.09 -36.29 20.37
C THR V 87 5.79 -36.95 19.18
N ALA V 88 5.04 -37.26 18.13
CA ALA V 88 5.59 -38.03 17.02
C ALA V 88 6.65 -37.23 16.28
N HIS V 89 7.81 -37.84 16.07
CA HIS V 89 8.91 -37.20 15.38
C HIS V 89 8.83 -37.48 13.88
N PHE V 90 9.06 -36.44 13.08
CA PHE V 90 8.86 -36.56 11.64
C PHE V 90 9.80 -37.57 11.02
N ALA V 91 11.06 -37.59 11.47
CA ALA V 91 12.03 -38.50 10.89
C ALA V 91 12.01 -39.86 11.59
N ASN V 92 12.17 -39.86 12.91
CA ASN V 92 12.32 -41.12 13.64
C ASN V 92 11.03 -41.93 13.63
N ASP V 93 9.90 -41.29 13.91
CA ASP V 93 8.65 -42.03 14.08
C ASP V 93 7.97 -42.29 12.75
N LEU V 94 7.65 -41.23 12.01
CA LEU V 94 6.89 -41.35 10.78
C LEU V 94 7.73 -41.75 9.58
N GLY V 95 9.05 -41.72 9.69
CA GLY V 95 9.91 -42.03 8.57
C GLY V 95 9.81 -41.06 7.41
N LEU V 96 9.53 -39.79 7.70
CA LEU V 96 9.48 -38.76 6.67
C LEU V 96 10.87 -38.22 6.41
N ASP V 97 11.16 -37.86 5.16
CA ASP V 97 12.53 -37.43 4.78
C ASP V 97 12.74 -35.92 5.00
N SER V 98 13.93 -35.42 4.67
CA SER V 98 14.26 -33.98 4.86
C SER V 98 13.35 -33.13 3.97
N LEU V 99 13.09 -33.59 2.74
CA LEU V 99 12.19 -32.87 1.87
C LEU V 99 10.74 -33.27 2.06
N ASP V 100 10.48 -34.39 2.75
CA ASP V 100 9.10 -34.69 3.13
C ASP V 100 8.67 -33.84 4.30
N THR V 101 9.62 -33.36 5.10
CA THR V 101 9.27 -32.46 6.20
C THR V 101 8.67 -31.17 5.66
N VAL V 102 9.36 -30.53 4.72
CA VAL V 102 8.91 -29.25 4.18
C VAL V 102 7.52 -29.40 3.59
N GLU V 103 7.29 -30.50 2.87
CA GLU V 103 5.97 -30.74 2.29
C GLU V 103 4.92 -30.84 3.38
N VAL V 104 5.24 -31.52 4.49
CA VAL V 104 4.28 -31.66 5.58
C VAL V 104 4.00 -30.30 6.21
N VAL V 105 5.06 -29.57 6.58
CA VAL V 105 4.87 -28.31 7.28
C VAL V 105 4.13 -27.32 6.40
N MET V 106 4.33 -27.40 5.08
CA MET V 106 3.57 -26.55 4.18
C MET V 106 2.08 -26.86 4.29
N ALA V 107 1.72 -28.15 4.30
CA ALA V 107 0.35 -28.53 4.60
C ALA V 107 -0.05 -28.08 6.00
N ILE V 108 0.84 -28.26 6.97
CA ILE V 108 0.66 -27.64 8.27
C ILE V 108 0.46 -26.14 8.12
N GLU V 109 1.26 -25.51 7.27
CA GLU V 109 1.19 -24.06 7.14
C GLU V 109 -0.13 -23.62 6.51
N GLU V 110 -0.48 -24.20 5.37
CA GLU V 110 -1.61 -23.71 4.60
C GLU V 110 -2.93 -23.99 5.31
N GLU V 111 -3.04 -25.15 5.96
CA GLU V 111 -4.32 -25.53 6.55
C GLU V 111 -4.78 -24.53 7.60
N PHE V 112 -3.82 -23.90 8.29
CA PHE V 112 -4.11 -22.90 9.29
C PHE V 112 -3.91 -21.48 8.77
N SER V 113 -3.66 -21.33 7.48
CA SER V 113 -3.60 -20.01 6.83
C SER V 113 -2.58 -19.09 7.48
N ILE V 114 -1.35 -19.58 7.67
CA ILE V 114 -0.26 -18.79 8.20
C ILE V 114 1.02 -19.18 7.49
N GLU V 115 1.94 -18.22 7.36
CA GLU V 115 3.20 -18.45 6.66
C GLU V 115 4.31 -18.69 7.69
N ILE V 116 4.89 -19.87 7.64
CA ILE V 116 6.01 -20.25 8.49
C ILE V 116 7.30 -19.64 7.96
N PRO V 117 8.03 -18.89 8.77
CA PRO V 117 9.35 -18.41 8.34
C PRO V 117 10.38 -19.54 8.36
N ASP V 118 11.47 -19.30 7.64
CA ASP V 118 12.54 -20.29 7.61
C ASP V 118 13.18 -20.46 8.98
N LYS V 119 13.42 -19.36 9.68
CA LYS V 119 14.03 -19.45 11.01
C LYS V 119 13.17 -20.28 11.95
N ASP V 120 11.86 -20.31 11.69
CA ASP V 120 10.97 -21.11 12.53
C ASP V 120 10.69 -22.48 11.92
N ALA V 121 10.63 -22.58 10.58
CA ALA V 121 10.28 -23.86 9.96
C ALA V 121 11.36 -24.90 10.17
N ASP V 122 12.63 -24.49 10.21
CA ASP V 122 13.70 -25.44 10.48
C ASP V 122 13.57 -26.03 11.87
N GLN V 123 12.78 -25.39 12.74
CA GLN V 123 12.57 -25.91 14.08
C GLN V 123 11.45 -26.95 14.13
N ILE V 124 10.59 -26.99 13.11
CA ILE V 124 9.42 -27.88 13.13
C ILE V 124 9.89 -29.26 12.71
N HIS V 125 10.42 -30.04 13.64
CA HIS V 125 10.80 -31.41 13.35
C HIS V 125 9.91 -32.44 14.03
N SER V 126 9.15 -32.06 15.05
CA SER V 126 8.23 -32.96 15.73
C SER V 126 6.86 -32.30 15.79
N VAL V 127 5.84 -33.13 15.95
CA VAL V 127 4.46 -32.63 15.95
C VAL V 127 4.27 -31.64 17.09
N ASP V 128 4.80 -31.96 18.27
CA ASP V 128 4.61 -31.07 19.43
C ASP V 128 5.21 -29.70 19.17
N LYS V 129 6.36 -29.65 18.50
CA LYS V 129 6.93 -28.36 18.12
C LYS V 129 6.01 -27.61 17.16
N ALA V 130 5.38 -28.35 16.24
CA ALA V 130 4.44 -27.72 15.33
C ALA V 130 3.27 -27.13 16.09
N ILE V 131 2.77 -27.86 17.10
CA ILE V 131 1.66 -27.37 17.90
C ILE V 131 2.05 -26.08 18.61
N GLU V 132 3.22 -26.06 19.24
CA GLU V 132 3.54 -24.89 20.05
C GLU V 132 3.81 -23.67 19.19
N TYR V 133 4.14 -23.85 17.91
CA TYR V 133 4.28 -22.68 17.06
C TYR V 133 2.91 -22.13 16.64
N ILE V 134 1.96 -23.01 16.32
CA ILE V 134 0.67 -22.52 15.84
C ILE V 134 -0.12 -21.83 16.95
N LEU V 135 0.02 -22.30 18.20
CA LEU V 135 -0.65 -21.62 19.30
C LEU V 135 -0.09 -20.21 19.50
N ARG V 136 1.22 -20.04 19.32
CA ARG V 136 1.82 -18.72 19.52
C ARG V 136 1.36 -17.71 18.48
N GLN V 137 0.93 -18.16 17.31
CA GLN V 137 0.46 -17.24 16.29
C GLN V 137 -0.98 -16.83 16.57
N PRO V 138 -1.25 -15.53 16.76
CA PRO V 138 -2.62 -15.13 17.14
C PRO V 138 -3.68 -15.51 16.13
N ASP V 139 -3.36 -15.52 14.85
CA ASP V 139 -4.37 -15.80 13.83
C ASP V 139 -4.43 -17.28 13.49
N ALA V 140 -5.61 -17.72 13.05
CA ALA V 140 -5.84 -19.12 12.70
C ALA V 140 -7.08 -19.27 11.84
N VAL W 3 17.08 -7.80 -2.83
CA VAL W 3 15.89 -7.46 -3.59
C VAL W 3 15.88 -5.97 -3.86
N GLN W 4 17.05 -5.36 -3.75
CA GLN W 4 17.14 -3.93 -4.04
C GLN W 4 16.77 -3.61 -5.48
N PRO W 5 17.33 -4.26 -6.52
CA PRO W 5 17.00 -3.83 -7.87
C PRO W 5 15.71 -4.42 -8.40
N THR W 6 15.35 -5.60 -7.93
CA THR W 6 14.19 -6.32 -8.44
C THR W 6 13.53 -7.04 -7.27
N LYS W 7 12.29 -7.48 -7.50
CA LYS W 7 11.43 -7.93 -6.39
C LYS W 7 11.97 -9.18 -5.71
N PHE W 8 12.51 -10.12 -6.47
CA PHE W 8 13.01 -11.37 -5.89
C PHE W 8 14.50 -11.53 -6.12
N ALA W 9 15.26 -10.45 -6.10
CA ALA W 9 16.69 -10.52 -6.34
C ALA W 9 17.42 -10.95 -5.07
N VAL W 10 18.41 -11.81 -5.24
CA VAL W 10 19.23 -12.27 -4.13
C VAL W 10 20.69 -12.15 -4.52
N THR W 11 21.47 -11.45 -3.71
CA THR W 11 22.86 -11.22 -4.04
C THR W 11 23.61 -12.54 -4.06
N VAL W 12 24.47 -12.71 -5.07
CA VAL W 12 25.11 -13.98 -5.30
C VAL W 12 26.05 -14.29 -4.15
N ARG W 13 25.80 -15.41 -3.50
CA ARG W 13 26.49 -15.78 -2.28
C ARG W 13 27.05 -17.16 -2.46
N GLN W 14 28.14 -17.43 -1.76
CA GLN W 14 28.87 -18.66 -1.89
C GLN W 14 28.73 -19.43 -0.58
N SER W 15 28.23 -20.66 -0.65
CA SER W 15 27.94 -21.42 0.56
C SER W 15 29.20 -21.59 1.39
N ARG W 16 29.08 -21.33 2.68
CA ARG W 16 30.22 -21.39 3.57
C ARG W 16 30.58 -22.82 3.95
N ASN W 17 29.61 -23.73 4.00
CA ASN W 17 29.82 -25.11 4.43
C ASN W 17 28.53 -25.88 4.19
N TRP W 18 28.57 -27.19 4.46
CA TRP W 18 27.40 -28.05 4.14
C TRP W 18 26.19 -27.74 5.02
N ALA W 19 26.41 -27.36 6.28
CA ALA W 19 25.27 -26.96 7.08
C ALA W 19 24.57 -25.75 6.46
N ASP W 20 25.35 -24.78 6.01
CA ASP W 20 24.80 -23.62 5.30
C ASP W 20 24.19 -24.01 3.97
N ALA W 21 24.87 -24.85 3.20
CA ALA W 21 24.39 -25.21 1.87
C ALA W 21 23.07 -25.96 1.95
N LYS W 22 22.93 -26.87 2.92
CA LYS W 22 21.64 -27.60 3.06
C LYS W 22 20.56 -26.65 3.58
N GLN W 23 20.91 -25.68 4.41
CA GLN W 23 19.90 -24.73 4.85
C GLN W 23 19.30 -23.97 3.68
N ARG W 24 20.16 -23.54 2.74
CA ARG W 24 19.68 -22.80 1.58
C ARG W 24 18.83 -23.66 0.66
N VAL W 25 19.22 -24.92 0.45
CA VAL W 25 18.45 -25.84 -0.43
C VAL W 25 17.03 -25.96 0.13
N ILE W 26 16.91 -26.18 1.45
CA ILE W 26 15.59 -26.39 2.02
C ILE W 26 14.75 -25.14 1.91
N ALA W 27 15.38 -23.97 2.05
CA ALA W 27 14.64 -22.72 1.91
C ALA W 27 14.25 -22.47 0.46
N ALA W 28 15.05 -22.94 -0.48
CA ALA W 28 14.69 -22.85 -1.88
C ALA W 28 13.51 -23.75 -2.20
N TYR W 29 13.55 -24.99 -1.73
CA TYR W 29 12.45 -25.92 -1.98
C TYR W 29 11.17 -25.43 -1.32
N ARG W 30 11.28 -24.89 -0.10
CA ARG W 30 10.13 -24.38 0.61
C ARG W 30 9.43 -23.28 -0.18
N ALA W 31 10.20 -22.33 -0.71
CA ALA W 31 9.62 -21.21 -1.44
C ALA W 31 8.90 -21.70 -2.70
N TRP W 32 9.52 -22.63 -3.41
CA TRP W 32 8.93 -23.13 -4.67
C TRP W 32 7.59 -23.83 -4.40
N ILE W 33 7.55 -24.77 -3.46
CA ILE W 33 6.32 -25.50 -3.19
C ILE W 33 5.30 -24.62 -2.49
N ARG W 34 5.75 -23.60 -1.79
CA ARG W 34 4.80 -22.59 -1.30
C ARG W 34 4.12 -21.90 -2.46
N ALA W 35 4.91 -21.55 -3.48
CA ALA W 35 4.46 -20.71 -4.59
C ALA W 35 3.58 -21.44 -5.58
N ALA W 36 3.50 -22.77 -5.50
CA ALA W 36 2.80 -23.53 -6.53
C ALA W 36 1.36 -23.09 -6.78
N PRO W 37 0.53 -22.78 -5.79
CA PRO W 37 -0.77 -22.17 -6.11
C PRO W 37 -0.67 -20.87 -6.88
N GLU W 38 0.32 -20.03 -6.55
CA GLU W 38 0.46 -18.77 -7.27
C GLU W 38 0.95 -18.98 -8.69
N ILE W 39 1.74 -20.03 -8.91
CA ILE W 39 2.22 -20.37 -10.29
C ILE W 39 1.08 -20.97 -11.10
N GLN W 40 0.11 -21.63 -10.45
CA GLN W 40 -0.93 -22.34 -11.21
C GLN W 40 -2.06 -21.42 -11.65
N THR W 41 -2.24 -20.28 -11.00
CA THR W 41 -3.26 -19.35 -11.47
C THR W 41 -2.70 -18.41 -12.52
N MET W 42 -1.52 -17.85 -12.29
CA MET W 42 -0.94 -16.91 -13.25
C MET W 42 -0.68 -17.59 -14.58
N TYR W 43 -0.11 -18.78 -14.54
CA TYR W 43 0.20 -19.45 -15.78
C TYR W 43 -0.88 -20.40 -16.23
N SER W 44 -2.02 -20.40 -15.54
CA SER W 44 -3.23 -21.11 -15.98
C SER W 44 -2.92 -22.55 -16.33
N ILE W 45 -2.10 -23.16 -15.49
CA ILE W 45 -1.58 -24.50 -15.71
C ILE W 45 -2.75 -25.45 -15.54
N PRO W 46 -3.03 -26.29 -16.51
CA PRO W 46 -4.21 -27.15 -16.43
C PRO W 46 -3.90 -28.44 -15.69
N PHE W 47 -3.22 -28.32 -14.57
CA PHE W 47 -2.77 -29.40 -13.73
C PHE W 47 -3.12 -29.10 -12.28
N PRO W 48 -3.28 -30.12 -11.46
CA PRO W 48 -3.44 -29.87 -10.02
C PRO W 48 -2.21 -29.22 -9.45
N VAL W 49 -2.42 -28.42 -8.40
CA VAL W 49 -1.30 -27.91 -7.62
C VAL W 49 -0.44 -29.05 -7.10
N SER W 50 -1.05 -30.21 -6.87
CA SER W 50 -0.31 -31.38 -6.44
C SER W 50 0.63 -31.87 -7.54
N HIS W 51 0.19 -31.84 -8.78
CA HIS W 51 1.06 -32.25 -9.87
C HIS W 51 2.22 -31.28 -10.03
N ILE W 52 1.96 -30.00 -9.83
CA ILE W 52 3.02 -29.00 -9.88
C ILE W 52 4.00 -29.22 -8.75
N ARG W 53 3.50 -29.49 -7.56
CA ARG W 53 4.40 -29.67 -6.43
C ARG W 53 5.19 -30.96 -6.57
N THR W 54 4.54 -32.02 -7.04
CA THR W 54 5.30 -33.26 -7.20
C THR W 54 6.31 -33.13 -8.32
N ARG W 55 6.06 -32.23 -9.26
CA ARG W 55 7.00 -32.09 -10.36
C ARG W 55 8.14 -31.16 -9.95
N ILE W 56 7.84 -30.19 -9.08
CA ILE W 56 8.91 -29.35 -8.47
C ILE W 56 9.84 -30.27 -7.67
N ARG W 57 9.27 -31.25 -6.94
CA ARG W 57 10.10 -32.15 -6.14
C ARG W 57 11.07 -32.93 -7.02
N GLN W 58 10.62 -33.36 -8.18
CA GLN W 58 11.49 -34.12 -9.08
C GLN W 58 12.74 -33.34 -9.47
N GLU W 59 12.56 -32.03 -9.66
CA GLU W 59 13.68 -31.17 -10.13
C GLU W 59 14.70 -30.96 -9.02
N PHE W 60 14.34 -31.25 -7.77
CA PHE W 60 15.32 -31.17 -6.66
C PHE W 60 15.84 -32.59 -6.48
N GLU W 61 14.95 -33.56 -6.69
CA GLU W 61 15.34 -34.96 -6.56
C GLU W 61 16.43 -35.36 -7.55
N ARG W 62 16.58 -34.63 -8.65
CA ARG W 62 17.64 -34.91 -9.60
C ARG W 62 19.02 -34.66 -9.00
N HIS W 63 19.14 -33.63 -8.17
CA HIS W 63 20.49 -33.22 -7.67
C HIS W 63 20.61 -33.55 -6.18
N ARG W 64 20.09 -34.69 -5.75
CA ARG W 64 20.08 -35.02 -4.30
C ARG W 64 21.41 -35.66 -3.96
N TYR W 65 22.10 -36.15 -4.97
CA TYR W 65 23.34 -36.87 -4.69
C TYR W 65 24.58 -36.05 -5.00
N VAL W 66 24.42 -34.73 -5.16
CA VAL W 66 25.62 -33.90 -5.38
C VAL W 66 26.41 -33.74 -4.08
N ASN W 67 27.67 -34.16 -4.09
CA ASN W 67 28.53 -34.06 -2.92
C ASN W 67 29.65 -33.06 -3.12
N LYS W 68 29.46 -32.10 -4.00
CA LYS W 68 30.39 -31.01 -4.21
C LYS W 68 29.73 -29.71 -3.81
N LEU W 69 30.43 -28.92 -3.00
CA LEU W 69 29.87 -27.67 -2.54
C LEU W 69 29.90 -26.60 -3.61
N ASN W 70 30.88 -26.63 -4.52
CA ASN W 70 30.89 -25.67 -5.60
C ASN W 70 29.81 -25.96 -6.64
N VAL W 71 29.30 -27.18 -6.67
CA VAL W 71 28.29 -27.54 -7.65
C VAL W 71 26.91 -27.15 -7.15
N VAL W 72 26.76 -27.18 -5.82
CA VAL W 72 25.45 -26.84 -5.20
C VAL W 72 25.16 -25.36 -5.42
N ASP W 73 26.16 -24.48 -5.32
CA ASP W 73 25.91 -23.05 -5.41
C ASP W 73 25.44 -22.65 -6.79
N VAL W 74 26.01 -23.24 -7.84
CA VAL W 74 25.52 -22.93 -9.17
C VAL W 74 24.11 -23.48 -9.34
N LEU W 75 23.82 -24.61 -8.69
CA LEU W 75 22.47 -25.25 -8.81
C LEU W 75 21.48 -24.45 -7.98
N LEU W 76 21.98 -23.69 -7.02
CA LEU W 76 21.10 -22.87 -6.16
C LEU W 76 20.86 -21.56 -6.89
N GLN W 77 21.91 -21.00 -7.49
CA GLN W 77 21.74 -19.76 -8.24
C GLN W 77 20.79 -19.95 -9.41
N GLN W 78 20.89 -21.08 -10.10
CA GLN W 78 19.95 -21.37 -11.18
C GLN W 78 18.52 -21.41 -10.68
N SER W 79 18.31 -21.97 -9.49
CA SER W 79 16.95 -22.05 -8.89
C SER W 79 16.46 -20.64 -8.57
N ASN W 80 17.28 -19.84 -7.88
CA ASN W 80 16.88 -18.50 -7.47
C ASN W 80 16.51 -17.67 -8.68
N ALA W 81 17.32 -17.73 -9.73
CA ALA W 81 17.00 -16.98 -10.94
C ALA W 81 15.71 -17.49 -11.59
N ASP W 82 15.51 -18.80 -11.63
CA ASP W 82 14.24 -19.37 -12.17
C ASP W 82 13.07 -18.90 -11.31
N PHE W 83 13.25 -18.87 -9.99
CA PHE W 83 12.19 -18.41 -9.10
C PHE W 83 11.84 -16.95 -9.39
N GLN W 84 12.84 -16.11 -9.58
CA GLN W 84 12.61 -14.69 -9.83
C GLN W 84 11.84 -14.45 -11.13
N GLU W 85 12.21 -15.14 -12.20
CA GLU W 85 11.53 -14.91 -13.47
C GLU W 85 10.16 -15.56 -13.52
N THR W 86 9.87 -16.48 -12.61
CA THR W 86 8.50 -17.07 -12.58
C THR W 86 7.59 -16.24 -11.66
N MET W 87 8.10 -15.71 -10.55
CA MET W 87 7.25 -15.00 -9.62
C MET W 87 6.96 -13.59 -10.10
N ASN W 88 7.91 -12.95 -10.77
CA ASN W 88 7.59 -11.84 -11.65
C ASN W 88 7.07 -12.41 -12.95
N PHE W 89 6.03 -11.81 -13.51
CA PHE W 89 5.39 -12.49 -14.63
C PHE W 89 6.22 -12.35 -15.89
N TRP W 90 7.49 -12.78 -15.82
CA TRP W 90 8.44 -12.57 -16.91
C TRP W 90 8.45 -13.76 -17.86
N ARG W 91 8.42 -14.96 -17.31
CA ARG W 91 8.29 -16.16 -18.16
C ARG W 91 6.89 -16.18 -18.76
N GLN W 92 6.79 -16.60 -20.01
CA GLN W 92 5.50 -16.72 -20.69
C GLN W 92 4.88 -18.05 -20.27
N GLN W 93 3.57 -18.21 -20.42
CA GLN W 93 2.90 -19.50 -20.10
C GLN W 93 3.57 -20.59 -20.93
N SER W 94 3.98 -20.23 -22.15
CA SER W 94 4.64 -21.21 -23.03
C SER W 94 5.95 -21.75 -22.43
N HIS W 95 6.79 -20.91 -21.82
CA HIS W 95 8.02 -21.41 -21.13
C HIS W 95 7.65 -22.25 -19.91
N VAL W 96 6.65 -21.82 -19.14
CA VAL W 96 6.34 -22.52 -17.86
C VAL W 96 5.73 -23.90 -18.10
N MET W 97 4.73 -23.99 -18.96
CA MET W 97 4.03 -25.24 -19.12
C MET W 97 4.72 -26.09 -20.16
N ALA W 98 5.88 -25.64 -20.62
CA ALA W 98 6.84 -26.43 -21.37
C ALA W 98 7.86 -27.09 -20.46
N PHE W 99 7.79 -26.84 -19.15
CA PHE W 99 8.67 -27.53 -18.15
C PHE W 99 8.02 -28.87 -17.87
N PHE W 100 6.70 -28.93 -17.99
CA PHE W 100 6.01 -30.20 -17.90
C PHE W 100 6.21 -30.93 -19.22
N LYS W 101 6.87 -32.08 -19.17
CA LYS W 101 7.30 -32.79 -20.36
C LYS W 101 6.26 -33.78 -20.84
N GLU W 102 4.98 -33.49 -20.59
CA GLU W 102 3.88 -34.22 -21.19
C GLU W 102 3.07 -33.37 -22.16
N GLU W 103 3.32 -32.06 -22.23
CA GLU W 103 2.67 -31.25 -23.26
C GLU W 103 3.53 -31.13 -24.50
N HIS W 104 4.01 -32.28 -24.95
CA HIS W 104 4.59 -32.46 -26.27
C HIS W 104 3.60 -33.31 -27.04
N PHE W 105 3.47 -33.07 -28.34
CA PHE W 105 2.46 -33.89 -29.00
C PHE W 105 2.84 -35.36 -29.06
N ARG W 106 4.09 -35.69 -28.75
CA ARG W 106 4.51 -37.05 -28.52
C ARG W 106 4.37 -37.47 -27.07
N GLY W 107 4.30 -36.51 -26.16
CA GLY W 107 4.00 -36.80 -24.79
C GLY W 107 5.23 -37.14 -23.99
N GLU W 108 4.96 -37.57 -22.75
CA GLU W 108 6.02 -38.04 -21.87
C GLU W 108 6.76 -39.23 -22.48
N LYS W 109 6.04 -40.16 -23.08
CA LYS W 109 6.64 -41.32 -23.73
C LYS W 109 7.34 -40.84 -24.99
N ARG W 110 8.63 -40.52 -24.86
CA ARG W 110 9.41 -40.07 -25.99
C ARG W 110 10.70 -40.82 -26.22
N LEU W 111 11.21 -41.50 -25.25
CA LEU W 111 12.19 -42.53 -25.52
C LEU W 111 11.49 -43.85 -25.73
N PRO W 112 12.07 -44.78 -26.48
CA PRO W 112 11.49 -46.12 -26.58
C PRO W 112 11.53 -46.84 -25.24
N SER W 113 10.52 -47.67 -25.00
CA SER W 113 10.37 -48.31 -23.70
C SER W 113 11.43 -49.36 -23.45
N ASN W 114 11.71 -50.16 -24.46
CA ASN W 114 12.65 -51.26 -24.34
C ASN W 114 13.31 -51.42 -25.70
N PHE W 115 14.03 -52.53 -25.90
CA PHE W 115 14.69 -52.70 -27.19
C PHE W 115 13.69 -52.85 -28.32
N ILE W 116 12.73 -53.76 -28.19
CA ILE W 116 11.95 -54.18 -29.37
C ILE W 116 11.03 -53.07 -29.86
N THR W 117 10.43 -52.31 -28.95
CA THR W 117 9.49 -51.28 -29.38
C THR W 117 10.20 -50.13 -30.07
N GLY W 118 11.44 -49.83 -29.66
CA GLY W 118 12.22 -48.85 -30.38
C GLY W 118 12.81 -49.37 -31.67
N PHE W 119 12.97 -50.68 -31.78
CA PHE W 119 13.41 -51.25 -33.04
C PHE W 119 12.31 -51.19 -34.09
N LEU W 120 11.07 -51.48 -33.69
CA LEU W 120 9.99 -51.55 -34.71
C LEU W 120 9.60 -50.13 -35.15
N GLU W 121 9.97 -49.12 -34.37
CA GLU W 121 9.65 -47.69 -34.68
C GLU W 121 10.87 -46.95 -35.22
N GLY W 122 12.01 -47.62 -35.43
CA GLY W 122 13.25 -46.95 -35.88
C GLY W 122 13.84 -46.00 -34.85
N ARG W 123 14.28 -46.51 -33.70
CA ARG W 123 14.85 -45.70 -32.58
C ARG W 123 13.85 -44.66 -32.07
N ASN W 124 12.55 -44.98 -31.97
CA ASN W 124 11.46 -44.06 -31.51
C ASN W 124 10.90 -43.21 -32.66
N GLU X 57 -2.57 -19.43 104.19
CA GLU X 57 -3.45 -18.56 103.41
C GLU X 57 -4.71 -19.33 102.98
N GLY X 58 -4.56 -20.11 101.92
CA GLY X 58 -5.61 -20.99 101.44
C GLY X 58 -5.51 -22.38 102.03
N LEU X 59 -5.99 -23.36 101.28
CA LEU X 59 -5.95 -24.73 101.73
C LEU X 59 -4.53 -25.29 101.66
N GLN X 60 -4.17 -26.09 102.66
CA GLN X 60 -2.87 -26.75 102.70
C GLN X 60 -3.04 -28.22 102.29
N LYS X 61 -1.93 -28.96 102.35
CA LYS X 61 -1.98 -30.38 102.05
C LYS X 61 -2.31 -31.22 103.27
N VAL X 62 -1.76 -30.87 104.43
CA VAL X 62 -2.03 -31.63 105.64
C VAL X 62 -3.49 -31.49 106.05
N GLU X 63 -4.09 -30.34 105.80
CA GLU X 63 -5.49 -30.14 106.17
C GLU X 63 -6.41 -30.98 105.27
N VAL X 64 -6.21 -30.91 103.96
CA VAL X 64 -7.10 -31.61 103.04
C VAL X 64 -7.01 -33.11 103.25
N TYR X 65 -5.80 -33.63 103.46
CA TYR X 65 -5.64 -35.07 103.64
C TYR X 65 -6.38 -35.57 104.86
N GLU X 66 -6.37 -34.81 105.94
CA GLU X 66 -6.83 -35.38 107.19
C GLU X 66 -8.35 -35.27 107.32
N ARG X 67 -8.97 -34.34 106.60
CA ARG X 67 -10.42 -34.40 106.45
C ARG X 67 -10.84 -35.60 105.62
N ILE X 68 -10.22 -35.80 104.45
CA ILE X 68 -10.66 -36.86 103.56
C ILE X 68 -10.35 -38.22 104.17
N LYS X 69 -9.30 -38.32 104.99
CA LYS X 69 -9.06 -39.57 105.71
C LYS X 69 -10.21 -39.88 106.67
N SER X 70 -10.67 -38.86 107.40
CA SER X 70 -11.81 -39.06 108.29
C SER X 70 -13.09 -39.30 107.52
N LEU X 71 -13.13 -38.90 106.25
CA LEU X 71 -14.29 -39.18 105.43
C LEU X 71 -14.40 -40.67 105.13
N LEU X 72 -13.30 -41.29 104.69
CA LEU X 72 -13.33 -42.71 104.39
C LEU X 72 -13.40 -43.56 105.66
N ALA X 73 -12.99 -43.00 106.80
CA ALA X 73 -13.02 -43.75 108.04
C ALA X 73 -14.44 -44.17 108.41
N GLY X 74 -15.42 -43.34 108.08
CA GLY X 74 -16.81 -43.69 108.36
C GLY X 74 -17.51 -44.49 107.29
N PHE X 75 -16.81 -44.90 106.24
CA PHE X 75 -17.45 -45.61 105.14
C PHE X 75 -17.21 -47.11 105.28
N ASP X 76 -18.31 -47.88 105.25
CA ASP X 76 -18.23 -49.30 105.56
C ASP X 76 -17.62 -50.12 104.42
N LYS X 77 -17.78 -49.68 103.17
CA LYS X 77 -17.37 -50.51 102.04
C LYS X 77 -15.87 -50.70 101.94
N VAL X 78 -15.06 -49.90 102.65
CA VAL X 78 -13.62 -50.11 102.60
C VAL X 78 -13.26 -51.37 103.38
N ASN X 79 -12.22 -52.05 102.92
CA ASN X 79 -11.82 -53.30 103.57
C ASN X 79 -11.27 -53.06 104.97
N ASP X 80 -10.40 -52.07 105.12
CA ASP X 80 -9.81 -51.79 106.43
C ASP X 80 -9.31 -50.35 106.49
N PRO X 81 -9.69 -49.59 107.53
CA PRO X 81 -9.26 -48.19 107.60
C PRO X 81 -7.77 -48.01 107.84
N ASN X 82 -7.04 -49.07 108.18
CA ASN X 82 -5.62 -48.92 108.47
C ASN X 82 -4.84 -48.46 107.25
N ASN X 83 -5.17 -49.00 106.08
CA ASN X 83 -4.41 -48.71 104.85
C ASN X 83 -5.01 -47.52 104.08
N ILE X 84 -5.02 -46.37 104.76
CA ILE X 84 -5.40 -45.10 104.16
C ILE X 84 -4.12 -44.26 104.07
N THR X 85 -3.53 -44.22 102.89
CA THR X 85 -2.30 -43.47 102.66
C THR X 85 -2.56 -42.37 101.63
N GLU X 86 -1.57 -41.50 101.45
CA GLU X 86 -1.70 -40.44 100.46
C GLU X 86 -1.81 -41.02 99.05
N THR X 87 -1.02 -42.04 98.74
CA THR X 87 -1.08 -42.71 97.45
C THR X 87 -2.05 -43.89 97.43
N ALA X 88 -3.07 -43.85 98.29
CA ALA X 88 -4.05 -44.92 98.32
C ALA X 88 -4.87 -44.92 97.04
N HIS X 89 -5.55 -46.03 96.79
CA HIS X 89 -6.34 -46.24 95.57
C HIS X 89 -7.68 -46.84 95.94
N PHE X 90 -8.76 -46.25 95.46
CA PHE X 90 -10.08 -46.79 95.76
C PHE X 90 -10.31 -48.12 95.07
N ALA X 91 -9.81 -48.26 93.84
CA ALA X 91 -10.15 -49.44 93.04
C ALA X 91 -9.55 -50.71 93.62
N ASN X 92 -8.26 -50.71 93.92
CA ASN X 92 -7.58 -51.95 94.33
C ASN X 92 -6.95 -51.87 95.70
N ASP X 93 -6.29 -50.77 96.05
CA ASP X 93 -5.65 -50.68 97.37
C ASP X 93 -6.68 -50.75 98.49
N LEU X 94 -7.80 -50.05 98.33
CA LEU X 94 -8.90 -50.16 99.28
C LEU X 94 -9.96 -51.16 98.83
N GLY X 95 -10.06 -51.44 97.54
CA GLY X 95 -11.03 -52.40 97.05
C GLY X 95 -12.45 -51.89 97.09
N LEU X 96 -12.72 -50.83 96.34
CA LEU X 96 -14.08 -50.32 96.20
C LEU X 96 -14.65 -50.69 94.85
N ASP X 97 -15.96 -50.89 94.81
CA ASP X 97 -16.63 -51.20 93.57
C ASP X 97 -16.64 -49.98 92.65
N SER X 98 -16.85 -50.23 91.37
CA SER X 98 -16.96 -49.13 90.40
C SER X 98 -18.11 -48.21 90.79
N LEU X 99 -19.25 -48.79 91.18
CA LEU X 99 -20.37 -47.99 91.62
C LEU X 99 -20.08 -47.30 92.94
N ASP X 100 -19.16 -47.84 93.73
CA ASP X 100 -18.88 -47.28 95.04
C ASP X 100 -18.10 -45.97 94.95
N THR X 101 -17.19 -45.87 94.00
CA THR X 101 -16.27 -44.72 93.97
C THR X 101 -16.99 -43.42 93.62
N VAL X 102 -18.03 -43.46 92.80
CA VAL X 102 -18.72 -42.21 92.50
C VAL X 102 -19.48 -41.72 93.72
N GLU X 103 -20.11 -42.62 94.45
CA GLU X 103 -20.73 -42.23 95.71
C GLU X 103 -19.69 -41.72 96.69
N VAL X 104 -18.46 -42.23 96.58
CA VAL X 104 -17.37 -41.72 97.40
C VAL X 104 -17.08 -40.26 97.06
N VAL X 105 -16.87 -39.96 95.77
CA VAL X 105 -16.47 -38.62 95.40
C VAL X 105 -17.59 -37.63 95.66
N MET X 106 -18.84 -38.09 95.65
CA MET X 106 -19.96 -37.23 96.02
C MET X 106 -19.81 -36.73 97.44
N ALA X 107 -19.19 -37.51 98.32
CA ALA X 107 -18.89 -37.03 99.66
C ALA X 107 -17.81 -35.96 99.63
N ILE X 108 -16.81 -36.11 98.76
CA ILE X 108 -15.76 -35.10 98.65
C ILE X 108 -16.35 -33.79 98.16
N GLU X 109 -17.26 -33.87 97.19
CA GLU X 109 -17.88 -32.67 96.65
C GLU X 109 -18.62 -31.89 97.71
N GLU X 110 -19.34 -32.59 98.59
CA GLU X 110 -20.10 -31.92 99.62
C GLU X 110 -19.22 -31.38 100.74
N GLU X 111 -18.12 -32.09 101.04
CA GLU X 111 -17.24 -31.68 102.13
C GLU X 111 -16.56 -30.35 101.85
N PHE X 112 -16.14 -30.14 100.61
CA PHE X 112 -15.39 -28.94 100.25
C PHE X 112 -16.24 -27.89 99.54
N SER X 113 -17.55 -28.10 99.45
CA SER X 113 -18.48 -27.11 98.89
C SER X 113 -18.10 -26.70 97.47
N ILE X 114 -17.69 -27.66 96.65
CA ILE X 114 -17.38 -27.40 95.26
C ILE X 114 -18.29 -28.25 94.40
N GLU X 115 -18.13 -28.15 93.09
CA GLU X 115 -18.83 -29.01 92.15
C GLU X 115 -17.81 -29.75 91.31
N ILE X 116 -17.91 -31.08 91.27
CA ILE X 116 -16.99 -31.90 90.48
C ILE X 116 -17.60 -32.08 89.10
N PRO X 117 -17.03 -31.49 88.06
CA PRO X 117 -17.57 -31.69 86.71
C PRO X 117 -17.50 -33.16 86.30
N ASP X 118 -18.49 -33.57 85.51
CA ASP X 118 -18.59 -34.97 85.10
C ASP X 118 -17.36 -35.40 84.32
N LYS X 119 -16.72 -34.48 83.61
CA LYS X 119 -15.51 -34.82 82.88
C LYS X 119 -14.39 -35.21 83.83
N ASP X 120 -14.28 -34.54 84.98
CA ASP X 120 -13.24 -34.87 85.94
C ASP X 120 -13.64 -35.94 86.93
N ALA X 121 -14.90 -36.38 86.92
CA ALA X 121 -15.29 -37.48 87.79
C ALA X 121 -14.52 -38.74 87.46
N ASP X 122 -14.32 -38.99 86.16
CA ASP X 122 -13.52 -40.14 85.74
C ASP X 122 -12.05 -39.98 86.05
N GLN X 123 -11.59 -38.79 86.41
CA GLN X 123 -10.18 -38.58 86.74
C GLN X 123 -9.89 -38.79 88.21
N ILE X 124 -10.89 -39.07 89.03
CA ILE X 124 -10.71 -39.27 90.47
C ILE X 124 -10.86 -40.77 90.74
N HIS X 125 -9.73 -41.45 90.91
CA HIS X 125 -9.73 -42.86 91.25
C HIS X 125 -8.85 -43.18 92.46
N SER X 126 -8.31 -42.18 93.13
CA SER X 126 -7.41 -42.41 94.25
C SER X 126 -7.40 -41.18 95.13
N VAL X 127 -6.87 -41.34 96.34
CA VAL X 127 -6.79 -40.22 97.28
C VAL X 127 -5.85 -39.15 96.76
N ASP X 128 -4.67 -39.57 96.28
CA ASP X 128 -3.67 -38.60 95.77
C ASP X 128 -4.32 -37.73 94.70
N LYS X 129 -4.95 -38.37 93.71
CA LYS X 129 -5.62 -37.61 92.65
C LYS X 129 -6.70 -36.71 93.23
N ALA X 130 -7.43 -37.21 94.23
CA ALA X 130 -8.45 -36.38 94.87
C ALA X 130 -7.83 -35.18 95.57
N ILE X 131 -6.73 -35.39 96.28
CA ILE X 131 -6.05 -34.26 96.91
C ILE X 131 -5.54 -33.29 95.86
N GLU X 132 -4.95 -33.82 94.78
CA GLU X 132 -4.43 -32.96 93.74
C GLU X 132 -5.53 -32.12 93.12
N TYR X 133 -6.76 -32.64 93.12
CA TYR X 133 -7.87 -31.87 92.58
C TYR X 133 -8.23 -30.69 93.49
N ILE X 134 -8.33 -30.94 94.79
CA ILE X 134 -8.75 -29.88 95.71
C ILE X 134 -7.73 -28.75 95.71
N LEU X 135 -6.45 -29.08 95.73
CA LEU X 135 -5.43 -28.05 95.88
C LEU X 135 -5.29 -27.21 94.62
N ARG X 136 -5.52 -27.81 93.45
CA ARG X 136 -5.46 -27.04 92.21
C ARG X 136 -6.65 -26.11 92.07
N GLN X 137 -7.74 -26.40 92.75
CA GLN X 137 -8.92 -25.53 92.70
C GLN X 137 -8.82 -24.47 93.78
N PRO X 138 -8.68 -23.18 93.42
CA PRO X 138 -8.72 -22.13 94.44
C PRO X 138 -10.10 -21.87 94.98
N ASP X 139 -11.07 -22.69 94.60
CA ASP X 139 -12.48 -22.40 94.86
C ASP X 139 -12.94 -22.98 96.18
N ALA X 140 -12.27 -24.01 96.68
CA ALA X 140 -12.78 -24.79 97.81
C ALA X 140 -12.85 -23.94 99.07
N HIS X 141 -13.74 -24.34 99.97
CA HIS X 141 -13.88 -23.66 101.25
C HIS X 141 -12.93 -24.26 102.28
N SER Y 2 -17.93 -44.58 76.78
CA SER Y 2 -19.32 -44.71 76.38
C SER Y 2 -20.01 -45.85 77.14
N ASN Y 3 -21.21 -45.56 77.64
CA ASN Y 3 -22.04 -46.49 78.41
C ASN Y 3 -21.39 -46.84 79.75
N ARG Y 4 -20.18 -46.34 79.99
CA ARG Y 4 -19.48 -46.54 81.24
C ARG Y 4 -19.34 -45.23 82.01
N GLN Y 5 -18.71 -44.22 81.39
CA GLN Y 5 -18.72 -42.89 81.99
C GLN Y 5 -20.10 -42.27 81.89
N ALA Y 6 -20.84 -42.57 80.84
CA ALA Y 6 -22.19 -42.04 80.69
C ALA Y 6 -23.12 -42.55 81.78
N ALA Y 7 -23.00 -43.82 82.15
CA ALA Y 7 -23.87 -44.37 83.17
C ALA Y 7 -23.60 -43.73 84.54
N LEU Y 8 -22.34 -43.58 84.91
CA LEU Y 8 -22.01 -43.05 86.23
C LEU Y 8 -22.53 -41.64 86.39
N SER Y 9 -22.61 -40.89 85.29
CA SER Y 9 -23.24 -39.58 85.32
C SER Y 9 -24.68 -39.67 85.79
N LEU Y 10 -25.46 -40.56 85.17
CA LEU Y 10 -26.86 -40.73 85.55
C LEU Y 10 -27.00 -41.13 87.01
N TYR Y 11 -26.04 -41.90 87.52
CA TYR Y 11 -26.07 -42.28 88.92
C TYR Y 11 -25.89 -41.08 89.84
N ARG Y 12 -24.81 -40.33 89.63
CA ARG Y 12 -24.58 -39.16 90.47
C ARG Y 12 -25.71 -38.16 90.32
N ARG Y 13 -26.28 -38.06 89.12
CA ARG Y 13 -27.43 -37.21 88.95
C ARG Y 13 -28.62 -37.69 89.77
N ALA Y 14 -28.88 -38.99 89.74
CA ALA Y 14 -30.05 -39.52 90.43
C ALA Y 14 -29.92 -39.33 91.93
N LEU Y 15 -28.69 -39.26 92.41
CA LEU Y 15 -28.47 -39.01 93.85
C LEU Y 15 -28.88 -37.56 94.17
N LYS Y 16 -28.40 -36.59 93.39
CA LYS Y 16 -28.67 -35.15 93.65
C LYS Y 16 -30.16 -34.80 93.49
N LEU Y 17 -30.85 -35.36 92.49
CA LEU Y 17 -32.26 -34.99 92.27
C LEU Y 17 -33.03 -35.39 93.52
N ALA Y 18 -32.70 -36.56 94.05
CA ALA Y 18 -33.36 -37.04 95.27
C ALA Y 18 -33.02 -36.09 96.44
N LEU Y 19 -31.77 -35.63 96.51
CA LEU Y 19 -31.34 -34.73 97.61
C LEU Y 19 -32.11 -33.43 97.50
N ASP Y 20 -32.33 -32.97 96.27
CA ASP Y 20 -33.01 -31.67 96.08
C ASP Y 20 -34.45 -31.75 96.57
N TRP Y 21 -35.12 -32.87 96.35
CA TRP Y 21 -36.56 -32.91 96.72
C TRP Y 21 -36.74 -33.33 98.18
N THR Y 22 -35.81 -34.11 98.74
CA THR Y 22 -35.84 -34.36 100.17
C THR Y 22 -34.75 -33.52 100.83
N VAL Y 23 -35.15 -32.52 101.60
CA VAL Y 23 -34.16 -31.66 102.23
C VAL Y 23 -33.44 -32.39 103.33
N HIS Y 24 -34.16 -33.18 104.13
CA HIS Y 24 -33.61 -33.83 105.30
C HIS Y 24 -32.66 -34.95 104.90
N ARG Y 25 -31.41 -34.86 105.36
CA ARG Y 25 -30.38 -35.76 104.83
C ARG Y 25 -30.62 -37.19 105.25
N ASN Y 26 -31.11 -37.41 106.47
CA ASN Y 26 -31.31 -38.78 106.95
C ASN Y 26 -32.26 -39.54 106.05
N LEU Y 27 -33.39 -38.91 105.69
CA LEU Y 27 -34.38 -39.60 104.87
C LEU Y 27 -33.85 -39.85 103.46
N TRP Y 28 -33.12 -38.89 102.89
CA TRP Y 28 -32.55 -39.06 101.56
C TRP Y 28 -31.51 -40.16 101.55
N ARG Y 29 -30.81 -40.37 102.67
CA ARG Y 29 -29.84 -41.44 102.74
C ARG Y 29 -30.50 -42.79 102.48
N GLY Y 30 -31.59 -43.07 103.20
CA GLY Y 30 -32.36 -44.26 102.89
C GLY Y 30 -32.94 -44.20 101.49
N GLN Y 31 -33.39 -43.01 101.09
CA GLN Y 31 -33.87 -42.82 99.73
C GLN Y 31 -32.74 -43.01 98.72
N ALA Y 32 -31.49 -42.75 99.13
CA ALA Y 32 -30.37 -42.87 98.22
C ALA Y 32 -30.05 -44.33 97.91
N LEU Y 33 -29.97 -45.16 98.96
CA LEU Y 33 -29.54 -46.55 98.77
C LEU Y 33 -30.47 -47.32 97.86
N TYR Y 34 -31.75 -46.92 97.79
CA TYR Y 34 -32.65 -47.51 96.82
C TYR Y 34 -32.17 -47.27 95.40
N ILE Y 35 -31.68 -46.08 95.10
CA ILE Y 35 -31.14 -45.81 93.77
C ILE Y 35 -29.97 -46.73 93.47
N ARG Y 36 -29.10 -46.97 94.46
CA ARG Y 36 -27.97 -47.85 94.27
C ARG Y 36 -28.44 -49.26 93.92
N SER Y 37 -29.51 -49.72 94.56
CA SER Y 37 -30.04 -51.05 94.26
C SER Y 37 -30.48 -51.15 92.81
N LEU Y 38 -31.15 -50.13 92.30
CA LEU Y 38 -31.59 -50.16 90.91
C LEU Y 38 -30.42 -50.26 89.95
N PHE Y 39 -29.35 -49.53 90.22
CA PHE Y 39 -28.15 -49.65 89.42
C PHE Y 39 -27.45 -50.98 89.65
N GLU Y 40 -27.75 -51.67 90.75
CA GLU Y 40 -27.16 -52.96 91.02
C GLU Y 40 -27.97 -54.12 90.44
N LYS Y 41 -29.25 -53.89 90.14
CA LYS Y 41 -30.07 -54.94 89.56
C LYS Y 41 -29.72 -55.19 88.10
N ASN Y 42 -29.07 -54.23 87.44
CA ASN Y 42 -28.73 -54.37 86.03
C ASN Y 42 -27.22 -54.28 85.82
N ARG Y 43 -26.45 -54.94 86.69
CA ARG Y 43 -24.99 -54.88 86.58
C ARG Y 43 -24.50 -55.56 85.31
N ASN Y 44 -25.19 -56.61 84.87
CA ASN Y 44 -24.67 -57.51 83.86
C ASN Y 44 -25.49 -57.50 82.57
N VAL Y 45 -25.84 -56.32 82.08
CA VAL Y 45 -26.45 -56.17 80.77
C VAL Y 45 -25.36 -55.79 79.78
N THR Y 46 -25.26 -56.53 78.68
CA THR Y 46 -24.13 -56.38 77.77
C THR Y 46 -24.52 -55.92 76.37
N ASP Y 47 -25.65 -56.36 75.85
CA ASP Y 47 -26.00 -56.07 74.46
C ASP Y 47 -26.28 -54.59 74.27
N PRO Y 48 -25.63 -53.92 73.30
CA PRO Y 48 -25.90 -52.49 73.09
C PRO Y 48 -27.32 -52.20 72.67
N ARG Y 49 -28.07 -53.19 72.18
CA ARG Y 49 -29.46 -52.95 71.81
C ARG Y 49 -30.28 -52.53 73.02
N LEU Y 50 -30.05 -53.16 74.17
CA LEU Y 50 -30.70 -52.77 75.41
C LEU Y 50 -29.85 -51.87 76.29
N GLN Y 51 -28.55 -51.80 76.03
CA GLN Y 51 -27.67 -50.96 76.85
C GLN Y 51 -28.08 -49.50 76.79
N ARG Y 52 -28.36 -48.99 75.60
CA ARG Y 52 -28.74 -47.58 75.48
C ARG Y 52 -30.17 -47.35 75.97
N ALA Y 53 -31.02 -48.37 75.84
CA ALA Y 53 -32.42 -48.21 76.24
C ALA Y 53 -32.54 -47.94 77.73
N LEU Y 54 -31.66 -48.53 78.53
CA LEU Y 54 -31.63 -48.21 79.95
C LEU Y 54 -31.24 -46.75 80.18
N LEU Y 55 -30.20 -46.31 79.47
CA LEU Y 55 -29.81 -44.91 79.55
C LEU Y 55 -30.89 -44.01 78.99
N LYS Y 56 -31.48 -44.40 77.86
CA LYS Y 56 -32.46 -43.53 77.20
C LYS Y 56 -33.72 -43.39 78.05
N GLU Y 57 -34.16 -44.46 78.69
CA GLU Y 57 -35.36 -44.37 79.51
C GLU Y 57 -35.11 -43.67 80.84
N THR Y 58 -33.96 -43.92 81.49
CA THR Y 58 -33.67 -43.20 82.72
C THR Y 58 -33.45 -41.72 82.46
N GLU Y 59 -32.96 -41.36 81.26
CA GLU Y 59 -32.82 -39.96 80.93
C GLU Y 59 -34.17 -39.26 80.96
N LYS Y 60 -35.25 -40.02 80.91
CA LYS Y 60 -36.58 -39.43 80.95
C LYS Y 60 -37.03 -39.14 82.38
N LEU Y 61 -36.65 -39.98 83.35
CA LEU Y 61 -37.13 -39.75 84.70
C LEU Y 61 -36.44 -38.57 85.36
N LEU Y 62 -35.21 -38.27 84.94
CA LEU Y 62 -34.53 -37.13 85.54
C LEU Y 62 -35.16 -35.81 85.12
N GLU Y 63 -35.76 -35.76 83.92
CA GLU Y 63 -36.58 -34.61 83.58
C GLU Y 63 -38.02 -34.78 84.03
N LYS Y 64 -38.51 -36.02 84.13
CA LYS Y 64 -39.85 -36.26 84.63
C LYS Y 64 -39.94 -35.96 86.12
N TRP Y 65 -38.81 -35.79 86.79
CA TRP Y 65 -38.78 -35.40 88.19
C TRP Y 65 -37.80 -34.26 88.44
N LYS Y 66 -37.49 -33.48 87.42
CA LYS Y 66 -36.49 -32.43 87.56
C LYS Y 66 -36.95 -31.39 88.58
N HIS Y 67 -36.01 -31.03 89.44
CA HIS Y 67 -36.30 -30.01 90.47
C HIS Y 67 -36.44 -28.65 89.76
N PRO Y 68 -37.41 -27.77 90.09
CA PRO Y 68 -37.48 -26.44 89.49
C PRO Y 68 -36.19 -25.65 89.65
N ASP Y 69 -35.52 -25.76 90.79
CA ASP Y 69 -34.24 -25.11 91.03
C ASP Y 69 -33.29 -26.06 91.76
N PRO Y 70 -32.46 -26.86 91.02
CA PRO Y 70 -31.49 -27.73 91.65
C PRO Y 70 -30.50 -26.85 92.41
N TYR Y 71 -30.04 -27.34 93.55
CA TYR Y 71 -29.08 -26.58 94.38
C TYR Y 71 -27.82 -26.34 93.58
N CYS Y 72 -27.21 -25.17 93.76
CA CYS Y 72 -25.89 -24.93 93.13
C CYS Y 72 -24.92 -24.46 94.22
N PRO Y 73 -23.70 -25.03 94.37
CA PRO Y 73 -22.73 -24.47 95.30
C PRO Y 73 -22.49 -23.01 94.98
N PRO Y 74 -22.27 -22.17 95.99
CA PRO Y 74 -22.30 -20.72 95.77
C PRO Y 74 -21.26 -20.22 94.81
N THR Y 75 -20.22 -21.00 94.56
CA THR Y 75 -19.04 -20.54 93.84
C THR Y 75 -18.84 -21.30 92.54
N ALA Y 76 -19.76 -22.16 92.18
CA ALA Y 76 -19.69 -22.93 90.96
C ALA Y 76 -20.25 -22.13 89.82
N PRO Y 77 -20.14 -22.62 88.59
CA PRO Y 77 -20.98 -22.10 87.52
C PRO Y 77 -22.44 -22.01 87.96
N GLY Y 78 -23.00 -20.81 87.82
CA GLY Y 78 -24.40 -20.62 88.14
C GLY Y 78 -24.71 -20.46 89.61
N GLY Y 79 -23.70 -20.33 90.46
CA GLY Y 79 -23.92 -20.11 91.86
C GLY Y 79 -24.28 -18.66 92.18
N SER Y 80 -24.32 -18.36 93.48
CA SER Y 80 -24.72 -17.01 93.94
C SER Y 80 -23.50 -16.07 94.05
N LYS Y 81 -22.29 -16.62 94.09
CA LYS Y 81 -21.06 -15.79 94.26
C LYS Y 81 -20.18 -15.99 93.03
N TYR Y 82 -20.70 -16.69 92.02
CA TYR Y 82 -19.91 -16.98 90.80
C TYR Y 82 -19.58 -15.67 90.08
N GLU Y 83 -18.34 -15.52 89.61
CA GLU Y 83 -17.92 -14.32 88.83
C GLU Y 83 -18.16 -13.05 89.62
N ARG Y 84 -17.97 -13.05 90.94
CA ARG Y 84 -18.34 -11.87 91.76
C ARG Y 84 -17.26 -10.81 91.60
N ASN Y 85 -16.01 -11.18 91.85
CA ASN Y 85 -14.95 -10.19 91.78
C ASN Y 85 -13.87 -10.67 90.84
N LEU Y 86 -14.27 -11.07 89.63
CA LEU Y 86 -13.35 -11.63 88.66
C LEU Y 86 -12.19 -10.69 88.45
N PRO Y 87 -10.94 -11.16 88.56
CA PRO Y 87 -9.79 -10.30 88.31
C PRO Y 87 -9.70 -9.93 86.83
N VAL Y 88 -8.96 -8.87 86.57
CA VAL Y 88 -8.65 -8.54 85.18
C VAL Y 88 -7.83 -9.67 84.57
N PRO Y 89 -8.12 -10.12 83.36
CA PRO Y 89 -7.37 -11.24 82.80
C PRO Y 89 -6.04 -10.82 82.19
N ASN Y 90 -5.59 -9.62 82.48
CA ASN Y 90 -4.38 -9.06 81.86
C ASN Y 90 -3.93 -7.93 82.76
N LEU Y 91 -2.87 -8.16 83.53
CA LEU Y 91 -2.41 -7.16 84.48
C LEU Y 91 -1.16 -6.44 84.03
N GLU Y 92 -0.60 -6.79 82.88
CA GLU Y 92 0.57 -6.09 82.40
C GLU Y 92 0.21 -4.66 81.99
N PRO Y 93 1.10 -3.67 82.23
CA PRO Y 93 0.85 -2.31 81.77
C PRO Y 93 0.61 -2.37 80.26
N PRO Y 94 -0.17 -1.42 79.69
CA PRO Y 94 -0.48 -1.47 78.27
C PRO Y 94 0.78 -1.11 77.46
N PRO Y 95 0.90 -1.49 76.16
CA PRO Y 95 2.08 -1.07 75.39
C PRO Y 95 1.98 0.42 75.04
N PRO Y 96 3.07 1.24 75.06
CA PRO Y 96 2.94 2.69 74.92
C PRO Y 96 2.43 3.13 73.55
N LEU Y 97 1.18 3.59 73.48
CA LEU Y 97 0.60 4.09 72.26
C LEU Y 97 -0.12 5.41 72.52
N LYS Y 98 0.10 6.37 71.63
CA LYS Y 98 -0.42 7.72 71.79
C LYS Y 98 -1.83 7.84 71.21
N PHE Y 99 -2.67 8.63 71.88
CA PHE Y 99 -4.06 8.79 71.47
C PHE Y 99 -4.61 10.20 71.64
N GLN Z 67 -5.26 -5.65 105.24
CA GLN Z 67 -4.45 -4.44 105.22
C GLN Z 67 -4.46 -3.77 103.86
N TYR Z 68 -4.79 -2.49 103.87
CA TYR Z 68 -4.98 -1.72 102.63
C TYR Z 68 -3.70 -1.52 101.83
N ASP Z 69 -3.80 -1.64 100.51
CA ASP Z 69 -2.66 -1.46 99.59
C ASP Z 69 -2.39 0.02 99.34
N PRO Z 70 -1.20 0.42 98.85
CA PRO Z 70 -0.95 1.82 98.48
C PRO Z 70 -1.74 2.33 97.27
N PRO Z 71 -2.00 3.65 97.13
CA PRO Z 71 -2.84 4.12 96.03
C PRO Z 71 -1.93 4.14 94.80
N THR Z 72 -2.50 3.99 93.60
CA THR Z 72 -1.59 3.83 92.47
C THR Z 72 -2.27 4.40 91.23
N GLY Z 73 -1.68 4.12 90.08
CA GLY Z 73 -2.36 4.50 88.82
C GLY Z 73 -1.57 5.48 87.99
N TRP Z 74 -1.67 5.35 86.67
CA TRP Z 74 -1.05 6.38 85.82
C TRP Z 74 -2.16 7.33 85.40
N LEU Z 75 -2.20 8.53 85.99
CA LEU Z 75 -3.22 9.52 85.58
C LEU Z 75 -2.78 10.10 84.24
N TRP Z 76 -3.64 10.02 83.22
CA TRP Z 76 -3.35 10.49 81.84
C TRP Z 76 -2.36 9.52 81.21
N GLY Z 77 -2.12 8.39 81.87
CA GLY Z 77 -1.20 7.35 81.35
C GLY Z 77 0.24 7.72 81.60
N VAL Z 78 0.47 8.77 82.38
CA VAL Z 78 1.86 9.24 82.68
C VAL Z 78 2.50 8.29 83.68
N ARG Z 79 3.53 7.55 83.25
CA ARG Z 79 4.21 6.67 84.18
C ARG Z 79 4.97 7.48 85.22
N PRO Z 80 5.23 6.90 86.39
CA PRO Z 80 5.74 7.71 87.52
C PRO Z 80 7.07 8.40 87.24
N GLY Z 81 7.83 7.95 86.25
CA GLY Z 81 9.07 8.62 85.94
C GLY Z 81 8.91 10.00 85.34
N GLU Z 82 8.27 10.08 84.17
CA GLU Z 82 8.23 11.29 83.38
C GLU Z 82 6.99 12.11 83.73
N LYS Z 83 6.64 13.06 82.87
CA LYS Z 83 5.49 13.97 83.14
C LYS Z 83 4.60 14.03 81.89
N TYR Z 84 3.42 14.63 82.02
CA TYR Z 84 2.53 14.76 80.83
C TYR Z 84 3.18 15.74 79.84
N GLN Z 85 3.42 15.28 78.61
CA GLN Z 85 3.98 16.18 77.59
C GLN Z 85 2.81 16.97 77.00
N ASN Z 86 2.90 18.30 76.94
CA ASN Z 86 1.83 19.11 76.31
C ASN Z 86 1.73 18.87 74.80
N GLU Z 87 0.57 18.42 74.32
CA GLU Z 87 0.32 18.18 72.87
C GLU Z 87 0.18 19.46 72.02
N GLY Z 88 -0.48 20.51 72.53
CA GLY Z 88 -0.73 21.74 71.75
C GLY Z 88 -2.06 22.34 72.13
N TRP Z 89 -3.16 21.61 71.96
CA TRP Z 89 -4.51 22.02 72.45
C TRP Z 89 -4.54 22.62 73.85
N GLU Z 90 -3.80 22.06 74.81
CA GLU Z 90 -3.88 22.50 76.24
C GLU Z 90 -3.81 24.02 76.33
N GLY Z 91 -2.83 24.64 75.66
CA GLY Z 91 -2.66 26.09 75.70
C GLY Z 91 -3.97 26.84 75.47
N PRO Z 92 -4.58 26.86 74.25
CA PRO Z 92 -5.79 27.67 74.03
C PRO Z 92 -7.04 27.11 74.68
N PHE Z 93 -7.13 25.80 74.87
CA PHE Z 93 -8.36 25.21 75.38
C PHE Z 93 -8.57 25.57 76.84
N PHE Z 94 -7.51 25.77 77.59
CA PHE Z 94 -7.62 26.03 79.01
C PHE Z 94 -7.71 27.52 79.32
N TYR Z 95 -7.03 28.35 78.53
CA TYR Z 95 -7.04 29.78 78.73
C TYR Z 95 -8.12 30.45 77.91
N GLY Z 96 -8.26 30.07 76.65
CA GLY Z 96 -9.19 30.72 75.77
C GLY Z 96 -10.58 30.12 75.87
N PHE Z 97 -10.69 28.81 75.73
CA PHE Z 97 -12.00 28.17 75.72
C PHE Z 97 -12.63 28.30 77.09
N TRP Z 98 -12.01 27.72 78.11
CA TRP Z 98 -12.63 27.80 79.44
C TRP Z 98 -12.58 29.22 79.97
N GLY Z 99 -11.46 29.92 79.83
CA GLY Z 99 -11.38 31.28 80.33
C GLY Z 99 -12.48 32.17 79.77
N SER Z 100 -12.87 31.93 78.53
CA SER Z 100 -13.98 32.69 77.95
C SER Z 100 -15.29 32.42 78.67
N LEU Z 101 -15.49 31.19 79.12
CA LEU Z 101 -16.70 30.84 79.85
C LEU Z 101 -16.72 31.39 81.26
N ILE Z 102 -15.58 31.43 81.95
CA ILE Z 102 -15.56 32.08 83.26
C ILE Z 102 -15.81 33.57 83.13
N VAL Z 103 -15.16 34.22 82.17
CA VAL Z 103 -15.40 35.64 81.94
C VAL Z 103 -16.85 35.87 81.50
N PHE Z 104 -17.40 34.93 80.72
CA PHE Z 104 -18.82 35.02 80.36
C PHE Z 104 -19.70 34.88 81.58
N ALA Z 105 -19.37 33.93 82.46
CA ALA Z 105 -20.15 33.73 83.68
C ALA Z 105 -20.03 34.92 84.62
N ILE Z 106 -18.83 35.50 84.73
CA ILE Z 106 -18.69 36.66 85.61
C ILE Z 106 -19.48 37.84 85.07
N ALA Z 107 -19.43 38.07 83.76
CA ALA Z 107 -20.17 39.18 83.17
C ALA Z 107 -21.66 38.91 83.15
N TYR Z 108 -22.08 37.65 83.03
CA TYR Z 108 -23.50 37.35 82.92
C TYR Z 108 -24.26 37.81 84.14
N ALA Z 109 -23.56 37.93 85.28
CA ALA Z 109 -24.21 38.39 86.50
C ALA Z 109 -24.68 39.83 86.39
N TYR Z 110 -23.88 40.68 85.78
CA TYR Z 110 -24.21 42.10 85.69
C TYR Z 110 -25.03 42.45 84.46
N LYS Z 111 -25.26 41.50 83.58
CA LYS Z 111 -26.13 41.75 82.44
C LYS Z 111 -27.53 42.08 82.93
N PRO Z 112 -28.15 43.15 82.43
CA PRO Z 112 -29.51 43.47 82.83
C PRO Z 112 -30.49 42.40 82.38
N ASP Z 113 -31.59 42.27 83.11
CA ASP Z 113 -32.58 41.24 82.81
C ASP Z 113 -33.64 41.81 81.89
N THR Z 114 -33.63 41.38 80.64
CA THR Z 114 -34.65 41.75 79.67
C THR Z 114 -35.62 40.61 79.39
N SER Z 115 -35.83 39.74 80.37
CA SER Z 115 -36.82 38.69 80.24
C SER Z 115 -38.23 39.26 80.23
N ILE Z 116 -39.12 38.65 79.44
CA ILE Z 116 -40.53 39.14 79.33
C ILE Z 116 -41.23 38.95 80.67
N GLN Z 117 -40.71 38.08 81.53
CA GLN Z 117 -41.44 37.76 82.76
C GLN Z 117 -41.17 38.86 83.79
N THR Z 118 -39.92 39.24 83.98
CA THR Z 118 -39.66 40.32 84.92
C THR Z 118 -40.50 41.54 84.60
N TRP Z 119 -40.75 41.78 83.31
CA TRP Z 119 -41.63 42.87 82.92
C TRP Z 119 -43.10 42.54 83.19
N ALA Z 120 -43.54 41.35 82.82
CA ALA Z 120 -44.94 41.01 82.97
C ALA Z 120 -45.33 40.84 84.43
N LEU Z 121 -44.38 40.46 85.29
CA LEU Z 121 -44.68 40.37 86.71
C LEU Z 121 -44.95 41.73 87.32
N GLU Z 122 -44.16 42.73 86.97
CA GLU Z 122 -44.31 44.03 87.61
C GLU Z 122 -45.66 44.65 87.30
N GLU Z 123 -46.11 44.56 86.05
CA GLU Z 123 -47.44 45.02 85.70
C GLU Z 123 -48.51 44.16 86.33
N ALA Z 124 -48.44 42.85 86.11
CA ALA Z 124 -49.46 41.95 86.65
C ALA Z 124 -49.55 42.06 88.15
N ARG Z 125 -48.47 42.47 88.83
CA ARG Z 125 -48.65 42.70 90.28
C ARG Z 125 -49.53 43.92 90.42
N ARG Z 126 -49.28 44.96 89.61
CA ARG Z 126 -50.02 46.20 89.83
C ARG Z 126 -51.50 46.06 89.52
N ARG Z 127 -51.84 45.15 88.61
CA ARG Z 127 -53.27 44.91 88.28
C ARG Z 127 -53.93 44.17 89.45
N LEU Z 128 -53.27 43.15 89.98
CA LEU Z 128 -53.80 42.39 91.15
C LEU Z 128 -53.87 43.30 92.38
N GLU Z 129 -52.93 44.24 92.52
CA GLU Z 129 -52.89 45.17 93.70
C GLU Z 129 -54.16 46.02 93.73
N ALA Z 130 -54.68 46.41 92.56
CA ALA Z 130 -55.95 47.17 92.52
C ALA Z 130 -57.04 46.31 93.17
N GLU Z 131 -57.04 45.01 92.88
CA GLU Z 131 -58.02 44.07 93.49
C GLU Z 131 -57.54 43.68 94.88
N GLY Z 132 -58.37 42.99 95.66
CA GLY Z 132 -57.98 42.55 97.01
C GLY Z 132 -57.04 41.36 96.93
N ILE Z 133 -56.80 40.85 95.73
CA ILE Z 133 -55.99 39.61 95.57
C ILE Z 133 -54.57 39.83 96.12
N LEU Z 134 -53.94 40.96 95.81
CA LEU Z 134 -52.60 41.25 96.36
C LEU Z 134 -52.68 42.55 97.18
N GLU Z 135 -51.87 42.65 98.23
CA GLU Z 135 -51.91 43.84 99.10
C GLU Z 135 -51.07 44.94 98.47
N ASP Z 136 -51.57 46.19 98.52
CA ASP Z 136 -50.77 47.32 97.97
C ASP Z 136 -50.04 48.01 99.13
N PRO Z 137 -48.70 48.26 99.08
CA PRO Z 137 -48.04 49.02 100.15
C PRO Z 137 -48.65 50.40 100.37
N ASN Z 138 -49.16 51.03 99.31
CA ASN Z 138 -49.72 52.38 99.42
C ASN Z 138 -51.22 52.35 99.66
N MET AA 1 -56.27 39.34 -18.84
CA MET AA 1 -55.64 38.11 -18.40
C MET AA 1 -54.24 38.40 -17.92
N ALA AA 2 -53.64 37.42 -17.24
CA ALA AA 2 -52.36 37.65 -16.55
C ALA AA 2 -51.29 38.14 -17.52
N THR AA 3 -50.28 38.84 -17.01
CA THR AA 3 -49.23 39.43 -17.90
C THR AA 3 -48.06 38.46 -18.06
N ARG AA 4 -48.16 37.27 -17.48
CA ARG AA 4 -47.08 36.25 -17.54
C ARG AA 4 -46.82 35.80 -18.96
N LYS AA 5 -45.54 35.63 -19.34
CA LYS AA 5 -45.21 35.09 -20.67
C LYS AA 5 -45.70 33.64 -20.73
N PRO AA 6 -46.38 33.14 -21.80
CA PRO AA 6 -46.87 31.77 -21.80
C PRO AA 6 -45.85 30.74 -22.33
N ALA AA 7 -45.86 29.52 -21.83
CA ALA AA 7 -44.83 28.53 -22.23
C ALA AA 7 -45.47 27.35 -22.96
N PHE AA 8 -46.68 26.97 -22.57
CA PHE AA 8 -47.33 25.77 -23.16
C PHE AA 8 -48.70 26.15 -23.71
N ASN AA 9 -48.86 27.37 -24.20
CA ASN AA 9 -50.14 27.82 -24.82
C ASN AA 9 -50.36 27.09 -26.15
N GLN AA 10 -51.56 26.54 -26.36
CA GLN AA 10 -51.88 25.83 -27.62
C GLN AA 10 -53.20 26.35 -28.19
N HIS AA 11 -53.97 27.12 -27.40
CA HIS AA 11 -55.31 27.60 -27.84
C HIS AA 11 -55.53 29.10 -27.55
N VAL AA 12 -56.45 29.75 -28.24
CA VAL AA 12 -56.81 31.15 -28.03
C VAL AA 12 -58.28 31.22 -27.64
N LEU AA 13 -58.60 32.06 -26.67
CA LEU AA 13 -59.97 32.25 -26.21
C LEU AA 13 -60.45 33.65 -26.57
N LEU AA 14 -61.41 33.73 -27.50
CA LEU AA 14 -61.96 35.01 -27.99
C LEU AA 14 -63.32 35.26 -27.34
N ASP AA 15 -63.63 36.49 -26.95
CA ASP AA 15 -64.98 36.79 -26.43
C ASP AA 15 -65.66 37.75 -27.41
N THR AA 16 -66.76 37.32 -28.04
CA THR AA 16 -67.41 38.16 -29.09
C THR AA 16 -68.38 39.15 -28.44
N THR AA 17 -68.49 39.11 -27.11
CA THR AA 17 -69.43 40.00 -26.38
C THR AA 17 -68.97 41.45 -26.60
N PRO AA 18 -69.87 42.40 -26.95
CA PRO AA 18 -69.45 43.77 -27.24
C PRO AA 18 -69.31 44.62 -25.98
N LEU AA 19 -68.61 45.75 -26.08
CA LEU AA 19 -68.50 46.67 -24.93
C LEU AA 19 -69.90 47.23 -24.69
N PRO AA 20 -70.28 47.60 -23.45
CA PRO AA 20 -71.64 48.04 -23.17
C PRO AA 20 -71.92 49.39 -23.86
N ASP AA 21 -73.20 49.76 -24.01
CA ASP AA 21 -73.55 50.99 -24.79
C ASP AA 21 -73.33 52.20 -23.90
N SER AA 22 -73.25 51.99 -22.58
CA SER AA 22 -72.95 53.07 -21.65
C SER AA 22 -71.63 53.76 -21.99
N ILE AA 23 -70.62 53.01 -22.38
CA ILE AA 23 -69.30 53.56 -22.67
C ILE AA 23 -69.26 54.06 -24.11
N PRO AA 24 -69.03 55.38 -24.36
CA PRO AA 24 -68.93 55.89 -25.73
C PRO AA 24 -67.94 55.06 -26.56
N LYS AA 25 -68.33 54.65 -27.76
CA LYS AA 25 -67.46 53.83 -28.63
C LYS AA 25 -66.39 54.71 -29.29
N VAL AA 26 -65.24 54.12 -29.63
CA VAL AA 26 -64.19 54.87 -30.38
C VAL AA 26 -63.68 53.99 -31.53
N LYS AA 27 -63.56 54.54 -32.73
CA LYS AA 27 -62.95 53.76 -33.84
C LYS AA 27 -61.49 53.50 -33.45
N GLU AA 28 -61.01 52.29 -33.69
CA GLU AA 28 -59.65 51.94 -33.19
C GLU AA 28 -58.58 52.25 -34.22
N ILE AA 29 -57.33 52.36 -33.77
CA ILE AA 29 -56.21 52.61 -34.67
C ILE AA 29 -55.96 51.38 -35.53
N GLY AA 30 -55.77 51.58 -36.82
CA GLY AA 30 -55.70 50.47 -37.73
C GLY AA 30 -54.34 50.29 -38.38
N ALA AA 31 -53.42 51.19 -38.08
CA ALA AA 31 -52.08 51.09 -38.61
C ALA AA 31 -51.35 49.92 -37.96
N SER AA 32 -50.55 49.24 -38.76
CA SER AA 32 -49.78 48.10 -38.32
C SER AA 32 -48.50 48.56 -37.65
N SER AA 33 -47.66 47.60 -37.27
CA SER AA 33 -46.54 47.88 -36.39
C SER AA 33 -45.53 48.84 -37.01
N ALA AA 34 -45.18 48.63 -38.28
CA ALA AA 34 -44.17 49.50 -38.89
C ALA AA 34 -44.72 50.89 -39.20
N PRO AA 35 -45.93 51.09 -39.79
CA PRO AA 35 -46.51 52.44 -39.91
C PRO AA 35 -46.49 53.20 -38.57
N LEU AA 36 -46.75 52.55 -37.43
CA LEU AA 36 -46.75 53.22 -36.10
C LEU AA 36 -45.35 53.75 -35.73
N LEU AA 37 -44.28 52.98 -35.94
CA LEU AA 37 -42.90 53.43 -35.65
C LEU AA 37 -42.50 54.62 -36.54
N SER AA 38 -42.89 54.62 -37.81
CA SER AA 38 -42.58 55.75 -38.71
C SER AA 38 -43.26 57.02 -38.20
N ALA AA 39 -44.49 56.87 -37.71
CA ALA AA 39 -45.26 58.04 -37.25
C ALA AA 39 -45.13 58.22 -35.74
N SER AA 40 -44.27 57.45 -35.08
CA SER AA 40 -44.17 57.50 -33.60
C SER AA 40 -43.74 58.89 -33.08
N PHE AA 41 -42.70 59.47 -33.68
CA PHE AA 41 -42.19 60.77 -33.20
C PHE AA 41 -43.18 61.89 -33.56
N PHE AA 42 -43.92 61.75 -34.67
CA PHE AA 42 -44.96 62.75 -35.02
C PHE AA 42 -46.07 62.71 -33.95
N ILE AA 43 -46.53 61.51 -33.59
CA ILE AA 43 -47.64 61.36 -32.62
C ILE AA 43 -47.26 62.03 -31.30
N GLY AA 44 -46.04 61.84 -30.82
CA GLY AA 44 -45.67 62.40 -29.52
C GLY AA 44 -45.28 63.86 -29.64
N ALA AA 45 -45.40 64.42 -30.83
CA ALA AA 45 -45.11 65.85 -30.99
C ALA AA 45 -46.44 66.50 -30.76
N ARG AA 46 -47.49 65.79 -31.12
CA ARG AA 46 -48.82 66.37 -31.00
C ARG AA 46 -49.60 65.87 -29.80
N CYS AA 47 -49.56 64.58 -29.53
CA CYS AA 47 -50.46 64.00 -28.52
C CYS AA 47 -49.76 63.80 -27.20
N LYS AA 48 -48.62 64.45 -27.00
CA LYS AA 48 -47.86 64.16 -25.78
C LYS AA 48 -48.71 64.50 -24.59
N ASP AA 49 -49.45 65.61 -24.64
CA ASP AA 49 -50.26 66.08 -23.50
C ASP AA 49 -51.34 65.07 -23.17
N TYR AA 50 -51.95 64.51 -24.20
CA TYR AA 50 -53.06 63.54 -24.05
C TYR AA 50 -52.43 62.23 -23.60
N ASN AA 51 -51.29 61.88 -24.17
CA ASN AA 51 -50.56 60.62 -23.84
C ASN AA 51 -50.11 60.68 -22.38
N ASP AA 52 -49.73 61.86 -21.91
CA ASP AA 52 -49.19 62.00 -20.54
C ASP AA 52 -50.34 62.13 -19.56
N ASP AA 53 -51.45 62.73 -19.99
CA ASP AA 53 -52.65 62.85 -19.14
C ASP AA 53 -53.22 61.46 -18.89
N TYR AA 54 -53.26 60.62 -19.92
CA TYR AA 54 -53.83 59.26 -19.79
C TYR AA 54 -53.00 58.46 -18.81
N MET AA 55 -51.70 58.67 -18.81
CA MET AA 55 -50.81 57.84 -17.97
C MET AA 55 -50.87 58.41 -16.57
N GLN AA 56 -51.18 59.70 -16.46
CA GLN AA 56 -51.32 60.31 -15.15
C GLN AA 56 -52.62 59.92 -14.47
N CYS AA 57 -53.73 59.96 -15.20
CA CYS AA 57 -55.04 59.51 -14.66
C CYS AA 57 -54.87 58.10 -14.08
N LYS AA 58 -54.20 57.21 -14.81
CA LYS AA 58 -54.06 55.80 -14.36
C LYS AA 58 -53.21 55.77 -13.08
N ASN AA 59 -52.14 56.54 -13.05
CA ASN AA 59 -51.26 56.62 -11.86
C ASN AA 59 -52.06 57.20 -10.70
N GLU AA 60 -52.91 58.18 -10.97
CA GLU AA 60 -53.72 58.84 -9.91
C GLU AA 60 -54.65 57.82 -9.25
N ASN AA 61 -55.19 56.87 -10.02
CA ASN AA 61 -56.17 55.94 -9.45
C ASN AA 61 -55.60 54.53 -9.50
N PRO AA 62 -54.83 54.10 -8.48
CA PRO AA 62 -54.18 52.78 -8.51
C PRO AA 62 -55.17 51.62 -8.48
N GLY AA 63 -54.80 50.46 -9.07
CA GLY AA 63 -55.65 49.26 -9.10
C GLY AA 63 -57.01 49.44 -9.73
N ARG AA 64 -57.38 50.64 -10.18
CA ARG AA 64 -58.75 50.85 -10.68
C ARG AA 64 -58.67 51.66 -11.96
N GLY AA 65 -57.50 51.71 -12.60
CA GLY AA 65 -57.27 52.62 -13.72
C GLY AA 65 -57.65 52.12 -15.08
N GLU AA 66 -57.95 50.83 -15.27
CA GLU AA 66 -58.45 50.43 -16.59
C GLU AA 66 -59.84 51.06 -16.67
N PHE AA 67 -60.61 50.95 -15.61
CA PHE AA 67 -61.91 51.66 -15.47
C PHE AA 67 -61.57 53.06 -14.92
N GLU AA 68 -62.43 54.05 -15.09
CA GLU AA 68 -62.21 55.37 -14.45
C GLU AA 68 -61.19 56.19 -15.22
N CYS AA 69 -60.48 55.60 -16.18
CA CYS AA 69 -59.59 56.38 -17.07
C CYS AA 69 -60.01 56.12 -18.52
N LEU AA 70 -61.26 55.71 -18.76
CA LEU AA 70 -61.69 55.33 -20.14
C LEU AA 70 -61.83 56.53 -21.09
N LYS AA 71 -62.30 57.68 -20.60
CA LYS AA 71 -62.42 58.88 -21.45
C LYS AA 71 -61.06 59.34 -21.97
N GLU AA 72 -60.04 59.29 -21.13
CA GLU AA 72 -58.67 59.72 -21.51
C GLU AA 72 -58.10 58.84 -22.61
N GLY AA 73 -58.31 57.54 -22.53
CA GLY AA 73 -57.82 56.62 -23.58
C GLY AA 73 -58.47 56.90 -24.91
N ARG AA 74 -59.76 57.24 -24.89
CA ARG AA 74 -60.45 57.60 -26.16
C ARG AA 74 -59.83 58.89 -26.69
N ARG AA 75 -59.43 59.81 -25.82
CA ARG AA 75 -58.77 61.05 -26.27
C ARG AA 75 -57.43 60.75 -26.95
N VAL AA 76 -56.63 59.82 -26.42
CA VAL AA 76 -55.33 59.45 -27.05
C VAL AA 76 -55.52 58.79 -28.42
N THR AA 77 -56.55 57.95 -28.59
CA THR AA 77 -56.72 57.19 -29.87
C THR AA 77 -57.32 58.11 -30.92
N ARG AA 78 -57.81 59.28 -30.51
CA ARG AA 78 -58.34 60.28 -31.48
C ARG AA 78 -57.19 61.18 -31.90
N CYS AA 79 -56.30 61.52 -30.97
CA CYS AA 79 -55.12 62.34 -31.31
C CYS AA 79 -54.24 61.59 -32.29
N ALA AA 80 -53.95 60.33 -32.00
CA ALA AA 80 -53.12 59.50 -32.86
C ALA AA 80 -53.82 59.20 -34.17
N ARG AA 81 -55.16 59.13 -34.18
CA ARG AA 81 -55.84 58.89 -35.47
C ARG AA 81 -55.72 60.14 -36.34
N SER AA 82 -55.65 61.32 -35.74
CA SER AA 82 -55.50 62.53 -36.52
C SER AA 82 -54.09 62.65 -37.09
N VAL AA 83 -53.07 62.16 -36.39
CA VAL AA 83 -51.69 62.16 -36.98
C VAL AA 83 -51.65 61.17 -38.14
N LEU AA 84 -52.14 59.97 -37.93
CA LEU AA 84 -52.10 58.94 -38.98
C LEU AA 84 -52.93 59.45 -40.16
N LYS AA 85 -54.07 60.08 -39.89
CA LYS AA 85 -54.91 60.66 -40.97
C LYS AA 85 -54.13 61.76 -41.69
N ASP AA 86 -53.48 62.65 -40.94
CA ASP AA 86 -52.76 63.80 -41.54
C ASP AA 86 -51.58 63.35 -42.41
N ILE AA 87 -50.82 62.34 -41.97
CA ILE AA 87 -49.62 61.87 -42.72
C ILE AA 87 -50.06 61.32 -44.08
N ASN AA 88 -51.15 60.56 -44.12
CA ASN AA 88 -51.69 59.98 -45.38
C ASN AA 88 -52.17 61.10 -46.30
N THR AA 89 -52.74 62.17 -45.73
CA THR AA 89 -53.24 63.29 -46.56
C THR AA 89 -52.10 64.03 -47.26
N HIS AA 90 -50.92 64.11 -46.67
CA HIS AA 90 -49.85 64.93 -47.30
C HIS AA 90 -48.59 64.13 -47.68
N CYS AA 91 -48.12 63.20 -46.83
CA CYS AA 91 -46.81 62.53 -47.09
C CYS AA 91 -46.94 61.05 -47.49
N LEU AA 92 -48.11 60.58 -47.90
CA LEU AA 92 -48.33 59.13 -48.19
C LEU AA 92 -47.11 58.47 -48.86
N GLU AA 93 -46.49 59.07 -49.89
CA GLU AA 93 -45.39 58.40 -50.63
C GLU AA 93 -44.15 58.26 -49.74
N GLN AA 94 -43.77 59.33 -49.07
CA GLN AA 94 -42.58 59.34 -48.20
C GLN AA 94 -42.82 58.44 -46.99
N PHE AA 95 -44.05 58.44 -46.45
CA PHE AA 95 -44.41 57.62 -45.28
C PHE AA 95 -44.29 56.13 -45.62
N ARG AA 96 -44.83 55.75 -46.77
CA ARG AA 96 -44.85 54.31 -47.15
C ARG AA 96 -43.43 53.91 -47.49
N ALA AA 97 -42.64 54.81 -48.09
CA ALA AA 97 -41.22 54.53 -48.38
C ALA AA 97 -40.47 54.19 -47.10
N HIS AA 98 -40.61 54.99 -46.06
CA HIS AA 98 -39.95 54.73 -44.76
C HIS AA 98 -40.47 53.48 -44.03
N TRP AA 99 -41.77 53.24 -43.98
CA TRP AA 99 -42.25 52.13 -43.11
C TRP AA 99 -42.06 50.80 -43.82
N GLN AA 100 -42.05 50.84 -45.14
CA GLN AA 100 -41.73 49.63 -45.87
C GLN AA 100 -40.24 49.32 -45.81
N CYS AA 101 -39.40 50.36 -45.73
CA CYS AA 101 -38.00 50.15 -45.36
C CYS AA 101 -37.87 49.44 -44.02
N LEU AA 102 -38.51 49.97 -42.98
CA LEU AA 102 -38.39 49.40 -41.65
C LEU AA 102 -38.86 47.96 -41.61
N ASP AA 103 -39.81 47.60 -42.47
CA ASP AA 103 -40.27 46.19 -42.54
C ASP AA 103 -39.09 45.25 -42.80
N ASN AA 104 -38.19 45.62 -43.69
CA ASN AA 104 -37.09 44.70 -44.09
C ASN AA 104 -35.80 45.00 -43.32
N ASN AA 105 -35.87 45.83 -42.27
CA ASN AA 105 -34.65 46.26 -41.56
C ASN AA 105 -34.73 45.93 -40.07
N ASN AA 106 -35.57 44.97 -39.67
CA ASN AA 106 -35.77 44.58 -38.24
C ASN AA 106 -36.44 45.75 -37.52
N GLN AA 107 -37.17 46.59 -38.28
CA GLN AA 107 -37.80 47.80 -37.71
C GLN AA 107 -36.77 48.59 -36.90
N GLN AA 108 -35.50 48.56 -37.34
CA GLN AA 108 -34.43 49.35 -36.66
C GLN AA 108 -34.33 50.70 -37.38
N LEU AA 109 -34.50 51.82 -36.67
CA LEU AA 109 -34.56 53.17 -37.29
C LEU AA 109 -33.27 53.61 -37.98
N TRP AA 110 -32.11 53.22 -37.47
CA TRP AA 110 -30.81 53.63 -38.03
C TRP AA 110 -30.59 52.98 -39.39
N GLN AA 111 -31.44 52.02 -39.77
CA GLN AA 111 -31.24 51.26 -41.01
C GLN AA 111 -32.00 51.88 -42.19
N CYS AA 112 -32.76 52.97 -41.97
CA CYS AA 112 -33.53 53.58 -43.09
C CYS AA 112 -33.43 55.10 -43.09
N ARG AA 113 -32.28 55.64 -42.73
CA ARG AA 113 -32.19 57.09 -42.58
C ARG AA 113 -32.56 57.84 -43.85
N PRO AA 114 -32.11 57.46 -45.05
CA PRO AA 114 -32.52 58.24 -46.22
C PRO AA 114 -34.02 58.36 -46.37
N ALA AA 115 -34.78 57.32 -46.05
CA ALA AA 115 -36.25 57.38 -46.15
C ALA AA 115 -36.88 58.26 -45.06
N GLU AA 116 -36.30 58.14 -43.79
CA GLU AA 116 -36.80 58.94 -42.65
C GLU AA 116 -36.60 60.44 -42.92
N TRP AA 117 -35.49 60.86 -43.38
CA TRP AA 117 -35.12 62.29 -43.55
C TRP AA 117 -36.09 62.92 -44.55
N LYS AA 118 -36.43 62.22 -45.61
CA LYS AA 118 -37.40 62.70 -46.61
C LYS AA 118 -38.80 62.84 -45.98
N LEU AA 119 -39.22 61.87 -45.17
CA LEU AA 119 -40.53 61.92 -44.46
C LEU AA 119 -40.50 63.08 -43.50
N ASN AA 120 -39.38 63.30 -42.80
CA ASN AA 120 -39.28 64.41 -41.82
C ASN AA 120 -39.40 65.72 -42.59
N LYS AA 121 -38.78 65.82 -43.77
CA LYS AA 121 -38.90 67.02 -44.66
C LYS AA 121 -40.37 67.29 -44.95
N CYS AA 122 -41.06 66.31 -45.55
CA CYS AA 122 -42.50 66.43 -45.92
C CYS AA 122 -43.42 66.69 -44.72
N VAL AA 123 -43.16 66.10 -43.55
CA VAL AA 123 -44.11 66.25 -42.40
C VAL AA 123 -43.85 67.62 -41.80
N TYR AA 124 -42.60 68.07 -41.77
CA TYR AA 124 -42.35 69.39 -41.23
C TYR AA 124 -42.91 70.48 -42.12
N GLU AA 125 -42.77 70.31 -43.43
CA GLU AA 125 -43.36 71.29 -44.36
C GLU AA 125 -44.88 71.25 -44.22
N ASN AA 126 -45.48 70.09 -44.47
CA ASN AA 126 -46.97 69.96 -44.45
C ASN AA 126 -47.63 70.08 -43.06
N LEU AA 127 -47.08 69.48 -42.01
CA LEU AA 127 -47.78 69.44 -40.70
C LEU AA 127 -47.04 70.21 -39.59
N LYS AA 128 -45.91 70.82 -39.90
CA LYS AA 128 -45.16 71.67 -38.93
C LYS AA 128 -44.79 70.85 -37.71
N LEU AA 129 -44.72 69.53 -37.85
CA LEU AA 129 -44.35 68.65 -36.73
C LEU AA 129 -42.88 68.27 -36.89
N GLU AA 130 -42.19 68.00 -35.77
CA GLU AA 130 -40.73 67.75 -35.83
C GLU AA 130 -40.35 66.57 -34.93
N LYS AA 131 -39.47 65.69 -35.41
CA LYS AA 131 -38.99 64.56 -34.59
C LYS AA 131 -38.03 65.12 -33.54
N VAL AA 132 -38.35 64.95 -32.26
CA VAL AA 132 -37.43 65.40 -31.16
C VAL AA 132 -37.18 64.20 -30.25
N ILE AA 133 -35.92 63.91 -29.95
CA ILE AA 133 -35.63 62.84 -28.95
C ILE AA 133 -35.17 63.57 -27.68
N PRO AA 134 -35.85 63.49 -26.50
CA PRO AA 134 -35.47 64.28 -25.34
C PRO AA 134 -34.18 63.93 -24.56
N ASP AA 135 -33.51 64.92 -23.97
CA ASP AA 135 -32.30 64.70 -23.13
C ASP AA 135 -31.12 64.09 -23.87
N GLN AA 136 -30.95 64.39 -25.16
CA GLN AA 136 -29.82 63.84 -25.98
C GLN AA 136 -28.53 64.56 -25.57
N PRO AA 137 -27.31 63.94 -25.71
CA PRO AA 137 -26.06 64.58 -25.28
C PRO AA 137 -25.87 65.91 -25.99
N LYS AA 138 -25.04 66.79 -25.42
CA LYS AA 138 -24.93 68.13 -25.97
C LYS AA 138 -23.63 68.37 -26.74
N ASN AA 139 -22.65 67.47 -26.60
CA ASN AA 139 -21.33 67.73 -27.21
C ASN AA 139 -21.18 67.02 -28.57
N SER AA 140 -22.27 66.56 -29.18
CA SER AA 140 -22.15 65.80 -30.45
C SER AA 140 -23.39 65.95 -31.32
N THR AA 141 -23.32 65.50 -32.57
CA THR AA 141 -24.49 65.53 -33.48
C THR AA 141 -25.56 64.58 -32.96
N PRO AA 142 -26.86 64.90 -33.04
CA PRO AA 142 -27.90 63.94 -32.66
C PRO AA 142 -27.77 62.67 -33.51
N VAL AA 143 -27.99 61.50 -32.90
CA VAL AA 143 -27.75 60.22 -33.62
C VAL AA 143 -28.68 60.13 -34.83
N HIS AA 144 -29.90 60.64 -34.72
CA HIS AA 144 -30.90 60.54 -35.82
C HIS AA 144 -30.57 61.51 -36.94
N LEU AA 145 -29.51 62.32 -36.78
CA LEU AA 145 -29.16 63.28 -37.81
C LEU AA 145 -27.76 63.06 -38.36
N ARG AA 146 -27.04 62.05 -37.91
CA ARG AA 146 -25.66 61.87 -38.33
C ARG AA 146 -25.58 61.35 -39.76
N GLN AA 147 -24.64 61.91 -40.50
CA GLN AA 147 -24.42 61.50 -41.88
C GLN AA 147 -23.97 60.06 -41.97
N ARG AA 148 -23.29 59.58 -40.92
CA ARG AA 148 -22.86 58.17 -40.90
C ARG AA 148 -23.56 57.41 -39.78
N GLN AA 149 -24.09 56.22 -40.08
CA GLN AA 149 -24.65 55.36 -39.01
C GLN AA 149 -23.74 54.15 -38.94
N ILE AA 150 -23.06 53.98 -37.81
CA ILE AA 150 -22.07 52.88 -37.66
C ILE AA 150 -22.79 51.54 -37.74
N PHE AA 151 -23.95 51.44 -37.09
CA PHE AA 151 -24.62 50.11 -36.98
C PHE AA 151 -25.53 49.85 -38.17
N ALA AA 152 -25.56 50.75 -39.16
CA ALA AA 152 -26.35 50.49 -40.39
C ALA AA 152 -25.72 49.34 -41.16
N HIS AA 153 -26.54 48.48 -41.77
CA HIS AA 153 -26.04 47.29 -42.50
C HIS AA 153 -25.60 47.75 -43.88
N HIS AA 154 -26.30 48.76 -44.42
CA HIS AA 154 -25.93 49.35 -45.72
C HIS AA 154 -25.51 50.80 -45.48
N ALA AA 155 -24.48 51.26 -46.17
CA ALA AA 155 -23.95 52.63 -45.96
C ALA AA 155 -24.93 53.70 -46.42
N ILE AA 156 -24.97 54.82 -45.69
CA ILE AA 156 -25.85 55.95 -46.10
C ILE AA 156 -25.11 56.73 -47.21
N PRO AA 157 -25.64 56.86 -48.45
CA PRO AA 157 -24.94 57.59 -49.50
C PRO AA 157 -24.72 59.03 -49.08
N PRO AA 158 -23.58 59.61 -49.44
CA PRO AA 158 -23.28 60.98 -49.00
C PRO AA 158 -24.28 62.02 -49.47
N TRP AA 159 -24.92 61.83 -50.63
CA TRP AA 159 -25.85 62.83 -51.13
C TRP AA 159 -27.18 62.80 -50.38
N GLU AA 160 -27.47 61.74 -49.64
CA GLU AA 160 -28.65 61.70 -48.78
C GLU AA 160 -28.37 62.56 -47.55
N ARG AA 161 -29.05 63.69 -47.44
CA ARG AA 161 -28.73 64.64 -46.38
C ARG AA 161 -29.71 64.53 -45.23
N PRO AA 162 -29.24 64.66 -44.00
CA PRO AA 162 -30.17 64.72 -42.87
C PRO AA 162 -30.98 66.00 -42.88
N PHE AA 163 -32.20 65.91 -42.40
CA PHE AA 163 -33.15 67.01 -42.48
C PHE AA 163 -33.01 67.91 -41.26
N ILE AA 164 -32.39 69.06 -41.44
CA ILE AA 164 -32.32 70.03 -40.37
C ILE AA 164 -33.45 71.03 -40.60
N PRO AA 165 -34.27 71.30 -39.61
CA PRO AA 165 -35.40 72.23 -39.82
C PRO AA 165 -34.93 73.66 -40.02
N GLY AA 166 -34.55 74.00 -41.23
CA GLY AA 166 -34.10 75.35 -41.55
C GLY AA 166 -32.65 75.44 -41.95
N GLN AA 167 -32.40 75.55 -43.25
CA GLN AA 167 -31.05 75.65 -43.77
C GLN AA 167 -31.04 76.31 -45.14
N PRO BA 2 41.22 8.68 -65.48
CA PRO BA 2 41.74 8.95 -64.15
C PRO BA 2 40.79 8.54 -63.05
N GLN BA 3 41.07 8.97 -61.83
CA GLN BA 3 40.21 8.73 -60.69
C GLN BA 3 39.32 9.92 -60.43
N ASP BA 4 38.39 9.74 -59.49
CA ASP BA 4 37.59 10.86 -59.03
C ASP BA 4 38.43 11.68 -58.08
N MET BA 5 38.86 12.84 -58.54
CA MET BA 5 39.74 13.71 -57.80
C MET BA 5 39.07 15.07 -57.67
N PRO BA 6 39.52 15.88 -56.71
CA PRO BA 6 38.99 17.24 -56.58
C PRO BA 6 39.43 18.12 -57.73
N PRO BA 7 38.77 19.26 -57.93
CA PRO BA 7 39.22 20.23 -58.92
C PRO BA 7 40.59 20.76 -58.57
N PRO BA 8 41.35 21.17 -59.58
CA PRO BA 8 42.73 21.64 -59.34
C PRO BA 8 42.90 22.61 -58.21
N GLY BA 9 42.08 23.64 -58.11
CA GLY BA 9 42.25 24.59 -57.03
C GLY BA 9 41.57 24.24 -55.74
N GLY BA 10 40.94 23.07 -55.66
CA GLY BA 10 40.12 22.73 -54.52
C GLY BA 10 38.70 23.27 -54.66
N TYR BA 11 37.80 22.65 -53.94
CA TYR BA 11 36.44 23.16 -53.85
C TYR BA 11 36.41 24.38 -52.95
N GLU BA 12 35.43 25.24 -53.17
CA GLU BA 12 35.26 26.42 -52.34
C GLU BA 12 34.67 26.03 -50.99
N ALA BA 13 34.79 26.92 -50.02
CA ALA BA 13 34.27 26.67 -48.69
C ALA BA 13 32.75 26.67 -48.70
N VAL BA 14 32.16 25.79 -47.90
CA VAL BA 14 30.73 25.73 -47.74
C VAL BA 14 30.35 26.41 -46.43
N GLN BA 15 29.08 26.74 -46.31
CA GLN BA 15 28.58 27.36 -45.10
C GLN BA 15 28.29 26.27 -44.07
N TYR BA 16 28.97 26.34 -42.94
CA TYR BA 16 28.76 25.36 -41.89
C TYR BA 16 28.54 25.95 -40.50
N LYS BA 17 28.75 27.24 -40.29
CA LYS BA 17 28.57 27.78 -38.95
C LYS BA 17 27.11 28.18 -38.72
N ARG BA 18 26.74 28.38 -37.46
CA ARG BA 18 25.37 28.75 -37.13
C ARG BA 18 25.07 30.09 -37.75
N ASN BA 19 24.06 30.15 -38.61
CA ASN BA 19 23.74 31.42 -39.22
C ASN BA 19 22.66 32.17 -38.43
N LEU BA 20 21.45 31.64 -38.41
CA LEU BA 20 20.34 32.05 -37.54
C LEU BA 20 20.14 33.54 -37.35
N PRO BA 21 20.06 34.40 -38.41
CA PRO BA 21 20.08 35.87 -38.24
C PRO BA 21 18.86 36.61 -37.68
N SER BA 22 19.06 37.37 -36.60
CA SER BA 22 17.95 38.13 -35.97
C SER BA 22 17.20 39.00 -36.97
N ARG BA 23 15.87 38.94 -36.95
CA ARG BA 23 15.00 39.73 -37.82
C ARG BA 23 14.20 40.69 -36.96
N GLY BA 24 13.92 41.87 -37.52
CA GLY BA 24 13.12 42.83 -36.79
C GLY BA 24 11.69 42.38 -36.57
N LEU BA 25 11.21 41.44 -37.39
CA LEU BA 25 9.82 41.02 -37.29
C LEU BA 25 9.54 40.36 -35.95
N PHE BA 26 10.55 39.74 -35.34
CA PHE BA 26 10.38 38.99 -34.11
C PHE BA 26 11.11 39.64 -32.94
N ARG BA 27 11.57 40.86 -33.11
CA ARG BA 27 12.11 41.39 -31.88
C ARG BA 27 11.01 42.02 -31.03
N PRO BA 28 11.13 41.93 -29.71
CA PRO BA 28 10.03 42.35 -28.84
C PRO BA 28 9.65 43.81 -28.95
N ARG BA 29 10.61 44.71 -29.13
CA ARG BA 29 10.26 46.13 -29.13
C ARG BA 29 9.34 46.52 -30.28
N PRO BA 30 9.59 46.16 -31.54
CA PRO BA 30 8.61 46.49 -32.58
C PRO BA 30 7.27 45.82 -32.40
N LEU BA 31 7.24 44.62 -31.83
CA LEU BA 31 5.96 43.94 -31.62
C LEU BA 31 5.19 44.54 -30.46
N LEU BA 32 5.88 44.89 -29.38
CA LEU BA 32 5.20 45.52 -28.26
C LEU BA 32 4.57 46.83 -28.68
N ALA BA 33 5.31 47.63 -29.45
CA ALA BA 33 4.76 48.88 -29.96
C ALA BA 33 3.56 48.63 -30.85
N GLY BA 34 3.64 47.62 -31.71
CA GLY BA 34 2.52 47.36 -32.60
C GLY BA 34 1.27 46.93 -31.85
N ALA BA 35 1.41 45.91 -31.01
CA ALA BA 35 0.21 45.40 -30.29
C ALA BA 35 -0.44 46.55 -29.53
N ALA BA 36 0.37 47.44 -28.96
CA ALA BA 36 -0.15 48.60 -28.19
C ALA BA 36 -0.97 49.53 -29.09
N VAL BA 37 -0.46 49.87 -30.27
CA VAL BA 37 -1.19 50.83 -31.15
C VAL BA 37 -2.50 50.19 -31.62
N LEU BA 38 -2.50 48.87 -31.84
CA LEU BA 38 -3.73 48.14 -32.27
C LEU BA 38 -4.79 48.22 -31.18
N MET BA 39 -4.39 48.05 -29.92
CA MET BA 39 -5.36 48.05 -28.81
C MET BA 39 -5.84 49.48 -28.56
N LEU BA 40 -4.96 50.47 -28.75
CA LEU BA 40 -5.36 51.88 -28.57
C LEU BA 40 -6.33 52.32 -29.67
N TYR BA 41 -6.06 51.94 -30.93
CA TYR BA 41 -6.98 52.27 -32.04
C TYR BA 41 -8.33 51.60 -31.80
N GLY BA 42 -8.30 50.33 -31.39
CA GLY BA 42 -9.54 49.58 -31.12
C GLY BA 42 -10.32 50.18 -29.98
N TRP BA 43 -9.63 50.64 -28.95
CA TRP BA 43 -10.29 51.25 -27.77
C TRP BA 43 -10.87 52.62 -28.17
N TYR BA 44 -10.29 53.29 -29.16
CA TYR BA 44 -10.91 54.56 -29.60
C TYR BA 44 -12.18 54.21 -30.37
N LYS BA 45 -12.12 53.18 -31.22
CA LYS BA 45 -13.27 52.79 -32.08
C LYS BA 45 -14.42 52.24 -31.24
N LEU BA 46 -14.11 51.44 -30.22
CA LEU BA 46 -15.14 50.91 -29.29
C LEU BA 46 -15.79 52.04 -28.51
N VAL BA 47 -15.03 53.04 -28.06
CA VAL BA 47 -15.59 54.11 -27.19
C VAL BA 47 -16.51 54.99 -28.01
N LYS BA 48 -16.34 54.98 -29.32
CA LYS BA 48 -17.22 55.78 -30.20
C LYS BA 48 -18.47 54.97 -30.49
N GLY BA 49 -18.32 53.66 -30.73
CA GLY BA 49 -19.46 52.81 -31.08
C GLY BA 49 -20.45 52.64 -29.95
N ILE BA 50 -19.97 52.38 -28.74
CA ILE BA 50 -20.93 52.09 -27.65
C ILE BA 50 -21.62 53.40 -27.25
N ARG BA 51 -21.03 54.54 -27.57
CA ARG BA 51 -21.69 55.84 -27.31
C ARG BA 51 -22.86 55.95 -28.28
N GLU BA 52 -22.59 55.68 -29.57
CA GLU BA 52 -23.64 55.70 -30.62
C GLU BA 52 -24.71 54.65 -30.33
N GLN BA 53 -24.31 53.47 -29.85
CA GLN BA 53 -25.30 52.40 -29.55
C GLN BA 53 -26.24 52.91 -28.47
N ASN BA 54 -25.71 53.56 -27.46
CA ASN BA 54 -26.52 54.08 -26.33
C ASN BA 54 -27.49 55.13 -26.83
N GLU BA 55 -27.06 55.98 -27.76
CA GLU BA 55 -27.92 57.02 -28.37
C GLU BA 55 -29.02 56.40 -29.25
N LEU BA 56 -28.69 55.32 -29.96
CA LEU BA 56 -29.73 54.60 -30.75
C LEU BA 56 -30.77 54.02 -29.80
N ALA BA 57 -30.33 53.54 -28.65
CA ALA BA 57 -31.26 53.02 -27.63
C ALA BA 57 -32.19 54.12 -27.07
N ARG BA 58 -31.69 55.34 -26.90
CA ARG BA 58 -32.56 56.46 -26.44
C ARG BA 58 -33.68 56.69 -27.46
N GLU BA 59 -33.37 56.64 -28.75
CA GLU BA 59 -34.37 56.84 -29.82
C GLU BA 59 -35.36 55.66 -29.83
N LYS BA 60 -34.86 54.43 -29.75
CA LYS BA 60 -35.74 53.24 -29.70
C LYS BA 60 -36.73 53.37 -28.53
N MET BA 61 -36.26 53.76 -27.35
CA MET BA 61 -37.13 53.81 -26.16
C MET BA 61 -38.15 54.93 -26.34
N TRP BA 62 -37.69 56.11 -26.78
CA TRP BA 62 -38.63 57.21 -26.95
C TRP BA 62 -39.62 56.95 -28.06
N ALA BA 63 -39.27 56.10 -29.02
CA ALA BA 63 -40.21 55.72 -30.10
C ALA BA 63 -41.29 54.80 -29.52
N ARG BA 64 -40.98 53.91 -28.58
CA ARG BA 64 -41.98 53.01 -27.93
C ARG BA 64 -42.82 53.76 -26.87
N ILE BA 65 -42.25 54.72 -26.15
CA ILE BA 65 -43.05 55.67 -25.32
C ILE BA 65 -44.18 56.41 -26.05
N HIS BA 66 -43.95 56.99 -27.22
CA HIS BA 66 -45.05 57.78 -27.85
C HIS BA 66 -46.18 56.85 -28.30
N LEU BA 67 -45.93 55.55 -28.40
CA LEU BA 67 -46.97 54.55 -28.74
C LEU BA 67 -47.55 53.84 -27.52
N ILE BA 68 -46.91 53.88 -26.36
CA ILE BA 68 -47.38 53.06 -25.20
C ILE BA 68 -48.80 53.45 -24.78
N PRO BA 69 -49.20 54.73 -24.67
CA PRO BA 69 -50.58 55.10 -24.34
C PRO BA 69 -51.67 54.66 -25.33
N LEU BA 70 -51.49 54.80 -26.64
CA LEU BA 70 -52.48 54.25 -27.62
C LEU BA 70 -52.60 52.74 -27.46
N LEU BA 71 -51.48 52.01 -27.41
CA LEU BA 71 -51.57 50.54 -27.36
C LEU BA 71 -52.21 50.08 -26.06
N GLN BA 72 -51.89 50.74 -24.95
CA GLN BA 72 -52.46 50.43 -23.62
C GLN BA 72 -53.95 50.73 -23.60
N ALA BA 73 -54.35 51.83 -24.23
CA ALA BA 73 -55.75 52.26 -24.22
C ALA BA 73 -56.62 51.23 -24.91
N GLU BA 74 -56.14 50.65 -26.01
CA GLU BA 74 -56.87 49.60 -26.73
C GLU BA 74 -57.01 48.37 -25.83
N GLU BA 75 -55.94 48.00 -25.13
CA GLU BA 75 -55.94 46.83 -24.24
C GLU BA 75 -56.89 47.07 -23.07
N ASP BA 76 -56.91 48.29 -22.54
CA ASP BA 76 -57.75 48.63 -21.37
C ASP BA 76 -59.23 48.52 -21.73
N ARG BA 77 -59.62 48.97 -22.93
CA ARG BA 77 -61.04 48.83 -23.39
C ARG BA 77 -61.38 47.34 -23.49
N ASP BA 78 -60.45 46.53 -23.98
CA ASP BA 78 -60.65 45.06 -24.11
C ASP BA 78 -60.72 44.42 -22.72
N HIS BA 79 -59.91 44.86 -21.76
CA HIS BA 79 -59.95 44.37 -20.37
C HIS BA 79 -61.26 44.74 -19.70
N VAL BA 80 -61.85 45.87 -20.08
CA VAL BA 80 -63.14 46.30 -19.50
C VAL BA 80 -64.19 45.44 -20.19
N ARG BA 81 -64.09 45.27 -21.51
CA ARG BA 81 -65.10 44.52 -22.25
C ARG BA 81 -65.23 43.09 -21.73
N ARG BA 82 -64.11 42.39 -21.58
CA ARG BA 82 -64.18 40.99 -21.19
C ARG BA 82 -64.50 40.85 -19.71
N TYR BA 83 -64.25 41.87 -18.91
CA TYR BA 83 -64.57 41.79 -17.47
C TYR BA 83 -66.06 42.02 -17.26
N LEU BA 84 -66.63 42.95 -18.00
CA LEU BA 84 -68.06 43.27 -17.90
C LEU BA 84 -68.86 42.11 -18.47
N ALA BA 85 -68.37 41.52 -19.56
CA ALA BA 85 -69.03 40.34 -20.18
C ALA BA 85 -69.05 39.13 -19.24
N ASP BA 86 -67.94 38.83 -18.57
CA ASP BA 86 -67.85 37.69 -17.63
C ASP BA 86 -68.73 37.92 -16.39
N GLN BA 87 -68.84 39.15 -15.91
CA GLN BA 87 -69.72 39.44 -14.76
C GLN BA 87 -71.16 39.15 -15.16
N ALA BA 88 -71.56 39.56 -16.37
CA ALA BA 88 -72.92 39.30 -16.86
C ALA BA 88 -73.13 37.81 -17.10
N ARG BA 89 -72.13 37.15 -17.67
CA ARG BA 89 -72.25 35.70 -17.99
C ARG BA 89 -72.50 34.99 -16.67
N GLU BA 90 -71.80 35.37 -15.58
CA GLU BA 90 -72.02 34.77 -14.24
C GLU BA 90 -73.41 35.10 -13.67
N LYS BA 91 -73.87 36.33 -13.82
CA LYS BA 91 -75.13 36.68 -13.12
C LYS BA 91 -76.25 35.79 -13.65
N GLY BA 92 -76.32 35.59 -14.96
CA GLY BA 92 -77.32 34.67 -15.49
C GLY BA 92 -77.06 33.23 -15.12
N LEU BA 93 -75.81 32.78 -15.21
CA LEU BA 93 -75.53 31.33 -15.00
C LEU BA 93 -75.75 30.87 -13.56
N LEU BA 94 -75.28 31.62 -12.58
CA LEU BA 94 -75.32 31.13 -11.18
C LEU BA 94 -76.30 31.98 -10.38
N GLY BA 95 -76.78 33.07 -10.95
CA GLY BA 95 -77.76 33.91 -10.30
C GLY BA 95 -77.19 35.09 -9.55
N GLU BA 96 -75.88 35.13 -9.32
CA GLU BA 96 -75.24 36.25 -8.65
C GLU BA 96 -73.75 36.20 -8.93
N ASN BA 97 -73.02 37.13 -8.31
CA ASN BA 97 -71.58 37.25 -8.46
C ASN BA 97 -70.88 36.77 -7.20
N ILE BA 98 -69.77 36.07 -7.37
CA ILE BA 98 -68.91 35.69 -6.26
C ILE BA 98 -67.71 36.62 -6.21
N LYS BA 99 -67.42 37.21 -5.04
CA LYS BA 99 -66.31 38.22 -4.96
C LYS BA 99 -65.01 37.53 -4.57
N VAL BA 100 -63.99 37.64 -5.42
CA VAL BA 100 -62.72 36.88 -5.22
C VAL BA 100 -61.73 37.73 -4.41
N TYR BA 101 -61.91 39.05 -4.43
CA TYR BA 101 -61.04 39.99 -3.70
C TYR BA 101 -61.95 40.90 -2.88
N ASN BA 102 -61.47 41.42 -1.76
CA ASN BA 102 -62.27 42.30 -0.88
C ASN BA 102 -61.94 43.76 -1.20
N SER BA 103 -61.53 44.04 -2.44
CA SER BA 103 -61.14 45.39 -2.90
C SER BA 103 -61.74 45.67 -4.27
N ASP BA 104 -61.86 46.94 -4.66
CA ASP BA 104 -62.46 47.33 -5.97
C ASP BA 104 -61.39 47.22 -7.06
N ARG BA 105 -60.17 46.92 -6.70
CA ARG BA 105 -59.06 46.78 -7.66
C ARG BA 105 -59.44 45.82 -8.77
N TYR BA 106 -59.03 46.12 -9.99
CA TYR BA 106 -59.24 45.16 -11.09
C TYR BA 106 -58.00 44.27 -11.09
N VAL BA 107 -58.25 42.95 -10.92
CA VAL BA 107 -57.10 42.00 -10.99
C VAL BA 107 -57.16 41.33 -12.35
N ARG BA 108 -56.03 41.31 -13.12
CA ARG BA 108 -56.12 40.72 -14.47
C ARG BA 108 -56.45 39.22 -14.30
N PRO BA 109 -57.51 38.63 -14.89
CA PRO BA 109 -57.86 37.22 -14.62
C PRO BA 109 -56.75 36.17 -14.78
N THR BA 110 -56.64 35.17 -13.89
CA THR BA 110 -55.65 34.14 -14.10
C THR BA 110 -56.24 32.89 -14.69
N PHE BA 111 -57.51 32.64 -14.41
CA PHE BA 111 -58.28 31.54 -14.96
C PHE BA 111 -59.44 32.09 -15.77
N ALA BA 112 -59.81 31.35 -16.80
CA ALA BA 112 -60.95 31.72 -17.65
C ALA BA 112 -61.88 30.53 -17.78
N VAL BA 113 -63.15 30.84 -17.97
CA VAL BA 113 -64.12 29.83 -18.36
C VAL BA 113 -64.00 29.62 -19.86
N THR BA 114 -63.86 28.37 -20.26
CA THR BA 114 -63.66 28.04 -21.66
C THR BA 114 -64.73 27.06 -22.08
N PRO BA 115 -65.01 26.96 -23.37
CA PRO BA 115 -65.81 25.85 -23.87
C PRO BA 115 -65.12 24.53 -23.62
N SER BA 116 -65.93 23.48 -23.57
CA SER BA 116 -65.38 22.15 -23.43
C SER BA 116 -64.71 21.66 -24.71
N LYS BA 117 -64.99 22.29 -25.85
CA LYS BA 117 -64.37 21.89 -27.10
C LYS BA 117 -63.91 23.08 -27.93
N PRO BA 118 -62.85 22.91 -28.71
CA PRO BA 118 -62.47 23.95 -29.66
C PRO BA 118 -63.31 23.94 -30.92
N ALA BA 119 -63.00 24.81 -31.87
CA ALA BA 119 -63.63 24.75 -33.17
C ALA BA 119 -63.26 23.46 -33.88
N GLN BA 120 -64.13 23.03 -34.79
CA GLN BA 120 -63.92 21.76 -35.47
C GLN BA 120 -62.63 21.77 -36.29
N GLU BA 121 -62.36 22.89 -36.96
CA GLU BA 121 -61.17 23.03 -37.80
C GLU BA 121 -61.13 21.97 -38.89
N THR CA 4 -38.98 76.43 -0.76
CA THR CA 4 -39.50 75.25 -0.07
C THR CA 4 -39.99 74.22 -1.07
N PRO CA 5 -39.47 73.00 -0.98
CA PRO CA 5 -39.87 71.94 -1.91
C PRO CA 5 -41.22 71.31 -1.62
N THR CA 6 -41.96 71.82 -0.63
CA THR CA 6 -43.28 71.36 -0.23
C THR CA 6 -43.29 69.93 0.31
N GLN CA 7 -42.13 69.26 0.35
CA GLN CA 7 -42.04 67.91 0.91
C GLN CA 7 -40.64 67.74 1.47
N THR CA 8 -40.52 67.88 2.77
CA THR CA 8 -39.19 67.79 3.43
C THR CA 8 -38.99 66.36 3.91
N TYR CA 9 -40.05 65.68 4.35
CA TYR CA 9 -39.93 64.24 4.69
C TYR CA 9 -40.49 63.50 3.47
N GLN CA 10 -39.63 63.01 2.58
CA GLN CA 10 -40.12 62.42 1.31
C GLN CA 10 -40.11 60.90 1.36
N PHE CA 11 -39.42 60.30 2.34
CA PHE CA 11 -39.26 58.83 2.36
C PHE CA 11 -39.52 58.31 3.77
N PRO CA 12 -40.13 57.12 3.97
CA PRO CA 12 -40.29 56.58 5.32
C PRO CA 12 -38.93 56.20 5.91
N SER CA 13 -38.65 56.63 7.14
CA SER CA 13 -37.32 56.39 7.75
C SER CA 13 -37.51 55.81 9.15
N LYS CA 14 -36.50 55.09 9.63
CA LYS CA 14 -36.61 54.46 10.98
C LYS CA 14 -36.27 55.48 12.06
N THR CA 15 -37.15 55.64 13.04
CA THR CA 15 -36.83 56.50 14.21
C THR CA 15 -36.17 55.60 15.26
N VAL CA 16 -34.99 55.98 15.72
CA VAL CA 16 -34.31 55.22 16.80
C VAL CA 16 -34.38 56.06 18.06
N LYS CA 17 -34.70 55.43 19.20
CA LYS CA 17 -34.69 56.09 20.52
C LYS CA 17 -33.24 56.32 20.98
N THR CA 18 -32.79 57.57 20.96
CA THR CA 18 -31.41 57.94 21.34
C THR CA 18 -31.56 59.16 22.26
N ASP CA 19 -30.49 59.58 22.92
CA ASP CA 19 -30.56 60.70 23.89
C ASP CA 19 -30.27 62.06 23.28
N TYR CA 20 -29.85 62.13 22.03
CA TYR CA 20 -29.40 63.42 21.43
C TYR CA 20 -30.00 63.61 20.04
N PRO CA 21 -30.03 64.84 19.49
CA PRO CA 21 -30.66 65.11 18.20
C PRO CA 21 -30.00 64.40 17.02
N LEU CA 22 -30.76 63.83 16.07
CA LEU CA 22 -30.15 63.23 14.85
C LEU CA 22 -29.82 64.32 13.83
N ILE CA 23 -28.62 64.28 13.27
CA ILE CA 23 -28.22 65.22 12.21
C ILE CA 23 -28.39 64.51 10.87
N ASP CA 24 -28.08 63.21 10.84
CA ASP CA 24 -28.12 62.46 9.56
C ASP CA 24 -28.06 60.96 9.78
N ASN CA 25 -29.02 60.21 9.23
CA ASN CA 25 -28.98 58.76 9.15
C ASN CA 25 -27.73 58.27 8.43
N ASP CA 26 -27.28 59.03 7.44
CA ASP CA 26 -26.31 58.55 6.46
C ASP CA 26 -25.44 59.70 6.04
N PRO CA 27 -24.47 60.09 6.92
CA PRO CA 27 -23.60 61.19 6.61
C PRO CA 27 -22.64 60.76 5.51
N HIS CA 28 -22.28 61.69 4.64
CA HIS CA 28 -21.28 61.40 3.61
C HIS CA 28 -19.94 61.22 4.31
N PHE CA 29 -18.98 60.57 3.67
CA PHE CA 29 -17.66 60.27 4.28
C PHE CA 29 -16.97 61.58 4.60
N THR CA 30 -17.05 62.58 3.72
CA THR CA 30 -16.26 63.78 3.97
C THR CA 30 -16.83 64.62 5.10
N ARG CA 31 -18.16 64.61 5.25
CA ARG CA 31 -18.77 65.28 6.38
C ARG CA 31 -18.39 64.59 7.69
N VAL CA 32 -18.28 63.26 7.68
CA VAL CA 32 -17.88 62.56 8.88
C VAL CA 32 -16.45 62.93 9.27
N ILE CA 33 -15.56 62.98 8.29
CA ILE CA 33 -14.18 63.40 8.54
C ILE CA 33 -14.16 64.85 8.99
N ARG CA 34 -14.91 65.70 8.30
CA ARG CA 34 -14.79 67.14 8.50
C ARG CA 34 -15.35 67.59 9.84
N TYR CA 35 -16.24 66.82 10.44
CA TYR CA 35 -16.79 67.17 11.75
C TYR CA 35 -16.04 66.55 12.90
N ALA CA 36 -15.05 65.71 12.64
CA ALA CA 36 -14.37 65.02 13.72
C ALA CA 36 -13.60 65.98 14.59
N ARG CA 37 -13.84 65.92 15.89
CA ARG CA 37 -13.16 66.79 16.84
C ARG CA 37 -11.77 66.23 17.16
N PRO CA 38 -10.84 67.10 17.57
CA PRO CA 38 -9.44 66.66 17.70
C PRO CA 38 -9.24 65.50 18.66
N SER CA 39 -10.15 65.31 19.61
CA SER CA 39 -10.12 64.11 20.43
C SER CA 39 -10.31 62.86 19.59
N ASP CA 40 -11.14 62.94 18.53
CA ASP CA 40 -11.36 61.78 17.68
C ASP CA 40 -10.05 61.31 17.06
N TYR CA 41 -9.12 62.23 16.81
CA TYR CA 41 -7.84 61.87 16.23
C TYR CA 41 -6.95 61.19 17.26
N ALA CA 42 -6.93 61.71 18.48
CA ALA CA 42 -6.13 61.10 19.53
C ALA CA 42 -6.57 59.67 19.79
N HIS CA 43 -7.88 59.44 19.82
CA HIS CA 43 -8.42 58.12 20.14
C HIS CA 43 -8.13 57.11 19.05
N GLY CA 44 -8.26 57.52 17.80
CA GLY CA 44 -7.95 56.61 16.70
C GLY CA 44 -6.50 56.22 16.67
N LEU CA 45 -5.61 57.19 16.80
CA LEU CA 45 -4.17 56.91 16.87
C LEU CA 45 -3.83 56.06 18.07
N ALA CA 46 -4.41 56.37 19.22
CA ALA CA 46 -4.19 55.59 20.43
C ALA CA 46 -4.61 54.15 20.24
N ALA CA 47 -5.80 53.89 19.70
CA ALA CA 47 -6.20 52.50 19.45
C ALA CA 47 -5.31 51.86 18.40
N ALA CA 48 -4.95 52.58 17.36
CA ALA CA 48 -4.21 52.00 16.23
C ALA CA 48 -2.85 51.49 16.68
N ALA CA 49 -2.12 52.27 17.45
CA ALA CA 49 -0.81 51.84 17.98
C ALA CA 49 -0.96 50.67 18.94
N ALA CA 50 -2.12 50.49 19.56
CA ALA CA 50 -2.30 49.45 20.59
C ALA CA 50 -2.09 48.01 20.11
N GLY CA 51 -2.60 47.64 18.94
CA GLY CA 51 -2.42 46.27 18.40
C GLY CA 51 -0.99 45.95 18.07
N PRO CA 52 -0.23 46.82 17.39
CA PRO CA 52 1.19 46.59 17.21
C PRO CA 52 1.92 46.57 18.57
N ALA CA 53 1.53 47.40 19.53
CA ALA CA 53 2.28 47.50 20.79
C ALA CA 53 1.86 46.34 21.68
N ALA CA 54 0.61 45.93 21.61
CA ALA CA 54 0.25 44.70 22.31
C ALA CA 54 1.08 43.53 21.81
N LEU CA 55 1.33 43.45 20.51
CA LEU CA 55 2.06 42.30 19.99
C LEU CA 55 3.52 42.34 20.37
N TRP CA 56 4.12 43.53 20.34
CA TRP CA 56 5.48 43.63 20.81
C TRP CA 56 5.58 43.36 22.29
N LEU CA 57 4.58 43.82 23.05
CA LEU CA 57 4.58 43.59 24.52
C LEU CA 57 4.58 42.08 24.79
N MET CA 58 3.74 41.32 24.08
CA MET CA 58 3.61 39.86 24.29
C MET CA 58 4.94 39.17 23.99
N GLU CA 59 5.63 39.58 22.93
CA GLU CA 59 6.91 38.93 22.52
C GLU CA 59 7.96 39.12 23.61
N ARG CA 60 8.04 40.31 24.19
CA ARG CA 60 9.02 40.54 25.27
C ARG CA 60 8.65 39.71 26.51
N ILE CA 61 7.39 39.74 26.94
CA ILE CA 61 6.97 39.03 28.19
C ILE CA 61 6.97 37.52 27.98
N SER CA 62 6.42 37.05 26.86
CA SER CA 62 6.30 35.59 26.60
C SER CA 62 6.81 35.31 25.19
N PRO CA 63 8.14 35.21 24.96
CA PRO CA 63 8.68 35.08 23.60
C PRO CA 63 8.11 33.96 22.71
N SER CA 64 7.92 34.24 21.42
CA SER CA 64 7.36 33.27 20.45
C SER CA 64 8.34 32.16 20.07
N GLN CA 65 9.65 32.43 20.13
CA GLN CA 65 10.69 31.40 19.81
C GLN CA 65 10.67 31.16 18.32
N VAL CA 66 10.18 32.13 17.56
CA VAL CA 66 10.06 32.00 16.08
C VAL CA 66 11.43 32.22 15.44
N GLY CA 67 11.56 31.93 14.16
CA GLY CA 67 12.76 32.13 13.39
C GLY CA 67 13.10 33.58 13.11
N ARG CA 68 13.98 33.82 12.15
CA ARG CA 68 14.62 35.13 12.03
C ARG CA 68 13.64 36.19 11.56
N GLY CA 69 12.91 35.95 10.49
CA GLY CA 69 12.08 37.01 9.97
C GLY CA 69 10.63 37.00 10.41
N GLY CA 70 10.24 36.08 11.27
CA GLY CA 70 8.83 35.89 11.55
C GLY CA 70 8.19 37.05 12.29
N PHE CA 71 8.92 37.68 13.20
CA PHE CA 71 8.29 38.73 13.96
C PHE CA 71 8.12 39.98 13.12
N ALA CA 72 9.04 40.25 12.22
CA ALA CA 72 8.88 41.39 11.31
C ALA CA 72 7.64 41.23 10.44
N LYS CA 73 7.38 40.01 9.97
CA LYS CA 73 6.17 39.75 9.22
C LYS CA 73 4.92 40.02 10.06
N ALA CA 74 4.91 39.53 11.30
CA ALA CA 74 3.77 39.70 12.19
C ALA CA 74 3.56 41.17 12.57
N MET CA 75 4.64 41.89 12.84
CA MET CA 75 4.56 43.32 13.11
C MET CA 75 3.88 44.09 11.98
N ARG CA 76 4.13 43.69 10.74
CA ARG CA 76 3.45 44.34 9.58
C ARG CA 76 1.95 44.08 9.64
N LEU CA 77 1.53 42.83 9.87
CA LEU CA 77 0.11 42.46 9.91
C LEU CA 77 -0.61 43.12 11.10
N ALA CA 78 0.00 43.13 12.27
CA ALA CA 78 -0.58 43.76 13.48
C ALA CA 78 -0.70 45.26 13.22
N GLY CA 79 0.26 45.83 12.51
CA GLY CA 79 0.26 47.24 12.12
C GLY CA 79 -0.85 47.60 11.16
N PHE CA 80 -1.13 46.76 10.16
CA PHE CA 80 -2.25 47.00 9.23
C PHE CA 80 -3.57 46.94 10.00
N ILE CA 81 -3.72 45.96 10.88
CA ILE CA 81 -4.97 45.76 11.64
C ILE CA 81 -5.17 46.96 12.55
N GLY CA 82 -4.06 47.51 13.05
CA GLY CA 82 -4.12 48.71 13.90
C GLY CA 82 -4.53 49.92 13.12
N LEU CA 83 -4.01 50.10 11.93
CA LEU CA 83 -4.45 51.23 11.08
C LEU CA 83 -5.91 50.99 10.70
N ALA CA 84 -6.30 49.78 10.44
CA ALA CA 84 -7.68 49.39 10.10
C ALA CA 84 -8.59 49.65 11.30
N GLY CA 85 -8.39 48.96 12.42
CA GLY CA 85 -9.23 49.21 13.57
C GLY CA 85 -9.13 50.63 14.08
N GLY CA 86 -7.95 51.24 13.96
CA GLY CA 86 -7.80 52.63 14.39
C GLY CA 86 -8.63 53.61 13.60
N PHE CA 87 -8.71 53.42 12.28
CA PHE CA 87 -9.50 54.35 11.48
C PHE CA 87 -11.00 54.10 11.66
N LEU CA 88 -11.39 52.85 11.78
CA LEU CA 88 -12.79 52.53 11.98
C LEU CA 88 -13.31 53.12 13.27
N TYR CA 89 -12.50 53.07 14.33
CA TYR CA 89 -12.86 53.65 15.64
C TYR CA 89 -12.93 55.18 15.54
N PHE CA 90 -11.97 55.80 14.85
CA PHE CA 90 -12.01 57.24 14.67
C PHE CA 90 -13.24 57.68 13.88
N TYR CA 91 -13.56 56.97 12.82
CA TYR CA 91 -14.74 57.29 12.01
C TYR CA 91 -16.02 57.03 12.78
N GLN CA 92 -16.04 55.95 13.56
CA GLN CA 92 -17.24 55.55 14.27
C GLN CA 92 -17.50 56.49 15.43
N ARG CA 93 -16.44 57.08 15.98
CA ARG CA 93 -16.57 58.07 17.03
C ARG CA 93 -17.16 59.38 16.52
N SER CA 94 -16.78 59.78 15.31
CA SER CA 94 -17.33 61.00 14.75
C SER CA 94 -18.77 60.82 14.29
N ILE CA 95 -19.06 59.68 13.66
CA ILE CA 95 -20.36 59.45 13.03
C ILE CA 95 -21.48 59.17 14.05
N LEU CA 96 -21.15 58.84 15.29
CA LEU CA 96 -22.21 58.63 16.26
C LEU CA 96 -22.82 59.94 16.73
N ARG CA 97 -22.10 61.05 16.61
CA ARG CA 97 -22.71 62.35 16.84
C ARG CA 97 -23.72 62.67 15.75
N PHE CA 98 -23.47 62.26 14.52
CA PHE CA 98 -24.48 62.39 13.47
C PHE CA 98 -25.73 61.59 13.80
N TYR CA 99 -25.55 60.37 14.31
CA TYR CA 99 -26.68 59.45 14.60
C TYR CA 99 -27.46 59.91 15.84
N GLY CA 100 -26.88 60.75 16.69
CA GLY CA 100 -27.54 61.20 17.93
C GLY CA 100 -27.23 60.30 19.11
N MET CA 101 -26.24 59.44 18.97
CA MET CA 101 -25.89 58.44 20.00
C MET CA 101 -24.72 58.94 20.84
N SER CA 102 -24.31 60.18 20.60
CA SER CA 102 -23.22 60.82 21.38
C SER CA 102 -23.56 62.30 21.46
N GLU CA 103 -23.07 62.99 22.49
CA GLU CA 103 -23.34 64.41 22.66
C GLU CA 103 -22.81 65.18 21.45
N ASN CA 104 -23.70 65.93 20.80
CA ASN CA 104 -23.40 66.49 19.47
C ASN CA 104 -23.83 67.93 19.38
N ALA CA 105 -23.74 68.68 20.47
CA ALA CA 105 -24.18 70.07 20.44
C ALA CA 105 -23.36 70.89 19.46
N ARG CA 106 -22.04 70.66 19.45
CA ARG CA 106 -21.16 71.35 18.52
C ARG CA 106 -21.56 71.09 17.09
N GLU CA 107 -21.73 69.81 16.74
CA GLU CA 107 -21.98 69.46 15.32
C GLU CA 107 -23.40 69.81 14.86
N VAL CA 108 -24.33 70.04 15.78
CA VAL CA 108 -25.70 70.47 15.39
C VAL CA 108 -25.58 71.90 14.87
N GLU CA 109 -24.78 72.73 15.53
CA GLU CA 109 -24.55 74.12 15.07
C GLU CA 109 -23.79 74.12 13.75
N MET CA 110 -22.79 73.26 13.62
CA MET CA 110 -21.95 73.25 12.40
C MET CA 110 -22.82 72.70 11.27
N ASP CA 111 -23.71 71.76 11.58
CA ASP CA 111 -24.67 71.21 10.59
C ASP CA 111 -25.68 72.26 10.20
N MET CA 112 -26.12 73.06 11.17
CA MET CA 112 -27.24 73.98 10.88
C MET CA 112 -26.67 75.08 10.02
N ARG CA 113 -25.46 75.49 10.34
CA ARG CA 113 -24.90 76.58 9.56
C ARG CA 113 -24.66 76.17 8.12
N GLU CA 114 -23.96 75.06 7.92
CA GLU CA 114 -23.58 74.65 6.57
C GLU CA 114 -24.80 74.35 5.72
N MET CA 115 -25.76 73.61 6.28
CA MET CA 115 -26.93 73.21 5.52
C MET CA 115 -27.80 74.41 5.17
N THR CA 116 -27.83 75.42 6.04
CA THR CA 116 -28.53 76.65 5.73
C THR CA 116 -27.75 77.49 4.74
N ASP CA 117 -26.43 77.56 4.92
CA ASP CA 117 -25.58 78.24 3.95
C ASP CA 117 -25.68 77.61 2.57
N ARG CA 118 -26.01 76.32 2.50
CA ARG CA 118 -26.23 75.69 1.21
C ARG CA 118 -27.57 76.08 0.61
N VAL CA 119 -28.62 76.15 1.43
CA VAL CA 119 -29.95 76.50 0.93
C VAL CA 119 -29.92 77.86 0.27
N LYS CA 120 -29.34 78.84 0.95
CA LYS CA 120 -29.33 80.19 0.43
C LYS CA 120 -28.45 80.33 -0.80
N ALA CA 121 -27.53 79.40 -1.00
CA ALA CA 121 -26.71 79.37 -2.19
C ALA CA 121 -27.38 78.64 -3.35
N GLY CA 122 -28.60 78.14 -3.14
CA GLY CA 122 -29.33 77.41 -4.14
C GLY CA 122 -28.87 75.98 -4.34
N LEU CA 123 -27.95 75.54 -3.49
CA LEU CA 123 -27.35 74.20 -3.67
C LEU CA 123 -28.31 73.09 -3.27
N PRO CA 124 -28.21 71.88 -3.84
CA PRO CA 124 -29.01 70.77 -3.38
C PRO CA 124 -28.54 70.59 -1.94
N LEU CA 125 -29.44 70.29 -1.01
CA LEU CA 125 -28.99 70.23 0.42
C LEU CA 125 -27.89 69.19 0.61
N TYR CA 126 -28.04 68.00 0.02
CA TYR CA 126 -27.05 66.92 0.23
C TYR CA 126 -26.18 66.67 -1.01
N GLY CA 127 -26.09 67.62 -1.94
CA GLY CA 127 -25.23 67.50 -3.13
C GLY CA 127 -25.85 66.80 -4.35
N GLU CA 128 -25.07 66.58 -5.41
CA GLU CA 128 -25.64 66.04 -6.67
C GLU CA 128 -25.10 64.63 -6.92
N SER CA 129 -26.00 63.70 -7.23
CA SER CA 129 -25.56 62.30 -7.41
C SER CA 129 -25.55 61.91 -8.88
N ARG CA 130 -24.40 61.28 -9.29
CA ARG CA 130 -24.28 60.77 -10.69
C ARG CA 130 -25.14 59.51 -10.81
N LEU CA 131 -25.56 58.97 -9.69
CA LEU CA 131 -26.33 57.72 -9.64
C LEU CA 131 -27.80 58.07 -9.88
N SER CA 132 -28.60 57.06 -10.19
CA SER CA 132 -30.05 57.24 -10.49
C SER CA 132 -30.81 57.55 -9.21
N PRO CA 133 -32.00 58.17 -9.24
CA PRO CA 133 -32.75 58.35 -7.98
C PRO CA 133 -32.97 56.99 -7.32
N ALA CA 134 -33.25 55.95 -8.09
CA ALA CA 134 -33.41 54.58 -7.56
C ALA CA 134 -32.11 53.98 -7.00
N MET CA 135 -30.96 54.20 -7.66
CA MET CA 135 -29.68 53.70 -7.08
C MET CA 135 -29.33 54.52 -5.85
N GLN CA 136 -29.69 55.80 -5.82
CA GLN CA 136 -29.50 56.64 -4.63
C GLN CA 136 -30.34 56.07 -3.48
N GLY CA 137 -31.53 55.55 -3.77
CA GLY CA 137 -32.33 54.98 -2.69
C GLY CA 137 -31.81 53.64 -2.25
N VAL CA 138 -31.19 52.87 -3.13
CA VAL CA 138 -30.55 51.62 -2.69
C VAL CA 138 -29.34 51.95 -1.82
N ALA CA 139 -28.49 52.85 -2.29
CA ALA CA 139 -27.30 53.26 -1.51
C ALA CA 139 -27.73 53.69 -0.10
N ALA CA 140 -28.72 54.56 0.00
CA ALA CA 140 -29.17 55.11 1.30
C ALA CA 140 -29.66 54.00 2.23
N ARG CA 141 -30.34 52.99 1.70
CA ARG CA 141 -30.90 51.95 2.58
C ARG CA 141 -29.74 51.08 3.09
N GLN CA 142 -28.70 50.90 2.29
CA GLN CA 142 -27.50 50.14 2.70
C GLN CA 142 -26.69 50.86 3.78
N SER CA 143 -26.58 52.19 3.75
CA SER CA 143 -25.63 52.86 4.66
C SER CA 143 -26.28 53.52 5.89
N ARG CA 144 -27.62 53.57 5.93
CA ARG CA 144 -28.31 54.21 7.06
C ARG CA 144 -27.93 53.45 8.35
N TYR CA 145 -27.38 54.13 9.36
CA TYR CA 145 -26.97 53.53 10.66
C TYR CA 145 -26.03 52.33 10.50
N SER CA 146 -25.12 52.33 9.52
CA SER CA 146 -24.29 51.14 9.23
C SER CA 146 -22.98 51.14 10.02
N ALA CA 147 -22.56 52.29 10.52
CA ALA CA 147 -21.36 52.33 11.38
C ALA CA 147 -21.65 51.53 12.64
N LEU CA 148 -22.92 51.27 12.91
CA LEU CA 148 -23.33 50.46 14.06
C LEU CA 148 -22.97 49.00 13.83
N PHE CA 149 -22.72 48.59 12.60
CA PHE CA 149 -22.31 47.19 12.28
C PHE CA 149 -20.83 47.08 11.92
N PHE CA 150 -19.98 48.05 12.28
CA PHE CA 150 -18.54 48.12 11.91
C PHE CA 150 -17.71 46.94 12.43
N GLY CA 151 -17.98 46.48 13.66
CA GLY CA 151 -17.22 45.37 14.24
C GLY CA 151 -17.35 44.10 13.43
N VAL CA 152 -18.42 43.96 12.66
CA VAL CA 152 -18.58 42.79 11.75
C VAL CA 152 -18.28 43.19 10.31
N MET CA 153 -18.89 44.26 9.82
CA MET CA 153 -18.76 44.58 8.38
C MET CA 153 -18.42 46.06 8.13
N PRO CA 154 -17.38 46.43 7.36
CA PRO CA 154 -17.15 47.85 7.06
C PRO CA 154 -17.99 48.42 5.92
N TRP CA 155 -18.63 49.58 6.11
CA TRP CA 155 -19.37 50.24 5.01
C TRP CA 155 -19.16 51.74 5.13
N PHE CA 156 -19.11 52.48 4.02
CA PHE CA 156 -19.01 53.96 4.09
C PHE CA 156 -19.92 54.60 3.03
N ASN CA 157 -20.46 55.78 3.31
CA ASN CA 157 -21.29 56.51 2.36
C ASN CA 157 -20.41 57.35 1.45
N PHE CA 158 -20.51 57.14 0.14
CA PHE CA 158 -19.75 57.95 -0.85
C PHE CA 158 -20.74 58.37 -1.94
N VAL CA 159 -22.03 58.44 -1.61
CA VAL CA 159 -23.08 58.80 -2.60
C VAL CA 159 -23.81 60.06 -2.11
N ASN CA 160 -24.25 60.93 -3.02
CA ASN CA 160 -24.93 62.21 -2.65
C ASN CA 160 -26.44 62.04 -2.75
N HIS CA 161 -27.02 61.15 -1.95
CA HIS CA 161 -28.47 60.93 -1.94
C HIS CA 161 -29.13 62.03 -1.11
N ASN CA 162 -30.46 62.13 -1.17
CA ASN CA 162 -31.12 63.12 -0.29
C ASN CA 162 -32.00 62.42 0.76
N GLN CA 163 -31.74 61.14 1.04
CA GLN CA 163 -32.49 60.41 2.10
C GLN CA 163 -31.65 60.33 3.38
N HIS CA 164 -31.89 61.21 4.35
CA HIS CA 164 -30.98 61.28 5.54
C HIS CA 164 -31.77 61.20 6.83
N GLY CA 165 -33.05 60.87 6.75
CA GLY CA 165 -33.86 60.62 7.95
C GLY CA 165 -34.36 61.84 8.67
N VAL CA 166 -34.00 63.04 8.20
CA VAL CA 166 -34.37 64.28 8.93
C VAL CA 166 -35.38 65.10 8.13
N ASP CA 167 -36.28 65.79 8.84
CA ASP CA 167 -37.25 66.70 8.20
C ASP CA 167 -36.47 67.98 7.91
N THR CA 168 -36.21 68.28 6.65
CA THR CA 168 -35.35 69.40 6.27
C THR CA 168 -36.08 70.73 6.25
N ALA CA 169 -37.28 70.80 6.78
CA ALA CA 169 -38.00 72.09 6.86
C ALA CA 169 -37.20 73.12 7.66
N LYS CA 170 -36.48 72.71 8.72
CA LYS CA 170 -35.76 73.63 9.64
C LYS CA 170 -34.65 74.40 8.93
N TYR CA 171 -33.89 73.73 8.08
CA TYR CA 171 -32.81 74.40 7.31
C TYR CA 171 -33.43 75.47 6.42
N TYR CA 172 -34.54 75.17 5.76
CA TYR CA 172 -35.21 76.13 4.85
C TYR CA 172 -35.80 77.25 5.68
N GLN CA 173 -36.51 76.90 6.76
CA GLN CA 173 -37.08 77.89 7.67
C GLN CA 173 -36.01 78.85 8.17
N GLN CA 174 -34.86 78.34 8.58
CA GLN CA 174 -33.81 79.20 9.11
C GLN CA 174 -33.15 80.02 8.02
N ALA CA 175 -33.07 79.46 6.82
CA ALA CA 175 -32.60 80.27 5.71
C ALA CA 175 -33.56 81.42 5.43
N GLU CA 176 -34.86 81.14 5.46
CA GLU CA 176 -35.85 82.18 5.22
C GLU CA 176 -35.75 83.28 6.27
N ARG CA 177 -35.61 82.90 7.54
CA ARG CA 177 -35.52 83.87 8.61
C ARG CA 177 -34.20 84.63 8.56
N GLU CA 178 -33.17 83.99 8.03
CA GLU CA 178 -31.89 84.69 7.90
C GLU CA 178 -31.89 85.62 6.69
N LEU CA 179 -32.54 85.22 5.60
CA LEU CA 179 -32.65 86.13 4.45
C LEU CA 179 -33.48 87.35 4.81
N GLU CA 180 -34.59 87.16 5.53
CA GLU CA 180 -35.40 88.30 5.93
C GLU CA 180 -34.68 89.22 6.91
N ALA CA 181 -33.69 88.70 7.64
CA ALA CA 181 -32.93 89.56 8.53
C ALA CA 181 -31.93 90.41 7.75
N GLU CA 182 -31.27 89.83 6.76
CA GLU CA 182 -30.27 90.58 6.00
C GLU CA 182 -30.92 91.64 5.12
N ARG CA 183 -32.10 91.33 4.58
CA ARG CA 183 -32.76 92.28 3.68
C ARG CA 183 -33.13 93.57 4.41
N LEU CA 184 -33.60 93.45 5.65
CA LEU CA 184 -33.94 94.64 6.43
C LEU CA 184 -32.70 95.49 6.69
N ALA CA 185 -31.56 94.85 6.98
CA ALA CA 185 -30.33 95.59 7.22
C ALA CA 185 -29.91 96.36 5.97
N ARG CA 186 -30.01 95.75 4.80
CA ARG CA 186 -29.68 96.45 3.57
C ARG CA 186 -30.64 97.60 3.31
N GLU CA 187 -31.93 97.40 3.61
CA GLU CA 187 -32.91 98.46 3.44
C GLU CA 187 -32.69 99.59 4.44
N GLN CA 188 -32.25 99.24 5.65
CA GLN CA 188 -31.99 100.27 6.67
C GLN CA 188 -30.87 101.19 6.24
N ALA CA 189 -29.82 100.64 5.64
CA ALA CA 189 -28.70 101.46 5.17
C ALA CA 189 -28.40 101.17 3.71
N PRO DA 57 23.41 -51.17 -14.43
CA PRO DA 57 23.81 -52.58 -14.34
C PRO DA 57 24.65 -53.04 -15.53
N ARG DA 58 25.91 -52.60 -15.58
CA ARG DA 58 26.89 -53.08 -16.55
C ARG DA 58 26.44 -52.81 -17.98
N ASN DA 59 26.45 -51.52 -18.33
CA ASN DA 59 26.18 -51.03 -19.68
C ASN DA 59 24.72 -51.16 -20.08
N ALA DA 60 23.84 -51.35 -19.12
CA ALA DA 60 22.42 -51.46 -19.43
C ALA DA 60 21.84 -50.09 -19.71
N PRO DA 61 21.15 -49.90 -20.82
CA PRO DA 61 20.57 -48.59 -21.13
C PRO DA 61 19.46 -48.25 -20.16
N ASP DA 62 19.59 -47.14 -19.45
CA ASP DA 62 18.57 -46.72 -18.50
C ASP DA 62 17.38 -46.20 -19.28
N TYR DA 63 16.46 -47.11 -19.59
CA TYR DA 63 15.27 -46.77 -20.35
C TYR DA 63 14.33 -45.85 -19.58
N ASN DA 64 14.58 -45.64 -18.29
CA ASN DA 64 13.72 -44.81 -17.47
C ASN DA 64 14.35 -43.48 -17.10
N VAL DA 65 15.34 -43.02 -17.85
CA VAL DA 65 15.89 -41.70 -17.61
C VAL DA 65 14.78 -40.68 -17.80
N PRO DA 66 14.72 -39.64 -17.00
CA PRO DA 66 13.73 -38.58 -17.23
C PRO DA 66 14.15 -37.68 -18.39
N ILE DA 67 13.35 -37.64 -19.45
CA ILE DA 67 13.67 -36.85 -20.62
C ILE DA 67 13.56 -35.36 -20.30
N ASP DA 68 14.00 -34.53 -21.22
CA ASP DA 68 13.85 -33.09 -21.09
C ASP DA 68 13.14 -32.50 -22.30
N ILE DA 69 13.18 -31.18 -22.42
CA ILE DA 69 12.45 -30.51 -23.49
C ILE DA 69 13.04 -30.85 -24.86
N ALA DA 70 14.36 -30.99 -24.94
CA ALA DA 70 14.99 -31.22 -26.24
C ALA DA 70 15.08 -32.70 -26.60
N THR DA 71 14.61 -33.61 -25.77
CA THR DA 71 14.59 -35.01 -26.14
C THR DA 71 13.61 -35.25 -27.27
N SER DA 72 14.01 -36.08 -28.22
CA SER DA 72 13.29 -36.25 -29.48
C SER DA 72 13.13 -37.74 -29.78
N THR DA 73 12.62 -38.04 -30.96
CA THR DA 73 12.51 -39.38 -31.47
C THR DA 73 13.80 -39.87 -32.09
N PHE DA 74 14.85 -39.05 -32.05
CA PHE DA 74 16.16 -39.43 -32.50
C PHE DA 74 17.14 -39.57 -31.36
N THR DA 75 16.78 -39.12 -30.17
CA THR DA 75 17.63 -39.22 -29.00
C THR DA 75 17.85 -40.69 -28.65
N PRO DA 76 19.08 -41.16 -28.54
CA PRO DA 76 19.28 -42.53 -28.08
C PRO DA 76 19.04 -42.66 -26.59
N VAL DA 77 18.91 -43.90 -26.15
CA VAL DA 77 18.71 -44.18 -24.72
C VAL DA 77 20.08 -44.17 -24.05
N PRO DA 78 20.29 -43.35 -23.04
CA PRO DA 78 21.59 -43.33 -22.37
C PRO DA 78 21.77 -44.50 -21.42
N LYS DA 79 23.03 -44.81 -21.14
CA LYS DA 79 23.35 -45.75 -20.08
C LYS DA 79 23.64 -45.08 -18.76
N ASN DA 80 24.40 -43.98 -18.75
CA ASN DA 80 24.81 -43.32 -17.53
C ASN DA 80 24.59 -41.83 -17.66
N VAL DA 81 23.96 -41.24 -16.67
CA VAL DA 81 23.76 -39.80 -16.62
C VAL DA 81 24.46 -39.29 -15.38
N GLN DA 82 25.26 -38.24 -15.54
CA GLN DA 82 26.07 -37.77 -14.44
C GLN DA 82 25.19 -37.43 -13.25
N ASP DA 83 25.35 -38.22 -12.20
CA ASP DA 83 24.62 -38.05 -10.95
C ASP DA 83 25.09 -36.82 -10.18
N GLY DA 84 26.34 -36.44 -10.38
CA GLY DA 84 26.91 -35.35 -9.61
C GLY DA 84 27.66 -35.81 -8.41
N SER DA 85 28.05 -37.07 -8.37
CA SER DA 85 28.70 -37.67 -7.22
C SER DA 85 30.04 -38.29 -7.56
N GLU DA 86 30.32 -38.53 -8.84
CA GLU DA 86 31.53 -39.24 -9.22
C GLU DA 86 32.76 -38.50 -8.74
N GLU DA 87 33.78 -39.26 -8.36
CA GLU DA 87 34.94 -38.67 -7.73
C GLU DA 87 35.88 -38.04 -8.74
N ASN DA 88 36.46 -36.90 -8.36
CA ASN DA 88 37.54 -36.18 -9.02
C ASN DA 88 37.13 -35.47 -10.30
N VAL DA 89 35.88 -35.58 -10.74
CA VAL DA 89 35.44 -34.94 -11.98
C VAL DA 89 34.31 -34.00 -11.65
N VAL DA 90 34.33 -32.82 -12.24
CA VAL DA 90 33.19 -31.91 -12.13
C VAL DA 90 32.03 -32.47 -12.92
N PRO DA 91 30.82 -32.50 -12.38
CA PRO DA 91 29.65 -32.91 -13.16
C PRO DA 91 29.13 -31.78 -14.05
N ALA DA 92 29.96 -31.38 -15.02
CA ALA DA 92 29.63 -30.22 -15.84
C ALA DA 92 28.41 -30.48 -16.73
N GLY DA 93 28.24 -31.71 -17.19
CA GLY DA 93 27.05 -32.04 -17.93
C GLY DA 93 25.76 -31.94 -17.14
N LEU DA 94 25.84 -32.04 -15.82
CA LEU DA 94 24.70 -31.86 -14.94
C LEU DA 94 24.28 -30.41 -14.80
N ILE DA 95 25.22 -29.48 -14.84
CA ILE DA 95 24.96 -28.06 -14.65
C ILE DA 95 25.13 -27.25 -15.93
N SER DA 96 25.34 -27.91 -17.07
CA SER DA 96 25.59 -27.23 -18.33
C SER DA 96 24.34 -26.69 -19.00
N GLY DA 97 23.17 -27.23 -18.68
CA GLY DA 97 21.98 -26.88 -19.42
C GLY DA 97 21.84 -27.59 -20.74
N ALA DA 98 22.79 -28.45 -21.09
CA ALA DA 98 22.68 -29.25 -22.27
C ALA DA 98 21.64 -30.34 -22.08
N PRO DA 99 21.06 -30.86 -23.15
CA PRO DA 99 20.13 -31.98 -23.01
C PRO DA 99 20.85 -33.25 -22.56
N MET DA 100 20.03 -34.21 -22.14
CA MET DA 100 20.52 -35.53 -21.76
C MET DA 100 21.17 -36.27 -22.92
N GLU DA 101 20.80 -35.94 -24.15
CA GLU DA 101 21.30 -36.68 -25.31
C GLU DA 101 22.80 -36.57 -25.45
N LEU DA 102 23.40 -35.52 -24.91
CA LEU DA 102 24.85 -35.41 -24.97
C LEU DA 102 25.50 -36.51 -24.16
N GLN DA 103 24.83 -37.00 -23.15
CA GLN DA 103 25.37 -38.05 -22.30
C GLN DA 103 25.11 -39.44 -22.84
N ALA DA 104 24.34 -39.58 -23.91
CA ALA DA 104 24.07 -40.87 -24.52
C ALA DA 104 24.95 -41.14 -25.71
N ARG DA 105 25.27 -40.08 -26.46
CA ARG DA 105 26.03 -40.26 -27.72
C ARG DA 105 27.52 -40.33 -27.50
N THR DA 106 28.21 -41.13 -28.30
CA THR DA 106 29.66 -41.23 -28.24
C THR DA 106 30.35 -40.19 -29.10
N VAL DA 107 31.49 -39.69 -28.63
CA VAL DA 107 32.33 -38.73 -29.40
C VAL DA 107 33.63 -39.44 -29.77
N ARG DA 108 34.29 -39.05 -30.85
CA ARG DA 108 35.60 -39.65 -31.20
C ARG DA 108 36.68 -38.61 -30.98
N ILE DA 109 37.70 -38.93 -30.18
CA ILE DA 109 38.87 -38.03 -30.01
C ILE DA 109 39.99 -38.59 -30.87
N TYR DA 110 40.53 -37.84 -31.83
CA TYR DA 110 41.52 -38.35 -32.76
C TYR DA 110 42.35 -37.19 -33.28
N LYS DA 111 43.48 -37.52 -33.87
CA LYS DA 111 44.28 -36.56 -34.59
C LYS DA 111 44.02 -36.72 -36.07
N PRO DA 112 43.50 -35.70 -36.76
CA PRO DA 112 43.15 -35.88 -38.17
C PRO DA 112 44.34 -36.28 -39.02
N ALA DA 113 44.10 -37.21 -39.92
CA ALA DA 113 45.14 -37.69 -40.81
C ALA DA 113 45.41 -36.66 -41.89
N LYS DA 114 46.64 -36.66 -42.38
CA LYS DA 114 46.97 -35.76 -43.47
C LYS DA 114 46.18 -36.16 -44.71
N PRO DA 115 45.68 -35.20 -45.48
CA PRO DA 115 45.03 -35.54 -46.75
C PRO DA 115 45.97 -36.33 -47.65
N ALA DA 116 45.41 -37.29 -48.37
CA ALA DA 116 46.19 -37.96 -49.41
C ALA DA 116 46.47 -37.00 -50.56
N THR DA 117 45.65 -35.96 -50.71
CA THR DA 117 45.68 -35.08 -51.86
C THR DA 117 46.80 -34.06 -51.79
N GLN DA 118 47.40 -33.83 -50.63
CA GLN DA 118 48.40 -32.77 -50.48
C GLN DA 118 49.27 -33.01 -49.26
N SER DA 119 50.41 -32.31 -49.25
CA SER DA 119 51.51 -32.56 -48.33
C SER DA 119 51.56 -31.60 -47.15
N GLY DA 120 50.63 -30.67 -47.03
CA GLY DA 120 50.57 -29.86 -45.83
C GLY DA 120 50.02 -30.66 -44.68
N GLU DA 121 50.59 -30.43 -43.49
CA GLU DA 121 50.21 -31.17 -42.31
C GLU DA 121 49.73 -30.25 -41.18
N LYS DA 122 49.21 -29.08 -41.52
CA LYS DA 122 48.77 -28.15 -40.49
C LYS DA 122 47.56 -28.69 -39.73
N ASN DA 123 46.71 -29.46 -40.38
CA ASN DA 123 45.49 -29.89 -39.74
C ASN DA 123 45.67 -31.17 -38.93
N THR DA 124 46.80 -31.83 -39.07
CA THR DA 124 47.17 -32.99 -38.26
C THR DA 124 47.76 -32.63 -36.92
N GLN DA 125 47.94 -31.34 -36.64
CA GLN DA 125 48.68 -30.92 -35.43
C GLN DA 125 47.82 -30.81 -34.17
N LEU DA 126 46.50 -30.82 -34.30
CA LEU DA 126 45.66 -30.58 -33.10
C LEU DA 126 44.65 -31.72 -32.94
N TRP DA 127 44.30 -32.13 -31.72
CA TRP DA 127 43.27 -33.20 -31.59
C TRP DA 127 41.85 -32.66 -31.78
N ARG DA 128 41.03 -33.39 -32.55
CA ARG DA 128 39.63 -32.99 -32.81
C ARG DA 128 38.66 -33.91 -32.06
N MET DA 129 37.65 -33.33 -31.41
CA MET DA 129 36.58 -34.14 -30.78
C MET DA 129 35.33 -33.87 -31.61
N ASP DA 130 34.75 -34.93 -32.17
CA ASP DA 130 33.52 -34.78 -33.00
C ASP DA 130 32.50 -35.84 -32.57
N TRP DA 131 31.24 -35.65 -32.91
CA TRP DA 131 30.18 -36.60 -32.54
C TRP DA 131 29.98 -37.63 -33.64
N ASP DA 132 29.77 -38.90 -33.27
CA ASP DA 132 29.52 -40.00 -34.24
C ASP DA 132 28.14 -39.84 -34.87
N VAL DA 133 28.00 -40.19 -36.15
CA VAL DA 133 26.68 -40.12 -36.85
C VAL DA 133 25.76 -41.24 -36.36
N LEU DA 134 24.46 -40.94 -36.25
CA LEU DA 134 23.46 -41.96 -35.79
C LEU DA 134 22.75 -42.57 -37.00
N GLY DA 135 22.09 -43.71 -36.83
CA GLY DA 135 21.51 -44.43 -37.95
C GLY DA 135 20.31 -43.76 -38.55
N LYS DA 136 19.64 -42.90 -37.79
CA LYS DA 136 18.52 -42.13 -38.26
C LYS DA 136 18.61 -40.72 -37.73
N GLY DA 137 18.22 -39.74 -38.54
CA GLY DA 137 18.18 -38.33 -38.07
C GLY DA 137 19.37 -37.53 -38.52
N HIS DA 138 20.34 -38.13 -39.21
CA HIS DA 138 21.55 -37.35 -39.56
C HIS DA 138 21.26 -36.56 -40.82
N ARG DA 139 20.73 -37.21 -41.85
CA ARG DA 139 20.40 -36.52 -43.08
C ARG DA 139 19.19 -37.19 -43.70
N TRP DA 140 18.24 -36.40 -44.15
CA TRP DA 140 17.21 -36.90 -45.04
C TRP DA 140 16.95 -35.86 -46.10
N GLU DA 141 16.33 -36.31 -47.18
CA GLU DA 141 16.06 -35.46 -48.32
C GLU DA 141 14.81 -34.63 -48.08
N ASN DA 142 14.92 -33.33 -48.29
CA ASN DA 142 13.76 -32.46 -48.22
C ASN DA 142 12.82 -32.77 -49.38
N PRO DA 143 11.54 -33.03 -49.13
CA PRO DA 143 10.63 -33.31 -50.23
C PRO DA 143 10.46 -32.16 -51.20
N LEU DA 144 10.57 -30.92 -50.74
CA LEU DA 144 10.28 -29.79 -51.61
C LEU DA 144 11.47 -29.46 -52.51
N MET DA 145 12.59 -29.05 -51.93
CA MET DA 145 13.69 -28.58 -52.74
C MET DA 145 14.77 -29.61 -52.96
N GLY DA 146 14.65 -30.78 -52.36
CA GLY DA 146 15.72 -31.74 -52.43
C GLY DA 146 16.88 -31.48 -51.51
N TRP DA 147 16.78 -30.44 -50.66
CA TRP DA 147 17.85 -30.13 -49.68
C TRP DA 147 17.99 -31.25 -48.66
N GLN DA 148 19.10 -31.27 -47.95
CA GLN DA 148 19.33 -32.30 -46.91
C GLN DA 148 18.96 -31.73 -45.55
N SER DA 149 17.88 -32.33 -44.95
CA SER DA 149 17.43 -31.92 -43.59
C SER DA 149 18.11 -32.77 -42.52
N SER DA 150 18.20 -32.24 -41.27
CA SER DA 150 18.85 -33.01 -40.17
C SER DA 150 18.13 -32.84 -38.84
N ALA DA 151 18.34 -33.79 -37.93
CA ALA DA 151 17.81 -33.68 -36.56
C ALA DA 151 19.01 -33.67 -35.62
N ASP DA 152 20.20 -33.84 -36.16
CA ASP DA 152 21.42 -33.95 -35.33
C ASP DA 152 21.92 -32.54 -35.01
N PHE DA 153 21.72 -32.09 -33.77
CA PHE DA 153 22.11 -30.72 -33.38
C PHE DA 153 23.63 -30.62 -33.23
N MET DA 154 24.32 -31.75 -33.20
CA MET DA 154 25.79 -31.76 -33.02
C MET DA 154 26.51 -31.96 -34.36
N GLN DA 155 25.81 -32.15 -35.47
CA GLN DA 155 26.39 -32.46 -36.80
C GLN DA 155 27.51 -31.50 -37.24
N GLY DA 156 27.39 -30.20 -36.96
CA GLY DA 156 28.39 -29.21 -37.43
C GLY DA 156 29.30 -28.71 -36.35
N THR DA 157 29.28 -29.35 -35.19
CA THR DA 157 30.07 -28.88 -34.02
C THR DA 157 31.29 -29.77 -33.84
N HIS DA 158 32.47 -29.18 -33.77
CA HIS DA 158 33.68 -29.97 -33.45
C HIS DA 158 34.52 -29.18 -32.47
N LEU DA 159 35.33 -29.86 -31.67
CA LEU DA 159 36.17 -29.20 -30.65
C LEU DA 159 37.64 -29.49 -30.97
N THR DA 160 38.51 -28.55 -30.66
CA THR DA 160 39.97 -28.72 -30.90
C THR DA 160 40.66 -28.73 -29.54
N PHE DA 161 41.65 -29.60 -29.36
CA PHE DA 161 42.38 -29.72 -28.07
C PHE DA 161 43.88 -29.88 -28.37
N LYS DA 162 44.75 -29.42 -27.47
CA LYS DA 162 46.21 -29.44 -27.72
C LYS DA 162 46.78 -30.84 -27.40
N THR DA 163 46.26 -31.52 -26.39
CA THR DA 163 46.72 -32.84 -26.05
C THR DA 163 45.54 -33.80 -25.91
N LYS DA 164 45.86 -35.08 -25.97
CA LYS DA 164 44.83 -36.11 -25.85
C LYS DA 164 44.17 -36.07 -24.48
N GLU DA 165 44.95 -35.87 -23.44
CA GLU DA 165 44.41 -35.82 -22.09
C GLU DA 165 43.57 -34.58 -21.85
N ASP DA 166 43.79 -33.52 -22.62
CA ASP DA 166 42.92 -32.36 -22.52
C ASP DA 166 41.55 -32.66 -23.08
N ALA DA 167 41.49 -33.48 -24.12
CA ALA DA 167 40.21 -33.86 -24.68
C ALA DA 167 39.49 -34.85 -23.80
N ILE DA 168 40.23 -35.81 -23.23
CA ILE DA 168 39.63 -36.79 -22.32
C ILE DA 168 39.08 -36.10 -21.09
N ALA DA 169 39.81 -35.13 -20.56
CA ALA DA 169 39.35 -34.39 -19.40
C ALA DA 169 38.05 -33.65 -19.69
N PHE DA 170 37.95 -33.03 -20.87
CA PHE DA 170 36.72 -32.36 -21.24
C PHE DA 170 35.57 -33.36 -21.45
N ALA DA 171 35.84 -34.49 -22.09
CA ALA DA 171 34.78 -35.47 -22.31
C ALA DA 171 34.21 -35.96 -20.99
N GLU DA 172 35.07 -36.29 -20.04
CA GLU DA 172 34.57 -36.79 -18.77
C GLU DA 172 33.89 -35.70 -17.96
N LYS DA 173 34.35 -34.45 -18.12
CA LYS DA 173 33.72 -33.33 -17.45
C LYS DA 173 32.31 -33.12 -17.94
N GLN DA 174 32.04 -33.37 -19.21
CA GLN DA 174 30.72 -33.20 -19.78
C GLN DA 174 29.91 -34.48 -19.84
N GLY DA 175 30.50 -35.62 -19.49
CA GLY DA 175 29.75 -36.86 -19.49
C GLY DA 175 29.61 -37.50 -20.85
N TYR DA 176 30.42 -37.12 -21.82
CA TYR DA 176 30.37 -37.76 -23.12
C TYR DA 176 30.92 -39.17 -23.04
N GLU DA 177 30.42 -40.03 -23.91
CA GLU DA 177 31.10 -41.28 -24.20
C GLU DA 177 32.17 -41.02 -25.24
N TYR DA 178 33.36 -41.54 -25.04
CA TYR DA 178 34.43 -41.23 -25.95
C TYR DA 178 35.21 -42.46 -26.36
N PHE DA 179 35.55 -42.51 -27.64
CA PHE DA 179 36.49 -43.46 -28.19
C PHE DA 179 37.72 -42.71 -28.68
N VAL DA 180 38.88 -43.03 -28.15
CA VAL DA 180 40.16 -42.38 -28.57
C VAL DA 180 40.84 -43.20 -29.66
N GLN DA 181 41.23 -42.56 -30.76
CA GLN DA 181 41.96 -43.27 -31.84
C GLN DA 181 43.42 -42.83 -31.80
N GLU DA 182 44.34 -43.76 -31.60
CA GLU DA 182 45.79 -43.42 -31.47
C GLU DA 182 46.36 -43.01 -32.84
N PRO DA 183 47.10 -41.89 -33.01
CA PRO DA 183 47.59 -41.52 -34.33
C PRO DA 183 48.38 -42.62 -35.00
N ASN DA 184 48.30 -42.66 -36.32
CA ASN DA 184 49.19 -43.46 -37.14
C ASN DA 184 50.37 -42.58 -37.55
N GLU DA 185 51.58 -43.02 -37.24
CA GLU DA 185 52.77 -42.25 -37.56
C GLU DA 185 53.60 -42.97 -38.61
N ARG DA 186 54.53 -42.24 -39.20
CA ARG DA 186 55.38 -42.85 -40.19
C ARG DA 186 56.48 -43.67 -39.54
N HIS DA 187 57.14 -44.48 -40.36
CA HIS DA 187 58.35 -45.18 -39.98
C HIS DA 187 59.51 -44.53 -40.72
N PHE DA 188 60.45 -43.97 -39.96
CA PHE DA 188 61.55 -43.26 -40.60
C PHE DA 188 62.42 -44.21 -41.39
N ARG DA 189 62.84 -43.77 -42.54
CA ARG DA 189 63.77 -44.53 -43.34
C ARG DA 189 64.62 -43.52 -44.11
N PRO DA 190 65.97 -43.59 -43.96
CA PRO DA 190 66.86 -42.71 -44.70
C PRO DA 190 66.65 -42.90 -46.21
N LYS DA 191 66.42 -41.78 -46.92
CA LYS DA 191 66.20 -41.82 -48.38
C LYS DA 191 67.39 -41.12 -49.02
N ALA DA 192 67.96 -41.73 -50.06
CA ALA DA 192 69.17 -41.15 -50.68
C ALA DA 192 69.02 -41.05 -52.19
N TYR DA 193 69.21 -39.86 -52.75
CA TYR DA 193 69.18 -39.68 -54.19
C TYR DA 193 70.20 -40.58 -54.87
N ALA DA 194 71.26 -40.94 -54.17
CA ALA DA 194 72.34 -41.69 -54.79
C ALA DA 194 71.93 -43.12 -55.14
N ASN DA 195 70.95 -43.67 -54.43
CA ASN DA 195 70.46 -45.04 -54.65
C ASN DA 195 69.84 -45.17 -56.03
N ASN DA 196 69.25 -44.09 -56.55
CA ASN DA 196 68.62 -44.15 -57.85
C ASN DA 196 69.58 -44.69 -58.91
N PHE DA 197 70.87 -44.66 -58.63
CA PHE DA 197 71.92 -44.98 -59.60
C PHE DA 197 72.87 -45.99 -59.03
N LEU DA 198 72.41 -46.80 -58.10
CA LEU DA 198 73.22 -47.89 -57.61
C LEU DA 198 73.48 -48.89 -58.73
N TYR DA 199 74.62 -49.57 -58.63
CA TYR DA 199 75.11 -50.48 -59.66
C TYR DA 199 74.59 -51.88 -59.43
N SER DA 200 74.11 -52.51 -60.49
CA SER DA 200 73.64 -53.89 -60.41
C SER DA 200 74.66 -54.83 -61.04
N PRO DA 201 75.34 -55.66 -60.26
CA PRO DA 201 76.23 -56.66 -60.87
C PRO DA 201 75.49 -57.65 -61.75
N GLY DA 202 74.26 -58.01 -61.43
CA GLY DA 202 73.48 -58.99 -62.16
C GLY DA 202 72.35 -58.37 -62.94
N LYS DA 203 71.31 -59.17 -63.18
CA LYS DA 203 70.15 -58.74 -63.94
C LYS DA 203 69.54 -57.49 -63.32
N LEU DA 204 69.00 -56.63 -64.17
CA LEU DA 204 68.60 -55.31 -63.71
C LEU DA 204 67.34 -55.36 -62.87
N LYS DA 205 66.33 -56.10 -63.31
CA LYS DA 205 65.07 -56.29 -62.60
C LYS DA 205 64.35 -54.98 -62.32
N HIS DA 206 64.81 -53.91 -62.96
CA HIS DA 206 64.17 -52.58 -62.82
C HIS DA 206 64.85 -51.62 -63.79
N ILE DA 207 64.06 -50.87 -64.56
CA ILE DA 207 64.61 -49.85 -65.45
C ILE DA 207 64.10 -48.51 -64.92
N ARG DA 208 64.87 -47.89 -64.04
CA ARG DA 208 64.56 -46.60 -63.46
C ARG DA 208 64.39 -45.56 -64.56
N THR DA 209 63.31 -44.78 -64.50
CA THR DA 209 63.02 -43.81 -65.55
C THR DA 209 62.83 -42.41 -65.00
N LYS DA 210 63.64 -42.00 -64.04
CA LYS DA 210 63.53 -40.66 -63.48
C LYS DA 210 62.12 -40.40 -62.96
N SER EA 11 28.24 37.84 -41.63
CA SER EA 11 27.77 36.74 -40.79
C SER EA 11 28.40 35.42 -41.22
N ASN EA 12 27.79 34.32 -40.79
CA ASN EA 12 28.26 33.00 -41.17
C ASN EA 12 27.72 32.54 -42.50
N ALA EA 13 26.77 33.26 -43.08
CA ALA EA 13 26.13 32.81 -44.30
C ALA EA 13 26.96 33.16 -45.52
N VAL EA 14 26.90 32.32 -46.53
CA VAL EA 14 27.41 32.63 -47.84
C VAL EA 14 26.22 32.80 -48.77
N SER EA 15 26.42 33.56 -49.86
CA SER EA 15 25.33 33.98 -50.71
C SER EA 15 24.65 32.80 -51.39
N ILE EA 16 23.34 32.96 -51.60
CA ILE EA 16 22.51 31.94 -52.23
C ILE EA 16 23.00 31.61 -53.62
N THR EA 17 23.62 32.57 -54.28
CA THR EA 17 24.02 32.43 -55.66
C THR EA 17 25.12 31.39 -55.87
N LYS EA 18 25.75 30.93 -54.79
CA LYS EA 18 26.78 29.92 -54.85
C LYS EA 18 26.37 28.59 -54.23
N LYS EA 19 25.08 28.30 -54.13
CA LYS EA 19 24.65 27.19 -53.28
C LYS EA 19 24.07 26.00 -54.00
N TYR EA 20 24.10 25.95 -55.34
CA TYR EA 20 23.75 24.75 -56.10
C TYR EA 20 22.38 24.21 -55.71
N THR EA 21 21.41 25.11 -55.70
CA THR EA 21 20.01 24.77 -55.55
C THR EA 21 19.23 25.61 -56.55
N VAL EA 22 18.02 25.16 -56.85
CA VAL EA 22 17.16 25.90 -57.76
C VAL EA 22 16.85 27.27 -57.17
N GLN EA 23 16.88 28.27 -58.01
CA GLN EA 23 16.72 29.65 -57.58
C GLN EA 23 15.35 30.17 -57.98
N SER EA 24 14.88 31.17 -57.25
CA SER EA 24 13.69 31.86 -57.69
C SER EA 24 14.08 33.01 -58.62
N THR EA 25 13.23 33.29 -59.58
CA THR EA 25 13.59 34.25 -60.62
C THR EA 25 12.66 35.46 -60.62
N GLY EA 26 13.22 36.59 -61.02
CA GLY EA 26 12.47 37.78 -61.37
C GLY EA 26 11.63 38.32 -60.23
N ILE EA 27 10.36 38.59 -60.53
CA ILE EA 27 9.46 39.17 -59.54
C ILE EA 27 9.35 38.26 -58.33
N TRP EA 28 9.47 36.96 -58.54
CA TRP EA 28 9.38 36.02 -57.44
C TRP EA 28 10.65 36.03 -56.60
N GLU EA 29 11.80 36.34 -57.20
CA GLU EA 29 13.03 36.53 -56.42
C GLU EA 29 12.92 37.75 -55.52
N ARG EA 30 12.43 38.86 -56.07
CA ARG EA 30 12.23 40.06 -55.26
C ARG EA 30 11.22 39.80 -54.15
N ILE EA 31 10.15 39.08 -54.45
CA ILE EA 31 9.16 38.68 -53.45
C ILE EA 31 9.79 37.78 -52.39
N ARG EA 32 10.63 36.84 -52.80
CA ARG EA 32 11.25 35.95 -51.82
C ARG EA 32 12.25 36.70 -50.96
N ARG EA 33 13.08 37.55 -51.56
CA ARG EA 33 14.09 38.27 -50.79
C ARG EA 33 13.50 39.34 -49.90
N ALA EA 34 12.17 39.45 -49.86
CA ALA EA 34 11.48 40.39 -48.99
C ALA EA 34 10.81 39.70 -47.83
N LEU EA 35 10.04 38.65 -48.11
CA LEU EA 35 9.20 37.97 -47.13
C LEU EA 35 9.86 36.72 -46.55
N VAL EA 36 11.15 36.71 -46.23
CA VAL EA 36 11.82 35.47 -45.84
C VAL EA 36 12.85 35.78 -44.76
N ILE EA 37 13.04 34.82 -43.86
CA ILE EA 37 13.93 35.02 -42.72
C ILE EA 37 15.35 35.28 -43.19
N ASP EA 38 15.91 34.33 -43.94
CA ASP EA 38 17.28 34.45 -44.45
C ASP EA 38 17.27 34.35 -45.97
N PRO EA 39 17.53 35.44 -46.68
CA PRO EA 39 17.55 35.36 -48.14
C PRO EA 39 18.63 34.46 -48.69
N ASN EA 40 19.68 34.22 -47.93
CA ASN EA 40 20.77 33.38 -48.39
C ASN EA 40 20.48 31.89 -48.20
N ARG EA 41 19.37 31.54 -47.58
CA ARG EA 41 19.03 30.14 -47.39
C ARG EA 41 18.52 29.51 -48.68
N SER EA 42 19.00 28.32 -48.95
CA SER EA 42 18.52 27.51 -50.06
C SER EA 42 17.24 26.77 -49.68
N ASN EA 43 16.60 26.17 -50.67
CA ASN EA 43 15.41 25.37 -50.42
C ASN EA 43 15.67 23.88 -50.50
N GLY EA 44 16.90 23.47 -50.76
CA GLY EA 44 17.26 22.08 -50.78
C GLY EA 44 16.93 21.34 -52.05
N VAL EA 45 16.39 22.03 -53.06
CA VAL EA 45 16.02 21.39 -54.31
C VAL EA 45 17.25 21.38 -55.21
N PRO EA 46 17.73 20.23 -55.64
CA PRO EA 46 18.95 20.17 -56.44
C PRO EA 46 18.71 20.58 -57.88
N LEU EA 47 19.80 20.76 -58.60
CA LEU EA 47 19.78 21.25 -59.97
C LEU EA 47 19.84 20.10 -60.94
N ASN EA 48 18.91 20.08 -61.89
CA ASN EA 48 18.83 19.00 -62.86
C ASN EA 48 20.04 18.93 -63.79
N PRO EA 49 20.53 20.02 -64.36
CA PRO EA 49 21.68 19.89 -65.27
C PRO EA 49 23.00 19.58 -64.59
N TYR EA 50 23.06 19.56 -63.28
CA TYR EA 50 24.33 19.41 -62.57
C TYR EA 50 24.39 18.18 -61.68
N ASN EA 51 23.29 17.85 -61.04
CA ASN EA 51 23.31 16.87 -59.95
C ASN EA 51 23.07 15.48 -60.50
N ARG EA 52 24.00 14.58 -60.21
CA ARG EA 52 23.95 13.21 -60.69
C ARG EA 52 23.77 13.17 -62.20
N ASN EA 53 24.37 14.13 -62.89
CA ASN EA 53 24.25 14.26 -64.34
C ASN EA 53 25.65 14.24 -64.94
N PRO EA 54 26.00 13.24 -65.74
CA PRO EA 54 25.18 12.10 -66.15
C PRO EA 54 25.05 11.07 -65.05
N SER EA 55 24.18 10.08 -65.26
CA SER EA 55 24.08 8.97 -64.27
C SER EA 55 25.41 8.22 -64.26
N PRO EA 56 25.69 7.37 -63.24
CA PRO EA 56 26.90 6.58 -63.25
C PRO EA 56 26.86 5.55 -64.40
N GLY EA 57 25.65 5.22 -64.87
CA GLY EA 57 25.51 4.26 -65.99
C GLY EA 57 25.98 4.84 -67.31
N ASP EA 58 25.99 6.15 -67.45
CA ASP EA 58 26.52 6.79 -68.69
C ASP EA 58 27.94 7.34 -68.48
N ASN EA 59 28.50 7.23 -67.28
CA ASN EA 59 29.93 7.62 -67.11
C ASN EA 59 30.71 6.71 -68.04
N PRO EA 60 31.62 7.21 -68.89
CA PRO EA 60 32.31 6.35 -69.86
C PRO EA 60 33.17 5.25 -69.23
N PRO EA 61 32.95 3.93 -69.48
CA PRO EA 61 33.76 2.90 -68.82
C PRO EA 61 35.24 3.07 -69.05
N LEU EA 62 35.59 3.60 -70.21
CA LEU EA 62 36.97 3.59 -70.67
C LEU EA 62 37.79 4.72 -70.05
N GLU EA 63 37.14 5.72 -69.48
CA GLU EA 63 37.84 6.85 -68.91
C GLU EA 63 38.56 6.48 -67.60
N TYR EA 64 37.94 5.65 -66.78
CA TYR EA 64 38.48 5.37 -65.46
C TYR EA 64 39.71 4.47 -65.54
N THR EA 65 40.63 4.66 -64.60
CA THR EA 65 41.87 3.91 -64.53
C THR EA 65 42.10 3.35 -63.13
N ASP EA 66 42.37 2.04 -63.06
CA ASP EA 66 42.68 1.39 -61.79
C ASP EA 66 44.18 1.51 -61.52
N PRO EA 67 44.59 2.21 -60.48
CA PRO EA 67 46.00 2.56 -60.33
C PRO EA 67 46.82 1.48 -59.66
N VAL EA 68 48.13 1.58 -59.85
CA VAL EA 68 49.10 0.86 -59.05
C VAL EA 68 50.13 1.85 -58.54
N THR EA 69 50.68 1.59 -57.35
CA THR EA 69 51.76 2.40 -56.83
C THR EA 69 53.09 1.74 -57.11
N ILE EA 70 54.09 2.56 -57.43
CA ILE EA 70 55.31 2.03 -58.03
C ILE EA 70 55.97 0.94 -57.20
N PRO EA 71 56.24 1.11 -55.90
CA PRO EA 71 56.95 0.05 -55.18
C PRO EA 71 56.22 -1.27 -55.30
N ALA EA 72 54.99 -1.33 -54.78
CA ALA EA 72 54.26 -2.59 -54.63
C ALA EA 72 53.68 -3.15 -55.92
N GLY EA 73 53.35 -2.30 -56.88
CA GLY EA 73 52.78 -2.73 -58.14
C GLY EA 73 53.74 -2.80 -59.30
N ASP EA 74 55.04 -2.65 -59.08
CA ASP EA 74 55.95 -2.65 -60.21
C ASP EA 74 56.25 -4.07 -60.67
N ILE EA 75 56.84 -4.15 -61.87
CA ILE EA 75 57.22 -5.42 -62.45
C ILE EA 75 58.68 -5.78 -62.21
N ALA EA 76 59.50 -4.84 -61.74
CA ALA EA 76 60.92 -5.07 -61.87
C ALA EA 76 61.78 -4.73 -60.66
N ASP EA 77 61.28 -4.14 -59.60
CA ASP EA 77 62.14 -3.87 -58.44
C ASP EA 77 61.38 -4.05 -57.13
N ASN EA 78 60.65 -5.14 -57.01
CA ASN EA 78 59.93 -5.40 -55.77
C ASN EA 78 59.82 -6.90 -55.54
N PRO EA 79 60.71 -7.47 -54.74
CA PRO EA 79 60.48 -8.80 -54.21
C PRO EA 79 59.40 -8.76 -53.14
N TYR EA 80 58.49 -9.72 -53.19
CA TYR EA 80 57.33 -9.66 -52.31
C TYR EA 80 57.73 -9.72 -50.85
N TRP EA 81 58.86 -10.36 -50.53
CA TRP EA 81 59.18 -10.65 -49.14
C TRP EA 81 59.69 -9.44 -48.38
N LYS EA 82 60.07 -8.34 -49.05
CA LYS EA 82 60.27 -7.10 -48.32
C LYS EA 82 58.95 -6.46 -47.89
N ARG EA 83 57.88 -6.66 -48.64
CA ARG EA 83 56.61 -6.02 -48.37
C ARG EA 83 55.57 -6.96 -47.77
N ASP EA 84 56.02 -8.05 -47.14
CA ASP EA 84 55.12 -9.00 -46.48
C ASP EA 84 55.07 -8.72 -44.98
N PHE EA 85 54.38 -7.65 -44.63
CA PHE EA 85 54.33 -7.25 -43.25
C PHE EA 85 53.36 -8.07 -42.42
N ARG EA 86 52.48 -8.82 -43.08
CA ARG EA 86 51.62 -9.72 -42.35
C ARG EA 86 52.40 -10.87 -41.74
N ARG EA 87 53.45 -11.32 -42.41
CA ARG EA 87 54.25 -12.40 -41.89
C ARG EA 87 55.44 -11.89 -41.08
N ASN EA 88 55.61 -10.58 -40.98
CA ASN EA 88 56.52 -9.99 -40.01
C ASN EA 88 55.75 -9.36 -38.86
N TYR EA 89 54.75 -10.05 -38.38
CA TYR EA 89 53.91 -9.54 -37.32
C TYR EA 89 54.62 -9.64 -35.97
N PRO EA 90 54.37 -8.72 -35.05
CA PRO EA 90 55.02 -8.80 -33.74
C PRO EA 90 54.42 -9.89 -32.86
N ARG EA 91 55.23 -10.53 -32.17
CA ARG EA 91 54.76 -11.47 -31.16
C ARG EA 91 54.40 -10.76 -29.87
N PRO EA 92 53.53 -11.32 -29.05
CA PRO EA 92 53.32 -10.74 -27.73
C PRO EA 92 54.53 -11.02 -26.86
N SER EA 93 55.01 -9.98 -26.19
CA SER EA 93 56.18 -10.09 -25.32
C SER EA 93 55.69 -10.28 -23.90
N VAL EA 94 56.00 -11.44 -23.32
CA VAL EA 94 55.45 -11.85 -22.03
C VAL EA 94 56.56 -11.84 -21.00
N ILE EA 95 56.28 -11.29 -19.82
CA ILE EA 95 57.19 -11.30 -18.70
C ILE EA 95 56.43 -11.75 -17.46
N ALA EA 96 56.85 -12.87 -16.89
CA ALA EA 96 56.26 -13.39 -15.66
C ALA EA 96 57.08 -12.96 -14.44
N GLN EA 97 56.65 -13.42 -13.26
CA GLN EA 97 57.28 -13.00 -12.03
C GLN EA 97 58.71 -13.50 -11.92
N ALA EA 98 59.00 -14.68 -12.45
CA ALA EA 98 60.37 -15.18 -12.49
C ALA EA 98 61.26 -14.26 -13.32
N GLN EA 99 60.75 -13.80 -14.45
CA GLN EA 99 61.52 -12.94 -15.33
C GLN EA 99 61.90 -11.63 -14.66
N GLN EA 100 60.95 -11.01 -13.95
CA GLN EA 100 61.26 -9.73 -13.36
C GLN EA 100 62.22 -9.87 -12.18
N VAL EA 101 62.22 -11.00 -11.50
CA VAL EA 101 63.22 -11.23 -10.46
C VAL EA 101 64.61 -11.22 -11.06
N ALA EA 102 64.79 -11.91 -12.19
CA ALA EA 102 66.07 -11.92 -12.87
C ALA EA 102 66.44 -10.55 -13.39
N LEU EA 103 65.47 -9.81 -13.92
CA LEU EA 103 65.77 -8.50 -14.49
C LEU EA 103 66.28 -7.53 -13.43
N LEU EA 104 65.68 -7.57 -12.25
CA LEU EA 104 66.19 -6.78 -11.13
C LEU EA 104 67.48 -7.36 -10.58
N SER EA 105 67.64 -8.68 -10.65
CA SER EA 105 68.82 -9.31 -10.07
C SER EA 105 70.09 -8.94 -10.82
N VAL EA 106 70.08 -9.09 -12.14
CA VAL EA 106 71.29 -8.96 -12.95
C VAL EA 106 71.18 -7.91 -14.03
N GLY EA 107 70.06 -7.21 -14.13
CA GLY EA 107 69.95 -6.12 -15.06
C GLY EA 107 69.24 -6.46 -16.35
N SER EA 108 69.69 -5.87 -17.45
CA SER EA 108 69.04 -6.06 -18.73
C SER EA 108 70.07 -5.84 -19.83
N ALA EA 109 69.78 -6.41 -20.99
CA ALA EA 109 70.73 -6.31 -22.09
C ALA EA 109 71.02 -4.86 -22.42
N ALA EA 110 70.10 -3.96 -22.10
CA ALA EA 110 70.36 -2.53 -22.19
C ALA EA 110 71.25 -2.05 -21.06
N GLN EA 111 71.04 -2.53 -19.83
CA GLN EA 111 71.79 -2.05 -18.67
C GLN EA 111 72.02 -3.21 -17.70
N PRO EA 112 73.24 -3.69 -17.59
CA PRO EA 112 73.54 -4.78 -16.65
C PRO EA 112 73.88 -4.26 -15.27
N ARG EA 113 73.69 -5.13 -14.27
CA ARG EA 113 74.14 -4.82 -12.93
C ARG EA 113 75.58 -5.27 -12.71
N VAL EA 114 75.96 -6.40 -13.28
CA VAL EA 114 77.31 -6.93 -13.18
C VAL EA 114 77.86 -7.06 -14.59
N GLU EA 115 79.19 -7.08 -14.70
CA GLU EA 115 79.83 -7.07 -16.02
C GLU EA 115 79.50 -8.34 -16.81
N LEU EA 116 79.47 -9.49 -16.15
CA LEU EA 116 79.24 -10.79 -16.79
C LEU EA 116 80.20 -11.01 -17.95
N ILE EA 117 81.48 -11.11 -17.60
CA ILE EA 117 82.56 -11.32 -18.56
C ILE EA 117 82.89 -12.81 -18.63
N GLY EA 118 82.83 -13.36 -19.83
CA GLY EA 118 83.30 -14.73 -20.06
C GLY EA 118 82.60 -15.74 -19.17
N GLU EA 119 83.39 -16.66 -18.63
CA GLU EA 119 82.87 -17.65 -17.71
C GLU EA 119 82.60 -17.00 -16.35
N GLU EA 120 82.11 -17.82 -15.41
CA GLU EA 120 81.69 -17.43 -14.07
C GLU EA 120 80.71 -16.27 -14.11
N GLY EA 121 80.16 -16.00 -15.30
CA GLY EA 121 79.09 -15.06 -15.46
C GLY EA 121 77.89 -15.77 -16.06
N THR EA 122 78.15 -16.82 -16.83
CA THR EA 122 77.08 -17.67 -17.30
C THR EA 122 76.38 -18.36 -16.14
N LYS EA 123 77.15 -18.91 -15.20
CA LYS EA 123 76.55 -19.47 -13.99
C LYS EA 123 75.94 -18.39 -13.13
N ALA EA 124 76.34 -17.13 -13.30
CA ALA EA 124 75.63 -16.04 -12.66
C ALA EA 124 74.35 -15.69 -13.40
N LEU EA 125 74.25 -16.03 -14.68
CA LEU EA 125 73.05 -15.75 -15.45
C LEU EA 125 71.94 -16.73 -15.13
N VAL EA 126 72.29 -17.95 -14.72
CA VAL EA 126 71.27 -18.86 -14.22
C VAL EA 126 70.94 -18.54 -12.77
N ALA EA 127 71.89 -17.96 -12.04
CA ALA EA 127 71.60 -17.49 -10.69
C ALA EA 127 70.47 -16.48 -10.70
N ALA EA 128 70.36 -15.70 -11.77
CA ALA EA 128 69.19 -14.84 -11.94
C ALA EA 128 67.96 -15.66 -12.28
N GLU EA 129 68.11 -16.60 -13.23
CA GLU EA 129 66.96 -17.40 -13.65
C GLU EA 129 66.52 -18.38 -12.57
N GLU EA 130 67.45 -18.93 -11.80
CA GLU EA 130 67.08 -19.90 -10.78
C GLU EA 130 66.31 -19.25 -9.64
N GLU EA 131 66.79 -18.10 -9.17
CA GLU EA 131 66.11 -17.40 -8.08
C GLU EA 131 64.70 -16.99 -8.50
N GLY EA 132 64.50 -16.73 -9.79
CA GLY EA 132 63.19 -16.31 -10.26
C GLY EA 132 62.13 -17.39 -10.09
N LYS EA 133 62.44 -18.63 -10.47
CA LYS EA 133 61.47 -19.70 -10.32
C LYS EA 133 61.20 -20.00 -8.85
N GLU EA 134 62.26 -20.04 -8.05
CA GLU EA 134 62.11 -20.41 -6.65
C GLU EA 134 61.27 -19.40 -5.88
N LYS EA 135 61.50 -18.11 -6.11
CA LYS EA 135 60.82 -17.09 -5.32
C LYS EA 135 60.26 -16.00 -6.22
N GLY EA 136 59.11 -15.49 -5.83
CA GLY EA 136 58.45 -14.47 -6.61
C GLY EA 136 59.16 -13.15 -6.45
N VAL EA 137 58.51 -12.10 -6.97
CA VAL EA 137 59.10 -10.79 -6.75
C VAL EA 137 58.85 -10.35 -5.32
N ALA EA 138 57.93 -11.02 -4.62
CA ALA EA 138 57.57 -10.63 -3.27
C ALA EA 138 58.60 -11.12 -2.25
N LYS EA 139 58.99 -12.40 -2.36
CA LYS EA 139 60.09 -12.89 -1.53
C LYS EA 139 61.36 -12.11 -1.81
N TYR EA 140 61.63 -11.85 -3.09
CA TYR EA 140 62.86 -11.15 -3.47
C TYR EA 140 62.92 -9.76 -2.85
N LEU EA 141 61.79 -9.04 -2.82
CA LEU EA 141 61.82 -7.71 -2.25
C LEU EA 141 61.85 -7.74 -0.73
N GLU EA 142 61.22 -8.73 -0.12
CA GLU EA 142 61.23 -8.84 1.33
C GLU EA 142 62.64 -9.02 1.85
N GLU EA 143 63.43 -9.90 1.23
CA GLU EA 143 64.66 -10.35 1.84
C GLU EA 143 65.84 -9.44 1.54
N LYS EA 144 65.88 -8.79 0.38
CA LYS EA 144 66.95 -7.84 0.11
C LYS EA 144 66.62 -6.45 0.60
N GLY EA 145 65.50 -6.29 1.30
CA GLY EA 145 65.21 -5.09 2.05
C GLY EA 145 64.57 -4.01 1.21
N ALA EA 146 64.12 -2.97 1.92
CA ALA EA 146 63.47 -1.83 1.33
C ALA EA 146 64.40 -1.00 0.47
N GLU EA 147 65.70 -1.29 0.52
CA GLU EA 147 66.64 -0.58 -0.35
C GLU EA 147 66.32 -0.83 -1.82
N GLU EA 148 66.03 -2.07 -2.18
CA GLU EA 148 65.70 -2.33 -3.58
C GLU EA 148 64.21 -2.17 -3.87
N ALA EA 149 63.40 -1.85 -2.87
CA ALA EA 149 62.09 -1.28 -3.16
C ALA EA 149 62.22 0.14 -3.70
N LYS EA 150 63.26 0.85 -3.26
CA LYS EA 150 63.56 2.15 -3.82
C LYS EA 150 64.15 2.00 -5.21
N ARG EA 151 64.72 0.83 -5.52
CA ARG EA 151 65.39 0.66 -6.81
C ARG EA 151 64.38 0.44 -7.93
N VAL EA 152 63.26 -0.20 -7.62
CA VAL EA 152 62.21 -0.40 -8.62
C VAL EA 152 61.70 0.93 -9.11
N LEU EA 153 61.59 1.92 -8.22
CA LEU EA 153 61.24 3.27 -8.65
C LEU EA 153 62.43 4.00 -9.26
N ALA EA 154 63.65 3.63 -8.90
CA ALA EA 154 64.83 4.24 -9.48
C ALA EA 154 64.98 3.94 -10.96
N LEU EA 155 64.27 2.93 -11.47
CA LEU EA 155 64.30 2.68 -12.91
C LEU EA 155 63.59 3.78 -13.67
N THR EA 156 62.52 4.34 -13.12
CA THR EA 156 61.78 5.42 -13.77
C THR EA 156 62.02 6.75 -13.07
N GLY EA 157 63.17 6.92 -12.45
CA GLY EA 157 63.55 8.20 -11.89
C GLY EA 157 63.05 8.49 -10.50
N GLY EA 158 62.71 7.46 -9.73
CA GLY EA 158 62.30 7.65 -8.35
C GLY EA 158 60.82 7.85 -8.15
N LEU EA 159 60.06 8.02 -9.20
CA LEU EA 159 58.61 8.02 -9.14
C LEU EA 159 58.10 6.79 -9.85
N PRO EA 160 56.88 6.35 -9.54
CA PRO EA 160 56.25 5.34 -10.37
C PRO EA 160 56.07 5.85 -11.79
N PRO EA 161 56.07 4.96 -12.77
CA PRO EA 161 55.85 5.41 -14.14
C PRO EA 161 54.38 5.66 -14.40
N THR EA 162 54.11 6.64 -15.24
CA THR EA 162 52.76 6.86 -15.73
C THR EA 162 52.55 6.07 -17.01
N PRO EA 163 51.32 5.66 -17.31
CA PRO EA 163 51.10 4.86 -18.51
C PRO EA 163 51.21 5.69 -19.78
N SER EA 164 51.42 4.99 -20.89
CA SER EA 164 51.57 5.64 -22.18
C SER EA 164 50.25 6.13 -22.74
N GLY EA 165 50.27 7.31 -23.34
CA GLY EA 165 49.12 7.81 -24.06
C GLY EA 165 49.08 7.29 -25.47
N GLN EA 166 48.03 7.65 -26.19
CA GLN EA 166 47.71 6.98 -27.43
C GLN EA 166 47.45 7.92 -28.59
N THR EA 167 48.17 9.05 -28.65
CA THR EA 167 47.95 9.98 -29.75
C THR EA 167 49.10 10.08 -30.74
N MET EA 168 50.32 10.37 -30.29
CA MET EA 168 51.40 10.85 -31.15
C MET EA 168 51.02 11.87 -32.22
N VAL EA 169 50.27 12.91 -31.89
CA VAL EA 169 50.15 13.98 -32.87
C VAL EA 169 51.33 14.93 -32.69
N THR EA 170 51.94 14.94 -31.52
CA THR EA 170 53.13 15.75 -31.27
C THR EA 170 54.42 15.03 -31.64
N GLY EA 171 54.33 13.80 -32.13
CA GLY EA 171 55.47 12.99 -32.47
C GLY EA 171 55.87 12.00 -31.40
N GLN EA 172 55.44 12.23 -30.18
CA GLN EA 172 55.67 11.32 -29.07
C GLN EA 172 54.32 10.91 -28.50
N TRP EA 173 54.23 9.68 -28.01
CA TRP EA 173 53.03 9.18 -27.38
C TRP EA 173 52.70 9.98 -26.13
N ASP EA 174 51.45 10.40 -26.01
CA ASP EA 174 51.08 11.43 -25.05
C ASP EA 174 49.56 11.53 -24.99
N VAL EA 175 49.06 12.21 -23.95
CA VAL EA 175 47.65 12.56 -23.92
C VAL EA 175 47.40 13.65 -24.94
N HIS EA 176 46.17 13.74 -25.41
CA HIS EA 176 45.79 14.86 -26.26
C HIS EA 176 45.49 16.08 -25.41
N LYS EA 177 46.05 17.22 -25.80
CA LYS EA 177 45.88 18.45 -25.06
C LYS EA 177 44.58 19.11 -25.51
N TYR EA 178 43.51 18.82 -24.79
CA TYR EA 178 42.19 19.38 -25.08
C TYR EA 178 42.12 20.84 -24.63
N GLY EA 179 41.97 21.75 -25.57
CA GLY EA 179 41.86 23.15 -25.23
C GLY EA 179 40.61 23.76 -25.84
N LEU EA 180 40.18 24.88 -25.26
CA LEU EA 180 39.06 25.60 -25.81
C LEU EA 180 39.42 26.20 -27.17
N ALA EA 181 38.52 26.05 -28.13
CA ALA EA 181 38.75 26.60 -29.45
C ALA EA 181 38.71 28.12 -29.40
N GLU EA 182 39.38 28.74 -30.37
CA GLU EA 182 39.56 30.19 -30.34
C GLU EA 182 38.23 30.92 -30.39
N GLU EA 183 37.31 30.46 -31.24
CA GLU EA 183 35.99 31.06 -31.35
C GLU EA 183 34.94 30.00 -31.05
N GLN EA 184 34.05 30.32 -30.13
CA GLN EA 184 33.02 29.39 -29.69
C GLN EA 184 31.82 29.45 -30.63
N SER EA 185 31.23 28.30 -30.88
CA SER EA 185 30.18 28.23 -31.89
C SER EA 185 28.85 28.77 -31.38
N TYR EA 186 28.53 28.57 -30.11
CA TYR EA 186 27.37 29.18 -29.51
C TYR EA 186 27.68 30.48 -28.79
N GLY EA 187 28.93 30.94 -28.84
CA GLY EA 187 29.32 32.01 -27.99
C GLY EA 187 29.13 31.59 -26.53
N GLY EA 188 29.00 32.57 -25.67
CA GLY EA 188 28.66 32.25 -24.31
C GLY EA 188 27.17 32.08 -24.09
N SER EA 189 26.39 32.13 -25.16
CA SER EA 189 24.95 32.21 -25.04
C SER EA 189 24.27 30.88 -24.74
N TYR EA 190 24.97 29.76 -24.93
CA TYR EA 190 24.41 28.45 -24.68
C TYR EA 190 25.38 27.60 -23.87
N PRO EA 191 24.87 26.70 -23.06
CA PRO EA 191 25.70 25.88 -22.18
C PRO EA 191 26.49 24.77 -22.86
N CYS EA 192 27.17 25.11 -23.95
CA CYS EA 192 27.93 24.16 -24.74
C CYS EA 192 29.17 24.85 -25.27
N ARG EA 193 30.35 24.38 -24.85
CA ARG EA 193 31.62 24.92 -25.29
C ARG EA 193 32.24 24.04 -26.36
N SER EA 194 33.00 24.66 -27.25
CA SER EA 194 33.68 23.96 -28.33
C SER EA 194 35.15 23.80 -27.98
N PHE EA 195 35.70 22.63 -28.27
CA PHE EA 195 37.02 22.23 -27.81
C PHE EA 195 37.87 21.78 -28.98
N VAL EA 196 39.12 22.21 -28.98
CA VAL EA 196 40.00 21.86 -30.08
C VAL EA 196 41.15 20.95 -29.62
N PHE FA 32 -17.57 4.00 12.67
CA PHE FA 32 -16.22 4.33 12.16
C PHE FA 32 -15.26 4.51 13.34
N LEU FA 33 -15.78 4.44 14.56
CA LEU FA 33 -14.92 4.71 15.74
C LEU FA 33 -14.38 3.41 16.37
N PRO FA 34 -13.18 3.40 17.02
CA PRO FA 34 -12.65 2.19 17.65
C PRO FA 34 -13.56 1.68 18.75
N GLU FA 35 -13.55 0.35 18.89
CA GLU FA 35 -14.40 -0.35 19.84
C GLU FA 35 -14.04 -0.01 21.28
N ALA FA 36 -12.82 0.46 21.54
CA ALA FA 36 -12.44 0.82 22.89
C ALA FA 36 -13.15 2.07 23.36
N MET FA 37 -13.65 2.88 22.43
CA MET FA 37 -14.12 4.22 22.69
C MET FA 37 -15.64 4.32 22.74
N VAL FA 38 -16.33 3.64 21.83
CA VAL FA 38 -17.79 3.61 21.80
C VAL FA 38 -18.34 2.23 22.09
N GLY FA 39 -17.49 1.22 22.17
CA GLY FA 39 -17.99 -0.14 22.27
C GLY FA 39 -18.73 -0.40 23.57
N ARG FA 40 -19.80 -1.20 23.50
CA ARG FA 40 -20.59 -1.53 24.72
C ARG FA 40 -19.77 -2.43 25.64
N SER FA 41 -18.65 -2.98 25.16
CA SER FA 41 -17.91 -3.96 25.94
C SER FA 41 -17.25 -3.32 27.16
N LYS FA 42 -16.53 -2.22 26.96
CA LYS FA 42 -15.84 -1.64 28.10
C LYS FA 42 -16.75 -0.99 29.10
N ILE FA 43 -18.02 -0.78 28.77
CA ILE FA 43 -18.97 -0.48 29.82
C ILE FA 43 -19.23 -1.72 30.68
N ASP FA 44 -19.38 -2.87 30.05
CA ASP FA 44 -19.50 -4.13 30.78
C ASP FA 44 -18.22 -4.52 31.52
N GLU FA 45 -17.10 -3.86 31.23
CA GLU FA 45 -15.89 -4.09 32.01
C GLU FA 45 -15.72 -3.03 33.09
N LYS FA 46 -16.25 -1.84 32.86
CA LYS FA 46 -16.21 -0.78 33.86
C LYS FA 46 -17.42 -0.84 34.78
N TYR FA 47 -18.56 -1.28 34.27
CA TYR FA 47 -19.79 -1.38 35.04
C TYR FA 47 -20.40 -2.75 34.80
N PRO FA 48 -19.72 -3.81 35.21
CA PRO FA 48 -20.19 -5.16 34.91
C PRO FA 48 -21.48 -5.49 35.66
N ASP FA 49 -22.26 -6.40 35.08
CA ASP FA 49 -23.50 -6.83 35.72
C ASP FA 49 -23.26 -7.64 36.99
N SER FA 50 -22.04 -8.13 37.20
CA SER FA 50 -21.72 -8.95 38.36
C SER FA 50 -21.62 -8.14 39.65
N ASP FA 51 -21.66 -6.81 39.57
CA ASP FA 51 -21.60 -5.99 40.77
C ASP FA 51 -22.80 -6.20 41.66
N TYR FA 52 -23.87 -6.74 41.12
CA TYR FA 52 -25.13 -6.82 41.83
C TYR FA 52 -25.57 -8.27 41.98
N PRO FA 53 -25.51 -8.83 43.19
CA PRO FA 53 -25.87 -10.24 43.39
C PRO FA 53 -27.31 -10.52 43.01
N THR FA 54 -27.54 -11.73 42.49
CA THR FA 54 -28.89 -12.19 42.15
C THR FA 54 -29.04 -13.66 42.54
N LEU FA 55 -28.69 -14.00 43.78
CA LEU FA 55 -28.84 -15.36 44.27
C LEU FA 55 -30.32 -15.71 44.46
N THR FA 56 -30.65 -16.99 44.28
CA THR FA 56 -32.04 -17.40 44.32
C THR FA 56 -32.37 -18.07 45.65
N ASP FA 57 -33.60 -18.57 45.77
CA ASP FA 57 -34.06 -19.15 47.02
C ASP FA 57 -33.22 -20.36 47.43
N LYS FA 58 -32.63 -21.07 46.46
CA LYS FA 58 -31.84 -22.24 46.80
C LYS FA 58 -30.54 -21.87 47.51
N GLU FA 59 -29.74 -21.03 46.87
CA GLU FA 59 -28.41 -20.75 47.43
C GLU FA 59 -28.44 -19.71 48.53
N ASP FA 60 -29.58 -19.09 48.80
CA ASP FA 60 -29.68 -18.07 49.85
C ASP FA 60 -31.10 -17.98 50.34
N PRO FA 61 -31.46 -18.77 51.32
CA PRO FA 61 -32.79 -18.63 51.94
C PRO FA 61 -32.89 -17.46 52.91
N ASP FA 62 -31.81 -17.13 53.61
CA ASP FA 62 -31.85 -16.06 54.60
C ASP FA 62 -31.69 -14.68 53.97
N MET FA 63 -31.47 -14.59 52.67
CA MET FA 63 -31.33 -13.31 51.98
C MET FA 63 -30.16 -12.52 52.52
N ASN FA 64 -29.14 -13.22 53.00
CA ASN FA 64 -28.01 -12.58 53.64
C ASN FA 64 -26.72 -12.68 52.85
N GLY FA 65 -26.64 -13.57 51.88
CA GLY FA 65 -25.46 -13.63 51.04
C GLY FA 65 -24.86 -15.01 50.92
N GLY FA 66 -25.66 -16.02 51.21
CA GLY FA 66 -25.13 -17.36 51.30
C GLY FA 66 -24.45 -17.67 52.61
N TYR FA 67 -24.60 -16.80 53.60
CA TYR FA 67 -24.02 -17.01 54.93
C TYR FA 67 -24.55 -18.30 55.53
N ILE FA 68 -23.67 -19.29 55.70
CA ILE FA 68 -24.07 -20.53 56.34
C ILE FA 68 -24.24 -20.28 57.83
N ASN FA 69 -25.28 -20.86 58.41
CA ASN FA 69 -25.77 -20.42 59.69
C ASN FA 69 -25.90 -21.58 60.65
N PRO FA 70 -25.32 -21.49 61.85
CA PRO FA 70 -25.51 -22.54 62.84
C PRO FA 70 -26.95 -22.56 63.31
N PRO FA 71 -27.36 -23.59 64.03
CA PRO FA 71 -28.67 -23.55 64.66
C PRO FA 71 -28.76 -22.38 65.65
N ARG FA 72 -29.94 -21.79 65.74
CA ARG FA 72 -30.19 -20.72 66.70
C ARG FA 72 -30.41 -21.38 68.03
N ILE FA 73 -29.31 -21.72 68.70
CA ILE FA 73 -29.34 -22.27 70.04
C ILE FA 73 -28.60 -21.32 70.95
N LYS FA 74 -29.23 -21.00 72.08
CA LYS FA 74 -28.61 -20.08 73.03
C LYS FA 74 -27.47 -20.76 73.75
N ARG FA 75 -26.46 -19.97 74.10
CA ARG FA 75 -25.29 -20.47 74.80
C ARG FA 75 -25.53 -20.63 76.29
N GLN FA 76 -26.74 -20.33 76.76
CA GLN FA 76 -27.22 -20.73 78.07
C GLN FA 76 -27.38 -22.24 78.18
N PHE FA 77 -27.54 -22.93 77.06
CA PHE FA 77 -27.73 -24.37 77.05
C PHE FA 77 -26.43 -25.12 76.83
N ARG FA 78 -25.32 -24.43 76.63
CA ARG FA 78 -24.04 -25.09 76.51
C ARG FA 78 -23.58 -25.56 77.87
N ASP FA 79 -22.47 -26.27 77.88
CA ASP FA 79 -21.97 -26.83 79.12
C ASP FA 79 -21.25 -25.75 79.90
N PRO FA 80 -21.58 -25.55 81.18
CA PRO FA 80 -20.80 -24.60 82.00
C PRO FA 80 -19.48 -25.17 82.48
N HIS FA 81 -19.00 -26.27 81.91
CA HIS FA 81 -17.77 -26.90 82.38
C HIS FA 81 -16.90 -27.43 81.24
N ALA FA 82 -17.03 -26.88 80.04
CA ALA FA 82 -16.15 -27.31 78.96
C ALA FA 82 -14.93 -26.41 78.89
N ASP FA 83 -14.08 -26.65 77.89
CA ASP FA 83 -12.80 -25.96 77.78
C ASP FA 83 -12.95 -24.71 76.92
N TRP FA 84 -13.95 -23.91 77.25
CA TRP FA 84 -14.28 -22.75 76.45
C TRP FA 84 -13.12 -21.77 76.45
N TRP FA 85 -12.77 -21.27 75.26
CA TRP FA 85 -11.77 -20.23 75.16
C TRP FA 85 -12.23 -18.99 75.91
N ASP FA 86 -13.53 -18.75 75.91
CA ASP FA 86 -14.17 -17.72 76.72
C ASP FA 86 -15.14 -18.42 77.64
N LYS FA 87 -14.66 -18.63 78.90
CA LYS FA 87 -15.49 -19.40 79.87
C LYS FA 87 -16.76 -18.63 80.22
N GLN FA 88 -16.70 -17.30 80.33
CA GLN FA 88 -17.88 -16.51 80.81
C GLN FA 88 -19.05 -16.62 79.83
N GLU FA 89 -18.79 -16.52 78.53
CA GLU FA 89 -19.83 -16.59 77.52
C GLU FA 89 -19.98 -17.98 76.91
N ARG FA 90 -19.10 -18.91 77.24
CA ARG FA 90 -19.12 -20.28 76.73
C ARG FA 90 -18.95 -20.31 75.22
N ARG FA 91 -17.80 -19.81 74.77
CA ARG FA 91 -17.49 -19.69 73.35
C ARG FA 91 -16.06 -20.13 73.12
N ASN FA 92 -15.80 -20.73 71.96
CA ASN FA 92 -14.43 -20.98 71.53
C ASN FA 92 -14.05 -19.96 70.48
N PHE FA 93 -12.75 -19.77 70.29
CA PHE FA 93 -12.28 -18.62 69.54
C PHE FA 93 -12.83 -18.55 68.11
N GLY FA 94 -12.60 -19.55 67.29
CA GLY FA 94 -13.03 -19.32 65.93
C GLY FA 94 -14.35 -19.91 65.53
N GLU FA 95 -15.16 -20.26 66.52
CA GLU FA 95 -16.43 -20.99 66.29
C GLU FA 95 -17.39 -20.19 65.41
N PRO FA 96 -18.16 -20.80 64.47
CA PRO FA 96 -19.16 -20.03 63.74
C PRO FA 96 -20.25 -19.50 64.67
N VAL FA 97 -20.85 -18.40 64.26
CA VAL FA 97 -21.85 -17.71 65.08
C VAL FA 97 -23.12 -17.54 64.27
N HIS FA 98 -24.25 -17.78 64.90
CA HIS FA 98 -25.55 -17.45 64.32
C HIS FA 98 -25.64 -15.93 64.12
N GLU FA 99 -26.33 -15.51 63.06
CA GLU FA 99 -26.47 -14.09 62.80
C GLU FA 99 -27.21 -13.36 63.92
N ASP FA 100 -27.91 -14.11 64.78
CA ASP FA 100 -28.59 -13.54 65.93
C ASP FA 100 -27.71 -13.54 67.16
N HIS FA 101 -26.39 -13.54 66.94
CA HIS FA 101 -25.40 -13.61 68.05
C HIS FA 101 -25.71 -12.62 69.17
N ASP FA 102 -26.21 -11.42 68.84
CA ASP FA 102 -26.43 -10.41 69.88
C ASP FA 102 -27.25 -10.98 71.02
N ILE FA 103 -28.30 -11.70 70.70
CA ILE FA 103 -29.32 -12.07 71.67
C ILE FA 103 -29.37 -13.58 71.88
N LEU FA 104 -28.27 -14.27 71.59
CA LEU FA 104 -28.11 -15.67 71.91
C LEU FA 104 -27.08 -15.90 73.00
N GLY FA 105 -26.46 -14.83 73.48
CA GLY FA 105 -25.34 -14.92 74.39
C GLY FA 105 -25.77 -15.10 75.82
N MET FA 106 -24.76 -15.17 76.68
CA MET FA 106 -25.03 -15.34 78.10
C MET FA 106 -25.63 -14.09 78.71
N PHE FA 107 -25.43 -12.94 78.10
CA PHE FA 107 -26.09 -11.72 78.56
C PHE FA 107 -27.20 -11.35 77.60
N SER FA 108 -28.27 -12.11 77.70
CA SER FA 108 -29.42 -12.03 76.82
C SER FA 108 -30.62 -12.59 77.56
N PRO FA 109 -31.84 -12.32 77.11
CA PRO FA 109 -33.01 -12.79 77.85
C PRO FA 109 -32.96 -14.29 78.09
N TYR FA 110 -33.38 -14.68 79.28
CA TYR FA 110 -33.20 -16.06 79.73
C TYR FA 110 -34.28 -16.96 79.15
N GLU FA 111 -33.93 -18.22 78.92
CA GLU FA 111 -34.89 -19.24 78.52
C GLU FA 111 -35.26 -20.06 79.74
N TYR FA 112 -36.56 -20.08 80.07
CA TYR FA 112 -37.05 -20.85 81.20
C TYR FA 112 -37.58 -22.18 80.69
N THR FA 113 -37.08 -23.27 81.25
CA THR FA 113 -37.37 -24.62 80.77
C THR FA 113 -38.06 -25.45 81.83
N TRP FA 114 -38.92 -24.82 82.64
CA TRP FA 114 -39.64 -25.61 83.63
C TRP FA 114 -40.78 -26.38 82.99
N ILE FA 115 -41.62 -25.71 82.22
CA ILE FA 115 -42.72 -26.36 81.51
C ILE FA 115 -42.89 -25.74 80.14
N THR FA 116 -43.61 -26.44 79.28
CA THR FA 116 -43.98 -25.93 77.97
C THR FA 116 -44.94 -24.75 78.13
N PRO FA 117 -44.87 -23.74 77.26
CA PRO FA 117 -45.78 -22.59 77.41
C PRO FA 117 -47.25 -22.96 77.36
N GLY FA 118 -47.63 -23.98 76.58
CA GLY FA 118 -49.02 -24.37 76.52
C GLY FA 118 -49.55 -24.81 77.88
N LYS FA 119 -48.75 -25.59 78.61
CA LYS FA 119 -49.20 -26.10 79.90
C LYS FA 119 -49.31 -24.97 80.92
N GLY FA 120 -48.45 -23.96 80.81
CA GLY FA 120 -48.47 -22.86 81.75
C GLY FA 120 -49.75 -22.05 81.68
N LEU FA 121 -50.23 -21.78 80.47
CA LEU FA 121 -51.49 -21.08 80.33
C LEU FA 121 -52.61 -21.86 81.01
N PHE FA 122 -52.55 -23.18 81.00
CA PHE FA 122 -53.51 -23.98 81.75
C PHE FA 122 -53.39 -23.71 83.24
N GLN FA 123 -52.18 -23.84 83.78
CA GLN FA 123 -51.99 -23.73 85.22
C GLN FA 123 -52.29 -22.33 85.74
N ILE FA 124 -51.88 -21.30 85.00
CA ILE FA 124 -52.26 -19.95 85.40
C ILE FA 124 -53.76 -19.76 85.21
N GLY FA 125 -54.36 -20.51 84.29
CA GLY FA 125 -55.81 -20.52 84.20
C GLY FA 125 -56.46 -21.16 85.41
N LEU FA 126 -55.87 -22.24 85.92
CA LEU FA 126 -56.42 -22.87 87.12
C LEU FA 126 -56.35 -21.94 88.31
N PHE FA 127 -55.25 -21.20 88.47
CA PHE FA 127 -55.17 -20.28 89.59
C PHE FA 127 -56.22 -19.19 89.47
N ILE FA 128 -56.46 -18.71 88.25
CA ILE FA 128 -57.46 -17.66 88.06
C ILE FA 128 -58.85 -18.18 88.44
N ALA FA 129 -59.18 -19.38 87.97
CA ALA FA 129 -60.49 -19.94 88.26
C ALA FA 129 -60.71 -20.11 89.76
N SER FA 130 -59.70 -20.61 90.47
CA SER FA 130 -59.82 -20.75 91.92
C SER FA 130 -59.98 -19.40 92.59
N PHE FA 131 -59.24 -18.39 92.10
CA PHE FA 131 -59.39 -17.05 92.65
C PHE FA 131 -60.80 -16.51 92.43
N LEU FA 132 -61.34 -16.72 91.23
CA LEU FA 132 -62.74 -16.36 90.99
C LEU FA 132 -63.67 -17.18 91.86
N GLY FA 133 -63.38 -18.47 92.02
CA GLY FA 133 -64.23 -19.31 92.85
C GLY FA 133 -64.27 -18.85 94.29
N LEU FA 134 -63.12 -18.47 94.83
CA LEU FA 134 -63.09 -17.91 96.18
C LEU FA 134 -63.85 -16.60 96.25
N CYS FA 135 -63.74 -15.78 95.19
CA CYS FA 135 -64.49 -14.53 95.16
C CYS FA 135 -65.99 -14.79 95.11
N TYR FA 136 -66.40 -15.81 94.36
CA TYR FA 136 -67.82 -16.07 94.16
C TYR FA 136 -68.52 -16.44 95.47
N VAL FA 137 -67.88 -17.28 96.29
CA VAL FA 137 -68.53 -17.72 97.52
C VAL FA 137 -68.69 -16.56 98.49
N VAL FA 138 -67.78 -15.58 98.46
CA VAL FA 138 -67.89 -14.45 99.37
C VAL FA 138 -69.10 -13.59 99.01
N LYS FA 139 -69.36 -13.42 97.71
CA LYS FA 139 -70.49 -12.60 97.30
C LYS FA 139 -71.81 -13.20 97.75
N LEU FA 140 -71.92 -14.52 97.71
CA LEU FA 140 -73.17 -15.17 98.11
C LEU FA 140 -73.47 -14.93 99.59
N THR FA 141 -72.46 -14.97 100.45
CA THR FA 141 -72.65 -14.87 101.89
C THR FA 141 -71.66 -13.87 102.46
N TYR FA 142 -72.01 -12.59 102.44
CA TYR FA 142 -71.20 -11.58 103.10
C TYR FA 142 -72.12 -10.61 103.82
N PRO FA 143 -71.69 -10.04 104.94
CA PRO FA 143 -72.62 -9.39 105.86
C PRO FA 143 -73.22 -8.12 105.30
N ASP FA 144 -74.40 -7.79 105.80
CA ASP FA 144 -74.96 -6.46 105.61
C ASP FA 144 -74.28 -5.49 106.56
N ARG FA 145 -74.30 -4.21 106.19
CA ARG FA 145 -73.71 -3.19 107.04
C ARG FA 145 -74.53 -3.04 108.32
N VAL FA 146 -73.82 -2.71 109.41
CA VAL FA 146 -74.42 -2.64 110.73
C VAL FA 146 -74.52 -1.22 111.25
N SER FA 147 -73.79 -0.28 110.65
CA SER FA 147 -73.74 1.09 111.13
C SER FA 147 -74.37 2.01 110.10
N TYR FA 148 -75.29 2.84 110.55
CA TYR FA 148 -75.88 3.82 109.66
C TYR FA 148 -74.85 4.89 109.32
N PRO FA 149 -74.83 5.39 108.09
CA PRO FA 149 -73.89 6.44 107.73
C PRO FA 149 -74.03 7.65 108.65
N ARG FA 150 -72.91 8.13 109.18
CA ARG FA 150 -72.95 9.12 110.24
C ARG FA 150 -73.52 10.43 109.73
N GLU FA 151 -74.52 10.94 110.42
CA GLU FA 151 -75.18 12.16 110.03
C GLU FA 151 -74.31 13.35 110.44
N PHE FA 152 -74.07 14.24 109.50
CA PHE FA 152 -73.41 15.50 109.78
C PHE FA 152 -74.41 16.63 109.65
N GLU FA 153 -74.29 17.60 110.54
CA GLU FA 153 -75.22 18.72 110.55
C GLU FA 153 -74.85 19.69 109.43
N GLY FA 154 -75.77 19.86 108.48
CA GLY FA 154 -75.54 20.70 107.32
C GLY FA 154 -74.73 20.06 106.22
N GLY FA 155 -74.27 18.84 106.40
CA GLY FA 155 -73.47 18.19 105.39
C GLY FA 155 -72.04 18.67 105.32
N LEU FA 156 -71.65 19.61 106.19
CA LEU FA 156 -70.32 20.22 106.15
C LEU FA 156 -70.03 20.80 104.76
N GLU FA 157 -71.09 21.28 104.10
CA GLU FA 157 -70.93 21.82 102.76
C GLU FA 157 -69.98 23.02 102.74
N ARG FA 158 -69.82 23.73 103.82
CA ARG FA 158 -68.93 24.92 103.86
C ARG FA 158 -67.50 24.47 104.16
N GLU FA 159 -67.32 23.25 104.69
CA GLU FA 159 -66.00 22.76 105.06
C GLU FA 159 -65.40 21.82 104.03
N LEU FA 160 -65.98 21.70 102.85
CA LEU FA 160 -65.49 20.78 101.84
C LEU FA 160 -65.43 21.39 100.45
N GLY FA 161 -65.69 22.69 100.33
CA GLY FA 161 -65.54 23.34 99.04
C GLY FA 161 -66.84 23.88 98.48
N GLY FA 162 -67.76 24.27 99.35
CA GLY FA 162 -69.00 24.84 98.91
C GLY FA 162 -69.89 23.82 98.23
N ALA FA 163 -70.92 24.35 97.56
CA ALA FA 163 -71.87 23.49 96.87
C ALA FA 163 -71.24 22.76 95.69
N GLY FA 164 -70.15 23.34 95.17
CA GLY FA 164 -69.46 22.72 94.02
C GLY FA 164 -68.47 21.69 94.50
N ALA FA 165 -68.91 20.81 95.41
CA ALA FA 165 -67.99 19.81 96.00
C ALA FA 165 -68.79 18.63 96.54
N VAL FA 166 -68.22 17.53 96.81
CA VAL FA 166 -68.98 16.38 97.37
C VAL FA 166 -69.09 16.59 98.89
N ARG FA 167 -70.23 16.51 99.45
CA ARG FA 167 -70.57 16.76 100.84
C ARG FA 167 -70.97 15.45 101.51
N ALA FA 168 -70.86 15.44 102.83
CA ALA FA 168 -71.13 14.22 103.60
C ALA FA 168 -72.63 13.96 103.68
N PHE FA 169 -72.98 12.89 104.41
CA PHE FA 169 -74.37 12.47 104.52
C PHE FA 169 -75.20 13.48 105.30
N LEU FA 170 -76.40 13.76 104.80
CA LEU FA 170 -77.30 14.72 105.45
C LEU FA 170 -78.73 14.42 105.03
N CYS FA 171 -79.47 13.72 105.89
CA CYS FA 171 -80.92 13.50 105.74
C CYS FA 171 -81.29 13.05 104.32
N LEU FA 172 -80.58 12.05 103.82
CA LEU FA 172 -80.83 11.51 102.48
C LEU FA 172 -81.31 10.08 102.58
N ASP FA 173 -81.50 9.45 101.42
CA ASP FA 173 -81.95 8.08 101.35
C ASP FA 173 -80.81 7.11 101.63
N ASP FA 174 -81.18 5.86 101.89
CA ASP FA 174 -80.20 4.80 102.11
C ASP FA 174 -80.57 3.56 101.31
N VAL GA 2 -21.91 45.13 48.93
CA VAL GA 2 -20.60 45.57 49.51
C VAL GA 2 -20.02 46.65 48.61
N ASN GA 3 -18.92 47.29 49.04
CA ASN GA 3 -18.25 48.29 48.18
C ASN GA 3 -17.74 47.57 46.93
N ARG GA 4 -17.92 48.16 45.75
CA ARG GA 4 -17.52 47.49 44.49
C ARG GA 4 -16.01 47.65 44.34
N ILE GA 5 -15.49 48.83 44.65
CA ILE GA 5 -14.05 49.12 44.47
C ILE GA 5 -13.31 48.19 45.44
N LEU GA 6 -13.87 47.99 46.64
CA LEU GA 6 -13.26 47.06 47.61
C LEU GA 6 -13.34 45.61 47.11
N PHE GA 7 -14.50 45.17 46.62
CA PHE GA 7 -14.65 43.73 46.24
C PHE GA 7 -13.74 43.43 45.07
N TRP GA 8 -13.78 44.29 44.06
CA TRP GA 8 -12.97 44.08 42.84
C TRP GA 8 -11.47 44.21 43.13
N THR GA 9 -11.06 45.12 44.02
CA THR GA 9 -9.62 45.17 44.37
C THR GA 9 -9.21 43.85 45.00
N GLY GA 10 -10.02 43.31 45.92
CA GLY GA 10 -9.74 42.02 46.56
C GLY GA 10 -9.82 40.88 45.55
N PHE GA 11 -10.76 40.97 44.62
CA PHE GA 11 -10.94 39.90 43.60
C PHE GA 11 -9.63 39.75 42.84
N GLY GA 12 -8.98 40.87 42.48
CA GLY GA 12 -7.66 40.82 41.81
C GLY GA 12 -6.60 40.24 42.72
N LEU GA 13 -6.61 40.60 44.01
CA LEU GA 13 -5.65 39.96 44.93
C LEU GA 13 -5.93 38.46 45.07
N ALA GA 14 -7.20 38.04 45.10
CA ALA GA 14 -7.56 36.61 45.15
C ALA GA 14 -7.10 35.88 43.88
N VAL GA 15 -7.22 36.54 42.72
CA VAL GA 15 -6.81 35.91 41.43
C VAL GA 15 -5.30 35.65 41.43
N ARG GA 16 -4.49 36.55 41.99
CA ARG GA 16 -3.04 36.27 42.09
C ARG GA 16 -2.78 35.05 42.99
N PHE GA 17 -3.47 34.95 44.13
CA PHE GA 17 -3.21 33.83 45.07
C PHE GA 17 -3.58 32.49 44.45
N TRP GA 18 -4.71 32.43 43.75
CA TRP GA 18 -5.15 31.18 43.07
C TRP GA 18 -4.16 30.81 41.97
N GLN GA 19 -3.66 31.77 41.20
CA GLN GA 19 -2.77 31.47 40.05
C GLN GA 19 -1.48 30.82 40.55
N LEU GA 20 -0.89 31.34 41.63
CA LEU GA 20 0.33 30.75 42.23
C LEU GA 20 0.01 29.37 42.82
N GLY GA 21 -1.17 29.19 43.43
CA GLY GA 21 -1.61 27.88 43.96
C GLY GA 21 -1.79 26.86 42.85
N ILE GA 22 -2.26 27.27 41.68
CA ILE GA 22 -2.52 26.35 40.53
C ILE GA 22 -1.18 26.05 39.88
N GLU GA 23 -0.31 27.05 39.82
CA GLU GA 23 1.07 26.85 39.31
C GLU GA 23 1.90 26.12 40.37
N MET GA 24 1.50 26.18 41.64
CA MET GA 24 2.26 25.60 42.78
C MET GA 24 3.56 26.41 43.00
N ARG GA 25 3.63 27.61 42.42
CA ARG GA 25 4.75 28.55 42.64
C ARG GA 25 4.59 29.19 44.02
N PRO GA 26 5.66 29.71 44.69
CA PRO GA 26 5.51 30.26 46.02
C PRO GA 26 4.75 31.59 46.07
N PHE GA 27 3.83 31.73 47.02
CA PHE GA 27 3.18 33.04 47.21
C PHE GA 27 4.20 33.92 47.91
N PHE GA 28 4.19 35.23 47.69
CA PHE GA 28 5.05 36.13 48.50
C PHE GA 28 6.56 36.13 48.30
N ASN GA 29 7.12 35.69 47.16
CA ASN GA 29 8.59 35.89 47.00
C ASN GA 29 8.78 37.38 46.77
N ARG GA 30 9.84 37.99 47.31
CA ARG GA 30 10.02 39.46 47.26
C ARG GA 30 10.11 40.04 45.86
N LYS GA 31 10.87 39.42 44.96
CA LYS GA 31 11.09 40.04 43.62
C LYS GA 31 9.86 39.89 42.74
N SER GA 32 8.76 39.31 43.24
CA SER GA 32 7.55 39.24 42.40
C SER GA 32 6.32 39.85 43.09
N LEU GA 33 6.54 40.57 44.19
CA LEU GA 33 5.41 41.10 45.02
C LEU GA 33 4.66 42.21 44.28
N TRP GA 34 5.25 42.77 43.21
CA TRP GA 34 4.63 43.86 42.42
C TRP GA 34 3.37 43.35 41.73
N ALA GA 35 3.26 42.02 41.56
CA ALA GA 35 2.09 41.42 40.91
C ALA GA 35 0.83 41.73 41.71
N TYR GA 36 0.92 41.66 43.03
CA TYR GA 36 -0.29 41.91 43.86
C TYR GA 36 -0.79 43.33 43.62
N PRO GA 37 0.04 44.40 43.63
CA PRO GA 37 -0.44 45.75 43.28
C PRO GA 37 -1.03 45.84 41.87
N LEU GA 38 -0.39 45.20 40.88
CA LEU GA 38 -0.93 45.23 39.50
C LEU GA 38 -2.30 44.54 39.45
N PHE GA 39 -2.43 43.36 40.06
CA PHE GA 39 -3.70 42.59 40.03
C PHE GA 39 -4.77 43.39 40.78
N GLY GA 40 -4.41 43.99 41.92
CA GLY GA 40 -5.35 44.84 42.68
C GLY GA 40 -5.77 46.09 41.92
N GLY GA 41 -4.83 46.76 41.26
CA GLY GA 41 -5.12 47.96 40.45
C GLY GA 41 -6.04 47.65 39.30
N VAL GA 42 -5.86 46.48 38.66
CA VAL GA 42 -6.82 46.11 37.63
C VAL GA 42 -8.18 45.82 38.26
N GLY GA 43 -8.17 45.26 39.46
CA GLY GA 43 -9.40 45.08 40.19
C GLY GA 43 -10.02 46.39 40.62
N ALA GA 44 -9.21 47.37 40.96
CA ALA GA 44 -9.75 48.70 41.23
C ALA GA 44 -10.37 49.28 39.96
N SER GA 45 -9.65 49.22 38.84
CA SER GA 45 -10.12 49.88 37.62
C SER GA 45 -11.41 49.27 37.13
N PHE GA 46 -11.42 47.93 37.00
CA PHE GA 46 -12.67 47.21 36.69
C PHE GA 46 -13.48 47.26 37.97
N GLY GA 47 -14.54 48.03 38.02
CA GLY GA 47 -15.26 48.29 39.24
C GLY GA 47 -15.53 49.77 39.33
N TYR GA 48 -14.54 50.58 38.96
CA TYR GA 48 -14.84 51.94 38.52
C TYR GA 48 -15.61 51.89 37.23
N TRP GA 49 -15.33 50.90 36.38
CA TRP GA 49 -16.13 50.73 35.14
C TRP GA 49 -17.49 50.12 35.49
N LEU GA 50 -17.57 49.23 36.48
CA LEU GA 50 -18.86 48.61 36.90
C LEU GA 50 -19.73 49.60 37.65
N GLN GA 51 -19.14 50.64 38.24
CA GLN GA 51 -19.90 51.68 38.94
C GLN GA 51 -20.56 52.57 37.89
N SER GA 52 -19.87 52.82 36.78
CA SER GA 52 -20.50 53.56 35.70
C SER GA 52 -21.60 52.74 35.05
N ILE GA 53 -21.39 51.44 34.94
CA ILE GA 53 -22.45 50.56 34.44
C ILE GA 53 -23.64 50.58 35.38
N ASP GA 54 -23.38 50.53 36.68
CA ASP GA 54 -24.47 50.51 37.64
C ASP GA 54 -25.29 51.79 37.57
N GLU GA 55 -24.60 52.92 37.48
CA GLU GA 55 -25.27 54.21 37.48
C GLU GA 55 -26.26 54.30 36.34
N LYS GA 56 -25.84 53.88 35.15
CA LYS GA 56 -26.67 53.98 33.96
C LYS GA 56 -27.85 53.00 34.00
N GLN GA 57 -27.59 51.77 34.44
CA GLN GA 57 -28.65 50.78 34.54
C GLN GA 57 -29.74 51.24 35.49
N THR GA 58 -29.35 51.92 36.56
CA THR GA 58 -30.31 52.43 37.53
C THR GA 58 -31.23 53.48 36.91
N LYS GA 59 -30.68 54.35 36.07
CA LYS GA 59 -31.52 55.32 35.38
C LYS GA 59 -32.50 54.64 34.45
N MET GA 60 -32.05 53.60 33.75
CA MET GA 60 -32.88 52.91 32.79
C MET GA 60 -34.00 52.15 33.49
N LEU GA 61 -33.68 51.39 34.53
CA LEU GA 61 -34.72 50.67 35.24
C LEU GA 61 -35.69 51.64 35.90
N GLU GA 62 -35.21 52.79 36.37
CA GLU GA 62 -36.11 53.80 36.91
C GLU GA 62 -37.09 54.28 35.84
N GLU GA 63 -36.58 54.74 34.70
CA GLU GA 63 -37.45 55.17 33.58
C GLU GA 63 -38.47 54.09 33.24
N ARG GA 64 -38.04 52.83 33.07
CA ARG GA 64 -38.96 51.75 32.64
C ARG GA 64 -40.07 51.57 33.68
N LYS GA 65 -39.74 51.61 34.96
CA LYS GA 65 -40.78 51.35 35.98
C LYS GA 65 -41.76 52.52 35.95
N GLN GA 66 -41.32 53.68 35.49
CA GLN GA 66 -42.25 54.79 35.33
C GLN GA 66 -43.07 54.65 34.06
N ALA GA 67 -42.48 54.11 33.00
CA ALA GA 67 -43.23 53.86 31.77
C ALA GA 67 -44.30 52.79 31.96
N ILE GA 68 -43.97 51.70 32.66
CA ILE GA 68 -44.99 50.70 32.93
C ILE GA 68 -46.08 51.28 33.80
N LEU GA 69 -45.76 52.33 34.55
CA LEU GA 69 -46.76 52.98 35.39
C LEU GA 69 -47.55 54.04 34.63
N GLU GA 70 -47.13 54.38 33.41
CA GLU GA 70 -48.00 55.15 32.54
C GLU GA 70 -48.91 54.24 31.74
N LYS GA 71 -48.36 53.18 31.18
CA LYS GA 71 -49.16 52.28 30.37
C LYS GA 71 -50.32 51.71 31.18
N ARG GA 72 -50.05 51.26 32.40
CA ARG GA 72 -51.11 50.80 33.27
C ARG GA 72 -52.05 51.93 33.64
N ALA GA 73 -51.52 53.14 33.83
CA ALA GA 73 -52.37 54.27 34.18
C ALA GA 73 -53.22 54.71 32.99
N ARG GA 74 -52.58 54.99 31.86
CA ARG GA 74 -53.30 55.55 30.72
C ARG GA 74 -54.36 54.59 30.21
N ARG GA 75 -54.10 53.29 30.27
CA ARG GA 75 -55.11 52.32 29.90
C ARG GA 75 -56.30 52.39 30.82
N ALA GA 76 -56.06 52.51 32.12
CA ALA GA 76 -57.16 52.64 33.06
C ALA GA 76 -57.92 53.92 32.83
N GLN GA 77 -57.23 54.99 32.40
CA GLN GA 77 -57.91 56.23 32.08
C GLN GA 77 -58.87 56.04 30.91
N ARG GA 78 -58.44 55.31 29.88
CA ARG GA 78 -59.30 55.09 28.72
C ARG GA 78 -60.38 54.05 28.96
N GLN GA 79 -60.28 53.26 30.03
CA GLN GA 79 -61.31 52.30 30.37
C GLN GA 79 -62.40 52.88 31.26
N ALA GA 80 -62.24 54.15 31.70
CA ALA GA 80 -63.24 54.76 32.55
C ALA GA 80 -64.50 55.13 31.79
N GLU GA 81 -64.45 55.17 30.47
CA GLU GA 81 -65.62 55.51 29.66
C GLU GA 81 -66.68 54.42 29.74
N LYS HA 13 -48.08 -51.40 83.22
CA LYS HA 13 -46.84 -52.12 82.96
C LYS HA 13 -45.64 -51.34 83.50
N PRO HA 14 -44.78 -52.01 84.25
CA PRO HA 14 -43.57 -51.36 84.74
C PRO HA 14 -42.62 -51.00 83.60
N ASN HA 15 -41.85 -49.94 83.81
CA ASN HA 15 -40.90 -49.52 82.80
C ASN HA 15 -39.75 -50.51 82.69
N ILE HA 16 -38.97 -50.37 81.62
CA ILE HA 16 -37.77 -51.21 81.47
C ILE HA 16 -36.80 -50.94 82.60
N THR HA 17 -36.89 -49.76 83.22
CA THR HA 17 -36.21 -49.50 84.48
C THR HA 17 -37.06 -50.03 85.62
N GLY HA 18 -36.38 -50.57 86.64
CA GLY HA 18 -37.13 -51.14 87.74
C GLY HA 18 -37.69 -50.14 88.71
N PHE HA 19 -37.43 -48.85 88.51
CA PHE HA 19 -37.85 -47.85 89.47
C PHE HA 19 -39.36 -47.73 89.48
N ASP HA 20 -39.91 -47.44 90.65
CA ASP HA 20 -41.34 -47.20 90.82
C ASP HA 20 -41.48 -46.20 91.96
N MET HA 21 -42.49 -45.32 91.86
CA MET HA 21 -42.70 -44.31 92.89
C MET HA 21 -43.10 -44.93 94.22
N ARG HA 22 -43.98 -45.94 94.18
CA ARG HA 22 -44.52 -46.48 95.43
C ARG HA 22 -43.41 -47.06 96.29
N GLU HA 23 -42.49 -47.82 95.69
CA GLU HA 23 -41.36 -48.33 96.44
C GLU HA 23 -40.39 -47.22 96.79
N PHE HA 24 -40.28 -46.21 95.92
CA PHE HA 24 -39.42 -45.07 96.21
C PHE HA 24 -39.88 -44.34 97.46
N LEU HA 25 -41.18 -44.12 97.59
CA LEU HA 25 -41.71 -43.41 98.74
C LEU HA 25 -41.66 -44.24 100.01
N ARG HA 26 -41.87 -45.55 99.91
CA ARG HA 26 -41.86 -46.39 101.09
C ARG HA 26 -40.48 -46.44 101.73
N HIS HA 27 -39.43 -46.39 100.92
CA HIS HA 27 -38.07 -46.41 101.45
C HIS HA 27 -37.66 -45.08 102.07
N THR HA 28 -38.50 -44.05 101.96
CA THR HA 28 -38.19 -42.75 102.51
C THR HA 28 -38.31 -42.76 104.02
N LYS HA 29 -37.39 -43.46 104.69
CA LYS HA 29 -37.35 -43.52 106.13
C LYS HA 29 -35.92 -43.79 106.54
N THR HA 30 -35.66 -43.69 107.84
CA THR HA 30 -34.30 -43.89 108.32
C THR HA 30 -33.87 -45.33 108.04
N PRO HA 31 -32.81 -45.55 107.28
CA PRO HA 31 -32.40 -46.91 106.95
C PRO HA 31 -31.91 -47.65 108.19
N THR HA 32 -32.16 -48.95 108.20
CA THR HA 32 -31.67 -49.77 109.31
C THR HA 32 -30.16 -49.93 109.25
N TYR HA 33 -29.62 -50.15 108.06
CA TYR HA 33 -28.19 -50.30 107.85
C TYR HA 33 -27.73 -49.34 106.76
N ASP HA 34 -26.60 -48.68 106.99
CA ASP HA 34 -26.11 -47.67 106.06
C ASP HA 34 -24.61 -47.74 105.93
N PRO HA 35 -24.08 -47.89 104.71
CA PRO HA 35 -22.61 -47.87 104.54
C PRO HA 35 -21.99 -46.56 104.94
N TRP HA 36 -22.76 -45.48 105.01
CA TRP HA 36 -22.27 -44.18 105.42
C TRP HA 36 -22.72 -43.83 106.83
N GLU HA 37 -23.17 -44.80 107.61
CA GLU HA 37 -23.82 -44.52 108.89
C GLU HA 37 -22.89 -43.72 109.81
N ARG HA 38 -21.64 -44.14 109.93
CA ARG HA 38 -20.72 -43.42 110.81
C ARG HA 38 -20.41 -42.03 110.26
N HIS HA 39 -20.24 -41.94 108.93
CA HIS HA 39 -19.86 -40.64 108.31
C HIS HA 39 -20.92 -39.59 108.60
N GLU HA 40 -22.19 -39.97 108.61
CA GLU HA 40 -23.27 -39.02 108.82
C GLU HA 40 -23.77 -39.01 110.25
N ALA HA 41 -23.12 -39.76 111.15
CA ALA HA 41 -23.64 -39.87 112.53
C ALA HA 41 -23.70 -38.52 113.23
N TRP HA 42 -22.80 -37.59 112.88
CA TRP HA 42 -22.70 -36.30 113.60
C TRP HA 42 -23.95 -35.43 113.53
N ARG HA 43 -24.62 -35.37 112.37
CA ARG HA 43 -25.74 -34.41 112.17
C ARG HA 43 -26.93 -34.67 113.11
N TYR HA 44 -27.01 -35.84 113.74
CA TYR HA 44 -28.23 -36.14 114.55
C TYR HA 44 -27.88 -36.41 116.01
N THR HA 45 -26.63 -36.23 116.42
CA THR HA 45 -26.25 -36.63 117.80
C THR HA 45 -25.54 -35.49 118.55
N GLY HA 46 -25.47 -35.60 119.88
CA GLY HA 46 -24.74 -34.63 120.70
C GLY HA 46 -25.29 -33.22 120.60
N ARG HA 47 -24.42 -32.24 120.32
CA ARG HA 47 -24.85 -30.84 120.15
C ARG HA 47 -26.08 -30.82 119.23
N PHE HA 48 -26.21 -31.83 118.37
CA PHE HA 48 -27.31 -31.80 117.42
C PHE HA 48 -28.40 -32.81 117.76
N SER HA 49 -28.55 -33.16 119.03
CA SER HA 49 -29.70 -33.93 119.46
C SER HA 49 -30.91 -33.01 119.57
N ARG HA 50 -32.10 -33.63 119.58
CA ARG HA 50 -33.33 -32.84 119.50
C ARG HA 50 -33.49 -31.94 120.71
N PHE HA 51 -33.06 -32.39 121.89
CA PHE HA 51 -33.20 -31.55 123.07
C PHE HA 51 -32.33 -30.30 122.95
N ASN HA 52 -31.05 -30.46 122.64
CA ASN HA 52 -30.21 -29.30 122.38
C ASN HA 52 -30.64 -28.54 121.14
N ARG HA 53 -31.26 -29.24 120.19
CA ARG HA 53 -31.78 -28.61 118.97
C ARG HA 53 -32.75 -27.49 119.31
N PHE HA 54 -33.75 -27.78 120.15
CA PHE HA 54 -34.73 -26.79 120.57
C PHE HA 54 -34.54 -26.36 122.01
N LYS HA 55 -33.35 -26.53 122.57
CA LYS HA 55 -33.10 -26.05 123.93
C LYS HA 55 -33.22 -24.54 124.02
N GLY HA 56 -32.83 -23.84 122.95
CA GLY HA 56 -32.84 -22.39 122.97
C GLY HA 56 -33.69 -21.76 121.90
N ALA HA 57 -34.78 -22.42 121.52
CA ALA HA 57 -35.70 -21.82 120.55
C ALA HA 57 -36.40 -20.60 121.11
N LEU HA 58 -36.53 -20.50 122.43
CA LEU HA 58 -37.15 -19.35 123.08
C LEU HA 58 -36.15 -18.80 124.09
N PRO HA 59 -35.26 -17.90 123.67
CA PRO HA 59 -34.11 -17.54 124.51
C PRO HA 59 -34.47 -16.99 125.88
N GLY HA 60 -35.22 -15.90 125.92
CA GLY HA 60 -35.52 -15.22 127.16
C GLY HA 60 -36.76 -15.70 127.88
N PHE HA 61 -37.45 -16.71 127.37
CA PHE HA 61 -38.74 -17.10 127.93
C PHE HA 61 -38.59 -17.56 129.38
N GLY HA 62 -37.56 -18.34 129.67
CA GLY HA 62 -37.37 -18.82 131.02
C GLY HA 62 -37.08 -17.69 132.00
N ILE HA 63 -36.17 -16.80 131.63
CA ILE HA 63 -35.81 -15.69 132.52
C ILE HA 63 -37.00 -14.76 132.71
N ALA HA 64 -37.75 -14.49 131.64
CA ALA HA 64 -38.86 -13.56 131.74
C ALA HA 64 -40.00 -14.13 132.58
N THR HA 65 -40.30 -15.42 132.41
CA THR HA 65 -41.49 -15.99 133.05
C THR HA 65 -41.37 -15.92 134.57
N VAL HA 66 -40.21 -16.29 135.11
CA VAL HA 66 -40.01 -16.18 136.55
C VAL HA 66 -39.99 -14.71 136.98
N ALA HA 67 -39.39 -13.85 136.15
CA ALA HA 67 -39.35 -12.43 136.47
C ALA HA 67 -40.75 -11.82 136.48
N PHE HA 68 -41.59 -12.20 135.52
CA PHE HA 68 -42.94 -11.66 135.47
C PHE HA 68 -43.76 -12.10 136.67
N THR HA 69 -43.60 -13.36 137.11
CA THR HA 69 -44.32 -13.82 138.29
C THR HA 69 -43.94 -13.02 139.52
N ALA HA 70 -42.70 -12.54 139.56
CA ALA HA 70 -42.31 -11.63 140.63
C ALA HA 70 -43.11 -10.33 140.57
N TYR HA 71 -43.34 -9.82 139.36
CA TYR HA 71 -44.13 -8.61 139.22
C TYR HA 71 -45.57 -8.85 139.66
N CYS HA 72 -46.15 -10.00 139.30
CA CYS HA 72 -47.53 -10.27 139.65
C CYS HA 72 -47.74 -10.31 141.15
N VAL HA 73 -46.84 -10.98 141.88
CA VAL HA 73 -47.01 -11.10 143.31
C VAL HA 73 -46.70 -9.79 144.01
N PHE HA 74 -45.96 -8.90 143.33
CA PHE HA 74 -45.62 -7.61 143.93
C PHE HA 74 -46.87 -6.77 144.15
N GLU HA 75 -47.81 -6.82 143.21
CA GLU HA 75 -49.04 -6.05 143.36
C GLU HA 75 -49.85 -6.51 144.56
N HIS HA 76 -49.97 -7.82 144.75
CA HIS HA 76 -50.73 -8.36 145.87
C HIS HA 76 -49.89 -8.41 147.14
N PRO IA 2 -50.47 52.30 94.09
CA PRO IA 2 -49.91 51.02 93.70
C PRO IA 2 -48.39 51.02 93.76
N THR IA 3 -47.78 49.88 93.42
CA THR IA 3 -46.33 49.80 93.40
C THR IA 3 -45.79 50.77 92.35
N PRO IA 4 -44.79 51.57 92.69
CA PRO IA 4 -44.27 52.53 91.71
C PRO IA 4 -43.78 51.82 90.46
N GLU IA 5 -44.01 52.44 89.32
CA GLU IA 5 -43.67 51.84 88.04
C GLU IA 5 -42.18 52.00 87.81
N SER IA 6 -41.48 50.88 87.67
CA SER IA 6 -40.03 50.90 87.64
C SER IA 6 -39.49 51.61 86.41
N GLU IA 7 -38.25 52.10 86.52
CA GLU IA 7 -37.61 52.74 85.39
C GLU IA 7 -37.43 51.76 84.24
N ALA IA 8 -37.05 50.51 84.56
CA ALA IA 8 -36.96 49.49 83.53
C ALA IA 8 -38.30 49.22 82.88
N PHE IA 9 -39.39 49.50 83.58
CA PHE IA 9 -40.75 49.46 83.05
C PHE IA 9 -41.14 50.80 82.40
N LEU IA 10 -40.31 51.30 81.55
CA LEU IA 10 -40.77 52.36 80.66
C LEU IA 10 -40.33 52.13 79.23
N ALA IA 11 -39.13 51.59 79.02
CA ALA IA 11 -38.64 51.37 77.68
C ALA IA 11 -39.38 50.24 76.99
N LYS IA 12 -40.00 49.35 77.76
CA LYS IA 12 -40.70 48.21 77.19
C LYS IA 12 -42.21 48.32 77.35
N LYS IA 13 -42.72 49.48 77.74
CA LYS IA 13 -44.16 49.60 77.95
C LYS IA 13 -44.84 49.92 76.62
N PRO IA 14 -45.76 49.09 76.15
CA PRO IA 14 -46.40 49.37 74.87
C PRO IA 14 -47.08 50.73 74.89
N GLN IA 15 -46.92 51.46 73.79
CA GLN IA 15 -47.56 52.76 73.62
C GLN IA 15 -48.85 52.66 72.85
N VAL IA 16 -49.27 51.46 72.45
CA VAL IA 16 -50.34 51.33 71.47
C VAL IA 16 -51.38 50.35 72.00
N PRO IA 17 -52.64 50.47 71.62
CA PRO IA 17 -53.63 49.46 71.99
C PRO IA 17 -53.32 48.14 71.33
N PRO IA 18 -53.52 47.03 72.03
CA PRO IA 18 -53.20 45.72 71.46
C PRO IA 18 -54.25 45.23 70.46
N THR IA 19 -54.15 45.76 69.26
CA THR IA 19 -55.11 45.47 68.21
C THR IA 19 -54.42 45.61 66.86
N PHE IA 20 -55.18 45.32 65.82
CA PHE IA 20 -54.75 45.57 64.46
C PHE IA 20 -55.76 46.42 63.71
N ASP IA 21 -56.90 46.72 64.32
CA ASP IA 21 -57.88 47.59 63.68
C ASP IA 21 -57.26 48.94 63.37
N GLY IA 22 -57.41 49.38 62.13
CA GLY IA 22 -56.86 50.66 61.73
C GLY IA 22 -55.36 50.75 61.82
N VAL IA 23 -54.66 49.66 61.53
CA VAL IA 23 -53.21 49.61 61.57
C VAL IA 23 -52.71 49.29 60.17
N ASP IA 24 -52.05 50.25 59.54
CA ASP IA 24 -51.47 50.01 58.22
C ASP IA 24 -50.33 49.01 58.34
N TYR IA 25 -50.40 47.94 57.56
CA TYR IA 25 -49.39 46.91 57.67
C TYR IA 25 -48.09 47.30 56.99
N GLU IA 26 -48.16 48.06 55.92
CA GLU IA 26 -46.94 48.53 55.27
C GLU IA 26 -46.18 49.52 56.13
N ASP IA 27 -46.81 49.99 57.22
CA ASP IA 27 -46.05 50.81 58.20
C ASP IA 27 -45.51 49.77 59.16
N ASN IA 28 -44.24 49.42 59.02
CA ASN IA 28 -43.64 48.35 59.82
C ASN IA 28 -43.56 48.69 61.30
N LYS IA 29 -43.17 49.92 61.65
CA LYS IA 29 -42.96 50.24 63.08
C LYS IA 29 -44.27 50.10 63.84
N ARG IA 30 -45.36 50.61 63.28
CA ARG IA 30 -46.70 50.52 63.92
C ARG IA 30 -47.11 49.06 63.99
N LEU IA 31 -46.88 48.30 62.92
CA LEU IA 31 -47.31 46.88 62.88
C LEU IA 31 -46.56 46.06 63.94
N LYS IA 32 -45.25 46.29 64.05
CA LYS IA 32 -44.39 45.56 65.01
C LYS IA 32 -44.79 45.92 66.43
N GLN IA 33 -45.18 47.17 66.65
CA GLN IA 33 -45.61 47.64 67.98
C GLN IA 33 -46.98 47.08 68.26
N ALA IA 34 -47.85 46.98 67.26
CA ALA IA 34 -49.07 46.25 67.52
C ALA IA 34 -48.77 44.84 67.98
N GLN IA 35 -47.95 44.11 67.23
CA GLN IA 35 -47.61 42.74 67.59
C GLN IA 35 -47.09 42.68 69.02
N ASP IA 36 -46.17 43.57 69.37
CA ASP IA 36 -45.61 43.60 70.71
C ASP IA 36 -46.67 43.91 71.76
N ALA IA 37 -47.71 44.68 71.41
CA ALA IA 37 -48.71 45.05 72.39
C ALA IA 37 -49.64 43.89 72.72
N ILE IA 38 -49.94 43.04 71.74
CA ILE IA 38 -50.73 41.84 72.03
C ILE IA 38 -49.92 40.83 72.84
N ILE IA 39 -48.63 40.68 72.53
CA ILE IA 39 -47.82 39.69 73.22
C ILE IA 39 -47.73 40.00 74.71
N ARG IA 40 -47.60 41.29 75.05
CA ARG IA 40 -47.39 41.66 76.44
C ARG IA 40 -48.67 41.59 77.27
N GLU IA 41 -49.82 41.87 76.66
CA GLU IA 41 -51.09 41.70 77.41
C GLU IA 41 -51.26 40.23 77.77
N GLN IA 42 -51.06 39.32 76.81
CA GLN IA 42 -51.24 37.87 77.06
C GLN IA 42 -50.29 37.42 78.17
N TRP IA 43 -49.07 37.96 78.16
CA TRP IA 43 -48.04 37.56 79.17
C TRP IA 43 -48.37 38.11 80.56
N VAL IA 44 -48.88 39.35 80.66
CA VAL IA 44 -49.30 39.92 81.97
C VAL IA 44 -50.45 39.10 82.54
N GLN IA 45 -51.35 38.65 81.68
CA GLN IA 45 -52.51 37.84 82.11
C GLN IA 45 -52.02 36.51 82.68
N VAL IA 46 -50.97 35.93 82.12
CA VAL IA 46 -50.55 34.58 82.61
C VAL IA 46 -49.67 34.78 83.84
N MET IA 47 -48.98 35.92 83.94
CA MET IA 47 -48.26 36.17 85.17
C MET IA 47 -49.17 36.60 86.31
N MET IA 48 -50.38 37.05 85.99
CA MET IA 48 -51.39 37.37 87.04
C MET IA 48 -51.81 36.05 87.69
N GLY IA 49 -51.97 34.99 86.90
CA GLY IA 49 -52.27 33.68 87.45
C GLY IA 49 -51.13 33.16 88.31
N ARG IA 50 -49.90 33.28 87.82
CA ARG IA 50 -48.73 32.87 88.63
C ARG IA 50 -48.82 33.48 90.05
N LEU IA 51 -49.05 34.79 90.17
CA LEU IA 51 -49.10 35.47 91.48
C LEU IA 51 -50.28 35.01 92.34
N VAL IA 52 -51.47 34.87 91.76
CA VAL IA 52 -52.64 34.35 92.52
C VAL IA 52 -52.33 32.94 93.00
N ARG IA 53 -51.71 32.11 92.16
CA ARG IA 53 -51.36 30.70 92.53
C ARG IA 53 -50.35 30.73 93.68
N GLU IA 54 -49.40 31.66 93.67
CA GLU IA 54 -48.45 31.84 94.80
C GLU IA 54 -49.22 32.24 96.08
N GLU IA 55 -50.21 33.11 95.98
CA GLU IA 55 -51.01 33.43 97.19
C GLU IA 55 -51.79 32.17 97.62
N LEU IA 56 -52.39 31.46 96.67
CA LEU IA 56 -53.19 30.24 97.00
C LEU IA 56 -52.29 29.28 97.76
N SER IA 57 -51.04 29.14 97.32
CA SER IA 57 -50.14 28.21 97.97
C SER IA 57 -49.94 28.57 99.43
N LYS IA 58 -49.70 29.84 99.73
CA LYS IA 58 -49.56 30.25 101.11
C LYS IA 58 -50.84 30.05 101.89
N CYS IA 59 -51.98 30.38 101.30
CA CYS IA 59 -53.26 30.15 101.99
C CYS IA 59 -53.45 28.67 102.29
N TYR IA 60 -53.03 27.80 101.36
CA TYR IA 60 -53.17 26.37 101.57
C TYR IA 60 -52.38 25.90 102.78
N TYR IA 61 -51.10 26.27 102.85
CA TYR IA 61 -50.26 25.86 103.97
C TYR IA 61 -50.59 26.60 105.25
N ARG IA 62 -51.18 27.78 105.15
CA ARG IA 62 -51.61 28.50 106.35
C ARG IA 62 -52.81 27.84 107.00
N GLU IA 63 -53.74 27.31 106.20
CA GLU IA 63 -54.99 26.85 106.77
C GLU IA 63 -55.05 25.35 106.96
N GLY IA 64 -54.32 24.59 106.15
CA GLY IA 64 -54.16 23.17 106.40
C GLY IA 64 -55.41 22.36 106.13
N VAL IA 65 -56.07 21.89 107.18
CA VAL IA 65 -57.33 21.19 106.97
C VAL IA 65 -58.41 22.15 106.50
N ASN IA 66 -58.40 23.38 107.01
CA ASN IA 66 -59.38 24.39 106.69
C ASN IA 66 -59.13 25.07 105.37
N HIS IA 67 -58.23 24.56 104.52
CA HIS IA 67 -58.05 25.17 103.21
C HIS IA 67 -59.32 25.11 102.36
N LEU IA 68 -60.17 24.13 102.61
CA LEU IA 68 -61.36 23.90 101.79
C LEU IA 68 -62.43 24.96 101.99
N GLU IA 69 -62.23 25.89 102.93
CA GLU IA 69 -63.20 26.94 103.17
C GLU IA 69 -62.61 28.33 103.12
N LYS IA 70 -61.29 28.50 103.30
CA LYS IA 70 -60.71 29.81 103.54
C LYS IA 70 -60.03 30.38 102.31
N CYS IA 71 -59.84 29.59 101.26
CA CYS IA 71 -59.04 29.99 100.11
C CYS IA 71 -59.83 29.93 98.79
N GLY IA 72 -61.16 30.00 98.86
CA GLY IA 72 -61.97 29.84 97.66
C GLY IA 72 -61.99 31.04 96.74
N LYS IA 73 -61.88 32.25 97.29
CA LYS IA 73 -61.79 33.43 96.45
C LYS IA 73 -60.53 33.40 95.60
N LEU IA 74 -59.41 33.01 96.19
CA LEU IA 74 -58.20 32.78 95.42
C LEU IA 74 -58.39 31.64 94.44
N ARG IA 75 -59.11 30.61 94.84
CA ARG IA 75 -59.40 29.52 93.92
C ARG IA 75 -60.21 30.00 92.73
N GLU IA 76 -61.22 30.83 92.98
CA GLU IA 76 -62.06 31.33 91.90
C GLU IA 76 -61.25 32.15 90.91
N ARG IA 77 -60.43 33.08 91.43
CA ARG IA 77 -59.64 33.96 90.53
C ARG IA 77 -58.68 33.10 89.72
N TYR IA 78 -58.02 32.12 90.35
CA TYR IA 78 -57.04 31.31 89.64
C TYR IA 78 -57.70 30.45 88.58
N LEU IA 79 -58.87 29.93 88.87
CA LEU IA 79 -59.55 29.09 87.89
C LEU IA 79 -60.14 29.91 86.76
N GLN IA 80 -60.40 31.20 86.97
CA GLN IA 80 -60.81 32.05 85.85
C GLN IA 80 -59.65 32.36 84.94
N LEU IA 81 -58.50 32.71 85.50
CA LEU IA 81 -57.33 32.98 84.67
C LEU IA 81 -56.87 31.74 83.91
N LEU IA 82 -57.09 30.56 84.47
CA LEU IA 82 -56.63 29.33 83.82
C LEU IA 82 -57.42 29.01 82.56
N ALA IA 83 -58.57 29.65 82.34
CA ALA IA 83 -59.22 29.35 81.06
C ALA IA 83 -59.19 30.61 80.21
N ASN IA 84 -59.26 31.77 80.85
CA ASN IA 84 -59.15 33.05 80.12
C ASN IA 84 -57.76 33.25 79.52
N ALA IA 85 -56.69 32.87 80.20
CA ALA IA 85 -55.35 33.25 79.70
C ALA IA 85 -54.45 32.12 79.22
N LYS IA 86 -54.02 32.21 77.97
CA LYS IA 86 -53.00 31.28 77.42
C LYS IA 86 -52.16 32.21 76.56
N VAL IA 87 -50.89 31.93 76.33
CA VAL IA 87 -50.14 32.81 75.40
C VAL IA 87 -50.38 32.23 74.02
N LYS IA 88 -51.19 32.90 73.20
CA LYS IA 88 -51.60 32.30 71.91
C LYS IA 88 -50.92 33.00 70.73
N GLY IA 89 -50.16 34.05 71.00
CA GLY IA 89 -49.48 34.81 69.93
C GLY IA 89 -50.37 35.85 69.28
N TYR IA 90 -49.92 36.43 68.17
CA TYR IA 90 -50.67 37.44 67.45
C TYR IA 90 -51.01 37.00 66.04
N LEU IA 91 -50.47 35.88 65.59
CA LEU IA 91 -50.48 35.54 64.18
C LEU IA 91 -51.88 35.35 63.67
N PHE IA 92 -52.74 34.75 64.51
CA PHE IA 92 -54.13 34.63 64.15
C PHE IA 92 -54.81 35.99 64.06
N GLU IA 93 -54.57 36.86 65.05
CA GLU IA 93 -55.24 38.19 65.06
C GLU IA 93 -54.69 39.08 63.94
N GLN IA 94 -53.44 38.89 63.55
CA GLN IA 94 -52.87 39.71 62.48
C GLN IA 94 -53.49 39.38 61.13
N GLN IA 95 -53.85 38.13 60.92
CA GLN IA 95 -54.28 37.63 59.63
C GLN IA 95 -55.77 37.49 59.49
N ASN IA 96 -56.54 37.82 60.52
CA ASN IA 96 -57.98 37.75 60.48
C ASN IA 96 -58.54 39.03 61.08
N TYR IA 97 -59.58 39.57 60.49
CA TYR IA 97 -60.36 40.63 61.13
C TYR IA 97 -61.70 40.10 61.56
N TRP IA 98 -62.03 40.35 62.82
CA TRP IA 98 -63.28 39.92 63.44
C TRP IA 98 -63.93 41.13 64.09
N SER IA 99 -65.26 41.18 64.05
CA SER IA 99 -66.00 42.30 64.59
C SER IA 99 -67.13 41.79 65.47
N LYS IA 100 -67.63 42.67 66.33
CA LYS IA 100 -68.73 42.30 67.22
C LYS IA 100 -69.97 41.89 66.43
N GLU IA 101 -70.26 42.61 65.35
CA GLU IA 101 -71.42 42.31 64.53
C GLU IA 101 -71.30 40.95 63.86
N VAL JA 8 -18.32 -19.44 120.70
CA VAL JA 8 -19.39 -18.53 121.19
C VAL JA 8 -18.77 -17.43 122.06
N SER JA 9 -19.44 -16.29 122.21
CA SER JA 9 -18.89 -15.15 122.99
C SER JA 9 -19.86 -14.74 124.10
N ARG JA 10 -19.35 -14.42 125.28
CA ARG JA 10 -20.24 -14.10 126.43
C ARG JA 10 -21.09 -12.88 126.11
N VAL JA 11 -20.48 -11.84 125.53
CA VAL JA 11 -21.24 -10.57 125.30
C VAL JA 11 -22.35 -10.88 124.31
N HIS JA 12 -22.03 -11.60 123.23
CA HIS JA 12 -23.05 -11.93 122.19
C HIS JA 12 -24.18 -12.75 122.82
N ARG JA 13 -23.85 -13.72 123.66
CA ARG JA 13 -24.89 -14.55 124.33
C ARG JA 13 -25.73 -13.68 125.25
N PHE JA 14 -25.09 -12.77 126.00
CA PHE JA 14 -25.85 -11.94 126.96
C PHE JA 14 -26.84 -11.08 126.19
N LEU JA 15 -26.37 -10.47 125.09
CA LEU JA 15 -27.27 -9.55 124.35
C LEU JA 15 -28.46 -10.36 123.83
N ALA JA 16 -28.20 -11.55 123.28
CA ALA JA 16 -29.29 -12.34 122.67
C ALA JA 16 -30.33 -12.75 123.73
N THR JA 17 -29.88 -13.20 124.89
CA THR JA 17 -30.82 -13.62 125.97
C THR JA 17 -31.60 -12.40 126.46
N GLY JA 18 -30.92 -11.26 126.60
CA GLY JA 18 -31.58 -10.04 127.09
C GLY JA 18 -32.64 -9.57 126.11
N LEU JA 19 -32.31 -9.58 124.83
CA LEU JA 19 -33.33 -9.25 123.83
C LEU JA 19 -34.47 -10.25 123.88
N GLY JA 20 -34.20 -11.48 124.28
CA GLY JA 20 -35.28 -12.40 124.59
C GLY JA 20 -36.09 -11.93 125.78
N ALA JA 21 -35.41 -11.41 126.81
CA ALA JA 21 -36.12 -10.83 127.94
C ALA JA 21 -36.88 -9.56 127.55
N SER JA 22 -36.53 -8.94 126.41
CA SER JA 22 -37.32 -7.82 125.94
C SER JA 22 -38.73 -8.26 125.56
N MET JA 23 -38.84 -9.34 124.78
CA MET JA 23 -40.13 -10.00 124.67
C MET JA 23 -40.50 -10.65 126.00
N TRP JA 24 -41.69 -11.24 126.02
CA TRP JA 24 -42.10 -12.14 127.09
C TRP JA 24 -42.08 -11.45 128.44
N PHE JA 25 -41.77 -10.20 128.43
CA PHE JA 25 -42.02 -9.33 129.56
C PHE JA 25 -42.78 -8.12 129.12
N TRP JA 26 -42.53 -7.65 127.90
CA TRP JA 26 -43.44 -6.74 127.25
C TRP JA 26 -44.73 -7.45 126.89
N ILE JA 27 -44.63 -8.73 126.56
CA ILE JA 27 -45.79 -9.51 126.15
C ILE JA 27 -46.79 -9.63 127.28
N PHE JA 28 -46.38 -10.24 128.39
CA PHE JA 28 -47.32 -10.41 129.48
C PHE JA 28 -47.71 -9.09 130.10
N TYR JA 29 -46.81 -8.12 130.14
CA TYR JA 29 -47.18 -6.83 130.70
C TYR JA 29 -48.27 -6.18 129.87
N ARG JA 30 -48.18 -6.30 128.55
CA ARG JA 30 -49.24 -5.77 127.70
C ARG JA 30 -50.46 -6.68 127.74
N ALA JA 31 -50.25 -7.99 127.77
CA ALA JA 31 -51.37 -8.92 127.90
C ALA JA 31 -52.07 -8.77 129.23
N LYS JA 32 -51.31 -8.56 130.31
CA LYS JA 32 -51.95 -8.38 131.60
C LYS JA 32 -52.73 -7.07 131.67
N LYS JA 33 -52.23 -6.02 131.02
CA LYS JA 33 -52.82 -4.69 131.16
C LYS JA 33 -53.89 -4.41 130.10
N ASP JA 34 -53.67 -4.83 128.85
CA ASP JA 34 -54.61 -4.57 127.77
C ASP JA 34 -55.27 -5.83 127.23
N GLY JA 35 -54.98 -6.99 127.80
CA GLY JA 35 -55.57 -8.23 127.34
C GLY JA 35 -57.07 -8.28 127.43
N PRO JA 36 -57.65 -7.92 128.58
CA PRO JA 36 -59.11 -7.95 128.69
C PRO JA 36 -59.81 -7.10 127.64
N VAL JA 37 -59.25 -5.95 127.30
CA VAL JA 37 -59.89 -5.09 126.31
C VAL JA 37 -59.86 -5.74 124.94
N LEU JA 38 -58.73 -6.35 124.58
CA LEU JA 38 -58.61 -6.96 123.26
C LEU JA 38 -59.59 -8.12 123.10
N LEU JA 39 -59.70 -8.97 124.12
CA LEU JA 39 -60.57 -10.13 124.02
C LEU JA 39 -62.04 -9.72 123.98
N GLY JA 40 -62.37 -8.58 124.54
CA GLY JA 40 -63.74 -8.14 124.63
C GLY JA 40 -64.42 -8.41 125.95
N TRP JA 41 -63.67 -8.87 126.95
CA TRP JA 41 -64.27 -9.08 128.26
C TRP JA 41 -64.77 -7.79 128.87
N LYS JA 42 -63.99 -6.71 128.75
CA LYS JA 42 -64.32 -5.44 129.38
C LYS JA 42 -64.07 -4.31 128.40
N HIS JA 43 -65.04 -3.41 128.30
CA HIS JA 43 -64.86 -2.20 127.51
C HIS JA 43 -63.83 -1.29 128.18
N PRO JA 44 -63.11 -0.48 127.40
CA PRO JA 44 -62.04 0.34 128.00
C PRO JA 44 -62.56 1.59 128.71
N TRP JA 45 -63.44 1.37 129.68
CA TRP JA 45 -63.90 2.43 130.57
C TRP JA 45 -64.68 1.85 131.76
N TYR KA 5 40.95 -89.52 -21.76
CA TYR KA 5 39.76 -89.00 -21.08
C TYR KA 5 39.20 -87.79 -21.82
N ALA KA 6 37.97 -87.91 -22.29
CA ALA KA 6 37.32 -86.87 -23.07
C ALA KA 6 36.49 -85.97 -22.16
N PHE KA 7 35.84 -85.00 -22.78
CA PHE KA 7 34.89 -84.18 -22.04
C PHE KA 7 33.52 -84.83 -22.09
N ALA KA 8 32.72 -84.56 -21.07
CA ALA KA 8 31.38 -85.14 -21.01
C ALA KA 8 30.54 -84.66 -22.17
N LYS KA 9 29.80 -85.57 -22.78
CA LYS KA 9 28.91 -85.19 -23.88
C LYS KA 9 27.93 -84.15 -23.39
N GLY KA 10 27.72 -83.12 -24.20
CA GLY KA 10 26.97 -81.96 -23.79
C GLY KA 10 27.82 -80.73 -23.55
N VAL KA 11 29.12 -80.83 -23.71
CA VAL KA 11 30.00 -79.67 -23.68
C VAL KA 11 30.31 -79.28 -25.12
N LYS KA 12 30.24 -77.98 -25.40
CA LYS KA 12 30.31 -77.51 -26.77
C LYS KA 12 31.59 -76.78 -27.12
N GLU KA 13 32.23 -76.08 -26.18
CA GLU KA 13 33.38 -75.26 -26.52
C GLU KA 13 34.04 -74.78 -25.25
N LEU KA 14 35.36 -74.90 -25.20
CA LEU KA 14 36.18 -74.40 -24.09
C LEU KA 14 36.93 -73.15 -24.54
N ARG KA 15 37.02 -72.19 -23.63
CA ARG KA 15 37.64 -70.90 -24.02
C ARG KA 15 38.52 -70.42 -22.88
N PHE KA 16 39.83 -70.50 -23.06
CA PHE KA 16 40.81 -70.01 -22.09
C PHE KA 16 41.20 -68.60 -22.46
N LEU KA 17 41.05 -67.69 -21.51
CA LEU KA 17 41.46 -66.28 -21.72
C LEU KA 17 42.62 -65.99 -20.76
N PHE KA 18 43.77 -65.55 -21.27
CA PHE KA 18 44.95 -65.34 -20.45
C PHE KA 18 45.83 -64.27 -21.09
N CYS KA 19 46.99 -64.03 -20.50
CA CYS KA 19 47.88 -62.97 -20.96
C CYS KA 19 49.20 -63.59 -21.39
N GLN KA 20 49.80 -62.99 -22.41
CA GLN KA 20 50.94 -63.62 -23.08
C GLN KA 20 52.17 -63.68 -22.19
N THR KA 21 52.41 -62.63 -21.41
CA THR KA 21 53.64 -62.52 -20.65
C THR KA 21 53.41 -62.07 -19.23
N SER KA 22 52.17 -61.90 -18.80
CA SER KA 22 51.91 -61.55 -17.42
C SER KA 22 52.29 -62.71 -16.49
N GLN KA 23 52.70 -62.36 -15.28
CA GLN KA 23 52.95 -63.37 -14.26
C GLN KA 23 51.67 -64.07 -13.85
N HIS KA 24 50.55 -63.36 -13.86
CA HIS KA 24 49.28 -63.94 -13.47
C HIS KA 24 48.85 -65.08 -14.39
N SER KA 25 49.47 -65.19 -15.56
CA SER KA 25 49.04 -66.16 -16.55
C SER KA 25 50.05 -67.27 -16.77
N ALA KA 26 51.21 -67.22 -16.11
CA ALA KA 26 52.22 -68.24 -16.28
C ALA KA 26 51.72 -69.61 -15.87
N GLU KA 27 50.95 -69.68 -14.79
CA GLU KA 27 50.40 -70.96 -14.36
C GLU KA 27 49.41 -71.49 -15.40
N ALA KA 28 48.56 -70.61 -15.92
CA ALA KA 28 47.66 -71.00 -17.00
C ALA KA 28 48.44 -71.31 -18.27
N ARG KA 29 49.49 -70.55 -18.54
CA ARG KA 29 50.32 -70.83 -19.70
C ARG KA 29 51.03 -72.16 -19.54
N SER KA 30 51.46 -72.48 -18.31
CA SER KA 30 52.06 -73.79 -18.05
C SER KA 30 51.04 -74.90 -18.23
N PHE KA 31 49.81 -74.70 -17.76
CA PHE KA 31 48.78 -75.72 -17.92
C PHE KA 31 48.58 -76.06 -19.39
N LEU KA 32 48.32 -75.06 -20.23
CA LEU KA 32 47.91 -75.32 -21.60
C LEU KA 32 49.05 -75.90 -22.42
N ASN KA 33 50.28 -75.51 -22.13
CA ASN KA 33 51.43 -76.08 -22.82
C ASN KA 33 51.61 -77.57 -22.52
N ARG KA 34 51.04 -78.06 -21.42
CA ARG KA 34 51.08 -79.48 -21.10
C ARG KA 34 49.74 -80.17 -21.18
N ALA KA 35 48.64 -79.43 -21.27
CA ALA KA 35 47.30 -80.02 -21.25
C ALA KA 35 46.63 -80.04 -22.61
N TYR KA 36 46.57 -78.89 -23.27
CA TYR KA 36 45.75 -78.73 -24.47
C TYR KA 36 46.01 -79.75 -25.57
N PRO KA 37 47.25 -80.09 -25.94
CA PRO KA 37 47.43 -81.11 -26.99
C PRO KA 37 46.83 -82.46 -26.65
N ILE KA 38 46.87 -82.87 -25.39
CA ILE KA 38 46.19 -84.09 -24.98
C ILE KA 38 44.68 -83.85 -24.92
N MET KA 39 44.27 -82.67 -24.45
CA MET KA 39 42.86 -82.29 -24.43
C MET KA 39 42.23 -82.28 -25.81
N LYS KA 40 43.05 -82.17 -26.86
CA LYS KA 40 42.51 -82.09 -28.25
C LYS KA 40 42.64 -83.46 -28.89
N LYS KA 41 43.63 -84.23 -28.48
CA LYS KA 41 43.76 -85.58 -29.01
C LYS KA 41 42.55 -86.43 -28.63
N HIS KA 42 42.10 -86.29 -27.39
CA HIS KA 42 40.98 -87.13 -26.90
C HIS KA 42 39.70 -86.81 -27.65
N ASN KA 43 39.37 -85.54 -27.82
CA ASN KA 43 38.11 -85.20 -28.45
C ASN KA 43 38.33 -84.07 -29.44
N PRO KA 44 38.57 -84.40 -30.72
CA PRO KA 44 38.81 -83.38 -31.73
C PRO KA 44 37.56 -82.73 -32.28
N THR KA 45 36.38 -83.18 -31.88
CA THR KA 45 35.13 -82.63 -32.39
C THR KA 45 34.69 -81.38 -31.64
N ILE KA 46 35.45 -80.95 -30.64
CA ILE KA 46 35.12 -79.78 -29.84
C ILE KA 46 36.17 -78.70 -30.09
N PRO KA 47 35.78 -77.46 -30.35
CA PRO KA 47 36.76 -76.37 -30.36
C PRO KA 47 37.27 -76.07 -28.96
N ILE KA 48 38.56 -75.83 -28.85
CA ILE KA 48 39.19 -75.44 -27.58
C ILE KA 48 39.99 -74.18 -27.86
N LEU KA 49 39.37 -73.02 -27.69
CA LEU KA 49 39.95 -71.78 -28.17
C LEU KA 49 40.82 -71.15 -27.09
N LEU KA 50 42.04 -70.83 -27.47
CA LEU KA 50 42.97 -70.15 -26.59
C LEU KA 50 43.09 -68.74 -27.13
N ARG KA 51 42.52 -67.79 -26.38
CA ARG KA 51 42.51 -66.38 -26.80
C ARG KA 51 43.14 -65.54 -25.69
N GLU KA 52 44.20 -64.80 -26.01
CA GLU KA 52 44.94 -64.02 -25.04
C GLU KA 52 44.97 -62.55 -25.44
N ALA KA 53 45.52 -61.74 -24.55
CA ALA KA 53 45.67 -60.30 -24.71
C ALA KA 53 46.44 -59.79 -23.50
N GLN KA 54 47.13 -58.67 -23.69
CA GLN KA 54 47.91 -58.08 -22.60
C GLN KA 54 47.01 -57.74 -21.43
N GLY KA 55 47.44 -58.15 -20.24
CA GLY KA 55 46.65 -57.90 -19.05
C GLY KA 55 45.31 -58.58 -19.03
N THR KA 56 45.27 -59.86 -19.36
CA THR KA 56 44.03 -60.64 -19.36
C THR KA 56 44.05 -61.54 -18.12
N ILE KA 57 43.17 -61.23 -17.16
CA ILE KA 57 43.10 -62.06 -15.95
C ILE KA 57 42.61 -63.45 -16.32
N PRO KA 58 43.33 -64.51 -15.98
CA PRO KA 58 43.04 -65.83 -16.54
C PRO KA 58 41.64 -66.31 -16.21
N ARG KA 59 40.98 -66.83 -17.24
CA ARG KA 59 39.58 -67.29 -17.08
C ARG KA 59 39.41 -68.52 -17.95
N VAL KA 60 38.39 -69.32 -17.71
CA VAL KA 60 38.03 -70.43 -18.58
C VAL KA 60 36.52 -70.39 -18.76
N TYR KA 61 36.08 -70.72 -19.98
CA TYR KA 61 34.64 -70.67 -20.30
C TYR KA 61 34.23 -72.00 -20.93
N ALA KA 62 33.27 -72.70 -20.33
CA ALA KA 62 32.78 -73.97 -20.85
C ALA KA 62 31.36 -73.77 -21.33
N ARG KA 63 31.11 -74.09 -22.58
CA ARG KA 63 29.80 -73.91 -23.16
C ARG KA 63 29.16 -75.27 -23.38
N TYR KA 64 27.85 -75.29 -23.23
CA TYR KA 64 27.06 -76.49 -23.37
C TYR KA 64 25.93 -76.20 -24.33
N GLU KA 65 24.98 -77.12 -24.42
CA GLU KA 65 23.90 -77.00 -25.38
C GLU KA 65 22.95 -75.88 -24.92
N PHE KA 66 22.18 -75.32 -25.86
CA PHE KA 66 21.36 -74.12 -25.62
C PHE KA 66 22.16 -72.91 -25.18
N GLY KA 67 23.46 -72.88 -25.43
CA GLY KA 67 24.25 -71.71 -25.12
C GLY KA 67 24.37 -71.37 -23.66
N ARG KA 68 24.41 -72.37 -22.78
CA ARG KA 68 24.67 -72.13 -21.37
C ARG KA 68 26.16 -72.18 -21.12
N GLU KA 69 26.67 -71.22 -20.38
CA GLU KA 69 28.10 -71.01 -20.30
C GLU KA 69 28.51 -70.75 -18.85
N LYS KA 70 29.59 -71.37 -18.43
CA LYS KA 70 30.11 -71.24 -17.09
C LYS KA 70 31.52 -70.69 -17.13
N MET KA 71 31.82 -69.78 -16.21
CA MET KA 71 33.11 -69.14 -16.12
C MET KA 71 33.69 -69.33 -14.73
N GLU KA 72 34.86 -69.95 -14.66
CA GLU KA 72 35.63 -70.03 -13.44
C GLU KA 72 36.97 -69.35 -13.67
N SER KA 73 37.34 -68.47 -12.74
CA SER KA 73 38.62 -67.79 -12.85
C SER KA 73 39.77 -68.74 -12.56
N LEU KA 74 40.98 -68.25 -12.78
CA LEU KA 74 42.19 -69.05 -12.62
C LEU KA 74 43.30 -68.31 -11.89
N GLU KA 75 43.05 -67.09 -11.39
CA GLU KA 75 44.11 -66.35 -10.72
C GLU KA 75 44.43 -66.97 -9.37
N GLY KA 76 45.71 -67.00 -9.03
CA GLY KA 76 46.17 -67.59 -7.79
C GLY KA 76 46.34 -69.09 -7.84
N LEU KA 77 45.63 -69.74 -8.76
CA LEU KA 77 45.65 -71.18 -8.87
C LEU KA 77 47.01 -71.66 -9.35
N THR KA 78 47.47 -72.78 -8.83
CA THR KA 78 48.72 -73.34 -9.31
C THR KA 78 48.47 -74.16 -10.57
N ASP KA 79 49.56 -74.72 -11.12
CA ASP KA 79 49.41 -75.55 -12.31
C ASP KA 79 48.52 -76.76 -12.04
N LYS KA 80 48.72 -77.40 -10.88
CA LYS KA 80 47.90 -78.56 -10.55
C LYS KA 80 46.43 -78.17 -10.38
N GLN KA 81 46.15 -77.10 -9.63
CA GLN KA 81 44.78 -76.77 -9.28
C GLN KA 81 43.92 -76.52 -10.50
N ILE KA 82 44.51 -76.06 -11.61
CA ILE KA 82 43.74 -75.82 -12.81
C ILE KA 82 43.06 -77.08 -13.29
N GLU KA 83 43.80 -78.20 -13.30
CA GLU KA 83 43.29 -79.42 -13.92
C GLU KA 83 41.98 -79.86 -13.31
N GLU KA 84 41.87 -79.82 -11.98
CA GLU KA 84 40.60 -80.16 -11.33
C GLU KA 84 39.52 -79.17 -11.70
N THR KA 85 39.86 -77.88 -11.78
CA THR KA 85 38.85 -76.87 -12.08
C THR KA 85 38.28 -77.06 -13.47
N VAL KA 86 39.13 -77.30 -14.46
CA VAL KA 86 38.64 -77.61 -15.79
C VAL KA 86 37.88 -78.93 -15.77
N ALA KA 87 38.35 -79.90 -14.98
CA ALA KA 87 37.65 -81.18 -14.88
C ALA KA 87 36.24 -80.98 -14.34
N LYS KA 88 36.07 -80.11 -13.35
CA LYS KA 88 34.74 -79.78 -12.87
C LYS KA 88 33.86 -79.23 -13.98
N LEU KA 89 34.47 -78.51 -14.92
CA LEU KA 89 33.72 -77.91 -16.01
C LEU KA 89 33.40 -78.89 -17.12
N VAL KA 90 34.11 -80.00 -17.20
CA VAL KA 90 34.05 -80.87 -18.37
C VAL KA 90 33.66 -82.29 -18.01
N LYS KA 91 33.25 -82.54 -16.76
CA LYS KA 91 32.89 -83.88 -16.32
C LYS KA 91 31.47 -83.88 -15.76
N THR KA 92 30.71 -84.91 -16.11
CA THR KA 92 29.36 -85.09 -15.60
C THR KA 92 28.93 -86.55 -15.71
N THR LA 4 20.10 35.54 -3.09
CA THR LA 4 20.08 35.84 -4.51
C THR LA 4 18.85 36.67 -4.87
N THR LA 5 17.70 36.02 -4.95
CA THR LA 5 16.46 36.72 -5.24
C THR LA 5 16.12 37.69 -4.12
N PRO LA 6 15.81 38.95 -4.43
CA PRO LA 6 15.68 39.97 -3.38
C PRO LA 6 14.49 39.79 -2.42
N ARG LA 7 14.36 40.72 -1.48
CA ARG LA 7 13.29 40.74 -0.50
C ARG LA 7 12.56 42.07 -0.56
N PHE LA 8 11.24 42.02 -0.69
CA PHE LA 8 10.48 43.23 -0.97
C PHE LA 8 10.64 44.28 0.12
N TRP LA 9 10.65 43.85 1.37
CA TRP LA 9 10.64 44.82 2.46
C TRP LA 9 12.03 45.31 2.83
N SER LA 10 13.09 44.72 2.27
CA SER LA 10 14.43 45.29 2.38
C SER LA 10 14.73 46.23 1.24
N THR LA 11 14.42 45.81 0.00
CA THR LA 11 14.69 46.61 -1.19
C THR LA 11 13.45 46.62 -2.09
N PRO LA 12 12.53 47.55 -1.86
CA PRO LA 12 11.27 47.55 -2.64
C PRO LA 12 11.45 47.74 -4.14
N LEU LA 13 12.34 48.64 -4.57
CA LEU LA 13 12.50 48.90 -6.00
C LEU LA 13 13.24 47.77 -6.68
N LYS LA 14 14.13 47.12 -5.95
CA LYS LA 14 14.98 46.09 -6.50
C LYS LA 14 14.20 44.79 -6.66
N TYR LA 15 13.26 44.54 -5.75
CA TYR LA 15 12.34 43.41 -5.90
C TYR LA 15 11.43 43.59 -7.10
N CYS LA 16 10.99 44.81 -7.36
CA CYS LA 16 10.05 45.01 -8.46
C CYS LA 16 10.70 44.75 -9.81
N ARG LA 17 11.99 45.05 -9.94
CA ARG LA 17 12.68 44.74 -11.19
C ARG LA 17 12.87 43.25 -11.36
N TRP LA 18 13.23 42.55 -10.29
CA TRP LA 18 13.38 41.11 -10.37
C TRP LA 18 12.07 40.44 -10.72
N ALA LA 19 10.97 40.91 -10.12
CA ALA LA 19 9.67 40.28 -10.36
C ALA LA 19 9.20 40.55 -11.78
N ALA LA 20 9.45 41.74 -12.31
CA ALA LA 20 9.11 41.99 -13.71
C ALA LA 20 9.93 41.11 -14.63
N ARG LA 21 11.16 40.78 -14.26
CA ARG LA 21 12.01 39.97 -15.10
C ARG LA 21 11.84 38.47 -14.85
N GLU LA 22 11.62 38.08 -13.60
CA GLU LA 22 11.62 36.68 -13.24
C GLU LA 22 10.24 36.09 -13.03
N ARG LA 23 9.25 36.91 -12.67
CA ARG LA 23 7.87 36.45 -12.52
C ARG LA 23 6.95 37.38 -13.30
N PRO LA 24 7.10 37.43 -14.63
CA PRO LA 24 6.40 38.47 -15.40
C PRO LA 24 4.90 38.34 -15.39
N ALA LA 25 4.36 37.14 -15.61
CA ALA LA 25 2.90 36.99 -15.64
C ALA LA 25 2.29 37.33 -14.30
N LEU LA 26 2.95 36.93 -13.22
CA LEU LA 26 2.45 37.26 -11.89
C LEU LA 26 2.62 38.74 -11.58
N PHE LA 27 3.76 39.33 -11.94
CA PHE LA 27 4.00 40.72 -11.59
C PHE LA 27 3.03 41.64 -12.33
N PHE LA 28 2.90 41.44 -13.63
CA PHE LA 28 2.06 42.31 -14.44
C PHE LA 28 0.58 42.02 -14.24
N SER LA 29 0.22 40.92 -13.61
CA SER LA 29 -1.16 40.73 -13.17
C SER LA 29 -1.52 41.73 -12.08
N VAL LA 30 -0.64 41.88 -11.09
CA VAL LA 30 -0.88 42.83 -10.02
C VAL LA 30 -0.78 44.26 -10.53
N VAL LA 31 -0.03 44.45 -11.61
CA VAL LA 31 0.07 45.78 -12.22
C VAL LA 31 -1.24 46.14 -12.90
N ILE LA 32 -1.75 45.24 -13.74
CA ILE LA 32 -2.99 45.49 -14.45
C ILE LA 32 -4.15 45.64 -13.46
N GLY LA 33 -4.19 44.79 -12.44
CA GLY LA 33 -5.24 44.91 -11.45
C GLY LA 33 -5.22 46.25 -10.75
N ALA LA 34 -4.04 46.83 -10.58
CA ALA LA 34 -3.93 48.14 -9.97
C ALA LA 34 -4.31 49.25 -10.93
N LEU LA 35 -4.17 49.02 -12.24
CA LEU LA 35 -4.53 50.05 -13.21
C LEU LA 35 -6.02 50.31 -13.25
N GLY LA 36 -6.83 49.31 -12.94
CA GLY LA 36 -8.26 49.50 -12.88
C GLY LA 36 -8.63 50.46 -11.78
N PRO LA 37 -8.06 50.26 -10.59
CA PRO LA 37 -8.30 51.21 -9.51
C PRO LA 37 -7.79 52.60 -9.82
N VAL LA 38 -6.67 52.71 -10.54
CA VAL LA 38 -6.15 54.00 -10.98
C VAL LA 38 -7.05 54.62 -12.03
N THR LA 39 -7.45 53.85 -13.04
CA THR LA 39 -8.24 54.43 -14.12
C THR LA 39 -9.57 54.96 -13.60
N LEU LA 40 -10.11 54.34 -12.57
CA LEU LA 40 -11.30 54.89 -11.93
C LEU LA 40 -11.01 56.24 -11.30
N ALA LA 41 -9.85 56.36 -10.65
CA ALA LA 41 -9.52 57.57 -9.93
C ALA LA 41 -9.17 58.74 -10.85
N THR LA 42 -8.52 58.44 -11.98
CA THR LA 42 -7.90 59.48 -12.84
C THR LA 42 -8.73 59.98 -14.02
N VAL LA 43 -9.02 59.10 -14.98
CA VAL LA 43 -9.74 59.54 -16.21
C VAL LA 43 -11.03 60.31 -15.89
N PRO LA 44 -11.96 59.83 -15.01
CA PRO LA 44 -13.24 60.47 -14.87
C PRO LA 44 -13.11 61.96 -14.51
N PRO LA 45 -12.28 62.41 -13.51
CA PRO LA 45 -12.07 63.85 -13.28
C PRO LA 45 -11.48 64.58 -14.50
N LEU LA 46 -10.50 63.99 -15.17
CA LEU LA 46 -9.90 64.59 -16.39
C LEU LA 46 -10.97 64.70 -17.48
N ARG LA 47 -11.84 63.69 -17.62
CA ARG LA 47 -12.96 63.77 -18.60
C ARG LA 47 -13.82 65.00 -18.28
N ARG LA 48 -14.09 65.28 -17.00
CA ARG LA 48 -14.97 66.41 -16.64
C ARG LA 48 -14.17 67.70 -16.81
N LEU LA 49 -12.84 67.62 -16.83
CA LEU LA 49 -12.01 68.81 -17.13
C LEU LA 49 -12.10 69.16 -18.60
N ILE LA 50 -12.09 68.17 -19.48
CA ILE LA 50 -12.06 68.45 -20.94
C ILE LA 50 -13.51 68.66 -21.40
N GLY LA 51 -14.49 68.44 -20.51
CA GLY LA 51 -15.88 68.73 -20.91
C GLY LA 51 -16.60 67.55 -21.53
N ASP LA 52 -16.07 66.34 -21.31
CA ASP LA 52 -16.73 65.11 -21.81
C ASP LA 52 -17.83 64.73 -20.84
N VAL LA 53 -18.98 65.41 -20.91
CA VAL LA 53 -20.09 65.17 -19.93
C VAL LA 53 -20.65 63.76 -20.12
N ASP LA 54 -20.93 63.06 -19.02
CA ASP LA 54 -21.53 61.70 -19.11
C ASP LA 54 -22.93 61.84 -19.71
N ALA LA 55 -23.30 60.92 -20.61
CA ALA LA 55 -24.62 60.94 -21.26
C ALA LA 55 -25.72 60.78 -20.22
N ALA LA 56 -26.87 61.43 -20.43
CA ALA LA 56 -28.02 61.23 -19.52
C ALA LA 56 -28.46 59.76 -19.57
N PRO LA 57 -29.04 59.15 -18.50
CA PRO LA 57 -29.55 57.79 -18.62
C PRO LA 57 -30.71 57.65 -19.60
N ILE LA 58 -30.80 56.49 -20.25
CA ILE LA 58 -31.91 56.25 -21.20
C ILE LA 58 -33.14 55.92 -20.38
N PRO LA 59 -34.40 56.21 -20.82
CA PRO LA 59 -35.58 55.78 -20.06
C PRO LA 59 -35.79 54.28 -20.10
N LEU LA 60 -36.12 53.68 -18.96
CA LEU LA 60 -36.40 52.22 -18.91
C LEU LA 60 -37.78 52.03 -18.31
N THR LA 61 -38.56 53.10 -18.18
CA THR LA 61 -39.96 53.03 -17.72
C THR LA 61 -40.67 54.19 -18.44
N TYR LA 62 -41.99 54.22 -18.41
CA TYR LA 62 -42.72 55.36 -19.01
C TYR LA 62 -42.33 56.66 -18.31
N PRO LA 63 -41.95 57.76 -19.03
CA PRO LA 63 -41.50 58.95 -18.34
C PRO LA 63 -42.66 59.85 -17.92
N ILE LA 64 -43.18 59.64 -16.72
CA ILE LA 64 -44.30 60.42 -16.24
C ILE LA 64 -43.83 61.77 -15.73
N PRO LA 65 -44.38 62.87 -16.19
CA PRO LA 65 -43.96 64.18 -15.70
C PRO LA 65 -44.59 64.50 -14.37
N PRO LA 66 -43.89 65.26 -13.53
CA PRO LA 66 -44.42 65.61 -12.21
C PRO LA 66 -45.31 66.84 -12.25
N GLY LA 67 -46.17 66.94 -11.24
CA GLY LA 67 -47.06 68.05 -11.13
C GLY LA 67 -48.50 67.65 -11.34
N PRO LA 68 -49.42 68.60 -11.20
CA PRO LA 68 -50.84 68.30 -11.41
C PRO LA 68 -51.14 68.07 -12.88
N ARG LA 69 -52.23 67.35 -13.13
CA ARG LA 69 -52.69 67.10 -14.47
C ARG LA 69 -53.10 68.41 -15.15
N LYS LA 70 -52.94 68.46 -16.46
CA LYS LA 70 -52.97 69.72 -17.20
C LYS LA 70 -54.36 70.18 -17.58
N GLN LA 71 -55.40 69.38 -17.35
CA GLN LA 71 -56.77 69.74 -17.70
C GLN LA 71 -56.89 70.01 -19.20
N LEU LA 72 -56.70 68.95 -19.98
CA LEU LA 72 -56.77 69.06 -21.44
C LEU LA 72 -58.20 69.30 -21.91
N LYS LA 73 -58.30 69.87 -23.12
CA LYS LA 73 -59.56 70.04 -23.82
C LYS LA 73 -59.29 69.79 -25.30
N GLY LA 74 -59.98 68.79 -25.87
CA GLY LA 74 -59.76 68.38 -27.28
C GLY LA 74 -60.04 66.92 -27.50
N TYR LA 75 -60.22 66.51 -28.75
CA TYR LA 75 -60.33 65.06 -29.05
C TYR LA 75 -61.39 64.41 -28.16
N ASP LA 76 -62.56 65.02 -28.05
CA ASP LA 76 -63.59 64.48 -27.14
C ASP LA 76 -64.54 63.54 -27.89
N ASP LA 77 -65.52 62.96 -27.18
CA ASP LA 77 -66.44 61.97 -27.79
C ASP LA 77 -67.20 62.61 -28.96
N ASP LA 78 -67.55 63.90 -28.83
CA ASP LA 78 -68.28 64.61 -29.92
C ASP LA 78 -67.41 64.63 -31.18
N THR LA 79 -66.11 64.85 -31.05
CA THR LA 79 -65.19 64.92 -32.22
C THR LA 79 -65.15 63.58 -32.95
N GLU LA 80 -65.14 62.46 -32.21
CA GLU LA 80 -65.06 61.09 -32.80
C GLU LA 80 -65.55 61.12 -34.26
N SER MA 2 1.18 20.12 -57.32
CA SER MA 2 1.56 21.05 -58.37
C SER MA 2 1.21 22.47 -57.95
N TYR MA 3 1.29 23.43 -58.86
CA TYR MA 3 0.96 24.81 -58.61
C TYR MA 3 0.24 25.39 -59.81
N PRO MA 4 -0.54 26.46 -59.63
CA PRO MA 4 -1.41 26.91 -60.72
C PRO MA 4 -0.69 27.25 -62.01
N THR MA 5 0.46 27.92 -61.94
CA THR MA 5 1.16 28.28 -63.18
C THR MA 5 1.53 27.04 -63.96
N ARG MA 6 2.01 26.00 -63.26
CA ARG MA 6 2.42 24.78 -63.94
C ARG MA 6 1.22 24.01 -64.47
N THR MA 7 0.18 23.86 -63.66
CA THR MA 7 -0.97 23.08 -64.09
C THR MA 7 -1.77 23.80 -65.17
N LEU MA 8 -1.77 25.13 -65.17
CA LEU MA 8 -2.43 25.85 -66.24
C LEU MA 8 -1.72 25.63 -67.57
N ALA MA 9 -0.40 25.75 -67.58
CA ALA MA 9 0.33 25.65 -68.83
C ALA MA 9 0.14 24.28 -69.47
N ASN MA 10 0.06 23.24 -68.65
CA ASN MA 10 -0.03 21.88 -69.16
C ASN MA 10 -1.43 21.56 -69.69
N LEU MA 11 -2.46 22.20 -69.14
CA LEU MA 11 -3.77 22.17 -69.79
C LEU MA 11 -3.74 22.81 -71.16
N ARG MA 12 -3.03 23.92 -71.31
CA ARG MA 12 -2.93 24.54 -72.61
C ARG MA 12 -2.23 23.63 -73.61
N LYS MA 13 -1.55 22.58 -73.14
CA LYS MA 13 -0.84 21.64 -73.99
C LYS MA 13 -1.62 20.36 -74.24
N ILE MA 14 -2.08 19.68 -73.19
CA ILE MA 14 -2.57 18.31 -73.35
C ILE MA 14 -4.09 18.21 -73.55
N GLY MA 15 -4.84 19.21 -73.15
CA GLY MA 15 -6.28 19.20 -73.36
C GLY MA 15 -7.05 18.57 -72.21
N LEU MA 16 -8.33 18.89 -72.16
CA LEU MA 16 -9.12 18.58 -70.96
C LEU MA 16 -9.51 17.10 -70.91
N LYS MA 17 -9.54 16.42 -72.04
CA LYS MA 17 -9.79 14.98 -71.99
C LYS MA 17 -8.58 14.23 -71.46
N GLU MA 18 -7.38 14.69 -71.81
CA GLU MA 18 -6.17 14.07 -71.28
C GLU MA 18 -5.90 14.51 -69.86
N TYR MA 19 -6.35 15.70 -69.47
CA TYR MA 19 -6.17 16.15 -68.09
C TYR MA 19 -6.88 15.23 -67.11
N PHE MA 20 -8.09 14.78 -67.47
CA PHE MA 20 -8.83 13.88 -66.58
C PHE MA 20 -8.24 12.49 -66.58
N ARG MA 21 -7.70 12.03 -67.70
CA ARG MA 21 -7.03 10.70 -67.75
C ARG MA 21 -5.94 10.65 -66.67
N GLN MA 22 -5.12 11.70 -66.56
CA GLN MA 22 -3.98 11.70 -65.62
C GLN MA 22 -4.44 11.80 -64.17
N LEU MA 23 -5.51 12.56 -63.91
CA LEU MA 23 -6.05 12.70 -62.53
C LEU MA 23 -6.50 11.32 -62.04
N LEU MA 24 -7.05 10.49 -62.93
CA LEU MA 24 -7.49 9.12 -62.57
C LEU MA 24 -6.30 8.21 -62.25
N TYR MA 25 -5.16 8.38 -62.92
CA TYR MA 25 -4.03 7.43 -62.71
C TYR MA 25 -2.88 8.07 -61.92
N ILE MA 26 -2.03 8.85 -62.58
CA ILE MA 26 -0.86 9.49 -61.91
C ILE MA 26 -1.30 10.44 -60.77
N GLY MA 27 -2.36 11.23 -60.95
CA GLY MA 27 -2.73 12.18 -59.87
C GLY MA 27 -1.97 13.49 -59.99
N ASP MA 28 -1.40 13.77 -61.16
CA ASP MA 28 -0.68 15.00 -61.42
C ASP MA 28 -0.97 15.42 -62.86
N THR MA 29 -0.88 16.72 -63.13
CA THR MA 29 -0.93 17.19 -64.51
C THR MA 29 0.50 17.38 -65.00
N LYS MA 30 0.88 16.61 -65.99
CA LYS MA 30 2.26 16.50 -66.37
C LYS MA 30 2.36 16.40 -67.89
N TYR MA 31 3.29 17.15 -68.45
CA TYR MA 31 3.49 17.21 -69.89
C TYR MA 31 4.96 16.99 -70.22
N GLY MA 32 5.22 16.13 -71.20
CA GLY MA 32 6.57 15.84 -71.62
C GLY MA 32 6.58 15.15 -72.95
N GLU MA 33 7.79 14.95 -73.46
CA GLU MA 33 8.00 14.38 -74.79
C GLU MA 33 7.99 12.86 -74.75
N LEU MA 34 7.36 12.26 -75.74
CA LEU MA 34 7.34 10.80 -75.83
C LEU MA 34 8.72 10.28 -76.18
N VAL MA 35 9.22 9.35 -75.37
CA VAL MA 35 10.55 8.80 -75.56
C VAL MA 35 10.52 7.41 -76.17
N GLY MA 36 9.45 6.67 -75.92
CA GLY MA 36 9.34 5.38 -76.59
C GLY MA 36 8.29 4.50 -75.96
N VAL MA 37 8.08 3.34 -76.58
CA VAL MA 37 7.02 2.43 -76.08
C VAL MA 37 7.63 1.08 -75.71
N ASP MA 38 7.22 0.52 -74.58
CA ASP MA 38 7.64 -0.82 -74.12
C ASP MA 38 6.97 -1.88 -74.99
N LYS MA 39 7.46 -3.12 -74.96
CA LYS MA 39 6.73 -4.20 -75.66
C LYS MA 39 5.38 -4.39 -74.96
N PHE MA 40 5.32 -4.20 -73.65
CA PHE MA 40 4.04 -4.29 -72.90
C PHE MA 40 3.10 -3.12 -73.21
N GLY MA 41 3.50 -2.15 -74.03
CA GLY MA 41 2.63 -1.05 -74.38
C GLY MA 41 2.77 0.20 -73.54
N ASN MA 42 3.71 0.24 -72.60
CA ASN MA 42 3.86 1.39 -71.73
C ASN MA 42 4.61 2.51 -72.45
N LYS MA 43 4.25 3.75 -72.12
CA LYS MA 43 4.79 4.92 -72.79
C LYS MA 43 5.60 5.77 -71.83
N PHE MA 44 6.71 6.30 -72.32
CA PHE MA 44 7.70 6.97 -71.51
C PHE MA 44 7.90 8.40 -71.97
N TYR MA 45 8.01 9.30 -71.00
CA TYR MA 45 8.04 10.73 -71.24
C TYR MA 45 9.20 11.32 -70.47
N GLU MA 46 9.75 12.40 -70.99
CA GLU MA 46 10.84 13.04 -70.31
C GLU MA 46 10.67 14.54 -70.41
N ASN MA 47 11.13 15.24 -69.37
CA ASN MA 47 11.08 16.69 -69.31
C ASN MA 47 12.17 17.16 -68.35
N LYS MA 48 13.25 17.70 -68.90
CA LYS MA 48 14.34 18.17 -68.05
C LYS MA 48 13.93 19.30 -67.11
N GLU MA 49 12.73 19.86 -67.25
CA GLU MA 49 12.36 21.06 -66.53
C GLU MA 49 11.50 20.80 -65.31
N GLU MA 50 11.44 19.58 -64.82
CA GLU MA 50 10.60 19.30 -63.68
C GLU MA 50 11.45 19.22 -62.41
N LEU MA 51 10.86 18.84 -61.32
CA LEU MA 51 11.62 18.66 -60.11
C LEU MA 51 12.51 17.43 -60.22
N PRO MA 52 13.63 17.41 -59.53
CA PRO MA 52 14.56 16.29 -59.68
C PRO MA 52 13.89 14.99 -59.28
N LEU MA 53 14.18 13.94 -60.04
CA LEU MA 53 13.63 12.60 -59.96
C LEU MA 53 12.24 12.53 -60.58
N ARG MA 54 11.72 13.63 -61.10
CA ARG MA 54 10.45 13.65 -61.78
C ARG MA 54 10.59 13.93 -63.26
N THR MA 55 11.82 13.95 -63.79
CA THR MA 55 12.04 14.23 -65.20
C THR MA 55 11.59 13.09 -66.10
N ARG MA 56 11.49 11.88 -65.58
CA ARG MA 56 11.07 10.72 -66.38
C ARG MA 56 9.88 10.05 -65.72
N TRP MA 57 8.85 9.76 -66.51
CA TRP MA 57 7.69 9.06 -65.98
C TRP MA 57 7.16 8.10 -67.04
N VAL MA 58 6.16 7.33 -66.65
CA VAL MA 58 5.57 6.31 -67.50
C VAL MA 58 4.05 6.46 -67.47
N ASP MA 59 3.42 6.28 -68.62
CA ASP MA 59 1.99 6.11 -68.74
C ASP MA 59 1.76 4.64 -69.08
N TYR MA 60 1.20 3.88 -68.13
CA TYR MA 60 1.02 2.45 -68.31
C TYR MA 60 -0.08 2.14 -69.33
N ALA MA 61 0.08 1.00 -69.99
CA ALA MA 61 -0.88 0.54 -70.98
C ALA MA 61 -2.12 -0.10 -70.36
N LYS MA 62 -1.99 -0.72 -69.21
CA LYS MA 62 -3.07 -1.43 -68.55
C LYS MA 62 -3.76 -0.57 -67.51
N HIS MA 63 -5.05 -0.82 -67.29
CA HIS MA 63 -5.78 -0.13 -66.19
C HIS MA 63 -5.26 -0.62 -64.83
N ASP MA 64 -5.10 -1.94 -64.66
CA ASP MA 64 -4.58 -2.45 -63.39
C ASP MA 64 -3.07 -2.51 -63.48
N TYR MA 65 -2.50 -1.32 -63.58
CA TYR MA 65 -1.05 -1.16 -63.76
C TYR MA 65 -0.26 -1.75 -62.60
N ASP MA 66 1.01 -1.97 -62.84
CA ASP MA 66 1.90 -2.50 -61.84
C ASP MA 66 3.33 -2.23 -62.25
N ALA MA 67 4.19 -1.91 -61.28
CA ALA MA 67 5.60 -1.54 -61.56
C ALA MA 67 6.35 -2.68 -62.27
N ALA MA 68 5.83 -3.90 -62.25
CA ALA MA 68 6.48 -5.03 -62.96
C ALA MA 68 6.02 -5.10 -64.42
N HIS MA 69 5.22 -4.16 -64.88
CA HIS MA 69 4.84 -4.12 -66.28
C HIS MA 69 5.88 -3.46 -67.17
N ILE MA 70 6.89 -2.83 -66.58
CA ILE MA 70 7.93 -2.17 -67.36
C ILE MA 70 8.92 -3.23 -67.87
N GLU MA 71 9.17 -3.21 -69.17
CA GLU MA 71 10.18 -4.07 -69.77
C GLU MA 71 11.57 -3.77 -69.20
N PRO MA 72 12.44 -4.77 -69.06
CA PRO MA 72 13.72 -4.54 -68.38
C PRO MA 72 14.62 -3.44 -68.92
N MET MA 73 14.79 -3.21 -70.20
CA MET MA 73 15.80 -2.19 -70.46
C MET MA 73 15.25 -0.79 -70.16
N TRP MA 74 13.96 -0.56 -70.38
CA TRP MA 74 13.31 0.68 -69.95
C TRP MA 74 13.31 0.85 -68.44
N HIS MA 75 13.34 -0.24 -67.70
CA HIS MA 75 13.37 -0.17 -66.25
C HIS MA 75 14.63 0.56 -65.77
N ALA MA 76 15.74 0.38 -66.48
CA ALA MA 76 16.96 1.08 -66.12
C ALA MA 76 16.85 2.57 -66.44
N TRP MA 77 16.14 2.90 -67.50
CA TRP MA 77 15.98 4.31 -67.87
C TRP MA 77 15.10 5.04 -66.86
N ILE MA 78 13.96 4.44 -66.49
CA ILE MA 78 13.05 5.09 -65.59
C ILE MA 78 13.66 5.26 -64.21
N SER MA 79 14.64 4.44 -63.86
CA SER MA 79 15.29 4.49 -62.56
C SER MA 79 16.53 5.36 -62.55
N TYR MA 80 16.78 6.10 -63.60
CA TYR MA 80 17.93 6.99 -63.72
C TYR MA 80 19.24 6.23 -63.64
N GLN MA 81 19.21 4.96 -64.01
CA GLN MA 81 20.40 4.13 -64.01
C GLN MA 81 21.14 4.21 -65.34
N VAL MA 82 20.49 4.65 -66.40
CA VAL MA 82 21.13 4.99 -67.65
C VAL MA 82 20.52 6.31 -68.13
N ASP MA 83 21.23 6.99 -69.02
CA ASP MA 83 20.66 8.13 -69.70
C ASP MA 83 20.21 7.82 -71.12
N THR MA 84 20.72 6.77 -71.73
CA THR MA 84 20.30 6.40 -73.07
C THR MA 84 19.08 5.50 -73.01
N PRO MA 85 17.96 5.85 -73.63
CA PRO MA 85 16.78 5.00 -73.60
C PRO MA 85 16.96 3.78 -74.48
N PRO MA 86 16.18 2.73 -74.28
CA PRO MA 86 16.34 1.52 -75.06
C PRO MA 86 16.09 1.72 -76.54
N THR MA 87 15.66 2.91 -76.91
CA THR MA 87 15.44 3.24 -78.31
C THR MA 87 16.71 3.58 -79.05
N ARG MA 88 17.81 3.83 -78.34
CA ARG MA 88 19.10 4.08 -78.96
C ARG MA 88 20.21 3.27 -78.31
N GLU MA 89 19.89 2.32 -77.44
CA GLU MA 89 20.91 1.52 -76.76
C GLU MA 89 21.22 0.27 -77.55
N PRO MA 90 22.44 0.09 -78.04
CA PRO MA 90 22.76 -1.10 -78.83
C PRO MA 90 22.60 -2.41 -78.09
N LEU MA 91 22.64 -2.39 -76.76
CA LEU MA 91 22.62 -3.64 -76.02
C LEU MA 91 21.30 -4.38 -76.15
N THR MA 92 20.23 -3.68 -76.54
CA THR MA 92 18.94 -4.27 -76.85
C THR MA 92 18.88 -4.86 -78.24
N GLN MA 93 19.82 -4.57 -79.12
CA GLN MA 93 19.84 -5.12 -80.47
C GLN MA 93 20.73 -6.34 -80.58
N ILE MA 94 20.78 -7.16 -79.56
CA ILE MA 94 21.45 -8.46 -79.63
C ILE MA 94 20.41 -9.52 -79.93
N GLU MA 95 20.69 -10.36 -80.91
CA GLU MA 95 19.78 -11.44 -81.26
C GLU MA 95 19.97 -12.62 -80.33
N ARG MA 96 18.88 -13.04 -79.68
CA ARG MA 96 18.94 -14.08 -78.65
C ARG MA 96 17.69 -14.91 -78.79
N PRO MA 97 17.72 -15.96 -79.60
CA PRO MA 97 16.50 -16.75 -79.82
C PRO MA 97 15.90 -17.33 -78.55
N TRP MA 98 16.71 -17.54 -77.52
CA TRP MA 98 16.19 -17.96 -76.24
C TRP MA 98 15.50 -16.83 -75.48
N ALA MA 99 15.69 -15.59 -75.90
CA ALA MA 99 15.14 -14.46 -75.17
C ALA MA 99 13.63 -14.47 -75.25
N PRO MA 100 12.96 -14.05 -74.19
CA PRO MA 100 11.49 -14.07 -74.17
C PRO MA 100 10.91 -13.22 -75.28
N LYS MA 101 9.79 -13.69 -75.84
CA LYS MA 101 9.15 -12.96 -76.93
C LYS MA 101 8.22 -11.88 -76.41
N GLU MA 102 7.50 -12.15 -75.33
CA GLU MA 102 6.62 -11.18 -74.73
C GLU MA 102 7.09 -10.85 -73.32
N HIS MA 103 6.70 -9.67 -72.85
CA HIS MA 103 7.02 -9.27 -71.49
C HIS MA 103 6.07 -9.96 -70.53
N VAL MA 104 6.62 -10.80 -69.69
CA VAL MA 104 5.87 -11.45 -68.62
C VAL MA 104 6.08 -10.65 -67.35
N PRO MA 105 5.04 -10.16 -66.73
CA PRO MA 105 5.19 -9.38 -65.49
C PRO MA 105 5.37 -10.25 -64.26
N ASN MA 106 5.19 -9.68 -63.08
CA ASN MA 106 5.22 -10.47 -61.86
C ASN MA 106 3.97 -11.32 -61.82
N ARG MA 107 4.13 -12.63 -61.73
CA ARG MA 107 3.01 -13.51 -61.97
C ARG MA 107 2.57 -14.25 -60.71
N SER MA 108 2.92 -13.72 -59.55
CA SER MA 108 2.38 -14.19 -58.29
C SER MA 108 0.92 -13.75 -58.16
N PHE MA 109 0.26 -14.24 -57.11
CA PHE MA 109 -1.14 -13.97 -56.83
C PHE MA 109 -2.05 -14.43 -57.95
N THR MA 110 -1.53 -15.16 -58.92
CA THR MA 110 -2.29 -15.66 -60.04
C THR MA 110 -1.94 -17.12 -60.21
N ARG MA 111 -2.81 -17.86 -60.89
CA ARG MA 111 -2.64 -19.28 -61.09
C ARG MA 111 -1.40 -19.62 -61.89
N GLY MA 112 -0.74 -18.64 -62.49
CA GLY MA 112 0.52 -18.84 -63.15
C GLY MA 112 1.75 -18.62 -62.31
N ALA MA 113 1.62 -18.55 -60.99
CA ALA MA 113 2.75 -18.27 -60.11
C ALA MA 113 3.78 -19.38 -60.15
N TYR MA 114 5.05 -18.98 -59.99
CA TYR MA 114 6.16 -19.90 -60.10
C TYR MA 114 6.15 -20.91 -58.98
N LYS MA 115 6.39 -22.17 -59.32
CA LYS MA 115 6.41 -23.25 -58.37
C LYS MA 115 7.78 -23.94 -58.39
N PRO MA 116 8.53 -23.91 -57.31
CA PRO MA 116 9.84 -24.55 -57.30
C PRO MA 116 9.72 -26.07 -57.23
N TYR MA 117 10.79 -26.72 -57.66
CA TYR MA 117 10.87 -28.16 -57.54
C TYR MA 117 12.33 -28.57 -57.51
N ASN MA 118 12.55 -29.79 -57.04
CA ASN MA 118 13.85 -30.41 -57.13
C ASN MA 118 14.21 -30.64 -58.60
N THR MA 119 15.45 -30.34 -58.94
CA THR MA 119 15.97 -30.49 -60.29
C THR MA 119 16.85 -31.74 -60.42
N THR MA 120 17.21 -32.37 -59.31
CA THR MA 120 18.09 -33.53 -59.30
C THR MA 120 17.34 -34.81 -58.98
N GLN MA 121 17.95 -35.94 -59.35
CA GLN MA 121 17.36 -37.26 -59.14
C GLN MA 121 17.54 -37.74 -57.70
N PRO MA 122 16.72 -38.68 -57.25
CA PRO MA 122 16.90 -39.23 -55.90
C PRO MA 122 18.24 -39.89 -55.74
N LYS MA 123 18.83 -39.72 -54.55
CA LYS MA 123 20.22 -40.06 -54.34
C LYS MA 123 20.46 -41.56 -54.44
N ILE MA 124 19.70 -42.36 -53.71
CA ILE MA 124 19.98 -43.78 -53.59
C ILE MA 124 18.94 -44.55 -54.36
N GLN MA 125 19.41 -45.39 -55.27
CA GLN MA 125 18.56 -46.29 -56.03
C GLN MA 125 18.35 -47.56 -55.21
N SER MA 126 17.10 -47.99 -55.14
CA SER MA 126 16.74 -49.19 -54.41
C SER MA 126 16.64 -50.39 -55.35
N TRP MA 127 16.91 -51.56 -54.79
CA TRP MA 127 16.82 -52.80 -55.53
C TRP MA 127 15.41 -53.02 -56.05
N GLU MA 128 15.31 -53.41 -57.31
CA GLU MA 128 14.03 -53.81 -57.88
C GLU MA 128 13.86 -55.29 -57.66
N PRO MA 129 13.05 -55.73 -56.70
CA PRO MA 129 13.08 -57.13 -56.28
C PRO MA 129 12.78 -58.09 -57.42
N LYS MA 130 13.64 -59.09 -57.56
CA LYS MA 130 13.45 -60.15 -58.53
C LYS MA 130 13.58 -61.47 -57.80
N ALA MA 131 12.46 -62.15 -57.60
CA ALA MA 131 12.47 -63.44 -56.93
C ALA MA 131 12.87 -64.52 -57.93
N ALA MA 132 13.93 -65.25 -57.61
CA ALA MA 132 14.35 -66.36 -58.44
C ALA MA 132 13.29 -67.47 -58.41
N PRO MA 133 13.15 -68.23 -59.49
CA PRO MA 133 12.11 -69.25 -59.51
C PRO MA 133 12.44 -70.42 -58.60
N ARG MA 134 11.39 -71.07 -58.12
CA ARG MA 134 11.53 -72.23 -57.25
C ARG MA 134 11.11 -73.50 -57.98
N PRO NA 5 -8.08 -13.63 101.03
CA PRO NA 5 -7.06 -13.29 100.03
C PRO NA 5 -7.49 -12.14 99.13
N LYS NA 6 -6.60 -11.16 98.99
CA LYS NA 6 -6.90 -9.98 98.20
C LYS NA 6 -6.73 -10.27 96.72
N ILE NA 7 -7.65 -9.74 95.93
CA ILE NA 7 -7.69 -10.01 94.49
C ILE NA 7 -6.44 -9.45 93.84
N PRO NA 8 -5.84 -10.14 92.87
CA PRO NA 8 -4.80 -9.50 92.07
C PRO NA 8 -5.41 -8.47 91.13
N TYR NA 9 -4.74 -7.35 90.96
CA TYR NA 9 -5.27 -6.29 90.13
C TYR NA 9 -4.12 -5.62 89.40
N PRO NA 10 -4.40 -4.94 88.30
CA PRO NA 10 -3.34 -4.18 87.62
C PRO NA 10 -3.06 -2.87 88.35
N LYS NA 11 -1.78 -2.58 88.51
CA LYS NA 11 -1.36 -1.43 89.28
C LYS NA 11 -1.24 -0.15 88.45
N HIS NA 12 -1.50 -0.22 87.14
CA HIS NA 12 -1.42 0.96 86.29
C HIS NA 12 -2.73 1.71 86.20
N VAL NA 13 -3.81 1.18 86.76
CA VAL NA 13 -5.14 1.75 86.57
C VAL NA 13 -5.37 2.83 87.62
N TRP NA 14 -5.76 4.02 87.15
CA TRP NA 14 -6.01 5.16 88.01
C TRP NA 14 -7.52 5.34 88.14
N SER NA 15 -8.00 5.48 89.38
CA SER NA 15 -9.42 5.58 89.63
C SER NA 15 -9.68 6.64 90.69
N PRO NA 16 -10.65 7.55 90.48
CA PRO NA 16 -10.90 8.59 91.49
C PRO NA 16 -11.40 8.05 92.82
N ALA NA 17 -11.97 6.85 92.86
CA ALA NA 17 -12.48 6.29 94.10
C ALA NA 17 -11.52 5.29 94.72
N GLY NA 18 -10.26 5.32 94.32
CA GLY NA 18 -9.25 4.48 94.92
C GLY NA 18 -8.88 3.29 94.10
N GLY NA 19 -9.85 2.62 93.52
CA GLY NA 19 -9.60 1.36 92.86
C GLY NA 19 -9.67 0.22 93.85
N TRP NA 20 -8.62 -0.59 93.88
CA TRP NA 20 -8.57 -1.78 94.72
C TRP NA 20 -7.83 -1.47 96.01
N TYR NA 21 -8.52 -1.64 97.14
CA TYR NA 21 -7.91 -1.70 98.47
C TYR NA 21 -7.16 -0.43 98.83
N ALA NA 22 -7.46 0.65 98.10
CA ALA NA 22 -6.64 1.89 98.22
C ALA NA 22 -6.88 2.72 99.47
N GLN NA 23 -5.89 2.77 100.36
CA GLN NA 23 -5.95 3.70 101.50
C GLN NA 23 -4.60 4.39 101.50
N PRO NA 24 -4.49 5.72 101.39
CA PRO NA 24 -3.19 6.36 101.49
C PRO NA 24 -2.70 6.38 102.95
N ALA NA 25 -1.43 6.70 103.17
CA ALA NA 25 -0.89 6.84 104.53
C ALA NA 25 -1.44 8.14 105.11
N ASN NA 26 -1.52 9.19 104.30
CA ASN NA 26 -1.88 10.49 104.85
C ASN NA 26 -3.38 10.67 104.94
N TRP NA 27 -4.13 9.58 104.96
CA TRP NA 27 -5.57 9.63 104.79
C TRP NA 27 -6.25 10.37 105.92
N LYS NA 28 -5.71 10.32 107.13
CA LYS NA 28 -6.32 11.06 108.23
C LYS NA 28 -6.23 12.56 108.00
N GLN NA 29 -5.14 13.02 107.40
CA GLN NA 29 -5.01 14.43 107.09
C GLN NA 29 -5.92 14.83 105.95
N ASN NA 30 -5.97 14.01 104.90
CA ASN NA 30 -6.92 14.25 103.82
C ASN NA 30 -8.36 14.20 104.33
N THR NA 31 -8.69 13.21 105.16
CA THR NA 31 -10.04 13.11 105.70
C THR NA 31 -10.40 14.33 106.52
N ALA NA 32 -9.48 14.77 107.38
CA ALA NA 32 -9.76 15.95 108.20
C ALA NA 32 -10.03 17.17 107.33
N ILE NA 33 -9.22 17.38 106.29
CA ILE NA 33 -9.41 18.54 105.42
C ILE NA 33 -10.78 18.48 104.75
N PHE NA 34 -11.17 17.30 104.28
CA PHE NA 34 -12.49 17.17 103.65
C PHE NA 34 -13.60 17.43 104.65
N GLY NA 35 -13.37 17.13 105.92
CA GLY NA 35 -14.40 17.37 106.92
C GLY NA 35 -14.70 18.85 107.07
N LEU NA 36 -13.67 19.69 107.06
CA LEU NA 36 -13.87 21.12 107.20
C LEU NA 36 -14.54 21.72 105.97
N VAL NA 37 -14.11 21.30 104.78
CA VAL NA 37 -14.73 21.83 103.57
C VAL NA 37 -16.20 21.42 103.49
N ILE NA 38 -16.54 20.21 103.97
CA ILE NA 38 -17.95 19.86 104.14
C ILE NA 38 -18.60 20.78 105.16
N PHE NA 39 -17.98 20.89 106.33
CA PHE NA 39 -18.58 21.65 107.43
C PHE NA 39 -18.75 23.12 107.07
N GLY NA 40 -17.87 23.62 106.20
CA GLY NA 40 -18.03 25.02 105.73
C GLY NA 40 -19.19 25.14 104.75
N ILE NA 41 -19.31 24.20 103.81
CA ILE NA 41 -20.43 24.23 102.83
C ILE NA 41 -21.76 24.09 103.57
N THR NA 42 -21.82 23.19 104.55
CA THR NA 42 -23.08 22.97 105.32
C THR NA 42 -23.43 24.26 106.09
N ALA NA 43 -22.42 24.95 106.62
CA ALA NA 43 -22.64 26.20 107.38
C ALA NA 43 -23.26 27.27 106.48
N MET NA 44 -22.79 27.38 105.22
CA MET NA 44 -23.38 28.34 104.27
C MET NA 44 -24.84 27.94 104.00
N VAL NA 45 -25.09 26.63 103.86
CA VAL NA 45 -26.46 26.14 103.56
C VAL NA 45 -27.37 26.38 104.77
N TRP NA 46 -26.82 26.27 105.99
CA TRP NA 46 -27.61 26.53 107.19
C TRP NA 46 -27.98 27.99 107.32
N LYS NA 47 -27.02 28.89 107.08
CA LYS NA 47 -27.34 30.31 107.11
C LYS NA 47 -28.34 30.67 106.02
N TYR NA 48 -28.30 29.96 104.89
CA TYR NA 48 -29.32 30.16 103.88
C TYR NA 48 -30.70 29.77 104.39
N SER NA 49 -30.83 28.57 104.96
CA SER NA 49 -32.13 28.12 105.45
C SER NA 49 -32.68 29.06 106.50
N ALA NA 50 -31.85 29.44 107.47
CA ALA NA 50 -32.28 30.30 108.55
C ALA NA 50 -32.98 31.54 108.04
N GLU NA 51 -32.49 32.08 106.93
CA GLU NA 51 -32.98 33.32 106.37
C GLU NA 51 -34.00 33.14 105.27
N HIS NA 52 -34.37 31.91 104.92
CA HIS NA 52 -35.29 31.70 103.82
C HIS NA 52 -36.38 30.67 104.10
N GLU NA 53 -36.36 30.02 105.26
CA GLU NA 53 -37.44 29.14 105.65
C GLU NA 53 -38.67 29.95 105.96
N VAL NA 54 -39.83 29.43 105.56
CA VAL NA 54 -41.09 30.16 105.64
C VAL NA 54 -42.11 29.34 106.41
N ARG NA 55 -42.57 29.88 107.53
CA ARG NA 55 -43.58 29.24 108.37
C ARG NA 55 -44.76 30.18 108.51
N HIS NA 56 -45.97 29.62 108.47
CA HIS NA 56 -47.20 30.43 108.59
C HIS NA 56 -47.72 30.29 110.02
N LYS NA 57 -47.16 29.37 110.79
CA LYS NA 57 -47.56 29.19 112.18
C LYS NA 57 -46.37 29.46 113.07
N MET NA 58 -46.65 30.00 114.23
CA MET NA 58 -45.49 30.34 115.02
C MET NA 58 -45.41 29.46 116.25
N PRO NA 59 -44.20 29.08 116.65
CA PRO NA 59 -44.06 28.15 117.77
C PRO NA 59 -44.52 28.76 119.07
N GLU NA 60 -44.98 27.91 119.97
CA GLU NA 60 -45.38 28.37 121.29
C GLU NA 60 -44.17 28.85 122.08
N PRO NA 61 -44.37 29.78 123.01
CA PRO NA 61 -43.23 30.36 123.74
C PRO NA 61 -42.50 29.37 124.63
N ASP NA 62 -43.10 28.24 124.99
CA ASP NA 62 -42.54 27.37 126.02
C ASP NA 62 -42.11 26.00 125.53
N ARG NA 63 -42.57 25.54 124.37
CA ARG NA 63 -42.25 24.18 123.94
C ARG NA 63 -40.95 24.13 123.13
N PHE NA 64 -40.28 22.99 123.23
CA PHE NA 64 -38.99 22.77 122.59
C PHE NA 64 -39.07 22.96 121.09
N TYR NA 65 -38.24 23.86 120.57
CA TYR NA 65 -38.23 24.20 119.16
C TYR NA 65 -36.90 24.90 118.89
N PRO NA 66 -35.82 24.13 118.77
CA PRO NA 66 -34.51 24.76 118.58
C PRO NA 66 -34.36 25.57 117.31
N SER NA 67 -35.33 25.54 116.41
CA SER NA 67 -35.22 26.44 115.23
C SER NA 67 -35.35 27.90 115.67
N ARG NA 68 -35.98 28.16 116.83
CA ARG NA 68 -36.19 29.55 117.34
C ARG NA 68 -34.86 30.23 117.56
N TYR NA 69 -33.79 29.44 117.58
CA TYR NA 69 -32.47 30.01 117.93
C TYR NA 69 -31.73 30.48 116.67
N TRP NA 70 -32.17 30.09 115.47
CA TRP NA 70 -31.38 30.51 114.28
C TRP NA 70 -32.25 31.03 113.14
N VAL NA 71 -33.57 30.91 113.21
CA VAL NA 71 -34.38 31.31 112.01
C VAL NA 71 -34.90 32.73 112.16
N LYS NA 72 -34.61 33.59 111.18
CA LYS NA 72 -34.95 35.02 111.31
C LYS NA 72 -36.45 35.27 111.45
N GLN NA 73 -37.28 34.59 110.66
CA GLN NA 73 -38.73 34.91 110.69
C GLN NA 73 -39.24 34.69 112.11
N ILE NA 74 -38.83 33.59 112.73
CA ILE NA 74 -39.31 33.27 114.10
C ILE NA 74 -38.66 34.22 115.07
N LYS NA 75 -37.37 34.43 114.90
CA LYS NA 75 -36.69 35.23 115.92
C LYS NA 75 -37.19 36.66 115.91
N ASP NA 76 -37.56 37.17 114.74
CA ASP NA 76 -38.13 38.50 114.65
C ASP NA 76 -39.51 38.56 115.27
N TYR NA 77 -40.27 37.48 115.20
CA TYR NA 77 -41.57 37.45 115.85
C TYR NA 77 -41.44 37.52 117.37
N GLU NA 78 -40.59 36.67 117.95
CA GLU NA 78 -40.48 36.63 119.40
C GLU NA 78 -39.82 37.89 119.95
N ARG NA 79 -38.94 38.51 119.18
CA ARG NA 79 -38.41 39.81 119.58
C ARG NA 79 -39.50 40.86 119.58
N ALA NA 80 -40.36 40.85 118.58
CA ALA NA 80 -41.52 41.75 118.58
C ALA NA 80 -42.49 41.39 119.70
N GLN NA 81 -42.73 40.10 119.90
CA GLN NA 81 -43.60 39.67 121.00
C GLN NA 81 -42.99 39.97 122.36
N LYS NA 82 -41.66 40.13 122.44
CA LYS NA 82 -41.03 40.57 123.68
C LYS NA 82 -41.07 42.09 123.80
N GLU NA 83 -42.26 42.65 123.56
CA GLU NA 83 -42.48 44.08 123.70
C GLU NA 83 -43.98 44.27 123.95
N LYS NA 84 -44.34 44.47 125.21
CA LYS NA 84 -45.74 44.62 125.60
C LYS NA 84 -45.79 45.28 126.97
N GLN NA 85 -46.97 45.78 127.31
CA GLN NA 85 -47.22 46.45 128.59
C GLN NA 85 -46.23 47.57 128.84
N GLY OA 3 -4.84 5.20 60.19
CA GLY OA 3 -4.39 6.34 60.96
C GLY OA 3 -3.46 5.96 62.08
N LEU OA 4 -3.88 6.21 63.31
CA LEU OA 4 -3.12 5.76 64.46
C LEU OA 4 -3.10 4.24 64.51
N GLN OA 5 -1.99 3.69 64.98
CA GLN OA 5 -1.96 2.23 65.18
C GLN OA 5 -2.69 1.93 66.48
N HIS OA 6 -3.61 0.99 66.44
CA HIS OA 6 -4.41 0.58 67.61
C HIS OA 6 -3.67 -0.52 68.39
N TYR OA 7 -4.19 -0.90 69.54
CA TYR OA 7 -3.60 -1.98 70.36
C TYR OA 7 -3.92 -3.30 69.67
N LYS OA 8 -3.24 -4.37 70.06
CA LYS OA 8 -3.45 -5.70 69.43
C LYS OA 8 -4.81 -6.29 69.81
N ILE OA 9 -5.59 -6.74 68.83
CA ILE OA 9 -6.94 -7.33 69.07
C ILE OA 9 -6.95 -8.73 68.47
N ALA OA 10 -7.39 -9.73 69.23
CA ALA OA 10 -7.54 -11.09 68.67
C ALA OA 10 -8.74 -11.05 67.73
N MET OA 11 -8.57 -10.45 66.56
CA MET OA 11 -9.73 -10.31 65.66
C MET OA 11 -10.21 -11.71 65.36
N ASP OA 12 -11.49 -11.95 65.56
CA ASP OA 12 -12.06 -13.30 65.38
C ASP OA 12 -12.42 -13.50 63.90
N PRO OA 13 -11.85 -14.49 63.16
CA PRO OA 13 -12.29 -14.71 61.78
C PRO OA 13 -13.78 -14.89 61.67
N ALA OA 14 -14.40 -15.47 62.69
CA ALA OA 14 -15.83 -15.72 62.67
C ALA OA 14 -16.62 -14.44 62.78
N LEU OA 15 -16.24 -13.58 63.73
CA LEU OA 15 -17.01 -12.39 64.00
C LEU OA 15 -16.79 -11.33 62.92
N VAL OA 16 -15.60 -11.27 62.34
CA VAL OA 16 -15.34 -10.34 61.25
C VAL OA 16 -16.25 -10.63 60.07
N ARG OA 17 -16.39 -11.89 59.70
CA ARG OA 17 -17.24 -12.23 58.57
C ARG OA 17 -18.72 -12.06 58.91
N LEU OA 18 -19.08 -12.17 60.20
CA LEU OA 18 -20.44 -11.85 60.60
C LEU OA 18 -20.74 -10.37 60.41
N GLY OA 19 -19.81 -9.50 60.76
CA GLY OA 19 -20.00 -8.09 60.48
C GLY OA 19 -19.95 -7.80 59.00
N SER OA 20 -19.02 -8.43 58.29
CA SER OA 20 -18.99 -8.29 56.85
C SER OA 20 -20.24 -8.83 56.21
N MET OA 21 -20.94 -9.74 56.89
CA MET OA 21 -22.23 -10.20 56.38
C MET OA 21 -23.27 -9.09 56.51
N ILE OA 22 -23.30 -8.43 57.66
CA ILE OA 22 -24.34 -7.45 57.96
C ILE OA 22 -24.18 -6.21 57.09
N SER OA 23 -22.94 -5.73 56.93
CA SER OA 23 -22.71 -4.52 56.16
C SER OA 23 -23.07 -4.69 54.70
N ASN OA 24 -22.99 -5.92 54.19
CA ASN OA 24 -23.29 -6.22 52.81
C ASN OA 24 -24.63 -6.89 52.63
N ARG OA 25 -25.45 -6.92 53.68
CA ARG OA 25 -26.67 -7.74 53.69
C ARG OA 25 -27.65 -7.31 52.60
N TYR OA 26 -27.85 -6.00 52.43
CA TYR OA 26 -28.88 -5.47 51.56
C TYR OA 26 -28.69 -5.85 50.09
N LYS OA 27 -27.49 -6.24 49.68
CA LYS OA 27 -27.28 -6.61 48.29
C LYS OA 27 -28.03 -7.87 47.91
N TYR OA 28 -28.54 -8.61 48.89
CA TYR OA 28 -29.16 -9.89 48.65
C TYR OA 28 -30.64 -9.92 49.00
N PHE OA 29 -31.23 -8.79 49.34
CA PHE OA 29 -32.65 -8.76 49.62
C PHE OA 29 -33.46 -8.99 48.34
N ARG OA 30 -34.45 -9.87 48.46
CA ARG OA 30 -35.30 -10.17 47.29
C ARG OA 30 -36.78 -9.91 47.62
N TRP OA 31 -37.59 -9.70 46.59
CA TRP OA 31 -39.04 -9.57 46.74
C TRP OA 31 -39.63 -10.96 46.71
N THR OA 32 -39.96 -11.49 47.86
CA THR OA 32 -40.73 -12.72 47.95
C THR OA 32 -42.09 -12.41 48.53
N LYS OA 33 -42.91 -13.45 48.64
CA LYS OA 33 -44.21 -13.32 49.28
C LYS OA 33 -44.06 -13.03 50.77
N ARG OA 34 -42.97 -13.49 51.38
CA ARG OA 34 -42.76 -13.22 52.79
C ARG OA 34 -42.33 -11.77 53.02
N THR OA 35 -41.42 -11.27 52.18
CA THR OA 35 -40.86 -9.95 52.45
C THR OA 35 -41.86 -8.86 52.15
N ALA OA 36 -42.71 -9.07 51.15
CA ALA OA 36 -43.77 -8.11 50.85
C ALA OA 36 -44.74 -8.01 52.01
N LEU OA 37 -45.06 -9.13 52.66
CA LEU OA 37 -46.00 -9.10 53.78
C LEU OA 37 -45.48 -8.24 54.92
N VAL OA 38 -44.22 -8.45 55.32
CA VAL OA 38 -43.65 -7.60 56.36
C VAL OA 38 -43.49 -6.17 55.86
N SER OA 39 -43.04 -6.01 54.62
CA SER OA 39 -42.82 -4.67 54.07
C SER OA 39 -44.14 -3.94 53.89
N PHE OA 40 -45.26 -4.66 53.91
CA PHE OA 40 -46.54 -3.99 53.75
C PHE OA 40 -47.15 -3.65 55.09
N MET OA 41 -46.97 -4.52 56.08
CA MET OA 41 -47.58 -4.29 57.38
C MET OA 41 -46.90 -3.14 58.12
N TYR OA 42 -45.57 -3.15 58.15
CA TYR OA 42 -44.84 -2.14 58.88
C TYR OA 42 -44.94 -0.78 58.22
N VAL OA 43 -44.90 -0.74 56.90
CA VAL OA 43 -44.78 0.54 56.21
C VAL OA 43 -46.14 1.17 55.96
N VAL OA 44 -47.17 0.37 55.76
CA VAL OA 44 -48.48 0.86 55.36
C VAL OA 44 -49.50 0.70 56.48
N VAL OA 45 -49.73 -0.54 56.90
CA VAL OA 45 -50.84 -0.83 57.80
C VAL OA 45 -50.66 -0.13 59.13
N VAL OA 46 -49.56 -0.40 59.82
CA VAL OA 46 -49.33 0.18 61.14
C VAL OA 46 -49.32 1.70 61.10
N PRO OA 47 -48.66 2.37 60.14
CA PRO OA 47 -48.73 3.83 60.12
C PRO OA 47 -50.07 4.35 59.66
N SER OA 48 -50.74 3.66 58.75
CA SER OA 48 -52.10 4.06 58.38
C SER OA 48 -53.03 3.94 59.56
N THR OA 49 -52.88 2.87 60.34
CA THR OA 49 -53.72 2.69 61.52
C THR OA 49 -53.49 3.80 62.54
N ILE OA 50 -52.22 4.16 62.76
CA ILE OA 50 -51.91 5.24 63.68
C ILE OA 50 -52.49 6.55 63.16
N GLY OA 51 -52.34 6.80 61.87
CA GLY OA 51 -52.84 8.04 61.30
C GLY OA 51 -54.34 8.19 61.42
N TYR OA 52 -55.06 7.08 61.27
CA TYR OA 52 -56.51 7.13 61.37
C TYR OA 52 -56.96 7.52 62.78
N LEU OA 53 -56.33 6.96 63.80
CA LEU OA 53 -56.66 7.37 65.15
C LEU OA 53 -56.28 8.82 65.39
N ALA OA 54 -55.17 9.26 64.82
CA ALA OA 54 -54.77 10.65 64.94
C ALA OA 54 -55.75 11.58 64.23
N TYR OA 55 -56.40 11.10 63.18
CA TYR OA 55 -57.37 11.94 62.48
C TYR OA 55 -58.67 12.04 63.25
N LYS OA 56 -59.14 10.90 63.76
CA LYS OA 56 -60.49 10.86 64.38
C LYS OA 56 -60.53 11.46 65.79
N THR OA 57 -59.38 11.58 66.45
CA THR OA 57 -59.39 12.11 67.85
C THR OA 57 -58.88 13.54 67.88
N ASP OA 58 -58.63 14.15 66.72
CA ASP OA 58 -58.05 15.51 66.72
C ASP OA 58 -59.03 16.46 67.40
N GLY OA 59 -58.56 17.31 68.30
CA GLY OA 59 -59.43 18.24 69.05
C GLY OA 59 -60.63 17.58 69.69
N LEU OA 60 -60.58 16.28 69.94
CA LEU OA 60 -61.78 15.58 70.49
C LEU OA 60 -61.88 15.92 71.97
N TRP OA 61 -60.74 16.00 72.67
CA TRP OA 61 -60.77 16.21 74.14
C TRP OA 61 -59.85 17.35 74.59
N ASP OA 62 -60.28 18.13 75.60
CA ASP OA 62 -59.39 19.16 76.21
C ASP OA 62 -59.54 19.05 77.73
N LEU OA 63 -58.44 19.01 78.48
CA LEU OA 63 -58.49 18.92 79.95
C LEU OA 63 -58.23 20.29 80.57
N ARG OA 64 -58.10 21.34 79.75
CA ARG OA 64 -57.67 22.67 80.29
C ARG OA 64 -58.77 23.38 81.07
N ALA OA 65 -58.60 23.52 82.39
CA ALA OA 65 -59.54 24.30 83.19
C ALA OA 65 -60.90 23.64 83.39
N LYS OA 66 -61.09 22.46 82.79
CA LYS OA 66 -62.37 21.76 82.89
C LYS OA 66 -62.64 21.35 84.33
N ARG OA 67 -63.86 21.64 84.80
CA ARG OA 67 -64.24 21.31 86.19
C ARG OA 67 -65.39 20.30 86.17
N ARG OA 68 -65.94 20.01 87.35
CA ARG OA 68 -67.10 19.10 87.43
C ARG OA 68 -68.34 19.81 86.87
N GLY OA 69 -69.17 19.09 86.12
CA GLY OA 69 -70.36 19.71 85.49
C GLY OA 69 -70.04 20.10 84.06
N ASP OA 70 -68.75 20.16 83.73
CA ASP OA 70 -68.31 20.50 82.34
C ASP OA 70 -67.89 19.17 81.70
N LEU OA 71 -67.65 19.14 80.39
CA LEU OA 71 -67.31 17.85 79.75
C LEU OA 71 -65.92 17.92 79.11
N ILE OA 72 -65.13 16.86 79.23
CA ILE OA 72 -63.77 16.82 78.62
C ILE OA 72 -63.93 16.94 77.10
N SER OA 73 -64.94 16.27 76.55
CA SER OA 73 -65.12 16.25 75.07
C SER OA 73 -65.36 17.68 74.57
N GLU OA 74 -64.68 18.05 73.48
CA GLU OA 74 -64.81 19.42 72.92
C GLU OA 74 -65.65 19.36 71.64
N ARG OA 75 -66.09 18.17 71.24
CA ARG OA 75 -66.79 18.03 69.97
C ARG OA 75 -67.80 16.90 70.01
N GLY PA 44 2.76 -1.50 107.34
CA GLY PA 44 1.96 -0.72 106.38
C GLY PA 44 2.82 -0.05 105.33
N HIS PA 45 2.26 0.88 104.56
CA HIS PA 45 3.06 1.63 103.57
C HIS PA 45 3.07 3.11 103.93
N ASN PA 46 3.76 3.93 103.13
CA ASN PA 46 3.81 5.39 103.35
C ASN PA 46 3.73 6.10 101.99
N VAL PA 47 2.94 5.51 101.10
CA VAL PA 47 2.69 6.18 99.81
C VAL PA 47 1.60 7.16 100.17
N GLU PA 48 1.86 8.44 99.99
CA GLU PA 48 0.88 9.42 100.44
C GLU PA 48 0.17 9.95 99.21
N GLU PA 49 -0.90 10.71 99.40
CA GLU PA 49 -1.71 11.21 98.27
C GLU PA 49 -1.85 12.72 98.42
N PRO PA 50 -1.43 13.53 97.44
CA PRO PA 50 -1.69 14.96 97.53
C PRO PA 50 -3.19 15.17 97.26
N LEU PA 51 -3.81 16.15 97.90
CA LEU PA 51 -5.27 16.42 97.72
C LEU PA 51 -5.52 16.68 96.24
N GLY PA 52 -4.58 17.32 95.57
CA GLY PA 52 -4.68 17.44 94.10
C GLY PA 52 -5.25 18.74 93.59
N ALA PA 53 -5.00 19.01 92.32
CA ALA PA 53 -5.58 20.19 91.70
C ALA PA 53 -7.11 20.14 91.65
N ALA PA 54 -7.67 18.97 91.36
CA ALA PA 54 -9.12 18.86 91.26
C ALA PA 54 -9.80 19.28 92.54
N PHE PA 55 -9.18 18.99 93.68
CA PHE PA 55 -9.73 19.45 94.96
C PHE PA 55 -9.77 20.96 95.03
N TYR PA 56 -8.71 21.61 94.57
CA TYR PA 56 -8.64 23.06 94.70
C TYR PA 56 -9.53 23.76 93.69
N ILE PA 57 -9.63 23.22 92.48
CA ILE PA 57 -10.50 23.83 91.48
C ILE PA 57 -11.96 23.69 91.89
N ALA PA 58 -12.32 22.55 92.48
CA ALA PA 58 -13.67 22.37 92.99
C ALA PA 58 -13.95 23.29 94.18
N VAL PA 59 -13.00 23.39 95.10
CA VAL PA 59 -13.19 24.28 96.24
C VAL PA 59 -13.07 25.73 95.80
N GLY PA 60 -12.03 26.05 95.03
CA GLY PA 60 -11.91 27.38 94.48
C GLY PA 60 -13.07 27.74 93.58
N GLY PA 61 -13.64 26.76 92.90
CA GLY PA 61 -14.87 27.00 92.16
C GLY PA 61 -16.02 27.37 93.06
N ILE PA 62 -16.13 26.69 94.20
CA ILE PA 62 -17.23 26.98 95.12
C ILE PA 62 -17.02 28.33 95.78
N ALA PA 63 -15.78 28.63 96.18
CA ALA PA 63 -15.50 29.92 96.79
C ALA PA 63 -15.76 31.05 95.79
N SER PA 64 -15.35 30.88 94.55
CA SER PA 64 -15.48 31.95 93.56
C SER PA 64 -16.94 32.29 93.30
N SER PA 65 -17.80 31.28 93.21
CA SER PA 65 -19.21 31.55 92.94
C SER PA 65 -19.83 32.37 94.05
N PHE PA 66 -19.61 31.97 95.30
CA PHE PA 66 -20.18 32.71 96.42
C PHE PA 66 -19.63 34.14 96.48
N VAL PA 67 -18.35 34.30 96.20
CA VAL PA 67 -17.75 35.63 96.27
C VAL PA 67 -18.33 36.55 95.20
N ILE PA 68 -18.36 36.07 93.95
CA ILE PA 68 -18.87 36.88 92.86
C ILE PA 68 -20.35 37.17 93.05
N TYR PA 69 -21.11 36.16 93.47
CA TYR PA 69 -22.55 36.34 93.62
C TYR PA 69 -22.86 37.39 94.68
N ASN PA 70 -22.14 37.37 95.80
CA ASN PA 70 -22.36 38.37 96.83
C ASN PA 70 -22.00 39.76 96.34
N ILE PA 71 -20.95 39.87 95.51
CA ILE PA 71 -20.52 41.17 95.03
C ILE PA 71 -21.56 41.78 94.10
N SER PA 72 -22.18 40.97 93.26
CA SER PA 72 -23.02 41.49 92.19
C SER PA 72 -24.49 41.66 92.60
N ARG PA 73 -24.83 41.51 93.86
CA ARG PA 73 -26.21 41.71 94.27
C ARG PA 73 -26.58 43.18 94.18
N PRO PA 74 -27.83 43.50 93.84
CA PRO PA 74 -28.20 44.91 93.66
C PRO PA 74 -28.18 45.71 94.96
N GLY PA 75 -28.87 45.24 95.99
CA GLY PA 75 -28.93 45.97 97.24
C GLY PA 75 -30.29 45.90 97.91
N PRO PA 76 -30.50 46.74 98.93
CA PRO PA 76 -31.78 46.67 99.67
C PRO PA 76 -32.97 47.06 98.83
N ASN PA 77 -32.89 48.17 98.09
CA ASN PA 77 -33.99 48.63 97.27
C ASN PA 77 -33.44 49.44 96.11
N GLY PA 78 -33.45 48.86 94.91
CA GLY PA 78 -32.87 49.55 93.77
C GLY PA 78 -31.39 49.78 93.96
N GLU PA 79 -30.94 50.97 93.58
CA GLU PA 79 -29.55 51.37 93.71
C GLU PA 79 -28.59 50.35 93.09
N PRO PA 80 -28.60 50.20 91.77
CA PRO PA 80 -27.70 49.24 91.14
C PRO PA 80 -26.24 49.67 91.21
N SER PA 81 -25.35 48.71 91.00
CA SER PA 81 -23.92 48.96 91.10
C SER PA 81 -23.41 49.77 89.91
N SER PA 82 -22.18 50.26 90.05
CA SER PA 82 -21.55 50.99 88.95
C SER PA 82 -21.37 50.07 87.75
N LEU PA 83 -20.94 48.83 87.98
CA LEU PA 83 -20.85 47.86 86.89
C LEU PA 83 -22.20 47.64 86.24
N HIS PA 84 -23.24 47.46 87.06
CA HIS PA 84 -24.61 47.27 86.52
C HIS PA 84 -25.00 48.50 85.69
N LYS PA 85 -24.73 49.72 86.18
CA LYS PA 85 -25.06 50.90 85.41
C LYS PA 85 -24.27 50.95 84.12
N TRP PA 86 -23.03 50.45 84.15
CA TRP PA 86 -22.25 50.39 82.92
C TRP PA 86 -22.85 49.41 81.95
N PHE PA 87 -23.26 48.23 82.42
CA PHE PA 87 -23.76 47.20 81.52
C PHE PA 87 -25.03 47.65 80.80
N SER PA 88 -26.01 48.14 81.54
CA SER PA 88 -27.24 48.54 80.88
C SER PA 88 -27.01 49.73 79.95
N LYS PA 89 -25.94 50.48 80.18
CA LYS PA 89 -25.63 51.61 79.31
C LYS PA 89 -25.16 51.15 77.93
N ILE PA 90 -24.20 50.21 77.90
CA ILE PA 90 -23.57 49.86 76.63
C ILE PA 90 -24.58 49.22 75.69
N SER PA 91 -25.44 48.37 76.21
CA SER PA 91 -26.41 47.65 75.40
C SER PA 91 -27.79 48.32 75.47
N ASP PA 92 -27.85 49.61 75.14
CA ASP PA 92 -29.13 50.31 75.25
C ASP PA 92 -29.98 50.08 74.00
N TYR PA 93 -29.53 50.60 72.87
CA TYR PA 93 -30.20 50.44 71.58
C TYR PA 93 -31.69 50.73 71.71
N LYS PA 94 -32.01 51.86 72.35
CA LYS PA 94 -33.38 52.16 72.76
C LYS PA 94 -34.33 52.07 71.58
N ASP PA 95 -33.94 52.64 70.44
CA ASP PA 95 -34.73 52.50 69.22
C ASP PA 95 -33.83 52.25 68.02
N GLU PA 96 -32.56 51.94 68.26
CA GLU PA 96 -31.62 51.82 67.15
C GLU PA 96 -31.89 50.59 66.30
N TRP PA 97 -32.37 49.50 66.88
CA TRP PA 97 -32.74 48.35 66.03
C TRP PA 97 -34.05 48.67 65.30
N GLU PA 98 -35.00 49.28 65.99
CA GLU PA 98 -36.28 49.56 65.36
C GLU PA 98 -36.13 50.59 64.24
N THR PA 99 -35.25 51.57 64.40
CA THR PA 99 -35.10 52.55 63.33
C THR PA 99 -34.44 51.94 62.10
N ARG PA 100 -33.53 50.97 62.28
CA ARG PA 100 -32.77 50.41 61.13
C ARG PA 100 -33.61 49.36 60.41
N ASN PA 101 -34.37 48.56 61.15
CA ASN PA 101 -35.19 47.48 60.57
C ASN PA 101 -36.38 48.06 59.84
N THR PA 102 -36.89 49.20 60.32
CA THR PA 102 -38.04 49.86 59.66
C THR PA 102 -37.64 50.35 58.27
N LEU PA 103 -36.46 50.92 58.14
CA LEU PA 103 -35.99 51.40 56.83
C LEU PA 103 -35.83 50.21 55.88
N MET PA 104 -35.23 49.12 56.35
CA MET PA 104 -34.95 47.99 55.47
C MET PA 104 -36.22 47.32 55.01
N ALA PA 105 -37.19 47.18 55.92
CA ALA PA 105 -38.47 46.61 55.54
C ALA PA 105 -39.17 47.46 54.50
N ALA PA 106 -39.06 48.78 54.60
CA ALA PA 106 -39.66 49.66 53.61
C ALA PA 106 -39.09 49.43 52.22
N ALA PA 107 -37.76 49.32 52.12
CA ALA PA 107 -37.11 49.17 50.83
C ALA PA 107 -37.34 47.79 50.25
N LEU PA 108 -37.36 46.77 51.09
CA LEU PA 108 -37.60 45.44 50.56
C LEU PA 108 -39.06 45.21 50.24
N GLU PA 109 -39.98 45.92 50.89
CA GLU PA 109 -41.34 46.03 50.38
C GLU PA 109 -41.39 46.75 49.04
N GLN PA 110 -40.53 47.76 48.86
CA GLN PA 110 -40.58 48.55 47.64
C GLN PA 110 -40.12 47.74 46.44
N ALA PA 111 -39.10 46.89 46.63
CA ALA PA 111 -38.61 46.08 45.53
C ALA PA 111 -39.44 44.83 45.33
N ALA PA 112 -40.23 44.43 46.34
CA ALA PA 112 -41.25 43.42 46.11
C ALA PA 112 -42.28 43.93 45.12
N HIS PA 113 -42.64 45.20 45.22
CA HIS PA 113 -43.62 45.81 44.29
C HIS PA 113 -42.97 46.02 42.93
N ASP PA 114 -41.71 46.46 42.91
CA ASP PA 114 -41.07 46.78 41.64
C ASP PA 114 -40.78 45.56 40.79
N LYS PA 115 -40.53 44.41 41.42
CA LYS PA 115 -40.26 43.20 40.68
C LYS PA 115 -41.53 42.62 40.08
N HIS PA 116 -42.65 42.74 40.78
CA HIS PA 116 -43.94 42.44 40.17
C HIS PA 116 -44.21 43.32 38.95
N LEU PA 117 -43.97 44.61 39.06
CA LEU PA 117 -44.26 45.56 37.94
C LEU PA 117 -43.42 45.20 36.72
N LEU PA 118 -42.15 44.94 36.86
CA LEU PA 118 -41.27 44.67 35.71
C LEU PA 118 -41.52 43.26 35.15
N LEU PA 119 -41.85 42.30 36.03
CA LEU PA 119 -42.01 40.90 35.55
C LEU PA 119 -43.43 40.60 35.06
N THR PA 120 -44.34 41.56 35.17
CA THR PA 120 -45.77 41.29 34.83
C THR PA 120 -46.19 42.33 33.82
N ALA PA 121 -45.27 42.74 32.95
CA ALA PA 121 -45.56 43.85 32.03
C ALA PA 121 -46.27 43.33 30.78
N GLU PA 122 -46.98 44.20 30.08
CA GLU PA 122 -47.77 43.76 28.91
C GLU PA 122 -46.82 43.42 27.76
N ARG PA 123 -46.97 42.23 27.19
CA ARG PA 123 -46.14 41.83 26.03
C ARG PA 123 -46.63 42.57 24.81
N SER PA 124 -45.73 43.17 24.05
CA SER PA 124 -46.10 43.83 22.78
C SER PA 124 -46.77 42.86 21.83
N ARG PA 125 -47.96 43.25 21.36
CA ARG PA 125 -48.67 42.44 20.35
C ARG PA 125 -48.53 43.20 19.04
N HIS PA 126 -47.89 44.38 19.10
CA HIS PA 126 -47.68 45.20 17.90
C HIS PA 126 -46.25 45.05 17.41
N ILE PA 127 -46.05 44.94 16.11
CA ILE PA 127 -44.69 44.82 15.54
C ILE PA 127 -44.32 46.15 14.90
N GLU PA 128 -43.14 46.68 15.21
CA GLU PA 128 -42.65 47.91 14.55
C GLU PA 128 -41.59 47.46 13.56
N LEU PA 129 -41.73 47.85 12.31
CA LEU PA 129 -40.79 47.38 11.28
C LEU PA 129 -39.39 47.89 11.63
N LYS PA 130 -38.41 46.99 11.61
CA LYS PA 130 -36.99 47.37 11.87
C LYS PA 130 -36.51 48.06 10.59
N TYR PA 131 -37.08 47.67 9.46
CA TYR PA 131 -36.74 48.27 8.15
C TYR PA 131 -37.99 48.91 7.51
N PRO PA 132 -38.50 50.08 7.98
CA PRO PA 132 -39.62 50.80 7.34
C PRO PA 132 -39.26 51.28 5.93
N GLU PA 133 -38.07 50.94 5.44
CA GLU PA 133 -37.60 51.48 4.14
C GLU PA 133 -38.00 50.49 3.07
N VAL PA 134 -38.69 49.43 3.46
CA VAL PA 134 -39.21 48.48 2.45
C VAL PA 134 -40.42 49.13 1.78
N PHE PA 135 -40.93 50.24 2.32
CA PHE PA 135 -42.04 50.91 1.60
C PHE PA 135 -41.48 51.60 0.36
N SER PA 136 -40.17 51.80 0.32
CA SER PA 136 -39.50 52.45 -0.84
C SER PA 136 -38.94 51.40 -1.79
N HIS PA 137 -39.18 50.12 -1.52
CA HIS PA 137 -38.74 49.00 -2.38
C HIS PA 137 -39.58 48.91 -3.65
N GLY PA 138 -39.16 48.09 -4.60
CA GLY PA 138 -39.88 47.96 -5.88
C GLY PA 138 -39.02 48.31 -7.08
N SER PA 139 -39.18 47.60 -8.18
CA SER PA 139 -38.41 47.88 -9.42
C SER PA 139 -38.74 49.26 -10.00
N PRO PA 140 -37.74 50.05 -10.42
CA PRO PA 140 -37.99 51.32 -11.10
C PRO PA 140 -38.18 51.19 -12.62
N PHE PA 141 -38.20 49.98 -13.15
CA PHE PA 141 -38.24 49.76 -14.62
C PHE PA 141 -39.48 49.01 -15.06
N ASN PA 142 -40.00 49.32 -16.25
CA ASN PA 142 -41.14 48.58 -16.83
C ASN PA 142 -42.32 48.70 -15.89
N VAL PA 143 -42.47 49.86 -15.28
CA VAL PA 143 -43.54 50.07 -14.28
C VAL PA 143 -44.84 50.40 -15.01
N PRO PA 144 -45.95 49.63 -14.87
CA PRO PA 144 -47.19 50.05 -15.51
C PRO PA 144 -47.95 51.12 -14.72
N ALA PA 145 -48.57 52.08 -15.41
CA ALA PA 145 -49.25 53.18 -14.71
C ALA PA 145 -50.29 52.63 -13.73
N GLY PA 146 -50.30 53.14 -12.50
CA GLY PA 146 -51.29 52.70 -11.50
C GLY PA 146 -50.83 51.50 -10.73
N PHE PA 147 -49.67 50.94 -11.05
CA PHE PA 147 -49.24 49.71 -10.36
C PHE PA 147 -48.94 50.02 -8.90
N TYR PA 148 -48.18 51.07 -8.65
CA TYR PA 148 -47.73 51.36 -7.27
C TYR PA 148 -48.83 52.10 -6.50
N PRO PA 149 -49.04 51.75 -5.22
CA PRO PA 149 -50.07 52.37 -4.41
C PRO PA 149 -49.73 53.76 -3.86
N ASN PA 150 -50.77 54.54 -3.59
CA ASN PA 150 -50.57 55.89 -3.00
C ASN PA 150 -50.26 55.71 -1.51
N LEU PA 151 -49.00 55.84 -1.14
CA LEU PA 151 -48.59 55.69 0.25
C LEU PA 151 -48.07 57.00 0.86
N ASP PA 152 -48.85 58.06 0.77
CA ASP PA 152 -48.57 59.24 1.57
C ASP PA 152 -49.15 59.16 2.98
N HIS PA 153 -50.11 58.28 3.21
CA HIS PA 153 -50.66 58.10 4.57
C HIS PA 153 -49.56 57.42 5.40
N VAL PA 154 -48.77 56.57 4.77
CA VAL PA 154 -47.64 55.92 5.42
C VAL PA 154 -46.55 56.93 5.74
N ILE PA 155 -46.23 57.79 4.77
CA ILE PA 155 -45.13 58.73 4.97
C ILE PA 155 -45.50 59.77 6.02
N GLU PA 156 -46.79 60.09 6.12
CA GLU PA 156 -47.21 61.03 7.20
C GLU PA 156 -47.13 60.35 8.56
N HIS PA 157 -47.30 59.04 8.65
CA HIS PA 157 -47.12 58.31 9.93
C HIS PA 157 -45.69 58.52 10.40
N TYR PA 158 -44.75 58.12 9.55
CA TYR PA 158 -43.31 58.18 9.87
C TYR PA 158 -42.86 59.63 10.08
N ARG PA 159 -43.42 60.59 9.35
CA ARG PA 159 -43.09 62.01 9.59
C ARG PA 159 -43.48 62.39 11.02
N LYS PA 160 -44.66 62.00 11.44
CA LYS PA 160 -45.15 62.32 12.80
C LYS PA 160 -44.24 61.67 13.82
N GLN PA 161 -43.80 60.43 13.56
CA GLN PA 161 -42.93 59.68 14.50
C GLN PA 161 -41.59 60.39 14.67
N HIS PA 162 -41.02 60.92 13.60
CA HIS PA 162 -39.70 61.60 13.64
C HIS PA 162 -39.85 62.94 14.35
N LEU PA 163 -40.95 63.64 14.09
CA LEU PA 163 -41.19 64.96 14.70
C LEU PA 163 -41.48 64.81 16.19
N GLU PA 164 -42.26 63.80 16.58
CA GLU PA 164 -42.50 63.57 18.03
C GLU PA 164 -41.19 63.23 18.75
N GLU PA 165 -40.36 62.37 18.17
CA GLU PA 165 -39.11 61.97 18.86
C GLU PA 165 -38.15 63.15 18.93
N GLU PA 166 -38.09 63.97 17.89
CA GLU PA 166 -37.23 65.18 17.90
C GLU PA 166 -37.71 66.07 19.04
N GLU PA 167 -39.02 66.21 19.20
CA GLU PA 167 -39.60 67.03 20.30
C GLU PA 167 -39.26 66.45 21.66
N ARG PA 168 -39.35 65.14 21.84
CA ARG PA 168 -39.13 64.60 23.20
C ARG PA 168 -37.72 64.94 23.63
N LYS PA 169 -36.72 64.70 22.79
CA LYS PA 169 -35.33 64.96 23.16
C LYS PA 169 -35.16 66.46 23.33
N ALA PA 170 -35.73 67.21 22.40
CA ALA PA 170 -35.67 68.68 22.49
C ALA PA 170 -36.22 69.08 23.86
N LYS PA 171 -37.39 68.58 24.21
CA LYS PA 171 -37.97 68.96 25.47
C LYS PA 171 -37.22 68.40 26.66
N LYS PA 172 -36.31 67.45 26.44
CA LYS PA 172 -35.63 66.75 27.52
C LYS PA 172 -34.24 67.32 27.81
N LEU PA 173 -33.44 67.56 26.79
CA LEU PA 173 -32.12 68.13 27.03
C LEU PA 173 -32.09 69.64 26.93
N ALA PA 174 -33.25 70.29 26.77
CA ALA PA 174 -33.34 71.73 26.92
C ALA PA 174 -34.02 72.16 28.19
N ALA PA 175 -34.92 71.36 28.74
CA ALA PA 175 -35.52 71.64 30.03
C ALA PA 175 -34.70 71.09 31.19
N ALA PA 176 -33.71 70.24 30.91
CA ALA PA 176 -32.80 69.74 31.95
C ALA PA 176 -31.41 70.32 31.80
N ALA PA 177 -31.21 71.26 30.88
CA ALA PA 177 -29.94 71.97 30.72
C ALA PA 177 -29.96 73.33 31.38
N ALA PA 178 -30.98 73.60 32.20
CA ALA PA 178 -31.09 74.88 32.89
C ALA PA 178 -31.43 74.65 34.36
N ARG QA 26 50.73 -38.38 -98.23
CA ARG QA 26 50.35 -38.90 -99.53
C ARG QA 26 51.53 -38.93 -100.53
N PRO QA 27 52.40 -37.93 -100.52
CA PRO QA 27 53.64 -38.06 -101.30
C PRO QA 27 54.44 -39.27 -100.87
N SER QA 28 55.11 -39.89 -101.84
CA SER QA 28 55.93 -41.06 -101.55
C SER QA 28 57.05 -40.70 -100.59
N PHE QA 29 57.39 -41.64 -99.72
CA PHE QA 29 58.46 -41.44 -98.75
C PHE QA 29 59.45 -42.59 -98.83
N ALA QA 30 60.67 -42.33 -98.36
CA ALA QA 30 61.74 -43.33 -98.36
C ALA QA 30 61.48 -44.33 -97.24
N ILE QA 31 60.42 -45.11 -97.41
CA ILE QA 31 60.01 -46.14 -96.47
C ILE QA 31 60.27 -47.49 -97.10
N ALA QA 32 60.89 -48.39 -96.34
CA ALA QA 32 61.20 -49.72 -96.86
C ALA QA 32 59.91 -50.44 -97.28
N ARG QA 33 59.93 -51.00 -98.49
CA ARG QA 33 58.77 -51.73 -98.99
C ARG QA 33 58.77 -53.18 -98.53
N SER QA 34 59.76 -53.94 -98.94
CA SER QA 34 59.86 -55.34 -98.56
C SER QA 34 60.56 -55.46 -97.20
N PRO QA 35 60.26 -56.52 -96.44
CA PRO QA 35 60.93 -56.69 -95.14
C PRO QA 35 62.43 -56.89 -95.26
N ASN QA 36 62.98 -57.26 -96.33
CA ASN QA 36 64.45 -57.45 -96.48
C ASN QA 36 64.98 -56.41 -97.48
N GLU QA 37 64.51 -55.17 -97.38
CA GLU QA 37 64.99 -54.06 -98.18
C GLU QA 37 65.82 -53.13 -97.31
N GLN QA 38 66.83 -52.51 -97.90
CA GLN QA 38 67.74 -51.62 -97.19
C GLN QA 38 67.50 -50.19 -97.71
N VAL QA 39 66.76 -49.41 -96.92
CA VAL QA 39 66.34 -48.09 -97.40
C VAL QA 39 67.51 -47.11 -97.44
N PHE QA 40 68.36 -47.13 -96.41
CA PHE QA 40 69.52 -46.24 -96.33
C PHE QA 40 70.76 -47.11 -96.17
N PRO QA 41 71.89 -46.70 -96.73
CA PRO QA 41 73.10 -47.51 -96.58
C PRO QA 41 73.55 -47.56 -95.13
N ALA QA 42 74.22 -48.67 -94.77
CA ALA QA 42 74.75 -48.78 -93.43
C ALA QA 42 75.80 -47.71 -93.16
N GLY QA 43 76.60 -47.38 -94.16
CA GLY QA 43 77.58 -46.32 -94.03
C GLY QA 43 78.90 -46.81 -93.48
N ALA QA 44 79.85 -45.87 -93.39
CA ALA QA 44 81.22 -46.22 -93.03
C ALA QA 44 81.32 -46.64 -91.58
N PHE QA 45 80.68 -45.91 -90.66
CA PHE QA 45 80.90 -46.16 -89.24
C PHE QA 45 80.44 -47.56 -88.85
N TYR QA 46 79.23 -47.95 -89.26
CA TYR QA 46 78.77 -49.30 -88.95
C TYR QA 46 79.54 -50.34 -89.73
N GLU QA 47 80.07 -49.99 -90.90
CA GLU QA 47 80.88 -50.93 -91.66
C GLU QA 47 82.16 -51.28 -90.91
N SER QA 48 82.78 -50.29 -90.27
CA SER QA 48 84.03 -50.54 -89.55
C SER QA 48 83.79 -51.29 -88.24
N ILE QA 49 82.57 -51.29 -87.73
CA ILE QA 49 82.29 -52.04 -86.50
C ILE QA 49 82.48 -53.53 -86.74
N LEU QA 50 82.14 -54.00 -87.94
CA LEU QA 50 82.32 -55.43 -88.25
C LEU QA 50 83.78 -55.83 -88.15
N ARG QA 51 84.68 -54.97 -88.64
CA ARG QA 51 86.10 -55.28 -88.63
C ARG QA 51 86.70 -55.24 -87.22
N TRP QA 52 85.96 -54.74 -86.23
CA TRP QA 52 86.49 -54.65 -84.89
C TRP QA 52 86.65 -56.04 -84.27
N ASN QA 53 87.80 -56.28 -83.66
CA ASN QA 53 88.06 -57.52 -82.95
C ASN QA 53 89.10 -57.28 -81.86
N PRO QA 54 88.71 -57.37 -80.59
CA PRO QA 54 89.66 -57.07 -79.50
C PRO QA 54 90.85 -58.00 -79.46
N ASN QA 55 90.77 -59.18 -80.06
CA ASN QA 55 91.91 -60.07 -80.09
C ASN QA 55 92.96 -59.52 -81.04
N PRO QA 56 94.21 -59.38 -80.61
CA PRO QA 56 95.26 -58.90 -81.53
C PRO QA 56 95.51 -59.91 -82.64
N VAL QA 57 95.89 -59.39 -83.80
CA VAL QA 57 96.13 -60.23 -84.97
C VAL QA 57 97.62 -60.41 -85.22
O12 PC1 RA . -10.70 5.52 -57.81
P PC1 RA . -10.32 6.76 -57.04
O14 PC1 RA . -10.37 6.76 -55.54
O13 PC1 RA . -8.85 7.18 -57.53
C11 PC1 RA . -7.84 6.14 -57.67
C12 PC1 RA . -6.49 6.75 -57.96
N PC1 RA . -5.29 5.87 -57.68
C13 PC1 RA . -5.43 5.24 -56.34
C14 PC1 RA . -4.05 6.67 -57.72
C15 PC1 RA . -5.21 4.80 -58.71
O11 PC1 RA . -11.24 7.95 -57.59
C1 PC1 RA . -12.31 7.62 -58.53
C2 PC1 RA . -13.25 8.79 -58.67
O21 PC1 RA . -14.16 8.55 -59.77
C21 PC1 RA . -15.20 7.72 -59.57
O22 PC1 RA . -15.13 6.53 -59.77
C22 PC1 RA . -16.43 8.45 -59.11
C23 PC1 RA . -16.91 8.02 -57.76
C24 PC1 RA . -17.96 8.96 -57.20
C25 PC1 RA . -18.28 8.73 -55.74
C26 PC1 RA . -19.17 9.78 -55.14
C27 PC1 RA . -18.61 11.18 -55.21
C3 PC1 RA . -12.55 10.11 -58.88
O31 PC1 RA . -13.54 11.16 -58.92
C31 PC1 RA . -13.84 11.72 -57.76
O32 PC1 RA . -13.03 11.91 -56.89
C32 PC1 RA . -15.30 12.08 -57.68
C33 PC1 RA . -15.55 13.54 -57.46
C34 PC1 RA . -15.42 13.93 -55.99
C35 PC1 RA . -15.55 15.41 -55.74
C36 PC1 RA . -15.56 15.79 -54.28
C37 PC1 RA . -15.67 17.27 -54.02
C38 PC1 RA . -16.89 17.91 -54.62
C1B LMT SA . -10.56 12.65 -28.48
C2B LMT SA . -9.11 12.99 -28.15
C3B LMT SA . -8.39 13.34 -29.45
C4B LMT SA . -8.42 12.09 -30.31
C5B LMT SA . -9.88 11.67 -30.56
C6B LMT SA . -9.86 10.35 -31.32
O1B LMT SA . -11.24 13.77 -29.05
O2B LMT SA . -9.02 14.08 -27.24
O3B LMT SA . -7.03 13.70 -29.17
O4' LMT SA . -7.77 12.33 -31.55
O5B LMT SA . -10.61 11.52 -29.35
O6B LMT SA . -11.18 9.99 -31.73
C1' LMT SA . -14.42 16.29 -28.24
C2' LMT SA . -13.12 16.67 -27.57
C3' LMT SA . -11.96 15.89 -28.16
C4' LMT SA . -12.23 14.39 -28.21
C5' LMT SA . -13.64 14.11 -28.73
C6' LMT SA . -14.05 12.66 -28.55
O1' LMT SA . -15.48 16.98 -27.62
O2' LMT SA . -12.89 18.08 -27.75
O3' LMT SA . -10.82 16.11 -27.33
O5' LMT SA . -14.61 14.90 -28.06
O6' LMT SA . -14.36 12.46 -27.18
C1 LMT SA . -16.73 16.36 -27.88
C2 LMT SA . -17.66 17.43 -28.42
C3 LMT SA . -17.72 18.62 -27.48
C4 LMT SA . -18.02 19.90 -28.24
C5 LMT SA . -17.94 21.10 -27.31
C6 LMT SA . -17.83 22.38 -28.13
C7 LMT SA . -17.99 23.61 -27.26
C8 LMT SA . -17.86 24.87 -28.09
C9 LMT SA . -18.17 26.10 -27.24
C10 LMT SA . -17.22 26.20 -26.07
C11 LMT SA . -17.43 27.49 -25.27
C12 LMT SA . -16.31 27.68 -24.27
C1B LMT TA . 1.22 10.59 -38.63
C2B LMT TA . 2.29 10.84 -37.58
C3B LMT TA . 3.07 12.10 -37.91
C4B LMT TA . 3.64 12.03 -39.32
C5B LMT TA . 2.56 11.64 -40.32
C6B LMT TA . 3.14 11.33 -41.70
O1B LMT TA . 0.29 11.67 -38.68
O2B LMT TA . 1.69 10.98 -36.28
O3B LMT TA . 4.13 12.27 -36.97
O4' LMT TA . 4.17 13.31 -39.64
O5B LMT TA . 1.87 10.45 -39.89
O6B LMT TA . 3.97 12.41 -42.18
C1' LMT TA . -3.78 12.27 -38.55
C2' LMT TA . -3.21 11.51 -37.36
C3' LMT TA . -1.70 11.64 -37.33
C4' LMT TA . -1.09 11.25 -38.67
C5' LMT TA . -1.81 11.94 -39.83
C6' LMT TA . -1.33 11.40 -41.17
O1' LMT TA . -5.19 12.09 -38.55
O2' LMT TA . -3.76 12.03 -36.14
O3' LMT TA . -1.20 10.80 -36.30
O5' LMT TA . -3.22 11.73 -39.73
O6' LMT TA . -1.86 12.22 -42.22
C1 LMT TA . -5.81 12.69 -39.68
C2 LMT TA . -7.20 12.10 -39.87
C3 LMT TA . -7.13 10.59 -40.05
C4 LMT TA . -7.87 9.84 -38.94
C5 LMT TA . -9.37 10.04 -39.04
C6 LMT TA . -9.89 9.51 -40.37
C7 LMT TA . -11.33 9.90 -40.60
C8 LMT TA . -12.27 9.11 -39.70
C9 LMT TA . -13.70 9.57 -39.95
C10 LMT TA . -13.84 11.05 -39.61
C11 LMT TA . -15.00 11.68 -40.37
C12 LMT TA . -14.67 11.82 -41.84
C1 CDL UA . 6.58 35.29 33.42
O1 CDL UA . 6.11 36.47 32.77
CA2 CDL UA . 6.16 34.08 32.62
OA2 CDL UA . 4.79 34.26 32.13
PA1 CDL UA . 4.34 33.51 30.79
OA3 CDL UA . 5.46 33.62 29.79
OA4 CDL UA . 3.77 32.17 31.13
OA5 CDL UA . 3.15 34.46 30.30
CA3 CDL UA . 3.23 35.88 30.57
CA4 CDL UA . 1.98 36.59 30.11
OA6 CDL UA . 0.85 36.09 30.88
CA5 CDL UA . -0.17 36.94 31.07
OA7 CDL UA . 0.01 38.13 31.16
C11 CDL UA . -1.52 36.29 31.13
C12 CDL UA . -2.62 37.29 31.35
C13 CDL UA . -3.99 36.73 31.04
C14 CDL UA . -5.11 37.72 31.28
C15 CDL UA . -6.44 37.31 30.70
C16 CDL UA . -7.03 36.08 31.32
C17 CDL UA . -8.48 35.87 31.00
CA6 CDL UA . 1.70 36.39 28.64
OA8 CDL UA . 0.91 37.50 28.17
CA7 CDL UA . 1.58 38.62 27.91
OA9 CDL UA . 2.71 38.64 27.53
C31 CDL UA . 0.73 39.84 28.17
C32 CDL UA . 0.57 40.72 26.97
C33 CDL UA . -0.40 41.86 27.20
C34 CDL UA . -0.64 42.71 25.99
CB2 CDL UA . 6.12 35.28 34.86
OB2 CDL UA . 4.67 35.27 34.92
PB2 CDL UA . 3.94 36.06 36.11
OB3 CDL UA . 2.50 35.59 36.18
OB4 CDL UA . 4.80 35.99 37.34
OB5 CDL UA . 3.91 37.56 35.56
CB3 CDL UA . 3.25 37.83 34.29
CB4 CDL UA . 2.50 39.14 34.39
OB6 CDL UA . 3.45 40.20 34.66
CB5 CDL UA . 4.18 40.68 33.64
OB7 CDL UA . 5.38 40.69 33.64
C51 CDL UA . 3.31 41.21 32.51
C52 CDL UA . 3.52 42.66 32.27
C53 CDL UA . 2.58 43.53 33.08
C54 CDL UA . 1.16 43.53 32.57
C55 CDL UA . 1.00 44.12 31.19
C56 CDL UA . -0.33 43.83 30.55
C57 CDL UA . -1.52 44.21 31.42
C58 CDL UA . -2.85 43.93 30.78
C59 CDL UA . -3.00 42.52 30.27
C60 CDL UA . -4.35 42.23 29.63
C61 CDL UA . -4.48 40.84 29.07
CB6 CDL UA . 1.46 39.14 35.49
OB8 CDL UA . 0.43 40.10 35.13
CB7 CDL UA . -0.43 39.70 34.19
OB9 CDL UA . -0.59 38.55 33.90
C71 CDL UA . -1.14 40.86 33.57
C72 CDL UA . -2.63 40.71 33.59
C73 CDL UA . -3.18 40.61 35.00
C74 CDL UA . -4.68 40.46 35.07
C75 CDL UA . -5.23 40.54 36.46
C76 CDL UA . -6.72 40.32 36.55
C77 CDL UA . -7.27 40.30 37.96
C78 CDL UA . -8.76 40.43 38.04
C79 CDL UA . -9.29 41.74 37.52
C80 CDL UA . -10.78 41.78 37.37
C81 CDL UA . -11.33 40.73 36.45
C82 CDL UA . -12.83 40.70 36.37
C83 CDL UA . -13.39 39.51 35.63
C84 CDL UA . -14.90 39.45 35.63
C1B LMT VA . -26.69 52.81 26.26
C2B LMT VA . -25.71 53.96 26.57
C3B LMT VA . -26.38 55.27 26.94
C4B LMT VA . -27.43 55.59 25.89
C5B LMT VA . -28.45 54.46 25.97
C6B LMT VA . -29.76 54.77 25.24
O1B LMT VA . -27.03 52.06 27.43
O2B LMT VA . -24.83 53.60 27.64
O3B LMT VA . -25.41 56.32 26.99
O4' LMT VA . -28.02 56.84 26.18
O5B LMT VA . -27.84 53.25 25.52
O6B LMT VA . -29.58 55.69 24.16
C1' LMT VA . -26.49 49.54 29.87
C2' LMT VA . -25.33 50.28 29.22
C3' LMT VA . -25.41 50.24 27.69
C4' LMT VA . -26.80 50.65 27.22
C5' LMT VA . -27.87 49.82 27.93
C6' LMT VA . -28.72 49.06 26.93
O1' LMT VA . -25.93 48.56 30.75
O2' LMT VA . -25.32 51.64 29.68
O3' LMT VA . -25.09 48.93 27.21
O5' LMT VA . -27.29 48.92 28.87
O6' LMT VA . -27.95 47.99 26.37
C1 LMT VA . -26.26 47.20 30.44
C2 LMT VA . -25.14 46.54 29.63
C3 LMT VA . -23.75 46.57 30.27
C4 LMT VA . -23.45 45.36 31.15
C5 LMT VA . -21.95 45.32 31.41
C6 LMT VA . -21.54 44.53 32.63
C7 LMT VA . -21.78 43.04 32.45
C8 LMT VA . -20.76 42.21 33.22
C9 LMT VA . -20.78 42.47 34.71
C10 LMT VA . -19.73 41.63 35.42
C11 LMT VA . -19.97 40.13 35.23
C12 LMT VA . -18.90 39.30 35.91
C1B LMT WA . -49.06 29.52 39.91
C2B LMT WA . -49.42 28.54 38.79
C3B LMT WA . -50.71 29.02 38.14
C4B LMT WA . -51.00 30.45 38.59
C5B LMT WA . -49.76 31.32 38.52
C6B LMT WA . -50.03 32.75 38.99
O1B LMT WA . -47.95 29.03 40.67
O2B LMT WA . -48.36 28.52 37.83
O3B LMT WA . -51.77 28.16 38.55
O4' LMT WA . -52.02 30.98 37.74
O5B LMT WA . -48.73 30.78 39.35
O6B LMT WA . -50.82 33.43 38.01
C1' LMT WA . -47.21 26.01 43.37
C2' LMT WA . -47.06 25.63 41.92
C3' LMT WA . -47.01 26.87 41.05
C4' LMT WA . -48.19 27.80 41.36
C5' LMT WA . -48.29 28.02 42.86
C6' LMT WA . -49.44 28.90 43.33
O1' LMT WA . -47.21 24.84 44.18
O2' LMT WA . -45.82 24.93 41.78
O3' LMT WA . -47.01 26.46 39.69
O5' LMT WA . -48.41 26.77 43.53
O6' LMT WA . -50.57 28.07 43.61
C1 LMT WA . -46.59 25.13 45.43
C2 LMT WA . -45.14 24.67 45.40
C3 LMT WA . -45.06 23.18 45.11
C4 LMT WA . -43.77 22.61 45.67
C5 LMT WA . -43.71 21.12 45.38
C6 LMT WA . -45.12 20.57 45.42
C7 LMT WA . -45.14 19.09 45.04
C8 LMT WA . -44.28 18.27 45.99
C9 LMT WA . -44.58 16.79 45.79
C10 LMT WA . -46.01 16.47 46.20
C1B LMT XA . 0.40 19.10 50.57
C2B LMT XA . 1.53 18.78 49.60
C3B LMT XA . 2.39 17.64 50.11
C4B LMT XA . 2.37 17.65 51.63
C5B LMT XA . 0.95 17.34 52.13
C6B LMT XA . 0.76 17.87 53.54
O1B LMT XA . -0.68 19.62 49.79
O2B LMT XA . 0.98 18.46 48.31
O3B LMT XA . 3.73 17.80 49.64
O4' LMT XA . 3.28 16.66 52.11
O5B LMT XA . -0.02 17.93 51.28
O6B LMT XA . 1.74 17.30 54.42
C1' LMT XA . -4.53 20.93 50.20
C2' LMT XA . -3.52 21.63 51.09
C3' LMT XA . -2.12 21.31 50.60
C4' LMT XA . -1.90 19.82 50.50
C5' LMT XA . -3.04 19.17 49.72
C6' LMT XA . -2.91 17.66 49.63
O1' LMT XA . -5.85 21.29 50.59
O2' LMT XA . -3.77 23.03 51.06
O3' LMT XA . -1.15 21.82 51.52
O5' LMT XA . -4.28 19.53 50.33
O6' LMT XA . -2.01 17.28 48.57
C1 LMT XA . -6.68 21.64 49.47
C2 LMT XA . -7.70 22.69 49.89
C3 LMT XA . -8.47 22.23 51.12
C4 LMT XA . -9.68 21.35 50.78
C5 LMT XA . -10.79 22.20 50.17
C6 LMT XA . -12.14 21.52 50.29
C7 LMT XA . -13.23 22.41 49.67
C8 LMT XA . -14.63 21.86 49.88
C9 LMT XA . -15.62 22.54 48.94
C10 LMT XA . -15.60 21.87 47.57
C11 LMT XA . -15.52 22.88 46.43
C12 LMT XA . -16.78 23.74 46.33
O12 PC1 YA . -14.55 53.13 23.71
P PC1 YA . -13.95 53.63 25.00
O14 PC1 YA . -12.74 54.51 24.96
O13 PC1 YA . -15.08 54.40 25.83
C11 PC1 YA . -15.48 55.74 25.42
C12 PC1 YA . -16.54 56.28 26.34
N PC1 YA . -16.07 56.85 27.67
C13 PC1 YA . -15.81 55.75 28.64
C14 PC1 YA . -14.81 57.62 27.47
C15 PC1 YA . -17.11 57.75 28.23
O11 PC1 YA . -13.61 52.37 25.94
C1 PC1 YA . -14.62 51.35 26.19
C2 PC1 YA . -14.07 50.35 27.17
O21 PC1 YA . -12.90 49.61 26.69
C21 PC1 YA . -12.76 49.38 25.37
O22 PC1 YA . -12.06 50.08 24.69
C22 PC1 YA . -13.49 48.17 24.85
C23 PC1 YA . -12.59 47.16 24.19
C24 PC1 YA . -11.45 46.71 25.08
C25 PC1 YA . -10.59 45.63 24.49
C26 PC1 YA . -11.17 44.25 24.58
C27 PC1 YA . -11.53 43.82 25.98
C28 PC1 YA . -12.17 42.45 26.07
C29 PC1 YA . -12.58 42.06 27.46
C3 PC1 YA . -15.10 49.42 27.76
O31 PC1 YA . -14.51 48.78 28.92
C31 PC1 YA . -14.85 47.52 29.16
O32 PC1 YA . -14.59 46.96 30.19
C32 PC1 YA . -15.54 46.89 27.99
C33 PC1 YA . -14.86 45.66 27.49
C34 PC1 YA . -15.82 44.71 26.80
C35 PC1 YA . -16.91 44.19 27.70
C36 PC1 YA . -16.43 43.34 28.84
C37 PC1 YA . -17.49 43.03 29.87
C38 PC1 YA . -17.10 41.92 30.83
C39 PC1 YA . -16.90 40.59 30.15
C3A PC1 YA . -16.11 39.60 30.96
C3B PC1 YA . -14.78 40.12 31.42
C3C PC1 YA . -13.81 39.04 31.84
C3D PC1 YA . -13.29 38.19 30.69
C3E PC1 YA . -12.60 36.93 31.13
C3F PC1 YA . -13.53 35.85 31.62
C3G PC1 YA . -14.27 36.19 32.89
C3H PC1 YA . -15.13 35.07 33.40
C3I PC1 YA . -15.66 35.28 34.80
C1B LMT ZA . -21.80 -14.51 -36.71
C2B LMT ZA . -21.45 -15.56 -37.76
C3B LMT ZA . -22.48 -16.69 -37.73
C4B LMT ZA . -22.51 -17.24 -36.32
C5B LMT ZA . -22.93 -16.12 -35.39
C6B LMT ZA . -23.11 -16.60 -33.95
O1B LMT ZA . -23.03 -13.91 -37.08
O2B LMT ZA . -21.44 -14.96 -39.07
O3B LMT ZA . -22.13 -17.70 -38.68
O4' LMT ZA . -23.41 -18.35 -36.25
O5B LMT ZA . -21.93 -15.12 -35.42
O6B LMT ZA . -24.31 -17.38 -33.84
C1' LMT ZA . -24.65 -10.26 -37.63
C2' LMT ZA . -23.16 -10.28 -37.87
C3' LMT ZA . -22.69 -11.73 -38.00
C4' LMT ZA . -23.11 -12.52 -36.78
C5' LMT ZA . -24.56 -12.25 -36.39
C6' LMT ZA . -24.90 -12.85 -35.03
O1' LMT ZA . -25.13 -8.93 -37.58
O2' LMT ZA . -22.80 -9.54 -39.05
O3' LMT ZA . -21.27 -11.73 -38.16
O5' LMT ZA . -24.86 -10.86 -36.37
O6' LMT ZA . -24.27 -12.09 -34.00
C1 LMT ZA . -26.49 -8.90 -37.14
C2 LMT ZA . -27.25 -7.85 -37.93
C3 LMT ZA . -28.66 -7.66 -37.37
C4 LMT ZA . -28.59 -7.17 -35.93
C5 LMT ZA . -28.26 -5.69 -35.86
C6 LMT ZA . -29.53 -4.85 -36.05
C7 LMT ZA . -29.19 -3.36 -36.07
C8 LMT ZA . -30.44 -2.50 -35.99
C9 LMT ZA . -31.15 -2.73 -34.65
C10 LMT ZA . -32.33 -1.77 -34.48
C11 LMT ZA . -31.87 -0.32 -34.33
C12 LMT ZA . -31.11 -0.12 -33.03
C1B LMT AB . 7.29 28.59 -3.33
C2B LMT AB . 8.48 27.99 -4.05
C3B LMT AB . 8.00 26.97 -5.07
C4B LMT AB . 7.22 25.88 -4.34
C5B LMT AB . 6.09 26.49 -3.53
C6B LMT AB . 5.42 25.43 -2.67
O1B LMT AB . 6.48 29.29 -4.27
O2B LMT AB . 9.23 29.02 -4.71
O3B LMT AB . 9.11 26.38 -5.75
O4' LMT AB . 6.68 24.97 -5.28
O5B LMT AB . 6.56 27.54 -2.68
O6B LMT AB . 6.43 24.79 -1.87
C1' LMT AB . 4.04 32.59 -3.73
C2' LMT AB . 4.43 31.91 -2.43
C3' LMT AB . 5.50 30.83 -2.58
C4' LMT AB . 5.30 29.97 -3.83
C5' LMT AB . 4.91 30.84 -5.03
C6' LMT AB . 4.68 29.96 -6.25
O1' LMT AB . 2.89 33.40 -3.49
O2' LMT AB . 4.90 32.89 -1.51
O3' LMT AB . 5.42 30.04 -1.39
O5' LMT AB . 3.75 31.61 -4.73
O6' LMT AB . 3.82 28.87 -5.91
C1 LMT AB . 3.11 34.78 -3.79
C2 LMT AB . 1.83 35.37 -4.36
C3 LMT AB . 1.60 34.90 -5.78
C4 LMT AB . 0.15 35.13 -6.17
C5 LMT AB . -0.25 36.59 -6.09
C6 LMT AB . 0.11 37.33 -7.37
C7 LMT AB . -1.11 37.96 -8.04
C8 LMT AB . -2.16 36.96 -8.49
C9 LMT AB . -3.04 37.59 -9.57
C10 LMT AB . -3.53 38.97 -9.15
C11 LMT AB . -4.53 39.52 -10.16
C12 LMT AB . -5.05 40.87 -9.75
C1B LMT BB . -17.09 2.99 45.34
C2B LMT BB . -15.82 2.87 44.50
C3B LMT BB . -14.72 2.17 45.22
C4B LMT BB . -15.11 0.81 45.72
C5B LMT BB . -16.54 0.75 46.26
C6B LMT BB . -16.55 -0.06 47.50
O1B LMT BB . -18.19 2.70 44.59
O2B LMT BB . -16.13 2.14 43.30
O3B LMT BB . -14.30 2.98 46.36
O4' LMT BB . -15.00 -0.12 44.63
O5B LMT BB . -17.07 2.10 46.55
O6B LMT BB . -16.19 -1.37 47.20
C1' LMT BB . -21.98 4.46 44.39
C2' LMT BB . -20.79 5.31 44.00
C3' LMT BB . -19.51 4.56 43.88
C4' LMT BB . -19.27 3.56 44.97
C5' LMT BB . -20.51 2.71 45.22
C6' LMT BB . -20.31 1.79 46.38
O1' LMT BB . -23.01 5.26 44.77
O2' LMT BB . -21.09 5.87 42.71
O3' LMT BB . -18.44 5.54 43.86
O5' LMT BB . -21.67 3.55 45.52
O6' LMT BB . -21.53 1.18 46.67
C1 LMT BB . -23.83 4.66 45.76
C2 LMT BB . -25.32 4.83 45.35
C3 LMT BB . -25.80 6.25 45.74
C4 LMT BB . -27.30 6.15 46.08
C5 LMT BB . -27.77 7.37 46.93
C6 LMT BB . -28.95 8.03 46.16
C7 LMT BB . -30.11 8.39 47.13
C8 LMT BB . -31.13 9.29 46.37
C9 LMT BB . -32.53 9.27 47.04
C10 LMT BB . -32.82 7.93 47.76
C11 LMT BB . -34.22 7.44 47.39
C12 LMT BB . -35.28 8.39 47.96
P 3PE CB . -39.32 -27.38 101.30
N 3PE CB . -40.10 -28.78 105.54
O11 3PE CB . -40.88 -27.18 101.60
O12 3PE CB . -39.14 -27.51 99.81
O13 3PE CB . -39.01 -28.80 101.97
O14 3PE CB . -38.55 -26.32 102.04
C11 3PE CB . -39.75 -29.22 103.15
C12 3PE CB . -39.29 -28.46 104.36
C1 3PE CB . -41.56 -25.99 101.13
C2 3PE CB . -43.03 -26.07 101.42
C3 3PE CB . -43.81 -26.84 100.39
O31 3PE CB . -45.14 -27.10 100.90
O32 3PE CB . -45.69 -28.08 98.99
C31 3PE CB . -45.95 -27.79 100.12
C32 3PE CB . -47.20 -28.18 100.86
C33 3PE CB . -48.45 -27.62 100.24
C34 3PE CB . -48.44 -26.11 100.20
C35 3PE CB . -49.76 -25.49 99.81
C36 3PE CB . -50.31 -25.97 98.49
C37 3PE CB . -51.81 -25.88 98.39
C38 3PE CB . -52.37 -24.49 98.52
C39 3PE CB . -52.15 -23.61 97.31
C3A 3PE CB . -52.64 -22.20 97.47
C3B 3PE CB . -54.10 -22.07 97.83
C3C 3PE CB . -54.56 -20.66 98.05
C3D 3PE CB . -54.40 -19.75 96.85
C3E 3PE CB . -55.37 -20.04 95.73
C3F 3PE CB . -56.77 -19.52 95.97
C3G 3PE CB . -56.87 -18.01 96.01
O21 3PE CB . -43.26 -26.72 102.71
O22 3PE CB . -42.80 -24.84 103.84
C21 3PE CB . -43.01 -26.03 103.84
C22 3PE CB . -43.01 -26.90 105.06
C23 3PE CB . -43.95 -26.41 106.13
C24 3PE CB . -45.40 -26.39 105.69
C25 3PE CB . -45.95 -27.73 105.26
C26 3PE CB . -47.46 -27.77 105.20
C27 3PE CB . -48.08 -26.65 104.41
C28 3PE CB . -49.59 -26.66 104.42
C29 3PE CB . -50.22 -25.52 103.65
C2A 3PE CB . -51.73 -25.55 103.64
O12 PC1 DB . -14.43 1.30 92.69
P PC1 DB . -13.59 2.29 91.93
O14 PC1 DB . -12.54 3.09 92.63
O13 PC1 DB . -12.82 1.37 90.89
C11 PC1 DB . -13.07 -0.05 90.95
C12 PC1 DB . -12.03 -0.75 90.13
N PC1 DB . -12.36 -0.88 88.66
C13 PC1 DB . -12.48 -2.31 88.30
C14 PC1 DB . -13.66 -0.23 88.38
C15 PC1 DB . -11.30 -0.22 87.86
O11 PC1 DB . -14.51 3.23 91.00
C1 PC1 DB . -14.86 2.80 89.65
C2 PC1 DB . -16.12 3.52 89.21
O21 PC1 DB . -16.48 3.19 87.85
C21 PC1 DB . -17.64 2.56 87.63
O22 PC1 DB . -18.07 1.73 88.38
C22 PC1 DB . -18.35 3.00 86.38
C23 PC1 DB . -19.74 3.49 86.63
C24 PC1 DB . -19.78 4.91 87.16
C25 PC1 DB . -21.08 5.28 87.79
C26 PC1 DB . -21.22 6.75 88.13
C27 PC1 DB . -21.99 7.01 89.39
C28 PC1 DB . -22.71 8.32 89.42
C29 PC1 DB . -23.61 8.54 88.23
C2A PC1 DB . -24.56 9.70 88.38
C2B PC1 DB . -25.81 9.40 89.15
C2C PC1 DB . -26.77 10.56 89.22
C2D PC1 DB . -28.23 10.17 89.26
C2E PC1 DB . -29.17 11.32 88.99
C2F PC1 DB . -30.61 10.93 88.81
C3 PC1 DB . -16.08 5.01 89.42
O31 PC1 DB . -16.95 5.32 90.52
C31 PC1 DB . -16.92 6.57 90.95
O32 PC1 DB . -16.15 7.40 90.53
C32 PC1 DB . -17.98 6.84 91.98
C33 PC1 DB . -18.92 7.91 91.58
C34 PC1 DB . -19.76 8.42 92.73
C35 PC1 DB . -20.61 9.61 92.38
C36 PC1 DB . -21.24 10.31 93.55
C37 PC1 DB . -22.12 11.47 93.18
O12 PC1 EB . -33.51 -12.51 81.49
P PC1 EB . -33.97 -12.16 82.88
O14 PC1 EB . -35.37 -12.52 83.30
O13 PC1 EB . -32.94 -12.81 83.91
C11 PC1 EB . -33.04 -14.24 84.19
C12 PC1 EB . -31.80 -14.71 84.93
N PC1 EB . -31.68 -14.24 86.37
C13 PC1 EB . -30.75 -15.16 87.10
C14 PC1 EB . -31.11 -12.86 86.42
C15 PC1 EB . -33.00 -14.28 87.04
O11 PC1 EB . -33.77 -10.59 83.12
C1 PC1 EB . -34.61 -9.66 82.40
C2 PC1 EB . -33.76 -8.66 81.63
O21 PC1 EB . -34.55 -8.08 80.55
C21 PC1 EB . -35.51 -7.21 80.88
O22 PC1 EB . -35.50 -6.57 81.89
C22 PC1 EB . -36.59 -7.11 79.83
C23 PC1 EB . -37.64 -6.09 80.15
C24 PC1 EB . -38.75 -6.61 81.04
C25 PC1 EB . -39.79 -5.58 81.41
C26 PC1 EB . -40.90 -6.09 82.29
C27 PC1 EB . -41.78 -5.00 82.88
C28 PC1 EB . -42.94 -4.59 82.01
C29 PC1 EB . -43.99 -5.66 81.87
C2A PC1 EB . -45.25 -5.19 81.20
C2B PC1 EB . -46.30 -6.26 81.04
C3 PC1 EB . -32.50 -9.28 81.05
O31 PC1 EB . -31.98 -8.38 80.06
C31 PC1 EB . -31.00 -8.86 79.29
O32 PC1 EB . -30.39 -9.86 79.55
C32 PC1 EB . -30.78 -7.98 78.10
C33 PC1 EB . -31.99 -7.86 77.23
C34 PC1 EB . -31.86 -6.76 76.20
C35 PC1 EB . -32.79 -5.60 76.42
C36 PC1 EB . -34.25 -5.98 76.41
C37 PC1 EB . -35.20 -4.81 76.29
C38 PC1 EB . -36.59 -5.21 75.90
C39 PC1 EB . -37.63 -4.14 76.08
C3A PC1 EB . -37.72 -3.59 77.47
C3B PC1 EB . -39.06 -2.99 77.82
C3C PC1 EB . -40.19 -3.98 77.77
C3D PC1 EB . -41.54 -3.37 78.06
C3E PC1 EB . -42.04 -2.43 77.00
C3F PC1 EB . -43.16 -1.53 77.45
C3G PC1 EB . -44.30 -2.24 78.11
P 3PE FB . -35.88 32.78 92.03
N 3PE FB . -36.52 31.46 95.19
O11 3PE FB . -34.40 32.26 91.68
O12 3PE FB . -35.80 33.53 93.33
O13 3PE FB . -36.70 31.42 92.26
O14 3PE FB . -36.43 33.46 90.81
C11 3PE FB . -37.87 31.44 93.12
C12 3PE FB . -37.57 30.75 94.42
C1 3PE FB . -33.99 32.20 90.28
C2 3PE FB . -32.64 32.87 90.14
C3 3PE FB . -32.64 34.30 90.64
O31 3PE FB . -32.22 34.30 92.01
O32 3PE FB . -33.63 35.97 92.45
C31 3PE FB . -32.84 35.14 92.83
C32 3PE FB . -32.44 34.90 94.25
C33 3PE FB . -32.71 33.50 94.71
C34 3PE FB . -32.13 33.23 96.08
C35 3PE FB . -30.66 33.55 96.21
C36 3PE FB . -29.77 32.34 96.37
C37 3PE FB . -29.62 31.48 95.13
C38 3PE FB . -29.27 30.06 95.43
C39 3PE FB . -28.50 29.35 94.33
C3A 3PE FB . -28.11 27.94 94.68
C3B 3PE FB . -27.14 27.32 93.71
C3C 3PE FB . -26.82 25.87 94.01
C3D 3PE FB . -25.84 25.25 93.04
C3E 3PE FB . -25.60 23.78 93.27
C3F 3PE FB . -26.82 22.92 93.09
C3G 3PE FB . -26.55 21.44 93.20
C3H 3PE FB . -27.74 20.56 92.89
C3I 3PE FB . -27.42 19.09 92.86
O21 3PE FB . -31.64 32.09 90.83
O22 3PE FB . -29.72 33.13 90.34
C21 3PE FB . -30.38 32.13 90.36
C22 3PE FB . -29.88 30.81 89.87
C23 3PE FB . -28.66 30.93 89.01
C24 3PE FB . -27.63 29.85 89.28
C25 3PE FB . -28.01 28.49 88.79
C26 3PE FB . -27.94 27.42 89.85
C27 3PE FB . -27.65 26.04 89.32
C28 3PE FB . -26.37 25.95 88.52
C29 3PE FB . -25.73 24.58 88.56
C1B LMT GB . -35.26 -4.65 40.71
C2B LMT GB . -34.25 -4.93 39.59
C3B LMT GB . -34.62 -6.22 38.89
C4B LMT GB . -35.44 -7.07 39.85
C5B LMT GB . -36.77 -6.40 40.18
C6B LMT GB . -37.27 -6.91 41.52
O1B LMT GB . -35.16 -3.30 41.14
O2B LMT GB . -34.16 -3.86 38.64
O3B LMT GB . -33.43 -6.91 38.53
O4' LMT GB . -35.69 -8.35 39.26
O5B LMT GB . -36.57 -4.98 40.25
O6B LMT GB . -38.51 -6.27 41.86
C1' LMT GB . -37.09 -0.19 42.59
C2' LMT GB . -37.89 -1.44 42.88
C3' LMT GB . -36.98 -2.62 42.59
C4' LMT GB . -36.37 -2.54 41.19
C5' LMT GB . -35.92 -1.12 40.83
C6' LMT GB . -35.61 -0.94 39.35
O1' LMT GB . -37.74 1.00 43.00
O2' LMT GB . -38.34 -1.50 44.23
O3' LMT GB . -37.78 -3.79 42.72
O5' LMT GB . -36.90 -0.15 41.19
O6' LMT GB . -35.13 0.39 39.17
C1 LMT GB . -36.79 2.05 43.03
C2 LMT GB . -37.31 3.18 43.90
C3 LMT GB . -38.20 4.14 43.15
C4 LMT GB . -38.92 5.06 44.12
C5 LMT GB . -37.99 5.57 45.22
C6 LMT GB . -38.56 5.27 46.61
C7 LMT GB . -38.22 6.40 47.56
C8 LMT GB . -38.08 5.94 49.00
C9 LMT GB . -39.36 5.34 49.54
C10 LMT GB . -39.24 5.09 51.03
C11 LMT GB . -40.52 4.44 51.59
C12 LMT GB . -40.50 4.46 53.10
P 3PE HB . -67.86 6.07 88.04
N 3PE HB . -68.06 10.51 89.60
O11 3PE HB . -67.89 6.56 86.47
O12 3PE HB . -68.45 4.68 88.14
O13 3PE HB . -68.76 7.10 88.96
O14 3PE HB . -66.44 6.04 88.54
C11 3PE HB . -68.85 8.45 88.59
C12 3PE HB . -67.64 9.22 89.10
C1 3PE HB . -66.67 6.59 85.78
C2 3PE HB . -66.83 5.85 84.45
C3 3PE HB . -67.65 6.71 83.49
O31 3PE HB . -67.01 6.78 82.25
O32 3PE HB . -67.12 9.01 82.34
C31 3PE HB . -66.56 8.05 81.92
C32 3PE HB . -65.35 8.21 81.00
C33 3PE HB . -64.09 8.02 81.84
C34 3PE HB . -62.86 8.37 81.01
C35 3PE HB . -61.64 8.46 81.93
C36 3PE HB . -61.06 7.06 82.10
C37 3PE HB . -59.58 7.17 82.44
C38 3PE HB . -58.92 5.80 82.36
C39 3PE HB . -57.41 5.95 82.34
C3A 3PE HB . -56.78 4.63 81.91
C3B 3PE HB . -55.29 4.80 81.71
C3C 3PE HB . -55.03 5.86 80.64
C3D 3PE HB . -53.52 6.05 80.47
C3E 3PE HB . -53.27 7.24 79.54
O21 3PE HB . -65.55 5.61 83.92
O22 3PE HB . -66.10 3.44 83.89
C21 3PE HB . -65.36 4.28 83.51
C22 3PE HB . -64.22 3.94 82.55
C23 3PE HB . -63.65 2.55 82.86
C24 3PE HB . -62.79 2.60 84.13
C25 3PE HB . -61.58 3.47 83.87
C26 3PE HB . -60.62 3.38 85.05
C27 3PE HB . -59.91 2.03 85.06
C28 3PE HB . -59.02 1.92 83.84
C29 3PE HB . -58.29 0.57 83.85
C2A 3PE HB . -57.42 0.46 82.61
C2B 3PE HB . -56.80 -0.94 82.56
C2C 3PE HB . -56.06 -1.12 81.24
C2D 3PE HB . -55.54 -2.54 81.13
FE1 FES IB . 63.52 -31.23 -53.70
FE2 FES IB . 61.11 -30.88 -55.52
S1 FES IB . 61.32 -31.05 -53.33
S2 FES IB . 63.29 -30.46 -55.76
FE1 SF4 JB . 44.31 -24.23 -59.77
FE2 SF4 JB . 45.64 -26.27 -58.53
FE3 SF4 JB . 46.23 -25.60 -61.11
FE4 SF4 JB . 43.82 -26.81 -60.54
S1 SF4 JB . 45.91 -27.69 -60.29
S2 SF4 JB . 44.18 -25.00 -61.89
S3 SF4 JB . 43.40 -25.88 -58.51
S4 SF4 JB . 46.52 -24.31 -59.27
FE1 SF4 KB . 52.51 -36.76 -63.42
FE2 SF4 KB . 52.47 -34.22 -64.37
FE3 SF4 KB . 53.42 -34.71 -61.89
FE4 SF4 KB . 50.77 -34.95 -62.39
S1 SF4 KB . 52.01 -33.05 -62.48
S2 SF4 KB . 52.07 -36.41 -61.23
S3 SF4 KB . 50.81 -35.74 -64.51
S4 SF4 KB . 54.30 -35.43 -63.84
FE1 SF4 LB . 67.60 -28.13 -65.78
FE2 SF4 LB . 67.78 -27.06 -68.29
FE3 SF4 LB . 67.55 -29.75 -67.96
FE4 SF4 LB . 69.86 -28.53 -67.25
S1 SF4 LB . 68.97 -28.68 -69.34
S2 SF4 LB . 68.73 -30.07 -66.04
S3 SF4 LB . 69.09 -26.55 -66.48
S4 SF4 LB . 66.00 -28.19 -67.42
N1 FMN MB . 81.88 -30.06 -72.88
C2 FMN MB . 82.29 -30.38 -74.12
O2 FMN MB . 83.43 -30.78 -74.33
N3 FMN MB . 81.47 -30.26 -75.19
C4 FMN MB . 80.18 -29.83 -75.08
O4 FMN MB . 79.48 -29.74 -76.07
C4A FMN MB . 79.71 -29.51 -73.81
N5 FMN MB . 78.48 -29.10 -73.70
C5A FMN MB . 78.04 -28.80 -72.45
C6 FMN MB . 76.71 -28.36 -72.32
C7 FMN MB . 76.19 -28.02 -71.08
C7M FMN MB . 74.77 -27.56 -70.97
C8 FMN MB . 77.01 -28.12 -69.94
C8M FMN MB . 76.46 -27.75 -68.59
C9 FMN MB . 78.32 -28.54 -70.06
C9A FMN MB . 78.86 -28.89 -71.31
N10 FMN MB . 80.17 -29.32 -71.47
C10 FMN MB . 80.65 -29.65 -72.72
C1' FMN MB . 81.07 -29.45 -70.30
C2' FMN MB . 81.09 -30.85 -69.75
O2' FMN MB . 80.02 -31.06 -68.84
C3' FMN MB . 82.42 -31.21 -69.08
O3' FMN MB . 82.68 -30.30 -68.02
C4' FMN MB . 83.62 -31.24 -70.02
O4' FMN MB . 83.24 -31.76 -71.29
C5' FMN MB . 84.75 -32.09 -69.49
O5' FMN MB . 85.42 -31.37 -68.43
P FMN MB . 86.93 -30.86 -68.67
O1P FMN MB . 86.91 -30.09 -69.97
O2P FMN MB . 87.22 -29.99 -67.46
O3P FMN MB . 87.79 -32.09 -68.74
C1 CDL NB . 6.04 30.21 -59.49
O1 CDL NB . 5.92 30.72 -60.82
CA2 CDL NB . 4.76 30.52 -58.74
OA2 CDL NB . 3.67 29.81 -59.36
PA1 CDL NB . 2.19 30.07 -58.84
OA3 CDL NB . 2.12 29.50 -57.46
OA4 CDL NB . 1.19 29.63 -59.88
OA5 CDL NB . 2.17 31.68 -58.75
CA3 CDL NB . 1.09 32.43 -59.38
CA4 CDL NB . -0.15 32.36 -58.52
OA6 CDL NB . 0.23 32.35 -57.11
CA5 CDL NB . 0.29 33.52 -56.45
OA7 CDL NB . 0.57 34.57 -56.98
C11 CDL NB . -0.08 33.38 -55.00
C12 CDL NB . -1.50 32.94 -54.81
C13 CDL NB . -1.74 32.30 -53.45
C14 CDL NB . -1.56 33.22 -52.28
C15 CDL NB . -2.24 32.75 -51.02
C16 CDL NB . -2.00 31.29 -50.70
C17 CDL NB . -2.63 30.82 -49.42
C18 CDL NB . -2.07 31.47 -48.19
CA6 CDL NB . -1.04 31.18 -58.81
OA8 CDL NB . -2.13 31.15 -57.87
CA7 CDL NB . -3.20 31.87 -58.17
OA9 CDL NB . -3.27 32.60 -59.12
C31 CDL NB . -4.33 31.62 -57.20
C32 CDL NB . -4.03 30.56 -56.20
C33 CDL NB . -4.99 30.60 -55.02
C34 CDL NB . -6.45 30.49 -55.38
C35 CDL NB . -6.89 29.12 -55.80
C36 CDL NB . -6.94 28.11 -54.68
CB2 CDL NB . 7.28 30.79 -58.83
OB2 CDL NB . 7.24 30.49 -57.42
PB2 CDL NB . 8.61 30.45 -56.61
OB3 CDL NB . 9.47 31.53 -57.20
OB4 CDL NB . 9.15 29.05 -56.52
OB5 CDL NB . 8.19 30.91 -55.14
CB3 CDL NB . 8.41 32.28 -54.74
CB4 CDL NB . 7.53 32.50 -53.53
OB6 CDL NB . 6.19 32.86 -53.99
CB5 CDL NB . 5.18 32.01 -53.75
OB7 CDL NB . 5.25 30.85 -54.04
C51 CDL NB . 4.02 32.68 -53.09
C52 CDL NB . 4.26 34.13 -52.80
C53 CDL NB . 3.95 34.49 -51.37
C54 CDL NB . 2.52 34.26 -50.96
C55 CDL NB . 2.21 34.64 -49.53
C56 CDL NB . 0.76 34.50 -49.15
CB6 CDL NB . 8.03 33.56 -52.57
OB8 CDL NB . 7.15 33.59 -51.43
CB7 CDL NB . 7.66 33.13 -50.29
OB9 CDL NB . 8.79 32.73 -50.21
C71 CDL NB . 6.67 33.17 -49.18
C72 CDL NB . 7.25 32.73 -47.88
C73 CDL NB . 6.21 32.42 -46.82
C74 CDL NB . 5.74 33.59 -46.02
C75 CDL NB . 4.68 34.42 -46.70
C76 CDL NB . 3.87 35.26 -45.76
C77 CDL NB . 4.68 36.21 -44.93
P 3PE OB . -28.73 -18.49 -46.48
N 3PE OB . -29.25 -18.66 -43.03
O11 3PE OB . -29.49 -17.38 -45.61
O12 3PE OB . -29.78 -19.23 -47.25
O13 3PE OB . -28.18 -19.51 -45.36
O14 3PE OB . -27.55 -17.87 -47.19
C11 3PE OB . -27.24 -19.05 -44.37
C12 3PE OB . -27.88 -19.21 -43.02
C1 3PE OB . -30.79 -16.88 -46.07
C2 3PE OB . -30.60 -15.78 -47.07
C3 3PE OB . -31.06 -16.15 -48.46
O31 3PE OB . -30.45 -15.23 -49.39
O32 3PE OB . -32.08 -15.63 -50.86
C31 3PE OB . -31.15 -14.97 -50.49
C32 3PE OB . -30.61 -13.74 -51.18
C33 3PE OB . -31.62 -12.65 -51.30
C34 3PE OB . -31.01 -11.36 -51.81
C35 3PE OB . -29.91 -10.81 -50.95
C36 3PE OB . -29.51 -9.40 -51.27
C37 3PE OB . -28.56 -8.79 -50.26
C38 3PE OB . -28.28 -7.32 -50.49
O21 3PE OB . -31.38 -14.64 -46.63
O22 3PE OB . -29.77 -13.13 -46.68
C21 3PE OB . -30.91 -13.41 -46.90
C22 3PE OB . -31.92 -12.49 -47.53
C23 3PE OB . -32.15 -11.23 -46.76
C24 3PE OB . -30.98 -10.26 -46.85
C25 3PE OB . -31.01 -9.16 -45.82
C26 3PE OB . -31.00 -9.64 -44.39
PA NDP PB . -18.48 -27.16 -39.31
O1A NDP PB . -19.89 -26.79 -39.62
O2A NDP PB . -17.74 -26.35 -38.30
O5B NDP PB . -17.64 -27.16 -40.68
C5B NDP PB . -18.18 -27.94 -41.77
C4B NDP PB . -17.26 -27.85 -42.95
O4B NDP PB . -18.00 -28.24 -44.13
C3B NDP PB . -16.66 -26.47 -43.26
O3B NDP PB . -15.30 -26.58 -43.64
C2B NDP PB . -17.52 -25.98 -44.42
O2B NDP PB . -16.83 -25.07 -45.27
C1B NDP PB . -17.82 -27.27 -45.15
N9A NDP PB . -19.07 -27.22 -45.90
C8A NDP PB . -20.34 -27.19 -45.37
N7A NDP PB . -21.28 -27.15 -46.29
C5A NDP PB . -20.59 -27.17 -47.49
C6A NDP PB . -21.02 -27.15 -48.83
N6A NDP PB . -22.30 -27.10 -49.18
N1A NDP PB . -20.07 -27.16 -49.79
C2A NDP PB . -18.79 -27.22 -49.42
N3A NDP PB . -18.26 -27.24 -48.20
C4A NDP PB . -19.22 -27.21 -47.26
O3 NDP PB . -18.41 -28.71 -38.91
PN NDP PB . -17.61 -29.39 -37.70
O1N NDP PB . -16.16 -29.09 -37.87
O2N NDP PB . -18.28 -28.98 -36.43
O5D NDP PB . -17.86 -30.95 -37.90
C5D NDP PB . -17.37 -31.65 -39.06
C4D NDP PB . -18.41 -32.67 -39.49
O4D NDP PB . -18.84 -33.42 -38.32
C3D NDP PB . -19.70 -32.12 -40.10
O3D NDP PB . -20.19 -33.02 -41.07
C2D NDP PB . -20.63 -32.09 -38.89
O2D NDP PB . -21.99 -32.01 -39.23
C1D NDP PB . -20.25 -33.43 -38.26
N1N NDP PB . -20.66 -33.53 -36.83
C2N NDP PB . -20.56 -32.45 -36.01
C3N NDP PB . -20.85 -32.52 -34.67
C7N NDP PB . -20.45 -31.38 -33.83
O7N NDP PB . -21.05 -31.15 -32.78
N7N NDP PB . -19.44 -30.63 -34.24
C4N NDP PB . -21.56 -33.71 -34.17
C5N NDP PB . -21.69 -34.79 -35.16
C6N NDP PB . -21.19 -34.70 -36.37
P2B NDP PB . -17.44 -23.59 -45.14
O1X NDP PB . -16.99 -23.03 -43.80
O2X NDP PB . -16.91 -22.79 -46.31
O3X NDP PB . -18.95 -23.76 -45.20
FE1 FES QB . 75.86 -23.55 -88.07
FE2 FES QB . 77.78 -23.95 -85.64
S1 FES QB . 77.49 -25.00 -87.59
S2 FES QB . 76.34 -22.36 -86.25
FE1 SF4 RB . 29.92 -18.42 -60.81
FE2 SF4 RB . 30.95 -20.67 -59.73
FE3 SF4 RB . 28.68 -20.81 -61.20
FE4 SF4 RB . 28.65 -19.68 -58.73
S1 SF4 RB . 29.09 -21.84 -59.23
S2 SF4 RB . 27.70 -18.85 -60.62
S3 SF4 RB . 30.69 -18.68 -58.68
S4 SF4 RB . 30.73 -20.20 -61.93
FE1 SF4 SB . 22.66 -13.46 -51.16
FE2 SF4 SB . 24.72 -13.81 -52.91
FE3 SF4 SB . 24.51 -15.38 -50.68
FE4 SF4 SB . 25.18 -12.75 -50.46
S1 SF4 SB . 26.38 -14.37 -51.49
S2 SF4 SB . 23.68 -13.88 -49.19
S3 SF4 SB . 23.92 -11.85 -52.12
S4 SF4 SB . 23.07 -15.30 -52.43
P 3PE TB . 6.66 29.65 -17.17
N 3PE TB . 8.90 29.99 -20.62
O11 3PE TB . 5.42 29.16 -18.07
O12 3PE TB . 6.46 31.09 -16.79
O13 3PE TB . 7.91 29.52 -18.16
O14 3PE TB . 6.86 28.62 -16.09
C11 3PE TB . 8.88 30.60 -18.24
C12 3PE TB . 9.73 30.37 -19.46
C1 3PE TB . 4.79 30.06 -19.04
C2 3PE TB . 5.61 30.13 -20.31
C3 3PE TB . 5.55 28.87 -21.15
O31 3PE TB . 4.40 28.10 -20.74
O32 3PE TB . 3.58 26.08 -21.21
C31 3PE TB . 4.01 27.15 -21.58
C32 3PE TB . 4.10 27.59 -23.00
C33 3PE TB . 2.79 27.54 -23.71
C34 3PE TB . 2.87 28.09 -25.10
C35 3PE TB . 1.61 27.88 -25.92
C36 3PE TB . 1.61 28.69 -27.20
C37 3PE TB . 0.55 28.30 -28.19
C38 3PE TB . 0.66 29.08 -29.48
C39 3PE TB . -0.43 28.81 -30.47
C3A 3PE TB . -0.34 29.65 -31.71
C3B 3PE TB . -0.22 31.13 -31.42
C3C 3PE TB . 0.36 31.94 -32.56
C3D 3PE TB . -0.45 31.87 -33.83
O21 3PE TB . 5.37 31.35 -21.06
O22 3PE TB . 3.69 30.88 -22.47
C21 3PE TB . 4.17 31.59 -21.62
C22 3PE TB . 3.50 32.85 -21.17
C23 3PE TB . 3.27 33.80 -22.29
C24 3PE TB . 1.95 34.54 -22.18
C25 3PE TB . 0.81 33.91 -22.94
C26 3PE TB . -0.08 34.90 -23.64
C27 3PE TB . -0.72 35.93 -22.73
C28 3PE TB . -1.15 37.19 -23.42
C29 3PE TB . -0.03 38.04 -23.96
C1B LMT UB . -54.31 26.45 43.09
C2B LMT UB . -55.78 26.23 43.45
C3B LMT UB . -56.48 27.56 43.60
C4B LMT UB . -55.45 28.67 43.67
C5B LMT UB . -54.63 28.70 42.39
C6B LMT UB . -53.39 29.56 42.60
O1B LMT UB . -53.74 25.20 42.71
O2B LMT UB . -56.43 25.43 42.46
O3B LMT UB . -57.27 27.56 44.79
O4' LMT UB . -56.12 29.92 43.86
O5B LMT UB . -54.22 27.39 42.03
O6B LMT UB . -52.52 29.40 41.48
C1' LMT UB . -51.56 22.80 41.04
C2' LMT UB . -51.08 23.82 42.08
C3' LMT UB . -51.53 25.22 41.71
C4' LMT UB . -53.03 25.26 41.47
C5' LMT UB . -53.48 24.12 40.57
C6' LMT UB . -54.36 24.63 39.44
O1' LMT UB . -50.45 22.17 40.42
O2' LMT UB . -51.57 23.47 43.37
O3' LMT UB . -50.84 25.68 40.54
O5' LMT UB . -52.35 23.44 40.04
O6' LMT UB . -53.59 25.49 38.60
C1 LMT UB . -49.42 21.90 41.37
C2 LMT UB . -49.13 20.41 41.41
C3 LMT UB . -48.22 20.09 42.57
C4 LMT UB . -47.74 18.65 42.52
C5 LMT UB . -48.89 17.68 42.36
C6 LMT UB . -48.44 16.29 42.78
C7 LMT UB . -47.02 16.01 42.27
C8 LMT UB . -46.53 14.64 42.73
FE1 SF4 VB . 15.64 -6.32 -42.25
FE2 SF4 VB . 18.00 -7.23 -43.17
FE3 SF4 VB . 16.86 -8.42 -41.03
FE4 SF4 VB . 17.90 -5.93 -40.80
S1 SF4 VB . 19.03 -7.83 -41.23
S2 SF4 VB . 15.90 -6.64 -40.02
S3 SF4 VB . 17.41 -5.08 -42.86
S4 SF4 VB . 16.05 -8.35 -43.16
ZN ZN WB . 35.91 -19.76 -74.11
O7 ZMP XB . 18.45 -34.36 3.94
P1 ZMP XB . 17.43 -34.67 2.86
O6 ZMP XB . 17.27 -36.15 2.54
O5 ZMP XB . 17.87 -33.91 1.51
C21 ZMP XB . 18.31 -32.53 1.60
C18 ZMP XB . 19.30 -32.26 0.47
C19 ZMP XB . 19.89 -30.85 0.66
C20 ZMP XB . 18.55 -32.30 -0.86
C17 ZMP XB . 20.43 -33.28 0.49
O4 ZMP XB . 20.73 -33.58 1.84
C16 ZMP XB . 21.71 -32.90 -0.23
O3 ZMP XB . 22.71 -32.60 0.41
N2 ZMP XB . 21.72 -32.97 -1.55
C15 ZMP XB . 22.71 -32.29 -2.39
C14 ZMP XB . 22.50 -30.79 -2.43
C13 ZMP XB . 21.46 -30.40 -3.46
O2 ZMP XB . 20.31 -30.82 -3.39
N1 ZMP XB . 21.87 -29.60 -4.45
C12 ZMP XB . 20.99 -28.91 -5.38
C11 ZMP XB . 20.09 -27.91 -4.69
S1 ZMP XB . 19.37 -26.65 -5.78
C10 ZMP XB . 18.24 -27.61 -6.75
O1 ZMP XB . 18.10 -28.80 -6.63
C9 ZMP XB . 17.44 -26.78 -7.71
C8 ZMP XB . 16.41 -27.60 -8.43
C7 ZMP XB . 15.58 -26.81 -9.43
C6 ZMP XB . 14.89 -25.61 -8.85
C5 ZMP XB . 13.61 -25.24 -9.55
C4 ZMP XB . 12.51 -26.24 -9.38
C3 ZMP XB . 11.20 -25.82 -9.97
C2 ZMP XB . 11.29 -25.33 -11.38
C1 ZMP XB . 10.06 -25.60 -12.21
C22 ZMP XB . 8.76 -25.31 -11.51
C23 ZMP XB . 7.54 -25.56 -12.35
C24 ZMP XB . 7.42 -24.66 -13.55
C25 ZMP XB . 7.42 -23.20 -13.22
O7 ZMP YB . -18.36 -52.88 88.70
P1 ZMP YB . -18.52 -51.60 87.92
O6 ZMP YB . -17.56 -51.55 86.76
O5 ZMP YB . -20.00 -51.48 87.31
C21 ZMP YB . -20.57 -50.14 87.13
C18 ZMP YB . -21.65 -50.22 86.06
C19 ZMP YB . -22.53 -48.98 86.16
C20 ZMP YB . -22.52 -51.46 86.33
C17 ZMP YB . -21.01 -50.32 84.68
O4 ZMP YB . -20.58 -49.03 84.28
C16 ZMP YB . -21.87 -50.94 83.59
O3 ZMP YB . -21.50 -51.98 83.03
N2 ZMP YB . -22.99 -50.30 83.27
C15 ZMP YB . -24.15 -50.98 82.71
C14 ZMP YB . -25.38 -50.10 82.74
C13 ZMP YB . -26.65 -50.93 82.72
O2 ZMP YB . -26.96 -51.57 81.72
N1 ZMP YB . -27.40 -50.91 83.82
C12 ZMP YB . -27.05 -50.14 85.01
C11 ZMP YB . -28.19 -49.26 85.46
S1 ZMP YB . -28.77 -48.13 84.17
C10 ZMP YB . -30.32 -47.65 84.85
O1 ZMP YB . -31.03 -46.81 84.35
C9 ZMP YB . -30.65 -48.39 86.11
C8 ZMP YB . -31.93 -47.97 86.76
C7 ZMP YB . -31.82 -46.63 87.49
C6 ZMP YB . -33.08 -46.18 88.17
C5 ZMP YB . -32.87 -45.09 89.18
C4 ZMP YB . -32.50 -43.76 88.57
C3 ZMP YB . -33.68 -42.90 88.21
C2 ZMP YB . -34.71 -42.80 89.31
C1 ZMP YB . -35.81 -41.81 89.05
C22 ZMP YB . -35.42 -40.37 89.24
C23 ZMP YB . -34.97 -40.04 90.64
C24 ZMP YB . -36.01 -40.25 91.71
C25 ZMP YB . -37.23 -39.39 91.55
C1 CDL ZB . -2.90 16.59 88.42
O1 CDL ZB . -1.79 15.84 88.92
CA2 CDL ZB . -2.39 17.91 87.87
OA2 CDL ZB . -3.41 18.56 87.04
PA1 CDL ZB . -3.90 17.85 85.69
OA3 CDL ZB . -2.77 17.00 85.17
OA4 CDL ZB . -5.25 17.24 85.94
OA5 CDL ZB . -4.08 19.07 84.66
CA3 CDL ZB . -5.35 19.79 84.63
CA4 CDL ZB . -5.38 20.89 85.66
OA6 CDL ZB . -6.63 21.64 85.64
CA5 CDL ZB . -6.90 22.47 84.60
OA7 CDL ZB . -6.89 22.12 83.45
C11 CDL ZB . -7.24 23.87 85.03
C12 CDL ZB . -8.56 24.34 84.52
C13 CDL ZB . -9.68 23.37 84.83
C14 CDL ZB . -11.06 23.88 84.48
C15 CDL ZB . -12.17 22.91 84.78
C16 CDL ZB . -13.53 23.53 84.82
C17 CDL ZB . -13.71 24.56 85.91
C18 CDL ZB . -15.11 25.10 86.04
CA6 CDL ZB . -4.18 21.81 85.62
OA8 CDL ZB . -3.83 22.05 84.24
CA7 CDL ZB . -2.73 22.77 84.02
OA9 CDL ZB . -2.00 23.13 84.92
C31 CDL ZB . -2.51 23.05 82.56
CB2 CDL ZB . -3.92 16.74 89.52
OB2 CDL ZB . -4.44 15.43 89.85
PB2 CDL ZB . -5.75 15.31 90.78
OB3 CDL ZB . -6.26 16.70 91.03
OB4 CDL ZB . -5.43 14.41 91.94
OB5 CDL ZB . -6.79 14.56 89.83
CB3 CDL ZB . -6.83 14.88 88.40
CB4 CDL ZB . -8.19 14.56 87.85
OB6 CDL ZB . -9.09 15.67 88.08
CB5 CDL ZB . -9.16 16.64 87.15
OB7 CDL ZB . -8.28 16.88 86.37
C51 CDL ZB . -10.47 17.37 87.18
C52 CDL ZB . -10.33 18.84 87.42
C53 CDL ZB . -11.67 19.53 87.54
C54 CDL ZB . -12.63 18.82 88.45
C55 CDL ZB . -13.92 19.58 88.71
C56 CDL ZB . -14.95 18.78 89.46
C57 CDL ZB . -14.46 18.17 90.75
C58 CDL ZB . -15.48 17.34 91.47
C59 CDL ZB . -16.77 18.06 91.77
CB6 CDL ZB . -8.80 13.31 88.46
OB8 CDL ZB . -10.04 13.65 89.10
CB7 CDL ZB . -11.13 13.12 88.56
OB9 CDL ZB . -11.10 12.43 87.58
C71 CDL ZB . -12.37 13.51 89.32
C72 CDL ZB . -13.63 12.94 88.75
C73 CDL ZB . -14.11 13.67 87.50
C74 CDL ZB . -14.65 15.05 87.74
C75 CDL ZB . -16.03 15.07 88.36
C76 CDL ZB . -17.16 15.16 87.36
C77 CDL ZB . -18.53 15.09 87.98
C78 CDL ZB . -19.64 15.66 87.12
C79 CDL ZB . -19.58 17.16 86.96
C80 CDL ZB . -20.84 17.76 86.37
C81 CDL ZB . -20.80 19.26 86.24
P 3PE AC . 14.97 43.82 -40.18
N 3PE AC . 17.77 45.11 -44.22
O11 3PE AC . 13.52 43.14 -40.10
O12 3PE AC . 14.87 45.28 -39.83
O13 3PE AC . 15.35 43.74 -41.74
O14 3PE AC . 15.93 42.94 -39.43
C11 3PE AC . 16.56 44.39 -42.19
C12 3PE AC . 16.62 44.35 -43.70
C1 3PE AC . 12.65 43.14 -41.28
C2 3PE AC . 12.12 44.52 -41.60
C3 3PE AC . 11.81 44.69 -43.07
O31 3PE AC . 10.56 44.04 -43.36
O32 3PE AC . 11.62 42.53 -44.61
C31 3PE AC . 10.62 42.92 -44.05
C32 3PE AC . 9.30 42.19 -44.05
C33 3PE AC . 8.85 41.79 -42.68
C34 3PE AC . 7.33 41.87 -42.52
C35 3PE AC . 6.56 41.11 -43.56
C36 3PE AC . 6.44 39.63 -43.30
C37 3PE AC . 5.45 39.27 -42.23
O21 3PE AC . 10.88 44.76 -40.89
O22 3PE AC . 11.96 45.58 -39.10
C21 3PE AC . 10.93 45.28 -39.65
C22 3PE AC . 9.57 45.47 -39.06
C23 3PE AC . 8.76 44.21 -39.03
C24 3PE AC . 7.41 44.41 -38.37
C25 3PE AC . 7.49 44.75 -36.91
C26 3PE AC . 6.17 45.16 -36.29
C27 3PE AC . 5.05 44.19 -36.53
C28 3PE AC . 3.75 44.56 -35.85
C29 3PE AC . 2.60 43.65 -36.20
C2A 3PE AC . 1.32 43.98 -35.47
C2B 3PE AC . 1.39 43.77 -33.97
C2C 3PE AC . 1.42 42.33 -33.54
C2D 3PE AC . 1.81 42.13 -32.10
C2E 3PE AC . 1.08 41.02 -31.40
C2F 3PE AC . 1.67 39.64 -31.59
C2G 3PE AC . 1.09 38.61 -30.67
C2H 3PE AC . 1.83 37.30 -30.64
C2I 3PE AC . 1.35 36.36 -29.56
P 3PE BC . -15.80 60.14 -29.21
N 3PE BC . -16.05 64.23 -30.60
O11 3PE BC . -15.79 60.57 -27.65
O12 3PE BC . -14.44 59.62 -29.58
O13 3PE BC . -16.02 61.54 -29.97
O14 3PE BC . -17.03 59.30 -29.45
C11 3PE BC . -17.28 62.24 -29.83
C12 3PE BC . -17.28 63.41 -30.77
C1 3PE BC . -14.79 61.48 -27.16
C2 3PE BC . -13.87 60.76 -26.20
C3 3PE BC . -12.74 60.03 -26.89
O31 3PE BC . -12.23 58.99 -26.03
O32 3PE BC . -10.72 58.52 -27.58
C31 3PE BC . -11.27 58.25 -26.55
C32 3PE BC . -10.97 57.05 -25.70
C33 3PE BC . -9.96 56.14 -26.32
C34 3PE BC . -9.64 54.94 -25.47
C35 3PE BC . -8.69 55.20 -24.34
C36 3PE BC . -8.21 53.95 -23.65
C37 3PE BC . -7.25 54.22 -22.51
O21 3PE BC . -13.31 61.74 -25.27
O22 3PE BC . -13.52 60.54 -23.39
C21 3PE BC . -12.88 61.30 -24.07
C22 3PE BC . -11.53 61.84 -23.71
C23 3PE BC . -10.53 60.77 -23.41
C24 3PE BC . -9.30 61.31 -22.70
C25 3PE BC . -8.47 60.25 -22.02
C26 3PE BC . -7.78 59.30 -22.96
C27 3PE BC . -7.00 58.21 -22.25
C28 3PE BC . -6.10 58.72 -21.16
C29 3PE BC . -5.44 57.63 -20.35
C2A 3PE BC . -4.52 56.73 -21.15
C1 CDL CC . 7.59 38.49 3.05
O1 CDL CC . 7.70 37.97 4.37
CA2 CDL CC . 6.41 39.44 2.97
OA2 CDL CC . 5.37 39.04 3.91
PA1 CDL CC . 4.35 40.16 4.43
OA3 CDL CC . 3.21 39.53 5.18
OA4 CDL CC . 5.16 41.22 5.08
OA5 CDL CC . 3.76 40.73 3.05
CA3 CDL CC . 2.63 40.07 2.43
CA4 CDL CC . 1.55 41.11 2.25
OA6 CDL CC . 1.57 41.63 0.89
CA5 CDL CC . 0.40 41.85 0.31
OA7 CDL CC . -0.34 40.96 -0.01
C11 CDL CC . 0.08 43.30 0.10
C12 CDL CC . -1.21 43.54 -0.62
C13 CDL CC . -1.63 44.99 -0.63
CA6 CDL CC . 1.70 42.27 3.19
OA8 CDL CC . 0.96 41.98 4.39
CA7 CDL CC . 1.13 42.83 5.38
OA9 CDL CC . 2.19 43.30 5.67
C31 CDL CC . -0.18 43.13 6.08
C32 CDL CC . -1.38 42.52 5.43
C33 CDL CC . -2.08 43.47 4.49
C34 CDL CC . -3.46 43.00 4.10
C35 CDL CC . -4.22 43.95 3.23
C36 CDL CC . -5.65 43.55 3.00
C37 CDL CC . -6.45 44.53 2.18
CB2 CDL CC . 7.53 37.37 2.04
OB2 CDL CC . 7.08 37.88 0.74
PB2 CDL CC . 8.12 38.52 -0.31
OB3 CDL CC . 9.00 39.53 0.36
OB4 CDL CC . 8.73 37.40 -1.09
OB5 CDL CC . 7.14 39.32 -1.29
CB3 CDL CC . 6.03 38.62 -1.92
CB4 CDL CC . 4.97 39.58 -2.41
OB6 CDL CC . 5.47 40.95 -2.43
CB5 CDL CC . 5.17 41.80 -1.43
OB7 CDL CC . 5.50 41.65 -0.29
C51 CDL CC . 4.38 42.97 -1.93
C52 CDL CC . 3.85 43.85 -0.84
C53 CDL CC . 3.19 45.11 -1.36
CB6 CDL CC . 3.64 39.42 -1.69
OB8 CDL CC . 2.64 40.26 -2.32
CB7 CDL CC . 1.80 39.67 -3.16
OB9 CDL CC . 1.60 38.50 -3.15
C71 CDL CC . 1.19 40.67 -4.11
C72 CDL CC . -0.27 40.91 -3.88
C73 CDL CC . -1.14 39.74 -4.30
C74 CDL CC . -2.46 39.67 -3.60
C75 CDL CC . -3.56 40.50 -4.23
C76 CDL CC . -4.93 40.23 -3.65
C77 CDL CC . -6.04 41.05 -4.25
C1 CDL DC . -19.26 61.33 -4.62
O1 CDL DC . -18.67 61.11 -3.34
CA2 CDL DC . -18.40 62.25 -5.44
OA2 CDL DC . -17.56 61.38 -6.22
PA1 CDL DC . -16.15 61.95 -6.76
OA3 CDL DC . -16.48 63.05 -7.74
OA4 CDL DC . -15.33 62.25 -5.54
OA5 CDL DC . -15.55 60.70 -7.55
CA3 CDL DC . -14.12 60.46 -7.54
CA4 CDL DC . -13.82 59.29 -6.63
OA6 CDL DC . -12.47 58.80 -6.87
CA5 CDL DC . -11.54 59.03 -5.93
OA7 CDL DC . -11.62 59.96 -5.17
C11 CDL DC . -10.43 58.02 -5.91
C12 CDL DC . -10.86 56.63 -5.57
C13 CDL DC . -11.21 55.79 -6.78
C14 CDL DC . -11.16 54.31 -6.53
C15 CDL DC . -9.82 53.84 -6.02
C16 CDL DC . -9.75 52.37 -5.67
C17 CDL DC . -10.55 51.97 -4.46
C18 CDL DC . -10.22 50.60 -3.95
C19 CDL DC . -8.76 50.40 -3.62
C20 CDL DC . -8.41 49.02 -3.14
CA6 CDL DC . -14.76 58.12 -6.82
OA8 CDL DC . -14.86 57.37 -5.59
CA7 CDL DC . -15.91 57.62 -4.82
OA9 CDL DC . -16.50 58.67 -4.85
C31 CDL DC . -16.27 56.46 -3.95
C32 CDL DC . -15.27 55.36 -3.96
C33 CDL DC . -14.32 55.44 -2.78
C34 CDL DC . -14.06 54.12 -2.11
C35 CDL DC . -12.86 54.10 -1.20
C36 CDL DC . -12.39 52.72 -0.82
C37 CDL DC . -13.25 52.03 0.23
C38 CDL DC . -12.92 52.42 1.64
CB2 CDL DC . -20.68 61.82 -4.47
OB2 CDL DC . -21.62 60.73 -4.68
PB2 CDL DC . -22.08 60.34 -6.17
OB3 CDL DC . -21.53 61.35 -7.13
OB4 CDL DC . -23.55 60.07 -6.11
OB5 CDL DC . -21.39 58.91 -6.43
CB3 CDL DC . -20.02 58.85 -6.90
CB4 CDL DC . -19.48 57.49 -6.57
OB6 CDL DC . -19.32 56.72 -7.79
CB5 CDL DC . -18.16 56.81 -8.46
OB7 CDL DC . -17.47 57.79 -8.45
C51 CDL DC . -17.82 55.56 -9.21
C52 CDL DC . -16.55 54.92 -8.80
C53 CDL DC . -16.67 54.15 -7.51
C54 CDL DC . -15.76 52.96 -7.44
C55 CDL DC . -15.69 52.30 -6.09
C56 CDL DC . -14.86 51.04 -6.09
C57 CDL DC . -14.74 50.35 -4.76
C58 CDL DC . -14.11 48.99 -4.85
C59 CDL DC . -13.57 48.45 -3.55
C60 CDL DC . -12.89 47.11 -3.68
C61 CDL DC . -12.43 46.52 -2.37
CB6 CDL DC . -20.38 56.70 -5.65
OB8 CDL DC . -19.85 55.38 -5.48
CB7 CDL DC . -20.68 54.38 -5.73
OB9 CDL DC . -21.63 54.51 -6.44
C71 CDL DC . -20.29 53.14 -5.00
C72 CDL DC . -19.09 53.31 -4.12
C73 CDL DC . -19.43 53.16 -2.66
C74 CDL DC . -19.68 51.74 -2.22
C75 CDL DC . -18.44 50.97 -1.88
C76 CDL DC . -17.76 51.39 -0.61
C77 CDL DC . -18.49 50.95 0.64
C78 CDL DC . -17.61 50.31 1.70
C79 CDL DC . -16.67 49.26 1.15
C80 CDL DC . -16.20 48.25 2.16
C81 CDL DC . -15.11 47.35 1.63
C82 CDL DC . -14.98 46.04 2.36
C83 CDL DC . -16.22 45.19 2.33
C84 CDL DC . -16.04 43.81 2.91
C85 CDL DC . -17.28 42.97 2.89
C1B LMT EC . -20.56 55.77 25.93
C2B LMT EC . -21.65 56.52 26.67
C3B LMT EC . -22.36 57.49 25.75
C4B LMT EC . -21.32 58.18 24.89
C5B LMT EC . -20.67 57.17 23.95
C6B LMT EC . -19.22 57.55 23.69
O1B LMT EC . -20.66 54.41 26.33
O2B LMT EC . -22.59 55.59 27.22
O3B LMT EC . -23.06 58.47 26.52
O4' LMT EC . -21.95 59.20 24.11
O5B LMT EC . -20.73 55.85 24.51
O6B LMT EC . -18.61 56.57 22.84
C1' LMT EC . -20.41 51.22 27.04
C2' LMT EC . -20.25 52.17 28.22
C3' LMT EC . -19.25 53.27 27.91
C4' LMT EC . -19.40 53.76 26.47
C5' LMT EC . -19.31 52.61 25.48
C6' LMT EC . -18.05 52.71 24.62
O1' LMT EC . -20.48 49.88 27.50
O2' LMT EC . -21.52 52.75 28.52
O3' LMT EC . -17.91 52.79 28.13
O5' LMT EC . -19.30 51.36 26.18
O6' LMT EC . -18.07 53.91 23.87
C1 LMT EC . -21.43 49.11 26.77
C2 LMT EC . -21.53 47.72 27.38
C3 LMT EC . -20.19 47.02 27.36
C4 LMT EC . -20.25 45.68 28.08
C5 LMT EC . -20.82 44.57 27.22
C6 LMT EC . -20.67 43.22 27.93
C7 LMT EC . -20.98 42.07 26.99
C8 LMT EC . -20.54 40.74 27.59
C9 LMT EC . -21.27 40.45 28.89
C10 LMT EC . -20.61 39.33 29.66
C11 LMT EC . -21.30 39.09 31.00
C12 LMT EC . -20.50 38.16 31.89
C1B LMT FC . -18.61 -1.68 42.84
C2B LMT FC . -19.46 -2.31 43.94
C3B LMT FC . -18.95 -3.71 44.22
C4B LMT FC . -17.79 -4.01 43.30
C5B LMT FC . -16.69 -2.95 43.42
C6B LMT FC . -15.64 -3.16 42.34
O1B LMT FC . -19.04 -0.34 42.62
O2B LMT FC . -19.42 -1.51 45.12
O3B LMT FC . -20.01 -4.66 44.00
O4' LMT FC . -17.25 -5.30 43.64
O5B LMT FC . -17.25 -1.65 43.25
O6B LMT FC . -14.76 -2.03 42.33
C1' LMT FC . -20.92 2.17 41.44
C2' LMT FC . -21.58 0.79 41.53
C3' LMT FC . -20.72 -0.29 40.90
C4' LMT FC . -19.25 -0.08 41.24
C5' LMT FC . -18.80 1.34 40.93
C6' LMT FC . -17.68 1.33 39.89
O1' LMT FC . -21.90 3.16 41.13
O2' LMT FC . -21.77 0.48 42.92
O3' LMT FC . -20.92 -0.29 39.48
O5' LMT FC . -19.90 2.12 40.45
O6' LMT FC . -16.61 0.49 40.37
C1 LMT FC . -22.09 3.33 39.74
C2 LMT FC . -23.07 4.47 39.49
C3 LMT FC . -24.32 4.32 40.34
C4 LMT FC . -25.43 5.22 39.85
C5 LMT FC . -26.56 5.32 40.85
C6 LMT FC . -27.70 6.17 40.30
C7 LMT FC . -28.82 6.26 41.32
C8 LMT FC . -29.56 7.60 41.25
C9 LMT FC . -30.59 7.67 42.36
C10 LMT FC . -30.91 9.11 42.73
C11 LMT FC . -31.82 9.82 41.74
C12 LMT FC . -33.27 9.46 41.94
C1B LMT GC . 11.25 32.34 -3.40
C2B LMT GC . 12.50 31.73 -4.02
C3B LMT GC . 12.79 30.37 -3.47
C4B LMT GC . 12.33 30.19 -2.07
C5B LMT GC . 10.83 30.45 -1.90
C6B LMT GC . 10.60 31.18 -0.62
O1B LMT GC . 10.68 33.20 -4.30
O2B LMT GC . 12.30 31.61 -5.44
O3B LMT GC . 14.22 30.13 -3.54
O4' LMT GC . 12.60 28.84 -1.67
O5B LMT GC . 10.28 31.27 -3.00
O6B LMT GC . 9.27 31.01 -0.23
C1' LMT GC . 8.41 35.37 -5.54
C2' LMT GC . 8.42 35.15 -4.03
C3' LMT GC . 8.41 33.70 -3.68
C4' LMT GC . 9.31 32.87 -4.55
C5' LMT GC . 9.02 33.08 -6.04
C6' LMT GC . 8.53 31.80 -6.62
O1' LMT GC . 7.51 36.38 -5.85
O2' LMT GC . 9.58 35.77 -3.48
O3' LMT GC . 7.07 33.19 -3.85
O5' LMT GC . 8.02 34.13 -6.28
O6' LMT GC . 9.62 30.94 -6.82
C1 LMT GC . 6.17 35.95 -5.78
C2 LMT GC . 5.26 37.03 -6.40
C3 LMT GC . 5.89 37.50 -7.75
C4 LMT GC . 5.84 39.05 -7.76
C5 LMT GC . 4.37 39.48 -7.51
C6 LMT GC . 4.31 41.03 -7.46
C7 LMT GC . 4.56 41.46 -6.00
C8 LMT GC . 3.81 42.79 -5.76
C9 LMT GC . 4.42 43.91 -6.65
C10 LMT GC . 5.29 44.84 -5.77
C11 LMT GC . 4.37 45.82 -5.04
P 3PE HC . -26.29 33.59 100.52
N 3PE HC . -28.20 36.19 101.28
O11 3PE HC . -25.25 32.59 99.83
O12 3PE HC . -26.91 32.91 101.70
O13 3PE HC . -27.41 33.80 99.39
O14 3PE HC . -25.56 34.90 100.72
C11 3PE HC . -28.72 34.31 99.76
C12 3PE HC . -28.71 35.81 99.94
C1 3PE HC . -25.37 31.15 100.05
C2 3PE HC . -26.46 30.54 99.21
C3 3PE HC . -26.44 31.01 97.77
O31 3PE HC . -25.10 30.89 97.27
O32 3PE HC . -25.85 31.38 95.22
C31 3PE HC . -24.94 31.14 95.97
C32 3PE HC . -23.49 31.08 95.58
C33 3PE HC . -23.16 29.93 94.67
C34 3PE HC . -22.40 28.83 95.40
C35 3PE HC . -23.22 28.02 96.37
C36 3PE HC . -22.41 27.33 97.44
C37 3PE HC . -23.17 26.29 98.22
C38 3PE HC . -23.41 24.99 97.48
C39 3PE HC . -22.14 24.27 97.09
C3A 3PE HC . -22.36 23.00 96.32
C3B 3PE HC . -23.13 21.94 97.07
C3C 3PE HC . -23.35 20.66 96.29
C3D 3PE HC . -22.08 19.97 95.88
O21 3PE HC . -26.32 29.10 99.27
O22 3PE HC . -28.44 28.72 98.63
C21 3PE HC . -27.33 28.32 98.84
C22 3PE HC . -26.89 26.90 98.66
C23 3PE HC . -27.98 25.99 98.19
C24 3PE HC . -27.47 24.60 97.89
C25 3PE HC . -28.51 23.65 97.34
C26 3PE HC . -29.62 23.31 98.32
C27 3PE HC . -30.37 22.06 97.98
C28 3PE HC . -30.99 22.05 96.60
C29 3PE HC . -30.83 20.75 95.85
C2A 3PE HC . -31.24 19.53 96.64
C1B LMT IC . -70.26 7.62 78.54
C2B LMT IC . -70.08 6.18 79.00
C3B LMT IC . -71.42 5.47 79.06
C4B LMT IC . -72.52 6.47 78.74
C5B LMT IC . -72.28 7.08 77.36
C6B LMT IC . -73.33 8.12 77.04
O1B LMT IC . -68.96 8.18 78.35
O2B LMT IC . -69.20 5.48 78.11
O3B LMT IC . -71.62 4.95 80.37
O4' LMT IC . -73.78 5.80 78.73
O5B LMT IC . -70.98 7.68 77.31
O6B LMT IC . -73.10 8.64 75.73
C1' LMT IC . -66.97 11.59 78.22
C2' LMT IC . -68.18 11.73 79.12
C3' LMT IC . -68.79 10.36 79.33
C4' LMT IC . -68.96 9.57 78.03
C5' LMT IC . -67.83 9.80 77.01
C6' LMT IC . -68.22 9.33 75.62
O1' LMT IC . -66.23 12.81 78.11
O2' LMT IC . -67.79 12.28 80.37
O3' LMT IC . -70.07 10.54 79.96
O5' LMT IC . -67.46 11.17 76.95
O6' LMT IC . -68.44 7.91 75.60
C1 LMT IC . -64.88 12.50 77.80
C2 LMT IC . -64.41 11.39 78.74
C3 LMT IC . -63.20 10.67 78.17
C4 LMT IC . -62.02 11.61 78.03
C5 LMT IC . -60.76 10.87 77.59
C6 LMT IC . -59.63 11.86 77.36
C7 LMT IC . -58.37 11.18 76.89
C8 LMT IC . -57.37 12.22 76.40
C9 LMT IC . -57.12 13.29 77.48
C10 LMT IC . -56.20 12.77 78.57
C11 LMT IC . -54.74 12.80 78.14
C12 LMT IC . -53.83 12.47 79.30
#